data_2JOP
#
_entry.id   2JOP
#
_cell.length_a   1.000
_cell.length_b   1.000
_cell.length_c   1.000
_cell.angle_alpha   90.00
_cell.angle_beta   90.00
_cell.angle_gamma   90.00
#
_symmetry.space_group_name_H-M   'P 1'
#
_entity_poly.entity_id   1
_entity_poly.type   'polypeptide(L)'
_entity_poly.pdbx_seq_one_letter_code
;MGSSHHHHHHSSGLVPRGSHMRLSWYDPDFQARLTRSNSKCQGQLEVYLKDGWHMVCSQSWGRSSKQWEDPSQASKVCQR
LNCGDPLSLGPFLKTYTPQSSIICYGQLGSFSNCSHSRNDMCHSLGLTCLE
;
_entity_poly.pdbx_strand_id   A
#
# COMPACT_ATOMS: atom_id res chain seq x y z
N ARG A 22 -15.32 3.72 -2.31
CA ARG A 22 -16.16 2.90 -1.40
C ARG A 22 -15.33 2.44 -0.22
N LEU A 23 -14.34 1.61 -0.49
CA LEU A 23 -13.44 1.12 0.53
C LEU A 23 -12.19 2.01 0.57
N SER A 24 -11.68 2.26 1.76
CA SER A 24 -10.44 3.03 1.88
C SER A 24 -9.59 2.45 2.99
N TRP A 25 -8.30 2.71 2.96
CA TRP A 25 -7.39 2.15 3.97
C TRP A 25 -7.55 2.84 5.32
N TYR A 26 -8.43 3.84 5.41
CA TYR A 26 -8.67 4.49 6.68
C TYR A 26 -10.04 4.13 7.24
N ASP A 27 -10.73 3.21 6.56
CA ASP A 27 -11.97 2.64 7.09
C ASP A 27 -11.64 1.65 8.20
N PRO A 28 -12.32 1.75 9.36
CA PRO A 28 -12.05 0.87 10.51
C PRO A 28 -12.23 -0.60 10.17
N ASP A 29 -13.31 -0.90 9.47
CA ASP A 29 -13.64 -2.29 9.12
C ASP A 29 -12.76 -2.77 7.97
N PHE A 30 -12.09 -1.85 7.31
CA PHE A 30 -11.19 -2.21 6.21
C PHE A 30 -9.87 -2.72 6.78
N GLN A 31 -9.55 -3.97 6.49
CA GLN A 31 -8.34 -4.57 7.02
C GLN A 31 -7.20 -4.41 6.02
N ALA A 32 -6.06 -3.97 6.53
CA ALA A 32 -4.88 -3.74 5.70
C ALA A 32 -3.61 -3.86 6.53
N ARG A 33 -2.49 -4.14 5.87
CA ARG A 33 -1.20 -4.23 6.53
C ARG A 33 -0.11 -4.45 5.49
N LEU A 34 1.12 -4.60 5.93
CA LEU A 34 2.22 -4.89 5.04
C LEU A 34 2.30 -6.39 4.80
N THR A 35 2.73 -6.74 3.61
CA THR A 35 2.82 -8.14 3.22
C THR A 35 3.77 -8.90 4.13
N ARG A 36 3.38 -10.12 4.49
CA ARG A 36 4.19 -10.99 5.35
C ARG A 36 5.61 -11.13 4.78
N SER A 37 6.54 -10.44 5.41
CA SER A 37 7.92 -10.43 4.96
C SER A 37 8.87 -10.76 6.10
N ASN A 38 9.35 -9.73 6.79
CA ASN A 38 10.27 -9.89 7.90
C ASN A 38 9.97 -8.86 8.99
N SER A 39 9.02 -7.96 8.72
CA SER A 39 8.71 -6.90 9.65
C SER A 39 7.22 -6.62 9.69
N LYS A 40 6.66 -6.63 10.90
CA LYS A 40 5.26 -6.31 11.10
C LYS A 40 5.00 -4.83 10.83
N CYS A 41 6.07 -4.05 10.68
CA CYS A 41 5.92 -2.63 10.43
C CYS A 41 6.77 -2.21 9.22
N GLN A 42 7.02 -3.14 8.28
CA GLN A 42 7.73 -2.80 7.05
C GLN A 42 7.43 -3.84 5.96
N GLY A 43 7.12 -3.37 4.74
CA GLY A 43 6.85 -4.27 3.62
C GLY A 43 5.97 -3.61 2.57
N GLN A 44 5.69 -4.32 1.48
CA GLN A 44 4.75 -3.83 0.47
C GLN A 44 3.34 -3.80 1.07
N LEU A 45 2.47 -2.97 0.52
CA LEU A 45 1.14 -2.81 1.09
C LEU A 45 0.18 -3.88 0.61
N GLU A 46 -0.47 -4.54 1.56
CA GLU A 46 -1.46 -5.56 1.30
C GLU A 46 -2.79 -5.15 1.89
N VAL A 47 -3.76 -4.87 1.04
CA VAL A 47 -5.05 -4.37 1.48
C VAL A 47 -6.18 -5.31 1.03
N TYR A 48 -7.11 -5.59 1.93
CA TYR A 48 -8.22 -6.48 1.61
C TYR A 48 -9.39 -5.68 1.07
N LEU A 49 -9.57 -5.70 -0.25
CA LEU A 49 -10.66 -4.95 -0.86
C LEU A 49 -11.27 -5.68 -2.01
N LYS A 50 -12.60 -5.70 -1.99
CA LYS A 50 -13.41 -6.17 -3.11
C LYS A 50 -13.29 -7.66 -3.33
N ASP A 51 -12.07 -8.11 -3.49
CA ASP A 51 -11.85 -9.49 -3.94
C ASP A 51 -10.51 -10.06 -3.49
N GLY A 52 -9.64 -9.25 -2.95
CA GLY A 52 -8.29 -9.71 -2.71
C GLY A 52 -7.55 -8.96 -1.65
N TRP A 53 -6.73 -9.69 -0.90
CA TRP A 53 -5.62 -9.09 -0.20
C TRP A 53 -4.63 -8.62 -1.23
N HIS A 54 -4.97 -7.50 -1.85
CA HIS A 54 -4.27 -7.06 -3.03
C HIS A 54 -2.92 -6.46 -2.66
N MET A 55 -1.86 -7.12 -3.10
CA MET A 55 -0.52 -6.57 -2.93
C MET A 55 -0.33 -5.42 -3.91
N VAL A 56 -0.39 -4.21 -3.41
CA VAL A 56 -0.30 -3.04 -4.26
C VAL A 56 1.14 -2.60 -4.41
N CYS A 57 1.38 -1.61 -5.26
CA CYS A 57 2.73 -1.08 -5.44
C CYS A 57 2.90 0.18 -4.60
N SER A 58 2.00 0.35 -3.63
CA SER A 58 2.03 1.43 -2.65
C SER A 58 1.62 2.79 -3.26
N GLN A 59 2.23 3.17 -4.37
CA GLN A 59 1.95 4.46 -4.98
C GLN A 59 0.81 4.37 -5.99
N SER A 60 0.05 3.29 -5.92
CA SER A 60 -1.10 3.09 -6.79
C SER A 60 -2.15 4.19 -6.53
N TRP A 61 -3.21 4.21 -7.33
CA TRP A 61 -4.28 5.20 -7.20
C TRP A 61 -3.78 6.59 -7.61
N GLY A 62 -3.14 7.28 -6.69
CA GLY A 62 -2.69 8.64 -6.95
C GLY A 62 -1.56 8.69 -7.94
N ARG A 63 -0.51 7.90 -7.69
CA ARG A 63 0.68 7.86 -8.56
C ARG A 63 1.32 9.23 -8.67
N SER A 64 1.18 10.02 -7.60
CA SER A 64 1.64 11.39 -7.56
C SER A 64 3.12 11.52 -7.90
N SER A 65 3.96 10.80 -7.16
CA SER A 65 5.40 10.89 -7.36
C SER A 65 6.04 9.50 -7.35
N LYS A 66 7.34 9.46 -7.59
CA LYS A 66 8.09 8.21 -7.58
C LYS A 66 8.56 7.90 -6.16
N GLN A 67 8.52 8.93 -5.32
CA GLN A 67 8.79 8.79 -3.89
C GLN A 67 7.90 9.77 -3.15
N TRP A 68 6.79 9.27 -2.63
CA TRP A 68 5.78 10.13 -2.03
C TRP A 68 6.28 10.81 -0.77
N GLU A 69 6.06 12.12 -0.70
CA GLU A 69 6.44 12.90 0.47
C GLU A 69 5.35 12.81 1.54
N ASP A 70 4.26 12.11 1.21
CA ASP A 70 3.17 11.92 2.14
C ASP A 70 3.23 10.51 2.72
N PRO A 71 3.65 10.39 3.98
CA PRO A 71 3.70 9.11 4.69
C PRO A 71 2.52 8.89 5.62
N SER A 72 1.37 9.49 5.32
CA SER A 72 0.23 9.43 6.20
C SER A 72 -0.97 8.76 5.53
N GLN A 73 -2.15 9.10 6.01
CA GLN A 73 -3.42 8.58 5.50
C GLN A 73 -3.66 7.10 5.86
N ALA A 74 -2.59 6.36 6.08
CA ALA A 74 -2.72 4.95 6.47
C ALA A 74 -2.42 4.78 7.95
N SER A 75 -2.60 5.85 8.70
CA SER A 75 -2.34 5.84 10.14
C SER A 75 -3.20 4.79 10.84
N LYS A 76 -4.46 4.70 10.42
CA LYS A 76 -5.38 3.72 10.99
C LYS A 76 -4.84 2.31 10.82
N VAL A 77 -4.13 2.08 9.72
CA VAL A 77 -3.59 0.77 9.41
C VAL A 77 -2.51 0.38 10.41
N CYS A 78 -1.43 1.16 10.46
CA CYS A 78 -0.30 0.81 11.30
C CYS A 78 -0.61 1.01 12.78
N GLN A 79 -1.57 1.88 13.07
CA GLN A 79 -2.04 2.03 14.44
C GLN A 79 -2.70 0.75 14.91
N ARG A 80 -3.46 0.12 14.02
CA ARG A 80 -4.11 -1.14 14.33
C ARG A 80 -3.08 -2.27 14.37
N LEU A 81 -1.92 -2.02 13.78
CA LEU A 81 -0.80 -2.95 13.85
C LEU A 81 0.14 -2.55 14.98
N ASN A 82 -0.29 -1.56 15.78
CA ASN A 82 0.49 -0.98 16.88
C ASN A 82 1.95 -0.71 16.49
N CYS A 83 2.14 -0.31 15.24
CA CYS A 83 3.47 0.07 14.75
C CYS A 83 3.61 1.59 14.75
N GLY A 84 2.67 2.26 15.39
CA GLY A 84 2.74 3.70 15.54
C GLY A 84 2.04 4.43 14.40
N ASP A 85 2.76 5.36 13.79
CA ASP A 85 2.24 6.12 12.67
C ASP A 85 2.31 5.28 11.40
N PRO A 86 1.71 5.73 10.27
CA PRO A 86 1.69 4.92 9.07
C PRO A 86 3.01 4.80 8.38
N LEU A 87 3.14 3.66 7.75
CA LEU A 87 4.20 3.34 6.85
C LEU A 87 4.60 4.51 5.97
N SER A 88 5.83 4.91 6.18
CA SER A 88 6.47 5.91 5.34
C SER A 88 6.83 5.27 4.00
N LEU A 89 6.80 6.05 2.93
CA LEU A 89 6.95 5.48 1.60
C LEU A 89 8.28 5.87 0.96
N GLY A 90 8.92 4.88 0.33
CA GLY A 90 10.13 5.11 -0.45
C GLY A 90 10.56 3.82 -1.13
N PRO A 91 11.32 3.90 -2.23
CA PRO A 91 11.71 2.72 -3.03
C PRO A 91 12.26 1.57 -2.19
N PHE A 92 11.68 0.38 -2.37
CA PHE A 92 12.09 -0.80 -1.61
C PHE A 92 12.68 -1.84 -2.56
N LEU A 93 13.23 -1.36 -3.67
CA LEU A 93 13.91 -2.19 -4.66
C LEU A 93 12.92 -3.03 -5.47
N LYS A 94 12.63 -4.23 -4.99
CA LYS A 94 11.80 -5.16 -5.75
C LYS A 94 11.18 -6.20 -4.82
N THR A 95 9.87 -6.19 -4.70
CA THR A 95 9.19 -7.12 -3.80
C THR A 95 7.94 -7.71 -4.45
N TYR A 96 7.20 -6.91 -5.22
CA TYR A 96 5.96 -7.37 -5.82
C TYR A 96 6.23 -8.23 -7.06
N THR A 97 5.18 -8.77 -7.64
CA THR A 97 5.31 -9.62 -8.81
C THR A 97 4.37 -9.13 -9.92
N PRO A 98 4.93 -8.84 -11.11
CA PRO A 98 4.20 -8.29 -12.28
C PRO A 98 3.17 -9.28 -12.86
N GLN A 99 2.37 -9.85 -11.98
CA GLN A 99 1.35 -10.82 -12.32
C GLN A 99 0.48 -11.03 -11.11
N SER A 100 1.13 -11.42 -10.01
CA SER A 100 0.47 -11.66 -8.76
C SER A 100 -0.04 -10.36 -8.13
N SER A 101 0.85 -9.37 -8.06
CA SER A 101 0.51 -8.11 -7.42
C SER A 101 -0.22 -7.20 -8.40
N ILE A 102 -0.70 -6.07 -7.90
CA ILE A 102 -1.46 -5.15 -8.72
C ILE A 102 -1.06 -3.70 -8.49
N ILE A 103 -1.40 -2.85 -9.45
CA ILE A 103 -1.26 -1.42 -9.31
C ILE A 103 -2.65 -0.82 -9.54
N CYS A 104 -3.28 -0.32 -8.49
CA CYS A 104 -4.61 0.24 -8.64
C CYS A 104 -4.54 1.67 -9.15
N TYR A 105 -5.67 2.22 -9.55
CA TYR A 105 -5.70 3.56 -10.10
C TYR A 105 -6.89 4.33 -9.55
N GLY A 106 -7.13 5.51 -10.08
CA GLY A 106 -8.22 6.33 -9.60
C GLY A 106 -7.75 7.37 -8.63
N GLN A 107 -8.52 7.58 -7.58
CA GLN A 107 -8.17 8.53 -6.55
C GLN A 107 -7.72 7.81 -5.29
N LEU A 108 -6.80 8.41 -4.56
CA LEU A 108 -6.27 7.81 -3.34
C LEU A 108 -7.36 7.76 -2.28
N GLY A 109 -7.63 6.56 -1.78
CA GLY A 109 -8.70 6.39 -0.82
C GLY A 109 -9.87 5.66 -1.42
N SER A 110 -9.82 5.40 -2.72
CA SER A 110 -10.88 4.67 -3.39
C SER A 110 -10.40 3.28 -3.79
N PHE A 111 -10.37 2.38 -2.80
CA PHE A 111 -9.94 1.01 -3.00
C PHE A 111 -11.10 0.19 -3.53
N SER A 112 -11.54 0.55 -4.72
CA SER A 112 -12.68 -0.11 -5.33
C SER A 112 -12.41 -0.43 -6.80
N ASN A 113 -11.15 -0.34 -7.20
CA ASN A 113 -10.73 -0.61 -8.57
C ASN A 113 -9.22 -0.69 -8.67
N CYS A 114 -8.71 -1.73 -9.33
CA CYS A 114 -7.28 -1.89 -9.54
C CYS A 114 -7.00 -2.51 -10.90
N SER A 115 -5.73 -2.70 -11.20
CA SER A 115 -5.28 -3.44 -12.37
C SER A 115 -3.97 -4.12 -12.03
N HIS A 116 -3.43 -4.92 -12.93
CA HIS A 116 -2.21 -5.67 -12.61
C HIS A 116 -0.95 -4.86 -12.94
N SER A 117 0.11 -5.13 -12.20
CA SER A 117 1.36 -4.37 -12.30
C SER A 117 1.97 -4.45 -13.70
N ARG A 118 2.01 -3.33 -14.40
CA ARG A 118 2.65 -3.26 -15.70
C ARG A 118 3.79 -2.26 -15.71
N ASN A 119 3.46 -0.97 -15.77
CA ASN A 119 4.47 0.07 -15.88
C ASN A 119 3.99 1.40 -15.31
N ASP A 120 4.40 1.68 -14.08
CA ASP A 120 4.10 2.95 -13.46
C ASP A 120 5.34 3.44 -12.72
N MET A 121 5.15 4.24 -11.69
CA MET A 121 6.27 4.86 -10.99
C MET A 121 6.69 4.05 -9.77
N CYS A 122 5.97 2.97 -9.50
CA CYS A 122 6.28 2.13 -8.36
C CYS A 122 7.22 0.99 -8.73
N HIS A 123 8.52 1.24 -8.58
CA HIS A 123 9.50 0.17 -8.64
C HIS A 123 9.56 -0.49 -7.27
N SER A 124 8.47 -1.16 -6.92
CA SER A 124 8.23 -1.68 -5.58
C SER A 124 8.48 -0.61 -4.53
N LEU A 125 7.63 0.41 -4.49
CA LEU A 125 7.75 1.41 -3.45
C LEU A 125 7.35 0.80 -2.13
N GLY A 126 8.19 0.98 -1.13
CA GLY A 126 8.02 0.26 0.11
C GLY A 126 7.47 1.13 1.20
N LEU A 127 6.47 0.63 1.87
CA LEU A 127 5.89 1.31 3.00
C LEU A 127 6.43 0.71 4.29
N THR A 128 6.67 1.54 5.28
CA THR A 128 7.20 1.06 6.55
C THR A 128 6.62 1.84 7.72
N CYS A 129 5.72 1.19 8.46
CA CYS A 129 4.87 1.84 9.47
C CYS A 129 5.67 2.77 10.37
N LEU A 130 5.43 4.05 10.14
CA LEU A 130 6.08 5.15 10.83
C LEU A 130 7.52 5.32 10.37
N GLU A 131 8.34 4.32 10.66
CA GLU A 131 9.76 4.37 10.32
C GLU A 131 10.29 2.98 10.01
N ARG A 22 -17.07 3.35 -0.55
CA ARG A 22 -17.31 1.90 -0.39
C ARG A 22 -16.17 1.25 0.39
N LEU A 23 -14.98 1.30 -0.18
CA LEU A 23 -13.82 0.67 0.43
C LEU A 23 -12.72 1.70 0.64
N SER A 24 -12.45 2.00 1.89
CA SER A 24 -11.42 2.98 2.22
C SER A 24 -10.48 2.42 3.27
N TRP A 25 -9.21 2.80 3.20
CA TRP A 25 -8.22 2.27 4.12
C TRP A 25 -8.25 2.95 5.48
N TYR A 26 -9.35 3.63 5.81
CA TYR A 26 -9.52 4.17 7.13
C TYR A 26 -10.68 3.49 7.85
N ASP A 27 -11.19 2.42 7.25
CA ASP A 27 -12.18 1.58 7.89
C ASP A 27 -11.48 0.61 8.86
N PRO A 28 -12.01 0.48 10.08
CA PRO A 28 -11.39 -0.39 11.10
C PRO A 28 -11.49 -1.86 10.75
N ASP A 29 -12.52 -2.21 9.98
CA ASP A 29 -12.74 -3.58 9.56
C ASP A 29 -12.22 -3.82 8.16
N PHE A 30 -11.53 -2.81 7.61
CA PHE A 30 -10.90 -2.96 6.31
C PHE A 30 -9.51 -3.53 6.49
N GLN A 31 -9.31 -4.77 6.05
CA GLN A 31 -8.03 -5.44 6.20
C GLN A 31 -6.97 -4.80 5.32
N ALA A 32 -5.96 -4.21 5.96
CA ALA A 32 -4.85 -3.58 5.27
C ALA A 32 -3.59 -3.76 6.09
N ARG A 33 -2.47 -4.02 5.43
CA ARG A 33 -1.24 -4.37 6.13
C ARG A 33 -0.08 -4.54 5.17
N LEU A 34 1.06 -4.90 5.71
CA LEU A 34 2.24 -5.23 4.93
C LEU A 34 2.47 -6.74 4.98
N THR A 35 2.95 -7.30 3.88
CA THR A 35 3.20 -8.73 3.83
C THR A 35 4.54 -9.07 3.18
N ARG A 36 4.88 -10.36 3.20
CA ARG A 36 6.15 -10.86 2.67
C ARG A 36 7.30 -10.36 3.54
N SER A 37 6.95 -10.01 4.77
CA SER A 37 7.90 -9.57 5.76
C SER A 37 7.30 -9.83 7.15
N ASN A 38 8.15 -10.01 8.14
CA ASN A 38 7.67 -10.19 9.52
C ASN A 38 7.32 -8.84 10.12
N SER A 39 8.00 -7.81 9.65
CA SER A 39 7.78 -6.45 10.11
C SER A 39 6.40 -5.95 9.72
N LYS A 40 5.54 -5.77 10.71
CA LYS A 40 4.20 -5.22 10.46
C LYS A 40 4.31 -3.75 10.12
N CYS A 41 5.48 -3.18 10.38
CA CYS A 41 5.70 -1.77 10.15
C CYS A 41 6.72 -1.55 9.02
N GLN A 42 6.99 -2.61 8.24
CA GLN A 42 7.84 -2.52 7.04
C GLN A 42 7.47 -3.61 6.04
N GLY A 43 7.18 -3.23 4.80
CA GLY A 43 6.80 -4.20 3.80
C GLY A 43 6.04 -3.59 2.64
N GLN A 44 5.64 -4.43 1.69
CA GLN A 44 4.79 -3.97 0.60
C GLN A 44 3.32 -4.06 1.03
N LEU A 45 2.50 -3.12 0.54
CA LEU A 45 1.12 -3.02 1.00
C LEU A 45 0.24 -4.10 0.39
N GLU A 46 -0.42 -4.84 1.26
CA GLU A 46 -1.40 -5.83 0.85
C GLU A 46 -2.74 -5.49 1.47
N VAL A 47 -3.73 -5.23 0.64
CA VAL A 47 -5.04 -4.79 1.12
C VAL A 47 -6.17 -5.68 0.61
N TYR A 48 -7.05 -6.08 1.50
CA TYR A 48 -8.14 -6.97 1.15
C TYR A 48 -9.36 -6.17 0.70
N LEU A 49 -9.60 -6.16 -0.60
CA LEU A 49 -10.71 -5.42 -1.14
C LEU A 49 -11.51 -6.27 -2.10
N LYS A 50 -12.83 -6.29 -1.88
CA LYS A 50 -13.77 -7.02 -2.73
C LYS A 50 -13.65 -8.52 -2.50
N ASP A 51 -12.40 -8.98 -2.40
CA ASP A 51 -12.07 -10.41 -2.23
C ASP A 51 -10.58 -10.62 -2.44
N GLY A 52 -9.97 -9.73 -3.18
CA GLY A 52 -8.56 -9.82 -3.47
C GLY A 52 -7.70 -9.21 -2.40
N TRP A 53 -6.84 -10.03 -1.80
CA TRP A 53 -5.74 -9.51 -1.02
C TRP A 53 -4.75 -8.88 -1.97
N HIS A 54 -5.11 -7.70 -2.44
CA HIS A 54 -4.38 -7.04 -3.49
C HIS A 54 -3.09 -6.42 -2.97
N MET A 55 -1.97 -6.99 -3.36
CA MET A 55 -0.68 -6.44 -3.01
C MET A 55 -0.29 -5.37 -4.03
N VAL A 56 -0.29 -4.13 -3.58
CA VAL A 56 -0.07 -2.98 -4.46
C VAL A 56 1.41 -2.66 -4.58
N CYS A 57 1.75 -1.79 -5.52
CA CYS A 57 3.12 -1.31 -5.63
C CYS A 57 3.32 0.00 -4.86
N SER A 58 2.38 0.28 -3.95
CA SER A 58 2.46 1.43 -3.02
C SER A 58 2.28 2.78 -3.73
N GLN A 59 2.89 2.92 -4.91
CA GLN A 59 2.80 4.16 -5.69
C GLN A 59 1.42 4.31 -6.34
N SER A 60 0.59 3.30 -6.17
CA SER A 60 -0.74 3.27 -6.72
C SER A 60 -1.59 4.45 -6.17
N TRP A 61 -2.69 4.77 -6.86
CA TRP A 61 -3.60 5.85 -6.44
C TRP A 61 -2.97 7.24 -6.57
N GLY A 62 -2.23 7.65 -5.54
CA GLY A 62 -1.83 9.03 -5.42
C GLY A 62 -0.36 9.27 -5.67
N ARG A 63 0.47 8.92 -4.70
CA ARG A 63 1.90 9.21 -4.78
C ARG A 63 2.62 8.25 -5.71
N SER A 64 2.39 8.41 -7.00
CA SER A 64 3.03 7.60 -8.02
C SER A 64 4.53 7.88 -8.07
N SER A 65 4.89 9.14 -7.87
CA SER A 65 6.28 9.55 -7.99
C SER A 65 6.75 10.38 -6.80
N LYS A 66 6.24 10.08 -5.61
CA LYS A 66 6.65 10.82 -4.42
C LYS A 66 7.03 9.91 -3.27
N GLN A 67 8.12 10.28 -2.62
CA GLN A 67 8.60 9.63 -1.39
C GLN A 67 8.94 10.73 -0.38
N TRP A 68 8.02 11.69 -0.28
CA TRP A 68 8.27 12.92 0.47
C TRP A 68 7.45 12.99 1.76
N GLU A 69 6.95 14.18 2.07
CA GLU A 69 6.30 14.45 3.35
C GLU A 69 4.87 13.94 3.38
N ASP A 70 4.30 13.67 2.21
CA ASP A 70 2.95 13.13 2.14
C ASP A 70 2.96 11.78 1.47
N PRO A 71 3.13 10.70 2.25
CA PRO A 71 3.14 9.35 1.74
C PRO A 71 1.75 8.70 1.69
N SER A 72 1.18 8.43 2.86
CA SER A 72 -0.02 7.63 2.96
C SER A 72 -0.90 8.15 4.08
N GLN A 73 -2.14 8.43 3.77
CA GLN A 73 -3.11 8.87 4.77
C GLN A 73 -3.67 7.65 5.51
N ALA A 74 -2.76 6.81 6.01
CA ALA A 74 -3.13 5.52 6.59
C ALA A 74 -2.60 5.37 8.00
N SER A 75 -2.53 6.46 8.75
CA SER A 75 -2.09 6.41 10.14
C SER A 75 -3.02 5.48 10.93
N LYS A 76 -4.28 5.45 10.50
CA LYS A 76 -5.30 4.63 11.13
C LYS A 76 -4.99 3.14 10.94
N VAL A 77 -4.32 2.81 9.85
CA VAL A 77 -3.96 1.42 9.56
C VAL A 77 -2.82 0.96 10.46
N CYS A 78 -1.72 1.71 10.45
CA CYS A 78 -0.53 1.31 11.19
C CYS A 78 -0.74 1.44 12.69
N GLN A 79 -1.63 2.33 13.12
CA GLN A 79 -1.96 2.43 14.53
C GLN A 79 -2.71 1.16 14.97
N ARG A 80 -3.44 0.57 14.02
CA ARG A 80 -4.13 -0.70 14.26
C ARG A 80 -3.12 -1.82 14.30
N LEU A 81 -1.99 -1.61 13.63
CA LEU A 81 -0.89 -2.59 13.61
C LEU A 81 0.13 -2.25 14.69
N ASN A 82 -0.26 -1.33 15.59
CA ASN A 82 0.59 -0.84 16.68
C ASN A 82 2.01 -0.50 16.21
N CYS A 83 2.08 0.16 15.05
CA CYS A 83 3.35 0.59 14.48
C CYS A 83 3.42 2.11 14.42
N GLY A 84 2.48 2.78 15.08
CA GLY A 84 2.49 4.23 15.16
C GLY A 84 1.84 4.90 13.97
N ASP A 85 2.60 5.78 13.32
CA ASP A 85 2.11 6.54 12.16
C ASP A 85 2.17 5.65 10.91
N PRO A 86 1.63 6.10 9.76
CA PRO A 86 1.54 5.25 8.59
C PRO A 86 2.84 5.03 7.89
N LEU A 87 2.88 3.87 7.28
CA LEU A 87 3.85 3.53 6.28
C LEU A 87 4.19 4.70 5.38
N SER A 88 5.40 5.17 5.56
CA SER A 88 5.97 6.17 4.68
C SER A 88 6.38 5.50 3.36
N LEU A 89 6.29 6.25 2.27
CA LEU A 89 6.60 5.73 0.97
C LEU A 89 8.05 5.96 0.60
N GLY A 90 8.70 4.91 0.12
CA GLY A 90 10.07 5.02 -0.33
C GLY A 90 10.48 3.78 -1.08
N PRO A 91 11.55 3.82 -1.89
CA PRO A 91 11.92 2.68 -2.75
C PRO A 91 12.45 1.48 -1.97
N PHE A 92 11.69 0.40 -2.00
CA PHE A 92 12.08 -0.85 -1.36
C PHE A 92 12.94 -1.65 -2.34
N LEU A 93 13.94 -2.34 -1.84
CA LEU A 93 14.86 -3.07 -2.71
C LEU A 93 14.27 -4.38 -3.22
N LYS A 94 13.33 -4.94 -2.48
CA LYS A 94 12.67 -6.17 -2.90
C LYS A 94 11.47 -5.82 -3.79
N THR A 95 11.46 -6.38 -4.99
CA THR A 95 10.45 -6.02 -5.98
C THR A 95 9.14 -6.78 -5.74
N TYR A 96 8.14 -6.50 -6.56
CA TYR A 96 6.84 -7.11 -6.41
C TYR A 96 6.74 -8.38 -7.25
N THR A 97 5.52 -8.78 -7.60
CA THR A 97 5.30 -9.96 -8.43
C THR A 97 4.64 -9.54 -9.74
N PRO A 98 5.15 -10.03 -10.89
CA PRO A 98 4.79 -9.51 -12.23
C PRO A 98 3.38 -9.87 -12.69
N GLN A 99 2.50 -10.14 -11.76
CA GLN A 99 1.12 -10.46 -12.08
C GLN A 99 0.23 -10.30 -10.85
N SER A 100 0.62 -10.97 -9.77
CA SER A 100 -0.11 -10.92 -8.51
C SER A 100 -0.19 -9.49 -7.98
N SER A 101 0.90 -8.75 -8.12
CA SER A 101 0.95 -7.38 -7.65
C SER A 101 0.18 -6.49 -8.62
N ILE A 102 -0.50 -5.50 -8.09
CA ILE A 102 -1.36 -4.67 -8.90
C ILE A 102 -1.08 -3.18 -8.69
N ILE A 103 -1.41 -2.41 -9.71
CA ILE A 103 -1.31 -0.95 -9.66
C ILE A 103 -2.72 -0.40 -9.58
N CYS A 104 -3.14 0.11 -8.44
CA CYS A 104 -4.48 0.66 -8.36
C CYS A 104 -4.42 2.16 -8.61
N TYR A 105 -5.53 2.75 -9.00
CA TYR A 105 -5.57 4.17 -9.34
C TYR A 105 -6.76 4.84 -8.67
N GLY A 106 -6.81 6.15 -8.78
CA GLY A 106 -7.90 6.90 -8.16
C GLY A 106 -7.39 7.78 -7.04
N GLN A 107 -8.29 8.33 -6.25
CA GLN A 107 -7.91 9.17 -5.13
C GLN A 107 -7.45 8.29 -3.98
N LEU A 108 -6.33 8.67 -3.37
CA LEU A 108 -5.72 7.89 -2.30
C LEU A 108 -6.73 7.70 -1.16
N GLY A 109 -7.22 6.48 -1.00
CA GLY A 109 -8.27 6.21 -0.04
C GLY A 109 -9.38 5.38 -0.65
N SER A 110 -9.58 5.51 -1.96
CA SER A 110 -10.62 4.76 -2.65
C SER A 110 -10.09 3.43 -3.17
N PHE A 111 -10.26 2.39 -2.37
CA PHE A 111 -9.71 1.07 -2.69
C PHE A 111 -10.74 0.21 -3.38
N SER A 112 -11.16 0.63 -4.57
CA SER A 112 -12.15 -0.13 -5.33
C SER A 112 -11.70 -0.38 -6.76
N ASN A 113 -11.06 0.60 -7.38
CA ASN A 113 -10.57 0.45 -8.75
C ASN A 113 -9.07 0.15 -8.74
N CYS A 114 -8.67 -0.84 -9.51
CA CYS A 114 -7.28 -1.24 -9.58
C CYS A 114 -6.99 -1.95 -10.90
N SER A 115 -5.72 -2.18 -11.19
CA SER A 115 -5.29 -2.78 -12.44
C SER A 115 -4.01 -3.57 -12.20
N HIS A 116 -3.51 -4.27 -13.21
CA HIS A 116 -2.32 -5.11 -13.04
C HIS A 116 -1.04 -4.31 -13.14
N SER A 117 0.05 -4.88 -12.62
CA SER A 117 1.35 -4.20 -12.55
C SER A 117 2.07 -4.16 -13.90
N ARG A 118 1.30 -4.05 -14.98
CA ARG A 118 1.87 -4.07 -16.32
C ARG A 118 1.72 -2.70 -16.98
N ASN A 119 0.97 -1.81 -16.33
CA ASN A 119 0.70 -0.48 -16.88
C ASN A 119 1.95 0.39 -16.87
N ASP A 120 2.24 0.98 -15.71
CA ASP A 120 3.41 1.84 -15.57
C ASP A 120 4.62 1.04 -15.09
N MET A 121 4.37 -0.22 -14.72
CA MET A 121 5.42 -1.10 -14.19
C MET A 121 6.10 -0.44 -13.00
N CYS A 122 5.28 -0.11 -12.01
CA CYS A 122 5.76 0.51 -10.78
C CYS A 122 6.97 -0.19 -10.21
N HIS A 123 8.03 0.59 -9.94
CA HIS A 123 9.17 0.08 -9.21
C HIS A 123 8.70 -0.37 -7.84
N SER A 124 9.52 -1.13 -7.16
CA SER A 124 9.15 -1.64 -5.85
C SER A 124 9.13 -0.53 -4.82
N LEU A 125 8.03 0.21 -4.78
CA LEU A 125 7.82 1.19 -3.74
C LEU A 125 7.35 0.48 -2.49
N GLY A 126 7.97 0.79 -1.38
CA GLY A 126 7.66 0.13 -0.14
C GLY A 126 6.89 1.03 0.78
N LEU A 127 6.27 0.43 1.77
CA LEU A 127 5.46 1.14 2.71
C LEU A 127 5.86 0.68 4.11
N THR A 128 6.34 1.61 4.87
CA THR A 128 6.94 1.30 6.15
C THR A 128 6.27 2.10 7.26
N CYS A 129 5.40 1.42 8.03
CA CYS A 129 4.54 2.09 9.02
C CYS A 129 5.34 2.97 9.95
N LEU A 130 5.21 4.26 9.68
CA LEU A 130 5.90 5.32 10.39
C LEU A 130 7.39 5.34 10.06
N GLU A 131 8.10 4.35 10.57
CA GLU A 131 9.56 4.29 10.41
C GLU A 131 10.03 2.85 10.24
N ARG A 22 -16.40 2.04 2.49
CA ARG A 22 -16.39 0.56 2.57
C ARG A 22 -15.02 0.00 2.20
N LEU A 23 -14.33 0.69 1.29
CA LEU A 23 -13.01 0.26 0.85
C LEU A 23 -12.07 1.46 0.80
N SER A 24 -11.55 1.84 1.96
CA SER A 24 -10.62 2.95 2.05
C SER A 24 -9.61 2.65 3.15
N TRP A 25 -8.34 3.00 2.94
CA TRP A 25 -7.30 2.65 3.91
C TRP A 25 -7.29 3.59 5.11
N TYR A 26 -8.39 4.31 5.30
CA TYR A 26 -8.58 5.11 6.50
C TYR A 26 -9.88 4.71 7.19
N ASP A 27 -10.46 3.61 6.74
CA ASP A 27 -11.66 3.06 7.35
C ASP A 27 -11.27 2.37 8.66
N PRO A 28 -12.07 2.57 9.73
CA PRO A 28 -11.77 2.03 11.05
C PRO A 28 -11.72 0.51 11.09
N ASP A 29 -12.39 -0.15 10.14
CA ASP A 29 -12.43 -1.61 10.13
C ASP A 29 -11.92 -2.15 8.80
N PHE A 30 -11.19 -1.32 8.07
CA PHE A 30 -10.60 -1.74 6.81
C PHE A 30 -9.30 -2.48 7.06
N GLN A 31 -9.11 -3.60 6.36
CA GLN A 31 -7.91 -4.40 6.54
C GLN A 31 -6.83 -4.00 5.55
N ALA A 32 -5.75 -3.47 6.10
CA ALA A 32 -4.59 -3.08 5.31
C ALA A 32 -3.32 -3.38 6.09
N ARG A 33 -2.25 -3.69 5.39
CA ARG A 33 -1.03 -4.14 6.04
C ARG A 33 0.13 -4.18 5.06
N LEU A 34 1.26 -4.66 5.54
CA LEU A 34 2.42 -4.88 4.71
C LEU A 34 2.47 -6.34 4.29
N THR A 35 3.30 -6.63 3.29
CA THR A 35 3.41 -7.98 2.77
C THR A 35 4.49 -8.78 3.50
N ARG A 36 4.89 -9.91 2.93
CA ARG A 36 5.87 -10.77 3.57
C ARG A 36 7.30 -10.22 3.43
N SER A 37 7.49 -9.02 3.94
CA SER A 37 8.82 -8.45 4.08
C SER A 37 9.38 -8.84 5.44
N ASN A 38 8.58 -9.65 6.15
CA ASN A 38 8.92 -10.24 7.44
C ASN A 38 8.82 -9.21 8.57
N SER A 39 9.30 -8.00 8.31
CA SER A 39 9.19 -6.92 9.29
C SER A 39 7.74 -6.51 9.46
N LYS A 40 7.28 -6.53 10.70
CA LYS A 40 5.87 -6.33 11.01
C LYS A 40 5.43 -4.90 10.73
N CYS A 41 6.35 -3.96 10.83
CA CYS A 41 6.00 -2.57 10.57
C CYS A 41 6.86 -2.00 9.44
N GLN A 42 7.39 -2.88 8.59
CA GLN A 42 8.14 -2.47 7.40
C GLN A 42 7.83 -3.40 6.22
N GLY A 43 7.41 -2.85 5.09
CA GLY A 43 7.12 -3.69 3.93
C GLY A 43 6.21 -3.03 2.91
N GLN A 44 5.95 -3.73 1.80
CA GLN A 44 5.10 -3.21 0.74
C GLN A 44 3.63 -3.40 1.07
N LEU A 45 2.75 -2.62 0.45
CA LEU A 45 1.34 -2.57 0.83
C LEU A 45 0.53 -3.77 0.33
N GLU A 46 -0.24 -4.32 1.24
CA GLU A 46 -1.18 -5.40 0.97
C GLU A 46 -2.53 -5.02 1.57
N VAL A 47 -3.56 -4.90 0.73
CA VAL A 47 -4.85 -4.45 1.20
C VAL A 47 -5.98 -5.37 0.74
N TYR A 48 -6.91 -5.64 1.65
CA TYR A 48 -8.03 -6.52 1.34
C TYR A 48 -9.20 -5.73 0.78
N LEU A 49 -9.44 -5.89 -0.52
CA LEU A 49 -10.55 -5.21 -1.17
C LEU A 49 -11.16 -6.07 -2.25
N LYS A 50 -12.48 -5.99 -2.37
CA LYS A 50 -13.26 -6.78 -3.33
C LYS A 50 -13.27 -8.26 -2.95
N ASP A 51 -12.10 -8.75 -2.52
CA ASP A 51 -11.92 -10.17 -2.20
C ASP A 51 -10.43 -10.48 -2.03
N GLY A 52 -9.61 -9.74 -2.76
CA GLY A 52 -8.19 -10.02 -2.79
C GLY A 52 -7.40 -9.23 -1.79
N TRP A 53 -6.56 -9.92 -1.04
CA TRP A 53 -5.49 -9.26 -0.31
C TRP A 53 -4.47 -8.79 -1.33
N HIS A 54 -4.80 -7.70 -1.98
CA HIS A 54 -4.09 -7.25 -3.14
C HIS A 54 -2.73 -6.66 -2.78
N MET A 55 -1.67 -7.34 -3.19
CA MET A 55 -0.34 -6.77 -3.12
C MET A 55 -0.24 -5.66 -4.16
N VAL A 56 -0.14 -4.43 -3.71
CA VAL A 56 -0.12 -3.31 -4.63
C VAL A 56 1.32 -2.93 -4.96
N CYS A 57 1.50 -2.01 -5.90
CA CYS A 57 2.84 -1.57 -6.28
C CYS A 57 3.37 -0.60 -5.22
N SER A 58 2.54 -0.36 -4.19
CA SER A 58 2.85 0.48 -3.03
C SER A 58 2.49 1.95 -3.28
N GLN A 59 2.54 2.40 -4.53
CA GLN A 59 2.16 3.78 -4.85
C GLN A 59 1.04 3.82 -5.89
N SER A 60 0.20 2.79 -5.88
CA SER A 60 -0.91 2.67 -6.80
C SER A 60 -1.96 3.78 -6.57
N TRP A 61 -3.02 3.81 -7.39
CA TRP A 61 -4.07 4.81 -7.32
C TRP A 61 -3.59 6.14 -7.87
N GLY A 62 -2.69 6.79 -7.16
CA GLY A 62 -2.18 8.07 -7.60
C GLY A 62 -1.14 8.62 -6.66
N ARG A 63 -0.10 7.86 -6.40
CA ARG A 63 1.00 8.34 -5.58
C ARG A 63 2.22 8.61 -6.45
N SER A 64 2.76 9.81 -6.33
CA SER A 64 3.97 10.18 -7.05
C SER A 64 5.20 9.69 -6.29
N SER A 65 6.19 9.15 -7.01
CA SER A 65 7.39 8.65 -6.37
C SER A 65 8.21 9.81 -5.80
N LYS A 66 8.13 9.97 -4.49
CA LYS A 66 8.77 11.07 -3.80
C LYS A 66 9.01 10.70 -2.35
N GLN A 67 10.24 10.92 -1.87
CA GLN A 67 10.56 10.67 -0.48
C GLN A 67 9.77 11.60 0.43
N TRP A 68 8.89 11.00 1.23
CA TRP A 68 7.96 11.73 2.08
C TRP A 68 7.07 12.68 1.27
N GLU A 69 6.15 12.10 0.52
CA GLU A 69 5.14 12.88 -0.16
C GLU A 69 3.98 13.15 0.80
N ASP A 70 3.48 12.07 1.39
CA ASP A 70 2.29 12.11 2.25
C ASP A 70 1.92 10.68 2.64
N PRO A 71 2.51 10.18 3.73
CA PRO A 71 2.31 8.80 4.17
C PRO A 71 1.20 8.65 5.23
N SER A 72 0.63 9.77 5.64
CA SER A 72 -0.22 9.81 6.83
C SER A 72 -1.59 9.18 6.60
N GLN A 73 -1.99 9.01 5.35
CA GLN A 73 -3.35 8.59 5.02
C GLN A 73 -3.69 7.18 5.52
N ALA A 74 -2.72 6.48 6.08
CA ALA A 74 -2.91 5.10 6.51
C ALA A 74 -2.60 4.94 8.00
N SER A 75 -2.72 6.04 8.73
CA SER A 75 -2.45 6.04 10.16
C SER A 75 -3.23 4.93 10.86
N LYS A 76 -4.50 4.79 10.48
CA LYS A 76 -5.39 3.84 11.14
C LYS A 76 -4.92 2.40 10.94
N VAL A 77 -4.36 2.08 9.78
CA VAL A 77 -4.00 0.70 9.49
C VAL A 77 -2.76 0.26 10.26
N CYS A 78 -1.73 1.12 10.33
CA CYS A 78 -0.54 0.75 11.10
C CYS A 78 -0.82 0.87 12.59
N GLN A 79 -1.71 1.78 12.96
CA GLN A 79 -2.19 1.89 14.34
C GLN A 79 -2.94 0.61 14.72
N ARG A 80 -3.69 0.08 13.74
CA ARG A 80 -4.42 -1.17 13.91
C ARG A 80 -3.43 -2.33 14.09
N LEU A 81 -2.23 -2.16 13.53
CA LEU A 81 -1.18 -3.16 13.64
C LEU A 81 -0.22 -2.83 14.79
N ASN A 82 -0.67 -1.89 15.64
CA ASN A 82 0.09 -1.40 16.81
C ASN A 82 1.54 -1.04 16.45
N CYS A 83 1.75 -0.55 15.23
CA CYS A 83 3.07 -0.09 14.79
C CYS A 83 3.20 1.43 14.96
N GLY A 84 2.14 2.06 15.43
CA GLY A 84 2.16 3.49 15.69
C GLY A 84 1.61 4.30 14.55
N ASP A 85 2.43 5.16 13.98
CA ASP A 85 2.05 5.99 12.85
C ASP A 85 2.10 5.18 11.56
N PRO A 86 1.59 5.71 10.44
CA PRO A 86 1.54 4.97 9.18
C PRO A 86 2.88 4.88 8.49
N LEU A 87 2.99 3.81 7.74
CA LEU A 87 4.04 3.58 6.81
C LEU A 87 4.48 4.85 6.09
N SER A 88 5.68 5.25 6.43
CA SER A 88 6.33 6.35 5.74
C SER A 88 6.61 5.97 4.29
N LEU A 89 6.63 6.97 3.43
CA LEU A 89 6.74 6.75 1.99
C LEU A 89 8.16 6.94 1.48
N GLY A 90 8.71 5.88 0.91
CA GLY A 90 10.04 5.90 0.34
C GLY A 90 10.27 4.66 -0.50
N PRO A 91 10.74 4.81 -1.75
CA PRO A 91 10.79 3.69 -2.72
C PRO A 91 11.56 2.49 -2.18
N PHE A 92 10.87 1.35 -2.08
CA PHE A 92 11.41 0.17 -1.43
C PHE A 92 12.20 -0.68 -2.41
N LEU A 93 11.49 -1.55 -3.12
CA LEU A 93 12.10 -2.51 -4.03
C LEU A 93 11.01 -3.31 -4.72
N LYS A 94 11.18 -3.62 -5.99
CA LYS A 94 10.22 -4.45 -6.69
C LYS A 94 10.35 -5.90 -6.26
N THR A 95 9.49 -6.31 -5.35
CA THR A 95 9.47 -7.68 -4.88
C THR A 95 8.20 -8.38 -5.36
N TYR A 96 7.24 -7.58 -5.83
CA TYR A 96 5.98 -8.12 -6.32
C TYR A 96 6.14 -8.62 -7.77
N THR A 97 5.05 -9.13 -8.33
CA THR A 97 5.08 -9.69 -9.67
C THR A 97 3.86 -9.23 -10.47
N PRO A 98 4.06 -8.83 -11.73
CA PRO A 98 3.01 -8.31 -12.62
C PRO A 98 2.00 -9.38 -13.04
N GLN A 99 2.02 -10.48 -12.34
CA GLN A 99 1.12 -11.57 -12.59
C GLN A 99 0.00 -11.58 -11.56
N SER A 100 0.36 -11.68 -10.30
CA SER A 100 -0.61 -11.72 -9.22
C SER A 100 -0.72 -10.38 -8.50
N SER A 101 0.34 -9.58 -8.57
CA SER A 101 0.33 -8.28 -7.92
C SER A 101 -0.39 -7.28 -8.81
N ILE A 102 -1.00 -6.28 -8.21
CA ILE A 102 -1.82 -5.34 -8.95
C ILE A 102 -1.39 -3.90 -8.71
N ILE A 103 -1.77 -3.05 -9.64
CA ILE A 103 -1.57 -1.62 -9.50
C ILE A 103 -2.90 -0.93 -9.77
N CYS A 104 -3.53 -0.40 -8.74
CA CYS A 104 -4.82 0.25 -8.93
C CYS A 104 -4.59 1.66 -9.42
N TYR A 105 -5.63 2.32 -9.88
CA TYR A 105 -5.52 3.68 -10.36
C TYR A 105 -6.80 4.43 -10.07
N GLY A 106 -6.70 5.74 -9.90
CA GLY A 106 -7.88 6.54 -9.62
C GLY A 106 -7.60 7.57 -8.56
N GLN A 107 -8.54 7.75 -7.66
CA GLN A 107 -8.39 8.70 -6.58
C GLN A 107 -7.98 7.96 -5.30
N LEU A 108 -6.87 8.38 -4.71
CA LEU A 108 -6.35 7.77 -3.50
C LEU A 108 -7.44 7.71 -2.42
N GLY A 109 -7.69 6.52 -1.91
CA GLY A 109 -8.69 6.35 -0.89
C GLY A 109 -9.82 5.46 -1.37
N SER A 110 -10.05 5.44 -2.67
CA SER A 110 -11.11 4.62 -3.24
C SER A 110 -10.56 3.28 -3.72
N PHE A 111 -10.62 2.29 -2.84
CA PHE A 111 -10.09 0.95 -3.13
C PHE A 111 -11.14 0.10 -3.85
N SER A 112 -12.02 0.75 -4.57
CA SER A 112 -13.12 0.07 -5.25
C SER A 112 -12.67 -0.50 -6.59
N ASN A 113 -11.74 0.18 -7.25
CA ASN A 113 -11.30 -0.22 -8.59
C ASN A 113 -9.78 -0.33 -8.66
N CYS A 114 -9.30 -1.45 -9.19
CA CYS A 114 -7.87 -1.66 -9.40
C CYS A 114 -7.60 -2.23 -10.80
N SER A 115 -6.36 -2.60 -11.04
CA SER A 115 -5.96 -3.24 -12.28
C SER A 115 -4.71 -4.08 -12.00
N HIS A 116 -4.40 -5.02 -12.87
CA HIS A 116 -3.21 -5.86 -12.68
C HIS A 116 -1.95 -5.08 -13.03
N SER A 117 -0.82 -5.48 -12.47
CA SER A 117 0.44 -4.80 -12.73
C SER A 117 0.85 -4.99 -14.18
N ARG A 118 0.53 -4.02 -15.01
CA ARG A 118 0.90 -4.06 -16.41
C ARG A 118 2.22 -3.34 -16.64
N ASN A 119 2.83 -2.93 -15.54
CA ASN A 119 4.14 -2.29 -15.57
C ASN A 119 5.17 -3.22 -14.93
N ASP A 120 6.42 -3.09 -15.34
CA ASP A 120 7.50 -3.93 -14.80
C ASP A 120 7.75 -3.56 -13.34
N MET A 121 7.72 -2.26 -13.07
CA MET A 121 7.81 -1.74 -11.73
C MET A 121 7.27 -0.32 -11.71
N CYS A 122 6.46 0.00 -10.70
CA CYS A 122 5.79 1.29 -10.65
C CYS A 122 6.68 2.32 -9.94
N HIS A 123 7.98 1.99 -9.84
CA HIS A 123 8.97 2.71 -9.01
C HIS A 123 8.88 2.25 -7.56
N SER A 124 7.72 1.67 -7.22
CA SER A 124 7.45 1.08 -5.91
C SER A 124 7.83 2.02 -4.76
N LEU A 125 7.16 3.16 -4.71
CA LEU A 125 7.26 4.05 -3.56
C LEU A 125 6.81 3.28 -2.33
N GLY A 126 7.76 2.91 -1.51
CA GLY A 126 7.53 1.93 -0.48
C GLY A 126 6.91 2.51 0.75
N LEU A 127 6.73 1.66 1.74
CA LEU A 127 5.98 2.01 2.92
C LEU A 127 6.60 1.30 4.12
N THR A 128 6.57 1.96 5.24
CA THR A 128 7.12 1.42 6.46
C THR A 128 6.42 2.02 7.67
N CYS A 129 5.49 1.26 8.27
CA CYS A 129 4.59 1.79 9.32
C CYS A 129 5.35 2.59 10.36
N LEU A 130 5.19 3.89 10.24
CA LEU A 130 5.90 4.88 11.01
C LEU A 130 7.37 4.93 10.62
N GLU A 131 8.15 3.96 11.08
CA GLU A 131 9.57 3.90 10.80
C GLU A 131 10.11 2.50 11.06
N ARG A 22 -14.93 4.52 -2.40
CA ARG A 22 -15.82 3.57 -1.71
C ARG A 22 -15.12 3.00 -0.47
N LEU A 23 -14.35 1.94 -0.64
CA LEU A 23 -13.58 1.37 0.46
C LEU A 23 -12.26 2.13 0.59
N SER A 24 -11.90 2.54 1.80
CA SER A 24 -10.66 3.27 1.99
C SER A 24 -9.84 2.65 3.10
N TRP A 25 -8.52 2.74 2.99
CA TRP A 25 -7.61 2.09 3.94
C TRP A 25 -7.72 2.67 5.35
N TYR A 26 -8.39 3.81 5.52
CA TYR A 26 -8.55 4.39 6.85
C TYR A 26 -9.92 4.08 7.43
N ASP A 27 -10.70 3.25 6.73
CA ASP A 27 -11.98 2.77 7.26
C ASP A 27 -11.75 1.78 8.40
N PRO A 28 -12.56 1.85 9.45
CA PRO A 28 -12.42 0.99 10.63
C PRO A 28 -12.57 -0.49 10.31
N ASP A 29 -13.44 -0.80 9.34
CA ASP A 29 -13.71 -2.19 8.99
C ASP A 29 -12.79 -2.66 7.86
N PHE A 30 -12.10 -1.71 7.23
CA PHE A 30 -11.22 -2.05 6.13
C PHE A 30 -9.91 -2.62 6.65
N GLN A 31 -9.63 -3.85 6.27
CA GLN A 31 -8.47 -4.57 6.77
C GLN A 31 -7.28 -4.40 5.83
N ALA A 32 -6.20 -3.81 6.35
CA ALA A 32 -5.01 -3.55 5.55
C ALA A 32 -3.73 -3.65 6.40
N ARG A 33 -2.61 -3.95 5.74
CA ARG A 33 -1.30 -3.99 6.38
C ARG A 33 -0.24 -4.32 5.34
N LEU A 34 0.99 -4.48 5.78
CA LEU A 34 2.10 -4.80 4.88
C LEU A 34 2.15 -6.29 4.62
N THR A 35 2.75 -6.66 3.50
CA THR A 35 2.96 -8.04 3.15
C THR A 35 4.01 -8.67 4.06
N ARG A 36 3.74 -9.89 4.51
CA ARG A 36 4.64 -10.57 5.44
C ARG A 36 6.01 -10.81 4.80
N SER A 37 6.93 -9.92 5.11
CA SER A 37 8.29 -10.01 4.62
C SER A 37 9.22 -10.40 5.78
N ASN A 38 9.52 -9.42 6.63
CA ASN A 38 10.28 -9.66 7.85
C ASN A 38 9.66 -8.84 8.97
N SER A 39 9.40 -7.58 8.69
CA SER A 39 8.83 -6.69 9.67
C SER A 39 7.35 -6.50 9.43
N LYS A 40 6.59 -6.55 10.53
CA LYS A 40 5.18 -6.24 10.49
C LYS A 40 4.99 -4.74 10.32
N CYS A 41 6.09 -4.01 10.36
CA CYS A 41 6.06 -2.57 10.19
C CYS A 41 6.97 -2.15 9.04
N GLN A 42 7.22 -3.07 8.10
CA GLN A 42 7.92 -2.77 6.84
C GLN A 42 7.56 -3.78 5.75
N GLY A 43 7.09 -3.31 4.60
CA GLY A 43 6.72 -4.21 3.51
C GLY A 43 5.84 -3.53 2.47
N GLN A 44 5.48 -4.27 1.42
CA GLN A 44 4.55 -3.73 0.42
C GLN A 44 3.14 -3.69 0.98
N LEU A 45 2.27 -2.88 0.39
CA LEU A 45 0.91 -2.72 0.93
C LEU A 45 -0.01 -3.85 0.46
N GLU A 46 -0.55 -4.57 1.43
CA GLU A 46 -1.50 -5.65 1.19
C GLU A 46 -2.85 -5.26 1.78
N VAL A 47 -3.83 -5.03 0.92
CA VAL A 47 -5.13 -4.55 1.35
C VAL A 47 -6.25 -5.49 0.93
N TYR A 48 -7.22 -5.68 1.80
CA TYR A 48 -8.34 -6.57 1.50
C TYR A 48 -9.53 -5.79 0.99
N LEU A 49 -9.81 -5.91 -0.30
CA LEU A 49 -10.95 -5.23 -0.90
C LEU A 49 -11.71 -6.11 -1.85
N LYS A 50 -12.86 -6.59 -1.39
CA LYS A 50 -13.90 -7.17 -2.23
C LYS A 50 -13.44 -8.44 -2.96
N ASP A 51 -12.42 -8.32 -3.78
CA ASP A 51 -12.06 -9.41 -4.70
C ASP A 51 -10.67 -9.98 -4.43
N GLY A 52 -9.88 -9.27 -3.65
CA GLY A 52 -8.50 -9.70 -3.47
C GLY A 52 -7.80 -9.01 -2.34
N TRP A 53 -6.95 -9.76 -1.65
CA TRP A 53 -5.90 -9.16 -0.87
C TRP A 53 -4.91 -8.58 -1.86
N HIS A 54 -5.21 -7.40 -2.34
CA HIS A 54 -4.49 -6.82 -3.45
C HIS A 54 -3.12 -6.32 -2.99
N MET A 55 -2.06 -7.01 -3.41
CA MET A 55 -0.72 -6.49 -3.22
C MET A 55 -0.53 -5.29 -4.13
N VAL A 56 -0.65 -4.09 -3.58
CA VAL A 56 -0.56 -2.89 -4.38
C VAL A 56 0.87 -2.39 -4.42
N CYS A 57 1.15 -1.45 -5.30
CA CYS A 57 2.50 -0.93 -5.41
C CYS A 57 2.65 0.33 -4.57
N SER A 58 1.73 0.49 -3.61
CA SER A 58 1.77 1.58 -2.61
C SER A 58 1.46 2.95 -3.22
N GLN A 59 2.14 3.31 -4.31
CA GLN A 59 1.96 4.62 -4.94
C GLN A 59 0.78 4.59 -5.92
N SER A 60 0.04 3.48 -5.92
CA SER A 60 -1.15 3.32 -6.75
C SER A 60 -2.16 4.43 -6.44
N TRP A 61 -3.18 4.59 -7.30
CA TRP A 61 -4.17 5.67 -7.16
C TRP A 61 -3.55 7.04 -7.47
N GLY A 62 -2.74 7.53 -6.55
CA GLY A 62 -2.16 8.86 -6.68
C GLY A 62 -1.28 8.99 -7.91
N ARG A 63 -0.32 8.07 -8.05
CA ARG A 63 0.58 8.07 -9.20
C ARG A 63 1.41 9.35 -9.27
N SER A 64 1.52 10.03 -8.13
CA SER A 64 2.18 11.33 -8.05
C SER A 64 3.64 11.25 -8.49
N SER A 65 4.37 10.28 -7.95
CA SER A 65 5.79 10.13 -8.25
C SER A 65 6.29 8.81 -7.67
N LYS A 66 7.59 8.56 -7.82
CA LYS A 66 8.20 7.35 -7.25
C LYS A 66 8.55 7.59 -5.79
N GLN A 67 8.29 8.81 -5.33
CA GLN A 67 8.52 9.17 -3.94
C GLN A 67 7.24 9.76 -3.35
N TRP A 68 6.95 9.42 -2.11
CA TRP A 68 5.81 9.99 -1.41
C TRP A 68 6.26 10.58 -0.08
N GLU A 69 6.22 11.90 0.02
CA GLU A 69 6.58 12.58 1.25
C GLU A 69 5.35 12.81 2.12
N ASP A 70 4.31 12.03 1.87
CA ASP A 70 3.11 12.04 2.69
C ASP A 70 2.71 10.60 2.99
N PRO A 71 3.20 10.06 4.11
CA PRO A 71 2.98 8.67 4.49
C PRO A 71 1.74 8.46 5.36
N SER A 72 0.86 9.45 5.41
CA SER A 72 -0.27 9.40 6.31
C SER A 72 -1.46 8.75 5.62
N GLN A 73 -2.64 9.05 6.14
CA GLN A 73 -3.91 8.45 5.71
C GLN A 73 -4.01 6.96 6.07
N ALA A 74 -2.88 6.26 6.06
CA ALA A 74 -2.83 4.87 6.49
C ALA A 74 -2.41 4.78 7.95
N SER A 75 -2.57 5.91 8.65
CA SER A 75 -2.24 6.00 10.06
C SER A 75 -2.98 4.94 10.86
N LYS A 76 -4.28 4.78 10.54
CA LYS A 76 -5.11 3.74 11.14
C LYS A 76 -4.44 2.38 11.01
N VAL A 77 -3.88 2.12 9.84
CA VAL A 77 -3.32 0.83 9.52
C VAL A 77 -2.19 0.45 10.50
N CYS A 78 -1.13 1.24 10.52
CA CYS A 78 0.01 0.88 11.36
C CYS A 78 -0.30 1.13 12.84
N GLN A 79 -1.19 2.07 13.12
CA GLN A 79 -1.63 2.31 14.49
C GLN A 79 -2.35 1.09 15.05
N ARG A 80 -3.19 0.48 14.22
CA ARG A 80 -3.92 -0.71 14.62
C ARG A 80 -2.99 -1.92 14.67
N LEU A 81 -1.82 -1.80 14.04
CA LEU A 81 -0.80 -2.83 14.14
C LEU A 81 0.27 -2.43 15.15
N ASN A 82 -0.01 -1.36 15.89
CA ASN A 82 0.90 -0.80 16.91
C ASN A 82 2.34 -0.77 16.44
N CYS A 83 2.56 -0.22 15.25
CA CYS A 83 3.91 -0.01 14.72
C CYS A 83 4.26 1.47 14.76
N GLY A 84 3.43 2.24 15.46
CA GLY A 84 3.65 3.67 15.59
C GLY A 84 2.86 4.46 14.58
N ASP A 85 3.53 5.39 13.93
CA ASP A 85 2.92 6.21 12.88
C ASP A 85 2.86 5.38 11.60
N PRO A 86 2.17 5.84 10.54
CA PRO A 86 2.02 5.03 9.33
C PRO A 86 3.28 4.89 8.52
N LEU A 87 3.34 3.75 7.90
CA LEU A 87 4.31 3.41 6.90
C LEU A 87 4.72 4.57 6.02
N SER A 88 5.97 4.93 6.17
CA SER A 88 6.61 5.90 5.29
C SER A 88 6.86 5.23 3.94
N LEU A 89 6.80 5.99 2.87
CA LEU A 89 6.84 5.39 1.54
C LEU A 89 8.10 5.79 0.76
N GLY A 90 8.87 4.79 0.37
CA GLY A 90 10.02 5.00 -0.48
C GLY A 90 10.39 3.73 -1.22
N PRO A 91 11.06 3.83 -2.38
CA PRO A 91 11.38 2.65 -3.21
C PRO A 91 12.11 1.55 -2.44
N PHE A 92 11.51 0.37 -2.43
CA PHE A 92 12.05 -0.78 -1.70
C PHE A 92 12.63 -1.80 -2.68
N LEU A 93 13.00 -1.31 -3.87
CA LEU A 93 13.63 -2.11 -4.93
C LEU A 93 12.65 -3.11 -5.54
N LYS A 94 12.49 -4.25 -4.90
CA LYS A 94 11.61 -5.29 -5.40
C LYS A 94 11.05 -6.13 -4.27
N THR A 95 9.75 -6.34 -4.28
CA THR A 95 9.11 -7.19 -3.29
C THR A 95 7.98 -7.99 -3.93
N TYR A 96 7.03 -7.27 -4.53
CA TYR A 96 5.86 -7.90 -5.14
C TYR A 96 6.20 -8.48 -6.51
N THR A 97 5.21 -9.04 -7.16
CA THR A 97 5.39 -9.69 -8.45
C THR A 97 4.51 -9.05 -9.51
N PRO A 98 5.13 -8.49 -10.56
CA PRO A 98 4.43 -7.84 -11.68
C PRO A 98 3.59 -8.82 -12.51
N GLN A 99 2.54 -9.33 -11.88
CA GLN A 99 1.62 -10.26 -12.50
C GLN A 99 0.52 -10.59 -11.48
N SER A 100 0.94 -11.14 -10.35
CA SER A 100 0.04 -11.47 -9.27
C SER A 100 -0.26 -10.21 -8.44
N SER A 101 0.73 -9.32 -8.33
CA SER A 101 0.53 -8.07 -7.63
C SER A 101 -0.06 -7.04 -8.60
N ILE A 102 -0.67 -6.00 -8.05
CA ILE A 102 -1.42 -5.06 -8.88
C ILE A 102 -1.04 -3.60 -8.60
N ILE A 103 -1.44 -2.74 -9.51
CA ILE A 103 -1.37 -1.30 -9.34
C ILE A 103 -2.77 -0.74 -9.51
N CYS A 104 -3.33 -0.17 -8.45
CA CYS A 104 -4.67 0.40 -8.56
C CYS A 104 -4.58 1.85 -9.05
N TYR A 105 -5.70 2.40 -9.48
CA TYR A 105 -5.73 3.76 -9.99
C TYR A 105 -6.95 4.48 -9.46
N GLY A 106 -6.99 5.79 -9.66
CA GLY A 106 -8.14 6.58 -9.22
C GLY A 106 -7.76 7.52 -8.11
N GLN A 107 -8.73 7.83 -7.25
CA GLN A 107 -8.47 8.72 -6.13
C GLN A 107 -8.03 7.91 -4.92
N LEU A 108 -6.97 8.37 -4.27
CA LEU A 108 -6.42 7.69 -3.11
C LEU A 108 -7.47 7.60 -2.00
N GLY A 109 -7.93 6.39 -1.73
CA GLY A 109 -8.97 6.20 -0.75
C GLY A 109 -10.16 5.46 -1.34
N SER A 110 -10.06 5.02 -2.58
CA SER A 110 -11.11 4.22 -3.16
C SER A 110 -10.56 2.91 -3.73
N PHE A 111 -10.61 1.88 -2.92
CA PHE A 111 -10.12 0.56 -3.29
C PHE A 111 -11.25 -0.21 -3.97
N SER A 112 -11.70 0.31 -5.10
CA SER A 112 -12.82 -0.27 -5.83
C SER A 112 -12.35 -1.20 -6.95
N ASN A 113 -11.35 -0.76 -7.70
CA ASN A 113 -10.85 -1.53 -8.83
C ASN A 113 -9.38 -1.19 -9.10
N CYS A 114 -8.64 -2.12 -9.68
CA CYS A 114 -7.22 -1.92 -9.94
C CYS A 114 -6.83 -2.59 -11.27
N SER A 115 -5.54 -2.64 -11.54
CA SER A 115 -5.02 -3.30 -12.73
C SER A 115 -3.76 -4.07 -12.34
N HIS A 116 -3.30 -4.98 -13.19
CA HIS A 116 -2.13 -5.79 -12.86
C HIS A 116 -0.86 -4.95 -12.91
N SER A 117 0.10 -5.26 -12.05
CA SER A 117 1.32 -4.47 -11.94
C SER A 117 2.27 -4.77 -13.11
N ARG A 118 2.71 -3.71 -13.77
CA ARG A 118 3.76 -3.82 -14.77
C ARG A 118 4.93 -2.94 -14.34
N ASN A 119 4.83 -1.64 -14.61
CA ASN A 119 5.85 -0.68 -14.20
C ASN A 119 5.38 0.73 -14.51
N ASP A 120 4.53 1.28 -13.66
CA ASP A 120 4.10 2.67 -13.80
C ASP A 120 5.12 3.59 -13.17
N MET A 121 4.84 4.04 -11.95
CA MET A 121 5.79 4.87 -11.21
C MET A 121 6.17 4.18 -9.91
N CYS A 122 5.80 2.91 -9.80
CA CYS A 122 6.16 2.12 -8.63
C CYS A 122 7.10 0.98 -8.99
N HIS A 123 8.33 1.12 -8.56
CA HIS A 123 9.29 0.02 -8.57
C HIS A 123 9.34 -0.57 -7.17
N SER A 124 8.24 -1.23 -6.80
CA SER A 124 8.02 -1.70 -5.44
C SER A 124 8.19 -0.57 -4.43
N LEU A 125 7.21 0.34 -4.38
CA LEU A 125 7.20 1.38 -3.36
C LEU A 125 6.97 0.74 -2.00
N GLY A 126 7.90 0.96 -1.09
CA GLY A 126 7.88 0.26 0.16
C GLY A 126 7.37 1.10 1.27
N LEU A 127 6.26 0.67 1.84
CA LEU A 127 5.67 1.35 2.98
C LEU A 127 6.23 0.73 4.25
N THR A 128 6.65 1.56 5.18
CA THR A 128 7.25 1.06 6.40
C THR A 128 6.79 1.87 7.60
N CYS A 129 5.91 1.25 8.40
CA CYS A 129 5.18 1.94 9.47
C CYS A 129 6.07 2.87 10.28
N LEU A 130 5.80 4.14 10.10
CA LEU A 130 6.53 5.23 10.72
C LEU A 130 7.90 5.42 10.07
N GLU A 131 8.77 4.45 10.25
CA GLU A 131 10.12 4.50 9.68
C GLU A 131 10.66 3.10 9.45
N ARG A 22 -16.50 2.65 2.17
CA ARG A 22 -16.66 1.18 2.27
C ARG A 22 -15.31 0.48 2.13
N LEU A 23 -14.51 0.94 1.18
CA LEU A 23 -13.20 0.37 0.94
C LEU A 23 -12.16 1.47 0.82
N SER A 24 -11.54 1.84 1.93
CA SER A 24 -10.56 2.91 1.95
C SER A 24 -9.46 2.60 2.96
N TRP A 25 -8.25 3.08 2.71
CA TRP A 25 -7.11 2.77 3.58
C TRP A 25 -7.10 3.67 4.83
N TYR A 26 -8.21 4.33 5.10
CA TYR A 26 -8.35 5.11 6.31
C TYR A 26 -9.59 4.65 7.09
N ASP A 27 -10.09 3.48 6.72
CA ASP A 27 -11.27 2.93 7.37
C ASP A 27 -10.84 1.90 8.43
N PRO A 28 -11.38 2.01 9.65
CA PRO A 28 -11.01 1.12 10.76
C PRO A 28 -11.43 -0.33 10.55
N ASP A 29 -12.40 -0.56 9.67
CA ASP A 29 -12.90 -1.91 9.43
C ASP A 29 -12.29 -2.48 8.15
N PHE A 30 -11.49 -1.67 7.49
CA PHE A 30 -10.82 -2.09 6.27
C PHE A 30 -9.49 -2.74 6.59
N GLN A 31 -9.21 -3.86 5.95
CA GLN A 31 -7.95 -4.55 6.16
C GLN A 31 -6.88 -4.01 5.22
N ALA A 32 -5.87 -3.39 5.81
CA ALA A 32 -4.76 -2.84 5.06
C ALA A 32 -3.47 -3.05 5.84
N ARG A 33 -2.37 -3.25 5.11
CA ARG A 33 -1.11 -3.60 5.76
C ARG A 33 0.02 -3.66 4.76
N LEU A 34 1.18 -4.06 5.25
CA LEU A 34 2.33 -4.31 4.42
C LEU A 34 2.48 -5.80 4.19
N THR A 35 3.28 -6.16 3.21
CA THR A 35 3.47 -7.54 2.83
C THR A 35 4.37 -8.28 3.81
N ARG A 36 4.56 -9.58 3.56
CA ARG A 36 5.37 -10.45 4.42
C ARG A 36 6.87 -10.17 4.24
N SER A 37 7.22 -8.89 4.22
CA SER A 37 8.60 -8.48 4.02
C SER A 37 9.40 -8.54 5.32
N ASN A 38 9.06 -9.50 6.17
CA ASN A 38 9.74 -9.73 7.45
C ASN A 38 9.56 -8.57 8.40
N SER A 39 8.67 -7.66 8.07
CA SER A 39 8.42 -6.48 8.88
C SER A 39 6.97 -6.07 8.80
N LYS A 40 6.30 -6.10 9.94
CA LYS A 40 4.89 -5.75 10.01
C LYS A 40 4.75 -4.24 9.86
N CYS A 41 5.84 -3.53 10.11
CA CYS A 41 5.84 -2.08 10.01
C CYS A 41 6.79 -1.62 8.90
N GLN A 42 7.20 -2.54 8.02
CA GLN A 42 7.99 -2.20 6.82
C GLN A 42 7.67 -3.17 5.68
N GLY A 43 7.28 -2.65 4.52
CA GLY A 43 6.98 -3.53 3.40
C GLY A 43 6.19 -2.81 2.33
N GLN A 44 5.86 -3.50 1.26
CA GLN A 44 5.02 -2.92 0.23
C GLN A 44 3.56 -3.10 0.60
N LEU A 45 2.69 -2.28 0.02
CA LEU A 45 1.29 -2.24 0.42
C LEU A 45 0.52 -3.47 -0.04
N GLU A 46 -0.13 -4.11 0.92
CA GLU A 46 -1.00 -5.24 0.68
C GLU A 46 -2.35 -4.96 1.34
N VAL A 47 -3.39 -4.82 0.55
CA VAL A 47 -4.69 -4.43 1.07
C VAL A 47 -5.78 -5.44 0.70
N TYR A 48 -6.73 -5.60 1.60
CA TYR A 48 -7.78 -6.60 1.41
C TYR A 48 -9.05 -5.94 0.90
N LEU A 49 -9.30 -6.08 -0.41
CA LEU A 49 -10.49 -5.51 -1.01
C LEU A 49 -11.00 -6.44 -2.11
N LYS A 50 -12.31 -6.39 -2.35
CA LYS A 50 -12.99 -7.35 -3.22
C LYS A 50 -13.06 -8.70 -2.52
N ASP A 51 -11.90 -9.11 -1.97
CA ASP A 51 -11.68 -10.39 -1.28
C ASP A 51 -10.23 -10.81 -1.49
N GLY A 52 -9.58 -10.14 -2.43
CA GLY A 52 -8.18 -10.37 -2.70
C GLY A 52 -7.27 -9.56 -1.81
N TRP A 53 -6.43 -10.25 -1.05
CA TRP A 53 -5.28 -9.60 -0.44
C TRP A 53 -4.39 -9.12 -1.57
N HIS A 54 -4.66 -7.91 -2.02
CA HIS A 54 -4.04 -7.42 -3.22
C HIS A 54 -2.69 -6.78 -2.92
N MET A 55 -1.62 -7.44 -3.33
CA MET A 55 -0.30 -6.83 -3.28
C MET A 55 -0.23 -5.75 -4.35
N VAL A 56 -0.14 -4.49 -3.95
CA VAL A 56 -0.14 -3.40 -4.91
C VAL A 56 1.30 -2.99 -5.21
N CYS A 57 1.48 -2.04 -6.13
CA CYS A 57 2.81 -1.59 -6.49
C CYS A 57 3.34 -0.64 -5.41
N SER A 58 2.51 -0.44 -4.37
CA SER A 58 2.84 0.36 -3.18
C SER A 58 2.56 1.86 -3.38
N GLN A 59 2.50 2.31 -4.63
CA GLN A 59 2.12 3.72 -4.90
C GLN A 59 0.93 3.78 -5.87
N SER A 60 0.13 2.73 -5.87
CA SER A 60 -1.05 2.65 -6.72
C SER A 60 -2.07 3.76 -6.37
N TRP A 61 -3.11 3.90 -7.22
CA TRP A 61 -4.14 4.94 -7.05
C TRP A 61 -3.59 6.31 -7.41
N GLY A 62 -2.79 6.88 -6.51
CA GLY A 62 -2.25 8.20 -6.74
C GLY A 62 -1.26 8.62 -5.66
N ARG A 63 -0.09 8.03 -5.67
CA ARG A 63 0.96 8.40 -4.72
C ARG A 63 2.18 8.90 -5.47
N SER A 64 2.65 10.08 -5.12
CA SER A 64 3.80 10.68 -5.77
C SER A 64 5.09 10.07 -5.26
N SER A 65 5.94 9.61 -6.19
CA SER A 65 7.18 8.95 -5.83
C SER A 65 8.23 9.95 -5.36
N LYS A 66 8.33 10.09 -4.04
CA LYS A 66 9.33 10.95 -3.42
C LYS A 66 9.52 10.51 -1.97
N GLN A 67 10.73 10.69 -1.45
CA GLN A 67 11.00 10.39 -0.06
C GLN A 67 10.42 11.47 0.84
N TRP A 68 9.24 11.18 1.39
CA TRP A 68 8.51 12.08 2.28
C TRP A 68 7.90 13.26 1.53
N GLU A 69 6.61 13.45 1.77
CA GLU A 69 5.83 14.52 1.19
C GLU A 69 4.43 14.42 1.81
N ASP A 70 4.01 13.17 1.98
CA ASP A 70 2.78 12.84 2.71
C ASP A 70 2.90 11.42 3.23
N PRO A 71 3.49 11.24 4.41
CA PRO A 71 3.68 9.93 5.01
C PRO A 71 2.55 9.54 5.97
N SER A 72 1.35 10.06 5.72
CA SER A 72 0.25 9.86 6.65
C SER A 72 -0.90 9.07 6.02
N GLN A 73 -2.13 9.56 6.23
CA GLN A 73 -3.35 8.97 5.70
C GLN A 73 -3.71 7.66 6.41
N ALA A 74 -2.93 6.60 6.16
CA ALA A 74 -3.27 5.25 6.64
C ALA A 74 -2.86 5.04 8.10
N SER A 75 -2.99 6.10 8.91
CA SER A 75 -2.56 6.06 10.31
C SER A 75 -3.25 4.92 11.04
N LYS A 76 -4.56 4.79 10.82
CA LYS A 76 -5.35 3.81 11.55
C LYS A 76 -4.93 2.38 11.23
N VAL A 77 -4.49 2.11 10.00
CA VAL A 77 -4.17 0.75 9.61
C VAL A 77 -2.85 0.29 10.23
N CYS A 78 -1.85 1.16 10.27
CA CYS A 78 -0.58 0.79 10.91
C CYS A 78 -0.73 0.84 12.42
N GLN A 79 -1.61 1.71 12.90
CA GLN A 79 -1.95 1.75 14.32
C GLN A 79 -2.65 0.46 14.71
N ARG A 80 -3.44 -0.06 13.77
CA ARG A 80 -4.12 -1.34 13.95
C ARG A 80 -3.08 -2.47 13.97
N LEU A 81 -1.97 -2.24 13.28
CA LEU A 81 -0.87 -3.20 13.23
C LEU A 81 0.13 -2.93 14.35
N ASN A 82 -0.31 -2.16 15.35
CA ASN A 82 0.53 -1.77 16.49
C ASN A 82 1.91 -1.26 16.06
N CYS A 83 1.98 -0.65 14.88
CA CYS A 83 3.21 -0.07 14.38
C CYS A 83 3.20 1.45 14.60
N GLY A 84 2.11 1.93 15.18
CA GLY A 84 2.01 3.34 15.52
C GLY A 84 1.42 4.17 14.40
N ASP A 85 2.21 5.11 13.91
CA ASP A 85 1.79 6.02 12.85
C ASP A 85 1.88 5.30 11.50
N PRO A 86 1.37 5.88 10.40
CA PRO A 86 1.35 5.19 9.11
C PRO A 86 2.68 5.14 8.43
N LEU A 87 2.77 4.12 7.61
CA LEU A 87 3.82 3.92 6.65
C LEU A 87 4.27 5.22 6.01
N SER A 88 5.47 5.59 6.39
CA SER A 88 6.18 6.68 5.75
C SER A 88 6.58 6.26 4.33
N LEU A 89 6.76 7.25 3.46
CA LEU A 89 7.01 6.98 2.06
C LEU A 89 8.50 6.99 1.72
N GLY A 90 8.98 5.86 1.21
CA GLY A 90 10.35 5.72 0.77
C GLY A 90 10.48 4.53 -0.16
N PRO A 91 11.07 4.70 -1.35
CA PRO A 91 11.10 3.67 -2.38
C PRO A 91 11.81 2.38 -1.93
N PHE A 92 11.18 1.25 -2.22
CA PHE A 92 11.65 -0.05 -1.76
C PHE A 92 11.92 -0.97 -2.95
N LEU A 93 12.21 -2.23 -2.68
CA LEU A 93 12.49 -3.19 -3.74
C LEU A 93 11.20 -3.78 -4.30
N LYS A 94 11.20 -4.02 -5.61
CA LYS A 94 10.07 -4.67 -6.26
C LYS A 94 9.96 -6.12 -5.80
N THR A 95 9.06 -6.37 -4.87
CA THR A 95 8.84 -7.69 -4.33
C THR A 95 7.65 -8.36 -5.03
N TYR A 96 6.90 -7.55 -5.75
CA TYR A 96 5.69 -8.01 -6.41
C TYR A 96 5.97 -8.62 -7.78
N THR A 97 4.91 -9.11 -8.40
CA THR A 97 5.00 -9.75 -9.72
C THR A 97 3.77 -9.40 -10.55
N PRO A 98 3.97 -9.03 -11.82
CA PRO A 98 2.91 -8.54 -12.73
C PRO A 98 1.91 -9.63 -13.14
N GLN A 99 1.82 -10.66 -12.33
CA GLN A 99 0.87 -11.73 -12.57
C GLN A 99 -0.20 -11.72 -11.48
N SER A 100 0.25 -11.84 -10.24
CA SER A 100 -0.65 -11.87 -9.10
C SER A 100 -0.75 -10.49 -8.44
N SER A 101 0.27 -9.65 -8.63
CA SER A 101 0.25 -8.31 -8.06
C SER A 101 -0.51 -7.38 -8.97
N ILE A 102 -1.06 -6.32 -8.39
CA ILE A 102 -1.87 -5.39 -9.14
C ILE A 102 -1.46 -3.95 -8.86
N ILE A 103 -1.83 -3.06 -9.76
CA ILE A 103 -1.64 -1.63 -9.58
C ILE A 103 -2.97 -0.94 -9.80
N CYS A 104 -3.59 -0.47 -8.73
CA CYS A 104 -4.90 0.17 -8.86
C CYS A 104 -4.70 1.63 -9.25
N TYR A 105 -5.77 2.26 -9.73
CA TYR A 105 -5.71 3.64 -10.15
C TYR A 105 -7.03 4.34 -9.82
N GLY A 106 -7.08 5.64 -10.06
CA GLY A 106 -8.29 6.39 -9.82
C GLY A 106 -8.11 7.39 -8.71
N GLN A 107 -9.11 7.52 -7.86
CA GLN A 107 -9.04 8.44 -6.75
C GLN A 107 -8.44 7.74 -5.54
N LEU A 108 -7.29 8.24 -5.09
CA LEU A 108 -6.62 7.71 -3.91
C LEU A 108 -7.59 7.63 -2.73
N GLY A 109 -7.80 6.43 -2.24
CA GLY A 109 -8.73 6.24 -1.15
C GLY A 109 -9.87 5.32 -1.54
N SER A 110 -10.19 5.28 -2.83
CA SER A 110 -11.26 4.44 -3.32
C SER A 110 -10.72 3.07 -3.74
N PHE A 111 -10.74 2.13 -2.81
CA PHE A 111 -10.21 0.79 -3.05
C PHE A 111 -11.25 -0.12 -3.69
N SER A 112 -12.18 0.49 -4.42
CA SER A 112 -13.23 -0.26 -5.06
C SER A 112 -12.85 -0.60 -6.51
N ASN A 113 -11.71 -0.08 -6.93
CA ASN A 113 -11.26 -0.23 -8.31
C ASN A 113 -9.75 -0.43 -8.39
N CYS A 114 -9.31 -1.42 -9.17
CA CYS A 114 -7.89 -1.68 -9.37
C CYS A 114 -7.64 -2.13 -10.81
N SER A 115 -6.39 -2.47 -11.09
CA SER A 115 -5.98 -2.98 -12.39
C SER A 115 -4.76 -3.87 -12.20
N HIS A 116 -4.44 -4.70 -13.19
CA HIS A 116 -3.28 -5.58 -13.09
C HIS A 116 -2.00 -4.80 -13.28
N SER A 117 -0.89 -5.35 -12.80
CA SER A 117 0.40 -4.73 -13.01
C SER A 117 0.83 -4.94 -14.46
N ARG A 118 0.54 -3.95 -15.30
CA ARG A 118 0.85 -4.03 -16.72
C ARG A 118 2.33 -3.74 -16.98
N ASN A 119 3.06 -3.46 -15.91
CA ASN A 119 4.48 -3.15 -16.02
C ASN A 119 5.28 -4.03 -15.08
N ASP A 120 6.58 -4.08 -15.29
CA ASP A 120 7.47 -4.90 -14.47
C ASP A 120 7.55 -4.33 -13.06
N MET A 121 7.55 -3.02 -12.98
CA MET A 121 7.55 -2.32 -11.71
C MET A 121 6.97 -0.92 -11.90
N CYS A 122 6.19 -0.45 -10.93
CA CYS A 122 5.61 0.88 -11.04
C CYS A 122 6.61 1.89 -10.48
N HIS A 123 7.40 1.41 -9.52
CA HIS A 123 8.49 2.15 -8.85
C HIS A 123 8.81 1.43 -7.55
N SER A 124 7.76 0.88 -6.95
CA SER A 124 7.85 0.20 -5.67
C SER A 124 8.10 1.20 -4.55
N LEU A 125 7.56 2.41 -4.72
CA LEU A 125 7.60 3.42 -3.68
C LEU A 125 7.03 2.84 -2.39
N GLY A 126 7.90 2.66 -1.40
CA GLY A 126 7.58 1.81 -0.30
C GLY A 126 6.83 2.53 0.79
N LEU A 127 6.40 1.76 1.76
CA LEU A 127 5.59 2.25 2.84
C LEU A 127 6.01 1.55 4.11
N THR A 128 6.44 2.33 5.07
CA THR A 128 6.98 1.80 6.29
C THR A 128 6.22 2.34 7.49
N CYS A 129 5.33 1.52 8.05
CA CYS A 129 4.39 1.96 9.09
C CYS A 129 5.11 2.72 10.19
N LEU A 130 4.96 4.03 10.12
CA LEU A 130 5.68 4.98 10.93
C LEU A 130 7.16 4.98 10.57
N GLU A 131 7.88 3.98 11.05
CA GLU A 131 9.30 3.83 10.78
C GLU A 131 9.76 2.43 11.21
N ARG A 22 -15.60 4.99 -0.57
CA ARG A 22 -15.78 3.62 -0.05
C ARG A 22 -14.54 2.80 -0.34
N LEU A 23 -14.27 1.81 0.53
CA LEU A 23 -13.10 0.96 0.41
C LEU A 23 -11.84 1.80 0.50
N SER A 24 -11.38 2.08 1.70
CA SER A 24 -10.27 2.98 1.86
C SER A 24 -9.37 2.56 3.02
N TRP A 25 -8.11 2.97 2.94
CA TRP A 25 -7.12 2.58 3.94
C TRP A 25 -7.16 3.50 5.16
N TYR A 26 -8.32 4.06 5.45
CA TYR A 26 -8.53 4.80 6.69
C TYR A 26 -9.76 4.28 7.42
N ASP A 27 -10.32 3.17 6.92
CA ASP A 27 -11.43 2.51 7.57
C ASP A 27 -10.93 1.61 8.69
N PRO A 28 -11.48 1.77 9.90
CA PRO A 28 -11.04 1.00 11.08
C PRO A 28 -11.23 -0.51 10.91
N ASP A 29 -12.22 -0.90 10.12
CA ASP A 29 -12.53 -2.32 9.91
C ASP A 29 -11.83 -2.86 8.66
N PHE A 30 -11.39 -1.96 7.80
CA PHE A 30 -10.77 -2.37 6.54
C PHE A 30 -9.39 -2.95 6.82
N GLN A 31 -9.12 -4.10 6.22
CA GLN A 31 -7.87 -4.79 6.47
C GLN A 31 -6.78 -4.36 5.51
N ALA A 32 -5.64 -4.04 6.08
CA ALA A 32 -4.48 -3.58 5.33
C ALA A 32 -3.23 -3.82 6.17
N ARG A 33 -2.10 -4.05 5.53
CA ARG A 33 -0.90 -4.42 6.25
C ARG A 33 0.28 -4.54 5.30
N LEU A 34 1.42 -4.91 5.87
CA LEU A 34 2.63 -5.16 5.10
C LEU A 34 2.95 -6.65 5.10
N THR A 35 3.34 -7.16 3.95
CA THR A 35 3.68 -8.57 3.82
C THR A 35 5.01 -8.75 3.09
N ARG A 36 5.38 -10.01 2.85
CA ARG A 36 6.64 -10.35 2.21
C ARG A 36 7.81 -9.91 3.07
N SER A 37 7.52 -9.72 4.34
CA SER A 37 8.50 -9.29 5.33
C SER A 37 8.00 -9.67 6.72
N ASN A 38 8.91 -9.80 7.67
CA ASN A 38 8.53 -10.20 9.03
C ASN A 38 8.24 -8.97 9.88
N SER A 39 8.09 -7.84 9.23
CA SER A 39 7.84 -6.59 9.92
C SER A 39 6.42 -6.10 9.65
N LYS A 40 5.65 -5.97 10.72
CA LYS A 40 4.29 -5.46 10.61
C LYS A 40 4.35 -3.98 10.26
N CYS A 41 5.46 -3.37 10.62
CA CYS A 41 5.65 -1.95 10.43
C CYS A 41 6.68 -1.68 9.32
N GLN A 42 6.99 -2.71 8.52
CA GLN A 42 7.89 -2.54 7.38
C GLN A 42 7.68 -3.67 6.36
N GLY A 43 7.40 -3.31 5.10
CA GLY A 43 7.11 -4.32 4.09
C GLY A 43 6.34 -3.74 2.93
N GLN A 44 6.01 -4.59 1.95
CA GLN A 44 5.15 -4.15 0.83
C GLN A 44 3.70 -4.13 1.27
N LEU A 45 2.90 -3.28 0.62
CA LEU A 45 1.52 -3.06 1.06
C LEU A 45 0.57 -4.10 0.49
N GLU A 46 -0.03 -4.87 1.39
CA GLU A 46 -1.05 -5.85 1.04
C GLU A 46 -2.36 -5.46 1.70
N VAL A 47 -3.35 -5.12 0.89
CA VAL A 47 -4.63 -4.62 1.41
C VAL A 47 -5.77 -5.54 1.01
N TYR A 48 -6.68 -5.79 1.93
CA TYR A 48 -7.79 -6.69 1.67
C TYR A 48 -9.04 -5.93 1.25
N LEU A 49 -9.27 -5.89 -0.05
CA LEU A 49 -10.47 -5.25 -0.57
C LEU A 49 -11.43 -6.27 -1.13
N LYS A 50 -12.37 -6.70 -0.28
CA LYS A 50 -13.50 -7.54 -0.66
C LYS A 50 -13.08 -8.90 -1.22
N ASP A 51 -12.35 -8.89 -2.33
CA ASP A 51 -12.09 -10.11 -3.09
C ASP A 51 -10.64 -10.55 -2.94
N GLY A 52 -9.75 -9.61 -2.66
CA GLY A 52 -8.34 -9.93 -2.69
C GLY A 52 -7.52 -9.23 -1.64
N TRP A 53 -6.58 -9.98 -1.08
CA TRP A 53 -5.46 -9.37 -0.39
C TRP A 53 -4.54 -8.81 -1.45
N HIS A 54 -5.03 -7.76 -2.11
CA HIS A 54 -4.38 -7.23 -3.28
C HIS A 54 -3.09 -6.51 -2.90
N MET A 55 -1.97 -7.11 -3.24
CA MET A 55 -0.67 -6.46 -3.02
C MET A 55 -0.55 -5.29 -3.97
N VAL A 56 -0.47 -4.09 -3.42
CA VAL A 56 -0.39 -2.90 -4.25
C VAL A 56 1.05 -2.40 -4.27
N CYS A 57 1.44 -1.71 -5.32
CA CYS A 57 2.80 -1.22 -5.42
C CYS A 57 2.95 0.18 -4.82
N SER A 58 2.16 0.46 -3.78
CA SER A 58 2.26 1.70 -2.99
C SER A 58 1.81 2.94 -3.78
N GLN A 59 2.37 3.14 -4.98
CA GLN A 59 2.06 4.32 -5.80
C GLN A 59 0.71 4.20 -6.49
N SER A 60 0.04 3.09 -6.25
CA SER A 60 -1.25 2.82 -6.85
C SER A 60 -2.27 3.88 -6.43
N TRP A 61 -3.30 4.08 -7.25
CA TRP A 61 -4.31 5.13 -7.03
C TRP A 61 -3.73 6.50 -7.38
N GLY A 62 -2.66 6.87 -6.70
CA GLY A 62 -1.98 8.11 -6.99
C GLY A 62 -1.05 7.98 -8.18
N ARG A 63 0.19 8.42 -8.00
CA ARG A 63 1.20 8.34 -9.05
C ARG A 63 2.56 7.99 -8.45
N SER A 64 3.48 7.54 -9.30
CA SER A 64 4.81 7.14 -8.86
C SER A 64 5.64 8.36 -8.49
N SER A 65 5.84 8.56 -7.19
CA SER A 65 6.66 9.66 -6.70
C SER A 65 7.89 9.10 -6.01
N LYS A 66 8.88 9.94 -5.77
CA LYS A 66 10.11 9.51 -5.11
C LYS A 66 10.02 9.74 -3.61
N GLN A 67 9.98 8.63 -2.87
CA GLN A 67 10.01 8.66 -1.40
C GLN A 67 8.75 9.32 -0.83
N TRP A 68 8.93 10.40 -0.08
CA TRP A 68 7.86 10.99 0.70
C TRP A 68 7.07 12.02 -0.10
N GLU A 69 5.97 11.59 -0.69
CA GLU A 69 5.00 12.52 -1.27
C GLU A 69 4.02 12.90 -0.17
N ASP A 70 3.35 11.89 0.37
CA ASP A 70 2.52 12.03 1.56
C ASP A 70 2.42 10.68 2.26
N PRO A 71 3.04 10.56 3.44
CA PRO A 71 3.16 9.30 4.16
C PRO A 71 2.07 9.09 5.24
N SER A 72 0.90 9.69 5.06
CA SER A 72 -0.13 9.61 6.09
C SER A 72 -1.31 8.75 5.62
N GLN A 73 -2.53 9.17 6.00
CA GLN A 73 -3.78 8.50 5.62
C GLN A 73 -4.02 7.18 6.37
N ALA A 74 -3.12 6.22 6.19
CA ALA A 74 -3.32 4.87 6.72
C ALA A 74 -2.91 4.77 8.19
N SER A 75 -3.11 5.84 8.95
CA SER A 75 -2.72 5.89 10.35
C SER A 75 -3.44 4.83 11.16
N LYS A 76 -4.75 4.73 10.96
CA LYS A 76 -5.57 3.76 11.66
C LYS A 76 -5.11 2.33 11.38
N VAL A 77 -4.53 2.13 10.19
CA VAL A 77 -4.09 0.80 9.78
C VAL A 77 -2.87 0.37 10.59
N CYS A 78 -1.79 1.13 10.52
CA CYS A 78 -0.59 0.78 11.27
C CYS A 78 -0.83 0.87 12.77
N GLN A 79 -1.77 1.71 13.17
CA GLN A 79 -2.13 1.82 14.58
C GLN A 79 -2.80 0.54 15.07
N ARG A 80 -3.59 -0.11 14.21
CA ARG A 80 -4.21 -1.37 14.58
C ARG A 80 -3.18 -2.51 14.50
N LEU A 81 -2.05 -2.24 13.85
CA LEU A 81 -0.92 -3.17 13.86
C LEU A 81 0.10 -2.75 14.92
N ASN A 82 -0.32 -1.85 15.80
CA ASN A 82 0.53 -1.27 16.87
C ASN A 82 1.92 -0.90 16.36
N CYS A 83 1.94 -0.14 15.28
CA CYS A 83 3.19 0.36 14.72
C CYS A 83 3.19 1.89 14.71
N GLY A 84 2.17 2.48 15.33
CA GLY A 84 2.11 3.92 15.45
C GLY A 84 1.45 4.59 14.27
N ASP A 85 2.14 5.56 13.70
CA ASP A 85 1.62 6.31 12.55
C ASP A 85 1.77 5.47 11.29
N PRO A 86 1.19 5.87 10.15
CA PRO A 86 1.22 5.05 8.96
C PRO A 86 2.56 4.98 8.31
N LEU A 87 2.77 3.83 7.71
CA LEU A 87 3.84 3.57 6.79
C LEU A 87 4.17 4.80 5.97
N SER A 88 5.32 5.33 6.24
CA SER A 88 5.88 6.40 5.44
C SER A 88 6.37 5.82 4.12
N LEU A 89 6.28 6.61 3.07
CA LEU A 89 6.60 6.15 1.74
C LEU A 89 8.09 6.28 1.42
N GLY A 90 8.66 5.17 0.97
CA GLY A 90 10.05 5.14 0.60
C GLY A 90 10.38 3.85 -0.11
N PRO A 91 11.10 3.90 -1.24
CA PRO A 91 11.37 2.70 -2.05
C PRO A 91 12.10 1.62 -1.26
N PHE A 92 11.62 0.40 -1.39
CA PHE A 92 12.10 -0.73 -0.61
C PHE A 92 12.74 -1.75 -1.57
N LEU A 93 13.47 -2.71 -1.02
CA LEU A 93 14.15 -3.71 -1.86
C LEU A 93 13.16 -4.77 -2.36
N LYS A 94 12.03 -4.92 -1.68
CA LYS A 94 11.02 -5.87 -2.11
C LYS A 94 10.33 -5.34 -3.38
N THR A 95 10.47 -6.10 -4.45
CA THR A 95 10.00 -5.68 -5.77
C THR A 95 8.54 -6.02 -6.03
N TYR A 96 8.07 -5.60 -7.20
CA TYR A 96 6.68 -5.76 -7.60
C TYR A 96 6.53 -6.97 -8.54
N THR A 97 5.29 -7.40 -8.78
CA THR A 97 5.01 -8.52 -9.64
C THR A 97 3.65 -8.32 -10.31
N PRO A 98 3.59 -8.44 -11.65
CA PRO A 98 2.41 -8.10 -12.43
C PRO A 98 1.30 -9.15 -12.35
N GLN A 99 1.45 -10.07 -11.43
CA GLN A 99 0.49 -11.16 -11.31
C GLN A 99 -0.03 -11.28 -9.89
N SER A 100 0.89 -11.44 -8.94
CA SER A 100 0.51 -11.56 -7.53
C SER A 100 0.16 -10.18 -6.95
N SER A 101 0.73 -9.15 -7.54
CA SER A 101 0.47 -7.78 -7.11
C SER A 101 -0.25 -7.02 -8.23
N ILE A 102 -0.78 -5.85 -7.89
CA ILE A 102 -1.52 -5.04 -8.85
C ILE A 102 -1.21 -3.55 -8.71
N ILE A 103 -1.46 -2.81 -9.77
CA ILE A 103 -1.38 -1.35 -9.76
C ILE A 103 -2.80 -0.80 -9.78
N CYS A 104 -3.31 -0.31 -8.68
CA CYS A 104 -4.65 0.27 -8.73
C CYS A 104 -4.57 1.71 -9.21
N TYR A 105 -5.72 2.29 -9.53
CA TYR A 105 -5.78 3.65 -10.04
C TYR A 105 -7.00 4.37 -9.49
N GLY A 106 -7.14 5.64 -9.80
CA GLY A 106 -8.31 6.39 -9.37
C GLY A 106 -7.97 7.40 -8.30
N GLN A 107 -8.78 7.42 -7.26
CA GLN A 107 -8.55 8.30 -6.13
C GLN A 107 -7.88 7.53 -4.99
N LEU A 108 -6.81 8.09 -4.45
CA LEU A 108 -6.15 7.51 -3.29
C LEU A 108 -7.11 7.47 -2.11
N GLY A 109 -7.68 6.30 -1.88
CA GLY A 109 -8.71 6.16 -0.86
C GLY A 109 -9.99 5.60 -1.42
N SER A 110 -9.96 5.17 -2.68
CA SER A 110 -11.08 4.48 -3.28
C SER A 110 -10.61 3.18 -3.94
N PHE A 111 -10.65 2.11 -3.17
CA PHE A 111 -10.11 0.81 -3.59
C PHE A 111 -11.11 0.05 -4.46
N SER A 112 -11.93 0.77 -5.21
CA SER A 112 -12.93 0.16 -6.05
C SER A 112 -12.43 0.01 -7.48
N ASN A 113 -11.21 0.47 -7.73
CA ASN A 113 -10.64 0.45 -9.06
C ASN A 113 -9.16 0.06 -9.03
N CYS A 114 -8.87 -1.13 -9.52
CA CYS A 114 -7.48 -1.57 -9.63
C CYS A 114 -7.23 -2.18 -11.00
N SER A 115 -5.96 -2.40 -11.33
CA SER A 115 -5.58 -3.03 -12.59
C SER A 115 -4.25 -3.75 -12.41
N HIS A 116 -3.85 -4.53 -13.40
CA HIS A 116 -2.54 -5.19 -13.36
C HIS A 116 -1.46 -4.30 -13.97
N SER A 117 -0.21 -4.62 -13.69
CA SER A 117 0.94 -3.86 -14.16
C SER A 117 0.84 -3.56 -15.66
N ARG A 118 0.66 -2.28 -16.00
CA ARG A 118 0.53 -1.86 -17.39
C ARG A 118 1.64 -0.88 -17.77
N ASN A 119 1.49 0.38 -17.34
CA ASN A 119 2.51 1.39 -17.62
C ASN A 119 3.25 1.75 -16.34
N ASP A 120 4.53 2.12 -16.50
CA ASP A 120 5.45 2.42 -15.39
C ASP A 120 5.83 1.14 -14.64
N MET A 121 4.81 0.31 -14.37
CA MET A 121 4.98 -0.99 -13.69
C MET A 121 5.34 -0.79 -12.23
N CYS A 122 5.15 0.44 -11.75
CA CYS A 122 5.46 0.87 -10.39
C CYS A 122 6.82 0.41 -9.87
N HIS A 123 7.69 1.38 -9.65
CA HIS A 123 8.97 1.12 -8.99
C HIS A 123 8.69 0.51 -7.62
N SER A 124 9.69 -0.09 -7.01
CA SER A 124 9.51 -0.75 -5.73
C SER A 124 9.33 0.25 -4.59
N LEU A 125 8.25 1.03 -4.65
CA LEU A 125 7.91 1.93 -3.57
C LEU A 125 7.49 1.13 -2.36
N GLY A 126 8.05 1.45 -1.22
CA GLY A 126 7.77 0.70 -0.03
C GLY A 126 7.00 1.52 0.97
N LEU A 127 6.61 0.89 2.05
CA LEU A 127 5.81 1.51 3.06
C LEU A 127 6.23 0.93 4.40
N THR A 128 6.46 1.80 5.36
CA THR A 128 6.98 1.40 6.64
C THR A 128 6.33 2.21 7.77
N CYS A 129 5.43 1.54 8.49
CA CYS A 129 4.54 2.19 9.46
C CYS A 129 5.28 3.16 10.37
N LEU A 130 5.03 4.43 10.10
CA LEU A 130 5.58 5.55 10.83
C LEU A 130 7.08 5.74 10.56
N GLU A 131 7.88 4.83 11.09
CA GLU A 131 9.33 4.95 10.98
C GLU A 131 9.83 4.32 9.69
N ARG A 22 -16.87 2.25 2.04
CA ARG A 22 -16.50 0.99 1.34
C ARG A 22 -15.00 0.76 1.42
N LEU A 23 -14.51 -0.11 0.55
CA LEU A 23 -13.09 -0.45 0.48
C LEU A 23 -12.22 0.80 0.41
N SER A 24 -11.66 1.18 1.55
CA SER A 24 -10.76 2.32 1.63
C SER A 24 -9.68 2.06 2.67
N TRP A 25 -8.46 2.51 2.42
CA TRP A 25 -7.34 2.22 3.33
C TRP A 25 -7.34 3.14 4.55
N TYR A 26 -8.53 3.55 4.96
CA TYR A 26 -8.71 4.29 6.19
C TYR A 26 -10.03 3.91 6.84
N ASP A 27 -10.53 2.73 6.45
CA ASP A 27 -11.75 2.19 7.02
C ASP A 27 -11.41 1.19 8.12
N PRO A 28 -12.07 1.29 9.29
CA PRO A 28 -11.78 0.44 10.46
C PRO A 28 -11.95 -1.06 10.20
N ASP A 29 -12.80 -1.42 9.25
CA ASP A 29 -13.03 -2.84 8.96
C ASP A 29 -12.17 -3.29 7.80
N PHE A 30 -11.67 -2.34 7.04
CA PHE A 30 -10.79 -2.65 5.92
C PHE A 30 -9.45 -3.14 6.44
N GLN A 31 -9.17 -4.40 6.19
CA GLN A 31 -7.95 -5.02 6.69
C GLN A 31 -6.80 -4.75 5.72
N ALA A 32 -5.75 -4.11 6.23
CA ALA A 32 -4.63 -3.71 5.40
C ALA A 32 -3.33 -3.77 6.19
N ARG A 33 -2.24 -4.16 5.54
CA ARG A 33 -0.94 -4.24 6.19
C ARG A 33 0.13 -4.63 5.19
N LEU A 34 1.35 -4.74 5.68
CA LEU A 34 2.47 -5.10 4.84
C LEU A 34 2.81 -6.57 5.01
N THR A 35 3.28 -7.19 3.94
CA THR A 35 3.55 -8.62 3.94
C THR A 35 4.90 -8.94 3.33
N ARG A 36 5.29 -10.22 3.41
CA ARG A 36 6.51 -10.75 2.78
C ARG A 36 7.77 -10.31 3.51
N SER A 37 7.84 -9.05 3.90
CA SER A 37 9.03 -8.51 4.54
C SER A 37 8.95 -8.63 6.06
N ASN A 38 8.15 -9.59 6.54
CA ASN A 38 8.02 -9.91 7.97
C ASN A 38 7.22 -8.84 8.73
N SER A 39 7.71 -7.61 8.68
CA SER A 39 7.07 -6.52 9.40
C SER A 39 5.72 -6.17 8.81
N LYS A 40 4.71 -6.13 9.67
CA LYS A 40 3.40 -5.64 9.27
C LYS A 40 3.46 -4.14 9.06
N CYS A 41 4.54 -3.54 9.53
CA CYS A 41 4.78 -2.12 9.36
C CYS A 41 6.09 -1.87 8.60
N GLN A 42 6.51 -2.85 7.82
CA GLN A 42 7.58 -2.66 6.84
C GLN A 42 7.48 -3.74 5.77
N GLY A 43 7.33 -3.35 4.51
CA GLY A 43 7.09 -4.34 3.49
C GLY A 43 6.09 -3.88 2.44
N GLN A 44 5.82 -4.73 1.48
CA GLN A 44 4.86 -4.44 0.42
C GLN A 44 3.43 -4.45 0.98
N LEU A 45 2.61 -3.51 0.54
CA LEU A 45 1.27 -3.34 1.07
C LEU A 45 0.29 -4.33 0.45
N GLU A 46 -0.21 -5.24 1.26
CA GLU A 46 -1.27 -6.13 0.84
C GLU A 46 -2.55 -5.71 1.53
N VAL A 47 -3.50 -5.25 0.75
CA VAL A 47 -4.77 -4.75 1.28
C VAL A 47 -5.92 -5.69 0.94
N TYR A 48 -6.72 -6.02 1.93
CA TYR A 48 -7.84 -6.92 1.75
C TYR A 48 -9.09 -6.12 1.39
N LEU A 49 -9.47 -6.19 0.12
CA LEU A 49 -10.65 -5.49 -0.34
C LEU A 49 -11.70 -6.43 -0.88
N LYS A 50 -12.74 -6.66 -0.07
CA LYS A 50 -13.89 -7.49 -0.44
C LYS A 50 -13.50 -8.97 -0.45
N ASP A 51 -12.32 -9.23 -0.98
CA ASP A 51 -11.86 -10.61 -1.17
C ASP A 51 -10.40 -10.60 -1.60
N GLY A 52 -10.03 -9.58 -2.34
CA GLY A 52 -8.70 -9.48 -2.86
C GLY A 52 -7.70 -8.99 -1.86
N TRP A 53 -6.88 -9.89 -1.34
CA TRP A 53 -5.68 -9.51 -0.63
C TRP A 53 -4.69 -9.03 -1.68
N HIS A 54 -4.80 -7.78 -2.05
CA HIS A 54 -4.09 -7.26 -3.19
C HIS A 54 -2.83 -6.49 -2.79
N MET A 55 -1.68 -6.98 -3.21
CA MET A 55 -0.42 -6.27 -3.03
C MET A 55 -0.35 -5.09 -3.97
N VAL A 56 -0.55 -3.89 -3.44
CA VAL A 56 -0.51 -2.69 -4.26
C VAL A 56 0.93 -2.28 -4.47
N CYS A 57 1.18 -1.54 -5.54
CA CYS A 57 2.53 -1.06 -5.82
C CYS A 57 2.74 0.32 -5.19
N SER A 58 1.90 0.61 -4.20
CA SER A 58 2.02 1.80 -3.33
C SER A 58 1.60 3.09 -4.03
N GLN A 59 2.13 3.36 -5.21
CA GLN A 59 1.86 4.63 -5.90
C GLN A 59 0.55 4.58 -6.68
N SER A 60 -0.15 3.45 -6.56
CA SER A 60 -1.41 3.23 -7.28
C SER A 60 -2.47 4.26 -6.86
N TRP A 61 -3.56 4.34 -7.64
CA TRP A 61 -4.62 5.33 -7.44
C TRP A 61 -4.13 6.73 -7.78
N GLY A 62 -3.33 7.31 -6.90
CA GLY A 62 -2.78 8.63 -7.14
C GLY A 62 -1.92 9.07 -5.98
N ARG A 63 -0.98 8.23 -5.59
CA ARG A 63 -0.11 8.53 -4.47
C ARG A 63 1.35 8.19 -4.77
N SER A 64 2.00 9.03 -5.53
CA SER A 64 3.41 8.86 -5.82
C SER A 64 4.21 9.78 -4.91
N SER A 65 5.43 9.36 -4.56
CA SER A 65 6.25 10.14 -3.65
C SER A 65 7.72 9.78 -3.84
N LYS A 66 8.59 10.73 -3.54
CA LYS A 66 10.03 10.53 -3.63
C LYS A 66 10.65 10.49 -2.25
N GLN A 67 9.90 9.92 -1.31
CA GLN A 67 10.32 9.77 0.08
C GLN A 67 10.48 11.12 0.76
N TRP A 68 9.37 11.65 1.26
CA TRP A 68 9.35 12.93 1.95
C TRP A 68 8.51 12.81 3.22
N GLU A 69 8.13 13.93 3.79
CA GLU A 69 7.16 13.96 4.89
C GLU A 69 5.75 13.78 4.32
N ASP A 70 5.64 13.97 3.02
CA ASP A 70 4.39 13.78 2.27
C ASP A 70 3.67 12.46 2.61
N PRO A 71 4.37 11.30 2.60
CA PRO A 71 3.82 10.02 3.07
C PRO A 71 3.02 10.12 4.36
N SER A 72 1.70 10.14 4.22
CA SER A 72 0.80 10.11 5.36
C SER A 72 -0.43 9.23 5.04
N GLN A 73 -1.62 9.76 5.34
CA GLN A 73 -2.90 9.14 4.98
C GLN A 73 -3.24 7.94 5.86
N ALA A 74 -2.49 6.85 5.73
CA ALA A 74 -2.84 5.58 6.38
C ALA A 74 -2.34 5.51 7.82
N SER A 75 -2.37 6.64 8.52
CA SER A 75 -1.92 6.72 9.89
C SER A 75 -2.75 5.79 10.79
N LYS A 76 -4.05 5.74 10.52
CA LYS A 76 -4.97 4.92 11.30
C LYS A 76 -4.65 3.44 11.11
N VAL A 77 -4.14 3.09 9.94
CA VAL A 77 -3.86 1.70 9.60
C VAL A 77 -2.69 1.16 10.42
N CYS A 78 -1.56 1.85 10.35
CA CYS A 78 -0.37 1.40 11.08
C CYS A 78 -0.57 1.57 12.57
N GLN A 79 -1.47 2.46 12.96
CA GLN A 79 -1.87 2.58 14.36
C GLN A 79 -2.56 1.30 14.80
N ARG A 80 -3.40 0.75 13.92
CA ARG A 80 -4.06 -0.53 14.15
C ARG A 80 -3.02 -1.65 14.17
N LEU A 81 -1.90 -1.42 13.50
CA LEU A 81 -0.83 -2.40 13.43
C LEU A 81 0.20 -2.17 14.53
N ASN A 82 -0.22 -1.39 15.55
CA ASN A 82 0.63 -1.04 16.71
C ASN A 82 2.03 -0.62 16.28
N CYS A 83 2.12 0.08 15.17
CA CYS A 83 3.41 0.51 14.64
C CYS A 83 3.49 2.03 14.44
N GLY A 84 2.50 2.74 14.96
CA GLY A 84 2.58 4.18 15.04
C GLY A 84 2.04 4.90 13.81
N ASP A 85 2.89 5.69 13.18
CA ASP A 85 2.52 6.52 12.03
C ASP A 85 2.43 5.67 10.77
N PRO A 86 1.93 6.22 9.64
CA PRO A 86 1.77 5.43 8.43
C PRO A 86 3.04 5.18 7.69
N LEU A 87 3.04 4.03 7.06
CA LEU A 87 4.01 3.65 6.08
C LEU A 87 4.41 4.81 5.19
N SER A 88 5.66 5.15 5.32
CA SER A 88 6.29 6.12 4.47
C SER A 88 6.47 5.54 3.06
N LEU A 89 6.34 6.39 2.07
CA LEU A 89 6.40 5.97 0.67
C LEU A 89 7.81 6.11 0.11
N GLY A 90 8.33 5.01 -0.42
CA GLY A 90 9.64 5.01 -1.03
C GLY A 90 9.93 3.66 -1.65
N PRO A 91 10.83 3.57 -2.63
CA PRO A 91 11.11 2.32 -3.33
C PRO A 91 11.78 1.31 -2.41
N PHE A 92 11.04 0.27 -2.06
CA PHE A 92 11.49 -0.74 -1.13
C PHE A 92 12.17 -1.87 -1.90
N LEU A 93 12.41 -3.01 -1.25
CA LEU A 93 13.05 -4.13 -1.90
C LEU A 93 12.11 -4.73 -2.97
N LYS A 94 12.70 -5.34 -3.98
CA LYS A 94 11.95 -5.82 -5.12
C LYS A 94 11.45 -7.25 -4.90
N THR A 95 10.14 -7.42 -4.95
CA THR A 95 9.53 -8.74 -4.95
C THR A 95 8.18 -8.68 -5.66
N TYR A 96 7.93 -7.58 -6.35
CA TYR A 96 6.67 -7.36 -7.04
C TYR A 96 6.59 -8.23 -8.30
N THR A 97 5.37 -8.41 -8.77
CA THR A 97 5.11 -9.25 -9.94
C THR A 97 3.92 -8.68 -10.70
N PRO A 98 3.99 -8.62 -12.04
CA PRO A 98 2.96 -7.99 -12.90
C PRO A 98 1.61 -8.72 -12.92
N GLN A 99 1.32 -9.43 -11.85
CA GLN A 99 0.05 -10.13 -11.70
C GLN A 99 -0.23 -10.37 -10.23
N SER A 100 0.78 -10.90 -9.52
CA SER A 100 0.68 -11.12 -8.09
C SER A 100 0.44 -9.80 -7.37
N SER A 101 1.24 -8.79 -7.71
CA SER A 101 1.02 -7.45 -7.21
C SER A 101 0.27 -6.65 -8.27
N ILE A 102 -0.53 -5.69 -7.84
CA ILE A 102 -1.40 -4.98 -8.75
C ILE A 102 -1.16 -3.48 -8.73
N ILE A 103 -1.54 -2.82 -9.80
CA ILE A 103 -1.51 -1.36 -9.88
C ILE A 103 -2.93 -0.87 -10.08
N CYS A 104 -3.50 -0.28 -9.04
CA CYS A 104 -4.88 0.18 -9.11
C CYS A 104 -4.92 1.66 -9.47
N TYR A 105 -6.09 2.15 -9.85
CA TYR A 105 -6.22 3.55 -10.25
C TYR A 105 -7.49 4.16 -9.69
N GLY A 106 -7.80 5.37 -10.12
CA GLY A 106 -8.99 6.05 -9.64
C GLY A 106 -8.64 7.14 -8.66
N GLN A 107 -9.53 7.38 -7.72
CA GLN A 107 -9.29 8.40 -6.71
C GLN A 107 -8.75 7.76 -5.44
N LEU A 108 -7.81 8.42 -4.80
CA LEU A 108 -7.27 7.95 -3.54
C LEU A 108 -8.38 7.78 -2.52
N GLY A 109 -8.65 6.54 -2.16
CA GLY A 109 -9.68 6.25 -1.20
C GLY A 109 -10.63 5.16 -1.66
N SER A 110 -10.83 5.06 -2.97
CA SER A 110 -11.74 4.06 -3.50
C SER A 110 -10.99 2.82 -3.98
N PHE A 111 -10.88 1.83 -3.11
CA PHE A 111 -10.19 0.58 -3.41
C PHE A 111 -11.14 -0.40 -4.07
N SER A 112 -12.08 0.13 -4.84
CA SER A 112 -13.11 -0.69 -5.45
C SER A 112 -12.77 -1.03 -6.91
N ASN A 113 -11.53 -0.75 -7.31
CA ASN A 113 -11.06 -1.07 -8.66
C ASN A 113 -9.55 -1.25 -8.65
N CYS A 114 -9.04 -2.05 -9.58
CA CYS A 114 -7.61 -2.30 -9.67
C CYS A 114 -7.30 -3.19 -10.88
N SER A 115 -6.01 -3.26 -11.25
CA SER A 115 -5.59 -4.03 -12.41
C SER A 115 -4.20 -4.60 -12.17
N HIS A 116 -3.80 -5.61 -12.95
CA HIS A 116 -2.50 -6.25 -12.77
C HIS A 116 -1.37 -5.24 -13.00
N SER A 117 -0.25 -5.45 -12.30
CA SER A 117 0.86 -4.52 -12.36
C SER A 117 1.40 -4.37 -13.77
N ARG A 118 1.60 -3.12 -14.17
CA ARG A 118 2.15 -2.80 -15.48
C ARG A 118 3.64 -2.44 -15.34
N ASN A 119 4.10 -2.46 -14.08
CA ASN A 119 5.48 -2.08 -13.74
C ASN A 119 5.70 -0.59 -14.07
N ASP A 120 4.60 0.14 -14.14
CA ASP A 120 4.63 1.54 -14.49
C ASP A 120 4.93 2.38 -13.26
N MET A 121 6.17 2.87 -13.22
CA MET A 121 6.67 3.72 -12.14
C MET A 121 6.99 2.90 -10.89
N CYS A 122 6.03 2.15 -10.39
CA CYS A 122 6.25 1.34 -9.20
C CYS A 122 7.02 0.07 -9.54
N HIS A 123 8.34 0.22 -9.68
CA HIS A 123 9.23 -0.93 -9.81
C HIS A 123 9.22 -1.73 -8.53
N SER A 124 9.42 -1.03 -7.43
CA SER A 124 9.35 -1.63 -6.12
C SER A 124 8.92 -0.60 -5.09
N LEU A 125 8.15 0.41 -5.53
CA LEU A 125 7.70 1.45 -4.61
C LEU A 125 6.92 0.80 -3.48
N GLY A 126 7.38 1.01 -2.26
CA GLY A 126 6.85 0.32 -1.13
C GLY A 126 6.37 1.26 -0.05
N LEU A 127 6.15 0.69 1.12
CA LEU A 127 5.58 1.40 2.23
C LEU A 127 6.15 0.82 3.51
N THR A 128 6.34 1.65 4.50
CA THR A 128 6.92 1.21 5.75
C THR A 128 6.42 2.08 6.90
N CYS A 129 5.51 1.53 7.70
CA CYS A 129 4.76 2.29 8.70
C CYS A 129 5.65 3.14 9.57
N LEU A 130 5.31 4.41 9.55
CA LEU A 130 5.95 5.45 10.30
C LEU A 130 7.26 5.84 9.62
N GLU A 131 8.25 4.95 9.71
CA GLU A 131 9.54 5.14 9.04
C GLU A 131 10.40 3.90 9.20
N ARG A 22 -15.90 2.86 2.52
CA ARG A 22 -16.42 1.62 1.89
C ARG A 22 -15.28 0.65 1.60
N LEU A 23 -14.21 1.16 1.03
CA LEU A 23 -13.03 0.38 0.66
C LEU A 23 -11.86 1.32 0.40
N SER A 24 -11.17 1.72 1.44
CA SER A 24 -10.00 2.57 1.30
C SER A 24 -8.98 2.21 2.37
N TRP A 25 -7.74 2.66 2.20
CA TRP A 25 -6.70 2.35 3.18
C TRP A 25 -6.78 3.31 4.37
N TYR A 26 -7.93 3.97 4.53
CA TYR A 26 -8.20 4.76 5.71
C TYR A 26 -9.58 4.44 6.27
N ASP A 27 -10.16 3.34 5.79
CA ASP A 27 -11.43 2.84 6.34
C ASP A 27 -11.17 2.13 7.67
N PRO A 28 -11.97 2.43 8.70
CA PRO A 28 -11.77 1.88 10.05
C PRO A 28 -11.75 0.35 10.07
N ASP A 29 -12.67 -0.26 9.33
CA ASP A 29 -12.79 -1.71 9.32
C ASP A 29 -11.86 -2.35 8.29
N PHE A 30 -11.37 -1.54 7.36
CA PHE A 30 -10.53 -2.03 6.28
C PHE A 30 -9.23 -2.60 6.83
N GLN A 31 -8.97 -3.86 6.55
CA GLN A 31 -7.78 -4.51 7.06
C GLN A 31 -6.66 -4.43 6.04
N ALA A 32 -5.59 -3.74 6.42
CA ALA A 32 -4.43 -3.59 5.57
C ALA A 32 -3.16 -3.77 6.38
N ARG A 33 -2.10 -4.20 5.72
CA ARG A 33 -0.81 -4.38 6.37
C ARG A 33 0.22 -4.80 5.35
N LEU A 34 1.43 -5.05 5.81
CA LEU A 34 2.52 -5.42 4.93
C LEU A 34 2.84 -6.91 5.08
N THR A 35 3.29 -7.54 4.00
CA THR A 35 3.54 -8.97 4.01
C THR A 35 4.80 -9.32 3.23
N ARG A 36 5.23 -10.58 3.37
CA ARG A 36 6.33 -11.17 2.59
C ARG A 36 7.70 -10.61 2.97
N SER A 37 7.71 -9.42 3.55
CA SER A 37 8.93 -8.88 4.13
C SER A 37 9.00 -9.22 5.62
N ASN A 38 7.99 -9.97 6.07
CA ASN A 38 7.89 -10.48 7.45
C ASN A 38 7.47 -9.38 8.44
N SER A 39 8.06 -8.20 8.30
CA SER A 39 7.75 -7.08 9.17
C SER A 39 6.29 -6.70 9.09
N LYS A 40 5.64 -6.71 10.25
CA LYS A 40 4.22 -6.39 10.34
C LYS A 40 3.97 -4.96 9.87
N CYS A 41 4.95 -4.10 10.07
CA CYS A 41 4.83 -2.73 9.63
C CYS A 41 6.05 -2.30 8.79
N GLN A 42 6.63 -3.27 8.07
CA GLN A 42 7.60 -2.97 7.01
C GLN A 42 7.48 -4.03 5.90
N GLY A 43 7.27 -3.59 4.67
CA GLY A 43 7.05 -4.54 3.59
C GLY A 43 6.08 -4.00 2.54
N GLN A 44 5.83 -4.81 1.51
CA GLN A 44 4.89 -4.44 0.47
C GLN A 44 3.47 -4.42 1.03
N LEU A 45 2.65 -3.46 0.60
CA LEU A 45 1.32 -3.30 1.15
C LEU A 45 0.34 -4.30 0.57
N GLU A 46 -0.15 -5.18 1.42
CA GLU A 46 -1.20 -6.10 1.05
C GLU A 46 -2.50 -5.64 1.72
N VAL A 47 -3.44 -5.20 0.90
CA VAL A 47 -4.69 -4.67 1.40
C VAL A 47 -5.85 -5.62 1.12
N TYR A 48 -6.69 -5.83 2.12
CA TYR A 48 -7.82 -6.72 1.99
C TYR A 48 -9.04 -5.97 1.47
N LEU A 49 -9.28 -6.06 0.16
CA LEU A 49 -10.40 -5.36 -0.45
C LEU A 49 -11.24 -6.32 -1.26
N LYS A 50 -12.56 -6.31 -1.00
CA LYS A 50 -13.50 -7.21 -1.67
C LYS A 50 -13.30 -8.66 -1.20
N ASP A 51 -12.04 -9.07 -1.14
CA ASP A 51 -11.63 -10.42 -0.74
C ASP A 51 -10.18 -10.64 -1.14
N GLY A 52 -9.74 -9.90 -2.14
CA GLY A 52 -8.36 -9.97 -2.58
C GLY A 52 -7.42 -9.27 -1.65
N TRP A 53 -6.58 -10.05 -0.98
CA TRP A 53 -5.41 -9.50 -0.30
C TRP A 53 -4.46 -9.01 -1.37
N HIS A 54 -4.72 -7.81 -1.86
CA HIS A 54 -4.04 -7.31 -3.02
C HIS A 54 -2.79 -6.53 -2.64
N MET A 55 -1.64 -6.97 -3.14
CA MET A 55 -0.39 -6.25 -2.90
C MET A 55 -0.28 -5.08 -3.86
N VAL A 56 -0.51 -3.89 -3.36
CA VAL A 56 -0.48 -2.70 -4.19
C VAL A 56 0.96 -2.24 -4.39
N CYS A 57 1.21 -1.49 -5.45
CA CYS A 57 2.54 -1.02 -5.73
C CYS A 57 2.76 0.38 -5.14
N SER A 58 1.93 0.70 -4.12
CA SER A 58 2.09 1.89 -3.29
C SER A 58 1.66 3.19 -3.99
N GLN A 59 2.17 3.44 -5.20
CA GLN A 59 1.87 4.69 -5.89
C GLN A 59 0.53 4.63 -6.63
N SER A 60 -0.13 3.47 -6.51
CA SER A 60 -1.40 3.23 -7.18
C SER A 60 -2.44 4.29 -6.76
N TRP A 61 -3.51 4.44 -7.56
CA TRP A 61 -4.54 5.44 -7.33
C TRP A 61 -4.03 6.85 -7.64
N GLY A 62 -3.08 7.33 -6.86
CA GLY A 62 -2.51 8.64 -7.08
C GLY A 62 -1.56 9.03 -5.97
N ARG A 63 -0.54 8.21 -5.76
CA ARG A 63 0.41 8.44 -4.68
C ARG A 63 1.85 8.48 -5.20
N SER A 64 2.13 9.44 -6.07
CA SER A 64 3.48 9.62 -6.58
C SER A 64 4.24 10.61 -5.68
N SER A 65 5.23 10.10 -4.96
CA SER A 65 5.98 10.92 -4.02
C SER A 65 7.46 10.53 -4.05
N LYS A 66 8.31 11.39 -3.49
CA LYS A 66 9.75 11.13 -3.45
C LYS A 66 10.22 10.86 -2.02
N GLN A 67 9.27 10.37 -1.20
CA GLN A 67 9.55 9.98 0.18
C GLN A 67 9.86 11.20 1.05
N TRP A 68 8.83 11.99 1.30
CA TRP A 68 8.91 13.14 2.19
C TRP A 68 7.88 12.99 3.29
N GLU A 69 7.64 14.03 4.07
CA GLU A 69 6.54 14.02 5.00
C GLU A 69 5.25 14.28 4.23
N ASP A 70 4.73 13.22 3.65
CA ASP A 70 3.59 13.31 2.75
C ASP A 70 2.75 12.03 2.81
N PRO A 71 3.39 10.83 2.72
CA PRO A 71 2.73 9.56 3.01
C PRO A 71 1.88 9.58 4.27
N SER A 72 0.59 9.75 4.09
CA SER A 72 -0.35 9.73 5.19
C SER A 72 -1.54 8.83 4.85
N GLN A 73 -2.74 9.24 5.28
CA GLN A 73 -3.99 8.53 5.01
C GLN A 73 -4.10 7.25 5.85
N ALA A 74 -3.19 6.31 5.63
CA ALA A 74 -3.23 5.01 6.29
C ALA A 74 -2.68 5.07 7.72
N SER A 75 -2.78 6.25 8.34
CA SER A 75 -2.28 6.45 9.68
C SER A 75 -2.98 5.52 10.66
N LYS A 76 -4.29 5.38 10.53
CA LYS A 76 -5.07 4.53 11.41
C LYS A 76 -4.69 3.06 11.24
N VAL A 77 -4.26 2.71 10.02
CA VAL A 77 -3.92 1.33 9.70
C VAL A 77 -2.69 0.85 10.46
N CYS A 78 -1.59 1.58 10.34
CA CYS A 78 -0.37 1.19 11.03
C CYS A 78 -0.50 1.41 12.52
N GLN A 79 -1.41 2.29 12.91
CA GLN A 79 -1.76 2.45 14.31
C GLN A 79 -2.41 1.18 14.83
N ARG A 80 -3.25 0.57 14.00
CA ARG A 80 -3.84 -0.74 14.31
C ARG A 80 -2.74 -1.79 14.41
N LEU A 81 -1.65 -1.58 13.68
CA LEU A 81 -0.51 -2.48 13.70
C LEU A 81 0.48 -2.03 14.78
N ASN A 82 0.02 -1.09 15.60
CA ASN A 82 0.82 -0.48 16.68
C ASN A 82 2.25 -0.16 16.25
N CYS A 83 2.40 0.38 15.04
CA CYS A 83 3.70 0.83 14.57
C CYS A 83 3.77 2.37 14.64
N GLY A 84 2.60 2.99 14.84
CA GLY A 84 2.54 4.43 14.96
C GLY A 84 1.95 5.10 13.74
N ASP A 85 2.75 5.93 13.09
CA ASP A 85 2.31 6.66 11.90
C ASP A 85 2.34 5.73 10.69
N PRO A 86 1.76 6.13 9.55
CA PRO A 86 1.67 5.26 8.39
C PRO A 86 2.97 5.06 7.68
N LEU A 87 3.05 3.90 7.08
CA LEU A 87 4.06 3.51 6.15
C LEU A 87 4.53 4.66 5.29
N SER A 88 5.78 4.99 5.48
CA SER A 88 6.48 5.90 4.60
C SER A 88 6.50 5.31 3.19
N LEU A 89 6.14 6.12 2.22
CA LEU A 89 6.00 5.66 0.85
C LEU A 89 7.28 5.94 0.08
N GLY A 90 7.89 4.87 -0.42
CA GLY A 90 9.13 5.01 -1.16
C GLY A 90 9.60 3.64 -1.65
N PRO A 91 10.47 3.59 -2.66
CA PRO A 91 10.89 2.32 -3.27
C PRO A 91 11.52 1.36 -2.25
N PHE A 92 11.13 0.10 -2.34
CA PHE A 92 11.60 -0.93 -1.42
C PHE A 92 12.15 -2.11 -2.24
N LEU A 93 12.33 -3.26 -1.60
CA LEU A 93 12.84 -4.44 -2.31
C LEU A 93 11.82 -4.93 -3.34
N LYS A 94 12.31 -5.60 -4.37
CA LYS A 94 11.47 -5.98 -5.49
C LYS A 94 10.95 -7.40 -5.35
N THR A 95 9.68 -7.51 -5.02
CA THR A 95 9.00 -8.79 -5.03
C THR A 95 7.68 -8.66 -5.80
N TYR A 96 7.57 -7.55 -6.52
CA TYR A 96 6.35 -7.21 -7.25
C TYR A 96 6.28 -7.96 -8.58
N THR A 97 5.32 -8.85 -8.68
CA THR A 97 5.06 -9.54 -9.93
C THR A 97 3.79 -8.96 -10.57
N PRO A 98 3.67 -9.04 -11.91
CA PRO A 98 2.58 -8.39 -12.66
C PRO A 98 1.21 -9.07 -12.50
N GLN A 99 0.96 -9.64 -11.33
CA GLN A 99 -0.31 -10.29 -11.04
C GLN A 99 -0.50 -10.42 -9.53
N SER A 100 0.50 -10.99 -8.87
CA SER A 100 0.50 -11.07 -7.42
C SER A 100 0.49 -9.67 -6.83
N SER A 101 1.25 -8.78 -7.45
CA SER A 101 1.23 -7.38 -7.11
C SER A 101 0.42 -6.63 -8.17
N ILE A 102 -0.37 -5.67 -7.75
CA ILE A 102 -1.26 -4.97 -8.66
C ILE A 102 -1.09 -3.45 -8.58
N ILE A 103 -1.50 -2.78 -9.65
CA ILE A 103 -1.53 -1.33 -9.68
C ILE A 103 -2.98 -0.90 -9.82
N CYS A 104 -3.57 -0.42 -8.75
CA CYS A 104 -4.98 -0.06 -8.78
C CYS A 104 -5.13 1.43 -8.99
N TYR A 105 -5.69 1.82 -10.13
CA TYR A 105 -5.88 3.23 -10.43
C TYR A 105 -7.22 3.72 -9.89
N GLY A 106 -7.55 4.96 -10.24
CA GLY A 106 -8.76 5.57 -9.73
C GLY A 106 -8.46 6.81 -8.94
N GLN A 107 -9.16 6.98 -7.84
CA GLN A 107 -8.89 8.09 -6.95
C GLN A 107 -8.40 7.56 -5.61
N LEU A 108 -7.47 8.27 -4.99
CA LEU A 108 -6.90 7.85 -3.71
C LEU A 108 -8.01 7.67 -2.67
N GLY A 109 -8.37 6.41 -2.42
CA GLY A 109 -9.39 6.12 -1.45
C GLY A 109 -10.50 5.26 -2.01
N SER A 110 -10.49 5.01 -3.32
CA SER A 110 -11.48 4.13 -3.91
C SER A 110 -10.87 2.80 -4.33
N PHE A 111 -10.83 1.87 -3.39
CA PHE A 111 -10.26 0.54 -3.62
C PHE A 111 -11.30 -0.38 -4.25
N SER A 112 -12.20 0.21 -5.02
CA SER A 112 -13.30 -0.52 -5.62
C SER A 112 -12.88 -1.11 -6.98
N ASN A 113 -11.62 -0.90 -7.36
CA ASN A 113 -11.12 -1.37 -8.66
C ASN A 113 -9.60 -1.49 -8.62
N CYS A 114 -9.03 -2.16 -9.62
CA CYS A 114 -7.58 -2.37 -9.69
C CYS A 114 -7.21 -3.04 -11.01
N SER A 115 -5.92 -3.18 -11.27
CA SER A 115 -5.42 -3.81 -12.49
C SER A 115 -4.03 -4.39 -12.23
N HIS A 116 -3.56 -5.28 -13.12
CA HIS A 116 -2.29 -5.95 -12.88
C HIS A 116 -1.12 -4.99 -13.09
N SER A 117 0.00 -5.26 -12.42
CA SER A 117 1.15 -4.38 -12.46
C SER A 117 1.74 -4.30 -13.87
N ARG A 118 2.01 -3.07 -14.30
CA ARG A 118 2.65 -2.83 -15.59
C ARG A 118 4.05 -2.26 -15.35
N ASN A 119 4.43 -2.17 -14.07
CA ASN A 119 5.67 -1.52 -13.65
C ASN A 119 5.60 -0.03 -14.00
N ASP A 120 4.40 0.52 -13.87
CA ASP A 120 4.14 1.92 -14.16
C ASP A 120 4.51 2.76 -12.94
N MET A 121 5.70 3.35 -13.01
CA MET A 121 6.26 4.17 -11.95
C MET A 121 6.68 3.34 -10.74
N CYS A 122 5.81 2.47 -10.27
CA CYS A 122 6.16 1.60 -9.16
C CYS A 122 7.06 0.46 -9.62
N HIS A 123 8.35 0.76 -9.72
CA HIS A 123 9.36 -0.26 -9.98
C HIS A 123 9.34 -1.27 -8.85
N SER A 124 9.44 -0.76 -7.64
CA SER A 124 9.28 -1.56 -6.43
C SER A 124 8.91 -0.67 -5.26
N LEU A 125 8.17 0.40 -5.55
CA LEU A 125 7.77 1.35 -4.52
C LEU A 125 7.00 0.63 -3.43
N GLY A 126 7.46 0.78 -2.20
CA GLY A 126 6.88 0.06 -1.10
C GLY A 126 6.39 0.99 -0.01
N LEU A 127 6.27 0.46 1.18
CA LEU A 127 5.69 1.17 2.29
C LEU A 127 6.24 0.59 3.58
N THR A 128 6.40 1.42 4.58
CA THR A 128 6.96 0.98 5.83
C THR A 128 6.44 1.85 6.98
N CYS A 129 5.51 1.29 7.76
CA CYS A 129 4.73 2.06 8.74
C CYS A 129 5.61 2.95 9.60
N LEU A 130 5.41 4.24 9.37
CA LEU A 130 6.15 5.30 10.02
C LEU A 130 7.61 5.32 9.51
N GLU A 131 8.39 4.39 10.02
CA GLU A 131 9.81 4.30 9.69
C GLU A 131 10.23 2.85 9.54
N ARG A 22 -14.78 5.17 1.73
CA ARG A 22 -15.33 4.23 0.71
C ARG A 22 -14.23 3.30 0.22
N LEU A 23 -14.10 2.15 0.90
CA LEU A 23 -13.12 1.14 0.53
C LEU A 23 -11.72 1.75 0.44
N SER A 24 -11.24 2.32 1.53
CA SER A 24 -9.92 2.90 1.54
C SER A 24 -9.26 2.71 2.89
N TRP A 25 -8.00 3.09 2.98
CA TRP A 25 -7.22 2.91 4.20
C TRP A 25 -7.59 3.91 5.29
N TYR A 26 -8.69 4.63 5.09
CA TYR A 26 -9.25 5.48 6.12
C TYR A 26 -10.51 4.85 6.68
N ASP A 27 -10.99 3.81 6.01
CA ASP A 27 -12.19 3.09 6.45
C ASP A 27 -11.88 2.21 7.65
N PRO A 28 -12.74 2.27 8.68
CA PRO A 28 -12.56 1.47 9.90
C PRO A 28 -12.81 -0.01 9.66
N ASP A 29 -13.41 -0.31 8.51
CA ASP A 29 -13.72 -1.69 8.13
C ASP A 29 -12.57 -2.28 7.35
N PHE A 30 -11.73 -1.43 6.80
CA PHE A 30 -10.73 -1.85 5.84
C PHE A 30 -9.51 -2.45 6.52
N GLN A 31 -9.02 -3.55 5.96
CA GLN A 31 -7.84 -4.22 6.47
C GLN A 31 -6.67 -4.02 5.53
N ALA A 32 -5.57 -3.52 6.05
CA ALA A 32 -4.37 -3.33 5.25
C ALA A 32 -3.13 -3.54 6.12
N ARG A 33 -2.06 -4.01 5.50
CA ARG A 33 -0.83 -4.30 6.22
C ARG A 33 0.31 -4.52 5.25
N LEU A 34 1.48 -4.83 5.78
CA LEU A 34 2.65 -5.07 4.95
C LEU A 34 2.97 -6.55 4.86
N THR A 35 3.30 -7.01 3.67
CA THR A 35 3.67 -8.41 3.45
C THR A 35 4.87 -8.49 2.50
N ARG A 36 5.23 -9.73 2.14
CA ARG A 36 6.36 -9.99 1.26
C ARG A 36 7.64 -9.51 1.94
N SER A 37 7.61 -9.49 3.26
CA SER A 37 8.67 -8.96 4.07
C SER A 37 8.67 -9.65 5.42
N ASN A 38 9.63 -9.31 6.27
CA ASN A 38 9.73 -9.92 7.59
C ASN A 38 9.08 -9.02 8.63
N SER A 39 8.90 -7.75 8.27
CA SER A 39 8.35 -6.78 9.20
C SER A 39 6.94 -6.38 8.83
N LYS A 40 6.03 -6.48 9.79
CA LYS A 40 4.67 -6.00 9.61
C LYS A 40 4.65 -4.48 9.64
N CYS A 41 5.81 -3.90 9.98
CA CYS A 41 5.94 -2.46 10.08
C CYS A 41 6.87 -1.93 8.98
N GLN A 42 7.38 -2.83 8.12
CA GLN A 42 8.11 -2.44 6.92
C GLN A 42 7.90 -3.50 5.83
N GLY A 43 7.37 -3.11 4.68
CA GLY A 43 7.05 -4.12 3.68
C GLY A 43 6.11 -3.61 2.60
N GLN A 44 5.79 -4.48 1.65
CA GLN A 44 4.91 -4.12 0.55
C GLN A 44 3.47 -4.08 1.05
N LEU A 45 2.68 -3.14 0.55
CA LEU A 45 1.33 -2.95 1.04
C LEU A 45 0.35 -3.96 0.45
N GLU A 46 -0.18 -4.79 1.31
CA GLU A 46 -1.20 -5.76 0.94
C GLU A 46 -2.53 -5.32 1.57
N VAL A 47 -3.49 -4.98 0.72
CA VAL A 47 -4.75 -4.42 1.20
C VAL A 47 -5.92 -5.34 0.90
N TYR A 48 -6.78 -5.54 1.89
CA TYR A 48 -7.93 -6.41 1.72
C TYR A 48 -9.19 -5.61 1.41
N LEU A 49 -9.61 -5.64 0.17
CA LEU A 49 -10.86 -5.00 -0.23
C LEU A 49 -11.93 -6.02 -0.52
N LYS A 50 -12.73 -6.33 0.52
CA LYS A 50 -13.89 -7.27 0.49
C LYS A 50 -13.52 -8.69 0.04
N ASP A 51 -12.69 -8.82 -0.99
CA ASP A 51 -12.33 -10.13 -1.51
C ASP A 51 -10.88 -10.20 -1.95
N GLY A 52 -10.29 -9.05 -2.26
CA GLY A 52 -8.96 -9.04 -2.81
C GLY A 52 -7.91 -8.62 -1.83
N TRP A 53 -7.08 -9.57 -1.42
CA TRP A 53 -5.82 -9.23 -0.77
C TRP A 53 -4.87 -8.72 -1.82
N HIS A 54 -5.08 -7.47 -2.20
CA HIS A 54 -4.39 -6.89 -3.33
C HIS A 54 -3.07 -6.26 -2.89
N MET A 55 -1.97 -6.88 -3.28
CA MET A 55 -0.66 -6.31 -3.03
C MET A 55 -0.46 -5.12 -3.98
N VAL A 56 -0.58 -3.92 -3.45
CA VAL A 56 -0.50 -2.75 -4.31
C VAL A 56 0.95 -2.32 -4.44
N CYS A 57 1.30 -1.70 -5.56
CA CYS A 57 2.65 -1.20 -5.75
C CYS A 57 2.82 0.15 -5.05
N SER A 58 1.93 0.41 -4.09
CA SER A 58 1.96 1.60 -3.23
C SER A 58 1.66 2.87 -4.01
N GLN A 59 2.44 3.12 -5.05
CA GLN A 59 2.28 4.31 -5.87
C GLN A 59 1.18 4.12 -6.90
N SER A 60 0.34 3.10 -6.68
CA SER A 60 -0.86 2.87 -7.48
C SER A 60 -1.82 4.07 -7.32
N TRP A 61 -2.89 4.08 -8.13
CA TRP A 61 -3.85 5.19 -8.13
C TRP A 61 -3.22 6.45 -8.73
N GLY A 62 -2.36 7.10 -7.96
CA GLY A 62 -1.63 8.26 -8.43
C GLY A 62 -0.77 8.85 -7.34
N ARG A 63 0.20 8.07 -6.88
CA ARG A 63 1.04 8.49 -5.76
C ARG A 63 2.52 8.42 -6.12
N SER A 64 3.29 9.34 -5.55
CA SER A 64 4.75 9.32 -5.64
C SER A 64 5.30 10.47 -4.80
N SER A 65 5.67 10.17 -3.57
CA SER A 65 6.14 11.19 -2.65
C SER A 65 7.66 11.15 -2.50
N LYS A 66 8.26 12.33 -2.55
CA LYS A 66 9.70 12.49 -2.40
C LYS A 66 10.07 12.52 -0.93
N GLN A 67 10.50 11.38 -0.40
CA GLN A 67 10.94 11.24 0.99
C GLN A 67 9.77 11.35 1.97
N TRP A 68 9.12 12.51 1.99
CA TRP A 68 7.98 12.73 2.87
C TRP A 68 6.80 13.30 2.08
N GLU A 69 6.80 14.62 1.92
CA GLU A 69 5.68 15.37 1.33
C GLU A 69 4.39 15.17 2.14
N ASP A 70 3.81 13.98 2.04
CA ASP A 70 2.64 13.62 2.85
C ASP A 70 2.49 12.10 2.85
N PRO A 71 3.31 11.40 3.65
CA PRO A 71 3.37 9.94 3.69
C PRO A 71 2.54 9.31 4.79
N SER A 72 1.43 9.94 5.16
CA SER A 72 0.59 9.40 6.22
C SER A 72 -0.45 8.42 5.66
N GLN A 73 -1.63 8.93 5.34
CA GLN A 73 -2.73 8.12 4.81
C GLN A 73 -3.21 7.03 5.77
N ALA A 74 -2.54 5.88 5.76
CA ALA A 74 -3.01 4.68 6.43
C ALA A 74 -2.55 4.58 7.89
N SER A 75 -2.65 5.69 8.60
CA SER A 75 -2.24 5.75 10.00
C SER A 75 -3.00 4.71 10.81
N LYS A 76 -4.28 4.52 10.48
CA LYS A 76 -5.12 3.60 11.22
C LYS A 76 -4.66 2.16 11.05
N VAL A 77 -4.21 1.80 9.85
CA VAL A 77 -3.89 0.41 9.57
C VAL A 77 -2.62 -0.03 10.29
N CYS A 78 -1.59 0.83 10.31
CA CYS A 78 -0.36 0.46 11.00
C CYS A 78 -0.56 0.52 12.51
N GLN A 79 -1.46 1.41 12.95
CA GLN A 79 -1.81 1.49 14.36
C GLN A 79 -2.42 0.16 14.82
N ARG A 80 -3.33 -0.37 13.99
CA ARG A 80 -3.95 -1.67 14.28
C ARG A 80 -2.92 -2.79 14.16
N LEU A 81 -1.88 -2.54 13.37
CA LEU A 81 -0.80 -3.51 13.20
C LEU A 81 0.29 -3.26 14.24
N ASN A 82 -0.08 -2.51 15.28
CA ASN A 82 0.84 -2.06 16.34
C ASN A 82 2.23 -1.78 15.80
N CYS A 83 2.30 -0.84 14.86
CA CYS A 83 3.55 -0.37 14.31
C CYS A 83 3.65 1.15 14.44
N GLY A 84 2.69 1.72 15.18
CA GLY A 84 2.69 3.14 15.46
C GLY A 84 2.07 3.96 14.34
N ASP A 85 2.87 4.84 13.76
CA ASP A 85 2.42 5.75 12.71
C ASP A 85 2.37 4.99 11.38
N PRO A 86 1.78 5.58 10.32
CA PRO A 86 1.64 4.89 9.05
C PRO A 86 2.92 4.76 8.27
N LEU A 87 2.97 3.68 7.54
CA LEU A 87 3.93 3.43 6.51
C LEU A 87 4.29 4.68 5.73
N SER A 88 5.51 5.10 5.93
CA SER A 88 6.10 6.21 5.21
C SER A 88 6.37 5.78 3.76
N LEU A 89 6.32 6.74 2.84
CA LEU A 89 6.46 6.45 1.42
C LEU A 89 7.90 6.60 0.94
N GLY A 90 8.30 5.68 0.10
CA GLY A 90 9.64 5.68 -0.48
C GLY A 90 9.96 4.31 -1.04
N PRO A 91 10.71 4.21 -2.15
CA PRO A 91 10.96 2.93 -2.83
C PRO A 91 11.64 1.93 -1.90
N PHE A 92 11.03 0.77 -1.75
CA PHE A 92 11.45 -0.20 -0.76
C PHE A 92 11.80 -1.53 -1.42
N LEU A 93 13.11 -1.78 -1.58
CA LEU A 93 13.60 -3.02 -2.20
C LEU A 93 13.05 -3.15 -3.63
N LYS A 94 12.98 -4.38 -4.13
CA LYS A 94 12.35 -4.65 -5.40
C LYS A 94 11.77 -6.06 -5.41
N THR A 95 10.47 -6.14 -5.21
CA THR A 95 9.78 -7.43 -5.23
C THR A 95 8.53 -7.36 -6.12
N TYR A 96 7.37 -7.65 -5.52
CA TYR A 96 6.09 -7.72 -6.23
C TYR A 96 6.06 -8.87 -7.23
N THR A 97 4.86 -9.22 -7.66
CA THR A 97 4.68 -10.26 -8.65
C THR A 97 3.46 -9.96 -9.53
N PRO A 98 3.67 -9.90 -10.85
CA PRO A 98 2.60 -9.61 -11.83
C PRO A 98 1.59 -10.74 -11.96
N GLN A 99 1.02 -11.13 -10.83
CA GLN A 99 0.07 -12.22 -10.76
C GLN A 99 -0.67 -12.15 -9.43
N SER A 100 0.11 -12.11 -8.36
CA SER A 100 -0.44 -11.97 -7.01
C SER A 100 -0.53 -10.50 -6.60
N SER A 101 0.45 -9.72 -7.02
CA SER A 101 0.45 -8.29 -6.77
C SER A 101 -0.27 -7.58 -7.91
N ILE A 102 -0.65 -6.32 -7.69
CA ILE A 102 -1.37 -5.57 -8.71
C ILE A 102 -0.99 -4.09 -8.70
N ILE A 103 -1.55 -3.36 -9.64
CA ILE A 103 -1.39 -1.91 -9.70
C ILE A 103 -2.78 -1.29 -9.83
N CYS A 104 -3.30 -0.71 -8.76
CA CYS A 104 -4.65 -0.18 -8.81
C CYS A 104 -4.64 1.22 -9.40
N TYR A 105 -5.81 1.72 -9.77
CA TYR A 105 -5.93 3.04 -10.36
C TYR A 105 -7.20 3.71 -9.87
N GLY A 106 -7.44 4.93 -10.33
CA GLY A 106 -8.61 5.66 -9.92
C GLY A 106 -8.25 6.83 -9.04
N GLN A 107 -9.05 7.06 -8.02
CA GLN A 107 -8.81 8.15 -7.09
C GLN A 107 -8.32 7.61 -5.75
N LEU A 108 -7.20 8.16 -5.27
CA LEU A 108 -6.72 7.85 -3.93
C LEU A 108 -7.85 8.04 -2.91
N GLY A 109 -8.12 7.01 -2.12
CA GLY A 109 -9.25 7.06 -1.22
C GLY A 109 -10.40 6.22 -1.72
N SER A 110 -10.22 5.60 -2.87
CA SER A 110 -11.20 4.67 -3.42
C SER A 110 -10.51 3.45 -4.02
N PHE A 111 -10.45 2.38 -3.24
CA PHE A 111 -9.87 1.11 -3.68
C PHE A 111 -10.94 0.28 -4.37
N SER A 112 -11.82 0.96 -5.09
CA SER A 112 -12.98 0.32 -5.69
C SER A 112 -12.56 -0.59 -6.85
N ASN A 113 -11.40 -0.34 -7.44
CA ASN A 113 -10.93 -1.14 -8.57
C ASN A 113 -9.41 -1.09 -8.67
N CYS A 114 -8.83 -2.12 -9.26
CA CYS A 114 -7.39 -2.19 -9.50
C CYS A 114 -7.11 -2.72 -10.90
N SER A 115 -5.84 -2.75 -11.27
CA SER A 115 -5.45 -3.23 -12.59
C SER A 115 -4.27 -4.20 -12.48
N HIS A 116 -3.99 -4.90 -13.57
CA HIS A 116 -2.88 -5.85 -13.60
C HIS A 116 -1.54 -5.16 -13.37
N SER A 117 -0.66 -5.85 -12.67
CA SER A 117 0.64 -5.32 -12.32
C SER A 117 1.66 -5.50 -13.45
N ARG A 118 1.15 -5.65 -14.66
CA ARG A 118 2.02 -5.78 -15.83
C ARG A 118 2.43 -4.40 -16.34
N ASN A 119 1.98 -3.38 -15.61
CA ASN A 119 2.41 -2.01 -15.87
C ASN A 119 3.73 -1.79 -15.14
N ASP A 120 4.53 -0.85 -15.62
CA ASP A 120 5.89 -0.71 -15.10
C ASP A 120 6.11 0.65 -14.44
N MET A 121 5.05 1.43 -14.32
CA MET A 121 5.15 2.75 -13.69
C MET A 121 5.62 2.64 -12.24
N CYS A 122 5.11 1.66 -11.50
CA CYS A 122 5.59 1.43 -10.15
C CYS A 122 6.70 0.41 -10.12
N HIS A 123 7.92 0.92 -10.00
CA HIS A 123 9.09 0.08 -9.84
C HIS A 123 9.01 -0.65 -8.51
N SER A 124 9.01 0.12 -7.44
CA SER A 124 8.88 -0.43 -6.11
C SER A 124 8.74 0.66 -5.05
N LEU A 125 7.90 1.66 -5.31
CA LEU A 125 7.59 2.63 -4.26
C LEU A 125 6.97 1.87 -3.11
N GLY A 126 7.56 2.01 -1.94
CA GLY A 126 7.17 1.17 -0.84
C GLY A 126 6.56 1.94 0.30
N LEU A 127 6.06 1.19 1.25
CA LEU A 127 5.47 1.76 2.45
C LEU A 127 6.06 1.06 3.67
N THR A 128 6.27 1.80 4.73
CA THR A 128 6.90 1.24 5.90
C THR A 128 6.39 1.92 7.17
N CYS A 129 5.51 1.21 7.88
CA CYS A 129 4.73 1.77 9.00
C CYS A 129 5.59 2.57 9.95
N LEU A 130 5.29 3.86 9.95
CA LEU A 130 5.95 4.86 10.76
C LEU A 130 7.30 5.23 10.12
N GLU A 131 8.25 4.33 10.20
CA GLU A 131 9.58 4.55 9.66
C GLU A 131 9.99 3.39 8.77
N ARG A 22 -16.55 2.62 2.08
CA ARG A 22 -16.79 1.17 2.31
C ARG A 22 -15.49 0.38 2.16
N LEU A 23 -14.65 0.81 1.22
CA LEU A 23 -13.37 0.16 0.98
C LEU A 23 -12.30 1.21 0.79
N SER A 24 -11.70 1.64 1.89
CA SER A 24 -10.69 2.69 1.85
C SER A 24 -9.59 2.38 2.86
N TRP A 25 -8.36 2.73 2.52
CA TRP A 25 -7.21 2.39 3.38
C TRP A 25 -7.09 3.33 4.59
N TYR A 26 -8.09 4.18 4.78
CA TYR A 26 -8.17 5.01 5.97
C TYR A 26 -9.44 4.68 6.74
N ASP A 27 -10.03 3.54 6.39
CA ASP A 27 -11.26 3.09 7.00
C ASP A 27 -10.94 2.12 8.15
N PRO A 28 -11.53 2.35 9.33
CA PRO A 28 -11.26 1.53 10.52
C PRO A 28 -11.83 0.11 10.43
N ASP A 29 -12.61 -0.15 9.38
CA ASP A 29 -13.19 -1.47 9.19
C ASP A 29 -12.56 -2.17 7.98
N PHE A 30 -11.61 -1.50 7.36
CA PHE A 30 -10.92 -2.04 6.20
C PHE A 30 -9.59 -2.65 6.63
N GLN A 31 -9.29 -3.85 6.14
CA GLN A 31 -8.02 -4.48 6.47
C GLN A 31 -6.94 -4.08 5.49
N ALA A 32 -5.94 -3.39 6.00
CA ALA A 32 -4.77 -3.02 5.22
C ALA A 32 -3.51 -3.31 6.02
N ARG A 33 -2.40 -3.51 5.33
CA ARG A 33 -1.16 -3.91 5.98
C ARG A 33 0.00 -3.91 4.99
N LEU A 34 1.14 -4.34 5.48
CA LEU A 34 2.30 -4.55 4.65
C LEU A 34 2.40 -6.02 4.29
N THR A 35 3.07 -6.30 3.20
CA THR A 35 3.30 -7.66 2.76
C THR A 35 4.29 -8.35 3.70
N ARG A 36 4.42 -9.67 3.58
CA ARG A 36 5.30 -10.44 4.44
C ARG A 36 6.77 -10.03 4.24
N SER A 37 7.21 -9.10 5.06
CA SER A 37 8.58 -8.61 4.99
C SER A 37 9.27 -8.88 6.31
N ASN A 38 8.63 -9.74 7.12
CA ASN A 38 9.10 -10.11 8.46
C ASN A 38 8.88 -8.96 9.44
N SER A 39 9.23 -7.76 9.03
CA SER A 39 8.90 -6.56 9.78
C SER A 39 7.45 -6.18 9.52
N LYS A 40 6.65 -6.17 10.58
CA LYS A 40 5.24 -5.86 10.44
C LYS A 40 5.02 -4.34 10.38
N CYS A 41 6.11 -3.59 10.44
CA CYS A 41 6.03 -2.14 10.28
C CYS A 41 6.90 -1.71 9.10
N GLN A 42 7.22 -2.67 8.22
CA GLN A 42 7.94 -2.39 6.97
C GLN A 42 7.39 -3.30 5.86
N GLY A 43 7.26 -2.80 4.64
CA GLY A 43 6.87 -3.69 3.56
C GLY A 43 6.03 -3.01 2.49
N GLN A 44 5.68 -3.78 1.46
CA GLN A 44 4.82 -3.30 0.39
C GLN A 44 3.38 -3.23 0.89
N LEU A 45 2.54 -2.45 0.21
CA LEU A 45 1.16 -2.30 0.64
C LEU A 45 0.31 -3.49 0.19
N GLU A 46 -0.23 -4.19 1.17
CA GLU A 46 -1.12 -5.32 0.96
C GLU A 46 -2.50 -4.98 1.54
N VAL A 47 -3.51 -4.90 0.69
CA VAL A 47 -4.84 -4.49 1.13
C VAL A 47 -5.90 -5.49 0.72
N TYR A 48 -6.86 -5.71 1.62
CA TYR A 48 -7.90 -6.70 1.38
C TYR A 48 -9.13 -6.04 0.77
N LEU A 49 -9.30 -6.17 -0.55
CA LEU A 49 -10.45 -5.61 -1.22
C LEU A 49 -10.96 -6.55 -2.28
N LYS A 50 -12.28 -6.53 -2.48
CA LYS A 50 -12.97 -7.48 -3.35
C LYS A 50 -12.97 -8.86 -2.72
N ASP A 51 -11.81 -9.27 -2.22
CA ASP A 51 -11.58 -10.61 -1.66
C ASP A 51 -10.08 -10.91 -1.69
N GLY A 52 -9.38 -10.19 -2.55
CA GLY A 52 -7.96 -10.38 -2.69
C GLY A 52 -7.16 -9.51 -1.76
N TRP A 53 -6.27 -10.13 -1.00
CA TRP A 53 -5.20 -9.40 -0.36
C TRP A 53 -4.27 -8.92 -1.46
N HIS A 54 -4.68 -7.84 -2.09
CA HIS A 54 -4.05 -7.37 -3.30
C HIS A 54 -2.78 -6.60 -2.96
N MET A 55 -1.64 -7.18 -3.28
CA MET A 55 -0.38 -6.47 -3.16
C MET A 55 -0.31 -5.39 -4.23
N VAL A 56 -0.22 -4.14 -3.82
CA VAL A 56 -0.18 -3.04 -4.78
C VAL A 56 1.26 -2.58 -5.00
N CYS A 57 1.45 -1.62 -5.89
CA CYS A 57 2.79 -1.12 -6.16
C CYS A 57 3.10 0.05 -5.22
N SER A 58 2.21 0.23 -4.22
CA SER A 58 2.31 1.29 -3.21
C SER A 58 1.81 2.63 -3.73
N GLN A 59 2.39 3.13 -4.82
CA GLN A 59 2.00 4.43 -5.34
C GLN A 59 0.87 4.30 -6.36
N SER A 60 0.12 3.22 -6.24
CA SER A 60 -1.09 3.01 -7.04
C SER A 60 -2.14 4.06 -6.67
N TRP A 61 -3.22 4.14 -7.46
CA TRP A 61 -4.27 5.15 -7.26
C TRP A 61 -3.75 6.54 -7.60
N GLY A 62 -3.07 7.16 -6.66
CA GLY A 62 -2.55 8.49 -6.87
C GLY A 62 -1.59 8.91 -5.79
N ARG A 63 -0.41 8.30 -5.77
CA ARG A 63 0.63 8.71 -4.84
C ARG A 63 1.78 9.35 -5.60
N SER A 64 2.45 10.30 -4.96
CA SER A 64 3.61 10.92 -5.56
C SER A 64 4.87 10.15 -5.17
N SER A 65 5.65 9.75 -6.17
CA SER A 65 6.88 9.03 -5.93
C SER A 65 7.97 9.95 -5.38
N LYS A 66 7.90 10.19 -4.08
CA LYS A 66 8.80 11.08 -3.40
C LYS A 66 9.06 10.54 -1.99
N GLN A 67 10.22 10.84 -1.42
CA GLN A 67 10.54 10.40 -0.07
C GLN A 67 9.65 11.14 0.94
N TRP A 68 8.92 10.36 1.73
CA TRP A 68 7.95 10.90 2.67
C TRP A 68 6.85 11.68 1.95
N GLU A 69 6.92 13.01 2.03
CA GLU A 69 5.88 13.90 1.47
C GLU A 69 4.52 13.62 2.11
N ASP A 70 3.85 12.57 1.64
CA ASP A 70 2.60 12.12 2.24
C ASP A 70 2.78 10.70 2.77
N PRO A 71 3.30 10.56 3.98
CA PRO A 71 3.51 9.26 4.62
C PRO A 71 2.33 8.85 5.50
N SER A 72 1.22 9.56 5.32
CA SER A 72 0.07 9.38 6.17
C SER A 72 -1.06 8.61 5.47
N GLN A 73 -2.30 9.07 5.68
CA GLN A 73 -3.51 8.47 5.11
C GLN A 73 -3.86 7.15 5.79
N ALA A 74 -2.96 6.18 5.75
CA ALA A 74 -3.20 4.85 6.30
C ALA A 74 -2.81 4.76 7.78
N SER A 75 -2.98 5.88 8.48
CA SER A 75 -2.59 5.98 9.88
C SER A 75 -3.28 4.88 10.70
N LYS A 76 -4.57 4.71 10.46
CA LYS A 76 -5.37 3.76 11.21
C LYS A 76 -4.88 2.33 11.02
N VAL A 77 -4.38 1.99 9.83
CA VAL A 77 -4.00 0.62 9.54
C VAL A 77 -2.71 0.23 10.25
N CYS A 78 -1.71 1.11 10.28
CA CYS A 78 -0.46 0.80 10.99
C CYS A 78 -0.67 0.94 12.48
N GLN A 79 -1.57 1.83 12.88
CA GLN A 79 -1.94 1.94 14.29
C GLN A 79 -2.59 0.65 14.74
N ARG A 80 -3.39 0.06 13.86
CA ARG A 80 -4.00 -1.24 14.11
C ARG A 80 -2.94 -2.32 14.19
N LEU A 81 -1.85 -2.12 13.47
CA LEU A 81 -0.74 -3.08 13.43
C LEU A 81 0.30 -2.74 14.49
N ASN A 82 -0.12 -1.99 15.51
CA ASN A 82 0.72 -1.53 16.64
C ASN A 82 2.09 -0.99 16.19
N CYS A 83 2.13 -0.43 14.99
CA CYS A 83 3.36 0.15 14.45
C CYS A 83 3.32 1.67 14.54
N GLY A 84 2.29 2.20 15.19
CA GLY A 84 2.19 3.62 15.42
C GLY A 84 1.56 4.36 14.27
N ASP A 85 2.31 5.30 13.71
CA ASP A 85 1.84 6.11 12.59
C ASP A 85 1.95 5.29 11.31
N PRO A 86 1.38 5.76 10.18
CA PRO A 86 1.38 4.98 8.95
C PRO A 86 2.71 4.95 8.25
N LEU A 87 2.86 3.86 7.53
CA LEU A 87 3.93 3.64 6.60
C LEU A 87 4.31 4.91 5.84
N SER A 88 5.47 5.41 6.19
CA SER A 88 6.09 6.49 5.45
C SER A 88 6.53 6.00 4.08
N LEU A 89 6.58 6.91 3.13
CA LEU A 89 6.88 6.56 1.74
C LEU A 89 8.37 6.63 1.45
N GLY A 90 8.87 5.58 0.82
CA GLY A 90 10.26 5.54 0.42
C GLY A 90 10.49 4.40 -0.55
N PRO A 91 11.08 4.67 -1.74
CA PRO A 91 11.24 3.66 -2.79
C PRO A 91 11.99 2.43 -2.31
N PHE A 92 11.37 1.27 -2.47
CA PHE A 92 11.88 0.03 -1.93
C PHE A 92 12.14 -0.97 -3.06
N LEU A 93 12.42 -2.21 -2.69
CA LEU A 93 12.73 -3.25 -3.66
C LEU A 93 11.47 -3.70 -4.41
N LYS A 94 11.63 -4.02 -5.68
CA LYS A 94 10.56 -4.60 -6.48
C LYS A 94 10.38 -6.07 -6.11
N THR A 95 9.39 -6.34 -5.26
CA THR A 95 9.13 -7.70 -4.82
C THR A 95 7.74 -8.15 -5.28
N TYR A 96 7.11 -7.36 -6.14
CA TYR A 96 5.77 -7.68 -6.62
C TYR A 96 5.81 -8.34 -8.00
N THR A 97 4.64 -8.78 -8.45
CA THR A 97 4.53 -9.56 -9.68
C THR A 97 3.18 -9.27 -10.36
N PRO A 98 3.17 -9.12 -11.69
CA PRO A 98 1.96 -8.75 -12.45
C PRO A 98 0.94 -9.88 -12.53
N GLN A 99 1.13 -10.89 -11.71
CA GLN A 99 0.21 -12.02 -11.65
C GLN A 99 -0.74 -11.89 -10.47
N SER A 100 -0.17 -11.89 -9.26
CA SER A 100 -0.96 -11.79 -8.05
C SER A 100 -0.93 -10.37 -7.48
N SER A 101 0.02 -9.57 -7.95
CA SER A 101 0.14 -8.19 -7.49
C SER A 101 -0.43 -7.26 -8.57
N ILE A 102 -0.93 -6.12 -8.16
CA ILE A 102 -1.64 -5.23 -9.05
C ILE A 102 -1.23 -3.77 -8.85
N ILE A 103 -1.66 -2.93 -9.77
CA ILE A 103 -1.48 -1.48 -9.66
C ILE A 103 -2.83 -0.82 -9.91
N CYS A 104 -3.45 -0.31 -8.85
CA CYS A 104 -4.78 0.24 -8.98
C CYS A 104 -4.71 1.71 -9.35
N TYR A 105 -5.86 2.29 -9.68
CA TYR A 105 -5.93 3.69 -10.04
C TYR A 105 -7.23 4.28 -9.51
N GLY A 106 -7.40 5.58 -9.68
CA GLY A 106 -8.60 6.24 -9.20
C GLY A 106 -8.30 7.28 -8.16
N GLN A 107 -9.28 7.61 -7.34
CA GLN A 107 -9.09 8.62 -6.30
C GLN A 107 -8.41 7.99 -5.09
N LEU A 108 -7.34 8.62 -4.64
CA LEU A 108 -6.58 8.14 -3.50
C LEU A 108 -7.47 7.93 -2.29
N GLY A 109 -7.62 6.68 -1.91
CA GLY A 109 -8.45 6.34 -0.78
C GLY A 109 -9.49 5.32 -1.13
N SER A 110 -10.07 5.45 -2.31
CA SER A 110 -11.14 4.57 -2.75
C SER A 110 -10.58 3.30 -3.38
N PHE A 111 -10.56 2.23 -2.61
CA PHE A 111 -10.01 0.95 -3.05
C PHE A 111 -11.10 0.08 -3.66
N SER A 112 -11.91 0.69 -4.51
CA SER A 112 -13.04 0.01 -5.12
C SER A 112 -12.69 -0.58 -6.49
N ASN A 113 -11.52 -0.24 -7.01
CA ASN A 113 -11.11 -0.70 -8.33
C ASN A 113 -9.60 -0.69 -8.50
N CYS A 114 -9.06 -1.79 -8.99
CA CYS A 114 -7.64 -1.89 -9.29
C CYS A 114 -7.41 -2.29 -10.75
N SER A 115 -6.15 -2.39 -11.14
CA SER A 115 -5.77 -2.85 -12.47
C SER A 115 -4.56 -3.76 -12.36
N HIS A 116 -4.34 -4.59 -13.36
CA HIS A 116 -3.19 -5.49 -13.37
C HIS A 116 -1.93 -4.77 -13.78
N SER A 117 -0.82 -5.11 -13.14
CA SER A 117 0.46 -4.50 -13.46
C SER A 117 0.84 -4.80 -14.91
N ARG A 118 0.92 -3.77 -15.73
CA ARG A 118 1.35 -3.92 -17.11
C ARG A 118 2.80 -3.48 -17.25
N ASN A 119 3.42 -3.22 -16.11
CA ASN A 119 4.79 -2.76 -16.07
C ASN A 119 5.65 -3.71 -15.26
N ASP A 120 6.95 -3.50 -15.27
CA ASP A 120 7.89 -4.33 -14.52
C ASP A 120 7.94 -3.83 -13.08
N MET A 121 7.90 -2.52 -12.94
CA MET A 121 7.90 -1.87 -11.64
C MET A 121 7.31 -0.47 -11.76
N CYS A 122 6.56 -0.04 -10.75
CA CYS A 122 5.91 1.26 -10.81
C CYS A 122 6.79 2.30 -10.12
N HIS A 123 8.11 2.03 -10.12
CA HIS A 123 9.14 2.74 -9.32
C HIS A 123 9.34 2.02 -7.99
N SER A 124 8.50 1.01 -7.76
CA SER A 124 8.49 0.24 -6.52
C SER A 124 8.58 1.12 -5.29
N LEU A 125 7.73 2.14 -5.23
CA LEU A 125 7.63 2.97 -4.03
C LEU A 125 7.30 2.07 -2.85
N GLY A 126 7.92 2.33 -1.72
CA GLY A 126 7.74 1.46 -0.58
C GLY A 126 7.00 2.15 0.53
N LEU A 127 6.75 1.40 1.59
CA LEU A 127 6.00 1.88 2.73
C LEU A 127 6.59 1.26 3.99
N THR A 128 6.54 1.98 5.08
CA THR A 128 7.10 1.50 6.32
C THR A 128 6.41 2.19 7.50
N CYS A 129 5.52 1.45 8.18
CA CYS A 129 4.61 2.01 9.18
C CYS A 129 5.33 2.91 10.17
N LEU A 130 5.09 4.20 9.99
CA LEU A 130 5.71 5.27 10.74
C LEU A 130 7.18 5.40 10.38
N GLU A 131 7.99 4.47 10.87
CA GLU A 131 9.43 4.47 10.62
C GLU A 131 10.04 3.15 11.07
N ARG A 22 -16.07 2.42 3.33
CA ARG A 22 -16.30 1.04 2.83
C ARG A 22 -14.97 0.37 2.48
N LEU A 23 -14.25 0.97 1.54
CA LEU A 23 -12.99 0.44 1.07
C LEU A 23 -11.98 1.57 0.93
N SER A 24 -11.37 1.93 2.03
CA SER A 24 -10.37 2.98 2.05
C SER A 24 -9.30 2.65 3.09
N TRP A 25 -8.06 3.03 2.85
CA TRP A 25 -6.95 2.62 3.72
C TRP A 25 -6.89 3.43 5.02
N TYR A 26 -7.97 4.14 5.32
CA TYR A 26 -8.09 4.80 6.60
C TYR A 26 -9.40 4.40 7.27
N ASP A 27 -10.08 3.42 6.66
CA ASP A 27 -11.36 2.95 7.13
C ASP A 27 -11.17 2.04 8.34
N PRO A 28 -11.88 2.31 9.44
CA PRO A 28 -11.71 1.58 10.71
C PRO A 28 -11.99 0.09 10.60
N ASP A 29 -12.74 -0.33 9.60
CA ASP A 29 -13.06 -1.74 9.43
C ASP A 29 -12.37 -2.31 8.21
N PHE A 30 -11.54 -1.50 7.57
CA PHE A 30 -10.77 -1.94 6.43
C PHE A 30 -9.52 -2.67 6.92
N GLN A 31 -9.10 -3.68 6.18
CA GLN A 31 -7.93 -4.45 6.58
C GLN A 31 -6.79 -4.21 5.62
N ALA A 32 -5.71 -3.61 6.13
CA ALA A 32 -4.56 -3.27 5.31
C ALA A 32 -3.28 -3.65 6.02
N ARG A 33 -2.21 -3.85 5.26
CA ARG A 33 -0.93 -4.29 5.81
C ARG A 33 0.16 -4.24 4.76
N LEU A 34 1.33 -4.70 5.14
CA LEU A 34 2.44 -4.81 4.22
C LEU A 34 2.58 -6.27 3.78
N THR A 35 3.31 -6.48 2.70
CA THR A 35 3.51 -7.81 2.18
C THR A 35 4.58 -8.56 2.97
N ARG A 36 4.94 -9.76 2.50
CA ARG A 36 5.87 -10.61 3.23
C ARG A 36 7.32 -10.13 3.11
N SER A 37 7.54 -8.88 3.49
CA SER A 37 8.87 -8.30 3.51
C SER A 37 9.56 -8.59 4.84
N ASN A 38 8.91 -9.45 5.63
CA ASN A 38 9.39 -9.89 6.95
C ASN A 38 9.16 -8.83 8.02
N SER A 39 9.58 -7.60 7.75
CA SER A 39 9.29 -6.50 8.65
C SER A 39 7.80 -6.20 8.65
N LYS A 40 7.17 -6.34 9.80
CA LYS A 40 5.72 -6.20 9.88
C LYS A 40 5.31 -4.74 9.89
N CYS A 41 6.28 -3.86 10.04
CA CYS A 41 6.01 -2.43 9.98
C CYS A 41 6.88 -1.77 8.90
N GLN A 42 7.43 -2.60 7.99
CA GLN A 42 8.17 -2.11 6.82
C GLN A 42 7.93 -3.05 5.64
N GLY A 43 7.47 -2.52 4.51
CA GLY A 43 7.17 -3.37 3.37
C GLY A 43 6.35 -2.65 2.32
N GLN A 44 6.05 -3.34 1.22
CA GLN A 44 5.15 -2.79 0.22
C GLN A 44 3.71 -3.13 0.58
N LEU A 45 2.77 -2.34 0.07
CA LEU A 45 1.39 -2.38 0.54
C LEU A 45 0.61 -3.59 0.02
N GLU A 46 -0.18 -4.17 0.91
CA GLU A 46 -1.09 -5.25 0.61
C GLU A 46 -2.41 -4.99 1.34
N VAL A 47 -3.49 -4.83 0.58
CA VAL A 47 -4.76 -4.44 1.18
C VAL A 47 -5.88 -5.39 0.78
N TYR A 48 -6.74 -5.72 1.73
CA TYR A 48 -7.86 -6.60 1.47
C TYR A 48 -9.07 -5.81 0.98
N LEU A 49 -9.33 -5.88 -0.33
CA LEU A 49 -10.47 -5.20 -0.91
C LEU A 49 -10.97 -5.92 -2.13
N LYS A 50 -12.24 -5.70 -2.45
CA LYS A 50 -12.91 -6.35 -3.58
C LYS A 50 -13.14 -7.82 -3.28
N ASP A 51 -12.12 -8.47 -2.71
CA ASP A 51 -12.13 -9.91 -2.44
C ASP A 51 -10.72 -10.39 -2.13
N GLY A 52 -9.74 -9.73 -2.72
CA GLY A 52 -8.37 -10.19 -2.62
C GLY A 52 -7.55 -9.39 -1.65
N TRP A 53 -6.71 -10.09 -0.90
CA TRP A 53 -5.57 -9.46 -0.26
C TRP A 53 -4.64 -8.98 -1.34
N HIS A 54 -4.99 -7.85 -1.92
CA HIS A 54 -4.37 -7.40 -3.14
C HIS A 54 -3.02 -6.78 -2.86
N MET A 55 -1.97 -7.46 -3.30
CA MET A 55 -0.63 -6.90 -3.21
C MET A 55 -0.50 -5.77 -4.23
N VAL A 56 -0.36 -4.55 -3.75
CA VAL A 56 -0.31 -3.40 -4.64
C VAL A 56 1.14 -2.99 -4.87
N CYS A 57 1.34 -2.03 -5.78
CA CYS A 57 2.70 -1.56 -6.05
C CYS A 57 3.01 -0.42 -5.07
N SER A 58 2.11 -0.24 -4.09
CA SER A 58 2.21 0.76 -3.02
C SER A 58 1.80 2.15 -3.49
N GLN A 59 2.40 2.66 -4.56
CA GLN A 59 2.09 4.02 -5.02
C GLN A 59 0.88 4.01 -5.96
N SER A 60 0.04 3.00 -5.83
CA SER A 60 -1.20 2.92 -6.57
C SER A 60 -2.16 4.02 -6.07
N TRP A 61 -3.26 4.23 -6.81
CA TRP A 61 -4.27 5.23 -6.44
C TRP A 61 -3.75 6.66 -6.59
N GLY A 62 -3.04 7.15 -5.58
CA GLY A 62 -2.64 8.55 -5.57
C GLY A 62 -1.37 8.82 -4.80
N ARG A 63 -0.37 7.98 -4.99
CA ARG A 63 0.97 8.24 -4.46
C ARG A 63 1.89 8.68 -5.59
N SER A 64 2.74 9.65 -5.30
CA SER A 64 3.63 10.20 -6.30
C SER A 64 4.99 9.52 -6.25
N SER A 65 5.67 9.48 -7.41
CA SER A 65 7.02 8.95 -7.48
C SER A 65 8.01 10.02 -7.00
N LYS A 66 8.09 10.18 -5.68
CA LYS A 66 8.88 11.25 -5.08
C LYS A 66 9.16 10.94 -3.62
N GLN A 67 10.33 11.35 -3.14
CA GLN A 67 10.66 11.18 -1.73
C GLN A 67 9.92 12.21 -0.89
N TRP A 68 8.94 11.73 -0.12
CA TRP A 68 8.13 12.55 0.78
C TRP A 68 7.16 13.44 0.01
N GLU A 69 5.95 13.53 0.55
CA GLU A 69 4.87 14.30 -0.05
C GLU A 69 3.65 14.19 0.85
N ASP A 70 3.34 12.96 1.25
CA ASP A 70 2.25 12.68 2.18
C ASP A 70 2.30 11.23 2.64
N PRO A 71 2.95 10.97 3.78
CA PRO A 71 3.08 9.63 4.35
C PRO A 71 2.04 9.33 5.42
N SER A 72 0.86 9.92 5.29
CA SER A 72 -0.16 9.80 6.32
C SER A 72 -1.35 8.96 5.83
N GLN A 73 -2.54 9.34 6.28
CA GLN A 73 -3.81 8.71 5.90
C GLN A 73 -4.02 7.35 6.56
N ALA A 74 -3.13 6.41 6.28
CA ALA A 74 -3.30 5.02 6.74
C ALA A 74 -2.94 4.84 8.22
N SER A 75 -3.14 5.90 9.00
CA SER A 75 -2.80 5.90 10.42
C SER A 75 -3.53 4.77 11.15
N LYS A 76 -4.76 4.53 10.73
CA LYS A 76 -5.60 3.51 11.36
C LYS A 76 -5.07 2.11 11.11
N VAL A 77 -4.56 1.84 9.91
CA VAL A 77 -4.18 0.48 9.56
C VAL A 77 -2.88 0.06 10.25
N CYS A 78 -1.89 0.93 10.32
CA CYS A 78 -0.66 0.58 11.03
C CYS A 78 -0.90 0.61 12.54
N GLN A 79 -1.87 1.40 12.97
CA GLN A 79 -2.30 1.37 14.37
C GLN A 79 -2.95 0.03 14.67
N ARG A 80 -3.69 -0.49 13.69
CA ARG A 80 -4.30 -1.81 13.77
C ARG A 80 -3.23 -2.89 13.78
N LEU A 81 -2.05 -2.54 13.26
CA LEU A 81 -0.91 -3.45 13.23
C LEU A 81 0.05 -3.14 14.37
N ASN A 82 -0.40 -2.28 15.30
CA ASN A 82 0.42 -1.80 16.43
C ASN A 82 1.84 -1.41 16.01
N CYS A 83 1.96 -0.83 14.82
CA CYS A 83 3.23 -0.33 14.33
C CYS A 83 3.32 1.17 14.53
N GLY A 84 2.21 1.77 14.96
CA GLY A 84 2.18 3.21 15.22
C GLY A 84 1.43 3.97 14.16
N ASP A 85 2.04 5.05 13.68
CA ASP A 85 1.46 5.88 12.63
C ASP A 85 1.67 5.19 11.28
N PRO A 86 1.09 5.71 10.18
CA PRO A 86 1.15 4.99 8.91
C PRO A 86 2.50 4.98 8.26
N LEU A 87 2.70 3.91 7.55
CA LEU A 87 3.79 3.71 6.65
C LEU A 87 4.17 4.98 5.91
N SER A 88 5.35 5.44 6.25
CA SER A 88 5.99 6.53 5.55
C SER A 88 6.39 6.10 4.14
N LEU A 89 6.63 7.06 3.25
CA LEU A 89 6.85 6.77 1.85
C LEU A 89 8.31 6.88 1.45
N GLY A 90 8.79 5.84 0.78
CA GLY A 90 10.14 5.82 0.26
C GLY A 90 10.39 4.55 -0.51
N PRO A 91 10.91 4.62 -1.76
CA PRO A 91 11.02 3.46 -2.66
C PRO A 91 11.72 2.27 -2.02
N PHE A 92 11.11 1.10 -2.17
CA PHE A 92 11.56 -0.11 -1.48
C PHE A 92 11.73 -1.26 -2.48
N LEU A 93 12.33 -2.35 -2.02
CA LEU A 93 12.55 -3.51 -2.86
C LEU A 93 11.23 -4.12 -3.32
N LYS A 94 11.18 -4.53 -4.58
CA LYS A 94 9.98 -5.11 -5.15
C LYS A 94 9.68 -6.46 -4.51
N THR A 95 8.60 -6.51 -3.75
CA THR A 95 8.18 -7.74 -3.10
C THR A 95 7.07 -8.43 -3.91
N TYR A 96 6.54 -7.71 -4.90
CA TYR A 96 5.43 -8.21 -5.70
C TYR A 96 5.89 -8.74 -7.06
N THR A 97 4.92 -9.14 -7.88
CA THR A 97 5.19 -9.66 -9.21
C THR A 97 4.03 -9.29 -10.15
N PRO A 98 4.34 -8.79 -11.36
CA PRO A 98 3.34 -8.29 -12.32
C PRO A 98 2.49 -9.39 -12.92
N GLN A 99 2.58 -10.55 -12.32
CA GLN A 99 1.77 -11.69 -12.73
C GLN A 99 0.42 -11.64 -12.02
N SER A 100 0.47 -11.49 -10.70
CA SER A 100 -0.73 -11.49 -9.89
C SER A 100 -0.87 -10.23 -9.06
N SER A 101 0.20 -9.43 -8.99
CA SER A 101 0.15 -8.18 -8.24
C SER A 101 -0.61 -7.15 -9.04
N ILE A 102 -1.18 -6.16 -8.35
CA ILE A 102 -2.01 -5.18 -9.01
C ILE A 102 -1.57 -3.76 -8.68
N ILE A 103 -1.87 -2.86 -9.59
CA ILE A 103 -1.65 -1.44 -9.40
C ILE A 103 -2.99 -0.75 -9.55
N CYS A 104 -3.58 -0.30 -8.46
CA CYS A 104 -4.90 0.30 -8.52
C CYS A 104 -4.77 1.78 -8.88
N TYR A 105 -5.86 2.37 -9.30
CA TYR A 105 -5.85 3.77 -9.69
C TYR A 105 -7.11 4.46 -9.17
N GLY A 106 -7.28 5.71 -9.54
CA GLY A 106 -8.39 6.50 -9.05
C GLY A 106 -7.90 7.65 -8.21
N GLN A 107 -8.57 7.89 -7.11
CA GLN A 107 -8.16 8.92 -6.18
C GLN A 107 -7.72 8.28 -4.86
N LEU A 108 -6.81 8.95 -4.16
CA LEU A 108 -6.29 8.43 -2.90
C LEU A 108 -7.41 8.16 -1.91
N GLY A 109 -7.63 6.88 -1.61
CA GLY A 109 -8.62 6.52 -0.62
C GLY A 109 -9.65 5.56 -1.18
N SER A 110 -9.97 5.71 -2.46
CA SER A 110 -11.03 4.91 -3.06
C SER A 110 -10.50 3.54 -3.52
N PHE A 111 -10.59 2.57 -2.62
CA PHE A 111 -10.14 1.21 -2.91
C PHE A 111 -11.28 0.38 -3.52
N SER A 112 -12.02 1.00 -4.42
CA SER A 112 -13.18 0.35 -5.01
C SER A 112 -12.83 -0.31 -6.35
N ASN A 113 -11.64 -0.03 -6.88
CA ASN A 113 -11.24 -0.60 -8.17
C ASN A 113 -9.72 -0.60 -8.33
N CYS A 114 -9.20 -1.57 -9.09
CA CYS A 114 -7.77 -1.68 -9.35
C CYS A 114 -7.51 -2.16 -10.79
N SER A 115 -6.26 -2.49 -11.07
CA SER A 115 -5.86 -3.06 -12.34
C SER A 115 -4.61 -3.92 -12.11
N HIS A 116 -4.31 -4.85 -13.02
CA HIS A 116 -3.12 -5.69 -12.87
C HIS A 116 -1.85 -4.88 -13.07
N SER A 117 -0.77 -5.30 -12.42
CA SER A 117 0.52 -4.66 -12.59
C SER A 117 1.01 -4.87 -14.02
N ARG A 118 1.54 -3.82 -14.62
CA ARG A 118 1.94 -3.88 -16.02
C ARG A 118 3.45 -4.01 -16.14
N ASN A 119 4.17 -3.08 -15.51
CA ASN A 119 5.62 -3.12 -15.51
C ASN A 119 6.12 -4.06 -14.44
N ASP A 120 7.40 -4.40 -14.49
CA ASP A 120 8.01 -5.30 -13.51
C ASP A 120 8.06 -4.64 -12.14
N MET A 121 8.10 -3.32 -12.15
CA MET A 121 8.07 -2.53 -10.95
C MET A 121 7.50 -1.15 -11.25
N CYS A 122 6.56 -0.69 -10.43
CA CYS A 122 5.91 0.59 -10.65
C CYS A 122 6.78 1.71 -10.06
N HIS A 123 8.09 1.43 -10.00
CA HIS A 123 9.08 2.16 -9.17
C HIS A 123 9.16 1.52 -7.80
N SER A 124 8.09 0.82 -7.44
CA SER A 124 7.98 0.14 -6.16
C SER A 124 8.21 1.11 -5.01
N LEU A 125 7.42 2.18 -4.97
CA LEU A 125 7.44 3.08 -3.83
C LEU A 125 7.19 2.27 -2.58
N GLY A 126 7.92 2.56 -1.53
CA GLY A 126 7.83 1.74 -0.35
C GLY A 126 7.04 2.40 0.74
N LEU A 127 6.73 1.62 1.75
CA LEU A 127 5.93 2.05 2.86
C LEU A 127 6.51 1.45 4.13
N THR A 128 6.43 2.18 5.21
CA THR A 128 7.02 1.75 6.46
C THR A 128 6.25 2.37 7.63
N CYS A 129 5.39 1.56 8.26
CA CYS A 129 4.42 2.06 9.25
C CYS A 129 5.08 2.96 10.28
N LEU A 130 4.90 4.25 10.03
CA LEU A 130 5.49 5.32 10.77
C LEU A 130 7.01 5.35 10.59
N GLU A 131 7.71 4.47 11.27
CA GLU A 131 9.15 4.44 11.25
C GLU A 131 9.67 3.00 11.15
N ARG A 22 -16.30 1.83 2.14
CA ARG A 22 -16.74 1.42 0.78
C ARG A 22 -15.64 0.63 0.09
N LEU A 23 -14.83 -0.07 0.90
CA LEU A 23 -13.57 -0.66 0.43
C LEU A 23 -12.53 0.45 0.27
N SER A 24 -11.96 0.82 1.40
CA SER A 24 -10.95 1.88 1.45
C SER A 24 -9.94 1.53 2.52
N TRP A 25 -8.72 2.05 2.46
CA TRP A 25 -7.75 1.72 3.51
C TRP A 25 -8.04 2.51 4.78
N TYR A 26 -9.12 3.27 4.77
CA TYR A 26 -9.62 3.92 5.97
C TYR A 26 -11.03 3.40 6.29
N ASP A 27 -11.32 2.20 5.77
CA ASP A 27 -12.58 1.52 6.04
C ASP A 27 -12.46 0.77 7.36
N PRO A 28 -13.46 0.88 8.25
CA PRO A 28 -13.39 0.30 9.59
C PRO A 28 -13.22 -1.22 9.58
N ASP A 29 -13.78 -1.87 8.57
CA ASP A 29 -13.74 -3.33 8.50
C ASP A 29 -12.65 -3.79 7.56
N PHE A 30 -11.94 -2.84 6.98
CA PHE A 30 -10.89 -3.15 6.02
C PHE A 30 -9.66 -3.68 6.73
N GLN A 31 -9.04 -4.70 6.16
CA GLN A 31 -7.84 -5.29 6.73
C GLN A 31 -6.65 -5.01 5.82
N ALA A 32 -5.67 -4.27 6.32
CA ALA A 32 -4.52 -3.88 5.53
C ALA A 32 -3.25 -3.91 6.37
N ARG A 33 -2.14 -4.29 5.74
CA ARG A 33 -0.85 -4.35 6.41
C ARG A 33 0.24 -4.72 5.42
N LEU A 34 1.46 -4.81 5.90
CA LEU A 34 2.59 -5.20 5.06
C LEU A 34 2.90 -6.67 5.26
N THR A 35 3.41 -7.31 4.22
CA THR A 35 3.59 -8.76 4.24
C THR A 35 4.97 -9.16 3.72
N ARG A 36 5.30 -10.45 3.88
CA ARG A 36 6.54 -11.04 3.37
C ARG A 36 7.77 -10.60 4.15
N SER A 37 7.85 -9.33 4.48
CA SER A 37 9.03 -8.77 5.14
C SER A 37 8.93 -8.92 6.66
N ASN A 38 8.00 -9.77 7.13
CA ASN A 38 7.83 -10.07 8.56
C ASN A 38 7.19 -8.90 9.32
N SER A 39 7.75 -7.72 9.15
CA SER A 39 7.21 -6.52 9.74
C SER A 39 5.86 -6.17 9.12
N LYS A 40 4.82 -6.17 9.94
CA LYS A 40 3.52 -5.74 9.50
C LYS A 40 3.55 -4.26 9.22
N CYS A 41 4.57 -3.59 9.73
CA CYS A 41 4.77 -2.17 9.50
C CYS A 41 6.09 -1.90 8.78
N GLN A 42 6.59 -2.90 8.06
CA GLN A 42 7.67 -2.70 7.08
C GLN A 42 7.62 -3.82 6.05
N GLY A 43 7.47 -3.47 4.79
CA GLY A 43 7.25 -4.48 3.77
C GLY A 43 6.26 -4.03 2.72
N GLN A 44 5.98 -4.90 1.76
CA GLN A 44 5.04 -4.59 0.69
C GLN A 44 3.61 -4.61 1.22
N LEU A 45 2.78 -3.69 0.75
CA LEU A 45 1.42 -3.54 1.26
C LEU A 45 0.46 -4.55 0.65
N GLU A 46 -0.16 -5.34 1.50
CA GLU A 46 -1.20 -6.25 1.09
C GLU A 46 -2.52 -5.81 1.70
N VAL A 47 -3.45 -5.37 0.86
CA VAL A 47 -4.72 -4.85 1.34
C VAL A 47 -5.87 -5.76 0.95
N TYR A 48 -6.67 -6.14 1.93
CA TYR A 48 -7.79 -7.04 1.71
C TYR A 48 -9.03 -6.26 1.28
N LEU A 49 -9.28 -6.23 -0.01
CA LEU A 49 -10.42 -5.49 -0.54
C LEU A 49 -11.43 -6.41 -1.20
N LYS A 50 -12.61 -6.48 -0.59
CA LYS A 50 -13.73 -7.29 -1.08
C LYS A 50 -13.44 -8.78 -0.89
N ASP A 51 -12.21 -9.17 -1.19
CA ASP A 51 -11.79 -10.58 -1.16
C ASP A 51 -10.35 -10.72 -1.64
N GLY A 52 -9.95 -9.78 -2.48
CA GLY A 52 -8.60 -9.75 -2.99
C GLY A 52 -7.61 -9.21 -1.99
N TRP A 53 -6.75 -10.09 -1.49
CA TRP A 53 -5.56 -9.64 -0.78
C TRP A 53 -4.61 -9.03 -1.79
N HIS A 54 -4.90 -7.79 -2.15
CA HIS A 54 -4.20 -7.13 -3.23
C HIS A 54 -2.90 -6.52 -2.73
N MET A 55 -1.79 -6.98 -3.25
CA MET A 55 -0.51 -6.37 -2.94
C MET A 55 -0.27 -5.18 -3.85
N VAL A 56 -0.36 -3.98 -3.30
CA VAL A 56 -0.29 -2.76 -4.11
C VAL A 56 1.15 -2.37 -4.40
N CYS A 57 1.33 -1.47 -5.35
CA CYS A 57 2.67 -0.99 -5.69
C CYS A 57 2.89 0.40 -5.09
N SER A 58 2.07 0.72 -4.09
CA SER A 58 2.23 1.93 -3.26
C SER A 58 1.81 3.21 -3.99
N GLN A 59 2.25 3.39 -5.24
CA GLN A 59 1.94 4.63 -5.97
C GLN A 59 0.59 4.53 -6.68
N SER A 60 -0.09 3.40 -6.49
CA SER A 60 -1.35 3.14 -7.15
C SER A 60 -2.40 4.22 -6.79
N TRP A 61 -3.45 4.30 -7.60
CA TRP A 61 -4.51 5.29 -7.45
C TRP A 61 -4.04 6.68 -7.90
N GLY A 62 -3.02 7.19 -7.25
CA GLY A 62 -2.49 8.49 -7.59
C GLY A 62 -1.46 8.97 -6.60
N ARG A 63 -0.34 8.25 -6.55
CA ARG A 63 0.72 8.56 -5.61
C ARG A 63 2.07 8.63 -6.33
N SER A 64 2.96 9.48 -5.83
CA SER A 64 4.30 9.60 -6.38
C SER A 64 5.16 10.45 -5.46
N SER A 65 5.98 9.80 -4.63
CA SER A 65 6.81 10.51 -3.68
C SER A 65 8.09 9.74 -3.41
N LYS A 66 9.21 10.47 -3.33
CA LYS A 66 10.47 9.86 -2.96
C LYS A 66 10.84 10.25 -1.54
N GLN A 67 10.12 9.69 -0.59
CA GLN A 67 10.35 9.93 0.84
C GLN A 67 10.24 11.43 1.19
N TRP A 68 9.26 12.10 0.60
CA TRP A 68 8.98 13.49 0.93
C TRP A 68 8.13 13.57 2.20
N GLU A 69 7.83 14.78 2.64
CA GLU A 69 6.87 14.96 3.72
C GLU A 69 5.47 14.88 3.14
N ASP A 70 5.00 13.67 2.95
CA ASP A 70 3.77 13.42 2.21
C ASP A 70 3.11 12.09 2.64
N PRO A 71 3.89 10.98 2.71
CA PRO A 71 3.40 9.69 3.22
C PRO A 71 2.47 9.81 4.44
N SER A 72 1.18 9.78 4.20
CA SER A 72 0.20 9.84 5.26
C SER A 72 -1.04 9.03 4.89
N GLN A 73 -2.21 9.48 5.38
CA GLN A 73 -3.51 8.85 5.12
C GLN A 73 -3.67 7.54 5.89
N ALA A 74 -2.79 6.58 5.67
CA ALA A 74 -2.90 5.26 6.29
C ALA A 74 -2.37 5.26 7.72
N SER A 75 -2.44 6.43 8.36
CA SER A 75 -1.95 6.60 9.72
C SER A 75 -2.68 5.67 10.67
N LYS A 76 -3.99 5.56 10.48
CA LYS A 76 -4.82 4.74 11.35
C LYS A 76 -4.53 3.26 11.14
N VAL A 77 -4.00 2.92 9.97
CA VAL A 77 -3.67 1.54 9.64
C VAL A 77 -2.47 1.06 10.47
N CYS A 78 -1.36 1.76 10.35
CA CYS A 78 -0.16 1.41 11.10
C CYS A 78 -0.37 1.65 12.59
N GLN A 79 -1.29 2.55 12.92
CA GLN A 79 -1.69 2.76 14.30
C GLN A 79 -2.36 1.50 14.85
N ARG A 80 -3.20 0.89 14.03
CA ARG A 80 -3.81 -0.40 14.38
C ARG A 80 -2.75 -1.48 14.48
N LEU A 81 -1.65 -1.27 13.77
CA LEU A 81 -0.54 -2.23 13.75
C LEU A 81 0.46 -1.89 14.84
N ASN A 82 0.04 -1.04 15.79
CA ASN A 82 0.87 -0.56 16.90
C ASN A 82 2.27 -0.16 16.44
N CYS A 83 2.34 0.47 15.27
CA CYS A 83 3.61 0.89 14.71
C CYS A 83 3.62 2.41 14.46
N GLY A 84 2.60 3.10 14.94
CA GLY A 84 2.60 4.55 14.93
C GLY A 84 2.04 5.17 13.68
N ASP A 85 2.84 6.02 13.05
CA ASP A 85 2.43 6.76 11.86
C ASP A 85 2.47 5.85 10.64
N PRO A 86 1.93 6.27 9.49
CA PRO A 86 1.83 5.39 8.34
C PRO A 86 3.12 5.18 7.61
N LEU A 87 3.19 4.00 7.06
CA LEU A 87 4.18 3.62 6.09
C LEU A 87 4.55 4.76 5.17
N SER A 88 5.79 5.17 5.33
CA SER A 88 6.43 6.10 4.43
C SER A 88 6.50 5.50 3.04
N LEU A 89 6.39 6.34 2.04
CA LEU A 89 6.39 5.89 0.66
C LEU A 89 7.72 6.14 -0.02
N GLY A 90 8.34 5.06 -0.48
CA GLY A 90 9.63 5.15 -1.13
C GLY A 90 10.01 3.83 -1.76
N PRO A 91 10.85 3.83 -2.79
CA PRO A 91 11.20 2.60 -3.52
C PRO A 91 11.98 1.61 -2.66
N PHE A 92 11.47 0.39 -2.62
CA PHE A 92 12.05 -0.68 -1.83
C PHE A 92 12.55 -1.79 -2.77
N LEU A 93 12.83 -2.97 -2.25
CA LEU A 93 13.31 -4.08 -3.07
C LEU A 93 12.15 -4.67 -3.89
N LYS A 94 12.50 -5.29 -5.01
CA LYS A 94 11.50 -5.86 -5.91
C LYS A 94 11.15 -7.28 -5.52
N THR A 95 9.91 -7.49 -5.14
CA THR A 95 9.36 -8.82 -4.92
C THR A 95 7.97 -8.88 -5.56
N TYR A 96 7.66 -7.84 -6.32
CA TYR A 96 6.35 -7.66 -6.92
C TYR A 96 6.21 -8.51 -8.17
N THR A 97 4.98 -8.68 -8.62
CA THR A 97 4.69 -9.49 -9.80
C THR A 97 3.63 -8.82 -10.67
N PRO A 98 3.78 -8.92 -12.00
CA PRO A 98 2.87 -8.29 -12.96
C PRO A 98 1.53 -9.01 -13.05
N GLN A 99 1.07 -9.54 -11.92
CA GLN A 99 -0.13 -10.34 -11.87
C GLN A 99 -0.66 -10.44 -10.43
N SER A 100 0.18 -10.90 -9.52
CA SER A 100 -0.22 -11.04 -8.12
C SER A 100 -0.20 -9.70 -7.40
N SER A 101 0.75 -8.83 -7.73
CA SER A 101 0.71 -7.48 -7.20
C SER A 101 0.03 -6.58 -8.22
N ILE A 102 -0.70 -5.60 -7.74
CA ILE A 102 -1.56 -4.81 -8.60
C ILE A 102 -1.24 -3.32 -8.56
N ILE A 103 -1.62 -2.64 -9.61
CA ILE A 103 -1.49 -1.19 -9.70
C ILE A 103 -2.88 -0.62 -9.95
N CYS A 104 -3.55 -0.18 -8.89
CA CYS A 104 -4.90 0.34 -9.01
C CYS A 104 -4.85 1.81 -9.42
N TYR A 105 -6.02 2.38 -9.75
CA TYR A 105 -6.07 3.77 -10.16
C TYR A 105 -7.30 4.45 -9.56
N GLY A 106 -7.44 5.74 -9.83
CA GLY A 106 -8.58 6.47 -9.30
C GLY A 106 -8.16 7.52 -8.29
N GLN A 107 -8.84 7.54 -7.17
CA GLN A 107 -8.50 8.45 -6.09
C GLN A 107 -7.88 7.67 -4.94
N LEU A 108 -6.87 8.25 -4.30
CA LEU A 108 -6.26 7.62 -3.15
C LEU A 108 -7.30 7.35 -2.07
N GLY A 109 -7.63 6.09 -1.85
CA GLY A 109 -8.65 5.75 -0.89
C GLY A 109 -9.76 4.89 -1.49
N SER A 110 -10.01 5.05 -2.79
CA SER A 110 -11.07 4.29 -3.44
C SER A 110 -10.56 2.93 -3.90
N PHE A 111 -10.54 1.98 -2.96
CA PHE A 111 -10.08 0.62 -3.25
C PHE A 111 -11.19 -0.20 -3.91
N SER A 112 -12.10 0.49 -4.57
CA SER A 112 -13.24 -0.14 -5.20
C SER A 112 -12.87 -0.63 -6.61
N ASN A 113 -11.68 -0.25 -7.08
CA ASN A 113 -11.21 -0.65 -8.41
C ASN A 113 -9.70 -0.88 -8.39
N CYS A 114 -9.19 -1.60 -9.38
CA CYS A 114 -7.77 -1.89 -9.47
C CYS A 114 -7.46 -2.67 -10.76
N SER A 115 -6.18 -2.86 -11.06
CA SER A 115 -5.75 -3.58 -12.24
C SER A 115 -4.39 -4.21 -12.00
N HIS A 116 -4.00 -5.19 -12.81
CA HIS A 116 -2.75 -5.91 -12.59
C HIS A 116 -1.56 -5.00 -12.82
N SER A 117 -0.42 -5.36 -12.22
CA SER A 117 0.79 -4.56 -12.32
C SER A 117 1.19 -4.31 -13.77
N ARG A 118 1.24 -3.04 -14.12
CA ARG A 118 1.62 -2.61 -15.45
C ARG A 118 3.13 -2.30 -15.47
N ASN A 119 3.76 -2.42 -14.31
CA ASN A 119 5.12 -1.97 -14.10
C ASN A 119 5.21 -0.49 -14.47
N ASP A 120 4.55 0.32 -13.66
CA ASP A 120 4.41 1.75 -13.92
C ASP A 120 5.55 2.51 -13.24
N MET A 121 5.24 3.62 -12.60
CA MET A 121 6.22 4.34 -11.80
C MET A 121 6.70 3.46 -10.65
N CYS A 122 5.85 2.54 -10.23
CA CYS A 122 6.22 1.59 -9.19
C CYS A 122 7.00 0.42 -9.76
N HIS A 123 8.31 0.56 -9.77
CA HIS A 123 9.20 -0.56 -10.08
C HIS A 123 9.16 -1.51 -8.90
N SER A 124 9.26 -0.91 -7.72
CA SER A 124 9.12 -1.63 -6.47
C SER A 124 8.93 -0.63 -5.34
N LEU A 125 8.09 0.39 -5.57
CA LEU A 125 7.81 1.39 -4.55
C LEU A 125 7.14 0.72 -3.35
N GLY A 126 7.70 0.96 -2.17
CA GLY A 126 7.29 0.23 -1.01
C GLY A 126 6.72 1.14 0.06
N LEU A 127 6.53 0.56 1.23
CA LEU A 127 5.86 1.23 2.33
C LEU A 127 6.44 0.72 3.64
N THR A 128 6.59 1.61 4.59
CA THR A 128 7.16 1.25 5.89
C THR A 128 6.64 2.18 6.98
N CYS A 129 5.80 1.64 7.86
CA CYS A 129 5.01 2.46 8.79
C CYS A 129 5.86 3.40 9.62
N LEU A 130 5.51 4.67 9.47
CA LEU A 130 6.02 5.77 10.25
C LEU A 130 7.35 6.28 9.67
N GLU A 131 8.40 5.51 9.87
CA GLU A 131 9.75 5.92 9.46
C GLU A 131 10.11 5.35 8.11
N ARG A 22 -15.34 2.96 -3.14
CA ARG A 22 -16.18 2.25 -2.17
C ARG A 22 -15.45 2.09 -0.83
N LEU A 23 -14.52 1.14 -0.78
CA LEU A 23 -13.77 0.87 0.44
C LEU A 23 -12.57 1.81 0.51
N SER A 24 -12.07 2.08 1.71
CA SER A 24 -10.91 2.94 1.85
C SER A 24 -10.02 2.46 3.00
N TRP A 25 -8.72 2.69 2.90
CA TRP A 25 -7.77 2.19 3.89
C TRP A 25 -7.90 2.90 5.24
N TYR A 26 -8.59 4.03 5.25
CA TYR A 26 -8.75 4.79 6.49
C TYR A 26 -10.02 4.39 7.23
N ASP A 27 -10.78 3.46 6.65
CA ASP A 27 -11.92 2.88 7.35
C ASP A 27 -11.42 1.98 8.47
N PRO A 28 -11.85 2.24 9.72
CA PRO A 28 -11.43 1.44 10.88
C PRO A 28 -11.71 -0.05 10.70
N ASP A 29 -12.86 -0.36 10.12
CA ASP A 29 -13.27 -1.75 9.93
C ASP A 29 -12.60 -2.36 8.70
N PHE A 30 -11.99 -1.52 7.88
CA PHE A 30 -11.29 -1.99 6.69
C PHE A 30 -9.96 -2.62 7.06
N GLN A 31 -9.76 -3.85 6.61
CA GLN A 31 -8.58 -4.61 6.96
C GLN A 31 -7.43 -4.31 5.98
N ALA A 32 -6.36 -3.74 6.52
CA ALA A 32 -5.22 -3.36 5.70
C ALA A 32 -3.94 -3.41 6.52
N ARG A 33 -2.83 -3.71 5.87
CA ARG A 33 -1.52 -3.78 6.50
C ARG A 33 -0.47 -4.08 5.45
N LEU A 34 0.77 -4.24 5.85
CA LEU A 34 1.82 -4.62 4.91
C LEU A 34 1.87 -6.12 4.73
N THR A 35 2.30 -6.53 3.56
CA THR A 35 2.48 -7.93 3.26
C THR A 35 3.51 -8.53 4.21
N ARG A 36 3.32 -9.80 4.57
CA ARG A 36 4.26 -10.49 5.44
C ARG A 36 5.56 -10.82 4.68
N SER A 37 6.22 -9.76 4.23
CA SER A 37 7.45 -9.88 3.47
C SER A 37 8.63 -9.97 4.42
N ASN A 38 8.77 -8.95 5.25
CA ASN A 38 9.85 -8.90 6.22
C ASN A 38 9.32 -8.46 7.58
N SER A 39 8.28 -7.63 7.58
CA SER A 39 7.76 -7.10 8.82
C SER A 39 6.30 -6.69 8.71
N LYS A 40 5.61 -6.74 9.84
CA LYS A 40 4.27 -6.20 9.95
C LYS A 40 4.31 -4.69 9.85
N CYS A 41 5.49 -4.12 10.11
CA CYS A 41 5.66 -2.68 10.04
C CYS A 41 6.63 -2.31 8.92
N GLN A 42 6.92 -3.27 8.02
CA GLN A 42 7.70 -2.98 6.80
C GLN A 42 7.37 -4.01 5.70
N GLY A 43 6.94 -3.52 4.54
CA GLY A 43 6.52 -4.40 3.47
C GLY A 43 5.73 -3.68 2.40
N GLN A 44 5.30 -4.41 1.37
CA GLN A 44 4.40 -3.85 0.37
C GLN A 44 3.01 -3.68 0.98
N LEU A 45 2.18 -2.82 0.39
CA LEU A 45 0.85 -2.58 0.94
C LEU A 45 -0.11 -3.69 0.55
N GLU A 46 -0.72 -4.30 1.56
CA GLU A 46 -1.63 -5.42 1.38
C GLU A 46 -3.02 -5.02 1.89
N VAL A 47 -3.97 -4.88 0.99
CA VAL A 47 -5.31 -4.44 1.36
C VAL A 47 -6.38 -5.39 0.83
N TYR A 48 -7.36 -5.68 1.66
CA TYR A 48 -8.43 -6.62 1.30
C TYR A 48 -9.62 -5.87 0.72
N LEU A 49 -9.77 -5.92 -0.61
CA LEU A 49 -10.87 -5.23 -1.25
C LEU A 49 -11.35 -5.95 -2.49
N LYS A 50 -12.65 -5.86 -2.73
CA LYS A 50 -13.33 -6.47 -3.87
C LYS A 50 -13.33 -8.00 -3.73
N ASP A 51 -12.21 -8.54 -3.31
CA ASP A 51 -11.99 -9.99 -3.30
C ASP A 51 -10.58 -10.31 -2.88
N GLY A 52 -9.64 -9.47 -3.31
CA GLY A 52 -8.24 -9.81 -3.19
C GLY A 52 -7.55 -9.10 -2.07
N TRP A 53 -6.66 -9.82 -1.40
CA TRP A 53 -5.63 -9.20 -0.59
C TRP A 53 -4.63 -8.58 -1.55
N HIS A 54 -5.04 -7.48 -2.15
CA HIS A 54 -4.34 -6.94 -3.29
C HIS A 54 -3.03 -6.32 -2.84
N MET A 55 -1.93 -6.93 -3.25
CA MET A 55 -0.61 -6.38 -2.99
C MET A 55 -0.37 -5.23 -3.96
N VAL A 56 -0.56 -4.01 -3.47
CA VAL A 56 -0.44 -2.83 -4.32
C VAL A 56 1.01 -2.36 -4.34
N CYS A 57 1.32 -1.44 -5.25
CA CYS A 57 2.68 -0.92 -5.36
C CYS A 57 2.87 0.28 -4.43
N SER A 58 1.95 0.40 -3.47
CA SER A 58 1.99 1.43 -2.42
C SER A 58 1.65 2.82 -2.96
N GLN A 59 2.23 3.21 -4.09
CA GLN A 59 1.93 4.51 -4.69
C GLN A 59 0.75 4.39 -5.63
N SER A 60 0.00 3.30 -5.52
CA SER A 60 -1.21 3.13 -6.29
C SER A 60 -2.21 4.24 -5.91
N TRP A 61 -3.22 4.47 -6.77
CA TRP A 61 -4.20 5.53 -6.55
C TRP A 61 -3.58 6.91 -6.74
N GLY A 62 -2.90 7.40 -5.70
CA GLY A 62 -2.37 8.75 -5.71
C GLY A 62 -1.21 8.92 -6.67
N ARG A 63 -0.38 7.88 -6.77
CA ARG A 63 0.80 7.88 -7.64
C ARG A 63 1.85 8.87 -7.16
N SER A 64 1.66 10.14 -7.53
CA SER A 64 2.57 11.22 -7.16
C SER A 64 3.99 11.01 -7.71
N SER A 65 4.78 10.21 -7.02
CA SER A 65 6.18 10.04 -7.36
C SER A 65 6.71 8.74 -6.76
N LYS A 66 8.02 8.51 -6.86
CA LYS A 66 8.64 7.31 -6.30
C LYS A 66 8.72 7.44 -4.77
N GLN A 67 8.52 8.65 -4.28
CA GLN A 67 8.46 8.90 -2.86
C GLN A 67 7.35 9.89 -2.59
N TRP A 68 6.43 9.51 -1.71
CA TRP A 68 5.30 10.37 -1.37
C TRP A 68 5.70 11.47 -0.42
N GLU A 69 5.30 12.68 -0.74
CA GLU A 69 5.50 13.82 0.13
C GLU A 69 4.68 13.65 1.40
N ASP A 70 3.56 12.94 1.27
CA ASP A 70 2.65 12.71 2.38
C ASP A 70 2.25 11.24 2.46
N PRO A 71 2.88 10.49 3.38
CA PRO A 71 2.57 9.08 3.60
C PRO A 71 1.62 8.86 4.78
N SER A 72 0.74 9.83 5.05
CA SER A 72 -0.14 9.75 6.20
C SER A 72 -1.47 9.12 5.82
N GLN A 73 -2.49 9.43 6.62
CA GLN A 73 -3.85 8.91 6.49
C GLN A 73 -3.93 7.41 6.85
N ALA A 74 -2.88 6.66 6.59
CA ALA A 74 -2.82 5.25 6.96
C ALA A 74 -2.36 5.10 8.41
N SER A 75 -2.42 6.21 9.15
CA SER A 75 -2.05 6.22 10.55
C SER A 75 -2.85 5.17 11.32
N LYS A 76 -4.16 5.15 11.06
CA LYS A 76 -5.07 4.19 11.69
C LYS A 76 -4.61 2.76 11.46
N VAL A 77 -4.03 2.52 10.28
CA VAL A 77 -3.61 1.18 9.90
C VAL A 77 -2.47 0.70 10.79
N CYS A 78 -1.35 1.41 10.78
CA CYS A 78 -0.19 0.98 11.55
C CYS A 78 -0.42 1.18 13.05
N GLN A 79 -1.25 2.16 13.40
CA GLN A 79 -1.64 2.36 14.80
C GLN A 79 -2.28 1.09 15.35
N ARG A 80 -3.16 0.50 14.56
CA ARG A 80 -3.85 -0.73 14.95
C ARG A 80 -2.87 -1.90 14.99
N LEU A 81 -1.82 -1.83 14.18
CA LEU A 81 -0.79 -2.86 14.18
C LEU A 81 0.32 -2.52 15.16
N ASN A 82 0.07 -1.51 16.00
CA ASN A 82 1.04 -1.01 16.98
C ASN A 82 2.46 -0.91 16.38
N CYS A 83 2.55 -0.23 15.25
CA CYS A 83 3.84 0.01 14.61
C CYS A 83 4.17 1.51 14.64
N GLY A 84 3.35 2.28 15.35
CA GLY A 84 3.61 3.70 15.50
C GLY A 84 2.82 4.53 14.51
N ASP A 85 3.52 5.46 13.86
CA ASP A 85 2.94 6.29 12.82
C ASP A 85 2.80 5.47 11.54
N PRO A 86 2.14 5.98 10.48
CA PRO A 86 1.97 5.21 9.26
C PRO A 86 3.25 5.01 8.51
N LEU A 87 3.27 3.85 7.90
CA LEU A 87 4.24 3.46 6.93
C LEU A 87 4.68 4.60 6.04
N SER A 88 5.94 4.93 6.17
CA SER A 88 6.59 5.88 5.30
C SER A 88 6.81 5.22 3.94
N LEU A 89 6.83 6.00 2.87
CA LEU A 89 6.88 5.43 1.54
C LEU A 89 8.20 5.75 0.84
N GLY A 90 8.75 4.75 0.17
CA GLY A 90 9.95 4.92 -0.62
C GLY A 90 10.17 3.72 -1.51
N PRO A 91 11.22 3.73 -2.35
CA PRO A 91 11.52 2.58 -3.21
C PRO A 91 12.04 1.40 -2.39
N PHE A 92 11.32 0.28 -2.45
CA PHE A 92 11.64 -0.88 -1.63
C PHE A 92 12.44 -1.89 -2.44
N LEU A 93 13.18 -1.37 -3.42
CA LEU A 93 14.05 -2.17 -4.28
C LEU A 93 13.25 -3.10 -5.20
N LYS A 94 12.94 -4.28 -4.71
CA LYS A 94 12.25 -5.30 -5.49
C LYS A 94 11.61 -6.33 -4.56
N THR A 95 10.29 -6.41 -4.57
CA THR A 95 9.60 -7.31 -3.66
C THR A 95 8.58 -8.18 -4.38
N TYR A 96 7.64 -7.56 -5.09
CA TYR A 96 6.55 -8.29 -5.70
C TYR A 96 6.89 -8.81 -7.10
N THR A 97 5.89 -9.31 -7.80
CA THR A 97 6.07 -9.92 -9.10
C THR A 97 5.07 -9.36 -10.10
N PRO A 98 5.53 -8.49 -11.02
CA PRO A 98 4.70 -7.88 -12.06
C PRO A 98 3.92 -8.93 -12.86
N GLN A 99 2.74 -9.23 -12.37
CA GLN A 99 1.90 -10.31 -12.88
C GLN A 99 0.81 -10.57 -11.86
N SER A 100 1.24 -10.91 -10.66
CA SER A 100 0.34 -11.17 -9.55
C SER A 100 0.13 -9.91 -8.73
N SER A 101 1.16 -9.06 -8.67
CA SER A 101 1.07 -7.80 -7.96
C SER A 101 0.26 -6.82 -8.78
N ILE A 102 -0.39 -5.87 -8.13
CA ILE A 102 -1.25 -4.95 -8.82
C ILE A 102 -0.93 -3.49 -8.49
N ILE A 103 -1.36 -2.61 -9.38
CA ILE A 103 -1.26 -1.19 -9.19
C ILE A 103 -2.66 -0.59 -9.37
N CYS A 104 -3.30 -0.19 -8.29
CA CYS A 104 -4.64 0.38 -8.40
C CYS A 104 -4.54 1.85 -8.75
N TYR A 105 -5.65 2.43 -9.18
CA TYR A 105 -5.67 3.84 -9.56
C TYR A 105 -6.92 4.51 -9.02
N GLY A 106 -7.10 5.77 -9.37
CA GLY A 106 -8.22 6.53 -8.88
C GLY A 106 -7.82 7.47 -7.77
N GLN A 107 -8.77 7.88 -6.95
CA GLN A 107 -8.48 8.77 -5.85
C GLN A 107 -7.98 7.97 -4.64
N LEU A 108 -7.14 8.59 -3.83
CA LEU A 108 -6.60 7.93 -2.66
C LEU A 108 -7.70 7.63 -1.67
N GLY A 109 -8.08 6.36 -1.60
CA GLY A 109 -9.14 5.96 -0.72
C GLY A 109 -10.29 5.30 -1.45
N SER A 110 -10.07 4.96 -2.72
CA SER A 110 -11.07 4.21 -3.46
C SER A 110 -10.55 2.82 -3.79
N PHE A 111 -10.67 1.93 -2.83
CA PHE A 111 -10.17 0.58 -2.94
C PHE A 111 -11.25 -0.31 -3.50
N SER A 112 -11.48 -0.17 -4.79
CA SER A 112 -12.49 -0.97 -5.47
C SER A 112 -11.97 -1.59 -6.77
N ASN A 113 -11.11 -0.88 -7.49
CA ASN A 113 -10.62 -1.35 -8.77
C ASN A 113 -9.13 -1.08 -8.93
N CYS A 114 -8.41 -2.04 -9.50
CA CYS A 114 -6.98 -1.88 -9.71
C CYS A 114 -6.58 -2.36 -11.11
N SER A 115 -5.29 -2.56 -11.31
CA SER A 115 -4.76 -3.11 -12.55
C SER A 115 -3.55 -3.94 -12.20
N HIS A 116 -3.02 -4.71 -13.14
CA HIS A 116 -1.91 -5.61 -12.83
C HIS A 116 -0.57 -4.96 -13.15
N SER A 117 0.39 -5.18 -12.26
CA SER A 117 1.71 -4.57 -12.39
C SER A 117 2.44 -5.14 -13.60
N ARG A 118 2.86 -4.28 -14.51
CA ARG A 118 3.67 -4.69 -15.65
C ARG A 118 5.01 -3.98 -15.61
N ASN A 119 5.00 -2.70 -15.96
CA ASN A 119 6.17 -1.84 -15.89
C ASN A 119 5.71 -0.40 -15.93
N ASP A 120 5.49 0.17 -14.76
CA ASP A 120 4.85 1.46 -14.63
C ASP A 120 5.68 2.38 -13.73
N MET A 121 4.99 3.26 -13.02
CA MET A 121 5.64 4.27 -12.20
C MET A 121 6.30 3.64 -10.98
N CYS A 122 5.55 2.78 -10.28
CA CYS A 122 6.05 2.13 -9.08
C CYS A 122 6.89 0.90 -9.39
N HIS A 123 8.18 1.02 -9.12
CA HIS A 123 9.07 -0.13 -9.16
C HIS A 123 9.10 -0.75 -7.76
N SER A 124 7.98 -1.36 -7.39
CA SER A 124 7.75 -1.89 -6.04
C SER A 124 8.14 -0.88 -4.96
N LEU A 125 7.29 0.11 -4.75
CA LEU A 125 7.46 1.05 -3.66
C LEU A 125 6.96 0.42 -2.37
N GLY A 126 7.68 0.64 -1.28
CA GLY A 126 7.37 -0.05 -0.06
C GLY A 126 7.02 0.90 1.04
N LEU A 127 6.05 0.49 1.85
CA LEU A 127 5.62 1.28 2.97
C LEU A 127 6.17 0.65 4.25
N THR A 128 6.55 1.48 5.22
CA THR A 128 7.07 0.96 6.46
C THR A 128 6.60 1.79 7.65
N CYS A 129 5.68 1.20 8.43
CA CYS A 129 4.94 1.91 9.48
C CYS A 129 5.85 2.77 10.33
N LEU A 130 5.78 4.06 10.04
CA LEU A 130 6.61 5.08 10.63
C LEU A 130 8.06 4.96 10.15
N GLU A 131 8.75 3.95 10.64
CA GLU A 131 10.13 3.68 10.24
C GLU A 131 10.44 2.18 10.28
N ARG A 22 -16.94 4.39 1.11
CA ARG A 22 -16.33 3.38 0.23
C ARG A 22 -15.03 2.86 0.85
N LEU A 23 -14.46 1.82 0.24
CA LEU A 23 -13.22 1.23 0.73
C LEU A 23 -12.10 2.25 0.73
N SER A 24 -11.50 2.46 1.90
CA SER A 24 -10.45 3.45 2.06
C SER A 24 -9.39 2.95 3.05
N TRP A 25 -8.13 3.38 2.86
CA TRP A 25 -7.04 2.92 3.72
C TRP A 25 -6.95 3.73 5.02
N TYR A 26 -8.03 4.43 5.34
CA TYR A 26 -8.12 5.12 6.62
C TYR A 26 -9.36 4.67 7.37
N ASP A 27 -9.97 3.59 6.88
CA ASP A 27 -11.16 3.03 7.50
C ASP A 27 -10.74 2.01 8.56
N PRO A 28 -11.27 2.14 9.79
CA PRO A 28 -10.93 1.25 10.90
C PRO A 28 -11.21 -0.23 10.61
N ASP A 29 -12.14 -0.50 9.70
CA ASP A 29 -12.55 -1.87 9.44
C ASP A 29 -11.99 -2.39 8.12
N PHE A 30 -11.18 -1.58 7.46
CA PHE A 30 -10.56 -2.00 6.21
C PHE A 30 -9.24 -2.69 6.51
N GLN A 31 -9.00 -3.83 5.86
CA GLN A 31 -7.81 -4.61 6.12
C GLN A 31 -6.68 -4.18 5.19
N ALA A 32 -5.63 -3.64 5.79
CA ALA A 32 -4.46 -3.18 5.06
C ALA A 32 -3.23 -3.31 5.93
N ARG A 33 -2.10 -3.67 5.33
CA ARG A 33 -0.87 -3.87 6.06
C ARG A 33 0.27 -4.19 5.10
N LEU A 34 1.44 -4.44 5.67
CA LEU A 34 2.64 -4.72 4.88
C LEU A 34 2.97 -6.20 4.90
N THR A 35 3.46 -6.70 3.78
CA THR A 35 3.86 -8.10 3.68
C THR A 35 5.21 -8.24 2.95
N ARG A 36 5.59 -9.48 2.69
CA ARG A 36 6.76 -9.83 1.89
C ARG A 36 8.05 -9.52 2.62
N SER A 37 7.91 -9.18 3.90
CA SER A 37 9.06 -8.92 4.74
C SER A 37 8.73 -9.29 6.19
N ASN A 38 7.58 -9.96 6.36
CA ASN A 38 7.07 -10.39 7.68
C ASN A 38 6.60 -9.19 8.51
N SER A 39 7.40 -8.14 8.53
CA SER A 39 7.09 -6.94 9.28
C SER A 39 5.80 -6.29 8.79
N LYS A 40 4.81 -6.27 9.65
CA LYS A 40 3.56 -5.59 9.37
C LYS A 40 3.74 -4.09 9.50
N CYS A 41 4.86 -3.70 10.08
CA CYS A 41 5.20 -2.29 10.23
C CYS A 41 6.32 -1.90 9.27
N GLN A 42 6.74 -2.84 8.40
CA GLN A 42 7.70 -2.52 7.34
C GLN A 42 7.63 -3.57 6.22
N GLY A 43 7.38 -3.12 4.99
CA GLY A 43 7.22 -4.06 3.90
C GLY A 43 6.40 -3.48 2.76
N GLN A 44 6.18 -4.27 1.71
CA GLN A 44 5.34 -3.84 0.60
C GLN A 44 3.88 -3.82 1.05
N LEU A 45 3.11 -2.87 0.53
CA LEU A 45 1.72 -2.72 0.94
C LEU A 45 0.84 -3.78 0.31
N GLU A 46 0.05 -4.43 1.13
CA GLU A 46 -0.91 -5.43 0.69
C GLU A 46 -2.27 -5.10 1.29
N VAL A 47 -3.26 -4.88 0.43
CA VAL A 47 -4.57 -4.46 0.90
C VAL A 47 -5.64 -5.46 0.51
N TYR A 48 -6.54 -5.75 1.43
CA TYR A 48 -7.57 -6.77 1.21
C TYR A 48 -8.83 -6.16 0.59
N LEU A 49 -9.03 -6.42 -0.69
CA LEU A 49 -10.24 -6.00 -1.38
C LEU A 49 -10.51 -6.90 -2.56
N LYS A 50 -11.78 -7.06 -2.90
CA LYS A 50 -12.22 -8.04 -3.88
C LYS A 50 -11.74 -9.42 -3.43
N ASP A 51 -11.66 -9.56 -2.10
CA ASP A 51 -11.18 -10.80 -1.42
C ASP A 51 -9.76 -11.14 -1.85
N GLY A 52 -9.13 -10.20 -2.53
CA GLY A 52 -7.75 -10.32 -2.90
C GLY A 52 -6.87 -9.51 -1.99
N TRP A 53 -6.00 -10.18 -1.28
CA TRP A 53 -4.92 -9.49 -0.59
C TRP A 53 -3.99 -8.95 -1.66
N HIS A 54 -4.34 -7.79 -2.16
CA HIS A 54 -3.72 -7.21 -3.32
C HIS A 54 -2.38 -6.59 -2.95
N MET A 55 -1.29 -7.21 -3.38
CA MET A 55 0.03 -6.67 -3.12
C MET A 55 0.27 -5.50 -4.06
N VAL A 56 0.10 -4.30 -3.54
CA VAL A 56 0.11 -3.11 -4.36
C VAL A 56 1.47 -2.43 -4.32
N CYS A 57 1.78 -1.61 -5.31
CA CYS A 57 3.06 -0.93 -5.33
C CYS A 57 2.98 0.50 -4.78
N SER A 58 2.00 0.74 -3.90
CA SER A 58 1.93 1.96 -3.09
C SER A 58 1.54 3.21 -3.91
N GLN A 59 2.30 3.51 -4.95
CA GLN A 59 2.14 4.75 -5.75
C GLN A 59 0.88 4.72 -6.60
N SER A 60 0.07 3.70 -6.41
CA SER A 60 -1.10 3.49 -7.23
C SER A 60 -2.20 4.51 -6.90
N TRP A 61 -3.35 4.37 -7.57
CA TRP A 61 -4.50 5.24 -7.37
C TRP A 61 -4.26 6.65 -7.91
N GLY A 62 -3.52 7.46 -7.16
CA GLY A 62 -3.34 8.85 -7.54
C GLY A 62 -2.04 9.09 -8.29
N ARG A 63 -1.21 8.04 -8.41
CA ARG A 63 0.11 8.14 -9.05
C ARG A 63 1.01 9.10 -8.27
N SER A 64 0.67 9.28 -6.99
CA SER A 64 1.31 10.27 -6.12
C SER A 64 2.83 10.18 -6.16
N SER A 65 3.37 9.03 -5.78
CA SER A 65 4.81 8.80 -5.76
C SER A 65 5.51 9.87 -4.90
N LYS A 66 5.13 9.92 -3.63
CA LYS A 66 5.69 10.90 -2.71
C LYS A 66 6.63 10.24 -1.71
N GLN A 67 7.92 10.49 -1.85
CA GLN A 67 8.93 9.89 -0.99
C GLN A 67 9.05 10.65 0.32
N TRP A 68 8.53 10.04 1.38
CA TRP A 68 8.63 10.58 2.75
C TRP A 68 7.97 11.97 2.86
N GLU A 69 8.11 12.56 4.05
CA GLU A 69 7.62 13.92 4.34
C GLU A 69 6.09 13.98 4.44
N ASP A 70 5.42 13.63 3.35
CA ASP A 70 3.96 13.71 3.27
C ASP A 70 3.27 12.49 3.88
N PRO A 71 3.63 11.24 3.42
CA PRO A 71 3.04 9.97 3.88
C PRO A 71 2.49 9.97 5.31
N SER A 72 1.21 10.29 5.46
CA SER A 72 0.56 10.26 6.76
C SER A 72 -0.91 9.84 6.64
N GLN A 73 -1.32 9.48 5.43
CA GLN A 73 -2.74 9.27 5.14
C GLN A 73 -3.20 7.84 5.44
N ALA A 74 -2.49 7.15 6.32
CA ALA A 74 -2.83 5.77 6.63
C ALA A 74 -2.59 5.48 8.11
N SER A 75 -2.70 6.52 8.91
CA SER A 75 -2.44 6.43 10.34
C SER A 75 -3.30 5.36 10.97
N LYS A 76 -4.54 5.25 10.51
CA LYS A 76 -5.49 4.31 11.05
C LYS A 76 -5.03 2.85 10.88
N VAL A 77 -4.49 2.51 9.71
CA VAL A 77 -4.15 1.13 9.46
C VAL A 77 -2.94 0.68 10.27
N CYS A 78 -1.91 1.52 10.36
CA CYS A 78 -0.74 1.13 11.16
C CYS A 78 -1.05 1.29 12.65
N GLN A 79 -1.98 2.17 12.99
CA GLN A 79 -2.44 2.31 14.36
C GLN A 79 -3.16 1.02 14.77
N ARG A 80 -3.94 0.47 13.83
CA ARG A 80 -4.62 -0.79 14.04
C ARG A 80 -3.61 -1.94 14.10
N LEU A 81 -2.44 -1.71 13.50
CA LEU A 81 -1.37 -2.70 13.51
C LEU A 81 -0.43 -2.43 14.68
N ASN A 82 -0.83 -1.50 15.55
CA ASN A 82 -0.02 -1.05 16.70
C ASN A 82 1.43 -0.78 16.31
N CYS A 83 1.62 -0.31 15.08
CA CYS A 83 2.94 0.03 14.58
C CYS A 83 3.21 1.53 14.76
N GLY A 84 2.19 2.25 15.19
CA GLY A 84 2.31 3.67 15.45
C GLY A 84 1.68 4.51 14.36
N ASP A 85 2.46 5.45 13.83
CA ASP A 85 2.01 6.31 12.74
C ASP A 85 2.09 5.52 11.43
N PRO A 86 1.56 6.04 10.31
CA PRO A 86 1.50 5.26 9.08
C PRO A 86 2.83 5.07 8.40
N LEU A 87 2.89 3.93 7.75
CA LEU A 87 3.91 3.59 6.80
C LEU A 87 4.39 4.80 6.01
N SER A 88 5.62 5.16 6.28
CA SER A 88 6.33 6.13 5.48
C SER A 88 6.50 5.59 4.07
N LEU A 89 6.12 6.39 3.09
CA LEU A 89 6.09 5.96 1.71
C LEU A 89 7.45 6.18 1.05
N GLY A 90 8.00 5.10 0.51
CA GLY A 90 9.30 5.17 -0.14
C GLY A 90 9.44 4.08 -1.18
N PRO A 91 10.63 3.47 -1.32
CA PRO A 91 10.85 2.33 -2.20
C PRO A 91 10.84 0.99 -1.45
N PHE A 92 10.77 -0.11 -2.19
CA PHE A 92 10.88 -1.44 -1.61
C PHE A 92 12.01 -2.20 -2.31
N LEU A 93 12.61 -3.16 -1.62
CA LEU A 93 13.83 -3.80 -2.11
C LEU A 93 13.56 -5.07 -2.92
N LYS A 94 12.34 -5.19 -3.46
CA LYS A 94 12.00 -6.33 -4.31
C LYS A 94 11.02 -5.92 -5.39
N THR A 95 11.33 -6.30 -6.63
CA THR A 95 10.47 -6.00 -7.77
C THR A 95 9.16 -6.77 -7.70
N TYR A 96 8.08 -6.10 -8.06
CA TYR A 96 6.75 -6.69 -8.02
C TYR A 96 6.59 -7.85 -9.01
N THR A 97 5.52 -8.61 -8.88
CA THR A 97 5.27 -9.76 -9.72
C THR A 97 3.96 -9.60 -10.48
N PRO A 98 4.02 -9.68 -11.82
CA PRO A 98 2.86 -9.50 -12.72
C PRO A 98 1.84 -10.63 -12.61
N GLN A 99 1.29 -10.81 -11.41
CA GLN A 99 0.28 -11.83 -11.16
C GLN A 99 -0.28 -11.62 -9.76
N SER A 100 0.60 -11.63 -8.79
CA SER A 100 0.22 -11.43 -7.39
C SER A 100 0.33 -9.96 -7.00
N SER A 101 1.21 -9.22 -7.67
CA SER A 101 1.35 -7.80 -7.40
C SER A 101 0.52 -7.00 -8.40
N ILE A 102 -0.02 -5.88 -7.93
CA ILE A 102 -0.87 -5.05 -8.77
C ILE A 102 -0.60 -3.57 -8.59
N ILE A 103 -1.00 -2.80 -9.58
CA ILE A 103 -1.07 -1.35 -9.49
C ILE A 103 -2.55 -1.00 -9.44
N CYS A 104 -3.03 -0.25 -8.47
CA CYS A 104 -4.44 0.10 -8.48
C CYS A 104 -4.63 1.51 -9.04
N TYR A 105 -5.88 1.89 -9.29
CA TYR A 105 -6.18 3.20 -9.86
C TYR A 105 -7.44 3.79 -9.27
N GLY A 106 -7.64 5.07 -9.51
CA GLY A 106 -8.75 5.78 -8.93
C GLY A 106 -8.30 7.07 -8.29
N GLN A 107 -8.68 7.26 -7.05
CA GLN A 107 -8.21 8.38 -6.26
C GLN A 107 -7.51 7.90 -5.01
N LEU A 108 -6.47 8.62 -4.60
CA LEU A 108 -5.70 8.27 -3.43
C LEU A 108 -6.61 8.22 -2.20
N GLY A 109 -6.82 7.01 -1.68
CA GLY A 109 -7.71 6.85 -0.55
C GLY A 109 -8.92 6.02 -0.92
N SER A 110 -9.29 6.04 -2.19
CA SER A 110 -10.46 5.31 -2.66
C SER A 110 -10.05 3.98 -3.28
N PHE A 111 -10.07 2.94 -2.46
CA PHE A 111 -9.63 1.61 -2.86
C PHE A 111 -10.78 0.86 -3.52
N SER A 112 -11.26 1.40 -4.63
CA SER A 112 -12.36 0.80 -5.37
C SER A 112 -11.88 -0.37 -6.23
N ASN A 113 -10.95 -0.10 -7.13
CA ASN A 113 -10.50 -1.11 -8.09
C ASN A 113 -8.99 -1.00 -8.31
N CYS A 114 -8.40 -2.10 -8.79
CA CYS A 114 -6.99 -2.11 -9.15
C CYS A 114 -6.82 -2.59 -10.58
N SER A 115 -5.59 -2.73 -11.03
CA SER A 115 -5.31 -3.24 -12.36
C SER A 115 -4.13 -4.21 -12.34
N HIS A 116 -4.19 -5.23 -13.18
CA HIS A 116 -3.14 -6.24 -13.24
C HIS A 116 -1.85 -5.63 -13.78
N SER A 117 -0.78 -5.71 -13.00
CA SER A 117 0.50 -5.14 -13.37
C SER A 117 1.11 -5.85 -14.58
N ARG A 118 0.76 -5.38 -15.78
CA ARG A 118 1.40 -5.85 -17.01
C ARG A 118 2.04 -4.67 -17.73
N ASN A 119 1.98 -3.51 -17.09
CA ASN A 119 2.42 -2.26 -17.69
C ASN A 119 2.69 -1.24 -16.60
N ASP A 120 3.75 -0.45 -16.78
CA ASP A 120 4.18 0.59 -15.83
C ASP A 120 4.92 -0.03 -14.66
N MET A 121 6.17 0.38 -14.50
CA MET A 121 7.00 -0.13 -13.44
C MET A 121 6.92 0.79 -12.21
N CYS A 122 6.02 0.45 -11.30
CA CYS A 122 5.88 1.22 -10.06
C CYS A 122 7.07 1.01 -9.14
N HIS A 123 8.00 0.15 -9.56
CA HIS A 123 9.26 -0.10 -8.84
C HIS A 123 9.01 -0.71 -7.47
N SER A 124 7.77 -1.10 -7.22
CA SER A 124 7.33 -1.54 -5.90
C SER A 124 7.70 -0.49 -4.85
N LEU A 125 6.93 0.59 -4.80
CA LEU A 125 7.16 1.57 -3.76
C LEU A 125 6.78 0.99 -2.41
N GLY A 126 7.60 1.26 -1.42
CA GLY A 126 7.48 0.60 -0.15
C GLY A 126 6.80 1.47 0.87
N LEU A 127 6.59 0.91 2.03
CA LEU A 127 5.87 1.57 3.08
C LEU A 127 6.33 0.96 4.40
N THR A 128 6.46 1.79 5.40
CA THR A 128 6.99 1.36 6.67
C THR A 128 6.34 2.13 7.81
N CYS A 129 5.37 1.47 8.48
CA CYS A 129 4.51 2.14 9.47
C CYS A 129 5.30 3.00 10.43
N LEU A 130 5.16 4.29 10.19
CA LEU A 130 5.86 5.34 10.90
C LEU A 130 7.35 5.35 10.55
N GLU A 131 8.07 4.38 11.08
CA GLU A 131 9.51 4.28 10.86
C GLU A 131 9.98 2.85 11.03
N ARG A 22 -17.53 3.04 0.85
CA ARG A 22 -16.56 2.76 -0.24
C ARG A 22 -15.43 1.89 0.31
N LEU A 23 -14.80 1.13 -0.57
CA LEU A 23 -13.60 0.40 -0.21
C LEU A 23 -12.45 1.38 -0.04
N SER A 24 -12.07 1.65 1.20
CA SER A 24 -11.03 2.59 1.49
C SER A 24 -10.23 2.14 2.71
N TRP A 25 -8.94 2.42 2.72
CA TRP A 25 -8.08 1.91 3.79
C TRP A 25 -8.30 2.67 5.11
N TYR A 26 -9.10 3.73 5.08
CA TYR A 26 -9.34 4.49 6.30
C TYR A 26 -10.52 3.90 7.07
N ASP A 27 -11.34 3.09 6.38
CA ASP A 27 -12.50 2.46 7.01
C ASP A 27 -12.06 1.64 8.21
N PRO A 28 -12.75 1.80 9.35
CA PRO A 28 -12.31 1.25 10.64
C PRO A 28 -12.02 -0.24 10.59
N ASP A 29 -12.86 -1.01 9.90
CA ASP A 29 -12.71 -2.46 9.90
C ASP A 29 -12.20 -2.97 8.55
N PHE A 30 -11.68 -2.06 7.74
CA PHE A 30 -11.06 -2.44 6.48
C PHE A 30 -9.65 -3.00 6.75
N GLN A 31 -9.37 -4.18 6.22
CA GLN A 31 -8.07 -4.81 6.42
C GLN A 31 -7.04 -4.27 5.44
N ALA A 32 -5.89 -3.88 5.98
CA ALA A 32 -4.78 -3.38 5.19
C ALA A 32 -3.51 -3.47 6.02
N ARG A 33 -2.41 -3.91 5.40
CA ARG A 33 -1.17 -4.14 6.13
C ARG A 33 -0.03 -4.51 5.19
N LEU A 34 1.13 -4.80 5.76
CA LEU A 34 2.32 -5.16 5.00
C LEU A 34 2.48 -6.66 4.93
N THR A 35 3.06 -7.15 3.85
CA THR A 35 3.27 -8.58 3.68
C THR A 35 4.62 -8.87 3.04
N ARG A 36 4.99 -10.17 3.00
CA ARG A 36 6.23 -10.65 2.38
C ARG A 36 7.47 -10.26 3.18
N SER A 37 7.29 -9.45 4.21
CA SER A 37 8.40 -8.99 5.03
C SER A 37 8.34 -9.61 6.42
N ASN A 38 9.44 -9.47 7.15
CA ASN A 38 9.51 -9.99 8.52
C ASN A 38 9.13 -8.91 9.52
N SER A 39 8.50 -7.85 9.04
CA SER A 39 8.14 -6.73 9.89
C SER A 39 6.72 -6.27 9.62
N LYS A 40 5.91 -6.25 10.66
CA LYS A 40 4.55 -5.75 10.56
C LYS A 40 4.56 -4.23 10.45
N CYS A 41 5.71 -3.63 10.71
CA CYS A 41 5.85 -2.19 10.66
C CYS A 41 6.79 -1.78 9.51
N GLN A 42 7.12 -2.74 8.64
CA GLN A 42 7.92 -2.44 7.45
C GLN A 42 7.74 -3.53 6.41
N GLY A 43 7.32 -3.14 5.20
CA GLY A 43 7.02 -4.13 4.18
C GLY A 43 6.27 -3.53 3.00
N GLN A 44 5.94 -4.37 2.02
CA GLN A 44 5.12 -3.94 0.90
C GLN A 44 3.64 -4.06 1.24
N LEU A 45 2.82 -3.19 0.65
CA LEU A 45 1.44 -3.02 1.06
C LEU A 45 0.52 -4.08 0.42
N GLU A 46 -0.39 -4.61 1.22
CA GLU A 46 -1.46 -5.46 0.73
C GLU A 46 -2.78 -5.03 1.37
N VAL A 47 -3.79 -4.80 0.53
CA VAL A 47 -5.08 -4.32 1.01
C VAL A 47 -6.16 -5.36 0.79
N TYR A 48 -7.07 -5.46 1.75
CA TYR A 48 -8.16 -6.41 1.66
C TYR A 48 -9.46 -5.70 1.31
N LEU A 49 -9.63 -5.43 0.02
CA LEU A 49 -10.81 -4.73 -0.45
C LEU A 49 -11.93 -5.70 -0.74
N LYS A 50 -12.83 -5.86 0.22
CA LYS A 50 -13.98 -6.76 0.11
C LYS A 50 -13.56 -8.22 0.15
N ASP A 51 -12.51 -8.54 -0.56
CA ASP A 51 -12.08 -9.92 -0.77
C ASP A 51 -10.81 -9.97 -1.59
N GLY A 52 -10.58 -8.93 -2.37
CA GLY A 52 -9.33 -8.80 -3.10
C GLY A 52 -8.18 -8.42 -2.20
N TRP A 53 -7.47 -9.43 -1.69
CA TRP A 53 -6.19 -9.19 -1.05
C TRP A 53 -5.20 -8.71 -2.11
N HIS A 54 -5.27 -7.43 -2.40
CA HIS A 54 -4.49 -6.87 -3.47
C HIS A 54 -3.12 -6.42 -2.98
N MET A 55 -2.09 -7.14 -3.37
CA MET A 55 -0.73 -6.74 -3.06
C MET A 55 -0.35 -5.54 -3.92
N VAL A 56 -0.43 -4.36 -3.34
CA VAL A 56 -0.33 -3.14 -4.14
C VAL A 56 0.93 -2.36 -3.80
N CYS A 57 1.40 -1.59 -4.76
CA CYS A 57 2.49 -0.67 -4.51
C CYS A 57 1.97 0.64 -3.94
N SER A 58 2.74 1.21 -3.02
CA SER A 58 2.34 2.39 -2.26
C SER A 58 2.12 3.62 -3.15
N GLN A 59 2.61 3.56 -4.39
CA GLN A 59 2.55 4.71 -5.27
C GLN A 59 1.30 4.71 -6.15
N SER A 60 0.47 3.68 -6.00
CA SER A 60 -0.71 3.53 -6.84
C SER A 60 -1.73 4.64 -6.56
N TRP A 61 -2.80 4.69 -7.38
CA TRP A 61 -3.81 5.73 -7.27
C TRP A 61 -3.26 7.08 -7.74
N GLY A 62 -2.46 7.72 -6.91
CA GLY A 62 -1.89 9.00 -7.26
C GLY A 62 -0.78 8.87 -8.30
N ARG A 63 -0.14 7.70 -8.31
CA ARG A 63 0.93 7.39 -9.26
C ARG A 63 2.16 8.25 -9.04
N SER A 64 3.10 7.72 -8.26
CA SER A 64 4.35 8.40 -7.99
C SER A 64 5.52 7.59 -8.52
N SER A 65 6.61 8.26 -8.86
CA SER A 65 7.78 7.60 -9.39
C SER A 65 8.89 7.49 -8.34
N LYS A 66 8.65 8.07 -7.16
CA LYS A 66 9.67 8.05 -6.12
C LYS A 66 9.05 7.88 -4.73
N GLN A 67 8.18 8.81 -4.35
CA GLN A 67 7.58 8.77 -3.02
C GLN A 67 6.52 9.85 -2.88
N TRP A 68 5.90 9.90 -1.71
CA TRP A 68 4.99 10.97 -1.36
C TRP A 68 5.56 11.71 -0.15
N GLU A 69 5.26 12.99 -0.04
CA GLU A 69 5.78 13.79 1.07
C GLU A 69 4.91 13.60 2.30
N ASP A 70 3.63 13.35 2.08
CA ASP A 70 2.69 13.14 3.17
C ASP A 70 2.34 11.66 3.31
N PRO A 71 3.00 10.97 4.25
CA PRO A 71 2.85 9.52 4.47
C PRO A 71 1.79 9.18 5.51
N SER A 72 0.74 9.97 5.56
CA SER A 72 -0.32 9.80 6.55
C SER A 72 -1.38 8.81 6.02
N GLN A 73 -2.63 9.08 6.36
CA GLN A 73 -3.79 8.28 5.94
C GLN A 73 -3.87 6.93 6.65
N ALA A 74 -2.89 6.07 6.41
CA ALA A 74 -2.93 4.70 6.92
C ALA A 74 -2.52 4.60 8.39
N SER A 75 -2.67 5.70 9.12
CA SER A 75 -2.36 5.74 10.54
C SER A 75 -3.16 4.67 11.28
N LYS A 76 -4.35 4.38 10.75
CA LYS A 76 -5.26 3.44 11.37
C LYS A 76 -4.72 2.01 11.28
N VAL A 77 -4.14 1.64 10.14
CA VAL A 77 -3.72 0.26 9.93
C VAL A 77 -2.47 -0.06 10.75
N CYS A 78 -1.47 0.82 10.72
CA CYS A 78 -0.25 0.57 11.47
C CYS A 78 -0.54 0.68 12.96
N GLN A 79 -1.56 1.46 13.31
CA GLN A 79 -2.01 1.56 14.70
C GLN A 79 -2.48 0.21 15.22
N ARG A 80 -3.23 -0.52 14.40
CA ARG A 80 -3.69 -1.85 14.78
C ARG A 80 -2.52 -2.82 14.86
N LEU A 81 -1.45 -2.47 14.15
CA LEU A 81 -0.21 -3.26 14.20
C LEU A 81 0.70 -2.71 15.29
N ASN A 82 0.16 -1.78 16.08
CA ASN A 82 0.88 -1.08 17.17
C ASN A 82 2.24 -0.52 16.71
N CYS A 83 2.33 -0.22 15.42
CA CYS A 83 3.53 0.37 14.85
C CYS A 83 3.43 1.90 14.90
N GLY A 84 2.40 2.38 15.58
CA GLY A 84 2.24 3.81 15.78
C GLY A 84 1.69 4.52 14.58
N ASP A 85 2.51 5.38 13.99
CA ASP A 85 2.11 6.18 12.83
C ASP A 85 2.17 5.34 11.57
N PRO A 86 1.64 5.83 10.44
CA PRO A 86 1.60 5.04 9.22
C PRO A 86 2.93 4.99 8.50
N LEU A 87 3.07 3.89 7.80
CA LEU A 87 4.11 3.64 6.85
C LEU A 87 4.48 4.86 6.04
N SER A 88 5.71 5.27 6.24
CA SER A 88 6.32 6.31 5.43
C SER A 88 6.54 5.78 4.02
N LEU A 89 6.28 6.62 3.03
CA LEU A 89 6.27 6.20 1.64
C LEU A 89 7.66 6.35 1.00
N GLY A 90 8.18 5.23 0.49
CA GLY A 90 9.47 5.24 -0.17
C GLY A 90 9.92 3.83 -0.53
N PRO A 91 10.69 3.66 -1.62
CA PRO A 91 11.06 2.33 -2.14
C PRO A 91 11.78 1.47 -1.10
N PHE A 92 11.29 0.25 -0.91
CA PHE A 92 11.81 -0.64 0.12
C PHE A 92 12.49 -1.87 -0.50
N LEU A 93 11.69 -2.87 -0.87
CA LEU A 93 12.23 -4.09 -1.46
C LEU A 93 11.92 -4.12 -2.95
N LYS A 94 12.91 -4.50 -3.74
CA LYS A 94 12.84 -4.37 -5.18
C LYS A 94 12.01 -5.47 -5.83
N THR A 95 11.49 -5.16 -7.02
CA THR A 95 10.73 -6.09 -7.87
C THR A 95 9.46 -6.65 -7.24
N TYR A 96 8.33 -6.37 -7.88
CA TYR A 96 7.07 -6.98 -7.53
C TYR A 96 6.85 -8.21 -8.39
N THR A 97 5.63 -8.70 -8.40
CA THR A 97 5.24 -9.76 -9.33
C THR A 97 4.05 -9.28 -10.14
N PRO A 98 4.20 -9.10 -11.47
CA PRO A 98 3.17 -8.46 -12.32
C PRO A 98 1.89 -9.28 -12.45
N GLN A 99 1.77 -10.28 -11.62
CA GLN A 99 0.61 -11.16 -11.61
C GLN A 99 -0.13 -11.02 -10.29
N SER A 100 0.56 -11.30 -9.19
CA SER A 100 -0.01 -11.21 -7.86
C SER A 100 -0.01 -9.77 -7.35
N SER A 101 1.03 -9.02 -7.70
CA SER A 101 1.15 -7.64 -7.29
C SER A 101 0.46 -6.74 -8.31
N ILE A 102 -0.21 -5.72 -7.81
CA ILE A 102 -0.99 -4.84 -8.68
C ILE A 102 -0.67 -3.37 -8.41
N ILE A 103 -0.92 -2.56 -9.42
CA ILE A 103 -0.84 -1.12 -9.32
C ILE A 103 -2.25 -0.55 -9.49
N CYS A 104 -2.83 0.02 -8.45
CA CYS A 104 -4.17 0.57 -8.59
C CYS A 104 -4.11 2.00 -9.11
N TYR A 105 -5.25 2.54 -9.51
CA TYR A 105 -5.30 3.88 -10.06
C TYR A 105 -6.51 4.63 -9.50
N GLY A 106 -6.65 5.89 -9.89
CA GLY A 106 -7.77 6.69 -9.45
C GLY A 106 -7.39 7.65 -8.34
N GLN A 107 -8.37 7.99 -7.51
CA GLN A 107 -8.12 8.91 -6.40
C GLN A 107 -7.82 8.11 -5.14
N LEU A 108 -6.76 8.50 -4.44
CA LEU A 108 -6.36 7.83 -3.20
C LEU A 108 -7.53 7.75 -2.23
N GLY A 109 -7.82 6.55 -1.75
CA GLY A 109 -8.97 6.34 -0.91
C GLY A 109 -10.05 5.55 -1.63
N SER A 110 -9.96 5.47 -2.95
CA SER A 110 -10.92 4.72 -3.72
C SER A 110 -10.31 3.39 -4.17
N PHE A 111 -10.39 2.39 -3.29
CA PHE A 111 -9.79 1.09 -3.53
C PHE A 111 -10.74 0.19 -4.32
N SER A 112 -11.50 0.80 -5.22
CA SER A 112 -12.46 0.07 -6.03
C SER A 112 -11.83 -0.40 -7.34
N ASN A 113 -10.85 0.35 -7.82
CA ASN A 113 -10.25 0.08 -9.12
C ASN A 113 -8.74 -0.11 -9.01
N CYS A 114 -8.27 -1.25 -9.49
CA CYS A 114 -6.83 -1.49 -9.60
C CYS A 114 -6.53 -2.15 -10.94
N SER A 115 -5.26 -2.43 -11.19
CA SER A 115 -4.84 -3.13 -12.39
C SER A 115 -3.50 -3.83 -12.14
N HIS A 116 -3.12 -4.74 -13.01
CA HIS A 116 -1.85 -5.45 -12.87
C HIS A 116 -0.68 -4.53 -13.21
N SER A 117 0.51 -4.90 -12.79
CA SER A 117 1.71 -4.10 -13.03
C SER A 117 2.09 -4.15 -14.52
N ARG A 118 1.36 -3.39 -15.33
CA ARG A 118 1.54 -3.42 -16.76
C ARG A 118 1.93 -2.06 -17.33
N ASN A 119 1.40 -0.99 -16.75
CA ASN A 119 1.62 0.36 -17.29
C ASN A 119 2.90 0.96 -16.73
N ASP A 120 2.77 1.85 -15.77
CA ASP A 120 3.91 2.44 -15.09
C ASP A 120 4.26 1.59 -13.89
N MET A 121 5.11 0.58 -14.10
CA MET A 121 5.44 -0.35 -13.04
C MET A 121 6.10 0.35 -11.87
N CYS A 122 5.50 0.19 -10.70
CA CYS A 122 5.99 0.80 -9.48
C CYS A 122 7.40 0.31 -9.14
N HIS A 123 8.31 1.27 -8.99
CA HIS A 123 9.71 0.99 -8.70
C HIS A 123 9.92 0.61 -7.24
N SER A 124 9.33 -0.51 -6.85
CA SER A 124 9.48 -1.10 -5.51
C SER A 124 9.16 -0.11 -4.38
N LEU A 125 8.29 0.84 -4.64
CA LEU A 125 7.91 1.82 -3.63
C LEU A 125 7.27 1.11 -2.44
N GLY A 126 7.86 1.29 -1.26
CA GLY A 126 7.44 0.55 -0.10
C GLY A 126 6.66 1.40 0.88
N LEU A 127 6.43 0.84 2.05
CA LEU A 127 5.64 1.45 3.08
C LEU A 127 6.08 0.90 4.43
N THR A 128 6.70 1.74 5.21
CA THR A 128 7.24 1.32 6.49
C THR A 128 6.56 2.07 7.63
N CYS A 129 5.65 1.39 8.33
CA CYS A 129 4.81 2.01 9.36
C CYS A 129 5.60 2.87 10.32
N LEU A 130 5.30 4.17 10.26
CA LEU A 130 5.88 5.19 11.09
C LEU A 130 7.28 5.57 10.63
N GLU A 131 8.20 4.64 10.73
CA GLU A 131 9.60 4.90 10.44
C GLU A 131 9.95 4.58 8.99
N ARG A 22 -15.62 4.37 -2.10
CA ARG A 22 -16.25 3.18 -1.48
C ARG A 22 -15.42 2.70 -0.30
N LEU A 23 -14.56 1.71 -0.53
CA LEU A 23 -13.66 1.23 0.50
C LEU A 23 -12.39 2.07 0.48
N SER A 24 -11.88 2.41 1.65
CA SER A 24 -10.65 3.18 1.74
C SER A 24 -9.76 2.63 2.85
N TRP A 25 -8.46 2.82 2.74
CA TRP A 25 -7.51 2.24 3.71
C TRP A 25 -7.64 2.86 5.09
N TYR A 26 -8.34 3.97 5.22
CA TYR A 26 -8.47 4.63 6.51
C TYR A 26 -9.82 4.32 7.17
N ASP A 27 -10.60 3.42 6.56
CA ASP A 27 -11.83 2.95 7.17
C ASP A 27 -11.51 1.99 8.32
N PRO A 28 -12.19 2.13 9.47
CA PRO A 28 -11.96 1.30 10.64
C PRO A 28 -12.23 -0.19 10.37
N ASP A 29 -13.23 -0.46 9.54
CA ASP A 29 -13.60 -1.83 9.22
C ASP A 29 -12.81 -2.37 8.03
N PHE A 30 -11.93 -1.54 7.49
CA PHE A 30 -11.10 -1.94 6.36
C PHE A 30 -9.79 -2.52 6.86
N GLN A 31 -9.49 -3.73 6.43
CA GLN A 31 -8.31 -4.45 6.90
C GLN A 31 -7.11 -4.18 6.00
N ALA A 32 -6.09 -3.55 6.56
CA ALA A 32 -4.91 -3.17 5.79
C ALA A 32 -3.65 -3.29 6.63
N ARG A 33 -2.54 -3.60 5.96
CA ARG A 33 -1.23 -3.71 6.60
C ARG A 33 -0.21 -4.00 5.52
N LEU A 34 1.04 -4.24 5.89
CA LEU A 34 2.06 -4.57 4.91
C LEU A 34 2.09 -6.08 4.66
N THR A 35 2.56 -6.42 3.47
CA THR A 35 2.49 -7.78 2.96
C THR A 35 3.35 -8.76 3.72
N ARG A 36 3.18 -10.02 3.35
CA ARG A 36 4.10 -11.04 3.75
C ARG A 36 5.41 -10.85 2.98
N SER A 37 6.25 -9.99 3.49
CA SER A 37 7.53 -9.73 2.89
C SER A 37 8.63 -9.92 3.92
N ASN A 38 8.71 -8.99 4.86
CA ASN A 38 9.68 -9.05 5.93
C ASN A 38 9.05 -8.68 7.26
N SER A 39 8.10 -7.75 7.23
CA SER A 39 7.49 -7.28 8.45
C SER A 39 6.08 -6.77 8.21
N LYS A 40 5.25 -6.95 9.22
CA LYS A 40 3.94 -6.32 9.27
C LYS A 40 4.10 -4.82 9.37
N CYS A 41 5.29 -4.38 9.79
CA CYS A 41 5.58 -2.97 9.93
C CYS A 41 6.65 -2.53 8.92
N GLN A 42 6.96 -3.39 7.95
CA GLN A 42 7.79 -3.01 6.80
C GLN A 42 7.51 -3.93 5.61
N GLY A 43 7.10 -3.35 4.48
CA GLY A 43 6.69 -4.16 3.35
C GLY A 43 5.89 -3.38 2.32
N GLN A 44 5.47 -4.06 1.26
CA GLN A 44 4.53 -3.46 0.32
C GLN A 44 3.14 -3.44 0.94
N LEU A 45 2.25 -2.59 0.44
CA LEU A 45 0.94 -2.45 1.05
C LEU A 45 -0.01 -3.59 0.66
N GLU A 46 -0.53 -4.25 1.68
CA GLU A 46 -1.46 -5.37 1.52
C GLU A 46 -2.84 -4.98 2.05
N VAL A 47 -3.80 -4.83 1.15
CA VAL A 47 -5.13 -4.40 1.53
C VAL A 47 -6.20 -5.34 0.99
N TYR A 48 -7.20 -5.67 1.81
CA TYR A 48 -8.28 -6.53 1.37
C TYR A 48 -9.42 -5.72 0.80
N LEU A 49 -9.61 -5.79 -0.52
CA LEU A 49 -10.67 -5.03 -1.16
C LEU A 49 -11.09 -5.62 -2.48
N LYS A 50 -12.37 -5.42 -2.78
CA LYS A 50 -12.99 -5.81 -4.04
C LYS A 50 -13.10 -7.32 -4.16
N ASP A 51 -12.06 -8.01 -3.75
CA ASP A 51 -11.93 -9.44 -4.03
C ASP A 51 -10.64 -10.00 -3.49
N GLY A 52 -9.61 -9.18 -3.52
CA GLY A 52 -8.27 -9.68 -3.27
C GLY A 52 -7.60 -9.05 -2.10
N TRP A 53 -6.81 -9.86 -1.39
CA TRP A 53 -5.77 -9.32 -0.55
C TRP A 53 -4.73 -8.73 -1.47
N HIS A 54 -5.04 -7.55 -1.95
CA HIS A 54 -4.33 -6.95 -3.06
C HIS A 54 -3.02 -6.35 -2.61
N MET A 55 -1.92 -6.96 -3.02
CA MET A 55 -0.61 -6.38 -2.77
C MET A 55 -0.38 -5.24 -3.75
N VAL A 56 -0.59 -4.02 -3.28
CA VAL A 56 -0.49 -2.85 -4.14
C VAL A 56 0.95 -2.36 -4.20
N CYS A 57 1.20 -1.38 -5.06
CA CYS A 57 2.54 -0.85 -5.19
C CYS A 57 2.69 0.47 -4.43
N SER A 58 1.79 0.66 -3.45
CA SER A 58 1.82 1.81 -2.53
C SER A 58 1.41 3.12 -3.22
N GLN A 59 2.03 3.42 -4.36
CA GLN A 59 1.75 4.67 -5.08
C GLN A 59 0.59 4.50 -6.05
N SER A 60 -0.09 3.36 -5.96
CA SER A 60 -1.26 3.08 -6.78
C SER A 60 -2.32 4.16 -6.58
N TRP A 61 -3.34 4.19 -7.46
CA TRP A 61 -4.38 5.21 -7.42
C TRP A 61 -3.82 6.57 -7.87
N GLY A 62 -3.10 7.24 -6.96
CA GLY A 62 -2.56 8.54 -7.26
C GLY A 62 -1.55 8.52 -8.39
N ARG A 63 -0.47 7.76 -8.21
CA ARG A 63 0.58 7.58 -9.24
C ARG A 63 1.39 8.86 -9.48
N SER A 64 0.90 9.98 -8.98
CA SER A 64 1.47 11.29 -9.27
C SER A 64 2.68 11.59 -8.39
N SER A 65 3.25 10.58 -7.77
CA SER A 65 4.38 10.77 -6.89
C SER A 65 5.19 9.47 -6.77
N LYS A 66 6.50 9.60 -6.92
CA LYS A 66 7.42 8.50 -6.69
C LYS A 66 8.28 8.82 -5.49
N GLN A 67 8.13 8.04 -4.42
CA GLN A 67 8.70 8.35 -3.11
C GLN A 67 7.99 9.58 -2.55
N TRP A 68 6.97 9.32 -1.75
CA TRP A 68 6.08 10.37 -1.27
C TRP A 68 6.67 11.12 -0.09
N GLU A 69 6.48 12.43 -0.07
CA GLU A 69 6.97 13.28 0.99
C GLU A 69 6.05 13.22 2.20
N ASP A 70 4.79 12.84 1.95
CA ASP A 70 3.78 12.76 2.99
C ASP A 70 3.16 11.36 3.03
N PRO A 71 3.60 10.53 3.99
CA PRO A 71 3.16 9.14 4.14
C PRO A 71 2.05 8.97 5.18
N SER A 72 1.14 9.92 5.24
CA SER A 72 0.07 9.89 6.20
C SER A 72 -1.09 9.01 5.70
N GLN A 73 -2.28 9.31 6.19
CA GLN A 73 -3.52 8.61 5.85
C GLN A 73 -3.60 7.21 6.47
N ALA A 74 -2.55 6.41 6.31
CA ALA A 74 -2.55 5.02 6.76
C ALA A 74 -2.13 4.90 8.23
N SER A 75 -2.29 5.98 8.98
CA SER A 75 -1.97 6.00 10.39
C SER A 75 -2.75 4.92 11.14
N LYS A 76 -4.05 4.85 10.85
CA LYS A 76 -4.93 3.84 11.43
C LYS A 76 -4.42 2.43 11.14
N VAL A 77 -3.82 2.27 9.97
CA VAL A 77 -3.34 0.97 9.53
C VAL A 77 -2.25 0.44 10.46
N CYS A 78 -1.14 1.15 10.56
CA CYS A 78 -0.04 0.68 11.37
C CYS A 78 -0.37 0.77 12.85
N GLN A 79 -1.20 1.73 13.22
CA GLN A 79 -1.67 1.85 14.60
C GLN A 79 -2.45 0.60 15.00
N ARG A 80 -3.29 0.13 14.07
CA ARG A 80 -4.06 -1.09 14.28
C ARG A 80 -3.12 -2.26 14.54
N LEU A 81 -1.97 -2.26 13.88
CA LEU A 81 -0.99 -3.34 14.05
C LEU A 81 0.11 -2.95 15.03
N ASN A 82 -0.15 -1.93 15.85
CA ASN A 82 0.76 -1.46 16.90
C ASN A 82 2.19 -1.24 16.38
N CYS A 83 2.33 -0.88 15.12
CA CYS A 83 3.65 -0.62 14.53
C CYS A 83 4.01 0.86 14.67
N GLY A 84 3.27 1.57 15.51
CA GLY A 84 3.55 2.96 15.75
C GLY A 84 2.81 3.88 14.78
N ASP A 85 3.53 4.88 14.29
CA ASP A 85 2.98 5.80 13.31
C ASP A 85 2.99 5.12 11.93
N PRO A 86 2.36 5.70 10.89
CA PRO A 86 2.23 5.00 9.63
C PRO A 86 3.52 4.83 8.87
N LEU A 87 3.55 3.71 8.18
CA LEU A 87 4.51 3.37 7.19
C LEU A 87 4.96 4.58 6.38
N SER A 88 6.23 4.88 6.53
CA SER A 88 6.90 5.86 5.70
C SER A 88 7.15 5.24 4.33
N LEU A 89 7.15 6.05 3.28
CA LEU A 89 7.24 5.52 1.93
C LEU A 89 8.56 5.90 1.25
N GLY A 90 9.32 4.90 0.86
CA GLY A 90 10.55 5.12 0.12
C GLY A 90 10.78 4.00 -0.87
N PRO A 91 11.70 4.14 -1.83
CA PRO A 91 11.96 3.10 -2.82
C PRO A 91 12.55 1.84 -2.19
N PHE A 92 11.79 0.75 -2.22
CA PHE A 92 12.20 -0.49 -1.58
C PHE A 92 12.79 -1.45 -2.61
N LEU A 93 13.21 -0.88 -3.74
CA LEU A 93 13.90 -1.60 -4.80
C LEU A 93 12.97 -2.58 -5.53
N LYS A 94 12.84 -3.78 -4.99
CA LYS A 94 12.01 -4.81 -5.60
C LYS A 94 11.45 -5.73 -4.52
N THR A 95 10.14 -5.69 -4.35
CA THR A 95 9.50 -6.46 -3.29
C THR A 95 8.40 -7.36 -3.85
N TYR A 96 7.40 -6.75 -4.47
CA TYR A 96 6.26 -7.51 -4.97
C TYR A 96 6.61 -8.27 -6.24
N THR A 97 5.65 -9.02 -6.75
CA THR A 97 5.86 -9.83 -7.93
C THR A 97 4.84 -9.45 -9.00
N PRO A 98 5.30 -8.70 -10.03
CA PRO A 98 4.46 -8.19 -11.13
C PRO A 98 3.70 -9.30 -11.88
N GLN A 99 2.62 -9.74 -11.25
CA GLN A 99 1.79 -10.82 -11.74
C GLN A 99 0.76 -11.13 -10.67
N SER A 100 1.26 -11.35 -9.47
CA SER A 100 0.41 -11.59 -8.30
C SER A 100 0.05 -10.27 -7.64
N SER A 101 0.99 -9.34 -7.61
CA SER A 101 0.73 -8.03 -7.04
C SER A 101 -0.03 -7.19 -8.04
N ILE A 102 -0.59 -6.08 -7.59
CA ILE A 102 -1.40 -5.24 -8.43
C ILE A 102 -1.07 -3.76 -8.24
N ILE A 103 -1.41 -2.98 -9.24
CA ILE A 103 -1.34 -1.53 -9.17
C ILE A 103 -2.74 -0.99 -9.41
N CYS A 104 -3.39 -0.45 -8.38
CA CYS A 104 -4.73 0.08 -8.58
C CYS A 104 -4.63 1.50 -9.13
N TYR A 105 -5.76 2.04 -9.57
CA TYR A 105 -5.77 3.36 -10.17
C TYR A 105 -6.96 4.16 -9.69
N GLY A 106 -7.08 5.40 -10.16
CA GLY A 106 -8.19 6.24 -9.78
C GLY A 106 -7.77 7.29 -8.77
N GLN A 107 -8.61 7.49 -7.76
CA GLN A 107 -8.32 8.43 -6.70
C GLN A 107 -7.84 7.69 -5.47
N LEU A 108 -6.83 8.23 -4.79
CA LEU A 108 -6.27 7.56 -3.63
C LEU A 108 -7.31 7.50 -2.51
N GLY A 109 -7.66 6.30 -2.12
CA GLY A 109 -8.70 6.13 -1.13
C GLY A 109 -9.92 5.46 -1.72
N SER A 110 -9.93 5.26 -3.03
CA SER A 110 -11.03 4.58 -3.67
C SER A 110 -10.63 3.16 -4.05
N PHE A 111 -10.71 2.25 -3.08
CA PHE A 111 -10.29 0.87 -3.27
C PHE A 111 -11.43 0.07 -3.88
N SER A 112 -11.80 0.43 -5.10
CA SER A 112 -12.89 -0.25 -5.79
C SER A 112 -12.41 -1.01 -7.03
N ASN A 113 -11.26 -0.61 -7.58
CA ASN A 113 -10.76 -1.24 -8.81
C ASN A 113 -9.24 -1.18 -8.89
N CYS A 114 -8.63 -2.26 -9.35
CA CYS A 114 -7.18 -2.31 -9.54
C CYS A 114 -6.84 -3.05 -10.84
N SER A 115 -5.55 -3.24 -11.09
CA SER A 115 -5.08 -3.99 -12.25
C SER A 115 -3.78 -4.70 -11.89
N HIS A 116 -3.46 -5.79 -12.58
CA HIS A 116 -2.26 -6.58 -12.26
C HIS A 116 -0.98 -5.77 -12.49
N SER A 117 -0.09 -5.84 -11.52
CA SER A 117 1.13 -5.04 -11.52
C SER A 117 2.04 -5.41 -12.68
N ARG A 118 2.31 -4.44 -13.53
CA ARG A 118 3.33 -4.59 -14.56
C ARG A 118 4.45 -3.60 -14.28
N ASN A 119 4.24 -2.35 -14.66
CA ASN A 119 5.17 -1.27 -14.37
C ASN A 119 4.56 0.06 -14.78
N ASP A 120 3.97 0.76 -13.83
CA ASP A 120 3.38 2.07 -14.10
C ASP A 120 4.39 3.15 -13.71
N MET A 121 4.40 3.52 -12.44
CA MET A 121 5.39 4.43 -11.91
C MET A 121 6.06 3.84 -10.67
N CYS A 122 5.41 2.88 -10.05
CA CYS A 122 5.93 2.23 -8.85
C CYS A 122 7.03 1.22 -9.16
N HIS A 123 8.19 1.46 -8.56
CA HIS A 123 9.30 0.53 -8.57
C HIS A 123 9.41 -0.09 -7.17
N SER A 124 8.33 -0.77 -6.78
CA SER A 124 8.16 -1.27 -5.42
C SER A 124 8.42 -0.18 -4.38
N LEU A 125 7.49 0.76 -4.29
CA LEU A 125 7.58 1.76 -3.24
C LEU A 125 7.17 1.13 -1.92
N GLY A 126 8.06 1.20 -0.95
CA GLY A 126 7.90 0.43 0.24
C GLY A 126 7.45 1.28 1.40
N LEU A 127 6.37 0.84 2.02
CA LEU A 127 5.86 1.51 3.18
C LEU A 127 6.36 0.78 4.42
N THR A 128 6.82 1.52 5.40
CA THR A 128 7.34 0.92 6.61
C THR A 128 6.87 1.68 7.84
N CYS A 129 5.96 1.04 8.59
CA CYS A 129 5.22 1.68 9.67
C CYS A 129 6.11 2.47 10.60
N LEU A 130 6.01 3.78 10.44
CA LEU A 130 6.77 4.75 11.19
C LEU A 130 8.23 4.79 10.75
N GLU A 131 8.95 3.71 11.02
CA GLU A 131 10.37 3.62 10.66
C GLU A 131 10.72 2.20 10.22
N ARG A 22 -15.31 4.43 -3.19
CA ARG A 22 -16.28 4.00 -2.17
C ARG A 22 -15.55 3.55 -0.91
N LEU A 23 -14.94 2.38 -0.97
CA LEU A 23 -14.12 1.89 0.14
C LEU A 23 -12.78 2.62 0.11
N SER A 24 -12.20 2.87 1.27
CA SER A 24 -10.91 3.55 1.33
C SER A 24 -10.04 2.99 2.45
N TRP A 25 -8.74 3.21 2.36
CA TRP A 25 -7.78 2.61 3.29
C TRP A 25 -7.72 3.35 4.63
N TYR A 26 -8.63 4.29 4.83
CA TYR A 26 -8.72 5.00 6.11
C TYR A 26 -10.03 4.68 6.80
N ASP A 27 -10.75 3.70 6.29
CA ASP A 27 -11.99 3.24 6.92
C ASP A 27 -11.66 2.41 8.15
N PRO A 28 -12.42 2.60 9.24
CA PRO A 28 -12.16 1.92 10.52
C PRO A 28 -12.22 0.40 10.43
N ASP A 29 -13.09 -0.11 9.56
CA ASP A 29 -13.28 -1.55 9.41
C ASP A 29 -12.25 -2.12 8.43
N PHE A 30 -11.68 -1.25 7.61
CA PHE A 30 -10.80 -1.68 6.54
C PHE A 30 -9.44 -2.11 7.09
N GLN A 31 -8.85 -3.13 6.48
CA GLN A 31 -7.62 -3.71 6.98
C GLN A 31 -6.53 -3.72 5.91
N ALA A 32 -5.35 -3.25 6.29
CA ALA A 32 -4.18 -3.29 5.42
C ALA A 32 -2.95 -3.63 6.24
N ARG A 33 -1.97 -4.23 5.60
CA ARG A 33 -0.78 -4.69 6.30
C ARG A 33 0.42 -4.76 5.38
N LEU A 34 1.54 -5.20 5.93
CA LEU A 34 2.76 -5.35 5.16
C LEU A 34 3.03 -6.81 4.85
N THR A 35 3.45 -7.10 3.63
CA THR A 35 3.75 -8.46 3.22
C THR A 35 4.99 -8.49 2.33
N ARG A 36 5.47 -9.70 2.05
CA ARG A 36 6.65 -9.93 1.20
C ARG A 36 7.93 -9.48 1.88
N SER A 37 7.94 -8.25 2.37
CA SER A 37 9.05 -7.75 3.17
C SER A 37 8.96 -8.37 4.56
N ASN A 38 7.75 -8.37 5.12
CA ASN A 38 7.45 -9.05 6.38
C ASN A 38 8.34 -8.56 7.52
N SER A 39 8.64 -7.27 7.54
CA SER A 39 9.55 -6.73 8.52
C SER A 39 8.82 -5.81 9.50
N LYS A 40 9.53 -5.38 10.54
CA LYS A 40 8.95 -4.67 11.66
C LYS A 40 8.40 -3.31 11.26
N CYS A 41 7.10 -3.27 11.00
CA CYS A 41 6.40 -2.05 10.62
C CYS A 41 7.00 -1.43 9.36
N GLN A 42 7.67 -2.26 8.56
CA GLN A 42 8.22 -1.83 7.29
C GLN A 42 8.03 -2.93 6.25
N GLY A 43 7.42 -2.60 5.11
CA GLY A 43 7.08 -3.62 4.16
C GLY A 43 6.39 -3.08 2.93
N GLN A 44 6.03 -3.97 2.03
CA GLN A 44 5.21 -3.61 0.88
C GLN A 44 3.75 -3.88 1.20
N LEU A 45 2.88 -2.95 0.84
CA LEU A 45 1.52 -2.93 1.35
C LEU A 45 0.61 -3.96 0.68
N GLU A 46 -0.20 -4.61 1.50
CA GLU A 46 -1.25 -5.52 1.06
C GLU A 46 -2.54 -5.13 1.79
N VAL A 47 -3.58 -4.83 1.03
CA VAL A 47 -4.82 -4.34 1.64
C VAL A 47 -5.96 -5.33 1.40
N TYR A 48 -6.78 -5.55 2.41
CA TYR A 48 -7.88 -6.50 2.30
C TYR A 48 -9.14 -5.81 1.82
N LEU A 49 -9.56 -6.17 0.61
CA LEU A 49 -10.88 -5.77 0.13
C LEU A 49 -11.80 -6.99 0.14
N LYS A 50 -13.00 -6.81 -0.40
CA LYS A 50 -14.08 -7.80 -0.27
C LYS A 50 -13.65 -9.23 -0.60
N ASP A 51 -12.83 -9.41 -1.63
CA ASP A 51 -12.45 -10.77 -2.04
C ASP A 51 -10.95 -10.88 -2.29
N GLY A 52 -10.17 -9.93 -1.79
CA GLY A 52 -8.76 -9.91 -2.14
C GLY A 52 -7.87 -9.22 -1.15
N TRP A 53 -6.92 -9.95 -0.59
CA TRP A 53 -5.77 -9.34 0.04
C TRP A 53 -4.87 -8.81 -1.07
N HIS A 54 -5.21 -7.64 -1.57
CA HIS A 54 -4.55 -7.08 -2.74
C HIS A 54 -3.20 -6.49 -2.37
N MET A 55 -2.13 -7.20 -2.72
CA MET A 55 -0.79 -6.64 -2.57
C MET A 55 -0.60 -5.50 -3.58
N VAL A 56 -0.55 -4.29 -3.06
CA VAL A 56 -0.48 -3.11 -3.91
C VAL A 56 0.97 -2.73 -4.16
N CYS A 57 1.18 -1.75 -5.03
CA CYS A 57 2.51 -1.26 -5.30
C CYS A 57 2.77 0.02 -4.52
N SER A 58 1.96 0.22 -3.47
CA SER A 58 2.10 1.35 -2.54
C SER A 58 1.72 2.69 -3.18
N GLN A 59 2.24 2.98 -4.37
CA GLN A 59 1.99 4.25 -5.02
C GLN A 59 0.80 4.17 -5.98
N SER A 60 0.01 3.10 -5.85
CA SER A 60 -1.18 2.90 -6.66
C SER A 60 -2.16 4.08 -6.49
N TRP A 61 -3.12 4.19 -7.40
CA TRP A 61 -4.11 5.27 -7.40
C TRP A 61 -3.45 6.59 -7.80
N GLY A 62 -2.75 7.21 -6.87
CA GLY A 62 -2.14 8.50 -7.16
C GLY A 62 -1.19 8.95 -6.07
N ARG A 63 -0.16 8.17 -5.80
CA ARG A 63 0.85 8.56 -4.85
C ARG A 63 2.11 9.04 -5.55
N SER A 64 3.01 9.65 -4.81
CA SER A 64 4.21 10.23 -5.38
C SER A 64 5.31 9.18 -5.53
N SER A 65 6.24 9.45 -6.44
CA SER A 65 7.43 8.61 -6.59
C SER A 65 8.54 9.14 -5.69
N LYS A 66 8.24 10.26 -5.04
CA LYS A 66 9.15 10.92 -4.14
C LYS A 66 9.03 10.35 -2.72
N GLN A 67 10.16 10.13 -2.08
CA GLN A 67 10.18 9.60 -0.73
C GLN A 67 9.82 10.70 0.28
N TRP A 68 8.91 10.35 1.20
CA TRP A 68 8.46 11.28 2.25
C TRP A 68 7.55 12.39 1.70
N GLU A 69 6.96 13.15 2.63
CA GLU A 69 6.08 14.27 2.30
C GLU A 69 4.94 13.82 1.37
N ASP A 70 4.14 12.89 1.87
CA ASP A 70 3.02 12.28 1.13
C ASP A 70 2.40 11.15 1.98
N PRO A 71 3.25 10.26 2.55
CA PRO A 71 2.83 9.26 3.54
C PRO A 71 1.80 9.74 4.55
N SER A 72 0.53 9.45 4.28
CA SER A 72 -0.55 9.78 5.19
C SER A 72 -1.76 8.90 4.91
N GLN A 73 -2.73 9.02 5.80
CA GLN A 73 -4.09 8.50 5.60
C GLN A 73 -4.19 6.98 5.70
N ALA A 74 -3.08 6.29 5.91
CA ALA A 74 -3.11 4.86 6.21
C ALA A 74 -2.89 4.64 7.71
N SER A 75 -3.05 5.72 8.47
CA SER A 75 -2.80 5.71 9.90
C SER A 75 -3.68 4.67 10.58
N LYS A 76 -4.89 4.52 10.07
CA LYS A 76 -5.85 3.56 10.59
C LYS A 76 -5.31 2.13 10.52
N VAL A 77 -4.77 1.74 9.37
CA VAL A 77 -4.39 0.36 9.15
C VAL A 77 -3.19 -0.05 10.00
N CYS A 78 -2.16 0.79 10.05
CA CYS A 78 -0.99 0.45 10.86
C CYS A 78 -1.24 0.69 12.33
N GLN A 79 -2.24 1.50 12.66
CA GLN A 79 -2.68 1.59 14.05
C GLN A 79 -3.20 0.24 14.51
N ARG A 80 -3.92 -0.43 13.63
CA ARG A 80 -4.44 -1.77 13.92
C ARG A 80 -3.30 -2.79 13.87
N LEU A 81 -2.20 -2.41 13.21
CA LEU A 81 -1.01 -3.25 13.15
C LEU A 81 -0.02 -2.88 14.25
N ASN A 82 -0.49 -2.07 15.20
CA ASN A 82 0.33 -1.59 16.35
C ASN A 82 1.62 -0.90 15.90
N CYS A 83 1.66 -0.45 14.66
CA CYS A 83 2.84 0.18 14.09
C CYS A 83 2.62 1.68 13.85
N GLY A 84 1.68 2.25 14.59
CA GLY A 84 1.55 3.70 14.68
C GLY A 84 1.11 4.38 13.38
N ASP A 85 1.90 5.37 12.97
CA ASP A 85 1.53 6.28 11.86
C ASP A 85 1.77 5.62 10.50
N PRO A 86 1.21 6.19 9.42
CA PRO A 86 1.20 5.54 8.13
C PRO A 86 2.41 5.73 7.25
N LEU A 87 3.36 4.88 7.50
CA LEU A 87 4.31 4.37 6.50
C LEU A 87 4.95 5.41 5.61
N SER A 88 6.24 5.58 5.76
CA SER A 88 7.02 6.37 4.83
C SER A 88 6.98 5.72 3.45
N LEU A 89 6.71 6.53 2.43
CA LEU A 89 6.56 6.05 1.07
C LEU A 89 7.89 6.14 0.33
N GLY A 90 8.22 5.08 -0.39
CA GLY A 90 9.43 5.06 -1.18
C GLY A 90 9.80 3.65 -1.56
N PRO A 91 10.56 3.43 -2.64
CA PRO A 91 10.92 2.09 -3.11
C PRO A 91 11.65 1.31 -2.02
N PHE A 92 11.04 0.20 -1.60
CA PHE A 92 11.53 -0.55 -0.45
C PHE A 92 12.74 -1.39 -0.81
N LEU A 93 12.53 -2.45 -1.59
CA LEU A 93 13.63 -3.34 -1.95
C LEU A 93 13.16 -4.44 -2.90
N LYS A 94 12.19 -5.24 -2.45
CA LYS A 94 11.76 -6.40 -3.22
C LYS A 94 10.83 -6.00 -4.35
N THR A 95 11.02 -6.64 -5.50
CA THR A 95 10.17 -6.40 -6.64
C THR A 95 9.02 -7.42 -6.66
N TYR A 96 7.81 -6.92 -6.79
CA TYR A 96 6.65 -7.78 -6.86
C TYR A 96 6.49 -8.38 -8.26
N THR A 97 5.35 -9.00 -8.52
CA THR A 97 5.18 -9.76 -9.74
C THR A 97 4.17 -9.10 -10.67
N PRO A 98 4.64 -8.56 -11.80
CA PRO A 98 3.78 -7.94 -12.84
C PRO A 98 2.85 -8.97 -13.49
N GLN A 99 1.87 -9.41 -12.71
CA GLN A 99 0.94 -10.45 -13.09
C GLN A 99 0.14 -10.86 -11.86
N SER A 100 0.85 -11.00 -10.76
CA SER A 100 0.25 -11.43 -9.50
C SER A 100 -0.10 -10.23 -8.63
N SER A 101 0.82 -9.26 -8.54
CA SER A 101 0.55 -8.07 -7.75
C SER A 101 -0.32 -7.11 -8.54
N ILE A 102 -0.90 -6.13 -7.88
CA ILE A 102 -1.79 -5.20 -8.55
C ILE A 102 -1.35 -3.75 -8.33
N ILE A 103 -1.72 -2.93 -9.28
CA ILE A 103 -1.53 -1.50 -9.21
C ILE A 103 -2.88 -0.86 -9.50
N CYS A 104 -3.62 -0.51 -8.46
CA CYS A 104 -4.99 -0.03 -8.65
C CYS A 104 -4.95 1.46 -8.90
N TYR A 105 -5.11 1.87 -10.15
CA TYR A 105 -5.10 3.28 -10.49
C TYR A 105 -6.39 3.94 -10.03
N GLY A 106 -6.42 5.26 -10.00
CA GLY A 106 -7.61 5.95 -9.56
C GLY A 106 -7.30 7.14 -8.68
N GLN A 107 -8.12 7.32 -7.65
CA GLN A 107 -8.01 8.48 -6.78
C GLN A 107 -7.74 8.08 -5.34
N LEU A 108 -6.68 8.65 -4.77
CA LEU A 108 -6.31 8.49 -3.35
C LEU A 108 -6.18 7.02 -2.95
N GLY A 109 -7.26 6.46 -2.43
CA GLY A 109 -7.28 5.09 -2.02
C GLY A 109 -8.68 4.55 -2.07
N SER A 110 -9.31 4.72 -3.22
CA SER A 110 -10.64 4.18 -3.42
C SER A 110 -10.52 2.72 -3.86
N PHE A 111 -10.67 1.82 -2.90
CA PHE A 111 -10.56 0.39 -3.15
C PHE A 111 -11.86 -0.14 -3.73
N SER A 112 -12.31 0.51 -4.79
CA SER A 112 -13.50 0.12 -5.50
C SER A 112 -13.14 -0.32 -6.91
N ASN A 113 -11.83 -0.34 -7.18
CA ASN A 113 -11.31 -0.75 -8.46
C ASN A 113 -9.80 -1.01 -8.33
N CYS A 114 -9.32 -1.97 -9.10
CA CYS A 114 -7.89 -2.26 -9.16
C CYS A 114 -7.54 -2.78 -10.55
N SER A 115 -6.26 -2.99 -10.79
CA SER A 115 -5.79 -3.58 -12.03
C SER A 115 -4.48 -4.29 -11.78
N HIS A 116 -4.28 -5.42 -12.45
CA HIS A 116 -3.02 -6.17 -12.35
C HIS A 116 -1.83 -5.26 -12.66
N SER A 117 -0.72 -5.48 -11.96
CA SER A 117 0.49 -4.69 -12.15
C SER A 117 0.82 -4.54 -13.63
N ARG A 118 0.55 -3.34 -14.16
CA ARG A 118 0.56 -3.10 -15.59
C ARG A 118 1.97 -2.85 -16.11
N ASN A 119 2.48 -1.64 -15.90
CA ASN A 119 3.77 -1.26 -16.48
C ASN A 119 4.40 -0.10 -15.72
N ASP A 120 5.62 -0.34 -15.22
CA ASP A 120 6.45 0.65 -14.59
C ASP A 120 5.73 1.34 -13.45
N MET A 121 6.00 2.62 -13.35
CA MET A 121 5.52 3.48 -12.27
C MET A 121 6.08 3.02 -10.93
N CYS A 122 5.42 2.06 -10.32
CA CYS A 122 5.89 1.46 -9.08
C CYS A 122 6.69 0.19 -9.36
N HIS A 123 8.01 0.33 -9.29
CA HIS A 123 8.91 -0.80 -9.49
C HIS A 123 8.96 -1.64 -8.24
N SER A 124 9.07 -0.97 -7.10
CA SER A 124 9.15 -1.64 -5.81
C SER A 124 8.78 -0.68 -4.69
N LEU A 125 7.81 0.19 -4.93
CA LEU A 125 7.40 1.18 -3.93
C LEU A 125 6.93 0.48 -2.66
N GLY A 126 7.48 0.91 -1.54
CA GLY A 126 7.16 0.29 -0.28
C GLY A 126 6.50 1.26 0.67
N LEU A 127 6.12 0.76 1.83
CA LEU A 127 5.36 1.52 2.80
C LEU A 127 5.69 1.02 4.20
N THR A 128 6.23 1.90 4.99
CA THR A 128 6.80 1.53 6.27
C THR A 128 6.13 2.29 7.44
N CYS A 129 5.13 1.64 8.10
CA CYS A 129 4.24 2.31 9.07
C CYS A 129 5.02 3.26 10.00
N LEU A 130 5.54 2.74 11.08
CA LEU A 130 6.30 3.58 11.98
C LEU A 130 7.77 3.48 11.59
N GLU A 131 8.17 4.32 10.64
CA GLU A 131 9.56 4.38 10.19
C GLU A 131 10.54 4.43 11.36
N ARG A 22 -16.10 4.69 1.93
CA ARG A 22 -15.80 3.51 1.08
C ARG A 22 -14.46 2.91 1.48
N LEU A 23 -14.10 1.82 0.82
CA LEU A 23 -12.84 1.12 1.06
C LEU A 23 -11.67 2.10 0.98
N SER A 24 -10.98 2.30 2.10
CA SER A 24 -9.91 3.27 2.18
C SER A 24 -8.78 2.78 3.09
N TRP A 25 -7.56 3.25 2.83
CA TRP A 25 -6.41 2.85 3.65
C TRP A 25 -6.32 3.72 4.92
N TYR A 26 -7.43 4.35 5.25
CA TYR A 26 -7.56 5.06 6.52
C TYR A 26 -8.82 4.61 7.24
N ASP A 27 -9.31 3.45 6.85
CA ASP A 27 -10.46 2.84 7.49
C ASP A 27 -9.97 1.85 8.55
N PRO A 28 -10.48 1.96 9.79
CA PRO A 28 -10.00 1.15 10.92
C PRO A 28 -10.27 -0.35 10.75
N ASP A 29 -11.21 -0.70 9.89
CA ASP A 29 -11.56 -2.10 9.70
C ASP A 29 -11.23 -2.59 8.29
N PHE A 30 -10.64 -1.72 7.50
CA PHE A 30 -10.20 -2.13 6.18
C PHE A 30 -8.87 -2.85 6.32
N GLN A 31 -8.87 -4.14 5.99
CA GLN A 31 -7.66 -4.93 6.11
C GLN A 31 -6.61 -4.47 5.12
N ALA A 32 -5.54 -3.92 5.65
CA ALA A 32 -4.43 -3.42 4.86
C ALA A 32 -3.19 -3.37 5.72
N ARG A 33 -2.07 -3.78 5.18
CA ARG A 33 -0.84 -3.89 5.97
C ARG A 33 0.32 -4.30 5.09
N LEU A 34 1.46 -4.45 5.70
CA LEU A 34 2.66 -4.85 4.99
C LEU A 34 2.91 -6.34 5.21
N THR A 35 3.28 -7.03 4.15
CA THR A 35 3.43 -8.48 4.22
C THR A 35 4.77 -8.91 3.63
N ARG A 36 4.96 -10.24 3.54
CA ARG A 36 6.11 -10.85 2.88
C ARG A 36 7.40 -10.69 3.71
N SER A 37 7.63 -9.50 4.23
CA SER A 37 8.80 -9.24 5.03
C SER A 37 8.52 -9.49 6.51
N ASN A 38 7.31 -10.03 6.78
CA ASN A 38 6.87 -10.39 8.13
C ASN A 38 6.50 -9.17 8.96
N SER A 39 7.31 -8.13 8.89
CA SER A 39 7.04 -6.89 9.58
C SER A 39 5.81 -6.21 9.02
N LYS A 40 4.76 -6.16 9.82
CA LYS A 40 3.53 -5.46 9.45
C LYS A 40 3.77 -3.97 9.44
N CYS A 41 4.87 -3.56 10.05
CA CYS A 41 5.24 -2.15 10.09
C CYS A 41 6.40 -1.87 9.13
N GLN A 42 6.76 -2.86 8.31
CA GLN A 42 7.77 -2.67 7.25
C GLN A 42 7.62 -3.74 6.16
N GLY A 43 7.43 -3.32 4.92
CA GLY A 43 7.18 -4.28 3.86
C GLY A 43 6.41 -3.69 2.69
N GLN A 44 6.13 -4.50 1.67
CA GLN A 44 5.29 -4.06 0.57
C GLN A 44 3.84 -4.06 1.02
N LEU A 45 3.07 -3.09 0.55
CA LEU A 45 1.68 -2.94 0.98
C LEU A 45 0.79 -3.99 0.32
N GLU A 46 0.02 -4.67 1.13
CA GLU A 46 -0.95 -5.64 0.66
C GLU A 46 -2.31 -5.30 1.25
N VAL A 47 -3.28 -5.04 0.38
CA VAL A 47 -4.58 -4.55 0.83
C VAL A 47 -5.70 -5.52 0.46
N TYR A 48 -6.62 -5.73 1.38
CA TYR A 48 -7.69 -6.69 1.17
C TYR A 48 -8.95 -6.00 0.63
N LEU A 49 -9.17 -6.15 -0.67
CA LEU A 49 -10.36 -5.59 -1.31
C LEU A 49 -10.85 -6.53 -2.41
N LYS A 50 -12.17 -6.63 -2.54
CA LYS A 50 -12.79 -7.62 -3.43
C LYS A 50 -12.29 -9.01 -3.07
N ASP A 51 -11.90 -9.14 -1.80
CA ASP A 51 -11.39 -10.40 -1.20
C ASP A 51 -10.04 -10.78 -1.80
N GLY A 52 -9.50 -9.88 -2.59
CA GLY A 52 -8.14 -10.00 -3.08
C GLY A 52 -7.17 -9.28 -2.19
N TRP A 53 -6.34 -10.05 -1.51
CA TRP A 53 -5.18 -9.50 -0.86
C TRP A 53 -4.24 -9.00 -1.94
N HIS A 54 -4.48 -7.78 -2.35
CA HIS A 54 -3.80 -7.21 -3.47
C HIS A 54 -2.45 -6.63 -3.04
N MET A 55 -1.35 -7.31 -3.37
CA MET A 55 -0.03 -6.76 -3.10
C MET A 55 0.21 -5.59 -4.04
N VAL A 56 0.03 -4.39 -3.52
CA VAL A 56 0.05 -3.20 -4.34
C VAL A 56 1.43 -2.55 -4.33
N CYS A 57 1.73 -1.75 -5.34
CA CYS A 57 3.01 -1.06 -5.39
C CYS A 57 2.94 0.35 -4.81
N SER A 58 1.97 0.58 -3.91
CA SER A 58 1.92 1.79 -3.07
C SER A 58 1.54 3.05 -3.86
N GLN A 59 2.26 3.33 -4.95
CA GLN A 59 2.08 4.56 -5.72
C GLN A 59 0.81 4.54 -6.55
N SER A 60 0.01 3.51 -6.36
CA SER A 60 -1.20 3.34 -7.13
C SER A 60 -2.25 4.38 -6.73
N TRP A 61 -3.41 4.33 -7.39
CA TRP A 61 -4.52 5.24 -7.13
C TRP A 61 -4.19 6.68 -7.53
N GLY A 62 -3.58 7.41 -6.61
CA GLY A 62 -3.34 8.83 -6.83
C GLY A 62 -1.96 9.11 -7.35
N ARG A 63 -1.23 8.06 -7.67
CA ARG A 63 0.13 8.17 -8.21
C ARG A 63 1.00 8.98 -7.26
N SER A 64 1.22 8.42 -6.07
CA SER A 64 1.96 9.10 -5.02
C SER A 64 3.37 9.48 -5.48
N SER A 65 4.28 8.50 -5.50
CA SER A 65 5.67 8.71 -5.89
C SER A 65 6.28 9.88 -5.11
N LYS A 66 5.88 10.00 -3.86
CA LYS A 66 6.38 11.03 -2.96
C LYS A 66 6.97 10.38 -1.72
N GLN A 67 8.18 10.77 -1.36
CA GLN A 67 8.91 10.12 -0.28
C GLN A 67 8.68 10.85 1.04
N TRP A 68 8.04 10.16 1.98
CA TRP A 68 7.80 10.67 3.33
C TRP A 68 6.89 11.90 3.36
N GLU A 69 6.47 12.27 4.57
CA GLU A 69 5.66 13.46 4.82
C GLU A 69 4.24 13.34 4.26
N ASP A 70 4.14 13.29 2.94
CA ASP A 70 2.83 13.30 2.25
C ASP A 70 2.08 11.95 2.41
N PRO A 71 2.78 10.80 2.18
CA PRO A 71 2.22 9.42 2.36
C PRO A 71 1.53 9.12 3.71
N SER A 72 1.32 10.12 4.54
CA SER A 72 0.81 9.92 5.89
C SER A 72 -0.72 9.73 5.93
N GLN A 73 -1.31 9.37 4.79
CA GLN A 73 -2.76 9.27 4.68
C GLN A 73 -3.28 7.92 5.16
N ALA A 74 -2.48 7.21 5.94
CA ALA A 74 -2.83 5.84 6.38
C ALA A 74 -2.59 5.66 7.88
N SER A 75 -2.63 6.76 8.60
CA SER A 75 -2.36 6.78 10.03
C SER A 75 -3.23 5.78 10.78
N LYS A 76 -4.44 5.56 10.28
CA LYS A 76 -5.41 4.74 10.97
C LYS A 76 -5.09 3.25 10.82
N VAL A 77 -4.60 2.83 9.66
CA VAL A 77 -4.36 1.42 9.44
C VAL A 77 -3.12 0.93 10.18
N CYS A 78 -2.04 1.71 10.18
CA CYS A 78 -0.85 1.28 10.94
C CYS A 78 -1.10 1.41 12.43
N GLN A 79 -2.02 2.28 12.81
CA GLN A 79 -2.45 2.38 14.20
C GLN A 79 -3.17 1.10 14.61
N ARG A 80 -3.98 0.57 13.68
CA ARG A 80 -4.66 -0.70 13.88
C ARG A 80 -3.66 -1.86 13.83
N LEU A 81 -2.50 -1.59 13.26
CA LEU A 81 -1.44 -2.58 13.19
C LEU A 81 -0.49 -2.41 14.36
N ASN A 82 -0.86 -1.54 15.30
CA ASN A 82 -0.02 -1.16 16.44
C ASN A 82 1.42 -0.89 16.01
N CYS A 83 1.55 -0.14 14.92
CA CYS A 83 2.86 0.24 14.41
C CYS A 83 3.07 1.75 14.55
N GLY A 84 2.05 2.45 15.02
CA GLY A 84 2.13 3.88 15.24
C GLY A 84 1.53 4.69 14.10
N ASP A 85 2.33 5.59 13.56
CA ASP A 85 1.92 6.42 12.43
C ASP A 85 2.02 5.61 11.14
N PRO A 86 1.54 6.13 9.99
CA PRO A 86 1.50 5.34 8.77
C PRO A 86 2.85 5.11 8.15
N LEU A 87 2.91 3.97 7.52
CA LEU A 87 3.97 3.59 6.64
C LEU A 87 4.49 4.74 5.82
N SER A 88 5.72 5.07 6.10
CA SER A 88 6.47 6.01 5.30
C SER A 88 6.73 5.40 3.92
N LEU A 89 6.54 6.19 2.88
CA LEU A 89 6.59 5.70 1.52
C LEU A 89 7.98 5.91 0.93
N GLY A 90 8.49 4.88 0.27
CA GLY A 90 9.79 4.93 -0.37
C GLY A 90 10.02 3.71 -1.23
N PRO A 91 11.19 3.55 -1.85
CA PRO A 91 11.47 2.38 -2.67
C PRO A 91 11.88 1.17 -1.83
N PHE A 92 11.13 0.08 -1.95
CA PHE A 92 11.38 -1.11 -1.15
C PHE A 92 12.43 -1.99 -1.84
N LEU A 93 13.14 -2.78 -1.05
CA LEU A 93 14.26 -3.59 -1.54
C LEU A 93 13.78 -4.91 -2.13
N LYS A 94 12.96 -4.82 -3.15
CA LYS A 94 12.41 -5.99 -3.83
C LYS A 94 11.88 -5.56 -5.21
N THR A 95 11.38 -6.49 -5.99
CA THR A 95 10.72 -6.17 -7.24
C THR A 95 9.27 -6.65 -7.20
N TYR A 96 8.35 -5.87 -7.78
CA TYR A 96 6.94 -6.27 -7.81
C TYR A 96 6.73 -7.32 -8.90
N THR A 97 5.68 -8.11 -8.75
CA THR A 97 5.47 -9.24 -9.63
C THR A 97 4.14 -9.11 -10.37
N PRO A 98 4.17 -9.23 -11.70
CA PRO A 98 2.98 -9.08 -12.57
C PRO A 98 2.01 -10.25 -12.45
N GLN A 99 1.49 -10.45 -11.24
CA GLN A 99 0.52 -11.50 -10.95
C GLN A 99 0.13 -11.43 -9.49
N SER A 100 1.13 -11.50 -8.62
CA SER A 100 0.91 -11.36 -7.19
C SER A 100 0.72 -9.91 -6.81
N SER A 101 1.49 -9.04 -7.47
CA SER A 101 1.42 -7.61 -7.22
C SER A 101 0.55 -6.93 -8.26
N ILE A 102 0.00 -5.78 -7.92
CA ILE A 102 -0.83 -5.03 -8.84
C ILE A 102 -0.62 -3.53 -8.69
N ILE A 103 -1.12 -2.78 -9.65
CA ILE A 103 -1.18 -1.33 -9.56
C ILE A 103 -2.65 -0.93 -9.53
N CYS A 104 -3.15 -0.36 -8.46
CA CYS A 104 -4.54 0.05 -8.46
C CYS A 104 -4.67 1.48 -9.00
N TYR A 105 -5.89 1.89 -9.33
CA TYR A 105 -6.12 3.22 -9.87
C TYR A 105 -7.41 3.81 -9.34
N GLY A 106 -7.50 5.13 -9.44
CA GLY A 106 -8.66 5.84 -8.95
C GLY A 106 -8.26 7.07 -8.19
N GLN A 107 -8.99 7.38 -7.13
CA GLN A 107 -8.64 8.51 -6.29
C GLN A 107 -7.88 8.02 -5.05
N LEU A 108 -6.92 8.82 -4.61
CA LEU A 108 -6.12 8.48 -3.44
C LEU A 108 -7.01 8.29 -2.22
N GLY A 109 -7.09 7.05 -1.76
CA GLY A 109 -7.93 6.76 -0.62
C GLY A 109 -9.14 5.92 -0.99
N SER A 110 -9.47 5.87 -2.27
CA SER A 110 -10.61 5.09 -2.72
C SER A 110 -10.16 3.76 -3.31
N PHE A 111 -10.06 2.77 -2.45
CA PHE A 111 -9.63 1.43 -2.84
C PHE A 111 -10.81 0.67 -3.42
N SER A 112 -11.39 1.23 -4.47
CA SER A 112 -12.55 0.65 -5.09
C SER A 112 -12.14 -0.25 -6.25
N ASN A 113 -11.13 0.18 -7.02
CA ASN A 113 -10.71 -0.54 -8.21
C ASN A 113 -9.19 -0.63 -8.28
N CYS A 114 -8.71 -1.66 -8.96
CA CYS A 114 -7.28 -1.80 -9.24
C CYS A 114 -7.09 -2.22 -10.69
N SER A 115 -5.86 -2.51 -11.07
CA SER A 115 -5.56 -3.03 -12.40
C SER A 115 -4.37 -3.97 -12.34
N HIS A 116 -4.30 -4.88 -13.28
CA HIS A 116 -3.23 -5.87 -13.32
C HIS A 116 -1.91 -5.19 -13.68
N SER A 117 -0.85 -5.58 -12.97
CA SER A 117 0.49 -5.04 -13.20
C SER A 117 0.99 -5.45 -14.59
N ARG A 118 0.64 -4.67 -15.60
CA ARG A 118 1.00 -5.01 -16.97
C ARG A 118 1.87 -3.94 -17.62
N ASN A 119 1.39 -2.70 -17.64
CA ASN A 119 2.08 -1.63 -18.35
C ASN A 119 2.21 -0.37 -17.49
N ASP A 120 3.17 -0.40 -16.57
CA ASP A 120 3.50 0.73 -15.72
C ASP A 120 4.54 0.32 -14.69
N MET A 121 5.57 1.11 -14.53
CA MET A 121 6.68 0.75 -13.67
C MET A 121 6.58 1.42 -12.30
N CYS A 122 5.83 0.78 -11.39
CA CYS A 122 5.80 1.24 -10.01
C CYS A 122 6.98 0.68 -9.23
N HIS A 123 7.80 -0.11 -9.91
CA HIS A 123 9.04 -0.67 -9.36
C HIS A 123 8.77 -1.60 -8.20
N SER A 124 8.61 -1.00 -7.03
CA SER A 124 8.42 -1.73 -5.80
C SER A 124 8.30 -0.74 -4.65
N LEU A 125 7.63 0.38 -4.90
CA LEU A 125 7.45 1.37 -3.86
C LEU A 125 6.79 0.73 -2.66
N GLY A 126 7.50 0.77 -1.56
CA GLY A 126 7.06 0.09 -0.37
C GLY A 126 6.61 1.07 0.67
N LEU A 127 6.45 0.56 1.88
CA LEU A 127 5.90 1.33 2.95
C LEU A 127 6.39 0.75 4.26
N THR A 128 6.45 1.58 5.26
CA THR A 128 6.96 1.16 6.55
C THR A 128 6.32 1.98 7.66
N CYS A 129 5.32 1.39 8.33
CA CYS A 129 4.46 2.12 9.27
C CYS A 129 5.25 2.99 10.23
N LEU A 130 5.13 4.28 9.96
CA LEU A 130 5.82 5.33 10.68
C LEU A 130 7.31 5.34 10.34
N GLU A 131 8.04 4.40 10.91
CA GLU A 131 9.47 4.33 10.73
C GLU A 131 9.96 2.89 10.80
N ARG A 22 -15.24 4.44 1.62
CA ARG A 22 -15.53 3.41 0.61
C ARG A 22 -14.26 2.67 0.22
N LEU A 23 -14.02 1.55 0.90
CA LEU A 23 -12.89 0.68 0.60
C LEU A 23 -11.60 1.49 0.51
N SER A 24 -11.23 2.15 1.59
CA SER A 24 -10.02 2.93 1.61
C SER A 24 -9.37 2.88 2.98
N TRP A 25 -8.14 3.36 3.08
CA TRP A 25 -7.42 3.37 4.35
C TRP A 25 -7.89 4.50 5.26
N TYR A 26 -8.98 5.15 4.89
CA TYR A 26 -9.64 6.10 5.78
C TYR A 26 -10.80 5.42 6.48
N ASP A 27 -11.13 4.22 6.01
CA ASP A 27 -12.14 3.40 6.63
C ASP A 27 -11.51 2.60 7.77
N PRO A 28 -12.03 2.75 9.00
CA PRO A 28 -11.47 2.08 10.17
C PRO A 28 -11.71 0.57 10.14
N ASP A 29 -12.58 0.16 9.22
CA ASP A 29 -12.92 -1.24 9.05
C ASP A 29 -12.11 -1.86 7.94
N PHE A 30 -11.29 -1.05 7.28
CA PHE A 30 -10.52 -1.53 6.14
C PHE A 30 -9.22 -2.14 6.61
N GLN A 31 -8.93 -3.34 6.12
CA GLN A 31 -7.76 -4.08 6.58
C GLN A 31 -6.60 -3.94 5.61
N ALA A 32 -5.52 -3.33 6.08
CA ALA A 32 -4.31 -3.17 5.28
C ALA A 32 -3.09 -3.41 6.15
N ARG A 33 -2.01 -3.89 5.54
CA ARG A 33 -0.76 -4.16 6.25
C ARG A 33 0.35 -4.46 5.26
N LEU A 34 1.53 -4.77 5.78
CA LEU A 34 2.68 -5.04 4.94
C LEU A 34 2.96 -6.53 4.88
N THR A 35 3.33 -7.00 3.71
CA THR A 35 3.62 -8.41 3.48
C THR A 35 4.82 -8.54 2.56
N ARG A 36 5.15 -9.78 2.20
CA ARG A 36 6.26 -10.08 1.29
C ARG A 36 7.57 -9.60 1.91
N SER A 37 7.52 -9.48 3.23
CA SER A 37 8.62 -9.00 4.03
C SER A 37 8.48 -9.62 5.41
N ASN A 38 9.49 -9.47 6.24
CA ASN A 38 9.46 -10.07 7.57
C ASN A 38 8.97 -9.06 8.60
N SER A 39 8.88 -7.80 8.20
CA SER A 39 8.43 -6.76 9.09
C SER A 39 7.01 -6.33 8.77
N LYS A 40 6.14 -6.45 9.75
CA LYS A 40 4.78 -5.97 9.62
C LYS A 40 4.74 -4.44 9.67
N CYS A 41 5.89 -3.85 9.98
CA CYS A 41 6.01 -2.42 10.06
C CYS A 41 6.90 -1.88 8.94
N GLN A 42 7.45 -2.79 8.12
CA GLN A 42 8.18 -2.40 6.91
C GLN A 42 8.01 -3.48 5.84
N GLY A 43 7.49 -3.11 4.67
CA GLY A 43 7.18 -4.12 3.68
C GLY A 43 6.31 -3.60 2.54
N GLN A 44 6.01 -4.45 1.58
CA GLN A 44 5.13 -4.09 0.49
C GLN A 44 3.69 -4.12 0.99
N LEU A 45 2.87 -3.18 0.52
CA LEU A 45 1.53 -3.02 1.05
C LEU A 45 0.54 -4.03 0.45
N GLU A 46 -0.09 -4.79 1.32
CA GLU A 46 -1.14 -5.72 0.93
C GLU A 46 -2.43 -5.30 1.62
N VAL A 47 -3.44 -4.96 0.83
CA VAL A 47 -4.68 -4.42 1.37
C VAL A 47 -5.87 -5.30 0.99
N TYR A 48 -6.71 -5.61 1.96
CA TYR A 48 -7.91 -6.39 1.72
C TYR A 48 -9.01 -5.51 1.14
N LEU A 49 -9.14 -5.52 -0.17
CA LEU A 49 -10.14 -4.71 -0.84
C LEU A 49 -11.18 -5.58 -1.50
N LYS A 50 -12.43 -5.42 -1.03
CA LYS A 50 -13.63 -6.14 -1.50
C LYS A 50 -13.53 -7.67 -1.39
N ASP A 51 -12.32 -8.21 -1.48
CA ASP A 51 -12.10 -9.66 -1.44
C ASP A 51 -10.63 -9.99 -1.62
N GLY A 52 -9.92 -9.11 -2.32
CA GLY A 52 -8.53 -9.35 -2.63
C GLY A 52 -7.60 -8.66 -1.68
N TRP A 53 -6.79 -9.43 -0.96
CA TRP A 53 -5.63 -8.90 -0.28
C TRP A 53 -4.61 -8.51 -1.34
N HIS A 54 -4.88 -7.40 -2.00
CA HIS A 54 -4.12 -7.01 -3.16
C HIS A 54 -2.81 -6.34 -2.77
N MET A 55 -1.71 -6.90 -3.25
CA MET A 55 -0.40 -6.31 -3.03
C MET A 55 -0.22 -5.14 -3.98
N VAL A 56 -0.27 -3.93 -3.48
CA VAL A 56 -0.19 -2.76 -4.33
C VAL A 56 1.26 -2.31 -4.48
N CYS A 57 1.53 -1.53 -5.52
CA CYS A 57 2.88 -1.04 -5.74
C CYS A 57 3.07 0.33 -5.11
N SER A 58 2.25 0.59 -4.06
CA SER A 58 2.31 1.84 -3.28
C SER A 58 1.86 3.04 -4.11
N GLN A 59 2.64 3.37 -5.15
CA GLN A 59 2.37 4.53 -5.98
C GLN A 59 1.32 4.21 -7.06
N SER A 60 0.37 3.36 -6.69
CA SER A 60 -0.77 3.06 -7.55
C SER A 60 -1.80 4.20 -7.42
N TRP A 61 -2.93 4.07 -8.12
CA TRP A 61 -4.01 5.06 -8.07
C TRP A 61 -3.59 6.34 -8.79
N GLY A 62 -2.79 7.17 -8.14
CA GLY A 62 -2.33 8.38 -8.78
C GLY A 62 -1.56 9.29 -7.85
N ARG A 63 -0.78 8.70 -6.94
CA ARG A 63 0.02 9.48 -6.01
C ARG A 63 1.34 8.81 -5.72
N SER A 64 2.42 9.45 -6.15
CA SER A 64 3.75 9.02 -5.78
C SER A 64 4.33 10.02 -4.78
N SER A 65 5.06 9.54 -3.79
CA SER A 65 5.60 10.41 -2.77
C SER A 65 7.08 10.14 -2.56
N LYS A 66 7.84 11.20 -2.33
CA LYS A 66 9.28 11.09 -2.11
C LYS A 66 9.61 11.52 -0.69
N GLN A 67 10.03 10.55 0.12
CA GLN A 67 10.46 10.78 1.52
C GLN A 67 9.27 11.08 2.44
N TRP A 68 8.64 12.23 2.22
CA TRP A 68 7.50 12.63 3.04
C TRP A 68 6.33 13.06 2.16
N GLU A 69 6.28 14.36 1.87
CA GLU A 69 5.15 14.99 1.17
C GLU A 69 3.85 14.83 1.96
N ASP A 70 3.26 13.64 1.92
CA ASP A 70 2.09 13.31 2.74
C ASP A 70 1.98 11.79 2.90
N PRO A 71 2.81 11.22 3.78
CA PRO A 71 2.90 9.77 4.00
C PRO A 71 1.94 9.26 5.07
N SER A 72 0.79 9.90 5.17
CA SER A 72 -0.18 9.58 6.21
C SER A 72 -1.20 8.54 5.70
N GLN A 73 -2.48 8.87 5.82
CA GLN A 73 -3.58 8.03 5.34
C GLN A 73 -3.77 6.77 6.21
N ALA A 74 -2.91 5.78 6.02
CA ALA A 74 -3.10 4.46 6.62
C ALA A 74 -2.64 4.41 8.09
N SER A 75 -2.78 5.52 8.79
CA SER A 75 -2.35 5.61 10.18
C SER A 75 -3.10 4.58 11.02
N LYS A 76 -4.38 4.37 10.68
CA LYS A 76 -5.22 3.44 11.41
C LYS A 76 -4.68 2.01 11.32
N VAL A 77 -4.21 1.61 10.14
CA VAL A 77 -3.86 0.23 9.92
C VAL A 77 -2.54 -0.13 10.61
N CYS A 78 -1.53 0.75 10.54
CA CYS A 78 -0.26 0.45 11.20
C CYS A 78 -0.41 0.54 12.71
N GLN A 79 -1.36 1.34 13.17
CA GLN A 79 -1.68 1.40 14.59
C GLN A 79 -2.17 0.05 15.08
N ARG A 80 -3.00 -0.59 14.26
CA ARG A 80 -3.53 -1.92 14.55
C ARG A 80 -2.42 -2.96 14.46
N LEU A 81 -1.36 -2.61 13.73
CA LEU A 81 -0.18 -3.46 13.63
C LEU A 81 0.84 -3.08 14.70
N ASN A 82 0.41 -2.15 15.59
CA ASN A 82 1.24 -1.57 16.65
C ASN A 82 2.62 -1.16 16.13
N CYS A 83 2.62 -0.59 14.94
CA CYS A 83 3.84 -0.10 14.31
C CYS A 83 3.91 1.43 14.42
N GLY A 84 2.91 2.01 15.08
CA GLY A 84 2.90 3.44 15.32
C GLY A 84 2.17 4.22 14.24
N ASP A 85 2.88 5.12 13.59
CA ASP A 85 2.32 5.95 12.55
C ASP A 85 2.23 5.15 11.24
N PRO A 86 1.59 5.69 10.19
CA PRO A 86 1.46 4.95 8.95
C PRO A 86 2.74 4.83 8.19
N LEU A 87 2.85 3.71 7.53
CA LEU A 87 3.83 3.46 6.54
C LEU A 87 4.14 4.68 5.70
N SER A 88 5.34 5.15 5.88
CA SER A 88 5.87 6.25 5.09
C SER A 88 6.13 5.76 3.66
N LEU A 89 5.97 6.65 2.70
CA LEU A 89 6.11 6.28 1.30
C LEU A 89 7.55 6.41 0.82
N GLY A 90 8.09 5.29 0.37
CA GLY A 90 9.44 5.25 -0.15
C GLY A 90 9.73 3.91 -0.76
N PRO A 91 10.60 3.83 -1.78
CA PRO A 91 10.89 2.57 -2.49
C PRO A 91 11.45 1.53 -1.54
N PHE A 92 10.84 0.35 -1.54
CA PHE A 92 11.19 -0.69 -0.59
C PHE A 92 11.40 -2.01 -1.31
N LEU A 93 12.67 -2.42 -1.40
CA LEU A 93 13.04 -3.70 -2.02
C LEU A 93 12.63 -3.74 -3.49
N LYS A 94 12.52 -4.94 -4.03
CA LYS A 94 12.05 -5.16 -5.40
C LYS A 94 11.58 -6.59 -5.55
N THR A 95 10.27 -6.80 -5.47
CA THR A 95 9.71 -8.14 -5.58
C THR A 95 8.48 -8.15 -6.48
N TYR A 96 7.30 -8.09 -5.86
CA TYR A 96 6.02 -8.15 -6.55
C TYR A 96 5.82 -9.48 -7.30
N THR A 97 4.58 -9.78 -7.63
CA THR A 97 4.25 -10.95 -8.43
C THR A 97 3.00 -10.65 -9.26
N PRO A 98 3.20 -10.22 -10.53
CA PRO A 98 2.11 -9.87 -11.45
C PRO A 98 1.09 -11.00 -11.61
N GLN A 99 0.13 -11.01 -10.70
CA GLN A 99 -0.86 -12.06 -10.61
C GLN A 99 -1.66 -11.83 -9.33
N SER A 100 -0.92 -11.68 -8.24
CA SER A 100 -1.51 -11.36 -6.95
C SER A 100 -1.23 -9.91 -6.59
N SER A 101 -0.06 -9.41 -7.01
CA SER A 101 0.25 -7.99 -6.82
C SER A 101 -0.25 -7.22 -8.02
N ILE A 102 -0.63 -5.98 -7.82
CA ILE A 102 -1.27 -5.20 -8.86
C ILE A 102 -0.89 -3.72 -8.79
N ILE A 103 -1.33 -2.99 -9.79
CA ILE A 103 -1.23 -1.54 -9.80
C ILE A 103 -2.65 -1.00 -9.92
N CYS A 104 -3.18 -0.42 -8.87
CA CYS A 104 -4.54 0.09 -8.93
C CYS A 104 -4.54 1.48 -9.54
N TYR A 105 -5.71 2.01 -9.82
CA TYR A 105 -5.83 3.31 -10.46
C TYR A 105 -7.08 4.03 -9.97
N GLY A 106 -7.31 5.22 -10.49
CA GLY A 106 -8.45 6.01 -10.07
C GLY A 106 -8.04 7.07 -9.08
N GLN A 107 -8.90 7.35 -8.12
CA GLN A 107 -8.59 8.32 -7.08
C GLN A 107 -8.12 7.61 -5.82
N LEU A 108 -7.09 8.17 -5.21
CA LEU A 108 -6.56 7.66 -3.95
C LEU A 108 -7.68 7.67 -2.91
N GLY A 109 -7.93 6.54 -2.29
CA GLY A 109 -9.06 6.44 -1.40
C GLY A 109 -10.20 5.64 -2.00
N SER A 110 -9.95 5.03 -3.15
CA SER A 110 -10.93 4.13 -3.75
C SER A 110 -10.29 2.82 -4.17
N PHE A 111 -10.23 1.86 -3.25
CA PHE A 111 -9.65 0.55 -3.53
C PHE A 111 -10.71 -0.36 -4.15
N SER A 112 -11.47 0.18 -5.09
CA SER A 112 -12.57 -0.54 -5.69
C SER A 112 -12.09 -1.44 -6.83
N ASN A 113 -11.11 -0.95 -7.60
CA ASN A 113 -10.60 -1.70 -8.74
C ASN A 113 -9.17 -1.30 -9.06
N CYS A 114 -8.44 -2.22 -9.69
CA CYS A 114 -7.04 -2.00 -10.02
C CYS A 114 -6.76 -2.51 -11.44
N SER A 115 -5.49 -2.67 -11.77
CA SER A 115 -5.09 -3.23 -13.05
C SER A 115 -3.84 -4.11 -12.90
N HIS A 116 -3.58 -4.94 -13.91
CA HIS A 116 -2.41 -5.81 -13.90
C HIS A 116 -1.11 -5.04 -13.69
N SER A 117 -0.25 -5.56 -12.84
CA SER A 117 0.99 -4.91 -12.44
C SER A 117 2.09 -5.03 -13.51
N ARG A 118 1.67 -5.14 -14.76
CA ARG A 118 2.60 -5.28 -15.87
C ARG A 118 2.87 -3.91 -16.50
N ASN A 119 2.29 -2.88 -15.92
CA ASN A 119 2.54 -1.51 -16.36
C ASN A 119 3.72 -0.96 -15.58
N ASP A 120 4.87 -0.85 -16.23
CA ASP A 120 6.07 -0.41 -15.55
C ASP A 120 6.02 1.09 -15.27
N MET A 121 5.46 1.44 -14.12
CA MET A 121 5.42 2.82 -13.65
C MET A 121 5.87 2.87 -12.20
N CYS A 122 5.30 2.01 -11.36
CA CYS A 122 5.81 1.83 -10.02
C CYS A 122 7.03 0.93 -10.03
N HIS A 123 8.18 1.56 -9.83
CA HIS A 123 9.46 0.86 -9.81
C HIS A 123 9.43 -0.20 -8.74
N SER A 124 9.37 0.26 -7.50
CA SER A 124 9.24 -0.61 -6.35
C SER A 124 8.92 0.24 -5.11
N LEU A 125 8.03 1.21 -5.30
CA LEU A 125 7.62 2.06 -4.19
C LEU A 125 6.98 1.21 -3.11
N GLY A 126 7.38 1.43 -1.88
CA GLY A 126 6.89 0.63 -0.79
C GLY A 126 6.30 1.50 0.28
N LEU A 127 6.05 0.90 1.42
CA LEU A 127 5.47 1.60 2.55
C LEU A 127 6.01 1.01 3.84
N THR A 128 6.35 1.84 4.79
CA THR A 128 6.94 1.37 6.02
C THR A 128 6.37 2.10 7.24
N CYS A 129 5.50 1.39 7.98
CA CYS A 129 4.71 1.98 9.06
C CYS A 129 5.54 2.86 9.96
N LEU A 130 5.25 4.15 9.84
CA LEU A 130 5.94 5.23 10.51
C LEU A 130 7.31 5.44 9.85
N GLU A 131 8.19 4.48 10.02
CA GLU A 131 9.52 4.55 9.42
C GLU A 131 10.05 3.14 9.17
N ARG A 22 -16.95 2.62 2.06
CA ARG A 22 -16.60 1.57 1.07
C ARG A 22 -15.24 0.98 1.42
N LEU A 23 -14.67 0.20 0.52
CA LEU A 23 -13.33 -0.34 0.71
C LEU A 23 -12.31 0.79 0.65
N SER A 24 -11.91 1.27 1.81
CA SER A 24 -10.92 2.34 1.90
C SER A 24 -9.96 2.03 3.05
N TRP A 25 -8.70 2.41 2.93
CA TRP A 25 -7.69 2.01 3.94
C TRP A 25 -7.76 2.87 5.20
N TYR A 26 -8.92 3.44 5.49
CA TYR A 26 -9.12 4.16 6.72
C TYR A 26 -10.37 3.67 7.44
N ASP A 27 -11.00 2.63 6.88
CA ASP A 27 -12.17 2.04 7.49
C ASP A 27 -11.76 0.90 8.43
N PRO A 28 -12.35 0.84 9.63
CA PRO A 28 -12.02 -0.19 10.63
C PRO A 28 -12.25 -1.61 10.12
N ASP A 29 -13.27 -1.80 9.30
CA ASP A 29 -13.62 -3.12 8.79
C ASP A 29 -12.77 -3.48 7.56
N PHE A 30 -11.92 -2.56 7.16
CA PHE A 30 -11.03 -2.79 6.02
C PHE A 30 -9.72 -3.40 6.51
N GLN A 31 -9.24 -4.39 5.79
CA GLN A 31 -8.00 -5.05 6.14
C GLN A 31 -6.84 -4.49 5.32
N ALA A 32 -5.87 -3.88 5.99
CA ALA A 32 -4.70 -3.32 5.33
C ALA A 32 -3.46 -3.62 6.14
N ARG A 33 -2.34 -3.89 5.45
CA ARG A 33 -1.09 -4.25 6.09
C ARG A 33 0.00 -4.40 5.06
N LEU A 34 1.17 -4.82 5.51
CA LEU A 34 2.32 -4.99 4.62
C LEU A 34 2.77 -6.44 4.63
N THR A 35 3.32 -6.89 3.51
CA THR A 35 3.83 -8.25 3.39
C THR A 35 5.18 -8.26 2.67
N ARG A 36 5.66 -9.47 2.34
CA ARG A 36 6.98 -9.67 1.74
C ARG A 36 8.08 -9.43 2.77
N SER A 37 8.13 -8.22 3.30
CA SER A 37 8.97 -7.93 4.44
C SER A 37 8.30 -8.50 5.69
N ASN A 38 9.07 -9.08 6.58
CA ASN A 38 8.51 -9.82 7.69
C ASN A 38 8.05 -8.88 8.82
N SER A 39 8.16 -7.58 8.58
CA SER A 39 7.70 -6.60 9.53
C SER A 39 6.21 -6.34 9.33
N LYS A 40 5.45 -6.42 10.41
CA LYS A 40 4.01 -6.22 10.33
C LYS A 40 3.65 -4.74 10.31
N CYS A 41 4.67 -3.89 10.23
CA CYS A 41 4.45 -2.48 9.96
C CYS A 41 5.56 -1.93 9.05
N GLN A 42 6.12 -2.80 8.22
CA GLN A 42 7.08 -2.40 7.18
C GLN A 42 7.12 -3.45 6.08
N GLY A 43 6.91 -3.02 4.84
CA GLY A 43 6.85 -3.96 3.74
C GLY A 43 5.99 -3.45 2.59
N GLN A 44 5.88 -4.26 1.54
CA GLN A 44 5.03 -3.94 0.40
C GLN A 44 3.56 -4.08 0.81
N LEU A 45 2.73 -3.14 0.38
CA LEU A 45 1.36 -3.06 0.88
C LEU A 45 0.48 -4.18 0.33
N GLU A 46 -0.24 -4.84 1.23
CA GLU A 46 -1.21 -5.86 0.88
C GLU A 46 -2.56 -5.51 1.52
N VAL A 47 -3.59 -5.36 0.70
CA VAL A 47 -4.89 -4.90 1.17
C VAL A 47 -6.02 -5.79 0.68
N TYR A 48 -6.99 -6.05 1.54
CA TYR A 48 -8.07 -6.97 1.24
C TYR A 48 -9.26 -6.24 0.61
N LEU A 49 -9.53 -6.56 -0.65
CA LEU A 49 -10.69 -6.01 -1.34
C LEU A 49 -11.10 -6.91 -2.48
N LYS A 50 -12.40 -6.91 -2.79
CA LYS A 50 -12.97 -7.84 -3.75
C LYS A 50 -12.56 -9.25 -3.35
N ASP A 51 -12.47 -9.44 -2.03
CA ASP A 51 -12.13 -10.73 -1.38
C ASP A 51 -10.72 -11.20 -1.77
N GLY A 52 -9.96 -10.28 -2.34
CA GLY A 52 -8.57 -10.52 -2.67
C GLY A 52 -7.65 -9.80 -1.73
N TRP A 53 -6.77 -10.54 -1.06
CA TRP A 53 -5.68 -9.92 -0.34
C TRP A 53 -4.68 -9.43 -1.37
N HIS A 54 -4.99 -8.29 -1.95
CA HIS A 54 -4.29 -7.81 -3.11
C HIS A 54 -2.99 -7.15 -2.72
N MET A 55 -1.89 -7.72 -3.16
CA MET A 55 -0.59 -7.09 -2.97
C MET A 55 -0.42 -5.99 -4.00
N VAL A 56 -0.25 -4.77 -3.54
CA VAL A 56 -0.17 -3.63 -4.43
C VAL A 56 1.27 -3.20 -4.61
N CYS A 57 1.50 -2.25 -5.52
CA CYS A 57 2.84 -1.74 -5.72
C CYS A 57 3.02 -0.38 -5.03
N SER A 58 2.22 -0.16 -3.98
CA SER A 58 2.37 0.98 -3.05
C SER A 58 1.98 2.33 -3.68
N GLN A 59 2.65 2.71 -4.76
CA GLN A 59 2.43 4.02 -5.38
C GLN A 59 1.10 4.07 -6.13
N SER A 60 0.40 2.94 -6.15
CA SER A 60 -0.92 2.85 -6.79
C SER A 60 -1.86 3.89 -6.18
N TRP A 61 -2.96 4.21 -6.88
CA TRP A 61 -3.91 5.25 -6.45
C TRP A 61 -3.31 6.65 -6.59
N GLY A 62 -2.32 6.95 -5.77
CA GLY A 62 -1.68 8.26 -5.80
C GLY A 62 -0.94 8.53 -7.08
N ARG A 63 -0.31 7.49 -7.63
CA ARG A 63 0.41 7.57 -8.90
C ARG A 63 1.65 8.45 -8.77
N SER A 64 2.17 8.57 -7.55
CA SER A 64 3.35 9.37 -7.32
C SER A 64 4.37 8.60 -6.49
N SER A 65 5.62 8.61 -6.93
CA SER A 65 6.70 8.00 -6.18
C SER A 65 7.24 9.00 -5.18
N LYS A 66 6.67 9.00 -3.98
CA LYS A 66 7.02 9.99 -2.97
C LYS A 66 8.00 9.40 -1.97
N GLN A 67 8.88 10.26 -1.47
CA GLN A 67 9.78 9.92 -0.37
C GLN A 67 10.00 11.16 0.49
N TRP A 68 8.99 12.02 0.47
CA TRP A 68 9.05 13.30 1.15
C TRP A 68 8.10 13.29 2.35
N GLU A 69 7.87 14.45 2.95
CA GLU A 69 6.98 14.56 4.10
C GLU A 69 5.51 14.51 3.67
N ASP A 70 5.07 13.31 3.31
CA ASP A 70 3.68 13.01 2.99
C ASP A 70 3.56 11.56 2.59
N PRO A 71 3.51 10.66 3.59
CA PRO A 71 3.54 9.21 3.36
C PRO A 71 2.27 8.66 2.70
N SER A 72 1.21 8.49 3.48
CA SER A 72 0.01 7.83 3.05
C SER A 72 -1.09 8.14 4.04
N GLN A 73 -2.31 8.03 3.58
CA GLN A 73 -3.48 8.35 4.39
C GLN A 73 -3.94 7.12 5.19
N ALA A 74 -2.99 6.27 5.53
CA ALA A 74 -3.28 5.01 6.22
C ALA A 74 -2.89 5.07 7.68
N SER A 75 -3.07 6.24 8.29
CA SER A 75 -2.72 6.44 9.69
C SER A 75 -3.43 5.43 10.59
N LYS A 76 -4.72 5.24 10.33
CA LYS A 76 -5.53 4.29 11.09
C LYS A 76 -4.95 2.87 10.99
N VAL A 77 -4.35 2.56 9.84
CA VAL A 77 -3.78 1.24 9.61
C VAL A 77 -2.62 0.96 10.56
N CYS A 78 -1.59 1.80 10.50
CA CYS A 78 -0.41 1.57 11.34
C CYS A 78 -0.69 1.87 12.81
N GLN A 79 -1.74 2.65 13.06
CA GLN A 79 -2.24 2.84 14.41
C GLN A 79 -2.74 1.51 14.96
N ARG A 80 -3.39 0.74 14.10
CA ARG A 80 -3.84 -0.61 14.43
C ARG A 80 -2.65 -1.56 14.51
N LEU A 81 -1.56 -1.17 13.85
CA LEU A 81 -0.35 -1.97 13.85
C LEU A 81 0.59 -1.54 14.95
N ASN A 82 0.07 -0.68 15.85
CA ASN A 82 0.82 -0.10 16.98
C ASN A 82 2.23 0.36 16.55
N CYS A 83 2.31 0.92 15.35
CA CYS A 83 3.59 1.38 14.82
C CYS A 83 3.56 2.87 14.48
N GLY A 84 2.63 3.58 15.11
CA GLY A 84 2.61 5.03 15.04
C GLY A 84 1.90 5.58 13.81
N ASP A 85 2.59 6.44 13.08
CA ASP A 85 2.03 7.06 11.89
C ASP A 85 2.06 6.05 10.75
N PRO A 86 1.40 6.35 9.61
CA PRO A 86 1.36 5.40 8.51
C PRO A 86 2.68 5.22 7.82
N LEU A 87 2.87 4.00 7.38
CA LEU A 87 3.89 3.61 6.46
C LEU A 87 4.22 4.70 5.47
N SER A 88 5.45 5.15 5.59
CA SER A 88 6.04 6.13 4.70
C SER A 88 6.41 5.47 3.38
N LEU A 89 6.63 6.29 2.36
CA LEU A 89 6.95 5.79 1.03
C LEU A 89 8.40 6.02 0.67
N GLY A 90 9.02 5.00 0.11
CA GLY A 90 10.38 5.09 -0.39
C GLY A 90 10.71 3.90 -1.25
N PRO A 91 11.70 3.99 -2.15
CA PRO A 91 12.05 2.86 -3.02
C PRO A 91 12.74 1.73 -2.22
N PHE A 92 11.95 0.72 -1.90
CA PHE A 92 12.38 -0.39 -1.08
C PHE A 92 12.68 -1.61 -1.96
N LEU A 93 12.56 -2.80 -1.39
CA LEU A 93 12.86 -4.04 -2.10
C LEU A 93 11.67 -4.48 -2.95
N LYS A 94 11.93 -4.89 -4.19
CA LYS A 94 10.88 -5.37 -5.09
C LYS A 94 10.73 -6.88 -4.99
N THR A 95 9.52 -7.36 -4.72
CA THR A 95 9.25 -8.78 -4.69
C THR A 95 7.83 -9.07 -5.23
N TYR A 96 7.26 -8.10 -5.91
CA TYR A 96 5.93 -8.25 -6.47
C TYR A 96 6.01 -8.66 -7.95
N THR A 97 4.90 -9.16 -8.47
CA THR A 97 4.87 -9.68 -9.84
C THR A 97 3.70 -9.06 -10.60
N PRO A 98 3.66 -9.19 -11.93
CA PRO A 98 2.64 -8.54 -12.75
C PRO A 98 1.25 -9.18 -12.65
N GLN A 99 1.06 -10.03 -11.67
CA GLN A 99 -0.22 -10.67 -11.47
C GLN A 99 -0.58 -10.79 -9.99
N SER A 100 0.42 -11.01 -9.13
CA SER A 100 0.19 -10.99 -7.70
C SER A 100 0.14 -9.56 -7.20
N SER A 101 0.83 -8.68 -7.92
CA SER A 101 0.80 -7.26 -7.63
C SER A 101 -0.14 -6.57 -8.61
N ILE A 102 -0.81 -5.55 -8.12
CA ILE A 102 -1.69 -4.77 -8.97
C ILE A 102 -1.43 -3.28 -8.80
N ILE A 103 -1.69 -2.53 -9.86
CA ILE A 103 -1.56 -1.09 -9.84
C ILE A 103 -2.97 -0.48 -9.82
N CYS A 104 -3.48 -0.10 -8.66
CA CYS A 104 -4.78 0.54 -8.64
C CYS A 104 -4.64 2.03 -8.94
N TYR A 105 -5.76 2.69 -9.17
CA TYR A 105 -5.76 4.11 -9.48
C TYR A 105 -6.94 4.78 -8.79
N GLY A 106 -7.15 6.05 -9.09
CA GLY A 106 -8.25 6.77 -8.49
C GLY A 106 -7.78 7.74 -7.43
N GLN A 107 -8.45 7.68 -6.30
CA GLN A 107 -8.10 8.52 -5.16
C GLN A 107 -7.29 7.72 -4.15
N LEU A 108 -6.19 8.30 -3.68
CA LEU A 108 -5.37 7.66 -2.66
C LEU A 108 -6.16 7.55 -1.35
N GLY A 109 -6.75 6.38 -1.13
CA GLY A 109 -7.60 6.19 0.02
C GLY A 109 -8.83 5.38 -0.35
N SER A 110 -9.34 5.63 -1.55
CA SER A 110 -10.54 4.95 -2.03
C SER A 110 -10.16 3.73 -2.87
N PHE A 111 -10.26 2.56 -2.26
CA PHE A 111 -9.84 1.31 -2.87
C PHE A 111 -11.01 0.66 -3.61
N SER A 112 -11.53 1.38 -4.60
CA SER A 112 -12.71 0.93 -5.32
C SER A 112 -12.35 0.31 -6.67
N ASN A 113 -11.33 0.86 -7.32
CA ASN A 113 -10.94 0.40 -8.65
C ASN A 113 -9.44 0.17 -8.74
N CYS A 114 -9.06 -0.89 -9.43
CA CYS A 114 -7.65 -1.22 -9.59
C CYS A 114 -7.32 -1.66 -11.02
N SER A 115 -6.09 -2.10 -11.22
CA SER A 115 -5.62 -2.68 -12.46
C SER A 115 -4.42 -3.56 -12.15
N HIS A 116 -3.89 -4.30 -13.13
CA HIS A 116 -2.74 -5.15 -12.88
C HIS A 116 -1.43 -4.40 -13.11
N SER A 117 -0.38 -4.81 -12.41
CA SER A 117 0.94 -4.21 -12.57
C SER A 117 1.55 -4.65 -13.90
N ARG A 118 1.09 -4.04 -14.99
CA ARG A 118 1.57 -4.36 -16.32
C ARG A 118 2.43 -3.23 -16.87
N ASN A 119 2.86 -2.34 -15.99
CA ASN A 119 3.70 -1.21 -16.38
C ASN A 119 4.63 -0.84 -15.23
N ASP A 120 5.70 -0.12 -15.53
CA ASP A 120 6.74 0.16 -14.54
C ASP A 120 6.42 1.43 -13.74
N MET A 121 5.17 1.92 -13.87
CA MET A 121 4.74 3.11 -13.12
C MET A 121 5.05 2.97 -11.64
N CYS A 122 4.80 1.79 -11.10
CA CYS A 122 5.25 1.50 -9.74
C CYS A 122 6.53 0.71 -9.77
N HIS A 123 7.63 1.42 -9.55
CA HIS A 123 8.89 0.76 -9.25
C HIS A 123 8.78 0.21 -7.84
N SER A 124 9.87 -0.28 -7.27
CA SER A 124 9.78 -0.88 -5.95
C SER A 124 9.53 0.17 -4.88
N LEU A 125 8.30 0.63 -4.77
CA LEU A 125 7.90 1.49 -3.68
C LEU A 125 7.51 0.65 -2.48
N GLY A 126 8.06 0.98 -1.34
CA GLY A 126 7.79 0.24 -0.14
C GLY A 126 7.26 1.13 0.95
N LEU A 127 6.42 0.57 1.79
CA LEU A 127 5.80 1.33 2.86
C LEU A 127 6.36 0.88 4.21
N THR A 128 6.46 1.80 5.15
CA THR A 128 6.95 1.47 6.47
C THR A 128 6.38 2.42 7.54
N CYS A 129 5.54 1.86 8.41
CA CYS A 129 4.70 2.63 9.32
C CYS A 129 5.47 3.70 10.06
N LEU A 130 5.21 4.94 9.64
CA LEU A 130 5.81 6.13 10.17
C LEU A 130 7.27 6.26 9.71
N GLU A 131 8.11 5.36 10.18
CA GLU A 131 9.53 5.39 9.86
C GLU A 131 10.02 4.00 9.45
N ARG A 22 -16.39 3.83 -1.38
CA ARG A 22 -16.74 2.42 -1.07
C ARG A 22 -15.79 1.87 -0.03
N LEU A 23 -14.56 1.64 -0.45
CA LEU A 23 -13.53 1.11 0.42
C LEU A 23 -12.31 2.01 0.38
N SER A 24 -11.78 2.36 1.54
CA SER A 24 -10.58 3.18 1.60
C SER A 24 -9.71 2.75 2.77
N TRP A 25 -8.40 2.88 2.61
CA TRP A 25 -7.45 2.38 3.61
C TRP A 25 -7.58 3.13 4.94
N TYR A 26 -8.18 4.32 4.93
CA TYR A 26 -8.29 5.09 6.15
C TYR A 26 -9.58 4.77 6.91
N ASP A 27 -10.40 3.88 6.36
CA ASP A 27 -11.60 3.42 7.06
C ASP A 27 -11.21 2.48 8.20
N PRO A 28 -11.73 2.75 9.42
CA PRO A 28 -11.42 1.95 10.60
C PRO A 28 -11.76 0.46 10.41
N ASP A 29 -12.86 0.20 9.71
CA ASP A 29 -13.30 -1.16 9.45
C ASP A 29 -12.50 -1.81 8.33
N PHE A 30 -11.86 -0.99 7.52
CA PHE A 30 -11.04 -1.48 6.43
C PHE A 30 -9.72 -2.02 6.98
N GLN A 31 -9.42 -3.26 6.65
CA GLN A 31 -8.24 -3.92 7.16
C GLN A 31 -7.12 -3.89 6.14
N ALA A 32 -5.96 -3.42 6.56
CA ALA A 32 -4.81 -3.32 5.69
C ALA A 32 -3.53 -3.46 6.50
N ARG A 33 -2.44 -3.80 5.82
CA ARG A 33 -1.13 -3.91 6.46
C ARG A 33 -0.08 -4.23 5.41
N LEU A 34 1.14 -4.43 5.83
CA LEU A 34 2.21 -4.77 4.92
C LEU A 34 2.29 -6.27 4.71
N THR A 35 2.73 -6.66 3.53
CA THR A 35 2.95 -8.05 3.21
C THR A 35 4.09 -8.60 4.05
N ARG A 36 3.85 -9.74 4.69
CA ARG A 36 4.86 -10.35 5.55
C ARG A 36 6.15 -10.66 4.79
N SER A 37 7.08 -9.73 4.88
CA SER A 37 8.36 -9.87 4.23
C SER A 37 9.45 -10.07 5.28
N ASN A 38 9.71 -9.03 6.05
CA ASN A 38 10.62 -9.12 7.18
C ASN A 38 9.99 -8.50 8.42
N SER A 39 8.94 -7.73 8.22
CA SER A 39 8.28 -7.05 9.32
C SER A 39 6.81 -6.80 9.00
N LYS A 40 5.99 -6.89 10.02
CA LYS A 40 4.60 -6.46 9.93
C LYS A 40 4.57 -4.93 9.86
N CYS A 41 5.70 -4.32 10.17
CA CYS A 41 5.83 -2.88 10.14
C CYS A 41 6.85 -2.45 9.06
N GLN A 42 7.14 -3.36 8.12
CA GLN A 42 7.91 -3.03 6.90
C GLN A 42 7.59 -4.01 5.77
N GLY A 43 7.16 -3.49 4.62
CA GLY A 43 6.79 -4.36 3.51
C GLY A 43 5.93 -3.64 2.46
N GLN A 44 5.54 -4.38 1.41
CA GLN A 44 4.62 -3.84 0.40
C GLN A 44 3.22 -3.69 1.00
N LEU A 45 2.39 -2.86 0.41
CA LEU A 45 1.06 -2.62 0.94
C LEU A 45 0.08 -3.71 0.52
N GLU A 46 -0.47 -4.37 1.51
CA GLU A 46 -1.48 -5.40 1.32
C GLU A 46 -2.81 -4.92 1.89
N VAL A 47 -3.78 -4.71 1.03
CA VAL A 47 -5.07 -4.16 1.45
C VAL A 47 -6.20 -5.12 1.11
N TYR A 48 -7.13 -5.31 2.05
CA TYR A 48 -8.25 -6.22 1.83
C TYR A 48 -9.42 -5.49 1.18
N LEU A 49 -9.56 -5.66 -0.12
CA LEU A 49 -10.63 -4.97 -0.84
C LEU A 49 -11.02 -5.68 -2.10
N LYS A 50 -12.30 -5.52 -2.46
CA LYS A 50 -12.87 -6.02 -3.71
C LYS A 50 -12.99 -7.53 -3.71
N ASP A 51 -12.01 -8.19 -3.08
CA ASP A 51 -11.92 -9.66 -3.12
C ASP A 51 -10.61 -10.15 -2.53
N GLY A 52 -9.59 -9.32 -2.65
CA GLY A 52 -8.25 -9.78 -2.34
C GLY A 52 -7.51 -8.90 -1.39
N TRP A 53 -6.69 -9.51 -0.56
CA TRP A 53 -5.60 -8.80 0.07
C TRP A 53 -4.63 -8.43 -1.01
N HIS A 54 -4.99 -7.41 -1.77
CA HIS A 54 -4.30 -7.07 -2.98
C HIS A 54 -2.95 -6.45 -2.68
N MET A 55 -1.89 -7.08 -3.17
CA MET A 55 -0.55 -6.54 -3.01
C MET A 55 -0.35 -5.41 -4.01
N VAL A 56 -0.39 -4.17 -3.53
CA VAL A 56 -0.30 -3.02 -4.41
C VAL A 56 1.12 -2.55 -4.55
N CYS A 57 1.33 -1.50 -5.34
CA CYS A 57 2.66 -0.94 -5.52
C CYS A 57 2.83 0.31 -4.68
N SER A 58 1.93 0.47 -3.69
CA SER A 58 1.98 1.55 -2.70
C SER A 58 1.55 2.91 -3.28
N GLN A 59 2.07 3.29 -4.44
CA GLN A 59 1.75 4.59 -5.04
C GLN A 59 0.50 4.48 -5.92
N SER A 60 -0.15 3.31 -5.88
CA SER A 60 -1.37 3.08 -6.64
C SER A 60 -2.44 4.11 -6.26
N TRP A 61 -3.46 4.26 -7.11
CA TRP A 61 -4.55 5.22 -6.89
C TRP A 61 -4.06 6.66 -7.04
N GLY A 62 -3.41 7.18 -6.00
CA GLY A 62 -3.01 8.57 -5.97
C GLY A 62 -2.05 8.94 -7.06
N ARG A 63 -0.99 8.13 -7.21
CA ARG A 63 0.00 8.35 -8.27
C ARG A 63 0.66 9.72 -8.12
N SER A 64 0.74 10.21 -6.89
CA SER A 64 1.29 11.54 -6.61
C SER A 64 2.71 11.69 -7.16
N SER A 65 3.55 10.69 -6.90
CA SER A 65 4.92 10.70 -7.37
C SER A 65 5.55 9.31 -7.22
N LYS A 66 6.85 9.23 -7.44
CA LYS A 66 7.59 7.98 -7.28
C LYS A 66 8.16 7.88 -5.86
N GLN A 67 8.11 9.01 -5.14
CA GLN A 67 8.50 9.05 -3.75
C GLN A 67 7.63 10.07 -3.03
N TRP A 68 6.73 9.58 -2.19
CA TRP A 68 5.74 10.43 -1.54
C TRP A 68 6.31 11.05 -0.28
N GLU A 69 5.99 12.31 -0.06
CA GLU A 69 6.46 13.02 1.12
C GLU A 69 5.47 12.87 2.27
N ASP A 70 4.26 12.45 1.95
CA ASP A 70 3.22 12.26 2.96
C ASP A 70 2.78 10.81 2.99
N PRO A 71 3.21 10.06 4.01
CA PRO A 71 2.87 8.65 4.18
C PRO A 71 1.74 8.43 5.19
N SER A 72 0.85 9.40 5.34
CA SER A 72 -0.20 9.29 6.31
C SER A 72 -1.41 8.57 5.71
N GLN A 73 -2.59 8.90 6.21
CA GLN A 73 -3.84 8.25 5.82
C GLN A 73 -3.94 6.83 6.36
N ALA A 74 -2.86 6.08 6.25
CA ALA A 74 -2.80 4.72 6.77
C ALA A 74 -2.33 4.71 8.21
N SER A 75 -2.41 5.87 8.87
CA SER A 75 -2.04 6.00 10.27
C SER A 75 -2.83 5.02 11.12
N LYS A 76 -4.13 4.96 10.87
CA LYS A 76 -5.04 4.04 11.56
C LYS A 76 -4.60 2.59 11.31
N VAL A 77 -4.04 2.33 10.14
CA VAL A 77 -3.66 0.99 9.73
C VAL A 77 -2.55 0.44 10.64
N CYS A 78 -1.41 1.11 10.65
CA CYS A 78 -0.27 0.63 11.43
C CYS A 78 -0.50 0.80 12.92
N GLN A 79 -1.30 1.80 13.29
CA GLN A 79 -1.68 2.00 14.69
C GLN A 79 -2.45 0.78 15.19
N ARG A 80 -3.32 0.25 14.33
CA ARG A 80 -4.09 -0.94 14.65
C ARG A 80 -3.19 -2.18 14.70
N LEU A 81 -2.07 -2.12 13.98
CA LEU A 81 -1.09 -3.20 14.02
C LEU A 81 -0.01 -2.92 15.06
N ASN A 82 -0.28 -1.94 15.92
CA ASN A 82 0.63 -1.50 17.00
C ASN A 82 2.07 -1.29 16.51
N CYS A 83 2.22 -0.92 15.24
CA CYS A 83 3.52 -0.57 14.70
C CYS A 83 3.72 0.94 14.79
N GLY A 84 2.81 1.59 15.50
CA GLY A 84 2.91 3.01 15.75
C GLY A 84 2.25 3.83 14.66
N ASP A 85 2.98 4.80 14.14
CA ASP A 85 2.49 5.69 13.10
C ASP A 85 2.58 4.98 11.75
N PRO A 86 2.02 5.53 10.66
CA PRO A 86 1.95 4.81 9.41
C PRO A 86 3.27 4.63 8.71
N LEU A 87 3.33 3.51 8.03
CA LEU A 87 4.35 3.16 7.10
C LEU A 87 4.89 4.34 6.31
N SER A 88 6.12 4.66 6.59
CA SER A 88 6.90 5.61 5.82
C SER A 88 7.12 5.04 4.41
N LEU A 89 7.11 5.89 3.40
CA LEU A 89 7.14 5.41 2.04
C LEU A 89 8.39 5.85 1.28
N GLY A 90 8.92 4.94 0.49
CA GLY A 90 10.03 5.22 -0.40
C GLY A 90 10.38 4.00 -1.21
N PRO A 91 11.15 4.13 -2.30
CA PRO A 91 11.50 2.99 -3.15
C PRO A 91 12.20 1.88 -2.36
N PHE A 92 11.67 0.66 -2.46
CA PHE A 92 12.19 -0.46 -1.70
C PHE A 92 12.55 -1.63 -2.61
N LEU A 93 13.72 -1.52 -3.24
CA LEU A 93 14.23 -2.56 -4.13
C LEU A 93 13.18 -2.99 -5.15
N LYS A 94 13.01 -4.29 -5.30
CA LYS A 94 11.94 -4.83 -6.11
C LYS A 94 11.26 -5.97 -5.35
N THR A 95 10.05 -5.71 -4.88
CA THR A 95 9.38 -6.66 -4.01
C THR A 95 8.16 -7.30 -4.67
N TYR A 96 7.43 -6.55 -5.50
CA TYR A 96 6.19 -7.07 -6.07
C TYR A 96 6.46 -8.03 -7.22
N THR A 97 5.44 -8.79 -7.59
CA THR A 97 5.52 -9.68 -8.73
C THR A 97 4.67 -9.13 -9.88
N PRO A 98 5.32 -8.80 -11.00
CA PRO A 98 4.68 -8.20 -12.16
C PRO A 98 3.77 -9.19 -12.91
N GLN A 99 2.74 -9.63 -12.20
CA GLN A 99 1.79 -10.61 -12.72
C GLN A 99 0.68 -10.79 -11.71
N SER A 100 1.07 -11.17 -10.50
CA SER A 100 0.13 -11.42 -9.42
C SER A 100 -0.11 -10.16 -8.59
N SER A 101 0.92 -9.32 -8.46
CA SER A 101 0.77 -8.06 -7.76
C SER A 101 0.01 -7.07 -8.64
N ILE A 102 -0.58 -6.05 -8.05
CA ILE A 102 -1.41 -5.13 -8.80
C ILE A 102 -1.08 -3.66 -8.55
N ILE A 103 -1.44 -2.84 -9.51
CA ILE A 103 -1.35 -1.40 -9.39
C ILE A 103 -2.74 -0.82 -9.62
N CYS A 104 -3.40 -0.37 -8.57
CA CYS A 104 -4.74 0.19 -8.75
C CYS A 104 -4.61 1.64 -9.16
N TYR A 105 -5.68 2.19 -9.72
CA TYR A 105 -5.67 3.57 -10.19
C TYR A 105 -6.90 4.30 -9.70
N GLY A 106 -7.11 5.51 -10.20
CA GLY A 106 -8.26 6.28 -9.79
C GLY A 106 -7.89 7.36 -8.82
N GLN A 107 -8.66 7.47 -7.76
CA GLN A 107 -8.42 8.46 -6.73
C GLN A 107 -7.96 7.77 -5.45
N LEU A 108 -6.95 8.33 -4.80
CA LEU A 108 -6.43 7.76 -3.56
C LEU A 108 -7.53 7.70 -2.50
N GLY A 109 -7.95 6.49 -2.18
CA GLY A 109 -9.03 6.33 -1.23
C GLY A 109 -10.23 5.64 -1.83
N SER A 110 -10.17 5.34 -3.11
CA SER A 110 -11.26 4.62 -3.75
C SER A 110 -10.79 3.23 -4.20
N PHE A 111 -10.95 2.26 -3.31
CA PHE A 111 -10.51 0.90 -3.56
C PHE A 111 -11.63 0.11 -4.23
N SER A 112 -12.05 0.56 -5.40
CA SER A 112 -13.14 -0.08 -6.12
C SER A 112 -12.65 -0.81 -7.37
N ASN A 113 -11.55 -0.34 -7.94
CA ASN A 113 -11.04 -0.92 -9.18
C ASN A 113 -9.50 -0.84 -9.22
N CYS A 114 -8.88 -1.88 -9.75
CA CYS A 114 -7.42 -1.92 -9.86
C CYS A 114 -7.00 -2.44 -11.24
N SER A 115 -5.72 -2.78 -11.36
CA SER A 115 -5.17 -3.33 -12.58
C SER A 115 -3.93 -4.16 -12.22
N HIS A 116 -3.54 -5.09 -13.08
CA HIS A 116 -2.38 -5.93 -12.79
C HIS A 116 -1.09 -5.15 -12.96
N SER A 117 -0.12 -5.46 -12.11
CA SER A 117 1.13 -4.73 -12.08
C SER A 117 2.15 -5.36 -13.02
N ARG A 118 2.77 -4.53 -13.84
CA ARG A 118 3.90 -4.94 -14.64
C ARG A 118 5.10 -4.07 -14.25
N ASN A 119 5.12 -2.87 -14.82
CA ASN A 119 6.13 -1.87 -14.48
C ASN A 119 5.72 -0.53 -15.05
N ASP A 120 5.08 0.28 -14.23
CA ASP A 120 4.60 1.58 -14.69
C ASP A 120 5.39 2.71 -14.06
N MET A 121 4.93 3.20 -12.92
CA MET A 121 5.66 4.24 -12.18
C MET A 121 6.27 3.66 -10.92
N CYS A 122 5.49 2.87 -10.21
CA CYS A 122 5.95 2.24 -8.98
C CYS A 122 6.86 1.05 -9.25
N HIS A 123 8.13 1.22 -8.93
CA HIS A 123 9.06 0.10 -8.92
C HIS A 123 9.06 -0.49 -7.52
N SER A 124 7.89 -1.02 -7.14
CA SER A 124 7.63 -1.52 -5.78
C SER A 124 8.08 -0.53 -4.71
N LEU A 125 7.23 0.45 -4.41
CA LEU A 125 7.50 1.38 -3.33
C LEU A 125 7.23 0.68 -2.00
N GLY A 126 8.10 0.90 -1.03
CA GLY A 126 8.01 0.18 0.21
C GLY A 126 7.49 1.04 1.32
N LEU A 127 6.52 0.52 2.02
CA LEU A 127 5.95 1.20 3.16
C LEU A 127 6.42 0.52 4.44
N THR A 128 6.72 1.30 5.46
CA THR A 128 7.21 0.74 6.70
C THR A 128 6.65 1.47 7.91
N CYS A 129 5.67 0.82 8.57
CA CYS A 129 4.86 1.44 9.62
C CYS A 129 5.70 2.23 10.60
N LEU A 130 5.64 3.54 10.41
CA LEU A 130 6.43 4.51 11.14
C LEU A 130 7.91 4.39 10.79
N GLU A 131 8.55 3.35 11.31
CA GLU A 131 9.97 3.11 11.06
C GLU A 131 10.37 1.71 11.54
N ARG A 22 -15.89 2.52 3.42
CA ARG A 22 -16.13 1.11 3.07
C ARG A 22 -14.84 0.42 2.65
N LEU A 23 -14.11 1.05 1.75
CA LEU A 23 -12.84 0.51 1.25
C LEU A 23 -11.83 1.63 1.16
N SER A 24 -11.23 1.98 2.28
CA SER A 24 -10.25 3.04 2.33
C SER A 24 -9.18 2.71 3.36
N TRP A 25 -7.94 3.12 3.13
CA TRP A 25 -6.86 2.78 4.05
C TRP A 25 -6.87 3.68 5.29
N TYR A 26 -7.93 4.45 5.44
CA TYR A 26 -8.17 5.21 6.66
C TYR A 26 -9.53 4.83 7.24
N ASP A 27 -10.04 3.69 6.77
CA ASP A 27 -11.30 3.14 7.26
C ASP A 27 -11.02 2.08 8.32
N PRO A 28 -11.56 2.26 9.53
CA PRO A 28 -11.36 1.30 10.63
C PRO A 28 -11.85 -0.11 10.30
N ASP A 29 -12.79 -0.22 9.36
CA ASP A 29 -13.38 -1.50 9.00
C ASP A 29 -12.60 -2.16 7.87
N PHE A 30 -11.68 -1.43 7.28
CA PHE A 30 -10.91 -1.93 6.15
C PHE A 30 -9.66 -2.66 6.62
N GLN A 31 -9.36 -3.79 5.99
CA GLN A 31 -8.16 -4.54 6.33
C GLN A 31 -7.03 -4.23 5.35
N ALA A 32 -5.97 -3.65 5.86
CA ALA A 32 -4.79 -3.34 5.06
C ALA A 32 -3.53 -3.72 5.82
N ARG A 33 -2.45 -3.97 5.11
CA ARG A 33 -1.22 -4.43 5.74
C ARG A 33 -0.04 -4.38 4.77
N LEU A 34 1.09 -4.86 5.23
CA LEU A 34 2.29 -4.93 4.42
C LEU A 34 2.48 -6.33 3.87
N THR A 35 3.37 -6.46 2.89
CA THR A 35 3.69 -7.75 2.31
C THR A 35 4.85 -8.42 3.06
N ARG A 36 5.37 -9.53 2.55
CA ARG A 36 6.40 -10.29 3.25
C ARG A 36 7.77 -9.60 3.20
N SER A 37 7.93 -8.59 4.03
CA SER A 37 9.21 -7.90 4.17
C SER A 37 9.78 -8.13 5.57
N ASN A 38 9.28 -9.21 6.20
CA ASN A 38 9.72 -9.64 7.54
C ASN A 38 9.18 -8.74 8.64
N SER A 39 9.53 -7.46 8.59
CA SER A 39 9.11 -6.52 9.61
C SER A 39 7.62 -6.22 9.51
N LYS A 40 6.94 -6.24 10.65
CA LYS A 40 5.50 -6.05 10.69
C LYS A 40 5.14 -4.59 10.41
N CYS A 41 6.14 -3.72 10.52
CA CYS A 41 5.93 -2.30 10.30
C CYS A 41 6.76 -1.79 9.11
N GLN A 42 7.22 -2.70 8.26
CA GLN A 42 7.93 -2.34 7.03
C GLN A 42 7.54 -3.26 5.89
N GLY A 43 7.10 -2.71 4.76
CA GLY A 43 6.76 -3.53 3.61
C GLY A 43 5.83 -2.82 2.64
N GLN A 44 5.72 -3.34 1.43
CA GLN A 44 4.83 -2.76 0.42
C GLN A 44 3.38 -3.12 0.74
N LEU A 45 2.45 -2.35 0.21
CA LEU A 45 1.04 -2.44 0.61
C LEU A 45 0.32 -3.66 0.05
N GLU A 46 -0.43 -4.32 0.92
CA GLU A 46 -1.35 -5.38 0.58
C GLU A 46 -2.69 -5.10 1.25
N VAL A 47 -3.76 -5.03 0.47
CA VAL A 47 -5.07 -4.64 1.00
C VAL A 47 -6.16 -5.63 0.63
N TYR A 48 -7.05 -5.91 1.57
CA TYR A 48 -8.10 -6.90 1.36
C TYR A 48 -9.40 -6.24 0.95
N LEU A 49 -9.79 -6.44 -0.30
CA LEU A 49 -11.05 -5.92 -0.79
C LEU A 49 -11.56 -6.76 -1.93
N LYS A 50 -12.89 -6.81 -2.07
CA LYS A 50 -13.56 -7.68 -3.02
C LYS A 50 -13.44 -9.14 -2.58
N ASP A 51 -12.22 -9.53 -2.17
CA ASP A 51 -11.88 -10.91 -1.77
C ASP A 51 -10.38 -11.14 -1.92
N GLY A 52 -9.75 -10.29 -2.70
CA GLY A 52 -8.33 -10.41 -2.96
C GLY A 52 -7.50 -9.62 -1.98
N TRP A 53 -6.60 -10.31 -1.27
CA TRP A 53 -5.51 -9.64 -0.59
C TRP A 53 -4.60 -9.09 -1.66
N HIS A 54 -4.93 -7.90 -2.12
CA HIS A 54 -4.31 -7.33 -3.29
C HIS A 54 -2.96 -6.72 -2.95
N MET A 55 -1.89 -7.30 -3.48
CA MET A 55 -0.57 -6.74 -3.32
C MET A 55 -0.37 -5.66 -4.37
N VAL A 56 -0.27 -4.41 -3.92
CA VAL A 56 -0.19 -3.30 -4.85
C VAL A 56 1.28 -3.00 -5.18
N CYS A 57 1.51 -2.10 -6.13
CA CYS A 57 2.87 -1.73 -6.49
C CYS A 57 3.43 -0.75 -5.44
N SER A 58 2.58 -0.47 -4.44
CA SER A 58 2.90 0.36 -3.26
C SER A 58 2.54 1.83 -3.49
N GLN A 59 2.70 2.33 -4.70
CA GLN A 59 2.39 3.73 -4.97
C GLN A 59 1.19 3.87 -5.91
N SER A 60 0.29 2.89 -5.86
CA SER A 60 -0.92 2.90 -6.66
C SER A 60 -1.86 4.03 -6.22
N TRP A 61 -2.97 4.23 -6.96
CA TRP A 61 -3.96 5.29 -6.66
C TRP A 61 -3.38 6.67 -6.92
N GLY A 62 -2.64 7.20 -5.95
CA GLY A 62 -2.11 8.53 -6.05
C GLY A 62 -0.95 8.76 -5.11
N ARG A 63 0.08 7.95 -5.25
CA ARG A 63 1.30 8.12 -4.48
C ARG A 63 2.44 8.49 -5.42
N SER A 64 2.68 9.80 -5.57
CA SER A 64 3.72 10.29 -6.45
C SER A 64 5.10 9.82 -5.98
N SER A 65 5.82 9.14 -6.86
CA SER A 65 7.15 8.64 -6.55
C SER A 65 8.12 9.79 -6.29
N LYS A 66 8.31 10.09 -5.02
CA LYS A 66 9.20 11.16 -4.59
C LYS A 66 9.64 10.89 -3.15
N GLN A 67 10.81 11.37 -2.77
CA GLN A 67 11.27 11.20 -1.40
C GLN A 67 10.50 12.13 -0.47
N TRP A 68 9.43 11.60 0.11
CA TRP A 68 8.55 12.31 1.04
C TRP A 68 7.67 13.32 0.31
N GLU A 69 6.39 13.29 0.67
CA GLU A 69 5.39 14.17 0.09
C GLU A 69 4.15 14.12 0.98
N ASP A 70 3.73 12.89 1.27
CA ASP A 70 2.60 12.64 2.16
C ASP A 70 2.67 11.20 2.67
N PRO A 71 3.26 11.01 3.85
CA PRO A 71 3.40 9.71 4.48
C PRO A 71 2.32 9.42 5.52
N SER A 72 1.14 10.01 5.37
CA SER A 72 0.10 9.87 6.36
C SER A 72 -1.10 9.06 5.83
N GLN A 73 -2.30 9.46 6.26
CA GLN A 73 -3.56 8.87 5.83
C GLN A 73 -3.81 7.47 6.42
N ALA A 74 -2.95 6.51 6.09
CA ALA A 74 -3.17 5.11 6.48
C ALA A 74 -2.84 4.84 7.95
N SER A 75 -3.00 5.85 8.79
CA SER A 75 -2.66 5.72 10.19
C SER A 75 -3.46 4.61 10.85
N LYS A 76 -4.68 4.40 10.36
CA LYS A 76 -5.56 3.41 10.94
C LYS A 76 -5.06 2.00 10.69
N VAL A 77 -4.51 1.74 9.51
CA VAL A 77 -4.12 0.40 9.15
C VAL A 77 -2.85 -0.02 9.88
N CYS A 78 -1.90 0.89 10.02
CA CYS A 78 -0.69 0.56 10.76
C CYS A 78 -0.95 0.59 12.26
N GLN A 79 -1.89 1.43 12.68
CA GLN A 79 -2.36 1.40 14.07
C GLN A 79 -3.03 0.07 14.35
N ARG A 80 -3.69 -0.47 13.32
CA ARG A 80 -4.31 -1.78 13.38
C ARG A 80 -3.22 -2.85 13.55
N LEU A 81 -2.06 -2.59 12.98
CA LEU A 81 -0.92 -3.50 13.07
C LEU A 81 0.01 -3.11 14.21
N ASN A 82 -0.51 -2.31 15.16
CA ASN A 82 0.23 -1.84 16.34
C ASN A 82 1.60 -1.24 15.98
N CYS A 83 1.71 -0.67 14.79
CA CYS A 83 2.95 -0.04 14.34
C CYS A 83 2.84 1.48 14.38
N GLY A 84 1.80 1.96 15.06
CA GLY A 84 1.66 3.39 15.29
C GLY A 84 1.13 4.14 14.08
N ASP A 85 1.93 5.07 13.59
CA ASP A 85 1.54 5.92 12.48
C ASP A 85 1.67 5.16 11.16
N PRO A 86 1.17 5.70 10.04
CA PRO A 86 1.18 4.96 8.78
C PRO A 86 2.53 4.89 8.14
N LEU A 87 2.68 3.81 7.40
CA LEU A 87 3.74 3.61 6.47
C LEU A 87 4.14 4.90 5.78
N SER A 88 5.32 5.34 6.13
CA SER A 88 5.96 6.45 5.47
C SER A 88 6.36 6.04 4.06
N LEU A 89 6.43 7.02 3.16
CA LEU A 89 6.73 6.74 1.76
C LEU A 89 8.22 6.83 1.47
N GLY A 90 8.65 6.03 0.51
CA GLY A 90 10.03 6.01 0.09
C GLY A 90 10.31 4.77 -0.72
N PRO A 91 10.94 4.89 -1.90
CA PRO A 91 11.10 3.76 -2.83
C PRO A 91 11.73 2.55 -2.16
N PHE A 92 11.10 1.41 -2.33
CA PHE A 92 11.47 0.20 -1.60
C PHE A 92 11.73 -0.94 -2.58
N LEU A 93 12.30 -2.02 -2.07
CA LEU A 93 12.63 -3.20 -2.87
C LEU A 93 11.36 -3.86 -3.41
N LYS A 94 11.46 -4.37 -4.63
CA LYS A 94 10.33 -5.01 -5.29
C LYS A 94 9.95 -6.32 -4.59
N THR A 95 8.79 -6.32 -3.96
CA THR A 95 8.32 -7.49 -3.25
C THR A 95 7.14 -8.14 -3.98
N TYR A 96 6.57 -7.40 -4.93
CA TYR A 96 5.40 -7.87 -5.67
C TYR A 96 5.79 -8.56 -6.96
N THR A 97 4.79 -8.98 -7.74
CA THR A 97 5.03 -9.72 -8.97
C THR A 97 3.98 -9.37 -10.03
N PRO A 98 4.41 -8.76 -11.14
CA PRO A 98 3.54 -8.34 -12.25
C PRO A 98 2.77 -9.50 -12.88
N GLN A 99 1.63 -9.79 -12.28
CA GLN A 99 0.75 -10.88 -12.70
C GLN A 99 -0.36 -11.00 -11.69
N SER A 100 0.01 -11.39 -10.47
CA SER A 100 -0.93 -11.46 -9.38
C SER A 100 -0.89 -10.18 -8.56
N SER A 101 0.19 -9.40 -8.70
CA SER A 101 0.23 -8.08 -8.10
C SER A 101 -0.54 -7.10 -8.97
N ILE A 102 -1.08 -6.07 -8.35
CA ILE A 102 -1.91 -5.13 -9.08
C ILE A 102 -1.48 -3.68 -8.81
N ILE A 103 -1.84 -2.81 -9.73
CA ILE A 103 -1.63 -1.38 -9.58
C ILE A 103 -2.97 -0.70 -9.71
N CYS A 104 -3.50 -0.19 -8.61
CA CYS A 104 -4.81 0.43 -8.64
C CYS A 104 -4.66 1.91 -8.98
N TYR A 105 -5.77 2.54 -9.36
CA TYR A 105 -5.76 3.95 -9.70
C TYR A 105 -7.06 4.59 -9.21
N GLY A 106 -7.20 5.89 -9.46
CA GLY A 106 -8.39 6.59 -9.03
C GLY A 106 -8.08 7.67 -8.02
N GLN A 107 -8.89 7.75 -6.99
CA GLN A 107 -8.66 8.71 -5.93
C GLN A 107 -7.95 8.04 -4.77
N LEU A 108 -6.87 8.67 -4.32
CA LEU A 108 -6.12 8.18 -3.16
C LEU A 108 -7.04 8.00 -1.96
N GLY A 109 -7.25 6.76 -1.55
CA GLY A 109 -8.13 6.49 -0.44
C GLY A 109 -9.22 5.52 -0.80
N SER A 110 -9.73 5.61 -2.02
CA SER A 110 -10.82 4.75 -2.44
C SER A 110 -10.29 3.47 -3.07
N PHE A 111 -10.29 2.40 -2.29
CA PHE A 111 -9.77 1.11 -2.70
C PHE A 111 -10.86 0.27 -3.33
N SER A 112 -11.74 0.92 -4.09
CA SER A 112 -12.88 0.26 -4.68
C SER A 112 -12.54 -0.35 -6.05
N ASN A 113 -11.40 0.05 -6.62
CA ASN A 113 -11.04 -0.34 -7.98
C ASN A 113 -9.53 -0.44 -8.16
N CYS A 114 -9.09 -1.49 -8.86
CA CYS A 114 -7.67 -1.67 -9.17
C CYS A 114 -7.50 -2.16 -10.61
N SER A 115 -6.26 -2.43 -11.00
CA SER A 115 -5.95 -2.98 -12.31
C SER A 115 -4.70 -3.86 -12.21
N HIS A 116 -4.51 -4.77 -13.16
CA HIS A 116 -3.35 -5.67 -13.14
C HIS A 116 -2.05 -4.89 -13.33
N SER A 117 -1.00 -5.36 -12.66
CA SER A 117 0.32 -4.76 -12.83
C SER A 117 0.87 -5.14 -14.20
N ARG A 118 0.74 -4.23 -15.16
CA ARG A 118 1.22 -4.45 -16.51
C ARG A 118 2.68 -4.07 -16.64
N ASN A 119 3.22 -3.50 -15.57
CA ASN A 119 4.64 -3.16 -15.51
C ASN A 119 5.33 -4.06 -14.51
N ASP A 120 6.62 -4.30 -14.71
CA ASP A 120 7.40 -5.14 -13.82
C ASP A 120 7.71 -4.39 -12.53
N MET A 121 7.93 -3.08 -12.66
CA MET A 121 8.17 -2.23 -11.51
C MET A 121 7.53 -0.86 -11.72
N CYS A 122 6.76 -0.43 -10.73
CA CYS A 122 6.07 0.86 -10.82
C CYS A 122 6.93 1.94 -10.14
N HIS A 123 8.23 1.65 -10.02
CA HIS A 123 9.20 2.38 -9.18
C HIS A 123 9.17 1.83 -7.77
N SER A 124 7.96 1.45 -7.34
CA SER A 124 7.73 0.85 -6.05
C SER A 124 8.03 1.85 -4.93
N LEU A 125 7.38 3.01 -4.97
CA LEU A 125 7.42 3.93 -3.85
C LEU A 125 6.88 3.21 -2.63
N GLY A 126 7.77 2.83 -1.74
CA GLY A 126 7.44 1.87 -0.72
C GLY A 126 6.77 2.49 0.47
N LEU A 127 6.49 1.66 1.43
CA LEU A 127 5.75 2.05 2.59
C LEU A 127 6.36 1.36 3.79
N THR A 128 6.30 2.03 4.93
CA THR A 128 6.87 1.50 6.15
C THR A 128 6.15 2.12 7.36
N CYS A 129 5.26 1.32 7.98
CA CYS A 129 4.34 1.83 9.02
C CYS A 129 5.06 2.66 10.05
N LEU A 130 4.82 3.97 9.94
CA LEU A 130 5.45 4.99 10.74
C LEU A 130 6.93 5.12 10.36
N GLU A 131 7.73 4.17 10.80
CA GLU A 131 9.16 4.16 10.51
C GLU A 131 9.71 2.75 10.63
N ARG A 22 -16.24 3.56 2.45
CA ARG A 22 -16.74 2.35 1.75
C ARG A 22 -15.59 1.38 1.49
N LEU A 23 -14.49 1.90 0.96
CA LEU A 23 -13.34 1.08 0.58
C LEU A 23 -12.07 1.92 0.63
N SER A 24 -11.61 2.20 1.84
CA SER A 24 -10.35 2.90 2.03
C SER A 24 -9.61 2.25 3.19
N TRP A 25 -8.32 2.49 3.30
CA TRP A 25 -7.55 1.86 4.36
C TRP A 25 -7.94 2.39 5.74
N TYR A 26 -8.77 3.43 5.78
CA TYR A 26 -9.24 3.96 7.05
C TYR A 26 -10.72 3.62 7.27
N ASP A 27 -11.24 2.70 6.47
CA ASP A 27 -12.58 2.17 6.68
C ASP A 27 -12.54 1.11 7.77
N PRO A 28 -13.57 1.08 8.64
CA PRO A 28 -13.65 0.09 9.72
C PRO A 28 -13.83 -1.32 9.18
N ASP A 29 -14.46 -1.41 8.02
CA ASP A 29 -14.72 -2.70 7.36
C ASP A 29 -13.50 -3.17 6.62
N PHE A 30 -12.55 -2.27 6.42
CA PHE A 30 -11.37 -2.55 5.64
C PHE A 30 -10.21 -2.94 6.55
N GLN A 31 -9.33 -3.80 6.06
CA GLN A 31 -8.17 -4.21 6.82
C GLN A 31 -6.93 -4.15 5.94
N ALA A 32 -5.93 -3.38 6.38
CA ALA A 32 -4.70 -3.21 5.62
C ALA A 32 -3.49 -3.47 6.50
N ARG A 33 -2.35 -3.76 5.88
CA ARG A 33 -1.13 -4.08 6.61
C ARG A 33 0.04 -4.26 5.66
N LEU A 34 1.18 -4.61 6.25
CA LEU A 34 2.36 -4.95 5.47
C LEU A 34 2.62 -6.44 5.55
N THR A 35 3.30 -6.96 4.54
CA THR A 35 3.61 -8.37 4.47
C THR A 35 4.96 -8.58 3.79
N ARG A 36 5.36 -9.86 3.67
CA ARG A 36 6.54 -10.26 2.90
C ARG A 36 7.86 -9.96 3.62
N SER A 37 7.98 -8.75 4.13
CA SER A 37 9.23 -8.29 4.76
C SER A 37 9.19 -8.49 6.27
N ASN A 38 8.42 -9.49 6.71
CA ASN A 38 8.38 -9.90 8.13
C ASN A 38 7.61 -8.92 9.01
N SER A 39 8.02 -7.66 8.99
CA SER A 39 7.45 -6.67 9.89
C SER A 39 6.08 -6.20 9.43
N LYS A 40 5.15 -6.13 10.36
CA LYS A 40 3.84 -5.54 10.09
C LYS A 40 3.98 -4.03 10.07
N CYS A 41 5.16 -3.56 10.49
CA CYS A 41 5.45 -2.15 10.53
C CYS A 41 6.56 -1.83 9.52
N GLN A 42 6.89 -2.80 8.67
CA GLN A 42 7.79 -2.59 7.53
C GLN A 42 7.58 -3.72 6.51
N GLY A 43 7.23 -3.37 5.29
CA GLY A 43 6.92 -4.41 4.32
C GLY A 43 6.15 -3.91 3.11
N GLN A 44 5.86 -4.83 2.20
CA GLN A 44 5.05 -4.54 1.03
C GLN A 44 3.58 -4.45 1.44
N LEU A 45 2.85 -3.51 0.87
CA LEU A 45 1.47 -3.24 1.29
C LEU A 45 0.51 -4.34 0.85
N GLU A 46 -0.17 -4.92 1.83
CA GLU A 46 -1.19 -5.94 1.59
C GLU A 46 -2.53 -5.41 2.09
N VAL A 47 -3.47 -5.19 1.19
CA VAL A 47 -4.74 -4.59 1.55
C VAL A 47 -5.92 -5.48 1.13
N TYR A 48 -6.83 -5.71 2.07
CA TYR A 48 -8.02 -6.50 1.80
C TYR A 48 -9.11 -5.62 1.20
N LEU A 49 -9.15 -5.55 -0.12
CA LEU A 49 -10.13 -4.72 -0.80
C LEU A 49 -11.06 -5.56 -1.65
N LYS A 50 -12.36 -5.36 -1.43
CA LYS A 50 -13.42 -6.07 -2.15
C LYS A 50 -13.45 -7.54 -1.76
N ASP A 51 -12.28 -8.16 -1.69
CA ASP A 51 -12.16 -9.60 -1.50
C ASP A 51 -10.70 -10.03 -1.61
N GLY A 52 -9.92 -9.27 -2.36
CA GLY A 52 -8.53 -9.59 -2.56
C GLY A 52 -7.63 -8.91 -1.55
N TRP A 53 -6.83 -9.70 -0.85
CA TRP A 53 -5.70 -9.18 -0.11
C TRP A 53 -4.64 -8.76 -1.12
N HIS A 54 -4.95 -7.70 -1.84
CA HIS A 54 -4.15 -7.29 -2.97
C HIS A 54 -2.86 -6.65 -2.51
N MET A 55 -1.76 -7.30 -2.81
CA MET A 55 -0.45 -6.72 -2.55
C MET A 55 -0.17 -5.65 -3.59
N VAL A 56 -0.24 -4.39 -3.18
CA VAL A 56 -0.10 -3.28 -4.10
C VAL A 56 1.34 -2.83 -4.15
N CYS A 57 1.66 -1.93 -5.07
CA CYS A 57 3.01 -1.41 -5.15
C CYS A 57 3.15 -0.01 -4.58
N SER A 58 2.22 0.37 -3.69
CA SER A 58 2.32 1.60 -2.89
C SER A 58 2.09 2.86 -3.73
N GLN A 59 2.72 2.95 -4.89
CA GLN A 59 2.58 4.12 -5.77
C GLN A 59 1.29 4.06 -6.57
N SER A 60 0.39 3.19 -6.13
CA SER A 60 -0.87 3.02 -6.81
C SER A 60 -1.83 4.15 -6.42
N TRP A 61 -2.98 4.21 -7.08
CA TRP A 61 -4.02 5.19 -6.81
C TRP A 61 -3.56 6.59 -7.21
N GLY A 62 -2.86 7.27 -6.32
CA GLY A 62 -2.47 8.65 -6.56
C GLY A 62 -1.12 8.76 -7.22
N ARG A 63 -0.37 7.66 -7.19
CA ARG A 63 0.99 7.60 -7.73
C ARG A 63 1.90 8.59 -7.02
N SER A 64 1.61 8.82 -5.76
CA SER A 64 2.39 9.73 -4.93
C SER A 64 3.78 9.15 -4.68
N SER A 65 4.77 9.67 -5.39
CA SER A 65 6.12 9.18 -5.25
C SER A 65 7.12 10.30 -5.49
N LYS A 66 7.46 11.01 -4.42
CA LYS A 66 8.42 12.11 -4.49
C LYS A 66 9.38 12.00 -3.32
N GLN A 67 9.61 10.75 -2.89
CA GLN A 67 10.32 10.44 -1.63
C GLN A 67 9.44 10.77 -0.44
N TRP A 68 8.70 11.87 -0.54
CA TRP A 68 7.68 12.21 0.44
C TRP A 68 6.34 12.44 -0.24
N GLU A 69 6.07 13.70 -0.63
CA GLU A 69 4.78 14.10 -1.23
C GLU A 69 3.67 13.93 -0.19
N ASP A 70 3.27 12.70 0.04
CA ASP A 70 2.33 12.36 1.10
C ASP A 70 2.64 10.96 1.58
N PRO A 71 3.08 10.82 2.83
CA PRO A 71 3.55 9.54 3.38
C PRO A 71 2.40 8.60 3.75
N SER A 72 1.30 8.71 3.01
CA SER A 72 0.12 7.85 3.18
C SER A 72 -0.59 8.15 4.49
N GLN A 73 -1.82 8.64 4.40
CA GLN A 73 -2.63 8.92 5.59
C GLN A 73 -3.27 7.64 6.10
N ALA A 74 -2.42 6.66 6.38
CA ALA A 74 -2.88 5.35 6.85
C ALA A 74 -2.57 5.20 8.34
N SER A 75 -2.74 6.28 9.07
CA SER A 75 -2.47 6.31 10.50
C SER A 75 -3.29 5.25 11.23
N LYS A 76 -4.57 5.14 10.87
CA LYS A 76 -5.45 4.14 11.46
C LYS A 76 -4.93 2.74 11.20
N VAL A 77 -4.35 2.53 10.02
CA VAL A 77 -3.87 1.21 9.64
C VAL A 77 -2.79 0.71 10.59
N CYS A 78 -1.70 1.46 10.68
CA CYS A 78 -0.58 1.04 11.50
C CYS A 78 -0.89 1.18 12.98
N GLN A 79 -1.84 2.04 13.32
CA GLN A 79 -2.34 2.14 14.68
C GLN A 79 -3.04 0.83 15.05
N ARG A 80 -3.84 0.32 14.13
CA ARG A 80 -4.50 -0.97 14.31
C ARG A 80 -3.48 -2.11 14.23
N LEU A 81 -2.31 -1.82 13.69
CA LEU A 81 -1.25 -2.80 13.59
C LEU A 81 -0.27 -2.65 14.75
N ASN A 82 -0.68 -1.84 15.74
CA ASN A 82 0.12 -1.54 16.94
C ASN A 82 1.56 -1.14 16.60
N CYS A 83 1.74 -0.51 15.44
CA CYS A 83 3.05 -0.04 15.02
C CYS A 83 3.20 1.45 15.30
N GLY A 84 2.12 2.21 15.10
CA GLY A 84 2.14 3.63 15.40
C GLY A 84 1.58 4.48 14.27
N ASP A 85 2.39 5.39 13.77
CA ASP A 85 2.01 6.23 12.64
C ASP A 85 2.14 5.43 11.35
N PRO A 86 1.62 5.92 10.21
CA PRO A 86 1.58 5.13 8.99
C PRO A 86 2.91 4.93 8.33
N LEU A 87 2.99 3.76 7.74
CA LEU A 87 4.00 3.40 6.80
C LEU A 87 4.40 4.55 5.89
N SER A 88 5.64 4.94 6.07
CA SER A 88 6.29 5.94 5.23
C SER A 88 6.64 5.33 3.87
N LEU A 89 6.87 6.18 2.88
CA LEU A 89 7.13 5.72 1.51
C LEU A 89 8.60 5.89 1.11
N GLY A 90 9.18 4.82 0.58
CA GLY A 90 10.52 4.90 0.01
C GLY A 90 10.86 3.64 -0.77
N PRO A 91 11.75 3.73 -1.78
CA PRO A 91 12.07 2.59 -2.65
C PRO A 91 12.66 1.41 -1.88
N PHE A 92 12.02 0.26 -1.98
CA PHE A 92 12.40 -0.91 -1.18
C PHE A 92 13.12 -1.94 -2.04
N LEU A 93 12.36 -2.70 -2.82
CA LEU A 93 12.95 -3.70 -3.71
C LEU A 93 13.04 -3.14 -5.12
N LYS A 94 13.06 -4.02 -6.12
CA LYS A 94 13.14 -3.58 -7.50
C LYS A 94 12.10 -4.29 -8.35
N THR A 95 11.00 -3.60 -8.61
CA THR A 95 9.95 -4.05 -9.53
C THR A 95 9.19 -5.28 -9.00
N TYR A 96 7.86 -5.19 -9.02
CA TYR A 96 7.03 -6.32 -8.63
C TYR A 96 6.62 -7.14 -9.85
N THR A 97 5.80 -8.15 -9.60
CA THR A 97 5.33 -9.03 -10.65
C THR A 97 3.82 -9.20 -10.56
N PRO A 98 3.12 -9.13 -11.71
CA PRO A 98 1.67 -9.36 -11.79
C PRO A 98 1.27 -10.71 -11.20
N GLN A 99 -0.05 -10.88 -11.00
CA GLN A 99 -0.61 -12.07 -10.34
C GLN A 99 -0.36 -12.05 -8.84
N SER A 100 0.81 -11.56 -8.44
CA SER A 100 1.12 -11.35 -7.05
C SER A 100 0.81 -9.91 -6.66
N SER A 101 1.43 -8.96 -7.35
CA SER A 101 1.23 -7.55 -7.06
C SER A 101 0.40 -6.90 -8.15
N ILE A 102 -0.24 -5.79 -7.80
CA ILE A 102 -1.04 -5.03 -8.74
C ILE A 102 -0.79 -3.53 -8.57
N ILE A 103 -1.15 -2.76 -9.58
CA ILE A 103 -1.08 -1.30 -9.49
C ILE A 103 -2.51 -0.77 -9.53
N CYS A 104 -3.07 -0.33 -8.41
CA CYS A 104 -4.43 0.21 -8.44
C CYS A 104 -4.40 1.67 -8.87
N TYR A 105 -5.55 2.23 -9.21
CA TYR A 105 -5.62 3.63 -9.64
C TYR A 105 -6.86 4.32 -9.09
N GLY A 106 -6.84 5.65 -9.12
CA GLY A 106 -7.92 6.43 -8.55
C GLY A 106 -7.40 7.48 -7.59
N GLN A 107 -8.09 7.65 -6.48
CA GLN A 107 -7.65 8.54 -5.43
C GLN A 107 -7.04 7.73 -4.29
N LEU A 108 -6.10 8.32 -3.57
CA LEU A 108 -5.52 7.65 -2.41
C LEU A 108 -6.59 7.39 -1.37
N GLY A 109 -6.91 6.13 -1.16
CA GLY A 109 -8.00 5.78 -0.27
C GLY A 109 -9.24 5.36 -1.04
N SER A 110 -9.11 5.16 -2.34
CA SER A 110 -10.22 4.67 -3.14
C SER A 110 -9.95 3.25 -3.63
N PHE A 111 -10.07 2.30 -2.72
CA PHE A 111 -9.77 0.89 -3.00
C PHE A 111 -10.96 0.22 -3.68
N SER A 112 -11.65 0.98 -4.53
CA SER A 112 -12.83 0.49 -5.21
C SER A 112 -12.46 -0.37 -6.42
N ASN A 113 -11.27 -0.12 -6.97
CA ASN A 113 -10.80 -0.83 -8.15
C ASN A 113 -9.29 -0.69 -8.30
N CYS A 114 -8.70 -1.54 -9.14
CA CYS A 114 -7.26 -1.51 -9.36
C CYS A 114 -6.95 -1.71 -10.85
N SER A 115 -5.70 -2.05 -11.15
CA SER A 115 -5.27 -2.33 -12.51
C SER A 115 -4.08 -3.29 -12.48
N HIS A 116 -3.67 -3.76 -13.65
CA HIS A 116 -2.57 -4.72 -13.74
C HIS A 116 -1.23 -3.99 -13.64
N SER A 117 -0.23 -4.67 -13.10
CA SER A 117 1.11 -4.12 -13.06
C SER A 117 1.75 -4.27 -14.44
N ARG A 118 1.24 -3.51 -15.39
CA ARG A 118 1.69 -3.60 -16.77
C ARG A 118 2.47 -2.37 -17.18
N ASN A 119 1.76 -1.29 -17.51
CA ASN A 119 2.38 -0.11 -18.07
C ASN A 119 2.86 0.84 -16.97
N ASP A 120 3.81 0.36 -16.18
CA ASP A 120 4.46 1.14 -15.14
C ASP A 120 5.61 0.36 -14.56
N MET A 121 5.34 -0.90 -14.21
CA MET A 121 6.31 -1.77 -13.56
C MET A 121 6.81 -1.12 -12.27
N CYS A 122 5.87 -0.92 -11.35
CA CYS A 122 6.16 -0.26 -10.09
C CYS A 122 7.40 -0.86 -9.41
N HIS A 123 8.38 0.01 -9.16
CA HIS A 123 9.73 -0.39 -8.74
C HIS A 123 9.78 -0.83 -7.28
N SER A 124 8.65 -1.30 -6.76
CA SER A 124 8.56 -1.73 -5.37
C SER A 124 8.84 -0.58 -4.41
N LEU A 125 7.84 0.24 -4.17
CA LEU A 125 7.91 1.22 -3.12
C LEU A 125 7.51 0.55 -1.82
N GLY A 126 8.28 0.78 -0.79
CA GLY A 126 8.09 0.09 0.45
C GLY A 126 7.47 0.98 1.48
N LEU A 127 6.37 0.51 2.04
CA LEU A 127 5.71 1.22 3.10
C LEU A 127 6.14 0.65 4.44
N THR A 128 6.40 1.52 5.40
CA THR A 128 6.91 1.08 6.68
C THR A 128 6.35 1.94 7.81
N CYS A 129 5.45 1.33 8.60
CA CYS A 129 4.64 2.04 9.60
C CYS A 129 5.46 2.96 10.47
N LEU A 130 5.31 4.23 10.16
CA LEU A 130 6.02 5.32 10.80
C LEU A 130 7.50 5.31 10.44
N GLU A 131 8.25 4.41 11.06
CA GLU A 131 9.69 4.36 10.89
C GLU A 131 10.09 3.17 10.04
N ARG A 22 -16.23 4.70 1.14
CA ARG A 22 -15.79 3.50 0.37
C ARG A 22 -14.52 2.92 0.99
N LEU A 23 -14.16 1.73 0.52
CA LEU A 23 -12.96 1.04 0.97
C LEU A 23 -11.74 1.96 0.81
N SER A 24 -11.06 2.25 1.91
CA SER A 24 -9.90 3.13 1.87
C SER A 24 -8.88 2.71 2.90
N TRP A 25 -7.61 3.06 2.69
CA TRP A 25 -6.54 2.69 3.62
C TRP A 25 -6.52 3.59 4.84
N TYR A 26 -7.61 4.31 5.06
CA TYR A 26 -7.81 5.07 6.28
C TYR A 26 -9.16 4.73 6.88
N ASP A 27 -9.72 3.60 6.45
CA ASP A 27 -10.97 3.10 7.01
C ASP A 27 -10.64 2.11 8.12
N PRO A 28 -11.26 2.27 9.31
CA PRO A 28 -10.94 1.47 10.50
C PRO A 28 -11.15 -0.04 10.32
N ASP A 29 -12.04 -0.43 9.43
CA ASP A 29 -12.32 -1.85 9.23
C ASP A 29 -11.60 -2.42 8.01
N PHE A 30 -11.05 -1.55 7.18
CA PHE A 30 -10.36 -1.98 5.98
C PHE A 30 -8.98 -2.51 6.34
N GLN A 31 -8.69 -3.72 5.90
CA GLN A 31 -7.44 -4.35 6.26
C GLN A 31 -6.35 -4.08 5.24
N ALA A 32 -5.33 -3.37 5.70
CA ALA A 32 -4.15 -3.09 4.90
C ALA A 32 -2.92 -3.21 5.78
N ARG A 33 -1.84 -3.75 5.23
CA ARG A 33 -0.64 -3.98 6.02
C ARG A 33 0.54 -4.30 5.12
N LEU A 34 1.67 -4.57 5.74
CA LEU A 34 2.87 -4.92 5.01
C LEU A 34 3.17 -6.40 5.20
N THR A 35 3.67 -7.04 4.15
CA THR A 35 3.90 -8.47 4.19
C THR A 35 5.28 -8.83 3.65
N ARG A 36 5.56 -10.13 3.57
CA ARG A 36 6.76 -10.69 2.95
C ARG A 36 8.01 -10.47 3.80
N SER A 37 8.16 -9.27 4.34
CA SER A 37 9.32 -8.94 5.16
C SER A 37 9.04 -9.24 6.63
N ASN A 38 7.91 -9.91 6.89
CA ASN A 38 7.46 -10.28 8.25
C ASN A 38 6.98 -9.06 9.04
N SER A 39 7.76 -7.99 9.01
CA SER A 39 7.42 -6.76 9.71
C SER A 39 6.11 -6.18 9.19
N LYS A 40 5.12 -6.15 10.07
CA LYS A 40 3.82 -5.57 9.75
C LYS A 40 3.94 -4.05 9.69
N CYS A 41 5.03 -3.54 10.22
CA CYS A 41 5.28 -2.10 10.20
C CYS A 41 6.45 -1.76 9.27
N GLN A 42 6.88 -2.74 8.45
CA GLN A 42 7.87 -2.48 7.41
C GLN A 42 7.79 -3.55 6.31
N GLY A 43 7.59 -3.14 5.06
CA GLY A 43 7.45 -4.11 3.99
C GLY A 43 6.67 -3.55 2.81
N GLN A 44 6.49 -4.36 1.78
CA GLN A 44 5.67 -3.97 0.63
C GLN A 44 4.19 -3.96 1.06
N LEU A 45 3.43 -3.01 0.55
CA LEU A 45 2.04 -2.85 0.96
C LEU A 45 1.14 -3.91 0.34
N GLU A 46 0.27 -4.46 1.16
CA GLU A 46 -0.70 -5.45 0.71
C GLU A 46 -2.04 -5.13 1.36
N VAL A 47 -3.07 -4.95 0.54
CA VAL A 47 -4.37 -4.54 1.04
C VAL A 47 -5.45 -5.54 0.64
N TYR A 48 -6.37 -5.82 1.55
CA TYR A 48 -7.40 -6.82 1.33
C TYR A 48 -8.67 -6.19 0.79
N LEU A 49 -8.90 -6.32 -0.52
CA LEU A 49 -10.12 -5.78 -1.13
C LEU A 49 -10.58 -6.68 -2.25
N LYS A 50 -11.90 -6.80 -2.37
CA LYS A 50 -12.52 -7.72 -3.31
C LYS A 50 -11.94 -9.12 -3.11
N ASP A 51 -11.56 -9.38 -1.85
CA ASP A 51 -11.07 -10.70 -1.38
C ASP A 51 -9.63 -10.96 -1.81
N GLY A 52 -9.10 -10.05 -2.61
CA GLY A 52 -7.72 -10.12 -3.01
C GLY A 52 -6.82 -9.42 -2.04
N TRP A 53 -5.95 -10.17 -1.39
CA TRP A 53 -4.84 -9.57 -0.66
C TRP A 53 -3.88 -9.01 -1.68
N HIS A 54 -4.22 -7.84 -2.17
CA HIS A 54 -3.55 -7.26 -3.30
C HIS A 54 -2.24 -6.59 -2.88
N MET A 55 -1.12 -7.22 -3.21
CA MET A 55 0.18 -6.61 -2.97
C MET A 55 0.34 -5.41 -3.90
N VAL A 56 0.11 -4.23 -3.39
CA VAL A 56 0.08 -3.06 -4.23
C VAL A 56 1.40 -2.30 -4.15
N CYS A 57 1.74 -1.60 -5.22
CA CYS A 57 3.00 -0.86 -5.26
C CYS A 57 2.88 0.55 -4.69
N SER A 58 1.96 0.72 -3.73
CA SER A 58 1.88 1.93 -2.89
C SER A 58 1.39 3.17 -3.67
N GLN A 59 2.15 3.57 -4.70
CA GLN A 59 1.89 4.81 -5.43
C GLN A 59 0.60 4.74 -6.25
N SER A 60 -0.03 3.58 -6.22
CA SER A 60 -1.27 3.37 -6.93
C SER A 60 -2.34 4.34 -6.42
N TRP A 61 -3.45 4.47 -7.16
CA TRP A 61 -4.55 5.38 -6.80
C TRP A 61 -4.15 6.85 -6.97
N GLY A 62 -3.37 7.36 -6.02
CA GLY A 62 -3.06 8.78 -5.98
C GLY A 62 -1.95 9.18 -6.91
N ARG A 63 -1.12 8.21 -7.30
CA ARG A 63 -0.02 8.44 -8.25
C ARG A 63 1.03 9.37 -7.63
N SER A 64 1.03 9.46 -6.31
CA SER A 64 1.90 10.37 -5.57
C SER A 64 3.37 10.12 -5.94
N SER A 65 3.87 8.93 -5.63
CA SER A 65 5.26 8.55 -5.93
C SER A 65 6.25 9.52 -5.26
N LYS A 66 5.91 9.94 -4.04
CA LYS A 66 6.76 10.86 -3.30
C LYS A 66 7.36 10.15 -2.10
N GLN A 67 8.65 10.37 -1.87
CA GLN A 67 9.35 9.73 -0.77
C GLN A 67 9.32 10.61 0.47
N TRP A 68 8.82 10.04 1.58
CA TRP A 68 8.84 10.68 2.89
C TRP A 68 7.93 11.92 2.96
N GLU A 69 7.86 12.47 4.17
CA GLU A 69 7.27 13.79 4.44
C GLU A 69 5.76 13.79 4.34
N ASP A 70 5.23 13.65 3.14
CA ASP A 70 3.79 13.76 2.91
C ASP A 70 3.06 12.43 3.14
N PRO A 71 3.51 11.32 2.50
CA PRO A 71 3.00 9.96 2.71
C PRO A 71 2.60 9.65 4.17
N SER A 72 1.33 9.85 4.49
CA SER A 72 0.82 9.53 5.83
C SER A 72 -0.69 9.31 5.79
N GLN A 73 -1.19 8.91 4.63
CA GLN A 73 -2.63 8.82 4.40
C GLN A 73 -3.21 7.49 4.90
N ALA A 74 -2.48 6.80 5.76
CA ALA A 74 -2.86 5.45 6.17
C ALA A 74 -2.63 5.22 7.66
N SER A 75 -2.71 6.29 8.44
CA SER A 75 -2.50 6.22 9.87
C SER A 75 -3.41 5.17 10.52
N LYS A 76 -4.59 5.00 9.93
CA LYS A 76 -5.60 4.12 10.48
C LYS A 76 -5.19 2.65 10.37
N VAL A 77 -4.60 2.25 9.24
CA VAL A 77 -4.28 0.86 9.03
C VAL A 77 -3.07 0.44 9.86
N CYS A 78 -2.06 1.31 9.98
CA CYS A 78 -0.93 1.00 10.85
C CYS A 78 -1.34 1.11 12.31
N GLN A 79 -2.34 1.94 12.59
CA GLN A 79 -2.92 2.01 13.93
C GLN A 79 -3.58 0.67 14.26
N ARG A 80 -4.25 0.10 13.27
CA ARG A 80 -4.84 -1.22 13.41
C ARG A 80 -3.75 -2.27 13.63
N LEU A 81 -2.57 -1.99 13.10
CA LEU A 81 -1.42 -2.88 13.25
C LEU A 81 -0.60 -2.49 14.46
N ASN A 82 -1.11 -1.50 15.21
CA ASN A 82 -0.42 -0.90 16.36
C ASN A 82 1.06 -0.66 16.07
N CYS A 83 1.31 -0.03 14.93
CA CYS A 83 2.66 0.34 14.52
C CYS A 83 2.87 1.85 14.65
N GLY A 84 1.94 2.50 15.36
CA GLY A 84 2.03 3.92 15.57
C GLY A 84 1.50 4.72 14.40
N ASP A 85 2.37 5.55 13.84
CA ASP A 85 2.02 6.39 12.70
C ASP A 85 2.04 5.55 11.41
N PRO A 86 1.58 6.08 10.27
CA PRO A 86 1.53 5.31 9.04
C PRO A 86 2.88 5.13 8.40
N LEU A 87 2.94 4.05 7.67
CA LEU A 87 3.99 3.72 6.77
C LEU A 87 4.48 4.91 5.99
N SER A 88 5.72 5.26 6.27
CA SER A 88 6.45 6.18 5.44
C SER A 88 6.67 5.54 4.07
N LEU A 89 6.47 6.31 3.01
CA LEU A 89 6.51 5.79 1.66
C LEU A 89 7.93 5.82 1.11
N GLY A 90 8.39 4.67 0.62
CA GLY A 90 9.73 4.56 0.09
C GLY A 90 9.92 3.26 -0.67
N PRO A 91 10.62 3.30 -1.82
CA PRO A 91 10.77 2.12 -2.71
C PRO A 91 11.29 0.88 -2.01
N PHE A 92 10.63 -0.23 -2.27
CA PHE A 92 11.02 -1.52 -1.71
C PHE A 92 11.90 -2.25 -2.73
N LEU A 93 12.83 -3.07 -2.24
CA LEU A 93 13.83 -3.71 -3.10
C LEU A 93 13.20 -4.77 -4.01
N LYS A 94 12.49 -5.71 -3.43
CA LYS A 94 11.88 -6.79 -4.20
C LYS A 94 10.78 -6.28 -5.13
N THR A 95 10.85 -6.69 -6.37
CA THR A 95 9.95 -6.22 -7.41
C THR A 95 8.56 -6.84 -7.28
N TYR A 96 7.54 -6.04 -7.59
CA TYR A 96 6.16 -6.50 -7.60
C TYR A 96 5.92 -7.48 -8.75
N THR A 97 5.05 -8.47 -8.51
CA THR A 97 4.82 -9.54 -9.47
C THR A 97 3.45 -9.40 -10.13
N PRO A 98 3.39 -9.56 -11.45
CA PRO A 98 2.14 -9.46 -12.24
C PRO A 98 1.15 -10.60 -11.95
N GLN A 99 0.65 -10.63 -10.72
CA GLN A 99 -0.28 -11.67 -10.28
C GLN A 99 -0.59 -11.47 -8.80
N SER A 100 0.45 -11.59 -7.99
CA SER A 100 0.33 -11.37 -6.55
C SER A 100 0.31 -9.88 -6.25
N SER A 101 1.10 -9.13 -7.01
CA SER A 101 1.16 -7.68 -6.86
C SER A 101 0.36 -7.02 -7.98
N ILE A 102 -0.05 -5.77 -7.76
CA ILE A 102 -0.82 -5.03 -8.74
C ILE A 102 -0.58 -3.52 -8.62
N ILE A 103 -1.07 -2.79 -9.60
CA ILE A 103 -1.15 -1.34 -9.53
C ILE A 103 -2.65 -0.98 -9.51
N CYS A 104 -3.11 -0.23 -8.53
CA CYS A 104 -4.50 0.19 -8.56
C CYS A 104 -4.60 1.64 -9.05
N TYR A 105 -5.78 2.07 -9.43
CA TYR A 105 -5.98 3.42 -9.97
C TYR A 105 -7.23 4.05 -9.39
N GLY A 106 -7.58 5.22 -9.91
CA GLY A 106 -8.70 5.97 -9.38
C GLY A 106 -8.22 7.23 -8.70
N GLN A 107 -8.73 7.47 -7.51
CA GLN A 107 -8.27 8.56 -6.67
C GLN A 107 -7.74 8.02 -5.35
N LEU A 108 -6.78 8.73 -4.77
CA LEU A 108 -6.17 8.33 -3.51
C LEU A 108 -7.24 8.23 -2.43
N GLY A 109 -7.49 7.02 -1.96
CA GLY A 109 -8.47 6.82 -0.92
C GLY A 109 -9.69 6.07 -1.40
N SER A 110 -9.72 5.73 -2.68
CA SER A 110 -10.82 4.96 -3.22
C SER A 110 -10.34 3.59 -3.71
N PHE A 111 -10.35 2.64 -2.80
CA PHE A 111 -9.92 1.28 -3.11
C PHE A 111 -11.07 0.48 -3.71
N SER A 112 -11.58 0.95 -4.83
CA SER A 112 -12.67 0.28 -5.50
C SER A 112 -12.15 -0.82 -6.41
N ASN A 113 -11.16 -0.49 -7.23
CA ASN A 113 -10.64 -1.42 -8.22
C ASN A 113 -9.14 -1.23 -8.44
N CYS A 114 -8.48 -2.26 -8.93
CA CYS A 114 -7.08 -2.18 -9.29
C CYS A 114 -6.90 -2.70 -10.71
N SER A 115 -5.67 -2.72 -11.19
CA SER A 115 -5.37 -3.23 -12.51
C SER A 115 -4.18 -4.18 -12.47
N HIS A 116 -4.20 -5.17 -13.36
CA HIS A 116 -3.11 -6.13 -13.49
C HIS A 116 -1.79 -5.40 -13.69
N SER A 117 -0.80 -5.76 -12.89
CA SER A 117 0.53 -5.13 -12.94
C SER A 117 1.25 -5.44 -14.25
N ARG A 118 0.86 -4.76 -15.32
CA ARG A 118 1.45 -4.97 -16.63
C ARG A 118 2.07 -3.69 -17.19
N ASN A 119 1.49 -2.56 -16.83
CA ASN A 119 1.90 -1.28 -17.39
C ASN A 119 2.19 -0.28 -16.27
N ASP A 120 3.12 0.64 -16.55
CA ASP A 120 3.53 1.68 -15.60
C ASP A 120 4.47 1.10 -14.54
N MET A 121 5.54 1.82 -14.29
CA MET A 121 6.57 1.37 -13.37
C MET A 121 6.42 2.03 -12.00
N CYS A 122 5.69 1.36 -11.10
CA CYS A 122 5.56 1.88 -9.74
C CYS A 122 6.80 1.53 -8.91
N HIS A 123 7.76 0.86 -9.54
CA HIS A 123 9.07 0.60 -8.94
C HIS A 123 8.96 -0.15 -7.62
N SER A 124 7.83 -0.83 -7.44
CA SER A 124 7.55 -1.56 -6.20
C SER A 124 7.75 -0.66 -4.98
N LEU A 125 7.25 0.57 -5.06
CA LEU A 125 7.32 1.50 -3.94
C LEU A 125 6.71 0.84 -2.70
N GLY A 126 7.42 0.95 -1.60
CA GLY A 126 7.02 0.26 -0.40
C GLY A 126 6.55 1.21 0.66
N LEU A 127 6.44 0.71 1.87
CA LEU A 127 5.89 1.46 2.97
C LEU A 127 6.41 0.88 4.26
N THR A 128 6.41 1.67 5.30
CA THR A 128 6.94 1.23 6.58
C THR A 128 6.25 1.99 7.71
N CYS A 129 5.26 1.33 8.34
CA CYS A 129 4.37 1.97 9.31
C CYS A 129 5.15 2.73 10.35
N LEU A 130 5.12 4.03 10.18
CA LEU A 130 5.89 4.98 10.96
C LEU A 130 7.39 4.84 10.66
N GLU A 131 8.00 3.82 11.25
CA GLU A 131 9.42 3.56 11.06
C GLU A 131 9.73 2.10 11.34
N ARG A 22 -16.15 2.62 3.40
CA ARG A 22 -15.98 1.66 2.27
C ARG A 22 -14.59 1.04 2.33
N LEU A 23 -14.15 0.44 1.24
CA LEU A 23 -12.80 -0.09 1.17
C LEU A 23 -11.80 1.07 1.13
N SER A 24 -11.35 1.49 2.30
CA SER A 24 -10.42 2.60 2.41
C SER A 24 -9.45 2.35 3.55
N TRP A 25 -8.20 2.78 3.40
CA TRP A 25 -7.22 2.55 4.45
C TRP A 25 -7.33 3.57 5.58
N TYR A 26 -8.45 4.30 5.59
CA TYR A 26 -8.82 5.10 6.74
C TYR A 26 -10.19 4.66 7.25
N ASP A 27 -10.60 3.48 6.81
CA ASP A 27 -11.83 2.86 7.29
C ASP A 27 -11.49 1.71 8.21
N PRO A 28 -12.12 1.66 9.40
CA PRO A 28 -11.79 0.66 10.43
C PRO A 28 -12.20 -0.76 10.05
N ASP A 29 -13.08 -0.89 9.07
CA ASP A 29 -13.59 -2.20 8.67
C ASP A 29 -12.80 -2.75 7.50
N PHE A 30 -11.82 -2.00 7.03
CA PHE A 30 -10.96 -2.43 5.94
C PHE A 30 -9.70 -3.10 6.47
N GLN A 31 -9.26 -4.16 5.80
CA GLN A 31 -8.05 -4.86 6.22
C GLN A 31 -6.87 -4.51 5.31
N ALA A 32 -5.84 -3.94 5.90
CA ALA A 32 -4.63 -3.60 5.17
C ALA A 32 -3.41 -3.88 6.03
N ARG A 33 -2.26 -4.13 5.40
CA ARG A 33 -1.05 -4.49 6.13
C ARG A 33 0.14 -4.63 5.19
N LEU A 34 1.27 -5.02 5.76
CA LEU A 34 2.51 -5.19 5.02
C LEU A 34 2.92 -6.66 4.97
N THR A 35 3.46 -7.09 3.84
CA THR A 35 4.01 -8.43 3.71
C THR A 35 5.34 -8.39 2.96
N ARG A 36 5.94 -9.57 2.74
CA ARG A 36 7.19 -9.72 1.99
C ARG A 36 8.36 -9.12 2.75
N SER A 37 8.15 -8.81 4.02
CA SER A 37 9.19 -8.25 4.87
C SER A 37 8.92 -8.61 6.33
N ASN A 38 9.98 -8.73 7.11
CA ASN A 38 9.84 -9.09 8.51
C ASN A 38 9.60 -7.84 9.36
N SER A 39 8.39 -7.31 9.26
CA SER A 39 7.95 -6.17 10.06
C SER A 39 6.51 -5.83 9.71
N LYS A 40 5.67 -5.77 10.72
CA LYS A 40 4.30 -5.34 10.54
C LYS A 40 4.24 -3.82 10.41
N CYS A 41 5.40 -3.19 10.56
CA CYS A 41 5.51 -1.76 10.43
C CYS A 41 6.49 -1.39 9.31
N GLN A 42 6.87 -2.39 8.49
CA GLN A 42 7.70 -2.15 7.30
C GLN A 42 7.55 -3.29 6.30
N GLY A 43 7.19 -2.97 5.06
CA GLY A 43 6.98 -4.01 4.06
C GLY A 43 6.18 -3.52 2.86
N GLN A 44 5.93 -4.43 1.92
CA GLN A 44 5.12 -4.11 0.75
C GLN A 44 3.65 -4.20 1.13
N LEU A 45 2.82 -3.31 0.58
CA LEU A 45 1.43 -3.20 1.00
C LEU A 45 0.58 -4.31 0.42
N GLU A 46 -0.02 -5.09 1.31
CA GLU A 46 -0.97 -6.12 0.94
C GLU A 46 -2.32 -5.78 1.56
N VAL A 47 -3.31 -5.54 0.72
CA VAL A 47 -4.62 -5.08 1.19
C VAL A 47 -5.75 -6.01 0.76
N TYR A 48 -6.72 -6.20 1.64
CA TYR A 48 -7.77 -7.19 1.44
C TYR A 48 -9.05 -6.54 0.92
N LEU A 49 -9.31 -6.70 -0.38
CA LEU A 49 -10.51 -6.16 -0.99
C LEU A 49 -11.08 -7.11 -2.01
N LYS A 50 -12.42 -7.21 -2.05
CA LYS A 50 -13.11 -8.18 -2.87
C LYS A 50 -12.52 -9.57 -2.63
N ASP A 51 -12.06 -9.76 -1.38
CA ASP A 51 -11.52 -11.03 -0.87
C ASP A 51 -10.14 -11.34 -1.48
N GLY A 52 -9.67 -10.40 -2.29
CA GLY A 52 -8.34 -10.47 -2.84
C GLY A 52 -7.36 -9.74 -1.99
N TRP A 53 -6.45 -10.48 -1.35
CA TRP A 53 -5.28 -9.87 -0.76
C TRP A 53 -4.43 -9.31 -1.88
N HIS A 54 -4.82 -8.14 -2.35
CA HIS A 54 -4.19 -7.54 -3.50
C HIS A 54 -2.92 -6.83 -3.06
N MET A 55 -1.79 -7.48 -3.26
CA MET A 55 -0.51 -6.84 -2.98
C MET A 55 -0.28 -5.74 -4.00
N VAL A 56 -0.20 -4.51 -3.53
CA VAL A 56 -0.10 -3.36 -4.42
C VAL A 56 1.35 -2.95 -4.59
N CYS A 57 1.60 -1.97 -5.44
CA CYS A 57 2.93 -1.44 -5.60
C CYS A 57 3.08 -0.09 -4.88
N SER A 58 2.24 0.10 -3.87
CA SER A 58 2.33 1.21 -2.91
C SER A 58 1.95 2.56 -3.52
N GLN A 59 2.62 2.97 -4.60
CA GLN A 59 2.39 4.28 -5.20
C GLN A 59 1.07 4.31 -5.96
N SER A 60 0.39 3.17 -6.01
CA SER A 60 -0.91 3.04 -6.66
C SER A 60 -1.90 4.07 -6.08
N TRP A 61 -2.99 4.35 -6.80
CA TRP A 61 -3.97 5.36 -6.40
C TRP A 61 -3.41 6.77 -6.57
N GLY A 62 -2.43 7.11 -5.75
CA GLY A 62 -1.83 8.44 -5.79
C GLY A 62 -1.11 8.70 -7.10
N ARG A 63 -0.76 7.60 -7.79
CA ARG A 63 -0.16 7.68 -9.13
C ARG A 63 1.14 8.46 -9.10
N SER A 64 1.80 8.46 -7.95
CA SER A 64 3.03 9.20 -7.79
C SER A 64 4.03 8.41 -6.95
N SER A 65 5.19 8.15 -7.53
CA SER A 65 6.26 7.48 -6.80
C SER A 65 6.92 8.45 -5.84
N LYS A 66 6.46 8.43 -4.60
CA LYS A 66 6.92 9.38 -3.60
C LYS A 66 7.84 8.71 -2.59
N GLN A 67 8.82 9.47 -2.15
CA GLN A 67 9.71 9.06 -1.07
C GLN A 67 10.00 10.28 -0.21
N TRP A 68 9.04 11.19 -0.20
CA TRP A 68 9.24 12.52 0.35
C TRP A 68 8.42 12.72 1.62
N GLU A 69 7.94 13.94 1.84
CA GLU A 69 7.28 14.31 3.09
C GLU A 69 5.96 13.60 3.27
N ASP A 70 5.15 13.58 2.21
CA ASP A 70 3.80 13.02 2.28
C ASP A 70 3.75 11.59 1.76
N PRO A 71 3.57 10.61 2.66
CA PRO A 71 3.52 9.20 2.30
C PRO A 71 2.13 8.68 1.90
N SER A 72 1.29 8.39 2.90
CA SER A 72 0.01 7.75 2.68
C SER A 72 -0.88 7.98 3.90
N GLN A 73 -2.16 8.15 3.66
CA GLN A 73 -3.13 8.42 4.73
C GLN A 73 -3.71 7.12 5.31
N ALA A 74 -2.85 6.16 5.59
CA ALA A 74 -3.28 4.88 6.17
C ALA A 74 -3.07 4.88 7.68
N SER A 75 -3.33 6.03 8.29
CA SER A 75 -3.05 6.25 9.70
C SER A 75 -3.74 5.21 10.58
N LYS A 76 -5.02 4.94 10.32
CA LYS A 76 -5.78 3.98 11.12
C LYS A 76 -5.25 2.56 10.94
N VAL A 77 -4.72 2.26 9.76
CA VAL A 77 -4.20 0.92 9.49
C VAL A 77 -3.04 0.59 10.42
N CYS A 78 -1.98 1.37 10.34
CA CYS A 78 -0.80 1.11 11.16
C CYS A 78 -1.08 1.41 12.63
N GLN A 79 -2.08 2.26 12.87
CA GLN A 79 -2.50 2.57 14.22
C GLN A 79 -3.06 1.32 14.88
N ARG A 80 -3.85 0.56 14.12
CA ARG A 80 -4.37 -0.71 14.61
C ARG A 80 -3.25 -1.75 14.69
N LEU A 81 -2.19 -1.53 13.91
CA LEU A 81 -1.06 -2.44 13.89
C LEU A 81 -0.06 -2.07 14.99
N ASN A 82 -0.47 -1.16 15.88
CA ASN A 82 0.35 -0.65 16.98
C ASN A 82 1.67 -0.02 16.50
N CYS A 83 1.80 0.15 15.19
CA CYS A 83 3.00 0.75 14.61
C CYS A 83 2.87 2.27 14.60
N GLY A 84 1.67 2.76 14.91
CA GLY A 84 1.47 4.19 15.09
C GLY A 84 0.90 4.86 13.86
N ASP A 85 1.65 5.82 13.34
CA ASP A 85 1.22 6.57 12.16
C ASP A 85 1.46 5.73 10.91
N PRO A 86 0.93 6.13 9.75
CA PRO A 86 0.97 5.27 8.57
C PRO A 86 2.32 5.15 7.95
N LEU A 87 2.53 3.96 7.44
CA LEU A 87 3.61 3.61 6.57
C LEU A 87 3.98 4.73 5.62
N SER A 88 5.22 5.14 5.77
CA SER A 88 5.85 6.11 4.89
C SER A 88 6.31 5.42 3.61
N LEU A 89 6.61 6.21 2.60
CA LEU A 89 6.97 5.67 1.29
C LEU A 89 8.45 5.88 0.98
N GLY A 90 9.12 4.80 0.59
CA GLY A 90 10.50 4.88 0.16
C GLY A 90 10.83 3.73 -0.78
N PRO A 91 11.93 3.81 -1.56
CA PRO A 91 12.29 2.75 -2.49
C PRO A 91 12.92 1.54 -1.80
N PHE A 92 12.18 0.46 -1.76
CA PHE A 92 12.57 -0.77 -1.08
C PHE A 92 12.92 -1.83 -2.12
N LEU A 93 12.79 -3.10 -1.75
CA LEU A 93 13.03 -4.21 -2.67
C LEU A 93 11.69 -4.72 -3.19
N LYS A 94 11.60 -5.03 -4.48
CA LYS A 94 10.33 -5.42 -5.08
C LYS A 94 10.16 -6.93 -5.10
N THR A 95 8.95 -7.38 -4.81
CA THR A 95 8.61 -8.78 -4.86
C THR A 95 7.24 -8.96 -5.53
N TYR A 96 6.83 -7.93 -6.26
CA TYR A 96 5.53 -7.92 -6.90
C TYR A 96 5.63 -8.40 -8.35
N THR A 97 4.48 -8.70 -8.95
CA THR A 97 4.41 -9.19 -10.32
C THR A 97 3.14 -8.67 -10.97
N PRO A 98 3.06 -8.66 -12.31
CA PRO A 98 1.93 -8.09 -13.04
C PRO A 98 0.64 -8.90 -12.96
N GLN A 99 0.56 -9.81 -11.99
CA GLN A 99 -0.65 -10.62 -11.80
C GLN A 99 -0.88 -10.95 -10.33
N SER A 100 0.19 -11.16 -9.57
CA SER A 100 0.06 -11.38 -8.13
C SER A 100 -0.04 -10.02 -7.43
N SER A 101 0.45 -9.00 -8.11
CA SER A 101 0.38 -7.64 -7.63
C SER A 101 -0.40 -6.81 -8.63
N ILE A 102 -0.77 -5.61 -8.23
CA ILE A 102 -1.56 -4.73 -9.08
C ILE A 102 -1.20 -3.27 -8.84
N ILE A 103 -1.48 -2.44 -9.85
CA ILE A 103 -1.38 -1.00 -9.72
C ILE A 103 -2.80 -0.44 -9.66
N CYS A 104 -3.28 -0.07 -8.50
CA CYS A 104 -4.62 0.50 -8.42
C CYS A 104 -4.58 1.99 -8.74
N TYR A 105 -5.74 2.58 -8.96
CA TYR A 105 -5.82 4.00 -9.31
C TYR A 105 -7.01 4.63 -8.60
N GLY A 106 -7.23 5.91 -8.84
CA GLY A 106 -8.31 6.62 -8.19
C GLY A 106 -7.80 7.53 -7.10
N GLN A 107 -8.66 7.84 -6.13
CA GLN A 107 -8.26 8.65 -4.99
C GLN A 107 -7.43 7.82 -4.03
N LEU A 108 -6.30 8.37 -3.57
CA LEU A 108 -5.47 7.70 -2.60
C LEU A 108 -6.25 7.48 -1.30
N GLY A 109 -6.70 6.25 -1.09
CA GLY A 109 -7.55 5.97 0.04
C GLY A 109 -8.78 5.21 -0.38
N SER A 110 -9.29 5.52 -1.57
CA SER A 110 -10.46 4.86 -2.09
C SER A 110 -10.08 3.59 -2.85
N PHE A 111 -10.08 2.47 -2.15
CA PHE A 111 -9.72 1.19 -2.72
C PHE A 111 -10.90 0.61 -3.47
N SER A 112 -11.33 1.32 -4.49
CA SER A 112 -12.50 0.94 -5.26
C SER A 112 -12.11 -0.02 -6.40
N ASN A 113 -11.12 0.38 -7.20
CA ASN A 113 -10.72 -0.43 -8.35
C ASN A 113 -9.21 -0.41 -8.54
N CYS A 114 -8.70 -1.45 -9.18
CA CYS A 114 -7.28 -1.52 -9.48
C CYS A 114 -7.07 -1.94 -10.95
N SER A 115 -5.81 -2.08 -11.34
CA SER A 115 -5.46 -2.57 -12.66
C SER A 115 -4.15 -3.35 -12.57
N HIS A 116 -3.78 -4.05 -13.63
CA HIS A 116 -2.57 -4.86 -13.61
C HIS A 116 -1.32 -4.01 -13.79
N SER A 117 -0.22 -4.48 -13.23
CA SER A 117 1.07 -3.80 -13.36
C SER A 117 1.61 -3.97 -14.78
N ARG A 118 1.09 -3.17 -15.71
CA ARG A 118 1.46 -3.26 -17.12
C ARG A 118 2.75 -2.48 -17.40
N ASN A 119 3.02 -1.48 -16.58
CA ASN A 119 4.18 -0.63 -16.78
C ASN A 119 4.86 -0.38 -15.44
N ASP A 120 6.14 -0.01 -15.47
CA ASP A 120 6.91 0.25 -14.25
C ASP A 120 6.54 1.60 -13.65
N MET A 121 5.26 1.95 -13.72
CA MET A 121 4.72 3.14 -13.09
C MET A 121 5.11 3.16 -11.63
N CYS A 122 5.03 1.99 -11.02
CA CYS A 122 5.51 1.81 -9.67
C CYS A 122 6.78 0.98 -9.66
N HIS A 123 7.87 1.64 -9.26
CA HIS A 123 9.08 0.94 -8.90
C HIS A 123 8.84 0.25 -7.57
N SER A 124 9.87 -0.24 -6.93
CA SER A 124 9.69 -0.93 -5.68
C SER A 124 9.41 0.05 -4.54
N LEU A 125 8.23 0.66 -4.55
CA LEU A 125 7.81 1.52 -3.46
C LEU A 125 7.42 0.67 -2.26
N GLY A 126 8.01 0.98 -1.13
CA GLY A 126 7.75 0.23 0.08
C GLY A 126 7.18 1.11 1.15
N LEU A 127 6.26 0.57 1.92
CA LEU A 127 5.59 1.34 2.96
C LEU A 127 6.06 0.89 4.34
N THR A 128 6.27 1.83 5.24
CA THR A 128 6.76 1.51 6.56
C THR A 128 6.11 2.40 7.63
N CYS A 129 5.21 1.78 8.41
CA CYS A 129 4.31 2.48 9.33
C CYS A 129 5.04 3.52 10.17
N LEU A 130 4.71 4.77 9.85
CA LEU A 130 5.19 5.95 10.56
C LEU A 130 6.63 6.30 10.20
N GLU A 131 7.52 5.36 10.45
CA GLU A 131 8.96 5.59 10.24
C GLU A 131 9.41 5.07 8.88
N ARG A 22 -16.68 4.32 1.10
CA ARG A 22 -16.11 3.17 0.35
C ARG A 22 -14.81 2.71 1.01
N LEU A 23 -14.28 1.59 0.53
CA LEU A 23 -13.05 1.03 1.05
C LEU A 23 -11.92 2.05 1.00
N SER A 24 -11.28 2.28 2.14
CA SER A 24 -10.23 3.27 2.24
C SER A 24 -9.14 2.81 3.19
N TRP A 25 -7.89 3.19 2.91
CA TRP A 25 -6.76 2.75 3.74
C TRP A 25 -6.61 3.61 4.99
N TYR A 26 -7.70 4.24 5.40
CA TYR A 26 -7.72 4.99 6.65
C TYR A 26 -8.94 4.60 7.47
N ASP A 27 -9.57 3.48 7.11
CA ASP A 27 -10.69 2.94 7.88
C ASP A 27 -10.15 2.04 8.99
N PRO A 28 -10.58 2.26 10.24
CA PRO A 28 -10.07 1.56 11.42
C PRO A 28 -10.26 0.04 11.38
N ASP A 29 -11.10 -0.45 10.47
CA ASP A 29 -11.36 -1.88 10.40
C ASP A 29 -10.92 -2.46 9.05
N PHE A 30 -10.69 -1.59 8.08
CA PHE A 30 -10.32 -2.02 6.73
C PHE A 30 -9.05 -2.87 6.78
N GLN A 31 -9.08 -4.02 6.11
CA GLN A 31 -7.93 -4.90 6.11
C GLN A 31 -6.87 -4.38 5.17
N ALA A 32 -5.76 -3.99 5.76
CA ALA A 32 -4.63 -3.42 5.04
C ALA A 32 -3.40 -3.48 5.92
N ARG A 33 -2.27 -3.87 5.34
CA ARG A 33 -1.03 -4.01 6.09
C ARG A 33 0.11 -4.40 5.16
N LEU A 34 1.28 -4.59 5.74
CA LEU A 34 2.45 -4.96 4.97
C LEU A 34 2.71 -6.46 5.09
N THR A 35 3.15 -7.07 4.01
CA THR A 35 3.37 -8.51 4.00
C THR A 35 4.70 -8.85 3.34
N ARG A 36 4.96 -10.15 3.17
CA ARG A 36 6.15 -10.67 2.51
C ARG A 36 7.40 -10.52 3.39
N SER A 37 7.55 -9.35 3.99
CA SER A 37 8.66 -9.08 4.88
C SER A 37 8.32 -9.53 6.30
N ASN A 38 7.15 -10.16 6.44
CA ASN A 38 6.64 -10.65 7.73
C ASN A 38 6.15 -9.50 8.60
N SER A 39 7.00 -8.49 8.74
CA SER A 39 6.68 -7.30 9.48
C SER A 39 5.48 -6.57 8.90
N LYS A 40 4.41 -6.49 9.68
CA LYS A 40 3.23 -5.75 9.28
C LYS A 40 3.49 -4.25 9.42
N CYS A 41 4.66 -3.92 9.97
CA CYS A 41 5.04 -2.53 10.14
C CYS A 41 6.22 -2.18 9.21
N GLN A 42 6.62 -3.14 8.37
CA GLN A 42 7.62 -2.90 7.33
C GLN A 42 7.50 -3.94 6.22
N GLY A 43 7.32 -3.49 4.98
CA GLY A 43 7.09 -4.42 3.89
C GLY A 43 6.34 -3.80 2.73
N GLN A 44 6.09 -4.57 1.69
CA GLN A 44 5.27 -4.11 0.58
C GLN A 44 3.81 -4.05 1.02
N LEU A 45 3.08 -3.02 0.60
CA LEU A 45 1.69 -2.85 1.02
C LEU A 45 0.80 -3.90 0.39
N GLU A 46 -0.04 -4.51 1.19
CA GLU A 46 -1.01 -5.46 0.72
C GLU A 46 -2.39 -5.09 1.26
N VAL A 47 -3.32 -4.85 0.36
CA VAL A 47 -4.65 -4.40 0.74
C VAL A 47 -5.72 -5.38 0.26
N TYR A 48 -6.62 -5.73 1.16
CA TYR A 48 -7.63 -6.75 0.87
C TYR A 48 -8.90 -6.12 0.34
N LEU A 49 -9.17 -6.32 -0.95
CA LEU A 49 -10.35 -5.78 -1.58
C LEU A 49 -10.66 -6.52 -2.87
N LYS A 50 -11.94 -6.62 -3.18
CA LYS A 50 -12.41 -7.40 -4.31
C LYS A 50 -11.83 -8.81 -4.20
N ASP A 51 -11.68 -9.24 -2.94
CA ASP A 51 -11.26 -10.60 -2.55
C ASP A 51 -9.77 -10.82 -2.79
N GLY A 52 -9.13 -9.86 -3.41
CA GLY A 52 -7.71 -9.94 -3.65
C GLY A 52 -6.91 -9.31 -2.55
N TRP A 53 -6.06 -10.10 -1.89
CA TRP A 53 -5.03 -9.55 -1.03
C TRP A 53 -3.99 -8.90 -1.93
N HIS A 54 -4.30 -7.70 -2.35
CA HIS A 54 -3.58 -7.05 -3.41
C HIS A 54 -2.25 -6.49 -2.93
N MET A 55 -1.15 -7.16 -3.28
CA MET A 55 0.17 -6.61 -3.03
C MET A 55 0.39 -5.44 -3.98
N VAL A 56 0.19 -4.25 -3.47
CA VAL A 56 0.20 -3.06 -4.31
C VAL A 56 1.55 -2.35 -4.21
N CYS A 57 1.83 -1.46 -5.15
CA CYS A 57 3.08 -0.74 -5.15
C CYS A 57 2.94 0.70 -4.64
N SER A 58 1.95 0.91 -3.76
CA SER A 58 1.84 2.14 -2.96
C SER A 58 1.43 3.38 -3.78
N GLN A 59 2.20 3.70 -4.82
CA GLN A 59 2.00 4.92 -5.61
C GLN A 59 0.77 4.86 -6.50
N SER A 60 0.02 3.79 -6.37
CA SER A 60 -1.15 3.56 -7.19
C SER A 60 -2.26 4.56 -6.86
N TRP A 61 -3.41 4.42 -7.54
CA TRP A 61 -4.57 5.29 -7.33
C TRP A 61 -4.29 6.72 -7.82
N GLY A 62 -3.67 7.51 -6.96
CA GLY A 62 -3.49 8.93 -7.25
C GLY A 62 -2.22 9.22 -8.02
N ARG A 63 -1.48 8.16 -8.38
CA ARG A 63 -0.27 8.31 -9.20
C ARG A 63 0.77 9.14 -8.46
N SER A 64 0.69 9.10 -7.13
CA SER A 64 1.52 9.94 -6.29
C SER A 64 3.01 9.73 -6.52
N SER A 65 3.48 8.51 -6.24
CA SER A 65 4.90 8.19 -6.36
C SER A 65 5.74 9.10 -5.46
N LYS A 66 5.12 9.62 -4.43
CA LYS A 66 5.77 10.56 -3.52
C LYS A 66 6.39 9.83 -2.34
N GLN A 67 7.60 10.20 -1.99
CA GLN A 67 8.31 9.56 -0.89
C GLN A 67 8.49 10.52 0.27
N TRP A 68 7.87 10.17 1.40
CA TRP A 68 7.93 10.98 2.63
C TRP A 68 7.27 12.34 2.48
N GLU A 69 7.14 13.04 3.61
CA GLU A 69 6.52 14.36 3.70
C GLU A 69 5.01 14.29 3.50
N ASP A 70 4.59 13.86 2.32
CA ASP A 70 3.17 13.75 2.00
C ASP A 70 2.57 12.44 2.51
N PRO A 71 3.17 11.26 2.16
CA PRO A 71 2.75 9.95 2.66
C PRO A 71 2.44 9.90 4.15
N SER A 72 1.18 10.10 4.50
CA SER A 72 0.72 9.98 5.88
C SER A 72 -0.76 9.59 5.93
N GLN A 73 -1.31 9.27 4.77
CA GLN A 73 -2.76 9.09 4.64
C GLN A 73 -3.23 7.70 5.05
N ALA A 74 -2.40 6.99 5.81
CA ALA A 74 -2.73 5.63 6.25
C ALA A 74 -2.41 5.46 7.73
N SER A 75 -2.41 6.59 8.44
CA SER A 75 -2.09 6.61 9.85
C SER A 75 -2.97 5.64 10.64
N LYS A 76 -4.22 5.53 10.20
CA LYS A 76 -5.20 4.73 10.91
C LYS A 76 -4.89 3.24 10.82
N VAL A 77 -4.42 2.76 9.66
CA VAL A 77 -4.21 1.33 9.49
C VAL A 77 -2.99 0.86 10.27
N CYS A 78 -1.89 1.61 10.24
CA CYS A 78 -0.71 1.19 11.01
C CYS A 78 -0.93 1.41 12.50
N GLN A 79 -1.78 2.38 12.84
CA GLN A 79 -2.17 2.59 14.22
C GLN A 79 -2.97 1.39 14.70
N ARG A 80 -3.83 0.88 13.83
CA ARG A 80 -4.61 -0.31 14.11
C ARG A 80 -3.70 -1.55 14.14
N LEU A 81 -2.53 -1.43 13.50
CA LEU A 81 -1.54 -2.51 13.48
C LEU A 81 -0.57 -2.35 14.63
N ASN A 82 -0.87 -1.40 15.54
CA ASN A 82 -0.01 -1.04 16.68
C ASN A 82 1.44 -0.84 16.26
N CYS A 83 1.64 -0.38 15.02
CA CYS A 83 2.96 -0.13 14.49
C CYS A 83 3.38 1.33 14.75
N GLY A 84 2.40 2.15 15.11
CA GLY A 84 2.67 3.54 15.42
C GLY A 84 2.09 4.48 14.39
N ASP A 85 2.96 5.27 13.78
CA ASP A 85 2.58 6.18 12.71
C ASP A 85 2.45 5.38 11.42
N PRO A 86 1.92 5.96 10.31
CA PRO A 86 1.75 5.21 9.08
C PRO A 86 3.04 4.93 8.36
N LEU A 87 3.01 3.81 7.68
CA LEU A 87 4.01 3.45 6.71
C LEU A 87 4.46 4.64 5.90
N SER A 88 5.68 5.00 6.15
CA SER A 88 6.37 5.98 5.34
C SER A 88 6.57 5.41 3.95
N LEU A 89 6.13 6.16 2.95
CA LEU A 89 6.14 5.69 1.58
C LEU A 89 7.49 5.95 0.94
N GLY A 90 8.12 4.88 0.49
CA GLY A 90 9.42 4.97 -0.13
C GLY A 90 9.62 3.85 -1.11
N PRO A 91 10.83 3.32 -1.23
CA PRO A 91 11.11 2.15 -2.05
C PRO A 91 11.20 0.86 -1.23
N PHE A 92 10.86 -0.27 -1.83
CA PHE A 92 11.02 -1.55 -1.17
C PHE A 92 12.27 -2.23 -1.73
N LEU A 93 12.89 -3.09 -0.92
CA LEU A 93 14.20 -3.64 -1.24
C LEU A 93 14.11 -4.84 -2.20
N LYS A 94 12.89 -5.16 -2.62
CA LYS A 94 12.67 -6.23 -3.59
C LYS A 94 11.64 -5.78 -4.61
N THR A 95 11.63 -6.44 -5.76
CA THR A 95 10.75 -6.04 -6.85
C THR A 95 9.41 -6.78 -6.80
N TYR A 96 8.33 -6.04 -7.04
CA TYR A 96 6.99 -6.60 -7.11
C TYR A 96 6.87 -7.51 -8.34
N THR A 97 5.84 -8.34 -8.38
CA THR A 97 5.72 -9.35 -9.41
C THR A 97 4.36 -9.26 -10.09
N PRO A 98 4.33 -9.38 -11.42
CA PRO A 98 3.07 -9.44 -12.17
C PRO A 98 2.13 -10.52 -11.63
N GLN A 99 0.83 -10.19 -11.63
CA GLN A 99 -0.24 -11.12 -11.25
C GLN A 99 -0.38 -11.22 -9.72
N SER A 100 0.73 -11.42 -9.02
CA SER A 100 0.70 -11.50 -7.56
C SER A 100 0.65 -10.12 -6.94
N SER A 101 1.46 -9.21 -7.49
CA SER A 101 1.42 -7.82 -7.10
C SER A 101 0.64 -7.05 -8.17
N ILE A 102 0.18 -5.85 -7.82
CA ILE A 102 -0.62 -5.05 -8.73
C ILE A 102 -0.37 -3.55 -8.55
N ILE A 103 -0.88 -2.79 -9.49
CA ILE A 103 -0.96 -1.34 -9.37
C ILE A 103 -2.45 -0.99 -9.36
N CYS A 104 -2.96 -0.25 -8.40
CA CYS A 104 -4.38 0.08 -8.44
C CYS A 104 -4.60 1.49 -9.01
N TYR A 105 -5.85 1.84 -9.26
CA TYR A 105 -6.17 3.14 -9.86
C TYR A 105 -7.44 3.72 -9.25
N GLY A 106 -7.64 5.01 -9.48
CA GLY A 106 -8.81 5.70 -8.95
C GLY A 106 -8.41 6.95 -8.21
N GLN A 107 -9.11 7.25 -7.13
CA GLN A 107 -8.76 8.36 -6.28
C GLN A 107 -7.98 7.87 -5.07
N LEU A 108 -6.95 8.61 -4.67
CA LEU A 108 -6.15 8.25 -3.52
C LEU A 108 -7.03 8.27 -2.27
N GLY A 109 -7.27 7.09 -1.73
CA GLY A 109 -8.17 6.97 -0.59
C GLY A 109 -9.40 6.15 -0.94
N SER A 110 -9.58 5.87 -2.22
CA SER A 110 -10.69 5.04 -2.68
C SER A 110 -10.17 3.72 -3.22
N PHE A 111 -10.04 2.75 -2.32
CA PHE A 111 -9.49 1.45 -2.65
C PHE A 111 -10.58 0.54 -3.19
N SER A 112 -11.17 0.94 -4.30
CA SER A 112 -12.27 0.19 -4.89
C SER A 112 -11.84 -0.53 -6.18
N ASN A 113 -10.80 -0.03 -6.83
CA ASN A 113 -10.39 -0.58 -8.13
C ASN A 113 -8.87 -0.72 -8.22
N CYS A 114 -8.42 -1.84 -8.76
CA CYS A 114 -7.01 -2.03 -9.04
C CYS A 114 -6.81 -2.51 -10.48
N SER A 115 -5.56 -2.64 -10.92
CA SER A 115 -5.27 -3.13 -12.25
C SER A 115 -4.08 -4.08 -12.23
N HIS A 116 -4.01 -4.93 -13.24
CA HIS A 116 -2.96 -5.94 -13.37
C HIS A 116 -1.61 -5.28 -13.63
N SER A 117 -0.57 -5.82 -13.00
CA SER A 117 0.78 -5.28 -13.12
C SER A 117 1.40 -5.55 -14.50
N ARG A 118 0.86 -4.89 -15.52
CA ARG A 118 1.41 -4.98 -16.86
C ARG A 118 1.85 -3.60 -17.35
N ASN A 119 1.24 -2.56 -16.80
CA ASN A 119 1.55 -1.19 -17.18
C ASN A 119 2.13 -0.44 -16.00
N ASP A 120 3.03 0.51 -16.29
CA ASP A 120 3.61 1.40 -15.28
C ASP A 120 4.63 0.67 -14.40
N MET A 121 5.75 1.33 -14.18
CA MET A 121 6.81 0.77 -13.35
C MET A 121 6.84 1.48 -11.99
N CYS A 122 6.12 0.93 -11.03
CA CYS A 122 6.03 1.55 -9.71
C CYS A 122 7.26 1.26 -8.86
N HIS A 123 8.24 0.56 -9.43
CA HIS A 123 9.54 0.32 -8.77
C HIS A 123 9.38 -0.40 -7.45
N SER A 124 8.21 -1.02 -7.26
CA SER A 124 7.87 -1.69 -6.01
C SER A 124 8.01 -0.73 -4.84
N LEU A 125 7.46 0.47 -4.98
CA LEU A 125 7.47 1.44 -3.89
C LEU A 125 6.89 0.82 -2.64
N GLY A 126 7.61 0.98 -1.55
CA GLY A 126 7.31 0.27 -0.34
C GLY A 126 6.68 1.17 0.70
N LEU A 127 6.38 0.60 1.83
CA LEU A 127 5.70 1.28 2.90
C LEU A 127 6.13 0.65 4.21
N THR A 128 6.42 1.46 5.17
CA THR A 128 6.91 0.95 6.44
C THR A 128 6.31 1.74 7.59
N CYS A 129 5.34 1.14 8.27
CA CYS A 129 4.53 1.83 9.29
C CYS A 129 5.39 2.61 10.25
N LEU A 130 5.38 3.90 10.02
CA LEU A 130 6.23 4.87 10.66
C LEU A 130 7.68 4.69 10.20
N GLU A 131 8.33 3.66 10.74
CA GLU A 131 9.71 3.34 10.37
C GLU A 131 10.07 1.96 10.89
N ARG A 22 -15.28 4.83 -2.20
CA ARG A 22 -16.04 3.69 -1.64
C ARG A 22 -15.35 3.16 -0.38
N LEU A 23 -14.44 2.21 -0.55
CA LEU A 23 -13.70 1.65 0.56
C LEU A 23 -12.32 2.26 0.61
N SER A 24 -12.04 3.05 1.63
CA SER A 24 -10.77 3.74 1.71
C SER A 24 -9.89 3.11 2.78
N TRP A 25 -8.58 3.26 2.62
CA TRP A 25 -7.63 2.63 3.53
C TRP A 25 -7.51 3.38 4.87
N TYR A 26 -8.43 4.31 5.11
CA TYR A 26 -8.49 4.98 6.40
C TYR A 26 -9.81 4.66 7.09
N ASP A 27 -10.57 3.74 6.49
CA ASP A 27 -11.83 3.30 7.06
C ASP A 27 -11.57 2.40 8.27
N PRO A 28 -12.36 2.57 9.34
CA PRO A 28 -12.26 1.74 10.55
C PRO A 28 -12.82 0.34 10.33
N ASP A 29 -13.07 0.03 9.07
CA ASP A 29 -13.62 -1.25 8.65
C ASP A 29 -12.62 -1.99 7.78
N PHE A 30 -11.59 -1.27 7.36
CA PHE A 30 -10.66 -1.77 6.36
C PHE A 30 -9.43 -2.40 7.02
N GLN A 31 -8.84 -3.38 6.35
CA GLN A 31 -7.67 -4.07 6.88
C GLN A 31 -6.54 -4.08 5.86
N ALA A 32 -5.40 -3.54 6.25
CA ALA A 32 -4.22 -3.57 5.39
C ALA A 32 -3.01 -4.02 6.19
N ARG A 33 -1.93 -4.37 5.50
CA ARG A 33 -0.74 -4.87 6.15
C ARG A 33 0.43 -4.94 5.18
N LEU A 34 1.54 -5.45 5.67
CA LEU A 34 2.75 -5.60 4.87
C LEU A 34 3.02 -7.08 4.65
N THR A 35 3.46 -7.43 3.45
CA THR A 35 3.66 -8.83 3.11
C THR A 35 4.84 -8.97 2.16
N ARG A 36 5.35 -10.21 2.02
CA ARG A 36 6.51 -10.52 1.17
C ARG A 36 7.81 -9.97 1.78
N SER A 37 7.84 -8.68 2.01
CA SER A 37 8.95 -8.08 2.73
C SER A 37 8.84 -8.47 4.20
N ASN A 38 7.63 -8.29 4.74
CA ASN A 38 7.28 -8.70 6.10
C ASN A 38 8.38 -8.41 7.11
N SER A 39 8.48 -7.16 7.51
CA SER A 39 9.48 -6.78 8.49
C SER A 39 8.87 -5.82 9.51
N LYS A 40 9.70 -5.30 10.40
CA LYS A 40 9.26 -4.49 11.54
C LYS A 40 8.51 -3.24 11.07
N CYS A 41 7.19 -3.38 10.93
CA CYS A 41 6.31 -2.29 10.48
C CYS A 41 6.82 -1.66 9.18
N GLN A 42 7.44 -2.49 8.34
CA GLN A 42 7.94 -2.07 7.03
C GLN A 42 7.80 -3.20 6.01
N GLY A 43 7.32 -2.88 4.82
CA GLY A 43 7.09 -3.90 3.81
C GLY A 43 6.26 -3.42 2.64
N GLN A 44 6.06 -4.30 1.67
CA GLN A 44 5.16 -4.04 0.55
C GLN A 44 3.72 -4.08 1.04
N LEU A 45 2.86 -3.22 0.51
CA LEU A 45 1.51 -3.08 1.02
C LEU A 45 0.56 -4.09 0.42
N GLU A 46 -0.22 -4.73 1.29
CA GLU A 46 -1.28 -5.64 0.89
C GLU A 46 -2.54 -5.29 1.67
N VAL A 47 -3.64 -5.06 0.95
CA VAL A 47 -4.86 -4.59 1.59
C VAL A 47 -6.05 -5.48 1.26
N TYR A 48 -6.91 -5.72 2.24
CA TYR A 48 -8.08 -6.56 2.07
C TYR A 48 -9.29 -5.72 1.71
N LEU A 49 -9.76 -5.83 0.48
CA LEU A 49 -10.97 -5.13 0.06
C LEU A 49 -12.12 -6.09 -0.14
N LYS A 50 -12.83 -6.37 0.96
CA LYS A 50 -14.02 -7.24 0.96
C LYS A 50 -13.69 -8.69 0.61
N ASP A 51 -12.98 -8.89 -0.48
CA ASP A 51 -12.70 -10.25 -0.95
C ASP A 51 -11.24 -10.43 -1.31
N GLY A 52 -10.58 -9.32 -1.66
CA GLY A 52 -9.24 -9.41 -2.20
C GLY A 52 -8.19 -8.88 -1.26
N TRP A 53 -7.30 -9.75 -0.82
CA TRP A 53 -6.05 -9.32 -0.23
C TRP A 53 -5.13 -8.85 -1.35
N HIS A 54 -5.49 -7.69 -1.89
CA HIS A 54 -4.79 -7.17 -3.04
C HIS A 54 -3.44 -6.61 -2.64
N MET A 55 -2.38 -7.35 -2.94
CA MET A 55 -1.04 -6.84 -2.74
C MET A 55 -0.75 -5.79 -3.79
N VAL A 56 -0.63 -4.55 -3.34
CA VAL A 56 -0.50 -3.43 -4.26
C VAL A 56 0.97 -3.10 -4.48
N CYS A 57 1.24 -2.15 -5.36
CA CYS A 57 2.60 -1.69 -5.57
C CYS A 57 2.86 -0.42 -4.77
N SER A 58 2.07 -0.21 -3.73
CA SER A 58 2.22 0.91 -2.78
C SER A 58 1.90 2.25 -3.43
N GLN A 59 2.65 2.60 -4.49
CA GLN A 59 2.48 3.87 -5.19
C GLN A 59 1.34 3.78 -6.22
N SER A 60 0.38 2.90 -5.93
CA SER A 60 -0.82 2.75 -6.75
C SER A 60 -1.73 3.98 -6.56
N TRP A 61 -2.84 4.04 -7.31
CA TRP A 61 -3.79 5.16 -7.25
C TRP A 61 -3.20 6.44 -7.83
N GLY A 62 -2.30 7.07 -7.08
CA GLY A 62 -1.68 8.29 -7.56
C GLY A 62 -0.67 8.84 -6.57
N ARG A 63 0.30 8.02 -6.19
CA ARG A 63 1.35 8.46 -5.30
C ARG A 63 2.60 8.82 -6.09
N SER A 64 3.45 9.65 -5.52
CA SER A 64 4.61 10.14 -6.23
C SER A 64 5.89 9.55 -5.63
N SER A 65 6.96 9.54 -6.42
CA SER A 65 8.26 9.09 -5.95
C SER A 65 8.92 10.20 -5.14
N LYS A 66 8.34 10.48 -3.99
CA LYS A 66 8.78 11.57 -3.13
C LYS A 66 8.66 11.17 -1.66
N GLN A 67 9.73 11.39 -0.91
CA GLN A 67 9.78 10.96 0.47
C GLN A 67 9.04 11.95 1.37
N TRP A 68 8.04 11.43 2.09
CA TRP A 68 7.22 12.24 3.01
C TRP A 68 6.34 13.24 2.26
N GLU A 69 5.50 13.94 3.02
CA GLU A 69 4.59 14.95 2.47
C GLU A 69 3.71 14.35 1.39
N ASP A 70 3.20 13.16 1.66
CA ASP A 70 2.35 12.40 0.74
C ASP A 70 2.00 11.05 1.38
N PRO A 71 3.03 10.28 1.83
CA PRO A 71 2.86 9.08 2.67
C PRO A 71 1.96 9.32 3.87
N SER A 72 0.66 9.16 3.70
CA SER A 72 -0.28 9.42 4.77
C SER A 72 -1.59 8.67 4.57
N GLN A 73 -2.45 8.85 5.54
CA GLN A 73 -3.85 8.42 5.53
C GLN A 73 -4.04 6.90 5.46
N ALA A 74 -2.97 6.15 5.62
CA ALA A 74 -3.07 4.72 5.91
C ALA A 74 -2.87 4.50 7.40
N SER A 75 -2.97 5.58 8.16
CA SER A 75 -2.72 5.56 9.58
C SER A 75 -3.66 4.58 10.28
N LYS A 76 -4.86 4.44 9.73
CA LYS A 76 -5.87 3.59 10.33
C LYS A 76 -5.44 2.12 10.29
N VAL A 77 -4.89 1.68 9.16
CA VAL A 77 -4.58 0.29 8.98
C VAL A 77 -3.35 -0.14 9.79
N CYS A 78 -2.30 0.68 9.79
CA CYS A 78 -1.12 0.36 10.58
C CYS A 78 -1.37 0.66 12.04
N GLN A 79 -2.37 1.48 12.34
CA GLN A 79 -2.80 1.67 13.73
C GLN A 79 -3.34 0.36 14.26
N ARG A 80 -4.13 -0.33 13.43
CA ARG A 80 -4.59 -1.68 13.74
C ARG A 80 -3.40 -2.64 13.88
N LEU A 81 -2.33 -2.35 13.14
CA LEU A 81 -1.13 -3.17 13.17
C LEU A 81 -0.19 -2.71 14.28
N ASN A 82 -0.68 -1.81 15.14
CA ASN A 82 0.09 -1.21 16.24
C ASN A 82 1.47 -0.74 15.76
N CYS A 83 1.52 -0.30 14.52
CA CYS A 83 2.76 0.20 13.92
C CYS A 83 2.68 1.70 13.67
N GLY A 84 1.78 2.35 14.39
CA GLY A 84 1.77 3.81 14.44
C GLY A 84 1.28 4.48 13.18
N ASP A 85 2.18 5.21 12.54
CA ASP A 85 1.85 6.11 11.43
C ASP A 85 1.66 5.34 10.13
N PRO A 86 1.24 6.02 9.04
CA PRO A 86 1.07 5.39 7.74
C PRO A 86 2.26 5.47 6.83
N LEU A 87 3.27 4.72 7.19
CA LEU A 87 4.27 4.22 6.27
C LEU A 87 4.92 5.29 5.41
N SER A 88 6.16 5.62 5.74
CA SER A 88 6.94 6.46 4.88
C SER A 88 7.12 5.78 3.53
N LEU A 89 6.86 6.53 2.47
CA LEU A 89 7.03 6.05 1.11
C LEU A 89 8.46 6.27 0.66
N GLY A 90 9.12 5.18 0.33
CA GLY A 90 10.50 5.23 -0.13
C GLY A 90 10.93 3.88 -0.65
N PRO A 91 11.76 3.81 -1.70
CA PRO A 91 12.05 2.54 -2.38
C PRO A 91 12.73 1.55 -1.44
N PHE A 92 12.01 0.46 -1.15
CA PHE A 92 12.43 -0.51 -0.16
C PHE A 92 13.57 -1.37 -0.68
N LEU A 93 13.24 -2.36 -1.52
CA LEU A 93 14.22 -3.28 -2.07
C LEU A 93 13.54 -4.36 -2.90
N LYS A 94 12.54 -4.98 -2.29
CA LYS A 94 11.83 -6.09 -2.92
C LYS A 94 10.65 -5.55 -3.74
N THR A 95 10.41 -6.17 -4.89
CA THR A 95 9.33 -5.75 -5.77
C THR A 95 8.15 -6.71 -5.70
N TYR A 96 7.12 -6.42 -6.50
CA TYR A 96 5.93 -7.26 -6.54
C TYR A 96 6.00 -8.23 -7.72
N THR A 97 4.89 -8.87 -8.05
CA THR A 97 4.85 -9.85 -9.11
C THR A 97 4.03 -9.33 -10.29
N PRO A 98 4.63 -9.33 -11.49
CA PRO A 98 4.01 -8.79 -12.71
C PRO A 98 2.89 -9.68 -13.27
N GLN A 99 1.90 -9.96 -12.43
CA GLN A 99 0.74 -10.76 -12.82
C GLN A 99 -0.16 -10.98 -11.61
N SER A 100 0.42 -11.56 -10.56
CA SER A 100 -0.33 -11.85 -9.35
C SER A 100 -0.57 -10.58 -8.54
N SER A 101 0.41 -9.68 -8.54
CA SER A 101 0.29 -8.42 -7.84
C SER A 101 -0.46 -7.40 -8.70
N ILE A 102 -1.03 -6.39 -8.07
CA ILE A 102 -1.86 -5.44 -8.79
C ILE A 102 -1.43 -4.00 -8.58
N ILE A 103 -1.81 -3.16 -9.53
CA ILE A 103 -1.65 -1.72 -9.44
C ILE A 103 -3.04 -1.10 -9.45
N CYS A 104 -3.52 -0.62 -8.33
CA CYS A 104 -4.86 -0.06 -8.31
C CYS A 104 -4.80 1.39 -8.75
N TYR A 105 -5.93 1.96 -9.16
CA TYR A 105 -5.97 3.34 -9.60
C TYR A 105 -7.21 4.04 -9.08
N GLY A 106 -7.15 5.36 -9.03
CA GLY A 106 -8.24 6.14 -8.52
C GLY A 106 -7.75 7.29 -7.66
N GLN A 107 -8.58 7.72 -6.73
CA GLN A 107 -8.21 8.83 -5.85
C GLN A 107 -7.86 8.34 -4.45
N LEU A 108 -6.68 8.75 -4.00
CA LEU A 108 -6.22 8.52 -2.62
C LEU A 108 -6.01 7.03 -2.33
N GLY A 109 -7.10 6.35 -2.07
CA GLY A 109 -7.04 4.96 -1.71
C GLY A 109 -8.43 4.37 -1.64
N SER A 110 -9.21 4.63 -2.68
CA SER A 110 -10.51 3.99 -2.80
C SER A 110 -10.32 2.66 -3.52
N PHE A 111 -10.46 1.57 -2.77
CA PHE A 111 -10.23 0.22 -3.27
C PHE A 111 -11.47 -0.33 -3.97
N SER A 112 -12.16 0.54 -4.70
CA SER A 112 -13.34 0.16 -5.45
C SER A 112 -12.93 -0.52 -6.75
N ASN A 113 -11.74 -0.19 -7.23
CA ASN A 113 -11.25 -0.74 -8.48
C ASN A 113 -9.72 -0.74 -8.51
N CYS A 114 -9.16 -1.82 -9.02
CA CYS A 114 -7.71 -1.92 -9.21
C CYS A 114 -7.43 -2.36 -10.64
N SER A 115 -6.18 -2.66 -10.92
CA SER A 115 -5.79 -3.16 -12.22
C SER A 115 -4.59 -4.08 -12.03
N HIS A 116 -4.32 -4.92 -13.02
CA HIS A 116 -3.13 -5.77 -12.96
C HIS A 116 -1.88 -4.92 -13.08
N SER A 117 -0.74 -5.48 -12.70
CA SER A 117 0.54 -4.84 -12.94
C SER A 117 0.65 -4.55 -14.44
N ARG A 118 0.49 -3.30 -14.83
CA ARG A 118 0.40 -2.93 -16.23
C ARG A 118 1.74 -3.10 -16.93
N ASN A 119 2.70 -2.25 -16.59
CA ASN A 119 4.05 -2.34 -17.14
C ASN A 119 4.99 -1.42 -16.40
N ASP A 120 5.83 -2.02 -15.56
CA ASP A 120 6.79 -1.30 -14.71
C ASP A 120 6.07 -0.32 -13.78
N MET A 121 5.80 0.88 -14.29
CA MET A 121 5.12 1.96 -13.55
C MET A 121 5.58 2.06 -12.10
N CYS A 122 4.87 1.41 -11.20
CA CYS A 122 5.24 1.42 -9.80
C CYS A 122 6.46 0.56 -9.53
N HIS A 123 7.50 1.21 -9.03
CA HIS A 123 8.74 0.54 -8.68
C HIS A 123 8.65 0.03 -7.26
N SER A 124 9.77 -0.21 -6.62
CA SER A 124 9.76 -0.76 -5.28
C SER A 124 9.57 0.33 -4.21
N LEU A 125 8.80 1.39 -4.50
CA LEU A 125 8.50 2.35 -3.45
C LEU A 125 7.77 1.64 -2.34
N GLY A 126 8.39 1.61 -1.18
CA GLY A 126 7.91 0.81 -0.09
C GLY A 126 7.04 1.62 0.83
N LEU A 127 6.50 0.96 1.83
CA LEU A 127 5.59 1.57 2.74
C LEU A 127 5.86 1.02 4.13
N THR A 128 6.37 1.89 4.98
CA THR A 128 6.84 1.50 6.29
C THR A 128 6.06 2.23 7.40
N CYS A 129 5.03 1.57 7.95
CA CYS A 129 4.04 2.21 8.85
C CYS A 129 4.69 3.22 9.79
N LEU A 130 5.50 2.74 10.71
CA LEU A 130 6.07 3.62 11.71
C LEU A 130 7.34 4.26 11.16
N GLU A 131 7.16 5.43 10.53
CA GLU A 131 8.23 6.24 9.95
C GLU A 131 9.39 5.39 9.41
N ARG A 22 -15.66 4.69 -1.15
CA ARG A 22 -16.04 4.46 0.26
C ARG A 22 -15.02 3.56 0.95
N LEU A 23 -14.51 2.57 0.23
CA LEU A 23 -13.46 1.72 0.76
C LEU A 23 -12.15 2.50 0.78
N SER A 24 -11.56 2.64 1.96
CA SER A 24 -10.37 3.43 2.10
C SER A 24 -9.43 2.82 3.12
N TRP A 25 -8.14 3.13 3.02
CA TRP A 25 -7.15 2.60 3.94
C TRP A 25 -7.13 3.40 5.25
N TYR A 26 -8.13 4.23 5.45
CA TYR A 26 -8.29 4.94 6.71
C TYR A 26 -9.63 4.59 7.34
N ASP A 27 -10.25 3.54 6.82
CA ASP A 27 -11.52 3.04 7.35
C ASP A 27 -11.26 2.15 8.57
N PRO A 28 -12.00 2.38 9.67
CA PRO A 28 -11.77 1.68 10.94
C PRO A 28 -11.86 0.15 10.83
N ASP A 29 -12.63 -0.35 9.87
CA ASP A 29 -12.85 -1.78 9.75
C ASP A 29 -12.00 -2.36 8.63
N PHE A 30 -11.56 -1.49 7.72
CA PHE A 30 -10.84 -1.91 6.52
C PHE A 30 -9.56 -2.68 6.88
N GLN A 31 -9.29 -3.74 6.12
CA GLN A 31 -8.13 -4.57 6.39
C GLN A 31 -7.00 -4.26 5.40
N ALA A 32 -5.89 -3.78 5.94
CA ALA A 32 -4.71 -3.47 5.14
C ALA A 32 -3.46 -3.86 5.91
N ARG A 33 -2.36 -4.07 5.20
CA ARG A 33 -1.12 -4.54 5.81
C ARG A 33 0.03 -4.50 4.83
N LEU A 34 1.18 -4.98 5.28
CA LEU A 34 2.35 -5.17 4.43
C LEU A 34 2.46 -6.64 4.05
N THR A 35 3.20 -6.90 2.99
CA THR A 35 3.38 -8.26 2.50
C THR A 35 4.41 -9.02 3.35
N ARG A 36 4.87 -10.15 2.85
CA ARG A 36 5.85 -10.97 3.56
C ARG A 36 7.24 -10.35 3.56
N SER A 37 7.35 -9.17 4.14
CA SER A 37 8.63 -8.49 4.29
C SER A 37 9.25 -8.81 5.64
N ASN A 38 8.56 -9.65 6.41
CA ASN A 38 8.99 -10.07 7.75
C ASN A 38 8.82 -8.96 8.77
N SER A 39 9.28 -7.76 8.43
CA SER A 39 9.05 -6.60 9.26
C SER A 39 7.60 -6.16 9.12
N LYS A 40 6.86 -6.23 10.22
CA LYS A 40 5.44 -5.92 10.19
C LYS A 40 5.20 -4.42 10.09
N CYS A 41 6.28 -3.65 10.21
CA CYS A 41 6.17 -2.20 10.12
C CYS A 41 7.00 -1.66 8.95
N GLN A 42 7.51 -2.56 8.10
CA GLN A 42 8.17 -2.14 6.86
C GLN A 42 7.91 -3.19 5.77
N GLY A 43 7.37 -2.79 4.64
CA GLY A 43 7.02 -3.76 3.61
C GLY A 43 6.37 -3.15 2.39
N GLN A 44 6.05 -4.00 1.41
CA GLN A 44 5.29 -3.57 0.25
C GLN A 44 3.81 -3.80 0.54
N LEU A 45 2.95 -2.91 0.09
CA LEU A 45 1.55 -2.87 0.54
C LEU A 45 0.72 -4.06 0.06
N GLU A 46 -0.09 -4.59 0.98
CA GLU A 46 -1.03 -5.66 0.71
C GLU A 46 -2.37 -5.30 1.35
N VAL A 47 -3.41 -5.13 0.53
CA VAL A 47 -4.69 -4.64 1.03
C VAL A 47 -5.85 -5.55 0.62
N TYR A 48 -6.82 -5.70 1.52
CA TYR A 48 -7.93 -6.62 1.29
C TYR A 48 -9.17 -5.90 0.79
N LEU A 49 -9.44 -6.04 -0.50
CA LEU A 49 -10.65 -5.50 -1.10
C LEU A 49 -10.97 -6.23 -2.38
N LYS A 50 -12.25 -6.19 -2.76
CA LYS A 50 -12.77 -7.01 -3.85
C LYS A 50 -12.39 -8.46 -3.56
N ASP A 51 -12.46 -8.81 -2.28
CA ASP A 51 -12.23 -10.18 -1.79
C ASP A 51 -10.83 -10.68 -2.18
N GLY A 52 -9.96 -9.74 -2.50
CA GLY A 52 -8.59 -10.05 -2.84
C GLY A 52 -7.62 -9.37 -1.92
N TRP A 53 -6.82 -10.16 -1.22
CA TRP A 53 -5.66 -9.64 -0.53
C TRP A 53 -4.65 -9.22 -1.58
N HIS A 54 -4.90 -8.05 -2.14
CA HIS A 54 -4.20 -7.59 -3.30
C HIS A 54 -2.83 -7.06 -2.94
N MET A 55 -1.81 -7.63 -3.56
CA MET A 55 -0.45 -7.13 -3.42
C MET A 55 -0.30 -5.94 -4.35
N VAL A 56 -0.29 -4.74 -3.81
CA VAL A 56 -0.23 -3.57 -4.67
C VAL A 56 1.21 -3.14 -4.84
N CYS A 57 1.47 -2.31 -5.85
CA CYS A 57 2.83 -1.92 -6.14
C CYS A 57 3.28 -0.84 -5.15
N SER A 58 2.36 -0.48 -4.23
CA SER A 58 2.59 0.46 -3.13
C SER A 58 2.29 1.91 -3.51
N GLN A 59 2.70 2.35 -4.70
CA GLN A 59 2.41 3.72 -5.13
C GLN A 59 1.08 3.79 -5.88
N SER A 60 0.39 2.66 -5.93
CA SER A 60 -0.91 2.56 -6.57
C SER A 60 -1.87 3.59 -5.99
N TRP A 61 -2.89 3.97 -6.76
CA TRP A 61 -3.85 5.02 -6.37
C TRP A 61 -3.24 6.41 -6.49
N GLY A 62 -2.01 6.56 -6.03
CA GLY A 62 -1.34 7.82 -6.09
C GLY A 62 -0.55 8.01 -7.38
N ARG A 63 0.67 8.48 -7.24
CA ARG A 63 1.52 8.77 -8.40
C ARG A 63 2.94 8.28 -8.16
N SER A 64 3.80 8.55 -9.12
CA SER A 64 5.21 8.25 -8.98
C SER A 64 6.00 9.53 -8.73
N SER A 65 6.44 9.71 -7.50
CA SER A 65 7.17 10.90 -7.12
C SER A 65 8.48 10.49 -6.45
N LYS A 66 9.34 11.47 -6.17
CA LYS A 66 10.60 11.20 -5.49
C LYS A 66 10.33 10.70 -4.06
N GLN A 67 9.42 11.39 -3.38
CA GLN A 67 9.06 11.05 -2.02
C GLN A 67 7.81 11.83 -1.62
N TRP A 68 6.97 11.21 -0.81
CA TRP A 68 5.70 11.84 -0.43
C TRP A 68 5.84 12.63 0.87
N GLU A 69 5.32 13.85 0.84
CA GLU A 69 5.38 14.72 2.01
C GLU A 69 4.33 14.31 3.04
N ASP A 70 3.20 13.80 2.57
CA ASP A 70 2.14 13.36 3.47
C ASP A 70 1.74 11.91 3.17
N PRO A 71 2.39 10.95 3.84
CA PRO A 71 2.12 9.53 3.73
C PRO A 71 1.21 9.01 4.83
N SER A 72 0.31 9.86 5.31
CA SER A 72 -0.53 9.53 6.46
C SER A 72 -1.77 8.73 6.02
N GLN A 73 -2.92 9.07 6.60
CA GLN A 73 -4.21 8.46 6.30
C GLN A 73 -4.34 7.07 6.93
N ALA A 74 -3.42 6.16 6.63
CA ALA A 74 -3.51 4.78 7.09
C ALA A 74 -3.03 4.62 8.54
N SER A 75 -3.16 5.69 9.32
CA SER A 75 -2.71 5.71 10.71
C SER A 75 -3.31 4.57 11.51
N LYS A 76 -4.62 4.36 11.34
CA LYS A 76 -5.34 3.35 12.09
C LYS A 76 -4.91 1.94 11.69
N VAL A 77 -4.49 1.79 10.44
CA VAL A 77 -4.05 0.48 9.95
C VAL A 77 -2.81 0.02 10.69
N CYS A 78 -1.74 0.80 10.60
CA CYS A 78 -0.49 0.44 11.26
C CYS A 78 -0.62 0.50 12.77
N GLN A 79 -1.57 1.31 13.24
CA GLN A 79 -1.89 1.36 14.67
C GLN A 79 -2.39 -0.01 15.13
N ARG A 80 -3.29 -0.59 14.34
CA ARG A 80 -3.80 -1.93 14.61
C ARG A 80 -2.69 -2.96 14.48
N LEU A 81 -1.65 -2.61 13.73
CA LEU A 81 -0.48 -3.47 13.58
C LEU A 81 0.59 -3.11 14.61
N ASN A 82 0.17 -2.33 15.63
CA ASN A 82 1.04 -1.86 16.73
C ASN A 82 2.34 -1.21 16.23
N CYS A 83 2.34 -0.78 14.97
CA CYS A 83 3.51 -0.13 14.39
C CYS A 83 3.34 1.39 14.43
N GLY A 84 2.25 1.83 15.07
CA GLY A 84 2.04 3.25 15.30
C GLY A 84 1.38 3.95 14.13
N ASP A 85 2.05 4.96 13.60
CA ASP A 85 1.52 5.76 12.52
C ASP A 85 1.67 5.03 11.19
N PRO A 86 1.09 5.50 10.08
CA PRO A 86 1.09 4.75 8.84
C PRO A 86 2.43 4.71 8.15
N LEU A 87 2.61 3.60 7.49
CA LEU A 87 3.64 3.39 6.54
C LEU A 87 3.89 4.61 5.68
N SER A 88 5.06 5.16 5.88
CA SER A 88 5.54 6.29 5.11
C SER A 88 5.87 5.88 3.68
N LEU A 89 5.53 6.76 2.74
CA LEU A 89 5.73 6.49 1.31
C LEU A 89 7.11 6.93 0.85
N GLY A 90 7.87 5.97 0.32
CA GLY A 90 9.16 6.25 -0.26
C GLY A 90 9.73 5.02 -0.92
N PRO A 91 10.27 5.12 -2.15
CA PRO A 91 10.72 3.96 -2.94
C PRO A 91 11.58 3.02 -2.11
N PHE A 92 11.04 1.85 -1.80
CA PHE A 92 11.63 1.00 -0.77
C PHE A 92 12.04 -0.36 -1.32
N LEU A 93 11.07 -1.25 -1.50
CA LEU A 93 11.37 -2.63 -1.83
C LEU A 93 10.49 -3.14 -2.96
N LYS A 94 11.04 -4.04 -3.77
CA LYS A 94 10.28 -4.70 -4.81
C LYS A 94 10.20 -6.19 -4.55
N THR A 95 9.03 -6.66 -4.16
CA THR A 95 8.80 -8.08 -3.94
C THR A 95 7.42 -8.45 -4.48
N TYR A 96 7.09 -7.86 -5.62
CA TYR A 96 5.80 -8.04 -6.24
C TYR A 96 5.99 -8.51 -7.69
N THR A 97 4.96 -9.09 -8.27
CA THR A 97 5.05 -9.61 -9.62
C THR A 97 3.98 -9.01 -10.51
N PRO A 98 4.23 -8.97 -11.83
CA PRO A 98 3.28 -8.44 -12.80
C PRO A 98 2.15 -9.43 -13.09
N GLN A 99 1.93 -10.34 -12.16
CA GLN A 99 0.91 -11.37 -12.31
C GLN A 99 0.15 -11.57 -11.00
N SER A 100 0.88 -11.82 -9.92
CA SER A 100 0.26 -12.01 -8.61
C SER A 100 -0.11 -10.68 -7.99
N SER A 101 0.66 -9.65 -8.30
CA SER A 101 0.45 -8.33 -7.73
C SER A 101 -0.30 -7.45 -8.74
N ILE A 102 -0.84 -6.35 -8.25
CA ILE A 102 -1.63 -5.45 -9.08
C ILE A 102 -1.27 -3.99 -8.82
N ILE A 103 -1.77 -3.11 -9.67
CA ILE A 103 -1.56 -1.67 -9.51
C ILE A 103 -2.89 -0.95 -9.68
N CYS A 104 -3.45 -0.44 -8.60
CA CYS A 104 -4.70 0.30 -8.69
C CYS A 104 -4.40 1.76 -8.99
N TYR A 105 -5.42 2.50 -9.40
CA TYR A 105 -5.26 3.91 -9.74
C TYR A 105 -6.38 4.74 -9.11
N GLY A 106 -6.40 6.03 -9.43
CA GLY A 106 -7.45 6.89 -8.92
C GLY A 106 -6.90 7.92 -7.97
N GLN A 107 -7.48 7.97 -6.79
CA GLN A 107 -6.99 8.81 -5.71
C GLN A 107 -6.49 7.95 -4.57
N LEU A 108 -5.39 8.36 -3.95
CA LEU A 108 -4.82 7.62 -2.84
C LEU A 108 -5.83 7.53 -1.69
N GLY A 109 -6.38 6.34 -1.48
CA GLY A 109 -7.37 6.14 -0.46
C GLY A 109 -8.68 5.60 -1.02
N SER A 110 -8.86 5.74 -2.33
CA SER A 110 -10.09 5.27 -2.97
C SER A 110 -9.92 3.85 -3.49
N PHE A 111 -10.19 2.88 -2.64
CA PHE A 111 -10.01 1.46 -2.95
C PHE A 111 -11.22 0.90 -3.69
N SER A 112 -11.75 1.69 -4.60
CA SER A 112 -12.94 1.30 -5.34
C SER A 112 -12.61 0.45 -6.56
N ASN A 113 -11.44 0.68 -7.14
CA ASN A 113 -11.07 0.01 -8.38
C ASN A 113 -9.56 -0.13 -8.50
N CYS A 114 -9.13 -1.25 -9.09
CA CYS A 114 -7.73 -1.50 -9.31
C CYS A 114 -7.47 -1.96 -10.75
N SER A 115 -6.24 -2.35 -11.03
CA SER A 115 -5.86 -2.87 -12.33
C SER A 115 -4.68 -3.83 -12.13
N HIS A 116 -4.33 -4.58 -13.17
CA HIS A 116 -3.24 -5.55 -13.05
C HIS A 116 -1.90 -4.83 -13.03
N SER A 117 -0.87 -5.53 -12.57
CA SER A 117 0.47 -4.96 -12.55
C SER A 117 1.06 -4.98 -13.97
N ARG A 118 0.49 -4.17 -14.84
CA ARG A 118 0.96 -4.05 -16.20
C ARG A 118 2.35 -3.41 -16.21
N ASN A 119 2.60 -2.58 -15.23
CA ASN A 119 3.91 -1.98 -15.04
C ASN A 119 4.76 -2.92 -14.18
N ASP A 120 5.81 -3.46 -14.77
CA ASP A 120 6.71 -4.36 -14.04
C ASP A 120 7.45 -3.59 -12.95
N MET A 121 7.72 -2.32 -13.21
CA MET A 121 8.35 -1.47 -12.23
C MET A 121 7.53 -0.19 -12.06
N CYS A 122 6.69 -0.15 -11.04
CA CYS A 122 5.85 1.01 -10.79
C CYS A 122 6.63 2.04 -9.98
N HIS A 123 7.95 1.78 -9.83
CA HIS A 123 8.85 2.53 -8.94
C HIS A 123 8.74 1.99 -7.52
N SER A 124 7.56 1.50 -7.18
CA SER A 124 7.26 0.91 -5.88
C SER A 124 7.67 1.83 -4.74
N LEU A 125 6.95 2.93 -4.62
CA LEU A 125 7.12 3.80 -3.49
C LEU A 125 6.63 3.07 -2.25
N GLY A 126 7.58 2.59 -1.47
CA GLY A 126 7.29 1.62 -0.45
C GLY A 126 6.60 2.23 0.74
N LEU A 127 6.07 1.38 1.58
CA LEU A 127 5.33 1.82 2.74
C LEU A 127 5.88 1.18 4.00
N THR A 128 6.27 1.99 4.96
CA THR A 128 6.82 1.48 6.20
C THR A 128 6.13 2.12 7.41
N CYS A 129 5.27 1.32 8.07
CA CYS A 129 4.37 1.80 9.13
C CYS A 129 5.08 2.68 10.13
N LEU A 130 4.90 3.97 9.91
CA LEU A 130 5.52 5.03 10.68
C LEU A 130 7.02 5.12 10.42
N GLU A 131 7.73 4.07 10.78
CA GLU A 131 9.18 3.99 10.61
C GLU A 131 9.61 2.61 10.15
N ARG A 22 -16.05 4.52 0.53
CA ARG A 22 -16.22 3.06 0.59
C ARG A 22 -14.94 2.37 0.15
N LEU A 23 -14.61 1.25 0.80
CA LEU A 23 -13.35 0.55 0.55
C LEU A 23 -12.18 1.51 0.72
N SER A 24 -12.29 2.37 1.72
CA SER A 24 -11.32 3.42 1.92
C SER A 24 -10.37 3.06 3.06
N TRP A 25 -9.07 3.25 2.84
CA TRP A 25 -8.05 2.88 3.82
C TRP A 25 -7.99 3.88 4.97
N TYR A 26 -8.78 4.94 4.89
CA TYR A 26 -8.85 5.91 5.97
C TYR A 26 -10.01 5.58 6.90
N ASP A 27 -10.69 4.48 6.59
CA ASP A 27 -11.71 3.94 7.46
C ASP A 27 -11.07 2.95 8.42
N PRO A 28 -11.35 3.08 9.72
CA PRO A 28 -10.65 2.32 10.76
C PRO A 28 -10.88 0.81 10.68
N ASP A 29 -11.93 0.41 9.98
CA ASP A 29 -12.31 -1.00 9.91
C ASP A 29 -11.73 -1.67 8.66
N PHE A 30 -11.19 -0.86 7.75
CA PHE A 30 -10.66 -1.40 6.51
C PHE A 30 -9.33 -2.08 6.77
N GLN A 31 -9.23 -3.35 6.40
CA GLN A 31 -8.04 -4.13 6.67
C GLN A 31 -6.95 -3.88 5.65
N ALA A 32 -5.79 -3.54 6.16
CA ALA A 32 -4.63 -3.24 5.35
C ALA A 32 -3.37 -3.47 6.17
N ARG A 33 -2.28 -3.78 5.51
CA ARG A 33 -1.05 -4.15 6.21
C ARG A 33 0.10 -4.36 5.23
N LEU A 34 1.24 -4.75 5.76
CA LEU A 34 2.37 -5.13 4.95
C LEU A 34 2.56 -6.63 5.03
N THR A 35 2.84 -7.26 3.90
CA THR A 35 2.93 -8.71 3.86
C THR A 35 3.91 -9.16 2.78
N ARG A 36 4.09 -10.48 2.65
CA ARG A 36 5.12 -11.05 1.78
C ARG A 36 6.49 -10.60 2.24
N SER A 37 6.53 -10.23 3.51
CA SER A 37 7.74 -9.82 4.20
C SER A 37 7.54 -10.10 5.67
N ASN A 38 8.63 -10.15 6.43
CA ASN A 38 8.52 -10.52 7.85
C ASN A 38 8.21 -9.29 8.70
N SER A 39 8.61 -8.12 8.24
CA SER A 39 8.39 -6.88 8.97
C SER A 39 6.94 -6.42 8.88
N LYS A 40 6.26 -6.45 10.02
CA LYS A 40 4.87 -5.99 10.09
C LYS A 40 4.80 -4.51 9.74
N CYS A 41 5.84 -3.78 10.11
CA CYS A 41 5.85 -2.34 9.96
C CYS A 41 6.79 -1.94 8.82
N GLN A 42 7.17 -2.90 7.97
CA GLN A 42 7.92 -2.58 6.75
C GLN A 42 7.70 -3.69 5.71
N GLY A 43 7.23 -3.33 4.53
CA GLY A 43 6.84 -4.32 3.55
C GLY A 43 6.03 -3.73 2.41
N GLN A 44 5.64 -4.57 1.47
CA GLN A 44 4.75 -4.13 0.41
C GLN A 44 3.31 -4.14 0.90
N LEU A 45 2.55 -3.13 0.50
CA LEU A 45 1.22 -2.94 1.03
C LEU A 45 0.23 -3.95 0.47
N GLU A 46 -0.19 -4.87 1.32
CA GLU A 46 -1.20 -5.83 0.98
C GLU A 46 -2.49 -5.45 1.68
N VAL A 47 -3.52 -5.14 0.91
CA VAL A 47 -4.74 -4.61 1.47
C VAL A 47 -5.93 -5.51 1.13
N TYR A 48 -6.84 -5.66 2.09
CA TYR A 48 -7.96 -6.57 1.93
C TYR A 48 -9.21 -5.83 1.49
N LEU A 49 -9.53 -5.93 0.21
CA LEU A 49 -10.72 -5.29 -0.32
C LEU A 49 -11.75 -6.31 -0.77
N LYS A 50 -12.70 -6.56 0.14
CA LYS A 50 -13.85 -7.44 -0.11
C LYS A 50 -13.44 -8.90 -0.28
N ASP A 51 -12.45 -9.15 -1.11
CA ASP A 51 -12.10 -10.52 -1.46
C ASP A 51 -10.60 -10.68 -1.73
N GLY A 52 -9.92 -9.58 -1.99
CA GLY A 52 -8.55 -9.67 -2.44
C GLY A 52 -7.59 -8.97 -1.52
N TRP A 53 -6.68 -9.74 -0.93
CA TRP A 53 -5.49 -9.17 -0.33
C TRP A 53 -4.58 -8.70 -1.45
N HIS A 54 -4.91 -7.55 -2.00
CA HIS A 54 -4.21 -7.05 -3.18
C HIS A 54 -2.85 -6.52 -2.79
N MET A 55 -1.81 -7.08 -3.37
CA MET A 55 -0.47 -6.56 -3.17
C MET A 55 -0.25 -5.34 -4.04
N VAL A 56 -0.38 -4.16 -3.46
CA VAL A 56 -0.24 -2.94 -4.22
C VAL A 56 1.21 -2.51 -4.20
N CYS A 57 1.57 -1.59 -5.09
CA CYS A 57 2.92 -1.07 -5.08
C CYS A 57 2.99 0.32 -4.48
N SER A 58 2.07 0.59 -3.54
CA SER A 58 2.08 1.82 -2.73
C SER A 58 1.71 3.08 -3.53
N GLN A 59 2.38 3.28 -4.67
CA GLN A 59 2.18 4.46 -5.50
C GLN A 59 0.89 4.39 -6.30
N SER A 60 0.13 3.33 -6.08
CA SER A 60 -1.09 3.11 -6.81
C SER A 60 -2.13 4.16 -6.46
N TRP A 61 -3.19 4.26 -7.27
CA TRP A 61 -4.21 5.31 -7.12
C TRP A 61 -3.66 6.66 -7.60
N GLY A 62 -2.53 7.06 -7.05
CA GLY A 62 -1.89 8.29 -7.48
C GLY A 62 -0.87 8.05 -8.58
N ARG A 63 0.40 8.34 -8.27
CA ARG A 63 1.48 8.18 -9.23
C ARG A 63 2.70 7.61 -8.53
N SER A 64 3.71 7.21 -9.31
CA SER A 64 4.97 6.73 -8.75
C SER A 64 5.80 7.90 -8.23
N SER A 65 5.29 8.53 -7.18
CA SER A 65 5.94 9.66 -6.56
C SER A 65 7.20 9.22 -5.81
N LYS A 66 8.10 10.15 -5.60
CA LYS A 66 9.36 9.85 -4.92
C LYS A 66 9.34 10.42 -3.51
N GLN A 67 9.93 9.67 -2.58
CA GLN A 67 10.02 10.09 -1.18
C GLN A 67 8.62 10.26 -0.58
N TRP A 68 8.37 11.41 0.04
CA TRP A 68 7.09 11.64 0.69
C TRP A 68 6.20 12.54 -0.17
N GLU A 69 5.01 12.06 -0.48
CA GLU A 69 3.97 12.89 -1.07
C GLU A 69 2.80 12.96 -0.11
N ASP A 70 2.22 11.79 0.18
CA ASP A 70 1.25 11.66 1.26
C ASP A 70 1.27 10.23 1.78
N PRO A 71 2.16 9.95 2.74
CA PRO A 71 2.28 8.64 3.36
C PRO A 71 1.40 8.48 4.60
N SER A 72 0.28 9.18 4.61
CA SER A 72 -0.59 9.19 5.77
C SER A 72 -1.95 8.61 5.44
N GLN A 73 -2.98 9.09 6.15
CA GLN A 73 -4.37 8.64 6.00
C GLN A 73 -4.58 7.23 6.56
N ALA A 74 -3.51 6.45 6.62
CA ALA A 74 -3.59 5.07 7.14
C ALA A 74 -3.04 4.99 8.56
N SER A 75 -3.13 6.10 9.29
CA SER A 75 -2.64 6.17 10.65
C SER A 75 -3.33 5.14 11.55
N LYS A 76 -4.64 5.03 11.40
CA LYS A 76 -5.44 4.11 12.22
C LYS A 76 -5.09 2.66 11.87
N VAL A 77 -4.63 2.46 10.64
CA VAL A 77 -4.32 1.12 10.13
C VAL A 77 -3.08 0.54 10.80
N CYS A 78 -1.95 1.22 10.68
CA CYS A 78 -0.71 0.74 11.30
C CYS A 78 -0.81 0.82 12.82
N GLN A 79 -1.67 1.68 13.32
CA GLN A 79 -1.91 1.78 14.75
C GLN A 79 -2.53 0.50 15.27
N ARG A 80 -3.50 -0.04 14.55
CA ARG A 80 -4.12 -1.32 14.93
C ARG A 80 -3.18 -2.47 14.59
N LEU A 81 -2.17 -2.18 13.78
CA LEU A 81 -1.14 -3.15 13.40
C LEU A 81 0.03 -3.07 14.38
N ASN A 82 -0.19 -2.34 15.48
CA ASN A 82 0.81 -2.08 16.54
C ASN A 82 2.17 -1.68 15.96
N CYS A 83 2.13 -0.85 14.93
CA CYS A 83 3.34 -0.29 14.33
C CYS A 83 3.34 1.24 14.43
N GLY A 84 2.36 1.76 15.17
CA GLY A 84 2.32 3.19 15.45
C GLY A 84 1.64 3.99 14.35
N ASP A 85 2.39 4.96 13.81
CA ASP A 85 1.89 5.83 12.76
C ASP A 85 1.93 5.10 11.42
N PRO A 86 1.35 5.65 10.34
CA PRO A 86 1.28 4.94 9.08
C PRO A 86 2.60 4.82 8.37
N LEU A 87 2.69 3.72 7.67
CA LEU A 87 3.75 3.44 6.76
C LEU A 87 4.12 4.63 5.92
N SER A 88 5.35 5.03 6.09
CA SER A 88 5.97 6.07 5.29
C SER A 88 6.27 5.55 3.89
N LEU A 89 6.21 6.43 2.91
CA LEU A 89 6.41 6.05 1.52
C LEU A 89 7.86 6.19 1.09
N GLY A 90 8.30 5.27 0.24
CA GLY A 90 9.64 5.31 -0.29
C GLY A 90 9.97 4.04 -1.06
N PRO A 91 11.01 4.04 -1.90
CA PRO A 91 11.40 2.85 -2.65
C PRO A 91 11.94 1.76 -1.72
N PHE A 92 11.21 0.65 -1.65
CA PHE A 92 11.52 -0.41 -0.72
C PHE A 92 12.32 -1.51 -1.41
N LEU A 93 13.28 -2.08 -0.68
CA LEU A 93 14.11 -3.15 -1.21
C LEU A 93 13.35 -4.47 -1.23
N LYS A 94 12.57 -4.66 -2.29
CA LYS A 94 11.80 -5.88 -2.49
C LYS A 94 11.46 -6.02 -3.97
N THR A 95 11.67 -7.20 -4.52
CA THR A 95 11.36 -7.44 -5.92
C THR A 95 9.85 -7.48 -6.16
N TYR A 96 9.35 -6.45 -6.82
CA TYR A 96 7.94 -6.37 -7.16
C TYR A 96 7.65 -7.22 -8.39
N THR A 97 6.39 -7.59 -8.59
CA THR A 97 6.02 -8.46 -9.69
C THR A 97 4.68 -8.06 -10.27
N PRO A 98 4.61 -7.89 -11.60
CA PRO A 98 3.38 -7.53 -12.29
C PRO A 98 2.48 -8.73 -12.51
N GLN A 99 2.88 -9.83 -11.92
CA GLN A 99 2.18 -11.09 -12.06
C GLN A 99 1.29 -11.35 -10.85
N SER A 100 1.90 -11.30 -9.67
CA SER A 100 1.18 -11.57 -8.44
C SER A 100 0.75 -10.27 -7.74
N SER A 101 1.45 -9.18 -8.02
CA SER A 101 1.14 -7.91 -7.41
C SER A 101 0.41 -7.01 -8.42
N ILE A 102 -0.18 -5.93 -7.94
CA ILE A 102 -0.99 -5.07 -8.78
C ILE A 102 -0.71 -3.59 -8.54
N ILE A 103 -1.06 -2.78 -9.51
CA ILE A 103 -1.11 -1.33 -9.36
C ILE A 103 -2.58 -0.92 -9.34
N CYS A 104 -3.10 -0.42 -8.23
CA CYS A 104 -4.48 0.05 -8.25
C CYS A 104 -4.55 1.46 -8.80
N TYR A 105 -5.75 1.94 -9.09
CA TYR A 105 -5.92 3.26 -9.68
C TYR A 105 -7.09 3.99 -9.05
N GLY A 106 -7.28 5.24 -9.43
CA GLY A 106 -8.37 6.02 -8.90
C GLY A 106 -7.88 7.23 -8.12
N GLN A 107 -8.42 7.41 -6.94
CA GLN A 107 -7.97 8.46 -6.05
C GLN A 107 -7.45 7.85 -4.77
N LEU A 108 -6.38 8.43 -4.22
CA LEU A 108 -5.77 7.92 -3.01
C LEU A 108 -6.78 7.85 -1.86
N GLY A 109 -7.30 6.66 -1.62
CA GLY A 109 -8.29 6.49 -0.58
C GLY A 109 -9.36 5.47 -0.95
N SER A 110 -9.84 5.52 -2.19
CA SER A 110 -10.93 4.66 -2.63
C SER A 110 -10.39 3.41 -3.33
N PHE A 111 -10.37 2.29 -2.62
CA PHE A 111 -9.83 1.03 -3.14
C PHE A 111 -10.89 0.26 -3.91
N SER A 112 -11.51 0.92 -4.89
CA SER A 112 -12.61 0.32 -5.63
C SER A 112 -12.17 -0.15 -7.02
N ASN A 113 -10.93 0.15 -7.41
CA ASN A 113 -10.45 -0.21 -8.75
C ASN A 113 -8.95 -0.47 -8.75
N CYS A 114 -8.54 -1.57 -9.36
CA CYS A 114 -7.12 -1.88 -9.49
C CYS A 114 -6.83 -2.55 -10.82
N SER A 115 -5.56 -2.76 -11.12
CA SER A 115 -5.13 -3.48 -12.32
C SER A 115 -3.73 -4.06 -12.08
N HIS A 116 -3.20 -4.79 -13.04
CA HIS A 116 -1.83 -5.31 -12.95
C HIS A 116 -0.82 -4.20 -13.19
N SER A 117 0.45 -4.48 -12.91
CA SER A 117 1.51 -3.51 -13.11
C SER A 117 1.79 -3.35 -14.60
N ARG A 118 1.17 -2.33 -15.22
CA ARG A 118 1.27 -2.14 -16.66
C ARG A 118 1.89 -0.79 -17.01
N ASN A 119 1.23 0.29 -16.59
CA ASN A 119 1.53 1.64 -17.08
C ASN A 119 2.94 2.11 -16.71
N ASP A 120 3.43 1.71 -15.55
CA ASP A 120 4.71 2.23 -15.05
C ASP A 120 5.65 1.13 -14.63
N MET A 121 5.06 0.00 -14.22
CA MET A 121 5.80 -1.02 -13.50
C MET A 121 6.43 -0.40 -12.26
N CYS A 122 5.57 -0.10 -11.30
CA CYS A 122 5.95 0.56 -10.06
C CYS A 122 7.27 0.03 -9.49
N HIS A 123 8.21 0.95 -9.32
CA HIS A 123 9.59 0.60 -8.98
C HIS A 123 9.72 0.24 -7.50
N SER A 124 9.06 -0.86 -7.12
CA SER A 124 9.13 -1.40 -5.76
C SER A 124 8.86 -0.34 -4.69
N LEU A 125 8.02 0.64 -5.00
CA LEU A 125 7.61 1.62 -4.00
C LEU A 125 6.93 0.90 -2.85
N GLY A 126 7.38 1.18 -1.64
CA GLY A 126 6.89 0.45 -0.50
C GLY A 126 6.45 1.36 0.61
N LEU A 127 5.92 0.75 1.65
CA LEU A 127 5.42 1.47 2.79
C LEU A 127 5.97 0.83 4.07
N THR A 128 6.23 1.65 5.07
CA THR A 128 6.77 1.15 6.32
C THR A 128 6.13 1.85 7.51
N CYS A 129 5.21 1.13 8.19
CA CYS A 129 4.34 1.71 9.22
C CYS A 129 5.14 2.54 10.20
N LEU A 130 4.99 3.84 10.03
CA LEU A 130 5.74 4.86 10.73
C LEU A 130 7.20 4.87 10.28
N GLU A 131 7.91 3.81 10.60
CA GLU A 131 9.30 3.65 10.19
C GLU A 131 9.74 2.20 10.37
N ARG A 22 -16.65 3.38 -0.23
CA ARG A 22 -16.39 1.99 0.22
C ARG A 22 -14.92 1.64 -0.01
N LEU A 23 -14.37 0.79 0.87
CA LEU A 23 -13.00 0.30 0.73
C LEU A 23 -12.00 1.44 0.72
N SER A 24 -11.51 1.83 1.88
CA SER A 24 -10.57 2.92 1.98
C SER A 24 -9.55 2.63 3.07
N TRP A 25 -8.28 3.00 2.84
CA TRP A 25 -7.25 2.72 3.84
C TRP A 25 -7.31 3.73 4.99
N TYR A 26 -8.37 4.52 5.01
CA TYR A 26 -8.67 5.38 6.13
C TYR A 26 -9.99 4.95 6.76
N ASP A 27 -10.43 3.75 6.41
CA ASP A 27 -11.64 3.16 6.97
C ASP A 27 -11.27 2.35 8.22
N PRO A 28 -12.01 2.55 9.32
CA PRO A 28 -11.69 1.92 10.61
C PRO A 28 -11.80 0.40 10.59
N ASP A 29 -12.49 -0.13 9.60
CA ASP A 29 -12.71 -1.57 9.50
C ASP A 29 -11.81 -2.20 8.44
N PHE A 30 -11.31 -1.37 7.54
CA PHE A 30 -10.54 -1.84 6.39
C PHE A 30 -9.29 -2.58 6.83
N GLN A 31 -9.12 -3.81 6.36
CA GLN A 31 -7.94 -4.60 6.67
C GLN A 31 -6.82 -4.34 5.68
N ALA A 32 -5.65 -4.08 6.22
CA ALA A 32 -4.47 -3.78 5.42
C ALA A 32 -3.23 -4.00 6.25
N ARG A 33 -2.12 -4.32 5.60
CA ARG A 33 -0.90 -4.63 6.32
C ARG A 33 0.29 -4.73 5.38
N LEU A 34 1.43 -5.07 5.93
CA LEU A 34 2.63 -5.30 5.15
C LEU A 34 2.99 -6.78 5.21
N THR A 35 3.37 -7.36 4.08
CA THR A 35 3.70 -8.78 4.04
C THR A 35 4.81 -9.04 3.04
N ARG A 36 5.14 -10.32 2.83
CA ARG A 36 6.30 -10.74 2.04
C ARG A 36 7.59 -10.27 2.71
N SER A 37 7.43 -9.73 3.91
CA SER A 37 8.51 -9.24 4.72
C SER A 37 8.24 -9.65 6.16
N ASN A 38 9.26 -9.70 6.98
CA ASN A 38 9.07 -10.13 8.37
C ASN A 38 8.92 -8.93 9.29
N SER A 39 8.58 -7.80 8.70
CA SER A 39 8.35 -6.58 9.44
C SER A 39 6.89 -6.17 9.33
N LYS A 40 6.20 -6.17 10.46
CA LYS A 40 4.80 -5.77 10.50
C LYS A 40 4.68 -4.30 10.15
N CYS A 41 5.72 -3.55 10.45
CA CYS A 41 5.71 -2.11 10.27
C CYS A 41 6.68 -1.69 9.16
N GLN A 42 7.05 -2.65 8.30
CA GLN A 42 7.85 -2.34 7.10
C GLN A 42 7.65 -3.45 6.05
N GLY A 43 7.25 -3.06 4.83
CA GLY A 43 6.96 -4.04 3.81
C GLY A 43 6.05 -3.50 2.73
N GLN A 44 5.76 -4.33 1.74
CA GLN A 44 4.80 -3.95 0.70
C GLN A 44 3.37 -4.07 1.23
N LEU A 45 2.52 -3.12 0.88
CA LEU A 45 1.14 -3.15 1.36
C LEU A 45 0.36 -4.27 0.70
N GLU A 46 0.09 -5.29 1.48
CA GLU A 46 -0.84 -6.31 1.10
C GLU A 46 -2.15 -5.98 1.78
N VAL A 47 -3.12 -5.56 0.98
CA VAL A 47 -4.34 -5.00 1.51
C VAL A 47 -5.53 -5.88 1.14
N TYR A 48 -6.48 -5.99 2.06
CA TYR A 48 -7.61 -6.89 1.87
C TYR A 48 -8.86 -6.10 1.49
N LEU A 49 -9.22 -6.16 0.22
CA LEU A 49 -10.42 -5.48 -0.25
C LEU A 49 -11.42 -6.47 -0.79
N LYS A 50 -12.43 -6.78 0.03
CA LYS A 50 -13.54 -7.67 -0.33
C LYS A 50 -13.11 -9.13 -0.48
N ASP A 51 -11.94 -9.34 -1.05
CA ASP A 51 -11.50 -10.68 -1.40
C ASP A 51 -10.03 -10.68 -1.79
N GLY A 52 -9.62 -9.60 -2.41
CA GLY A 52 -8.27 -9.51 -2.92
C GLY A 52 -7.29 -9.02 -1.89
N TRP A 53 -6.47 -9.94 -1.38
CA TRP A 53 -5.27 -9.54 -0.67
C TRP A 53 -4.26 -9.02 -1.68
N HIS A 54 -4.50 -7.81 -2.13
CA HIS A 54 -3.74 -7.25 -3.24
C HIS A 54 -2.47 -6.59 -2.74
N MET A 55 -1.34 -7.05 -3.26
CA MET A 55 -0.07 -6.41 -2.95
C MET A 55 0.10 -5.19 -3.83
N VAL A 56 -0.16 -4.03 -3.27
CA VAL A 56 -0.07 -2.81 -4.05
C VAL A 56 1.35 -2.31 -4.05
N CYS A 57 1.71 -1.51 -5.04
CA CYS A 57 3.05 -0.97 -5.10
C CYS A 57 3.12 0.46 -4.55
N SER A 58 2.22 0.76 -3.63
CA SER A 58 2.24 1.99 -2.84
C SER A 58 1.88 3.24 -3.66
N GLN A 59 2.51 3.42 -4.82
CA GLN A 59 2.28 4.60 -5.65
C GLN A 59 0.95 4.53 -6.39
N SER A 60 0.23 3.45 -6.15
CA SER A 60 -1.03 3.21 -6.80
C SER A 60 -2.07 4.23 -6.37
N TRP A 61 -3.16 4.33 -7.15
CA TRP A 61 -4.26 5.27 -6.88
C TRP A 61 -3.86 6.70 -7.23
N GLY A 62 -2.78 7.18 -6.64
CA GLY A 62 -2.31 8.52 -6.92
C GLY A 62 -1.32 8.55 -8.07
N ARG A 63 -0.05 8.73 -7.72
CA ARG A 63 1.01 8.83 -8.73
C ARG A 63 2.25 8.10 -8.23
N SER A 64 3.13 7.74 -9.16
CA SER A 64 4.39 7.13 -8.82
C SER A 64 5.26 8.14 -8.08
N SER A 65 5.34 7.99 -6.77
CA SER A 65 6.01 8.95 -5.93
C SER A 65 7.35 8.41 -5.43
N LYS A 66 8.35 9.28 -5.43
CA LYS A 66 9.63 8.96 -4.82
C LYS A 66 9.81 9.83 -3.60
N GLN A 67 10.18 9.19 -2.48
CA GLN A 67 10.29 9.86 -1.18
C GLN A 67 8.89 10.22 -0.66
N TRP A 68 8.82 11.13 0.28
CA TRP A 68 7.58 11.40 0.99
C TRP A 68 6.87 12.64 0.43
N GLU A 69 5.90 12.43 -0.45
CA GLU A 69 5.00 13.50 -0.83
C GLU A 69 3.87 13.59 0.18
N ASP A 70 3.24 12.45 0.44
CA ASP A 70 2.26 12.34 1.51
C ASP A 70 2.23 10.90 2.03
N PRO A 71 2.92 10.63 3.14
CA PRO A 71 3.01 9.31 3.73
C PRO A 71 2.03 9.07 4.87
N SER A 72 0.85 9.68 4.79
CA SER A 72 -0.13 9.57 5.87
C SER A 72 -1.41 8.88 5.41
N GLN A 73 -2.55 9.32 5.94
CA GLN A 73 -3.88 8.79 5.61
C GLN A 73 -4.14 7.41 6.23
N ALA A 74 -3.23 6.47 6.04
CA ALA A 74 -3.43 5.09 6.52
C ALA A 74 -3.08 4.95 8.01
N SER A 75 -3.23 6.06 8.74
CA SER A 75 -2.91 6.09 10.16
C SER A 75 -3.72 5.06 10.93
N LYS A 76 -4.99 4.93 10.57
CA LYS A 76 -5.89 4.01 11.25
C LYS A 76 -5.45 2.56 11.04
N VAL A 77 -4.78 2.31 9.93
CA VAL A 77 -4.33 0.97 9.58
C VAL A 77 -3.16 0.54 10.45
N CYS A 78 -2.07 1.27 10.41
CA CYS A 78 -0.88 0.87 11.16
C CYS A 78 -1.10 1.01 12.66
N GLN A 79 -2.04 1.86 13.05
CA GLN A 79 -2.40 2.00 14.46
C GLN A 79 -3.07 0.73 14.96
N ARG A 80 -3.94 0.14 14.14
CA ARG A 80 -4.57 -1.12 14.50
C ARG A 80 -3.59 -2.27 14.30
N LEU A 81 -2.49 -1.96 13.63
CA LEU A 81 -1.42 -2.93 13.41
C LEU A 81 -0.33 -2.76 14.46
N ASN A 82 -0.67 -1.98 15.51
CA ASN A 82 0.24 -1.66 16.63
C ASN A 82 1.62 -1.18 16.17
N CYS A 83 1.68 -0.61 14.98
CA CYS A 83 2.90 -0.02 14.46
C CYS A 83 2.84 1.50 14.53
N GLY A 84 1.71 2.01 15.02
CA GLY A 84 1.57 3.43 15.26
C GLY A 84 1.03 4.18 14.06
N ASP A 85 1.81 5.13 13.59
CA ASP A 85 1.41 5.98 12.47
C ASP A 85 1.60 5.22 11.17
N PRO A 86 1.07 5.73 10.04
CA PRO A 86 1.06 4.96 8.80
C PRO A 86 2.39 4.81 8.14
N LEU A 87 2.52 3.67 7.53
CA LEU A 87 3.56 3.37 6.59
C LEU A 87 3.89 4.55 5.71
N SER A 88 5.09 5.01 5.92
CA SER A 88 5.66 6.06 5.11
C SER A 88 6.08 5.50 3.75
N LEU A 89 6.14 6.38 2.76
CA LEU A 89 6.41 5.95 1.39
C LEU A 89 7.90 5.96 1.07
N GLY A 90 8.35 4.86 0.46
CA GLY A 90 9.74 4.74 0.04
C GLY A 90 10.00 3.41 -0.62
N PRO A 91 10.74 3.38 -1.74
CA PRO A 91 10.98 2.16 -2.51
C PRO A 91 11.62 1.06 -1.66
N PHE A 92 11.03 -0.13 -1.72
CA PHE A 92 11.43 -1.24 -0.87
C PHE A 92 12.17 -2.29 -1.69
N LEU A 93 12.93 -3.16 -1.01
CA LEU A 93 13.75 -4.15 -1.70
C LEU A 93 12.94 -5.39 -2.10
N LYS A 94 11.62 -5.32 -1.94
CA LYS A 94 10.77 -6.43 -2.34
C LYS A 94 10.34 -6.28 -3.79
N THR A 95 10.56 -7.32 -4.57
CA THR A 95 10.28 -7.29 -6.00
C THR A 95 8.79 -7.19 -6.28
N TYR A 96 8.42 -6.26 -7.16
CA TYR A 96 7.06 -6.12 -7.61
C TYR A 96 6.80 -7.11 -8.76
N THR A 97 5.57 -7.56 -8.88
CA THR A 97 5.22 -8.56 -9.88
C THR A 97 3.78 -8.32 -10.35
N PRO A 98 3.53 -8.48 -11.66
CA PRO A 98 2.23 -8.16 -12.25
C PRO A 98 1.16 -9.20 -11.98
N GLN A 99 1.38 -10.01 -10.95
CA GLN A 99 0.46 -11.06 -10.60
C GLN A 99 0.05 -10.95 -9.14
N SER A 100 0.97 -11.25 -8.24
CA SER A 100 0.71 -11.15 -6.81
C SER A 100 0.56 -9.70 -6.40
N SER A 101 1.21 -8.82 -7.16
CA SER A 101 1.15 -7.40 -6.89
C SER A 101 0.40 -6.68 -8.01
N ILE A 102 -0.08 -5.48 -7.73
CA ILE A 102 -0.86 -4.72 -8.71
C ILE A 102 -0.64 -3.22 -8.56
N ILE A 103 -0.94 -2.50 -9.64
CA ILE A 103 -0.93 -1.04 -9.63
C ILE A 103 -2.38 -0.56 -9.66
N CYS A 104 -2.94 -0.15 -8.54
CA CYS A 104 -4.32 0.30 -8.57
C CYS A 104 -4.40 1.77 -9.00
N TYR A 105 -5.61 2.24 -9.30
CA TYR A 105 -5.82 3.62 -9.74
C TYR A 105 -7.09 4.18 -9.13
N GLY A 106 -7.39 5.43 -9.46
CA GLY A 106 -8.55 6.10 -8.91
C GLY A 106 -8.16 7.21 -7.96
N GLN A 107 -8.76 7.20 -6.79
CA GLN A 107 -8.42 8.16 -5.75
C GLN A 107 -7.53 7.50 -4.71
N LEU A 108 -6.52 8.23 -4.24
CA LEU A 108 -5.61 7.69 -3.23
C LEU A 108 -6.36 7.42 -1.93
N GLY A 109 -6.67 6.16 -1.70
CA GLY A 109 -7.44 5.81 -0.54
C GLY A 109 -8.68 5.03 -0.89
N SER A 110 -9.16 5.22 -2.13
CA SER A 110 -10.35 4.53 -2.59
C SER A 110 -9.99 3.21 -3.25
N PHE A 111 -9.92 2.17 -2.44
CA PHE A 111 -9.45 0.85 -2.86
C PHE A 111 -10.56 0.07 -3.57
N SER A 112 -11.29 0.72 -4.45
CA SER A 112 -12.33 0.07 -5.21
C SER A 112 -11.97 -0.01 -6.69
N ASN A 113 -10.77 0.44 -7.02
CA ASN A 113 -10.29 0.43 -8.39
C ASN A 113 -8.82 0.03 -8.41
N CYS A 114 -8.49 -0.99 -9.18
CA CYS A 114 -7.11 -1.44 -9.30
C CYS A 114 -6.80 -1.85 -10.74
N SER A 115 -5.51 -2.01 -11.03
CA SER A 115 -5.06 -2.44 -12.35
C SER A 115 -3.81 -3.31 -12.19
N HIS A 116 -3.29 -3.84 -13.29
CA HIS A 116 -2.08 -4.64 -13.24
C HIS A 116 -0.90 -3.85 -13.78
N SER A 117 0.30 -4.42 -13.67
CA SER A 117 1.52 -3.76 -14.10
C SER A 117 1.57 -3.62 -15.61
N ARG A 118 1.14 -2.48 -16.12
CA ARG A 118 1.12 -2.24 -17.55
C ARG A 118 2.00 -1.04 -17.95
N ASN A 119 1.53 0.15 -17.57
CA ASN A 119 2.11 1.40 -18.08
C ASN A 119 3.39 1.80 -17.34
N ASP A 120 3.24 2.35 -16.13
CA ASP A 120 4.38 2.87 -15.38
C ASP A 120 5.22 1.73 -14.83
N MET A 121 4.55 0.68 -14.40
CA MET A 121 5.20 -0.45 -13.74
C MET A 121 5.99 0.04 -12.54
N CYS A 122 5.26 0.24 -11.45
CA CYS A 122 5.78 0.81 -10.21
C CYS A 122 7.15 0.28 -9.82
N HIS A 123 8.04 1.21 -9.50
CA HIS A 123 9.43 0.91 -9.22
C HIS A 123 9.60 0.40 -7.79
N SER A 124 8.87 -0.67 -7.48
CA SER A 124 8.91 -1.33 -6.17
C SER A 124 8.79 -0.34 -5.01
N LEU A 125 7.97 0.70 -5.19
CA LEU A 125 7.70 1.65 -4.12
C LEU A 125 7.06 0.92 -2.96
N GLY A 126 7.48 1.23 -1.74
CA GLY A 126 7.03 0.49 -0.60
C GLY A 126 6.51 1.39 0.50
N LEU A 127 5.98 0.77 1.54
CA LEU A 127 5.44 1.47 2.67
C LEU A 127 6.08 0.93 3.95
N THR A 128 6.04 1.70 5.03
CA THR A 128 6.62 1.26 6.28
C THR A 128 6.00 2.00 7.47
N CYS A 129 5.13 1.30 8.21
CA CYS A 129 4.25 1.91 9.22
C CYS A 129 5.01 2.81 10.18
N LEU A 130 4.76 4.10 10.00
CA LEU A 130 5.33 5.17 10.80
C LEU A 130 6.81 5.39 10.47
N GLU A 131 7.62 4.41 10.79
CA GLU A 131 9.06 4.50 10.56
C GLU A 131 9.51 3.39 9.62
N ARG A 22 -16.93 2.03 2.79
CA ARG A 22 -16.35 1.95 1.42
C ARG A 22 -14.99 1.28 1.46
N LEU A 23 -14.65 0.58 0.38
CA LEU A 23 -13.33 0.00 0.23
C LEU A 23 -12.30 1.11 0.22
N SER A 24 -11.82 1.49 1.39
CA SER A 24 -10.87 2.56 1.53
C SER A 24 -9.93 2.26 2.69
N TRP A 25 -8.67 2.64 2.59
CA TRP A 25 -7.73 2.32 3.66
C TRP A 25 -7.96 3.21 4.89
N TYR A 26 -8.88 4.16 4.77
CA TYR A 26 -9.25 5.01 5.90
C TYR A 26 -10.52 4.49 6.57
N ASP A 27 -11.17 3.50 5.93
CA ASP A 27 -12.36 2.88 6.51
C ASP A 27 -11.97 2.15 7.80
N PRO A 28 -12.69 2.43 8.90
CA PRO A 28 -12.34 1.93 10.23
C PRO A 28 -12.20 0.41 10.32
N ASP A 29 -12.93 -0.31 9.49
CA ASP A 29 -12.89 -1.77 9.54
C ASP A 29 -12.47 -2.37 8.21
N PHE A 30 -11.64 -1.64 7.48
CA PHE A 30 -11.06 -2.14 6.24
C PHE A 30 -9.74 -2.86 6.53
N GLN A 31 -9.45 -3.92 5.80
CA GLN A 31 -8.26 -4.73 6.03
C GLN A 31 -7.08 -4.22 5.20
N ALA A 32 -6.01 -3.81 5.89
CA ALA A 32 -4.82 -3.30 5.23
C ALA A 32 -3.61 -3.40 6.16
N ARG A 33 -2.46 -3.77 5.60
CA ARG A 33 -1.23 -3.94 6.38
C ARG A 33 -0.05 -4.27 5.47
N LEU A 34 1.11 -4.50 6.07
CA LEU A 34 2.32 -4.89 5.35
C LEU A 34 2.52 -6.39 5.41
N THR A 35 2.96 -6.99 4.31
CA THR A 35 3.18 -8.43 4.25
C THR A 35 4.42 -8.76 3.43
N ARG A 36 4.66 -10.07 3.26
CA ARG A 36 5.72 -10.58 2.40
C ARG A 36 7.11 -10.20 2.88
N SER A 37 7.21 -9.74 4.12
CA SER A 37 8.50 -9.39 4.70
C SER A 37 8.74 -10.17 5.99
N ASN A 38 8.20 -9.63 7.08
CA ASN A 38 8.33 -10.21 8.41
C ASN A 38 7.83 -9.21 9.45
N SER A 39 7.85 -7.94 9.06
CA SER A 39 7.46 -6.86 9.94
C SER A 39 6.14 -6.26 9.52
N LYS A 40 5.21 -6.18 10.44
CA LYS A 40 3.95 -5.51 10.19
C LYS A 40 4.14 -4.01 10.25
N CYS A 41 5.35 -3.60 10.62
CA CYS A 41 5.70 -2.18 10.68
C CYS A 41 6.70 -1.83 9.58
N GLN A 42 7.02 -2.82 8.73
CA GLN A 42 7.88 -2.58 7.56
C GLN A 42 7.65 -3.68 6.52
N GLY A 43 7.28 -3.28 5.30
CA GLY A 43 6.91 -4.25 4.29
C GLY A 43 6.13 -3.61 3.15
N GLN A 44 5.73 -4.43 2.18
CA GLN A 44 4.93 -3.93 1.08
C GLN A 44 3.45 -3.91 1.46
N LEU A 45 2.68 -3.04 0.81
CA LEU A 45 1.28 -2.83 1.15
C LEU A 45 0.42 -3.97 0.60
N GLU A 46 -0.41 -4.53 1.48
CA GLU A 46 -1.37 -5.55 1.08
C GLU A 46 -2.75 -5.18 1.63
N VAL A 47 -3.72 -5.08 0.75
CA VAL A 47 -5.08 -4.67 1.13
C VAL A 47 -6.12 -5.70 0.73
N TYR A 48 -7.05 -5.99 1.63
CA TYR A 48 -8.10 -6.94 1.34
C TYR A 48 -9.40 -6.21 1.03
N LEU A 49 -9.78 -6.24 -0.24
CA LEU A 49 -11.00 -5.56 -0.66
C LEU A 49 -11.88 -6.49 -1.46
N LYS A 50 -13.07 -6.75 -0.91
CA LYS A 50 -14.08 -7.62 -1.53
C LYS A 50 -13.65 -9.07 -1.53
N ASP A 51 -12.38 -9.31 -1.78
CA ASP A 51 -11.85 -10.67 -1.94
C ASP A 51 -10.37 -10.63 -2.30
N GLY A 52 -9.99 -9.55 -2.97
CA GLY A 52 -8.63 -9.42 -3.44
C GLY A 52 -7.67 -9.00 -2.35
N TRP A 53 -6.88 -9.95 -1.86
CA TRP A 53 -5.71 -9.60 -1.06
C TRP A 53 -4.68 -9.02 -2.01
N HIS A 54 -4.84 -7.76 -2.30
CA HIS A 54 -4.05 -7.11 -3.32
C HIS A 54 -2.70 -6.68 -2.78
N MET A 55 -1.67 -7.45 -3.11
CA MET A 55 -0.31 -7.02 -2.87
C MET A 55 -0.02 -5.86 -3.81
N VAL A 56 -0.10 -4.66 -3.28
CA VAL A 56 -0.14 -3.48 -4.12
C VAL A 56 1.11 -2.62 -3.93
N CYS A 57 1.53 -1.96 -5.00
CA CYS A 57 2.62 -1.01 -4.90
C CYS A 57 2.14 0.29 -4.24
N SER A 58 2.94 0.75 -3.29
CA SER A 58 2.61 1.92 -2.47
C SER A 58 2.42 3.20 -3.30
N GLN A 59 2.75 3.13 -4.59
CA GLN A 59 2.67 4.32 -5.45
C GLN A 59 1.39 4.33 -6.28
N SER A 60 0.56 3.30 -6.12
CA SER A 60 -0.68 3.19 -6.90
C SER A 60 -1.64 4.34 -6.60
N TRP A 61 -2.73 4.44 -7.39
CA TRP A 61 -3.72 5.50 -7.24
C TRP A 61 -3.17 6.84 -7.75
N GLY A 62 -2.18 7.38 -7.06
CA GLY A 62 -1.59 8.64 -7.46
C GLY A 62 -0.52 8.45 -8.53
N ARG A 63 0.05 7.26 -8.57
CA ARG A 63 1.14 6.93 -9.50
C ARG A 63 2.37 7.79 -9.21
N SER A 64 3.09 7.40 -8.16
CA SER A 64 4.26 8.15 -7.72
C SER A 64 5.53 7.62 -8.39
N SER A 65 6.57 8.43 -8.38
CA SER A 65 7.84 8.05 -9.00
C SER A 65 8.96 8.07 -7.98
N LYS A 66 8.91 9.03 -7.06
CA LYS A 66 9.94 9.16 -6.03
C LYS A 66 9.41 8.67 -4.69
N GLN A 67 8.34 9.31 -4.23
CA GLN A 67 7.71 9.02 -2.95
C GLN A 67 6.63 10.06 -2.69
N TRP A 68 6.08 10.04 -1.48
CA TRP A 68 5.16 11.09 -1.04
C TRP A 68 5.64 11.63 0.30
N GLU A 69 5.47 12.92 0.52
CA GLU A 69 5.86 13.51 1.79
C GLU A 69 4.64 13.58 2.71
N ASP A 70 3.56 12.95 2.29
CA ASP A 70 2.41 12.72 3.17
C ASP A 70 2.27 11.23 3.43
N PRO A 71 3.03 10.70 4.41
CA PRO A 71 3.05 9.29 4.73
C PRO A 71 1.98 8.91 5.75
N SER A 72 0.98 9.77 5.87
CA SER A 72 -0.09 9.56 6.83
C SER A 72 -1.21 8.76 6.18
N GLN A 73 -2.46 9.13 6.48
CA GLN A 73 -3.66 8.51 5.93
C GLN A 73 -3.91 7.11 6.53
N ALA A 74 -2.93 6.23 6.41
CA ALA A 74 -3.07 4.85 6.87
C ALA A 74 -2.67 4.70 8.34
N SER A 75 -2.77 5.80 9.08
CA SER A 75 -2.48 5.80 10.51
C SER A 75 -3.28 4.70 11.20
N LYS A 76 -4.52 4.53 10.72
CA LYS A 76 -5.45 3.56 11.27
C LYS A 76 -4.88 2.14 11.16
N VAL A 77 -4.18 1.82 10.08
CA VAL A 77 -3.71 0.47 9.87
C VAL A 77 -2.51 0.16 10.78
N CYS A 78 -1.52 1.05 10.83
CA CYS A 78 -0.34 0.77 11.64
C CYS A 78 -0.65 0.95 13.13
N GLN A 79 -1.67 1.76 13.43
CA GLN A 79 -2.15 1.89 14.81
C GLN A 79 -2.64 0.55 15.31
N ARG A 80 -3.41 -0.15 14.49
CA ARG A 80 -3.92 -1.47 14.84
C ARG A 80 -2.81 -2.50 14.80
N LEU A 81 -1.72 -2.16 14.13
CA LEU A 81 -0.54 -3.02 14.08
C LEU A 81 0.44 -2.62 15.18
N ASN A 82 -0.01 -1.72 16.05
CA ASN A 82 0.80 -1.17 17.16
C ASN A 82 2.19 -0.71 16.69
N CYS A 83 2.27 -0.25 15.45
CA CYS A 83 3.52 0.22 14.87
C CYS A 83 3.60 1.74 14.92
N GLY A 84 2.63 2.35 15.60
CA GLY A 84 2.63 3.79 15.75
C GLY A 84 1.89 4.50 14.63
N ASP A 85 2.55 5.49 14.05
CA ASP A 85 1.98 6.23 12.92
C ASP A 85 2.13 5.40 11.66
N PRO A 86 1.54 5.82 10.52
CA PRO A 86 1.56 5.01 9.32
C PRO A 86 2.88 4.99 8.61
N LEU A 87 3.08 3.86 7.97
CA LEU A 87 4.13 3.61 7.02
C LEU A 87 4.53 4.83 6.21
N SER A 88 5.77 5.22 6.43
CA SER A 88 6.43 6.22 5.63
C SER A 88 6.61 5.70 4.20
N LEU A 89 6.59 6.60 3.22
CA LEU A 89 6.59 6.23 1.82
C LEU A 89 7.96 6.45 1.17
N GLY A 90 8.44 5.43 0.47
CA GLY A 90 9.69 5.54 -0.24
C GLY A 90 10.22 4.18 -0.65
N PRO A 91 10.98 4.09 -1.75
CA PRO A 91 11.44 2.81 -2.30
C PRO A 91 12.23 1.98 -1.30
N PHE A 92 11.89 0.70 -1.18
CA PHE A 92 12.50 -0.17 -0.19
C PHE A 92 13.21 -1.35 -0.85
N LEU A 93 12.47 -2.40 -1.19
CA LEU A 93 13.05 -3.60 -1.77
C LEU A 93 13.17 -3.45 -3.29
N LYS A 94 13.24 -4.57 -4.00
CA LYS A 94 13.39 -4.53 -5.46
C LYS A 94 12.20 -5.17 -6.18
N THR A 95 11.60 -4.37 -7.07
CA THR A 95 10.59 -4.82 -8.04
C THR A 95 9.33 -5.42 -7.42
N TYR A 96 8.42 -5.86 -8.29
CA TYR A 96 7.20 -6.55 -7.91
C TYR A 96 6.97 -7.72 -8.86
N THR A 97 5.79 -8.32 -8.80
CA THR A 97 5.42 -9.39 -9.71
C THR A 97 4.04 -9.08 -10.30
N PRO A 98 3.97 -8.83 -11.62
CA PRO A 98 2.78 -8.29 -12.28
C PRO A 98 1.59 -9.25 -12.33
N GLN A 99 1.66 -10.30 -11.54
CA GLN A 99 0.59 -11.27 -11.43
C GLN A 99 -0.14 -11.09 -10.11
N SER A 100 0.57 -11.34 -9.01
CA SER A 100 -0.01 -11.21 -7.68
C SER A 100 0.10 -9.77 -7.18
N SER A 101 1.15 -9.07 -7.62
CA SER A 101 1.33 -7.67 -7.25
C SER A 101 0.63 -6.80 -8.27
N ILE A 102 -0.19 -5.88 -7.81
CA ILE A 102 -1.00 -5.07 -8.69
C ILE A 102 -0.77 -3.57 -8.49
N ILE A 103 -1.21 -2.80 -9.46
CA ILE A 103 -1.21 -1.35 -9.38
C ILE A 103 -2.65 -0.87 -9.41
N CYS A 104 -3.13 -0.24 -8.37
CA CYS A 104 -4.46 0.32 -8.42
C CYS A 104 -4.39 1.75 -8.92
N TYR A 105 -5.53 2.32 -9.26
CA TYR A 105 -5.58 3.67 -9.78
C TYR A 105 -6.75 4.42 -9.17
N GLY A 106 -6.88 5.69 -9.53
CA GLY A 106 -7.99 6.48 -9.01
C GLY A 106 -7.51 7.45 -7.95
N GLN A 107 -8.45 7.91 -7.12
CA GLN A 107 -8.12 8.82 -6.03
C GLN A 107 -7.54 8.05 -4.86
N LEU A 108 -6.34 8.41 -4.45
CA LEU A 108 -5.67 7.77 -3.31
C LEU A 108 -6.57 7.78 -2.09
N GLY A 109 -7.04 6.60 -1.72
CA GLY A 109 -8.00 6.49 -0.64
C GLY A 109 -9.13 5.55 -1.02
N SER A 110 -9.62 5.70 -2.25
CA SER A 110 -10.69 4.86 -2.74
C SER A 110 -10.14 3.60 -3.41
N PHE A 111 -10.13 2.52 -2.63
CA PHE A 111 -9.60 1.24 -3.08
C PHE A 111 -10.67 0.43 -3.80
N SER A 112 -11.47 1.11 -4.60
CA SER A 112 -12.58 0.48 -5.28
C SER A 112 -12.20 0.01 -6.68
N ASN A 113 -10.98 0.36 -7.12
CA ASN A 113 -10.55 0.04 -8.47
C ASN A 113 -9.05 -0.21 -8.53
N CYS A 114 -8.66 -1.36 -9.06
CA CYS A 114 -7.25 -1.67 -9.26
C CYS A 114 -7.03 -2.33 -10.62
N SER A 115 -5.78 -2.61 -10.94
CA SER A 115 -5.41 -3.29 -12.19
C SER A 115 -4.05 -3.96 -12.01
N HIS A 116 -3.56 -4.63 -13.06
CA HIS A 116 -2.25 -5.29 -12.98
C HIS A 116 -1.14 -4.28 -13.20
N SER A 117 0.07 -4.65 -12.79
CA SER A 117 1.24 -3.83 -13.02
C SER A 117 1.62 -3.89 -14.51
N ARG A 118 0.96 -3.06 -15.32
CA ARG A 118 1.14 -3.11 -16.76
C ARG A 118 1.68 -1.80 -17.33
N ASN A 119 0.85 -0.75 -17.31
CA ASN A 119 1.17 0.54 -17.93
C ASN A 119 2.54 1.04 -17.50
N ASP A 120 2.61 1.59 -16.30
CA ASP A 120 3.87 1.96 -15.70
C ASP A 120 4.12 1.03 -14.53
N MET A 121 4.87 -0.04 -14.74
CA MET A 121 5.11 -1.00 -13.68
C MET A 121 5.77 -0.29 -12.51
N CYS A 122 5.09 -0.31 -11.38
CA CYS A 122 5.53 0.41 -10.21
C CYS A 122 6.88 -0.07 -9.73
N HIS A 123 7.76 0.88 -9.47
CA HIS A 123 9.00 0.58 -8.78
C HIS A 123 8.65 0.18 -7.36
N SER A 124 9.58 -0.44 -6.66
CA SER A 124 9.29 -0.99 -5.35
C SER A 124 9.20 0.09 -4.27
N LEU A 125 8.20 0.94 -4.41
CA LEU A 125 7.88 1.93 -3.39
C LEU A 125 7.42 1.21 -2.14
N GLY A 126 8.10 1.45 -1.04
CA GLY A 126 7.84 0.71 0.16
C GLY A 126 7.04 1.52 1.14
N LEU A 127 6.73 0.90 2.26
CA LEU A 127 5.95 1.50 3.31
C LEU A 127 6.40 0.91 4.63
N THR A 128 6.64 1.78 5.58
CA THR A 128 7.21 1.35 6.85
C THR A 128 6.61 2.18 7.98
N CYS A 129 5.73 1.55 8.77
CA CYS A 129 4.88 2.25 9.73
C CYS A 129 5.66 3.23 10.59
N LEU A 130 5.33 4.50 10.38
CA LEU A 130 5.84 5.64 11.12
C LEU A 130 7.26 6.02 10.71
N GLU A 131 8.19 5.10 10.87
CA GLU A 131 9.60 5.40 10.65
C GLU A 131 9.96 5.37 9.16
N ARG A 22 -16.00 1.89 2.91
CA ARG A 22 -16.25 0.51 2.42
C ARG A 22 -14.97 -0.12 1.93
N LEU A 23 -14.20 0.64 1.16
CA LEU A 23 -12.96 0.16 0.57
C LEU A 23 -11.91 1.27 0.60
N SER A 24 -11.46 1.60 1.78
CA SER A 24 -10.41 2.58 1.95
C SER A 24 -9.51 2.17 3.10
N TRP A 25 -8.26 2.62 3.08
CA TRP A 25 -7.32 2.25 4.14
C TRP A 25 -7.53 3.08 5.40
N TYR A 26 -8.71 3.68 5.52
CA TYR A 26 -9.10 4.34 6.76
C TYR A 26 -10.44 3.80 7.25
N ASP A 27 -10.87 2.69 6.65
CA ASP A 27 -12.05 1.96 7.12
C ASP A 27 -11.70 1.18 8.38
N PRO A 28 -12.59 1.18 9.38
CA PRO A 28 -12.33 0.54 10.68
C PRO A 28 -12.05 -0.95 10.58
N ASP A 29 -12.81 -1.64 9.75
CA ASP A 29 -12.71 -3.08 9.64
C ASP A 29 -11.95 -3.50 8.38
N PHE A 30 -11.33 -2.53 7.72
CA PHE A 30 -10.58 -2.81 6.50
C PHE A 30 -9.22 -3.39 6.84
N GLN A 31 -8.94 -4.57 6.34
CA GLN A 31 -7.67 -5.22 6.61
C GLN A 31 -6.60 -4.71 5.68
N ALA A 32 -5.44 -4.42 6.25
CA ALA A 32 -4.32 -3.90 5.50
C ALA A 32 -3.03 -4.13 6.27
N ARG A 33 -1.93 -4.30 5.56
CA ARG A 33 -0.67 -4.65 6.19
C ARG A 33 0.47 -4.57 5.20
N LEU A 34 1.65 -4.93 5.66
CA LEU A 34 2.84 -4.92 4.82
C LEU A 34 3.39 -6.33 4.69
N THR A 35 3.54 -6.82 3.47
CA THR A 35 3.95 -8.19 3.24
C THR A 35 5.20 -8.30 2.37
N ARG A 36 5.62 -9.55 2.13
CA ARG A 36 6.86 -9.85 1.41
C ARG A 36 8.05 -9.25 2.16
N SER A 37 7.87 -9.14 3.47
CA SER A 37 8.87 -8.65 4.39
C SER A 37 8.52 -9.17 5.78
N ASN A 38 7.21 -9.32 6.00
CA ASN A 38 6.64 -9.96 7.19
C ASN A 38 6.86 -9.10 8.45
N SER A 39 7.09 -7.83 8.25
CA SER A 39 7.14 -6.89 9.35
C SER A 39 5.85 -6.08 9.36
N LYS A 40 5.11 -6.14 10.46
CA LYS A 40 3.82 -5.49 10.54
C LYS A 40 3.97 -3.97 10.53
N CYS A 41 5.20 -3.46 10.48
CA CYS A 41 5.42 -2.04 10.37
C CYS A 41 6.37 -1.70 9.21
N GLN A 42 6.67 -2.68 8.34
CA GLN A 42 7.52 -2.40 7.17
C GLN A 42 7.34 -3.47 6.08
N GLY A 43 7.15 -3.00 4.85
CA GLY A 43 6.93 -3.89 3.71
C GLY A 43 6.02 -3.25 2.68
N GLN A 44 5.75 -3.93 1.58
CA GLN A 44 4.82 -3.40 0.59
C GLN A 44 3.40 -3.58 1.09
N LEU A 45 2.53 -2.64 0.74
CA LEU A 45 1.17 -2.63 1.23
C LEU A 45 0.31 -3.70 0.57
N GLU A 46 -0.11 -4.66 1.37
CA GLU A 46 -1.05 -5.67 0.96
C GLU A 46 -2.38 -5.38 1.65
N VAL A 47 -3.37 -4.95 0.87
CA VAL A 47 -4.65 -4.58 1.41
C VAL A 47 -5.72 -5.58 1.04
N TYR A 48 -6.66 -5.80 1.94
CA TYR A 48 -7.74 -6.74 1.70
C TYR A 48 -9.01 -6.00 1.34
N LEU A 49 -9.22 -5.77 0.05
CA LEU A 49 -10.40 -5.11 -0.42
C LEU A 49 -11.51 -6.08 -0.75
N LYS A 50 -12.33 -6.34 0.27
CA LYS A 50 -13.48 -7.25 0.18
C LYS A 50 -13.03 -8.70 -0.01
N ASP A 51 -12.19 -8.93 -1.00
CA ASP A 51 -11.72 -10.28 -1.32
C ASP A 51 -10.41 -10.27 -2.10
N GLY A 52 -9.79 -9.11 -2.20
CA GLY A 52 -8.55 -8.98 -2.93
C GLY A 52 -7.44 -8.52 -2.04
N TRP A 53 -6.63 -9.47 -1.55
CA TRP A 53 -5.36 -9.13 -0.93
C TRP A 53 -4.43 -8.58 -1.98
N HIS A 54 -4.66 -7.33 -2.35
CA HIS A 54 -3.92 -6.72 -3.43
C HIS A 54 -2.61 -6.14 -2.93
N MET A 55 -1.50 -6.68 -3.40
CA MET A 55 -0.21 -6.09 -3.11
C MET A 55 0.01 -4.91 -4.02
N VAL A 56 -0.08 -3.71 -3.48
CA VAL A 56 0.04 -2.51 -4.30
C VAL A 56 1.51 -2.12 -4.43
N CYS A 57 1.84 -1.37 -5.47
CA CYS A 57 3.19 -0.86 -5.62
C CYS A 57 3.35 0.49 -4.93
N SER A 58 2.44 0.77 -3.99
CA SER A 58 2.52 1.94 -3.10
C SER A 58 2.23 3.26 -3.82
N GLN A 59 2.73 3.41 -5.04
CA GLN A 59 2.52 4.63 -5.83
C GLN A 59 1.15 4.63 -6.50
N SER A 60 0.37 3.58 -6.21
CA SER A 60 -0.93 3.42 -6.81
C SER A 60 -1.89 4.51 -6.33
N TRP A 61 -2.94 4.78 -7.10
CA TRP A 61 -3.91 5.85 -6.80
C TRP A 61 -3.30 7.23 -7.06
N GLY A 62 -2.30 7.58 -6.27
CA GLY A 62 -1.66 8.86 -6.43
C GLY A 62 -0.35 8.77 -7.19
N ARG A 63 0.67 9.47 -6.72
CA ARG A 63 1.98 9.46 -7.34
C ARG A 63 3.06 9.64 -6.27
N SER A 64 4.11 8.84 -6.35
CA SER A 64 5.20 8.93 -5.40
C SER A 64 6.51 8.55 -6.07
N SER A 65 7.62 8.93 -5.45
CA SER A 65 8.93 8.63 -5.97
C SER A 65 9.94 8.62 -4.82
N LYS A 66 9.92 9.67 -4.03
CA LYS A 66 10.79 9.76 -2.85
C LYS A 66 9.97 10.12 -1.62
N GLN A 67 9.02 9.22 -1.29
CA GLN A 67 8.13 9.36 -0.14
C GLN A 67 7.07 10.44 -0.37
N TRP A 68 7.52 11.62 -0.80
CA TRP A 68 6.66 12.79 -0.97
C TRP A 68 6.25 13.38 0.36
N GLU A 69 5.33 14.34 0.34
CA GLU A 69 5.05 15.13 1.53
C GLU A 69 4.00 14.47 2.42
N ASP A 70 3.39 13.41 1.91
CA ASP A 70 2.48 12.60 2.71
C ASP A 70 2.49 11.18 2.18
N PRO A 71 3.03 10.24 2.96
CA PRO A 71 3.21 8.86 2.52
C PRO A 71 1.91 8.08 2.34
N SER A 72 0.94 8.31 3.23
CA SER A 72 -0.29 7.55 3.20
C SER A 72 -1.24 8.04 4.30
N GLN A 73 -2.52 8.05 3.99
CA GLN A 73 -3.55 8.35 4.97
C GLN A 73 -4.01 7.05 5.65
N ALA A 74 -3.05 6.17 5.90
CA ALA A 74 -3.34 4.84 6.43
C ALA A 74 -3.04 4.75 7.92
N SER A 75 -3.25 5.86 8.61
CA SER A 75 -3.01 5.92 10.05
C SER A 75 -3.75 4.79 10.76
N LYS A 76 -4.98 4.54 10.36
CA LYS A 76 -5.80 3.50 10.97
C LYS A 76 -5.16 2.13 10.89
N VAL A 77 -4.61 1.78 9.73
CA VAL A 77 -4.12 0.43 9.52
C VAL A 77 -2.88 0.14 10.36
N CYS A 78 -1.93 1.07 10.41
CA CYS A 78 -0.73 0.86 11.22
C CYS A 78 -1.05 1.09 12.69
N GLN A 79 -2.08 1.89 12.97
CA GLN A 79 -2.55 2.08 14.33
C GLN A 79 -3.03 0.74 14.86
N ARG A 80 -3.79 0.03 14.04
CA ARG A 80 -4.24 -1.32 14.38
C ARG A 80 -3.06 -2.29 14.42
N LEU A 81 -1.99 -1.97 13.69
CA LEU A 81 -0.79 -2.79 13.64
C LEU A 81 0.14 -2.44 14.80
N ASN A 82 -0.35 -1.55 15.69
CA ASN A 82 0.43 -1.02 16.82
C ASN A 82 1.79 -0.49 16.37
N CYS A 83 1.85 -0.02 15.14
CA CYS A 83 3.07 0.53 14.56
C CYS A 83 2.97 2.05 14.45
N GLY A 84 1.97 2.62 15.12
CA GLY A 84 1.80 4.05 15.15
C GLY A 84 1.10 4.61 13.94
N ASP A 85 1.71 5.63 13.34
CA ASP A 85 1.16 6.28 12.15
C ASP A 85 1.47 5.44 10.91
N PRO A 86 0.93 5.80 9.72
CA PRO A 86 1.05 4.95 8.54
C PRO A 86 2.42 4.88 7.95
N LEU A 87 2.69 3.71 7.46
CA LEU A 87 3.79 3.40 6.59
C LEU A 87 4.16 4.56 5.67
N SER A 88 5.38 5.00 5.89
CA SER A 88 6.03 5.99 5.04
C SER A 88 6.55 5.34 3.75
N LEU A 89 6.71 6.15 2.71
CA LEU A 89 7.09 5.64 1.39
C LEU A 89 8.59 5.73 1.15
N GLY A 90 9.11 4.78 0.39
CA GLY A 90 10.50 4.81 -0.02
C GLY A 90 10.88 3.54 -0.76
N PRO A 91 11.62 3.64 -1.87
CA PRO A 91 11.95 2.47 -2.72
C PRO A 91 12.59 1.33 -1.93
N PHE A 92 11.97 0.16 -1.99
CA PHE A 92 12.40 -1.00 -1.21
C PHE A 92 12.98 -2.08 -2.14
N LEU A 93 13.63 -1.62 -3.20
CA LEU A 93 14.33 -2.48 -4.15
C LEU A 93 13.37 -3.33 -4.98
N LYS A 94 13.11 -4.56 -4.54
CA LYS A 94 12.26 -5.47 -5.30
C LYS A 94 11.32 -6.25 -4.38
N THR A 95 10.04 -5.95 -4.50
CA THR A 95 8.99 -6.66 -3.78
C THR A 95 7.72 -6.70 -4.62
N TYR A 96 7.66 -5.82 -5.61
CA TYR A 96 6.55 -5.76 -6.56
C TYR A 96 6.68 -6.88 -7.60
N THR A 97 5.57 -7.54 -7.89
CA THR A 97 5.57 -8.66 -8.81
C THR A 97 4.24 -8.74 -9.57
N PRO A 98 4.29 -8.79 -10.92
CA PRO A 98 3.10 -8.82 -11.78
C PRO A 98 2.28 -10.10 -11.67
N GLN A 99 2.40 -10.76 -10.54
CA GLN A 99 1.63 -11.97 -10.27
C GLN A 99 0.56 -11.67 -9.22
N SER A 100 0.98 -11.06 -8.13
CA SER A 100 0.07 -10.76 -7.03
C SER A 100 0.06 -9.25 -6.73
N SER A 101 0.98 -8.52 -7.34
CA SER A 101 1.02 -7.07 -7.13
C SER A 101 0.27 -6.37 -8.25
N ILE A 102 -0.26 -5.20 -7.95
CA ILE A 102 -1.05 -4.44 -8.91
C ILE A 102 -0.79 -2.94 -8.76
N ILE A 103 -1.24 -2.19 -9.76
CA ILE A 103 -1.23 -0.74 -9.70
C ILE A 103 -2.67 -0.23 -9.65
N CYS A 104 -3.17 0.21 -8.51
CA CYS A 104 -4.51 0.76 -8.48
C CYS A 104 -4.48 2.23 -8.91
N TYR A 105 -5.64 2.80 -9.21
CA TYR A 105 -5.71 4.19 -9.67
C TYR A 105 -6.92 4.89 -9.05
N GLY A 106 -7.01 6.19 -9.28
CA GLY A 106 -8.14 6.95 -8.78
C GLY A 106 -7.74 7.90 -7.68
N GLN A 107 -8.55 7.96 -6.65
CA GLN A 107 -8.27 8.79 -5.49
C GLN A 107 -7.63 7.94 -4.42
N LEU A 108 -6.55 8.43 -3.82
CA LEU A 108 -5.90 7.72 -2.72
C LEU A 108 -6.90 7.49 -1.60
N GLY A 109 -7.43 6.26 -1.51
CA GLY A 109 -8.49 5.98 -0.58
C GLY A 109 -9.65 5.23 -1.23
N SER A 110 -9.74 5.29 -2.54
CA SER A 110 -10.81 4.58 -3.25
C SER A 110 -10.32 3.23 -3.78
N PHE A 111 -10.40 2.21 -2.95
CA PHE A 111 -9.92 0.87 -3.30
C PHE A 111 -10.97 0.11 -4.10
N SER A 112 -11.87 0.86 -4.72
CA SER A 112 -12.97 0.29 -5.47
C SER A 112 -12.45 -0.32 -6.78
N ASN A 113 -11.43 0.31 -7.36
CA ASN A 113 -10.91 -0.08 -8.66
C ASN A 113 -9.38 -0.02 -8.68
N CYS A 114 -8.78 -0.90 -9.46
CA CYS A 114 -7.34 -0.90 -9.66
C CYS A 114 -7.02 -1.20 -11.12
N SER A 115 -5.80 -1.63 -11.38
CA SER A 115 -5.40 -2.09 -12.70
C SER A 115 -4.33 -3.16 -12.54
N HIS A 116 -4.22 -4.04 -13.52
CA HIS A 116 -3.26 -5.12 -13.43
C HIS A 116 -1.85 -4.59 -13.72
N SER A 117 -0.85 -5.26 -13.15
CA SER A 117 0.53 -4.82 -13.23
C SER A 117 1.15 -5.09 -14.61
N ARG A 118 0.42 -4.76 -15.67
CA ARG A 118 0.92 -4.89 -17.03
C ARG A 118 0.95 -3.54 -17.74
N ASN A 119 0.07 -2.64 -17.30
CA ASN A 119 -0.05 -1.32 -17.94
C ASN A 119 1.19 -0.46 -17.67
N ASP A 120 2.01 -0.90 -16.72
CA ASP A 120 3.23 -0.22 -16.36
C ASP A 120 3.89 -1.05 -15.27
N MET A 121 5.18 -0.85 -15.10
CA MET A 121 5.92 -1.56 -14.06
C MET A 121 6.37 -0.59 -12.98
N CYS A 122 5.57 -0.46 -11.94
CA CYS A 122 5.91 0.39 -10.80
C CYS A 122 7.05 -0.22 -10.01
N HIS A 123 8.12 0.55 -9.82
CA HIS A 123 9.23 0.10 -9.00
C HIS A 123 8.75 -0.14 -7.59
N SER A 124 9.32 -1.14 -6.95
CA SER A 124 8.89 -1.57 -5.63
C SER A 124 9.09 -0.46 -4.60
N LEU A 125 8.03 0.31 -4.37
CA LEU A 125 8.04 1.29 -3.31
C LEU A 125 7.62 0.62 -2.02
N GLY A 126 8.41 0.81 -0.99
CA GLY A 126 8.18 0.12 0.24
C GLY A 126 7.63 1.05 1.29
N LEU A 127 6.63 0.57 1.97
CA LEU A 127 5.99 1.35 3.01
C LEU A 127 6.48 0.88 4.36
N THR A 128 6.45 1.76 5.35
CA THR A 128 6.92 1.41 6.68
C THR A 128 6.27 2.29 7.75
N CYS A 129 5.36 1.66 8.50
CA CYS A 129 4.45 2.37 9.41
C CYS A 129 5.14 3.41 10.25
N LEU A 130 4.78 4.66 9.96
CA LEU A 130 5.21 5.84 10.69
C LEU A 130 6.64 6.25 10.32
N GLU A 131 7.56 5.29 10.38
CA GLU A 131 8.95 5.54 10.02
C GLU A 131 9.65 4.23 9.70
N ARG A 22 -15.86 2.57 2.17
CA ARG A 22 -16.35 1.65 1.11
C ARG A 22 -15.17 0.91 0.48
N LEU A 23 -14.27 0.42 1.34
CA LEU A 23 -13.00 -0.19 0.94
C LEU A 23 -11.98 0.90 0.65
N SER A 24 -11.36 1.37 1.72
CA SER A 24 -10.32 2.38 1.63
C SER A 24 -9.28 2.10 2.70
N TRP A 25 -8.06 2.58 2.52
CA TRP A 25 -7.01 2.32 3.50
C TRP A 25 -7.14 3.28 4.70
N TYR A 26 -8.33 3.81 4.88
CA TYR A 26 -8.66 4.59 6.07
C TYR A 26 -10.04 4.16 6.59
N ASP A 27 -10.51 3.02 6.08
CA ASP A 27 -11.80 2.46 6.49
C ASP A 27 -11.59 1.69 7.81
N PRO A 28 -12.51 1.86 8.77
CA PRO A 28 -12.32 1.34 10.14
C PRO A 28 -12.13 -0.18 10.19
N ASP A 29 -12.87 -0.90 9.36
CA ASP A 29 -12.80 -2.35 9.36
C ASP A 29 -11.76 -2.86 8.36
N PHE A 30 -11.39 -1.99 7.41
CA PHE A 30 -10.49 -2.37 6.33
C PHE A 30 -9.18 -2.91 6.89
N GLN A 31 -8.85 -4.13 6.52
CA GLN A 31 -7.66 -4.78 7.01
C GLN A 31 -6.53 -4.67 5.99
N ALA A 32 -5.47 -3.98 6.37
CA ALA A 32 -4.33 -3.82 5.50
C ALA A 32 -3.05 -3.92 6.31
N ARG A 33 -1.95 -4.30 5.65
CA ARG A 33 -0.65 -4.37 6.30
C ARG A 33 0.41 -4.74 5.29
N LEU A 34 1.63 -4.86 5.76
CA LEU A 34 2.76 -5.17 4.90
C LEU A 34 3.10 -6.65 4.98
N THR A 35 3.51 -7.24 3.87
CA THR A 35 3.74 -8.67 3.79
C THR A 35 5.04 -9.02 3.06
N ARG A 36 5.37 -10.31 3.02
CA ARG A 36 6.56 -10.85 2.35
C ARG A 36 7.85 -10.48 3.10
N SER A 37 7.91 -9.27 3.60
CA SER A 37 9.03 -8.85 4.44
C SER A 37 8.71 -9.15 5.90
N ASN A 38 7.54 -9.77 6.12
CA ASN A 38 7.06 -10.18 7.44
C ASN A 38 6.64 -9.00 8.30
N SER A 39 7.50 -8.00 8.39
CA SER A 39 7.23 -6.81 9.18
C SER A 39 5.94 -6.12 8.73
N LYS A 40 5.00 -6.04 9.65
CA LYS A 40 3.75 -5.34 9.38
C LYS A 40 4.01 -3.84 9.39
N CYS A 41 5.14 -3.44 9.95
CA CYS A 41 5.52 -2.04 9.99
C CYS A 41 6.58 -1.73 8.93
N GLN A 42 6.94 -2.73 8.11
CA GLN A 42 7.90 -2.51 7.02
C GLN A 42 7.76 -3.61 5.96
N GLY A 43 7.50 -3.23 4.71
CA GLY A 43 7.25 -4.22 3.67
C GLY A 43 6.27 -3.73 2.62
N GLN A 44 5.99 -4.57 1.62
CA GLN A 44 5.03 -4.24 0.57
C GLN A 44 3.60 -4.34 1.09
N LEU A 45 2.70 -3.51 0.55
CA LEU A 45 1.35 -3.40 1.09
C LEU A 45 0.40 -4.45 0.49
N GLU A 46 -0.28 -5.17 1.37
CA GLU A 46 -1.34 -6.08 0.99
C GLU A 46 -2.64 -5.62 1.64
N VAL A 47 -3.62 -5.26 0.81
CA VAL A 47 -4.87 -4.70 1.30
C VAL A 47 -6.06 -5.60 1.00
N TYR A 48 -6.84 -5.89 2.02
CA TYR A 48 -8.02 -6.74 1.87
C TYR A 48 -9.22 -5.91 1.43
N LEU A 49 -9.49 -5.91 0.14
CA LEU A 49 -10.60 -5.14 -0.40
C LEU A 49 -11.54 -6.02 -1.20
N LYS A 50 -12.83 -5.91 -0.88
CA LYS A 50 -13.88 -6.73 -1.49
C LYS A 50 -13.75 -8.18 -1.01
N ASP A 51 -12.52 -8.69 -1.09
CA ASP A 51 -12.18 -10.09 -0.78
C ASP A 51 -10.78 -10.39 -1.30
N GLY A 52 -10.35 -9.60 -2.27
CA GLY A 52 -9.01 -9.69 -2.80
C GLY A 52 -7.99 -9.08 -1.89
N TRP A 53 -7.19 -9.93 -1.25
CA TRP A 53 -5.97 -9.47 -0.61
C TRP A 53 -5.03 -8.96 -1.68
N HIS A 54 -5.21 -7.71 -2.05
CA HIS A 54 -4.53 -7.15 -3.20
C HIS A 54 -3.19 -6.57 -2.81
N MET A 55 -2.13 -7.07 -3.40
CA MET A 55 -0.78 -6.57 -3.14
C MET A 55 -0.50 -5.36 -4.01
N VAL A 56 -0.57 -4.17 -3.43
CA VAL A 56 -0.46 -2.94 -4.22
C VAL A 56 1.00 -2.56 -4.44
N CYS A 57 1.25 -1.73 -5.44
CA CYS A 57 2.60 -1.31 -5.74
C CYS A 57 2.88 0.06 -5.10
N SER A 58 2.06 0.40 -4.10
CA SER A 58 2.24 1.58 -3.25
C SER A 58 1.90 2.90 -3.96
N GLN A 59 2.45 3.13 -5.15
CA GLN A 59 2.23 4.39 -5.85
C GLN A 59 0.93 4.37 -6.64
N SER A 60 0.20 3.27 -6.54
CA SER A 60 -1.05 3.09 -7.28
C SER A 60 -2.03 4.22 -6.95
N TRP A 61 -3.07 4.35 -7.78
CA TRP A 61 -4.04 5.45 -7.68
C TRP A 61 -3.40 6.74 -8.18
N GLY A 62 -2.42 7.23 -7.45
CA GLY A 62 -1.72 8.43 -7.82
C GLY A 62 -0.77 8.87 -6.73
N ARG A 63 0.10 7.96 -6.33
CA ARG A 63 0.98 8.20 -5.18
C ARG A 63 2.44 8.11 -5.56
N SER A 64 2.84 8.82 -6.62
CA SER A 64 4.24 8.86 -7.01
C SER A 64 5.01 9.79 -6.08
N SER A 65 5.27 9.31 -4.88
CA SER A 65 5.93 10.11 -3.86
C SER A 65 7.45 9.96 -3.98
N LYS A 66 8.13 11.09 -4.11
CA LYS A 66 9.58 11.10 -4.19
C LYS A 66 10.16 11.28 -2.79
N GLN A 67 9.43 10.76 -1.81
CA GLN A 67 9.74 10.91 -0.40
C GLN A 67 9.62 12.37 0.02
N TRP A 68 8.39 12.78 0.35
CA TRP A 68 8.14 14.12 0.86
C TRP A 68 7.54 14.03 2.24
N GLU A 69 7.10 15.16 2.78
CA GLU A 69 6.30 15.14 3.98
C GLU A 69 4.84 14.95 3.58
N ASP A 70 4.53 13.71 3.27
CA ASP A 70 3.31 13.38 2.53
C ASP A 70 2.71 12.04 2.99
N PRO A 71 3.52 10.95 3.10
CA PRO A 71 3.07 9.63 3.58
C PRO A 71 2.12 9.72 4.77
N SER A 72 0.83 9.65 4.49
CA SER A 72 -0.20 9.69 5.51
C SER A 72 -1.36 8.77 5.14
N GLN A 73 -2.57 9.18 5.52
CA GLN A 73 -3.82 8.48 5.21
C GLN A 73 -4.00 7.21 6.02
N ALA A 74 -3.11 6.23 5.84
CA ALA A 74 -3.27 4.91 6.44
C ALA A 74 -2.79 4.86 7.89
N SER A 75 -2.98 5.97 8.62
CA SER A 75 -2.53 6.06 10.00
C SER A 75 -3.17 4.96 10.86
N LYS A 76 -4.47 4.79 10.70
CA LYS A 76 -5.22 3.79 11.44
C LYS A 76 -4.76 2.38 11.11
N VAL A 77 -4.28 2.18 9.89
CA VAL A 77 -3.82 0.88 9.46
C VAL A 77 -2.62 0.44 10.29
N CYS A 78 -1.58 1.25 10.28
CA CYS A 78 -0.37 0.93 11.02
C CYS A 78 -0.60 1.09 12.52
N GLN A 79 -1.56 1.92 12.91
CA GLN A 79 -1.93 2.04 14.31
C GLN A 79 -2.57 0.74 14.78
N ARG A 80 -3.43 0.16 13.95
CA ARG A 80 -3.98 -1.17 14.22
C ARG A 80 -2.87 -2.21 14.29
N LEU A 81 -1.76 -1.94 13.60
CA LEU A 81 -0.61 -2.84 13.59
C LEU A 81 0.38 -2.45 14.68
N ASN A 82 -0.04 -1.52 15.56
CA ASN A 82 0.78 -0.97 16.65
C ASN A 82 2.18 -0.55 16.17
N CYS A 83 2.24 -0.05 14.94
CA CYS A 83 3.49 0.44 14.37
C CYS A 83 3.57 1.96 14.50
N GLY A 84 2.45 2.58 14.86
CA GLY A 84 2.43 4.02 15.06
C GLY A 84 1.81 4.77 13.89
N ASP A 85 2.58 5.66 13.29
CA ASP A 85 2.13 6.45 12.16
C ASP A 85 2.17 5.60 10.89
N PRO A 86 1.59 6.03 9.76
CA PRO A 86 1.52 5.20 8.57
C PRO A 86 2.83 5.08 7.84
N LEU A 87 2.92 3.96 7.18
CA LEU A 87 3.96 3.65 6.24
C LEU A 87 4.37 4.84 5.41
N SER A 88 5.62 5.19 5.58
CA SER A 88 6.27 6.17 4.74
C SER A 88 6.44 5.60 3.32
N LEU A 89 6.36 6.48 2.33
CA LEU A 89 6.39 6.07 0.94
C LEU A 89 7.79 6.26 0.35
N GLY A 90 8.30 5.21 -0.28
CA GLY A 90 9.61 5.28 -0.91
C GLY A 90 9.97 3.97 -1.55
N PRO A 91 10.98 3.92 -2.44
CA PRO A 91 11.36 2.70 -3.15
C PRO A 91 11.96 1.67 -2.20
N PHE A 92 11.31 0.53 -2.08
CA PHE A 92 11.70 -0.51 -1.16
C PHE A 92 12.27 -1.70 -1.94
N LEU A 93 12.40 -2.86 -1.30
CA LEU A 93 12.94 -4.03 -1.97
C LEU A 93 11.98 -4.52 -3.06
N LYS A 94 12.53 -5.18 -4.07
CA LYS A 94 11.77 -5.58 -5.24
C LYS A 94 11.28 -7.02 -5.13
N THR A 95 9.96 -7.19 -5.16
CA THR A 95 9.36 -8.52 -5.08
C THR A 95 8.04 -8.54 -5.85
N TYR A 96 7.81 -7.51 -6.65
CA TYR A 96 6.54 -7.34 -7.34
C TYR A 96 6.41 -8.22 -8.57
N THR A 97 5.25 -8.84 -8.71
CA THR A 97 4.95 -9.70 -9.86
C THR A 97 3.74 -9.15 -10.61
N PRO A 98 3.81 -9.06 -11.95
CA PRO A 98 2.75 -8.47 -12.80
C PRO A 98 1.44 -9.28 -12.85
N GLN A 99 1.10 -9.91 -11.74
CA GLN A 99 -0.12 -10.70 -11.63
C GLN A 99 -0.56 -10.78 -10.17
N SER A 100 0.33 -11.25 -9.33
CA SER A 100 0.09 -11.31 -7.89
C SER A 100 0.10 -9.90 -7.31
N SER A 101 0.98 -9.06 -7.83
CA SER A 101 1.02 -7.67 -7.45
C SER A 101 0.16 -6.87 -8.43
N ILE A 102 -0.57 -5.89 -7.92
CA ILE A 102 -1.48 -5.13 -8.75
C ILE A 102 -1.20 -3.63 -8.64
N ILE A 103 -1.63 -2.90 -9.66
CA ILE A 103 -1.52 -1.45 -9.67
C ILE A 103 -2.93 -0.89 -9.84
N CYS A 104 -3.50 -0.37 -8.77
CA CYS A 104 -4.89 0.09 -8.81
C CYS A 104 -4.96 1.57 -9.07
N TYR A 105 -5.22 1.95 -10.31
CA TYR A 105 -5.33 3.36 -10.68
C TYR A 105 -6.65 3.94 -10.16
N GLY A 106 -6.72 5.25 -10.05
CA GLY A 106 -7.92 5.90 -9.59
C GLY A 106 -7.62 7.01 -8.62
N GLN A 107 -8.61 7.40 -7.83
CA GLN A 107 -8.41 8.42 -6.83
C GLN A 107 -8.00 7.80 -5.50
N LEU A 108 -6.92 8.33 -4.94
CA LEU A 108 -6.41 7.87 -3.65
C LEU A 108 -7.51 7.76 -2.62
N GLY A 109 -7.76 6.54 -2.16
CA GLY A 109 -8.81 6.32 -1.20
C GLY A 109 -9.80 5.29 -1.70
N SER A 110 -10.16 5.37 -2.96
CA SER A 110 -11.13 4.46 -3.54
C SER A 110 -10.50 3.12 -3.90
N PHE A 111 -10.43 2.22 -2.92
CA PHE A 111 -9.87 0.88 -3.14
C PHE A 111 -10.93 -0.06 -3.69
N SER A 112 -11.91 0.52 -4.38
CA SER A 112 -13.04 -0.23 -4.89
C SER A 112 -12.72 -0.83 -6.27
N ASN A 113 -11.51 -0.58 -6.78
CA ASN A 113 -11.14 -1.08 -8.11
C ASN A 113 -9.62 -1.20 -8.22
N CYS A 114 -9.16 -2.01 -9.16
CA CYS A 114 -7.73 -2.23 -9.34
C CYS A 114 -7.45 -2.94 -10.67
N SER A 115 -6.17 -3.12 -11.01
CA SER A 115 -5.78 -3.78 -12.25
C SER A 115 -4.42 -4.45 -12.07
N HIS A 116 -4.13 -5.47 -12.89
CA HIS A 116 -2.88 -6.20 -12.79
C HIS A 116 -1.70 -5.25 -13.05
N SER A 117 -0.57 -5.56 -12.42
CA SER A 117 0.61 -4.70 -12.51
C SER A 117 1.08 -4.53 -13.96
N ARG A 118 1.15 -3.29 -14.39
CA ARG A 118 1.67 -2.95 -15.71
C ARG A 118 3.14 -2.55 -15.59
N ASN A 119 3.63 -2.62 -14.35
CA ASN A 119 4.95 -2.10 -13.99
C ASN A 119 5.02 -0.60 -14.30
N ASP A 120 4.43 0.20 -13.43
CA ASP A 120 4.32 1.64 -13.62
C ASP A 120 5.54 2.31 -12.99
N MET A 121 5.31 3.43 -12.30
CA MET A 121 6.36 4.10 -11.56
C MET A 121 6.87 3.19 -10.44
N CYS A 122 6.01 2.28 -9.99
CA CYS A 122 6.38 1.35 -8.95
C CYS A 122 7.31 0.26 -9.47
N HIS A 123 8.61 0.58 -9.51
CA HIS A 123 9.63 -0.43 -9.76
C HIS A 123 9.66 -1.37 -8.58
N SER A 124 9.77 -0.78 -7.40
CA SER A 124 9.67 -1.49 -6.14
C SER A 124 9.22 -0.54 -5.05
N LEU A 125 8.47 0.51 -5.44
CA LEU A 125 8.00 1.50 -4.48
C LEU A 125 7.20 0.82 -3.39
N GLY A 126 7.55 1.10 -2.16
CA GLY A 126 6.97 0.40 -1.05
C GLY A 126 6.51 1.34 0.04
N LEU A 127 6.38 0.79 1.23
CA LEU A 127 5.79 1.48 2.34
C LEU A 127 6.38 0.91 3.62
N THR A 128 6.42 1.71 4.66
CA THR A 128 6.99 1.28 5.92
C THR A 128 6.38 2.07 7.07
N CYS A 129 5.47 1.40 7.81
CA CYS A 129 4.65 2.07 8.83
C CYS A 129 5.49 2.97 9.73
N LEU A 130 5.24 4.26 9.54
CA LEU A 130 5.93 5.34 10.21
C LEU A 130 7.34 5.49 9.64
N GLU A 131 8.24 4.62 10.08
CA GLU A 131 9.63 4.66 9.65
C GLU A 131 10.30 3.31 9.88
N ARG A 22 -16.08 2.54 -2.95
CA ARG A 22 -16.39 1.26 -2.26
C ARG A 22 -15.69 1.19 -0.91
N LEU A 23 -14.40 0.89 -0.93
CA LEU A 23 -13.64 0.71 0.30
C LEU A 23 -12.50 1.72 0.36
N SER A 24 -12.01 2.00 1.56
CA SER A 24 -10.86 2.88 1.72
C SER A 24 -10.00 2.39 2.88
N TRP A 25 -8.72 2.73 2.88
CA TRP A 25 -7.82 2.25 3.94
C TRP A 25 -8.07 2.96 5.27
N TYR A 26 -8.98 3.93 5.27
CA TYR A 26 -9.35 4.62 6.49
C TYR A 26 -10.71 4.14 6.99
N ASP A 27 -11.22 3.07 6.39
CA ASP A 27 -12.44 2.43 6.88
C ASP A 27 -12.09 1.46 8.00
N PRO A 28 -12.88 1.46 9.09
CA PRO A 28 -12.64 0.58 10.24
C PRO A 28 -12.88 -0.89 9.94
N ASP A 29 -13.81 -1.15 9.03
CA ASP A 29 -14.14 -2.53 8.63
C ASP A 29 -13.23 -2.99 7.51
N PHE A 30 -12.32 -2.11 7.11
CA PHE A 30 -11.35 -2.43 6.07
C PHE A 30 -10.01 -2.75 6.71
N GLN A 31 -9.61 -4.01 6.63
CA GLN A 31 -8.35 -4.43 7.23
C GLN A 31 -7.21 -4.26 6.22
N ALA A 32 -6.11 -3.69 6.69
CA ALA A 32 -4.95 -3.46 5.84
C ALA A 32 -3.67 -3.56 6.66
N ARG A 33 -2.58 -3.93 6.01
CA ARG A 33 -1.27 -4.02 6.64
C ARG A 33 -0.23 -4.36 5.59
N LEU A 34 1.01 -4.55 6.00
CA LEU A 34 2.07 -4.89 5.07
C LEU A 34 2.19 -6.39 4.93
N THR A 35 2.68 -6.81 3.77
CA THR A 35 2.88 -8.21 3.48
C THR A 35 3.94 -8.82 4.38
N ARG A 36 3.94 -10.14 4.48
CA ARG A 36 4.90 -10.86 5.31
C ARG A 36 6.27 -10.90 4.65
N SER A 37 6.76 -9.74 4.22
CA SER A 37 8.03 -9.63 3.54
C SER A 37 9.17 -9.59 4.54
N ASN A 38 9.17 -8.55 5.36
CA ASN A 38 10.20 -8.37 6.35
C ASN A 38 9.57 -8.12 7.71
N SER A 39 8.46 -7.39 7.73
CA SER A 39 7.84 -7.01 8.98
C SER A 39 6.38 -6.62 8.80
N LYS A 40 5.64 -6.76 9.89
CA LYS A 40 4.29 -6.23 9.99
C LYS A 40 4.32 -4.71 9.89
N CYS A 41 5.48 -4.12 10.22
CA CYS A 41 5.63 -2.68 10.19
C CYS A 41 6.63 -2.27 9.10
N GLN A 42 6.93 -3.18 8.18
CA GLN A 42 7.72 -2.87 6.98
C GLN A 42 7.46 -3.90 5.86
N GLY A 43 7.03 -3.42 4.69
CA GLY A 43 6.69 -4.35 3.62
C GLY A 43 5.84 -3.70 2.53
N GLN A 44 5.50 -4.48 1.50
CA GLN A 44 4.56 -4.03 0.49
C GLN A 44 3.16 -3.92 1.09
N LEU A 45 2.33 -3.05 0.55
CA LEU A 45 1.00 -2.83 1.11
C LEU A 45 0.05 -3.93 0.68
N GLU A 46 -0.57 -4.56 1.67
CA GLU A 46 -1.53 -5.62 1.46
C GLU A 46 -2.88 -5.21 2.04
N VAL A 47 -3.87 -5.06 1.17
CA VAL A 47 -5.17 -4.57 1.59
C VAL A 47 -6.29 -5.50 1.14
N TYR A 48 -7.25 -5.73 2.02
CA TYR A 48 -8.35 -6.64 1.73
C TYR A 48 -9.49 -5.92 1.03
N LEU A 49 -9.66 -6.17 -0.26
CA LEU A 49 -10.75 -5.55 -0.99
C LEU A 49 -11.33 -6.45 -2.05
N LYS A 50 -12.61 -6.75 -1.88
CA LYS A 50 -13.44 -7.41 -2.88
C LYS A 50 -13.01 -8.84 -3.16
N ASP A 51 -11.77 -9.00 -3.56
CA ASP A 51 -11.34 -10.27 -4.14
C ASP A 51 -10.02 -10.75 -3.58
N GLY A 52 -9.24 -9.86 -3.00
CA GLY A 52 -7.90 -10.23 -2.62
C GLY A 52 -7.31 -9.35 -1.57
N TRP A 53 -6.41 -9.92 -0.80
CA TRP A 53 -5.46 -9.15 -0.03
C TRP A 53 -4.45 -8.59 -1.02
N HIS A 54 -4.90 -7.60 -1.76
CA HIS A 54 -4.17 -7.11 -2.90
C HIS A 54 -2.82 -6.54 -2.50
N MET A 55 -1.76 -7.07 -3.07
CA MET A 55 -0.45 -6.48 -2.87
C MET A 55 -0.27 -5.35 -3.86
N VAL A 56 -0.41 -4.13 -3.38
CA VAL A 56 -0.33 -2.97 -4.25
C VAL A 56 1.12 -2.53 -4.40
N CYS A 57 1.38 -1.65 -5.35
CA CYS A 57 2.73 -1.15 -5.54
C CYS A 57 2.94 0.15 -4.76
N SER A 58 2.07 0.36 -3.77
CA SER A 58 2.18 1.45 -2.79
C SER A 58 1.83 2.82 -3.38
N GLN A 59 2.44 3.18 -4.52
CA GLN A 59 2.22 4.49 -5.11
C GLN A 59 0.95 4.50 -5.96
N SER A 60 0.23 3.38 -5.95
CA SER A 60 -1.04 3.27 -6.64
C SER A 60 -2.00 4.36 -6.16
N TRP A 61 -3.08 4.61 -6.92
CA TRP A 61 -4.06 5.66 -6.58
C TRP A 61 -3.48 7.07 -6.82
N GLY A 62 -2.53 7.47 -5.98
CA GLY A 62 -1.99 8.81 -6.07
C GLY A 62 -1.13 9.03 -7.29
N ARG A 63 -0.18 8.10 -7.52
CA ARG A 63 0.72 8.16 -8.68
C ARG A 63 1.59 9.42 -8.63
N SER A 64 1.81 9.95 -7.43
CA SER A 64 2.52 11.20 -7.24
C SER A 64 3.93 11.17 -7.87
N SER A 65 4.81 10.35 -7.29
CA SER A 65 6.19 10.27 -7.77
C SER A 65 6.77 8.89 -7.44
N LYS A 66 8.07 8.71 -7.68
CA LYS A 66 8.74 7.45 -7.38
C LYS A 66 9.11 7.40 -5.90
N GLN A 67 8.91 8.53 -5.23
CA GLN A 67 9.06 8.60 -3.78
C GLN A 67 8.08 9.62 -3.25
N TRP A 68 7.32 9.26 -2.24
CA TRP A 68 6.25 10.11 -1.76
C TRP A 68 6.70 10.99 -0.60
N GLU A 69 6.10 12.16 -0.54
CA GLU A 69 6.38 13.12 0.52
C GLU A 69 5.26 13.10 1.56
N ASP A 70 4.32 12.18 1.38
CA ASP A 70 3.21 12.03 2.32
C ASP A 70 3.10 10.58 2.77
N PRO A 71 3.61 10.26 3.96
CA PRO A 71 3.59 8.92 4.51
C PRO A 71 2.42 8.68 5.47
N SER A 72 1.32 9.42 5.28
CA SER A 72 0.20 9.34 6.19
C SER A 72 -1.04 8.79 5.49
N GLN A 73 -2.21 9.18 6.02
CA GLN A 73 -3.51 8.73 5.54
C GLN A 73 -3.79 7.26 5.90
N ALA A 74 -2.74 6.45 6.03
CA ALA A 74 -2.87 5.07 6.50
C ALA A 74 -2.50 5.00 7.98
N SER A 75 -2.69 6.13 8.66
CA SER A 75 -2.34 6.27 10.05
C SER A 75 -3.05 5.22 10.91
N LYS A 76 -4.34 5.05 10.68
CA LYS A 76 -5.15 4.09 11.42
C LYS A 76 -4.64 2.66 11.18
N VAL A 77 -4.10 2.43 10.00
CA VAL A 77 -3.62 1.10 9.63
C VAL A 77 -2.49 0.66 10.56
N CYS A 78 -1.39 1.40 10.56
CA CYS A 78 -0.25 1.00 11.38
C CYS A 78 -0.52 1.26 12.86
N GLN A 79 -1.36 2.25 13.14
CA GLN A 79 -1.79 2.53 14.50
C GLN A 79 -2.46 1.30 15.11
N ARG A 80 -3.32 0.67 14.32
CA ARG A 80 -4.03 -0.52 14.76
C ARG A 80 -3.07 -1.71 14.87
N LEU A 81 -1.98 -1.68 14.11
CA LEU A 81 -0.97 -2.73 14.19
C LEU A 81 0.13 -2.37 15.16
N ASN A 82 -0.13 -1.38 16.03
CA ASN A 82 0.82 -0.91 17.05
C ASN A 82 2.23 -0.69 16.49
N CYS A 83 2.31 -0.28 15.24
CA CYS A 83 3.59 0.05 14.62
C CYS A 83 3.82 1.56 14.65
N GLY A 84 2.95 2.26 15.38
CA GLY A 84 3.09 3.69 15.55
C GLY A 84 2.34 4.47 14.49
N ASP A 85 3.04 5.41 13.87
CA ASP A 85 2.47 6.20 12.78
C ASP A 85 2.49 5.36 11.50
N PRO A 86 1.86 5.81 10.40
CA PRO A 86 1.77 4.99 9.20
C PRO A 86 3.07 4.84 8.46
N LEU A 87 3.16 3.69 7.85
CA LEU A 87 4.15 3.33 6.89
C LEU A 87 4.56 4.50 6.01
N SER A 88 5.82 4.84 6.17
CA SER A 88 6.47 5.81 5.32
C SER A 88 6.74 5.16 3.97
N LEU A 89 6.67 5.92 2.89
CA LEU A 89 6.76 5.34 1.56
C LEU A 89 8.05 5.73 0.85
N GLY A 90 8.83 4.72 0.50
CA GLY A 90 10.05 4.93 -0.26
C GLY A 90 10.42 3.68 -1.02
N PRO A 91 11.30 3.78 -2.03
CA PRO A 91 11.71 2.61 -2.83
C PRO A 91 12.29 1.50 -1.97
N PHE A 92 11.68 0.32 -2.02
CA PHE A 92 12.10 -0.79 -1.19
C PHE A 92 12.57 -1.96 -2.06
N LEU A 93 13.75 -1.79 -2.64
CA LEU A 93 14.38 -2.80 -3.50
C LEU A 93 13.41 -3.26 -4.60
N LYS A 94 13.06 -4.54 -4.59
CA LYS A 94 12.09 -5.07 -5.53
C LYS A 94 11.36 -6.24 -4.88
N THR A 95 10.17 -5.97 -4.37
CA THR A 95 9.43 -6.95 -3.60
C THR A 95 8.01 -7.14 -4.11
N TYR A 96 7.80 -6.87 -5.40
CA TYR A 96 6.48 -7.04 -6.00
C TYR A 96 6.59 -7.81 -7.32
N THR A 97 5.47 -8.30 -7.82
CA THR A 97 5.47 -9.11 -9.03
C THR A 97 4.33 -8.71 -9.95
N PRO A 98 4.65 -8.03 -11.08
CA PRO A 98 3.69 -7.58 -12.09
C PRO A 98 2.86 -8.73 -12.68
N GLN A 99 1.85 -9.13 -11.92
CA GLN A 99 0.94 -10.23 -12.26
C GLN A 99 0.15 -10.58 -11.02
N SER A 100 0.89 -10.85 -9.94
CA SER A 100 0.29 -11.19 -8.67
C SER A 100 0.01 -9.92 -7.86
N SER A 101 0.95 -8.97 -7.91
CA SER A 101 0.74 -7.69 -7.27
C SER A 101 0.09 -6.74 -8.26
N ILE A 102 -0.70 -5.81 -7.77
CA ILE A 102 -1.48 -4.95 -8.64
C ILE A 102 -1.13 -3.47 -8.45
N ILE A 103 -1.46 -2.69 -9.44
CA ILE A 103 -1.37 -1.25 -9.35
C ILE A 103 -2.78 -0.69 -9.41
N CYS A 104 -3.29 -0.17 -8.30
CA CYS A 104 -4.61 0.41 -8.30
C CYS A 104 -4.54 1.87 -8.76
N TYR A 105 -5.66 2.41 -9.17
CA TYR A 105 -5.70 3.77 -9.68
C TYR A 105 -6.90 4.51 -9.11
N GLY A 106 -7.20 5.67 -9.66
CA GLY A 106 -8.31 6.45 -9.17
C GLY A 106 -7.83 7.53 -8.22
N GLN A 107 -8.59 7.75 -7.16
CA GLN A 107 -8.22 8.73 -6.16
C GLN A 107 -7.76 8.02 -4.89
N LEU A 108 -6.77 8.60 -4.22
CA LEU A 108 -6.26 8.04 -2.97
C LEU A 108 -7.40 7.80 -1.98
N GLY A 109 -7.64 6.52 -1.67
CA GLY A 109 -8.74 6.19 -0.80
C GLY A 109 -9.74 5.29 -1.48
N SER A 110 -9.79 5.33 -2.79
CA SER A 110 -10.75 4.52 -3.53
C SER A 110 -10.20 3.11 -3.78
N PHE A 111 -10.22 2.30 -2.74
CA PHE A 111 -9.78 0.91 -2.82
C PHE A 111 -10.90 0.07 -3.42
N SER A 112 -11.34 0.47 -4.60
CA SER A 112 -12.49 -0.15 -5.23
C SER A 112 -12.11 -0.83 -6.56
N ASN A 113 -11.08 -0.32 -7.22
CA ASN A 113 -10.69 -0.84 -8.52
C ASN A 113 -9.20 -0.71 -8.73
N CYS A 114 -8.57 -1.76 -9.24
CA CYS A 114 -7.15 -1.75 -9.52
C CYS A 114 -6.88 -2.37 -10.88
N SER A 115 -5.60 -2.52 -11.21
CA SER A 115 -5.20 -3.14 -12.46
C SER A 115 -4.01 -4.05 -12.22
N HIS A 116 -3.96 -5.16 -12.94
CA HIS A 116 -2.83 -6.08 -12.84
C HIS A 116 -1.56 -5.37 -13.28
N SER A 117 -0.57 -5.36 -12.39
CA SER A 117 0.64 -4.59 -12.59
C SER A 117 1.39 -5.03 -13.84
N ARG A 118 1.69 -4.09 -14.70
CA ARG A 118 2.54 -4.34 -15.85
C ARG A 118 3.78 -3.44 -15.78
N ASN A 119 3.55 -2.14 -15.77
CA ASN A 119 4.62 -1.16 -15.65
C ASN A 119 4.04 0.23 -15.39
N ASP A 120 4.53 0.89 -14.35
CA ASP A 120 4.12 2.26 -14.05
C ASP A 120 5.24 2.92 -13.23
N MET A 121 4.88 3.88 -12.41
CA MET A 121 5.86 4.68 -11.67
C MET A 121 6.34 3.98 -10.40
N CYS A 122 5.66 2.91 -9.98
CA CYS A 122 6.08 2.19 -8.79
C CYS A 122 7.25 1.25 -9.04
N HIS A 123 8.44 1.77 -8.80
CA HIS A 123 9.65 0.96 -8.76
C HIS A 123 9.70 0.22 -7.42
N SER A 124 8.76 -0.71 -7.26
CA SER A 124 8.56 -1.46 -6.01
C SER A 124 8.71 -0.57 -4.78
N LEU A 125 7.80 0.37 -4.63
CA LEU A 125 7.80 1.25 -3.48
C LEU A 125 7.30 0.51 -2.26
N GLY A 126 7.95 0.71 -1.14
CA GLY A 126 7.64 -0.05 0.04
C GLY A 126 7.20 0.85 1.16
N LEU A 127 6.16 0.43 1.86
CA LEU A 127 5.64 1.17 2.98
C LEU A 127 6.18 0.58 4.27
N THR A 128 6.52 1.43 5.22
CA THR A 128 7.09 0.95 6.47
C THR A 128 6.60 1.79 7.65
N CYS A 129 5.72 1.18 8.45
CA CYS A 129 4.93 1.88 9.47
C CYS A 129 5.79 2.80 10.33
N LEU A 130 5.54 4.09 10.14
CA LEU A 130 6.23 5.17 10.81
C LEU A 130 7.64 5.34 10.27
N GLU A 131 8.51 4.40 10.61
CA GLU A 131 9.90 4.46 10.21
C GLU A 131 10.35 3.15 9.57
N ARG A 22 -16.43 3.61 -0.98
CA ARG A 22 -16.81 2.20 -0.73
C ARG A 22 -15.80 1.56 0.22
N LEU A 23 -14.58 1.40 -0.27
CA LEU A 23 -13.51 0.79 0.48
C LEU A 23 -12.32 1.73 0.49
N SER A 24 -11.74 1.97 1.65
CA SER A 24 -10.58 2.84 1.73
C SER A 24 -9.62 2.37 2.81
N TRP A 25 -8.36 2.73 2.72
CA TRP A 25 -7.39 2.36 3.74
C TRP A 25 -7.51 3.26 4.98
N TYR A 26 -8.58 4.05 5.04
CA TYR A 26 -8.88 4.82 6.23
C TYR A 26 -10.20 4.36 6.84
N ASP A 27 -10.71 3.23 6.37
CA ASP A 27 -11.89 2.60 6.95
C ASP A 27 -11.48 1.70 8.11
N PRO A 28 -12.19 1.79 9.25
CA PRO A 28 -11.87 1.00 10.45
C PRO A 28 -12.01 -0.50 10.21
N ASP A 29 -13.05 -0.89 9.50
CA ASP A 29 -13.32 -2.31 9.25
C ASP A 29 -12.55 -2.83 8.05
N PHE A 30 -11.83 -1.93 7.38
CA PHE A 30 -11.07 -2.31 6.21
C PHE A 30 -9.79 -3.03 6.64
N GLN A 31 -9.56 -4.20 6.07
CA GLN A 31 -8.41 -5.02 6.44
C GLN A 31 -7.21 -4.65 5.58
N ALA A 32 -6.17 -4.12 6.22
CA ALA A 32 -5.01 -3.62 5.51
C ALA A 32 -3.77 -3.62 6.39
N ARG A 33 -2.62 -3.91 5.78
CA ARG A 33 -1.32 -3.87 6.45
C ARG A 33 -0.24 -4.20 5.43
N LEU A 34 1.00 -4.29 5.87
CA LEU A 34 2.10 -4.63 4.99
C LEU A 34 2.20 -6.13 4.85
N THR A 35 2.84 -6.57 3.79
CA THR A 35 3.02 -7.97 3.51
C THR A 35 4.12 -8.55 4.39
N ARG A 36 4.01 -9.85 4.66
CA ARG A 36 5.00 -10.55 5.47
C ARG A 36 6.33 -10.66 4.72
N SER A 37 7.10 -9.60 4.79
CA SER A 37 8.43 -9.59 4.23
C SER A 37 9.44 -9.97 5.30
N ASN A 38 9.66 -9.04 6.22
CA ASN A 38 10.50 -9.28 7.39
C ASN A 38 9.85 -8.62 8.59
N SER A 39 9.44 -7.38 8.39
CA SER A 39 8.84 -6.60 9.46
C SER A 39 7.34 -6.50 9.29
N LYS A 40 6.61 -6.65 10.38
CA LYS A 40 5.18 -6.44 10.37
C LYS A 40 4.88 -4.94 10.35
N CYS A 41 5.94 -4.14 10.30
CA CYS A 41 5.81 -2.70 10.23
C CYS A 41 6.60 -2.16 9.03
N GLN A 42 6.90 -3.03 8.06
CA GLN A 42 7.58 -2.61 6.83
C GLN A 42 7.34 -3.61 5.70
N GLY A 43 6.94 -3.13 4.53
CA GLY A 43 6.71 -4.02 3.40
C GLY A 43 5.72 -3.44 2.39
N GLN A 44 5.48 -4.19 1.32
CA GLN A 44 4.46 -3.80 0.33
C GLN A 44 3.09 -3.79 0.99
N LEU A 45 2.20 -2.92 0.52
CA LEU A 45 0.89 -2.79 1.13
C LEU A 45 -0.06 -3.89 0.63
N GLU A 46 -0.54 -4.67 1.58
CA GLU A 46 -1.48 -5.76 1.34
C GLU A 46 -2.86 -5.34 1.84
N VAL A 47 -3.79 -5.14 0.93
CA VAL A 47 -5.12 -4.71 1.29
C VAL A 47 -6.18 -5.65 0.73
N TYR A 48 -7.10 -6.08 1.57
CA TYR A 48 -8.16 -6.99 1.13
C TYR A 48 -9.39 -6.19 0.74
N LEU A 49 -9.68 -6.15 -0.55
CA LEU A 49 -10.83 -5.41 -1.04
C LEU A 49 -11.39 -6.00 -2.29
N LYS A 50 -12.71 -5.98 -2.37
CA LYS A 50 -13.48 -6.42 -3.53
C LYS A 50 -13.40 -7.92 -3.74
N ASP A 51 -12.23 -8.49 -3.50
CA ASP A 51 -12.00 -9.90 -3.86
C ASP A 51 -10.61 -10.35 -3.45
N GLY A 52 -9.67 -9.44 -3.54
CA GLY A 52 -8.28 -9.83 -3.46
C GLY A 52 -7.56 -9.30 -2.26
N TRP A 53 -6.69 -10.15 -1.71
CA TRP A 53 -5.62 -9.68 -0.87
C TRP A 53 -4.63 -8.97 -1.78
N HIS A 54 -5.01 -7.79 -2.20
CA HIS A 54 -4.34 -7.10 -3.28
C HIS A 54 -3.04 -6.47 -2.81
N MET A 55 -1.92 -7.09 -3.16
CA MET A 55 -0.61 -6.48 -2.91
C MET A 55 -0.42 -5.33 -3.89
N VAL A 56 -0.56 -4.12 -3.39
CA VAL A 56 -0.47 -2.94 -4.23
C VAL A 56 0.98 -2.50 -4.38
N CYS A 57 1.20 -1.48 -5.18
CA CYS A 57 2.55 -0.96 -5.37
C CYS A 57 2.73 0.34 -4.58
N SER A 58 1.81 0.55 -3.63
CA SER A 58 1.87 1.66 -2.68
C SER A 58 1.50 3.02 -3.30
N GLN A 59 2.11 3.37 -4.43
CA GLN A 59 1.83 4.66 -5.06
C GLN A 59 0.60 4.57 -5.95
N SER A 60 -0.05 3.41 -5.93
CA SER A 60 -1.30 3.20 -6.66
C SER A 60 -2.33 4.25 -6.26
N TRP A 61 -3.34 4.47 -7.11
CA TRP A 61 -4.35 5.49 -6.88
C TRP A 61 -3.78 6.90 -7.10
N GLY A 62 -2.93 7.33 -6.17
CA GLY A 62 -2.39 8.68 -6.20
C GLY A 62 -1.57 8.96 -7.45
N ARG A 63 -0.57 8.10 -7.71
CA ARG A 63 0.29 8.22 -8.89
C ARG A 63 1.02 9.56 -8.92
N SER A 64 1.34 10.08 -7.74
CA SER A 64 2.07 11.34 -7.63
C SER A 64 3.44 11.24 -8.31
N SER A 65 4.31 10.42 -7.74
CA SER A 65 5.65 10.21 -8.29
C SER A 65 6.36 9.13 -7.46
N LYS A 66 7.68 9.08 -7.58
CA LYS A 66 8.50 8.16 -6.80
C LYS A 66 8.86 8.78 -5.47
N GLN A 67 8.52 8.09 -4.38
CA GLN A 67 8.80 8.56 -3.02
C GLN A 67 8.02 9.84 -2.71
N TRP A 68 6.95 9.68 -1.96
CA TRP A 68 6.03 10.78 -1.67
C TRP A 68 6.50 11.58 -0.47
N GLU A 69 6.04 12.83 -0.39
CA GLU A 69 6.38 13.71 0.71
C GLU A 69 5.76 13.22 2.01
N ASP A 70 4.54 12.69 1.92
CA ASP A 70 3.84 12.19 3.08
C ASP A 70 2.81 11.14 2.67
N PRO A 71 3.22 9.87 2.75
CA PRO A 71 2.39 8.72 2.36
C PRO A 71 1.58 8.15 3.53
N SER A 72 1.12 9.03 4.41
CA SER A 72 0.42 8.61 5.62
C SER A 72 -0.95 7.98 5.31
N GLN A 73 -2.03 8.69 5.66
CA GLN A 73 -3.41 8.23 5.47
C GLN A 73 -3.78 7.03 6.35
N ALA A 74 -3.05 5.93 6.21
CA ALA A 74 -3.36 4.68 6.90
C ALA A 74 -2.85 4.68 8.34
N SER A 75 -3.06 5.79 9.03
CA SER A 75 -2.62 5.94 10.42
C SER A 75 -3.22 4.85 11.29
N LYS A 76 -4.51 4.60 11.13
CA LYS A 76 -5.20 3.57 11.90
C LYS A 76 -4.63 2.19 11.58
N VAL A 77 -4.20 2.00 10.34
CA VAL A 77 -3.68 0.71 9.90
C VAL A 77 -2.46 0.30 10.72
N CYS A 78 -1.40 1.11 10.67
CA CYS A 78 -0.18 0.75 11.40
C CYS A 78 -0.39 0.88 12.90
N GLN A 79 -1.24 1.80 13.31
CA GLN A 79 -1.57 1.96 14.73
C GLN A 79 -2.24 0.68 15.25
N ARG A 80 -3.10 0.09 14.43
CA ARG A 80 -3.79 -1.14 14.80
C ARG A 80 -2.82 -2.31 14.83
N LEU A 81 -1.71 -2.18 14.10
CA LEU A 81 -0.64 -3.17 14.15
C LEU A 81 0.44 -2.73 15.13
N ASN A 82 0.12 -1.73 15.96
CA ASN A 82 1.03 -1.16 16.96
C ASN A 82 2.43 -0.93 16.38
N CYS A 83 2.47 -0.37 15.18
CA CYS A 83 3.73 -0.04 14.52
C CYS A 83 3.89 1.49 14.43
N GLY A 84 3.13 2.20 15.25
CA GLY A 84 3.23 3.64 15.31
C GLY A 84 2.35 4.35 14.30
N ASP A 85 2.90 5.38 13.67
CA ASP A 85 2.20 6.13 12.63
C ASP A 85 2.27 5.33 11.33
N PRO A 86 1.58 5.74 10.24
CA PRO A 86 1.57 4.95 9.02
C PRO A 86 2.88 4.94 8.29
N LEU A 87 3.10 3.79 7.70
CA LEU A 87 4.14 3.53 6.77
C LEU A 87 4.53 4.70 5.90
N SER A 88 5.78 5.08 6.04
CA SER A 88 6.42 6.04 5.15
C SER A 88 6.75 5.33 3.83
N LEU A 89 7.10 6.07 2.80
CA LEU A 89 7.20 5.49 1.46
C LEU A 89 8.53 5.78 0.78
N GLY A 90 9.18 4.70 0.35
CA GLY A 90 10.39 4.81 -0.44
C GLY A 90 10.61 3.55 -1.26
N PRO A 91 11.25 3.62 -2.44
CA PRO A 91 11.41 2.45 -3.32
C PRO A 91 12.17 1.33 -2.65
N PHE A 92 11.51 0.20 -2.45
CA PHE A 92 12.03 -0.89 -1.64
C PHE A 92 12.63 -1.98 -2.52
N LEU A 93 13.38 -1.57 -3.53
CA LEU A 93 14.06 -2.47 -4.45
C LEU A 93 13.07 -3.31 -5.25
N LYS A 94 12.70 -4.47 -4.70
CA LYS A 94 11.79 -5.38 -5.36
C LYS A 94 11.13 -6.28 -4.34
N THR A 95 9.83 -6.10 -4.13
CA THR A 95 9.09 -6.90 -3.17
C THR A 95 7.67 -7.22 -3.66
N TYR A 96 7.44 -7.12 -4.97
CA TYR A 96 6.13 -7.42 -5.52
C TYR A 96 6.26 -8.38 -6.71
N THR A 97 5.13 -8.82 -7.22
CA THR A 97 5.09 -9.73 -8.36
C THR A 97 4.30 -9.11 -9.51
N PRO A 98 4.92 -8.97 -10.69
CA PRO A 98 4.30 -8.35 -11.87
C PRO A 98 3.21 -9.21 -12.50
N GLN A 99 2.27 -9.63 -11.68
CA GLN A 99 1.16 -10.47 -12.11
C GLN A 99 0.15 -10.58 -10.98
N SER A 100 0.62 -11.10 -9.86
CA SER A 100 -0.20 -11.26 -8.67
C SER A 100 -0.39 -9.93 -7.96
N SER A 101 0.68 -9.13 -7.89
CA SER A 101 0.60 -7.80 -7.32
C SER A 101 -0.08 -6.88 -8.31
N ILE A 102 -0.72 -5.84 -7.81
CA ILE A 102 -1.51 -4.98 -8.66
C ILE A 102 -1.18 -3.50 -8.44
N ILE A 103 -1.51 -2.69 -9.43
CA ILE A 103 -1.41 -1.25 -9.34
C ILE A 103 -2.79 -0.65 -9.55
N CYS A 104 -3.42 -0.18 -8.50
CA CYS A 104 -4.74 0.41 -8.64
C CYS A 104 -4.61 1.86 -9.08
N TYR A 105 -5.69 2.44 -9.56
CA TYR A 105 -5.67 3.81 -10.04
C TYR A 105 -6.90 4.55 -9.52
N GLY A 106 -7.09 5.78 -9.97
CA GLY A 106 -8.22 6.58 -9.51
C GLY A 106 -7.81 7.63 -8.53
N GLN A 107 -8.56 7.74 -7.45
CA GLN A 107 -8.24 8.67 -6.38
C GLN A 107 -7.65 7.92 -5.19
N LEU A 108 -6.69 8.54 -4.52
CA LEU A 108 -6.06 7.93 -3.35
C LEU A 108 -7.11 7.69 -2.27
N GLY A 109 -7.31 6.43 -1.90
CA GLY A 109 -8.31 6.09 -0.93
C GLY A 109 -9.49 5.36 -1.53
N SER A 110 -9.66 5.48 -2.83
CA SER A 110 -10.77 4.84 -3.51
C SER A 110 -10.43 3.39 -3.89
N PHE A 111 -10.45 2.52 -2.89
CA PHE A 111 -10.12 1.10 -3.08
C PHE A 111 -11.31 0.35 -3.68
N SER A 112 -11.86 0.89 -4.75
CA SER A 112 -13.03 0.29 -5.38
C SER A 112 -12.72 -0.21 -6.78
N ASN A 113 -11.46 -0.02 -7.21
CA ASN A 113 -11.04 -0.41 -8.55
C ASN A 113 -9.51 -0.45 -8.65
N CYS A 114 -8.99 -1.48 -9.31
CA CYS A 114 -7.55 -1.64 -9.48
C CYS A 114 -7.21 -2.19 -10.87
N SER A 115 -5.91 -2.43 -11.09
CA SER A 115 -5.43 -3.03 -12.32
C SER A 115 -4.17 -3.84 -12.02
N HIS A 116 -3.70 -4.65 -12.97
CA HIS A 116 -2.55 -5.50 -12.73
C HIS A 116 -1.25 -4.71 -12.79
N SER A 117 -0.27 -5.13 -12.01
CA SER A 117 1.00 -4.44 -11.93
C SER A 117 1.92 -4.83 -13.08
N ARG A 118 2.39 -3.84 -13.82
CA ARG A 118 3.38 -4.07 -14.86
C ARG A 118 4.64 -3.27 -14.55
N ASN A 119 4.54 -1.94 -14.66
CA ASN A 119 5.63 -1.05 -14.26
C ASN A 119 5.24 0.41 -14.45
N ASP A 120 4.99 1.09 -13.34
CA ASP A 120 4.71 2.52 -13.35
C ASP A 120 5.77 3.21 -12.49
N MET A 121 5.38 4.24 -11.75
CA MET A 121 6.29 4.90 -10.83
C MET A 121 6.72 3.95 -9.72
N CYS A 122 5.86 2.99 -9.42
CA CYS A 122 6.12 2.04 -8.37
C CYS A 122 6.88 0.83 -8.87
N HIS A 123 8.20 0.87 -8.77
CA HIS A 123 9.00 -0.34 -8.87
C HIS A 123 9.03 -0.97 -7.50
N SER A 124 7.87 -1.47 -7.08
CA SER A 124 7.62 -1.90 -5.71
C SER A 124 8.08 -0.86 -4.69
N LEU A 125 7.30 0.21 -4.56
CA LEU A 125 7.56 1.21 -3.55
C LEU A 125 7.17 0.65 -2.20
N GLY A 126 8.00 0.88 -1.21
CA GLY A 126 7.85 0.19 0.04
C GLY A 126 7.36 1.11 1.13
N LEU A 127 6.34 0.66 1.82
CA LEU A 127 5.80 1.41 2.92
C LEU A 127 6.35 0.84 4.23
N THR A 128 6.60 1.69 5.20
CA THR A 128 7.17 1.26 6.46
C THR A 128 6.61 2.08 7.62
N CYS A 129 5.75 1.44 8.42
CA CYS A 129 4.92 2.12 9.42
C CYS A 129 5.71 3.12 10.26
N LEU A 130 5.41 4.38 9.99
CA LEU A 130 6.03 5.53 10.63
C LEU A 130 7.46 5.74 10.14
N GLU A 131 8.31 4.75 10.36
CA GLU A 131 9.70 4.81 9.95
C GLU A 131 10.32 3.41 9.93
N ARG A 22 -16.81 3.24 1.96
CA ARG A 22 -16.63 1.96 1.23
C ARG A 22 -15.20 1.48 1.43
N LEU A 23 -14.74 0.57 0.57
CA LEU A 23 -13.37 0.05 0.63
C LEU A 23 -12.36 1.20 0.58
N SER A 24 -11.87 1.58 1.75
CA SER A 24 -10.90 2.64 1.86
C SER A 24 -9.93 2.34 3.00
N TRP A 25 -8.66 2.72 2.85
CA TRP A 25 -7.67 2.37 3.86
C TRP A 25 -7.70 3.31 5.07
N TYR A 26 -8.79 4.07 5.19
CA TYR A 26 -9.01 4.90 6.37
C TYR A 26 -10.24 4.40 7.12
N ASP A 27 -10.74 3.25 6.70
CA ASP A 27 -11.92 2.64 7.31
C ASP A 27 -11.52 1.70 8.44
N PRO A 28 -12.20 1.78 9.59
CA PRO A 28 -11.88 0.95 10.77
C PRO A 28 -12.03 -0.55 10.53
N ASP A 29 -12.78 -0.92 9.51
CA ASP A 29 -13.00 -2.34 9.20
C ASP A 29 -12.03 -2.81 8.13
N PHE A 30 -11.54 -1.89 7.31
CA PHE A 30 -10.68 -2.24 6.20
C PHE A 30 -9.41 -2.91 6.70
N GLN A 31 -9.19 -4.13 6.25
CA GLN A 31 -8.05 -4.92 6.71
C GLN A 31 -6.88 -4.76 5.74
N ALA A 32 -5.79 -4.17 6.25
CA ALA A 32 -4.62 -3.91 5.43
C ALA A 32 -3.35 -3.97 6.27
N ARG A 33 -2.23 -4.31 5.64
CA ARG A 33 -0.94 -4.38 6.33
C ARG A 33 0.17 -4.70 5.36
N LEU A 34 1.38 -4.81 5.89
CA LEU A 34 2.56 -5.12 5.08
C LEU A 34 2.88 -6.61 5.17
N THR A 35 3.35 -7.17 4.06
CA THR A 35 3.60 -8.60 3.98
C THR A 35 4.94 -8.89 3.31
N ARG A 36 5.31 -10.17 3.27
CA ARG A 36 6.53 -10.67 2.61
C ARG A 36 7.81 -10.28 3.36
N SER A 37 7.91 -9.03 3.75
CA SER A 37 9.06 -8.55 4.50
C SER A 37 8.90 -8.90 5.98
N ASN A 38 7.77 -9.55 6.30
CA ASN A 38 7.45 -10.03 7.65
C ASN A 38 7.03 -8.88 8.57
N SER A 39 7.80 -7.82 8.58
CA SER A 39 7.53 -6.67 9.43
C SER A 39 6.17 -6.05 9.13
N LYS A 40 5.36 -5.91 10.16
CA LYS A 40 4.07 -5.27 10.02
C LYS A 40 4.25 -3.77 9.86
N CYS A 41 5.41 -3.29 10.29
CA CYS A 41 5.73 -1.87 10.17
C CYS A 41 6.72 -1.63 9.03
N GLN A 42 7.01 -2.67 8.25
CA GLN A 42 7.90 -2.54 7.10
C GLN A 42 7.67 -3.67 6.10
N GLY A 43 7.36 -3.34 4.85
CA GLY A 43 7.06 -4.37 3.88
C GLY A 43 6.18 -3.89 2.73
N GLN A 44 5.88 -4.79 1.80
CA GLN A 44 5.00 -4.48 0.68
C GLN A 44 3.55 -4.49 1.15
N LEU A 45 2.72 -3.62 0.59
CA LEU A 45 1.36 -3.45 1.07
C LEU A 45 0.41 -4.49 0.49
N GLU A 46 -0.28 -5.18 1.37
CA GLU A 46 -1.32 -6.10 0.98
C GLU A 46 -2.62 -5.63 1.61
N VAL A 47 -3.59 -5.30 0.78
CA VAL A 47 -4.85 -4.74 1.26
C VAL A 47 -6.03 -5.64 0.92
N TYR A 48 -6.77 -6.03 1.93
CA TYR A 48 -7.93 -6.88 1.76
C TYR A 48 -9.14 -6.04 1.39
N LEU A 49 -9.50 -6.06 0.11
CA LEU A 49 -10.60 -5.28 -0.37
C LEU A 49 -11.62 -6.16 -1.08
N LYS A 50 -12.84 -6.13 -0.55
CA LYS A 50 -13.96 -6.89 -1.12
C LYS A 50 -13.79 -8.38 -0.84
N ASP A 51 -12.59 -8.87 -1.09
CA ASP A 51 -12.28 -10.30 -1.03
C ASP A 51 -10.83 -10.57 -1.40
N GLY A 52 -10.28 -9.68 -2.21
CA GLY A 52 -8.91 -9.82 -2.64
C GLY A 52 -7.92 -9.19 -1.70
N TRP A 53 -7.01 -10.00 -1.17
CA TRP A 53 -5.82 -9.47 -0.55
C TRP A 53 -4.92 -8.93 -1.64
N HIS A 54 -5.25 -7.74 -2.11
CA HIS A 54 -4.59 -7.18 -3.27
C HIS A 54 -3.21 -6.66 -2.89
N MET A 55 -2.18 -7.22 -3.49
CA MET A 55 -0.81 -6.78 -3.28
C MET A 55 -0.53 -5.56 -4.15
N VAL A 56 -0.50 -4.38 -3.54
CA VAL A 56 -0.40 -3.14 -4.32
C VAL A 56 1.06 -2.75 -4.52
N CYS A 57 1.30 -1.84 -5.45
CA CYS A 57 2.65 -1.37 -5.71
C CYS A 57 2.88 -0.01 -5.03
N SER A 58 2.05 0.25 -4.02
CA SER A 58 2.20 1.41 -3.13
C SER A 58 1.76 2.73 -3.78
N GLN A 59 2.27 3.02 -4.97
CA GLN A 59 1.98 4.30 -5.61
C GLN A 59 0.67 4.27 -6.39
N SER A 60 -0.03 3.15 -6.28
CA SER A 60 -1.25 2.92 -7.04
C SER A 60 -2.30 4.02 -6.77
N TRP A 61 -3.36 4.04 -7.59
CA TRP A 61 -4.39 5.06 -7.53
C TRP A 61 -3.89 6.37 -8.13
N GLY A 62 -2.76 6.85 -7.65
CA GLY A 62 -2.17 8.04 -8.24
C GLY A 62 -1.23 8.74 -7.30
N ARG A 63 -0.16 8.07 -6.89
CA ARG A 63 0.85 8.69 -6.04
C ARG A 63 2.21 8.64 -6.72
N SER A 64 3.01 9.67 -6.52
CA SER A 64 4.36 9.71 -7.05
C SER A 64 5.27 10.38 -6.03
N SER A 65 5.29 9.81 -4.83
CA SER A 65 6.01 10.41 -3.72
C SER A 65 7.51 10.12 -3.82
N LYS A 66 8.31 11.13 -3.53
CA LYS A 66 9.76 10.99 -3.51
C LYS A 66 10.26 10.85 -2.08
N GLN A 67 9.38 10.34 -1.22
CA GLN A 67 9.67 10.17 0.20
C GLN A 67 9.77 11.51 0.91
N TRP A 68 8.63 11.97 1.40
CA TRP A 68 8.54 13.24 2.12
C TRP A 68 7.58 13.09 3.30
N GLU A 69 7.07 14.21 3.79
CA GLU A 69 6.05 14.20 4.83
C GLU A 69 4.71 13.77 4.24
N ASP A 70 4.62 13.87 2.91
CA ASP A 70 3.41 13.52 2.17
C ASP A 70 2.89 12.11 2.52
N PRO A 71 3.74 11.06 2.41
CA PRO A 71 3.40 9.67 2.81
C PRO A 71 2.62 9.58 4.12
N SER A 72 1.31 9.56 4.00
CA SER A 72 0.42 9.48 5.15
C SER A 72 -0.84 8.70 4.76
N GLN A 73 -2.00 9.21 5.17
CA GLN A 73 -3.31 8.65 4.83
C GLN A 73 -3.61 7.35 5.59
N ALA A 74 -2.77 6.34 5.41
CA ALA A 74 -3.00 5.02 6.00
C ALA A 74 -2.54 4.95 7.46
N SER A 75 -2.65 6.09 8.15
CA SER A 75 -2.24 6.17 9.53
C SER A 75 -3.06 5.24 10.42
N LYS A 76 -4.32 5.05 10.04
CA LYS A 76 -5.21 4.17 10.80
C LYS A 76 -4.73 2.72 10.68
N VAL A 77 -4.19 2.38 9.52
CA VAL A 77 -3.71 1.03 9.25
C VAL A 77 -2.55 0.67 10.17
N CYS A 78 -1.49 1.47 10.13
CA CYS A 78 -0.32 1.20 10.95
C CYS A 78 -0.61 1.43 12.43
N GLN A 79 -1.62 2.26 12.71
CA GLN A 79 -2.09 2.44 14.07
C GLN A 79 -2.62 1.11 14.61
N ARG A 80 -3.43 0.44 13.79
CA ARG A 80 -3.93 -0.90 14.12
C ARG A 80 -2.78 -1.89 14.28
N LEU A 81 -1.68 -1.62 13.58
CA LEU A 81 -0.51 -2.49 13.61
C LEU A 81 0.47 -2.05 14.69
N ASN A 82 0.03 -1.12 15.54
CA ASN A 82 0.83 -0.54 16.64
C ASN A 82 2.19 -0.03 16.15
N CYS A 83 2.27 0.33 14.87
CA CYS A 83 3.51 0.83 14.30
C CYS A 83 3.56 2.37 14.33
N GLY A 84 2.52 2.96 14.92
CA GLY A 84 2.48 4.40 15.12
C GLY A 84 1.94 5.14 13.92
N ASP A 85 2.79 5.91 13.28
CA ASP A 85 2.42 6.69 12.10
C ASP A 85 2.39 5.78 10.88
N PRO A 86 1.84 6.23 9.73
CA PRO A 86 1.72 5.36 8.58
C PRO A 86 3.00 5.16 7.83
N LEU A 87 3.06 4.00 7.23
CA LEU A 87 4.04 3.65 6.25
C LEU A 87 4.40 4.80 5.35
N SER A 88 5.64 5.19 5.46
CA SER A 88 6.22 6.16 4.57
C SER A 88 6.48 5.52 3.20
N LEU A 89 6.21 6.29 2.15
CA LEU A 89 6.34 5.81 0.78
C LEU A 89 7.75 6.01 0.27
N GLY A 90 8.25 5.01 -0.44
CA GLY A 90 9.58 5.10 -1.02
C GLY A 90 9.97 3.78 -1.65
N PRO A 91 10.95 3.77 -2.57
CA PRO A 91 11.38 2.53 -3.24
C PRO A 91 11.95 1.53 -2.24
N PHE A 92 11.29 0.39 -2.13
CA PHE A 92 11.68 -0.64 -1.18
C PHE A 92 12.32 -1.80 -1.93
N LEU A 93 12.66 -2.87 -1.22
CA LEU A 93 13.26 -4.04 -1.85
C LEU A 93 12.33 -4.62 -2.90
N LYS A 94 12.92 -5.18 -3.95
CA LYS A 94 12.16 -5.62 -5.11
C LYS A 94 11.62 -7.03 -4.92
N THR A 95 10.30 -7.15 -4.96
CA THR A 95 9.64 -8.44 -4.92
C THR A 95 8.17 -8.30 -5.35
N TYR A 96 7.98 -7.96 -6.62
CA TYR A 96 6.64 -7.81 -7.18
C TYR A 96 6.50 -8.67 -8.42
N THR A 97 5.26 -8.92 -8.82
CA THR A 97 4.97 -9.70 -10.01
C THR A 97 3.99 -8.97 -10.92
N PRO A 98 4.25 -8.97 -12.24
CA PRO A 98 3.43 -8.24 -13.21
C PRO A 98 2.11 -8.94 -13.52
N GLN A 99 1.48 -9.49 -12.50
CA GLN A 99 0.23 -10.23 -12.65
C GLN A 99 -0.40 -10.46 -11.29
N SER A 100 0.32 -11.14 -10.39
CA SER A 100 -0.15 -11.38 -9.05
C SER A 100 -0.20 -10.07 -8.25
N SER A 101 0.84 -9.25 -8.41
CA SER A 101 0.85 -7.93 -7.81
C SER A 101 0.03 -7.00 -8.70
N ILE A 102 -0.69 -6.07 -8.10
CA ILE A 102 -1.59 -5.22 -8.86
C ILE A 102 -1.25 -3.74 -8.69
N ILE A 103 -1.61 -2.97 -9.70
CA ILE A 103 -1.46 -1.53 -9.69
C ILE A 103 -2.85 -0.94 -9.90
N CYS A 104 -3.49 -0.51 -8.83
CA CYS A 104 -4.85 0.00 -8.92
C CYS A 104 -4.81 1.47 -9.32
N TYR A 105 -5.95 2.03 -9.70
CA TYR A 105 -6.01 3.43 -10.12
C TYR A 105 -7.24 4.11 -9.53
N GLY A 106 -7.45 5.36 -9.90
CA GLY A 106 -8.58 6.10 -9.39
C GLY A 106 -8.15 7.19 -8.44
N GLN A 107 -8.86 7.30 -7.34
CA GLN A 107 -8.51 8.26 -6.30
C GLN A 107 -8.01 7.53 -5.07
N LEU A 108 -6.86 7.96 -4.56
CA LEU A 108 -6.27 7.35 -3.36
C LEU A 108 -7.30 7.32 -2.23
N GLY A 109 -7.85 6.14 -1.97
CA GLY A 109 -8.90 6.01 -1.00
C GLY A 109 -9.99 5.07 -1.47
N SER A 110 -10.28 5.09 -2.76
CA SER A 110 -11.32 4.25 -3.33
C SER A 110 -10.75 2.92 -3.81
N PHE A 111 -10.73 1.94 -2.91
CA PHE A 111 -10.17 0.62 -3.21
C PHE A 111 -11.20 -0.26 -3.91
N SER A 112 -12.09 0.37 -4.66
CA SER A 112 -13.18 -0.35 -5.30
C SER A 112 -12.79 -0.81 -6.71
N ASN A 113 -11.59 -0.47 -7.14
CA ASN A 113 -11.12 -0.84 -8.48
C ASN A 113 -9.62 -1.11 -8.45
N CYS A 114 -9.11 -1.78 -9.48
CA CYS A 114 -7.70 -2.10 -9.57
C CYS A 114 -7.40 -2.83 -10.89
N SER A 115 -6.13 -3.08 -11.16
CA SER A 115 -5.70 -3.75 -12.37
C SER A 115 -4.34 -4.40 -12.14
N HIS A 116 -3.93 -5.31 -13.02
CA HIS A 116 -2.67 -6.03 -12.84
C HIS A 116 -1.48 -5.08 -12.93
N SER A 117 -0.36 -5.47 -12.32
CA SER A 117 0.85 -4.66 -12.35
C SER A 117 1.32 -4.43 -13.79
N ARG A 118 1.20 -3.18 -14.24
CA ARG A 118 1.61 -2.80 -15.57
C ARG A 118 3.09 -2.40 -15.59
N ASN A 119 3.67 -2.38 -14.39
CA ASN A 119 5.02 -1.84 -14.17
C ASN A 119 5.05 -0.37 -14.57
N ASP A 120 4.44 0.45 -13.73
CA ASP A 120 4.33 1.88 -14.00
C ASP A 120 4.69 2.68 -12.76
N MET A 121 5.85 3.33 -12.80
CA MET A 121 6.38 4.10 -11.69
C MET A 121 6.84 3.21 -10.53
N CYS A 122 5.97 2.32 -10.07
CA CYS A 122 6.31 1.43 -8.97
C CYS A 122 7.21 0.31 -9.44
N HIS A 123 8.52 0.60 -9.49
CA HIS A 123 9.53 -0.42 -9.74
C HIS A 123 9.48 -1.43 -8.60
N SER A 124 9.62 -0.90 -7.40
CA SER A 124 9.47 -1.67 -6.19
C SER A 124 9.09 -0.74 -5.06
N LEU A 125 8.30 0.28 -5.37
CA LEU A 125 7.89 1.27 -4.38
C LEU A 125 7.13 0.57 -3.26
N GLY A 126 7.50 0.89 -2.04
CA GLY A 126 6.96 0.21 -0.90
C GLY A 126 6.49 1.18 0.16
N LEU A 127 6.36 0.66 1.36
CA LEU A 127 5.76 1.36 2.45
C LEU A 127 6.34 0.84 3.75
N THR A 128 6.49 1.70 4.71
CA THR A 128 7.10 1.33 5.98
C THR A 128 6.51 2.15 7.12
N CYS A 129 5.60 1.53 7.88
CA CYS A 129 4.79 2.21 8.90
C CYS A 129 5.64 3.11 9.77
N LEU A 130 5.40 4.38 9.59
CA LEU A 130 6.08 5.47 10.25
C LEU A 130 7.46 5.66 9.61
N GLU A 131 8.42 4.84 10.02
CA GLU A 131 9.77 4.89 9.45
C GLU A 131 10.51 3.59 9.75
N ARG A 22 -16.89 1.87 3.57
CA ARG A 22 -16.41 2.03 2.18
C ARG A 22 -15.04 1.39 2.02
N LEU A 23 -14.65 1.11 0.79
CA LEU A 23 -13.32 0.56 0.52
C LEU A 23 -12.27 1.67 0.63
N SER A 24 -11.81 1.92 1.83
CA SER A 24 -10.79 2.92 2.10
C SER A 24 -9.88 2.46 3.22
N TRP A 25 -8.59 2.78 3.15
CA TRP A 25 -7.62 2.25 4.11
C TRP A 25 -7.69 2.94 5.48
N TYR A 26 -8.84 3.53 5.77
CA TYR A 26 -9.09 4.09 7.10
C TYR A 26 -10.48 3.70 7.58
N ASP A 27 -11.10 2.77 6.84
CA ASP A 27 -12.46 2.33 7.13
C ASP A 27 -12.44 1.23 8.20
N PRO A 28 -13.41 1.25 9.12
CA PRO A 28 -13.51 0.26 10.21
C PRO A 28 -13.67 -1.18 9.70
N ASP A 29 -14.14 -1.34 8.47
CA ASP A 29 -14.38 -2.67 7.91
C ASP A 29 -13.35 -2.99 6.83
N PHE A 30 -12.25 -2.27 6.83
CA PHE A 30 -11.20 -2.46 5.85
C PHE A 30 -9.95 -3.05 6.50
N GLN A 31 -9.50 -4.18 5.97
CA GLN A 31 -8.29 -4.83 6.48
C GLN A 31 -7.09 -4.44 5.63
N ALA A 32 -5.98 -4.09 6.28
CA ALA A 32 -4.77 -3.69 5.56
C ALA A 32 -3.54 -3.94 6.41
N ARG A 33 -2.43 -4.26 5.76
CA ARG A 33 -1.15 -4.50 6.43
C ARG A 33 -0.06 -4.77 5.40
N LEU A 34 1.15 -5.03 5.86
CA LEU A 34 2.24 -5.35 4.95
C LEU A 34 2.44 -6.87 4.88
N THR A 35 3.14 -7.31 3.86
CA THR A 35 3.32 -8.72 3.60
C THR A 35 4.72 -9.20 3.99
N ARG A 36 5.10 -10.40 3.53
CA ARG A 36 6.37 -11.02 3.88
C ARG A 36 7.55 -10.35 3.18
N SER A 37 7.59 -9.03 3.24
CA SER A 37 8.68 -8.26 2.66
C SER A 37 9.81 -8.13 3.67
N ASN A 38 9.46 -7.70 4.88
CA ASN A 38 10.44 -7.49 5.92
C ASN A 38 9.80 -7.69 7.28
N SER A 39 8.77 -6.92 7.56
CA SER A 39 8.09 -6.98 8.84
C SER A 39 6.71 -6.34 8.76
N LYS A 40 6.00 -6.33 9.87
CA LYS A 40 4.66 -5.76 9.94
C LYS A 40 4.72 -4.24 9.81
N CYS A 41 5.88 -3.67 10.12
CA CYS A 41 6.05 -2.24 10.07
C CYS A 41 6.93 -1.82 8.89
N GLN A 42 7.25 -2.77 8.00
CA GLN A 42 7.99 -2.48 6.79
C GLN A 42 7.75 -3.58 5.74
N GLY A 43 7.27 -3.19 4.56
CA GLY A 43 6.94 -4.17 3.55
C GLY A 43 5.98 -3.64 2.51
N GLN A 44 5.66 -4.46 1.51
CA GLN A 44 4.67 -4.09 0.51
C GLN A 44 3.27 -4.20 1.09
N LEU A 45 2.43 -3.24 0.71
CA LEU A 45 1.09 -3.13 1.29
C LEU A 45 0.12 -4.11 0.63
N GLU A 46 -0.49 -4.95 1.45
CA GLU A 46 -1.56 -5.82 1.01
C GLU A 46 -2.86 -5.36 1.65
N VAL A 47 -3.81 -4.96 0.82
CA VAL A 47 -5.06 -4.41 1.31
C VAL A 47 -6.24 -5.26 0.87
N TYR A 48 -7.19 -5.43 1.77
CA TYR A 48 -8.35 -6.25 1.52
C TYR A 48 -9.52 -5.40 1.05
N LEU A 49 -9.71 -5.34 -0.26
CA LEU A 49 -10.79 -4.54 -0.83
C LEU A 49 -11.53 -5.29 -1.91
N LYS A 50 -12.85 -5.09 -1.93
CA LYS A 50 -13.75 -5.78 -2.85
C LYS A 50 -13.86 -7.26 -2.46
N ASP A 51 -12.71 -7.85 -2.17
CA ASP A 51 -12.57 -9.27 -1.83
C ASP A 51 -11.12 -9.69 -2.05
N GLY A 52 -10.42 -8.92 -2.87
CA GLY A 52 -9.04 -9.20 -3.17
C GLY A 52 -8.10 -8.65 -2.13
N TRP A 53 -7.36 -9.55 -1.48
CA TRP A 53 -6.18 -9.13 -0.74
C TRP A 53 -5.14 -8.69 -1.76
N HIS A 54 -5.24 -7.44 -2.15
CA HIS A 54 -4.46 -6.93 -3.25
C HIS A 54 -3.11 -6.42 -2.77
N MET A 55 -2.04 -6.99 -3.30
CA MET A 55 -0.70 -6.51 -3.00
C MET A 55 -0.39 -5.32 -3.88
N VAL A 56 -0.48 -4.12 -3.34
CA VAL A 56 -0.34 -2.92 -4.15
C VAL A 56 1.12 -2.63 -4.42
N CYS A 57 1.38 -1.68 -5.31
CA CYS A 57 2.74 -1.29 -5.59
C CYS A 57 3.04 0.07 -4.95
N SER A 58 2.23 0.40 -3.94
CA SER A 58 2.40 1.57 -3.07
C SER A 58 2.17 2.91 -3.80
N GLN A 59 2.80 3.11 -4.95
CA GLN A 59 2.65 4.37 -5.68
C GLN A 59 1.31 4.43 -6.38
N SER A 60 0.54 3.36 -6.27
CA SER A 60 -0.79 3.32 -6.83
C SER A 60 -1.65 4.46 -6.26
N TRP A 61 -2.73 4.80 -6.96
CA TRP A 61 -3.63 5.89 -6.56
C TRP A 61 -2.96 7.26 -6.76
N GLY A 62 -2.10 7.62 -5.83
CA GLY A 62 -1.52 8.96 -5.82
C GLY A 62 -0.41 9.15 -6.84
N ARG A 63 0.06 8.04 -7.41
CA ARG A 63 1.17 8.08 -8.38
C ARG A 63 2.43 8.63 -7.73
N SER A 64 2.61 8.27 -6.47
CA SER A 64 3.71 8.77 -5.66
C SER A 64 5.05 8.25 -6.17
N SER A 65 5.79 9.12 -6.86
CA SER A 65 7.13 8.79 -7.30
C SER A 65 8.12 8.99 -6.16
N LYS A 66 7.70 9.80 -5.19
CA LYS A 66 8.53 10.17 -4.05
C LYS A 66 7.73 10.04 -2.76
N GLN A 67 8.38 10.34 -1.65
CA GLN A 67 7.73 10.24 -0.34
C GLN A 67 6.62 11.28 -0.21
N TRP A 68 6.88 12.46 -0.77
CA TRP A 68 5.98 13.61 -0.71
C TRP A 68 5.83 14.14 0.71
N GLU A 69 4.83 14.98 0.92
CA GLU A 69 4.62 15.61 2.22
C GLU A 69 3.71 14.74 3.08
N ASP A 70 2.86 13.96 2.45
CA ASP A 70 1.99 13.03 3.15
C ASP A 70 1.94 11.70 2.39
N PRO A 71 2.61 10.67 2.94
CA PRO A 71 2.76 9.38 2.26
C PRO A 71 1.48 8.55 2.23
N SER A 72 0.76 8.48 3.34
CA SER A 72 -0.37 7.58 3.43
C SER A 72 -1.32 8.00 4.54
N GLN A 73 -2.61 7.94 4.22
CA GLN A 73 -3.67 8.20 5.18
C GLN A 73 -3.95 6.96 6.02
N ALA A 74 -2.96 6.09 6.14
CA ALA A 74 -3.15 4.77 6.73
C ALA A 74 -2.64 4.71 8.17
N SER A 75 -2.77 5.82 8.90
CA SER A 75 -2.36 5.87 10.29
C SER A 75 -3.10 4.80 11.09
N LYS A 76 -4.38 4.61 10.77
CA LYS A 76 -5.19 3.58 11.39
C LYS A 76 -4.57 2.20 11.20
N VAL A 77 -4.12 1.94 9.98
CA VAL A 77 -3.58 0.65 9.61
C VAL A 77 -2.39 0.26 10.48
N CYS A 78 -1.34 1.06 10.45
CA CYS A 78 -0.12 0.72 11.17
C CYS A 78 -0.31 0.88 12.67
N GLN A 79 -1.26 1.71 13.09
CA GLN A 79 -1.58 1.83 14.50
C GLN A 79 -2.18 0.52 15.02
N ARG A 80 -3.01 -0.11 14.19
CA ARG A 80 -3.58 -1.40 14.51
C ARG A 80 -2.49 -2.48 14.45
N LEU A 81 -1.42 -2.19 13.73
CA LEU A 81 -0.27 -3.09 13.64
C LEU A 81 0.76 -2.74 14.69
N ASN A 82 0.36 -1.85 15.62
CA ASN A 82 1.23 -1.35 16.70
C ASN A 82 2.60 -0.92 16.18
N CYS A 83 2.63 -0.39 14.96
CA CYS A 83 3.85 0.10 14.35
C CYS A 83 3.90 1.62 14.38
N GLY A 84 2.88 2.21 14.99
CA GLY A 84 2.86 3.65 15.17
C GLY A 84 2.11 4.37 14.08
N ASP A 85 2.78 5.35 13.47
CA ASP A 85 2.20 6.14 12.40
C ASP A 85 2.28 5.35 11.10
N PRO A 86 1.65 5.81 10.00
CA PRO A 86 1.59 5.02 8.79
C PRO A 86 2.89 4.94 8.03
N LEU A 87 3.02 3.81 7.37
CA LEU A 87 4.01 3.56 6.38
C LEU A 87 4.34 4.79 5.55
N SER A 88 5.56 5.23 5.72
CA SER A 88 6.13 6.27 4.89
C SER A 88 6.43 5.70 3.50
N LEU A 89 6.48 6.56 2.50
CA LEU A 89 6.64 6.12 1.12
C LEU A 89 8.09 6.22 0.65
N GLY A 90 8.50 5.26 -0.15
CA GLY A 90 9.82 5.28 -0.73
C GLY A 90 10.10 4.01 -1.49
N PRO A 91 10.98 4.04 -2.51
CA PRO A 91 11.25 2.86 -3.35
C PRO A 91 11.92 1.73 -2.57
N PHE A 92 11.31 0.56 -2.63
CA PHE A 92 11.84 -0.62 -1.98
C PHE A 92 12.48 -1.53 -3.03
N LEU A 93 13.22 -2.53 -2.61
CA LEU A 93 13.97 -3.36 -3.56
C LEU A 93 13.62 -4.83 -3.43
N LYS A 94 12.43 -5.12 -2.93
CA LYS A 94 12.01 -6.51 -2.74
C LYS A 94 10.49 -6.62 -2.62
N THR A 95 9.97 -7.73 -3.15
CA THR A 95 8.53 -8.01 -3.14
C THR A 95 7.79 -7.17 -4.18
N TYR A 96 7.56 -7.77 -5.34
CA TYR A 96 6.75 -7.17 -6.40
C TYR A 96 6.63 -8.17 -7.53
N THR A 97 5.43 -8.67 -7.76
CA THR A 97 5.22 -9.71 -8.74
C THR A 97 4.10 -9.34 -9.70
N PRO A 98 4.39 -9.30 -11.00
CA PRO A 98 3.42 -8.96 -12.06
C PRO A 98 2.33 -10.02 -12.23
N GLN A 99 1.56 -10.21 -11.17
CA GLN A 99 0.45 -11.16 -11.15
C GLN A 99 -0.23 -11.10 -9.79
N SER A 100 0.56 -11.26 -8.74
CA SER A 100 0.06 -11.17 -7.38
C SER A 100 0.01 -9.72 -6.92
N SER A 101 0.99 -8.93 -7.35
CA SER A 101 0.98 -7.51 -7.06
C SER A 101 0.20 -6.78 -8.14
N ILE A 102 -0.38 -5.65 -7.78
CA ILE A 102 -1.19 -4.87 -8.72
C ILE A 102 -0.94 -3.38 -8.58
N ILE A 103 -1.48 -2.62 -9.52
CA ILE A 103 -1.45 -1.17 -9.48
C ILE A 103 -2.89 -0.67 -9.61
N CYS A 104 -3.45 -0.10 -8.56
CA CYS A 104 -4.88 0.17 -8.56
C CYS A 104 -5.25 1.46 -9.27
N TYR A 105 -4.50 2.53 -8.98
CA TYR A 105 -4.83 3.88 -9.47
C TYR A 105 -6.11 4.40 -8.84
N GLY A 106 -6.50 5.61 -9.22
CA GLY A 106 -7.68 6.23 -8.64
C GLY A 106 -7.29 7.29 -7.64
N GLN A 107 -8.27 7.84 -6.94
CA GLN A 107 -8.00 8.83 -5.92
C GLN A 107 -7.55 8.16 -4.63
N LEU A 108 -6.45 8.64 -4.08
CA LEU A 108 -5.88 8.06 -2.87
C LEU A 108 -6.91 8.00 -1.75
N GLY A 109 -7.16 6.79 -1.25
CA GLY A 109 -8.19 6.62 -0.24
C GLY A 109 -9.35 5.79 -0.78
N SER A 110 -9.58 5.88 -2.08
CA SER A 110 -10.65 5.13 -2.71
C SER A 110 -10.12 3.80 -3.27
N PHE A 111 -10.21 2.77 -2.45
CA PHE A 111 -9.73 1.44 -2.80
C PHE A 111 -10.87 0.63 -3.42
N SER A 112 -11.57 1.23 -4.36
CA SER A 112 -12.74 0.61 -4.95
C SER A 112 -12.37 -0.54 -5.91
N ASN A 113 -11.25 -0.39 -6.61
CA ASN A 113 -10.81 -1.40 -7.57
C ASN A 113 -9.36 -1.15 -7.97
N CYS A 114 -8.75 -2.08 -8.71
CA CYS A 114 -7.36 -1.95 -9.10
C CYS A 114 -7.13 -2.40 -10.56
N SER A 115 -5.88 -2.33 -11.01
CA SER A 115 -5.48 -2.82 -12.32
C SER A 115 -4.25 -3.70 -12.17
N HIS A 116 -3.82 -4.34 -13.24
CA HIS A 116 -2.70 -5.28 -13.17
C HIS A 116 -1.35 -4.58 -13.24
N SER A 117 -0.33 -5.25 -12.74
CA SER A 117 1.00 -4.67 -12.59
C SER A 117 1.84 -4.82 -13.87
N ARG A 118 1.39 -4.17 -14.94
CA ARG A 118 2.17 -4.14 -16.18
C ARG A 118 2.69 -2.74 -16.45
N ASN A 119 2.74 -1.94 -15.39
CA ASN A 119 3.30 -0.60 -15.47
C ASN A 119 4.51 -0.52 -14.55
N ASP A 120 5.68 -0.27 -15.13
CA ASP A 120 6.93 -0.31 -14.38
C ASP A 120 7.17 0.97 -13.60
N MET A 121 6.12 1.77 -13.45
CA MET A 121 6.21 3.00 -12.66
C MET A 121 6.58 2.67 -11.22
N CYS A 122 5.97 1.63 -10.68
CA CYS A 122 6.33 1.17 -9.35
C CYS A 122 7.28 -0.02 -9.39
N HIS A 123 8.58 0.28 -9.42
CA HIS A 123 9.61 -0.74 -9.25
C HIS A 123 9.69 -1.12 -7.77
N SER A 124 8.68 -1.82 -7.31
CA SER A 124 8.56 -2.21 -5.90
C SER A 124 8.60 -0.97 -5.00
N LEU A 125 7.85 0.08 -5.38
CA LEU A 125 7.66 1.21 -4.49
C LEU A 125 7.09 0.70 -3.19
N GLY A 126 7.58 1.20 -2.07
CA GLY A 126 7.29 0.54 -0.81
C GLY A 126 6.68 1.46 0.21
N LEU A 127 6.39 0.87 1.35
CA LEU A 127 5.73 1.54 2.44
C LEU A 127 6.27 0.93 3.73
N THR A 128 6.45 1.75 4.72
CA THR A 128 7.06 1.30 5.95
C THR A 128 6.49 2.08 7.14
N CYS A 129 5.63 1.39 7.91
CA CYS A 129 4.83 2.01 8.98
C CYS A 129 5.65 2.94 9.86
N LEU A 130 5.42 4.22 9.64
CA LEU A 130 6.09 5.31 10.32
C LEU A 130 7.54 5.45 9.87
N GLU A 131 8.35 4.44 10.17
CA GLU A 131 9.76 4.45 9.83
C GLU A 131 10.37 3.06 10.05
N ARG A 22 -16.77 4.04 0.47
CA ARG A 22 -15.93 3.02 -0.17
C ARG A 22 -14.72 2.70 0.69
N LEU A 23 -14.02 1.64 0.36
CA LEU A 23 -12.84 1.22 1.10
C LEU A 23 -11.74 2.26 0.97
N SER A 24 -11.03 2.51 2.06
CA SER A 24 -9.95 3.49 2.07
C SER A 24 -8.83 3.02 2.98
N TRP A 25 -7.59 3.45 2.71
CA TRP A 25 -6.45 3.02 3.52
C TRP A 25 -6.34 3.86 4.80
N TYR A 26 -7.42 4.54 5.14
CA TYR A 26 -7.53 5.24 6.41
C TYR A 26 -8.85 4.87 7.09
N ASP A 27 -9.38 3.72 6.68
CA ASP A 27 -10.63 3.21 7.24
C ASP A 27 -10.34 2.25 8.39
N PRO A 28 -11.03 2.42 9.53
CA PRO A 28 -10.77 1.62 10.74
C PRO A 28 -11.12 0.13 10.59
N ASP A 29 -11.98 -0.19 9.64
CA ASP A 29 -12.41 -1.56 9.44
C ASP A 29 -11.73 -2.17 8.22
N PHE A 30 -10.97 -1.35 7.51
CA PHE A 30 -10.28 -1.79 6.31
C PHE A 30 -9.06 -2.61 6.67
N GLN A 31 -8.80 -3.65 5.89
CA GLN A 31 -7.67 -4.52 6.13
C GLN A 31 -6.52 -4.17 5.20
N ALA A 32 -5.43 -3.71 5.80
CA ALA A 32 -4.24 -3.35 5.05
C ALA A 32 -3.02 -3.55 5.93
N ARG A 33 -1.88 -3.81 5.30
CA ARG A 33 -0.66 -4.06 6.05
C ARG A 33 0.52 -4.23 5.11
N LEU A 34 1.67 -4.52 5.69
CA LEU A 34 2.89 -4.74 4.94
C LEU A 34 3.28 -6.21 4.97
N THR A 35 3.69 -6.73 3.82
CA THR A 35 4.11 -8.11 3.74
C THR A 35 5.44 -8.22 3.00
N ARG A 36 5.86 -9.47 2.78
CA ARG A 36 7.09 -9.78 2.04
C ARG A 36 8.34 -9.46 2.85
N SER A 37 8.15 -9.10 4.11
CA SER A 37 9.28 -8.74 4.97
C SER A 37 9.00 -9.16 6.42
N ASN A 38 7.86 -9.84 6.64
CA ASN A 38 7.43 -10.28 7.98
C ASN A 38 7.00 -9.10 8.85
N SER A 39 7.73 -8.01 8.80
CA SER A 39 7.41 -6.81 9.53
C SER A 39 6.11 -6.18 9.03
N LYS A 40 5.11 -6.17 9.90
CA LYS A 40 3.83 -5.57 9.58
C LYS A 40 3.94 -4.05 9.61
N CYS A 41 5.02 -3.56 10.22
CA CYS A 41 5.27 -2.13 10.28
C CYS A 41 6.43 -1.75 9.36
N GLN A 42 6.87 -2.69 8.51
CA GLN A 42 7.84 -2.37 7.45
C GLN A 42 7.78 -3.43 6.34
N GLY A 43 7.53 -2.99 5.11
CA GLY A 43 7.34 -3.94 4.02
C GLY A 43 6.53 -3.36 2.87
N GLN A 44 6.29 -4.16 1.85
CA GLN A 44 5.48 -3.72 0.72
C GLN A 44 4.00 -3.73 1.10
N LEU A 45 3.24 -2.77 0.56
CA LEU A 45 1.83 -2.64 0.90
C LEU A 45 1.01 -3.78 0.31
N GLU A 46 0.19 -4.38 1.15
CA GLU A 46 -0.74 -5.41 0.74
C GLU A 46 -2.11 -5.09 1.31
N VAL A 47 -3.08 -4.86 0.44
CA VAL A 47 -4.41 -4.42 0.86
C VAL A 47 -5.49 -5.40 0.44
N TYR A 48 -6.43 -5.66 1.34
CA TYR A 48 -7.47 -6.64 1.10
C TYR A 48 -8.74 -5.98 0.56
N LEU A 49 -9.03 -6.25 -0.71
CA LEU A 49 -10.24 -5.74 -1.34
C LEU A 49 -10.62 -6.60 -2.52
N LYS A 50 -11.91 -6.70 -2.77
CA LYS A 50 -12.45 -7.62 -3.77
C LYS A 50 -11.91 -9.02 -3.49
N ASP A 51 -11.72 -9.29 -2.19
CA ASP A 51 -11.29 -10.60 -1.65
C ASP A 51 -9.90 -10.97 -2.14
N GLY A 52 -9.22 -9.99 -2.72
CA GLY A 52 -7.85 -10.16 -3.11
C GLY A 52 -6.91 -9.50 -2.13
N TRP A 53 -6.04 -10.29 -1.51
CA TRP A 53 -4.94 -9.72 -0.77
C TRP A 53 -3.98 -9.11 -1.76
N HIS A 54 -4.31 -7.91 -2.18
CA HIS A 54 -3.67 -7.30 -3.30
C HIS A 54 -2.38 -6.62 -2.88
N MET A 55 -1.27 -7.34 -2.96
CA MET A 55 0.03 -6.74 -2.71
C MET A 55 0.33 -5.74 -3.82
N VAL A 56 0.23 -4.47 -3.46
CA VAL A 56 0.25 -3.40 -4.43
C VAL A 56 1.60 -2.69 -4.42
N CYS A 57 1.87 -1.89 -5.45
CA CYS A 57 3.13 -1.18 -5.51
C CYS A 57 3.06 0.22 -4.88
N SER A 58 2.09 0.40 -3.97
CA SER A 58 2.01 1.62 -3.13
C SER A 58 1.58 2.86 -3.93
N GLN A 59 2.38 3.25 -4.93
CA GLN A 59 2.16 4.50 -5.66
C GLN A 59 0.92 4.44 -6.55
N SER A 60 0.20 3.35 -6.46
CA SER A 60 -1.05 3.21 -7.18
C SER A 60 -2.06 4.24 -6.68
N TRP A 61 -3.22 4.34 -7.36
CA TRP A 61 -4.27 5.28 -6.99
C TRP A 61 -3.87 6.74 -7.26
N GLY A 62 -3.09 7.30 -6.34
CA GLY A 62 -2.78 8.71 -6.39
C GLY A 62 -1.61 9.04 -7.29
N ARG A 63 -0.70 8.09 -7.47
CA ARG A 63 0.47 8.27 -8.34
C ARG A 63 1.40 9.37 -7.80
N SER A 64 1.21 9.70 -6.51
CA SER A 64 1.96 10.79 -5.88
C SER A 64 3.47 10.60 -6.02
N SER A 65 3.96 9.42 -5.63
CA SER A 65 5.37 9.08 -5.75
C SER A 65 6.25 10.02 -4.92
N LYS A 66 5.69 10.54 -3.84
CA LYS A 66 6.42 11.43 -2.96
C LYS A 66 7.03 10.64 -1.81
N GLN A 67 8.34 10.63 -1.74
CA GLN A 67 9.06 9.84 -0.74
C GLN A 67 9.20 10.59 0.58
N TRP A 68 8.66 9.98 1.63
CA TRP A 68 8.80 10.48 3.00
C TRP A 68 8.18 11.86 3.22
N GLU A 69 8.30 12.35 4.45
CA GLU A 69 7.81 13.68 4.85
C GLU A 69 6.28 13.77 4.87
N ASP A 70 5.65 13.68 3.71
CA ASP A 70 4.21 13.92 3.60
C ASP A 70 3.38 12.65 3.83
N PRO A 71 3.63 11.54 3.08
CA PRO A 71 2.91 10.26 3.23
C PRO A 71 2.54 9.90 4.67
N SER A 72 1.32 10.23 5.04
CA SER A 72 0.80 9.87 6.36
C SER A 72 -0.71 9.64 6.32
N GLN A 73 -1.22 9.33 5.13
CA GLN A 73 -2.67 9.23 4.92
C GLN A 73 -3.20 7.83 5.25
N ALA A 74 -2.47 7.09 6.09
CA ALA A 74 -2.83 5.71 6.38
C ALA A 74 -2.66 5.41 7.87
N SER A 75 -2.77 6.44 8.68
CA SER A 75 -2.60 6.33 10.13
C SER A 75 -3.46 5.21 10.70
N LYS A 76 -4.66 5.08 10.17
CA LYS A 76 -5.63 4.16 10.73
C LYS A 76 -5.25 2.69 10.51
N VAL A 77 -4.65 2.38 9.35
CA VAL A 77 -4.32 1.00 9.06
C VAL A 77 -3.11 0.53 9.86
N CYS A 78 -2.11 1.38 10.02
CA CYS A 78 -0.95 1.00 10.83
C CYS A 78 -1.29 1.07 12.31
N GLN A 79 -2.23 1.92 12.67
CA GLN A 79 -2.77 1.94 14.02
C GLN A 79 -3.52 0.64 14.28
N ARG A 80 -4.18 0.14 13.24
CA ARG A 80 -4.85 -1.15 13.29
C ARG A 80 -3.82 -2.27 13.46
N LEU A 81 -2.62 -2.02 12.97
CA LEU A 81 -1.52 -2.98 13.08
C LEU A 81 -0.70 -2.72 14.33
N ASN A 82 -1.21 -1.83 15.19
CA ASN A 82 -0.52 -1.35 16.39
C ASN A 82 0.95 -1.05 16.12
N CYS A 83 1.19 -0.43 14.97
CA CYS A 83 2.53 0.04 14.59
C CYS A 83 2.64 1.55 14.85
N GLY A 84 1.49 2.18 15.10
CA GLY A 84 1.47 3.59 15.42
C GLY A 84 1.02 4.44 14.24
N ASP A 85 1.90 5.31 13.78
CA ASP A 85 1.61 6.18 12.65
C ASP A 85 1.76 5.39 11.36
N PRO A 86 1.37 5.93 10.20
CA PRO A 86 1.39 5.17 8.97
C PRO A 86 2.77 4.99 8.38
N LEU A 87 2.86 3.89 7.68
CA LEU A 87 3.94 3.58 6.79
C LEU A 87 4.45 4.79 6.03
N SER A 88 5.67 5.12 6.35
CA SER A 88 6.44 6.09 5.59
C SER A 88 6.61 5.55 4.17
N LEU A 89 6.24 6.36 3.18
CA LEU A 89 6.22 5.92 1.80
C LEU A 89 7.52 6.26 1.09
N GLY A 90 8.09 5.27 0.44
CA GLY A 90 9.32 5.46 -0.30
C GLY A 90 9.44 4.41 -1.39
N PRO A 91 10.65 3.98 -1.77
CA PRO A 91 10.84 2.84 -2.65
C PRO A 91 11.14 1.55 -1.86
N PHE A 92 10.70 0.41 -2.39
CA PHE A 92 10.94 -0.86 -1.70
C PHE A 92 12.06 -1.63 -2.41
N LEU A 93 12.64 -2.61 -1.73
CA LEU A 93 13.80 -3.33 -2.25
C LEU A 93 13.39 -4.63 -2.93
N LYS A 94 12.10 -4.80 -3.20
CA LYS A 94 11.61 -5.99 -3.88
C LYS A 94 10.74 -5.62 -5.07
N THR A 95 10.71 -6.51 -6.05
CA THR A 95 9.99 -6.25 -7.29
C THR A 95 8.59 -6.86 -7.22
N TYR A 96 7.60 -6.12 -7.70
CA TYR A 96 6.23 -6.62 -7.75
C TYR A 96 6.10 -7.66 -8.85
N THR A 97 5.20 -8.60 -8.67
CA THR A 97 5.06 -9.70 -9.61
C THR A 97 3.79 -9.54 -10.44
N PRO A 98 3.93 -9.66 -11.77
CA PRO A 98 2.83 -9.53 -12.73
C PRO A 98 1.81 -10.67 -12.65
N GLN A 99 1.33 -10.91 -11.43
CA GLN A 99 0.36 -11.96 -11.17
C GLN A 99 -0.24 -11.76 -9.78
N SER A 100 0.60 -11.91 -8.76
CA SER A 100 0.15 -11.77 -7.39
C SER A 100 0.16 -10.31 -6.96
N SER A 101 1.07 -9.53 -7.52
CA SER A 101 1.13 -8.10 -7.23
C SER A 101 0.31 -7.33 -8.25
N ILE A 102 -0.09 -6.12 -7.91
CA ILE A 102 -0.91 -5.32 -8.81
C ILE A 102 -0.63 -3.83 -8.67
N ILE A 103 -1.16 -3.07 -9.62
CA ILE A 103 -1.22 -1.62 -9.53
C ILE A 103 -2.70 -1.25 -9.44
N CYS A 104 -3.12 -0.46 -8.48
CA CYS A 104 -4.51 -0.04 -8.48
C CYS A 104 -4.63 1.41 -8.97
N TYR A 105 -5.86 1.84 -9.26
CA TYR A 105 -6.08 3.18 -9.78
C TYR A 105 -7.38 3.75 -9.24
N GLY A 106 -7.74 4.93 -9.74
CA GLY A 106 -8.90 5.61 -9.26
C GLY A 106 -8.56 6.92 -8.62
N GLN A 107 -9.05 7.13 -7.42
CA GLN A 107 -8.73 8.30 -6.64
C GLN A 107 -7.91 7.90 -5.42
N LEU A 108 -6.95 8.73 -5.03
CA LEU A 108 -6.13 8.45 -3.86
C LEU A 108 -7.03 8.29 -2.62
N GLY A 109 -6.99 7.11 -2.04
CA GLY A 109 -7.82 6.85 -0.88
C GLY A 109 -8.99 5.94 -1.19
N SER A 110 -9.35 5.85 -2.46
CA SER A 110 -10.47 5.02 -2.87
C SER A 110 -9.99 3.64 -3.32
N PHE A 111 -9.95 2.72 -2.37
CA PHE A 111 -9.46 1.37 -2.63
C PHE A 111 -10.59 0.46 -3.10
N SER A 112 -11.20 0.84 -4.21
CA SER A 112 -12.30 0.08 -4.76
C SER A 112 -11.90 -0.63 -6.05
N ASN A 113 -10.99 -0.03 -6.80
CA ASN A 113 -10.61 -0.56 -8.11
C ASN A 113 -9.10 -0.72 -8.23
N CYS A 114 -8.69 -1.76 -8.95
CA CYS A 114 -7.27 -1.99 -9.23
C CYS A 114 -7.10 -2.46 -10.68
N SER A 115 -5.87 -2.80 -11.04
CA SER A 115 -5.57 -3.36 -12.35
C SER A 115 -4.43 -4.38 -12.24
N HIS A 116 -4.47 -5.39 -13.09
CA HIS A 116 -3.44 -6.43 -13.09
C HIS A 116 -2.11 -5.83 -13.52
N SER A 117 -1.04 -6.24 -12.86
CA SER A 117 0.29 -5.72 -13.14
C SER A 117 0.81 -6.19 -14.50
N ARG A 118 0.40 -5.49 -15.56
CA ARG A 118 0.87 -5.81 -16.90
C ARG A 118 1.59 -4.61 -17.51
N ASN A 119 1.24 -3.42 -17.06
CA ASN A 119 1.80 -2.19 -17.61
C ASN A 119 2.17 -1.23 -16.50
N ASP A 120 3.03 -0.27 -16.83
CA ASP A 120 3.50 0.76 -15.89
C ASP A 120 4.44 0.16 -14.85
N MET A 121 5.56 0.84 -14.63
CA MET A 121 6.58 0.36 -13.71
C MET A 121 6.57 1.15 -12.39
N CYS A 122 5.69 0.76 -11.48
CA CYS A 122 5.61 1.41 -10.18
C CYS A 122 6.82 1.09 -9.30
N HIS A 123 7.61 0.10 -9.73
CA HIS A 123 8.89 -0.24 -9.09
C HIS A 123 8.69 -0.74 -7.66
N SER A 124 7.44 -0.94 -7.27
CA SER A 124 7.08 -1.29 -5.90
C SER A 124 7.58 -0.25 -4.91
N LEU A 125 6.78 0.77 -4.68
CA LEU A 125 7.11 1.73 -3.65
C LEU A 125 6.90 1.11 -2.28
N GLY A 126 7.82 1.40 -1.37
CA GLY A 126 7.83 0.77 -0.09
C GLY A 126 7.09 1.59 0.94
N LEU A 127 6.87 0.99 2.08
CA LEU A 127 6.09 1.59 3.14
C LEU A 127 6.54 0.99 4.45
N THR A 128 6.51 1.78 5.49
CA THR A 128 6.99 1.35 6.77
C THR A 128 6.21 2.02 7.89
N CYS A 129 5.22 1.29 8.44
CA CYS A 129 4.25 1.85 9.39
C CYS A 129 4.94 2.60 10.50
N LEU A 130 4.92 3.91 10.34
CA LEU A 130 5.62 4.86 11.17
C LEU A 130 7.13 4.65 11.09
N GLU A 131 7.63 3.71 11.89
CA GLU A 131 9.06 3.47 11.99
C GLU A 131 9.41 2.06 11.52
N ARG A 22 -17.28 3.63 -0.74
CA ARG A 22 -17.43 2.18 -1.04
C ARG A 22 -16.42 1.36 -0.24
N LEU A 23 -15.15 1.58 -0.51
CA LEU A 23 -14.08 0.84 0.16
C LEU A 23 -12.92 1.79 0.46
N SER A 24 -12.59 1.94 1.74
CA SER A 24 -11.49 2.80 2.12
C SER A 24 -10.57 2.12 3.14
N TRP A 25 -9.28 2.37 3.04
CA TRP A 25 -8.30 1.69 3.89
C TRP A 25 -8.30 2.22 5.33
N TYR A 26 -9.15 3.20 5.60
CA TYR A 26 -9.24 3.75 6.95
C TYR A 26 -10.50 3.26 7.66
N ASP A 27 -11.14 2.24 7.10
CA ASP A 27 -12.28 1.61 7.73
C ASP A 27 -11.82 0.68 8.85
N PRO A 28 -12.60 0.58 9.93
CA PRO A 28 -12.22 -0.19 11.12
C PRO A 28 -12.01 -1.67 10.84
N ASP A 29 -12.91 -2.26 10.08
CA ASP A 29 -12.84 -3.69 9.77
C ASP A 29 -12.32 -3.93 8.36
N PHE A 30 -11.65 -2.92 7.81
CA PHE A 30 -11.00 -3.08 6.52
C PHE A 30 -9.56 -3.51 6.73
N GLN A 31 -9.24 -4.74 6.35
CA GLN A 31 -7.92 -5.27 6.59
C GLN A 31 -6.92 -4.73 5.57
N ALA A 32 -5.96 -3.96 6.07
CA ALA A 32 -4.85 -3.45 5.28
C ALA A 32 -3.56 -3.62 6.06
N ARG A 33 -2.48 -3.99 5.38
CA ARG A 33 -1.26 -4.38 6.08
C ARG A 33 -0.10 -4.55 5.10
N LEU A 34 1.03 -4.98 5.64
CA LEU A 34 2.21 -5.27 4.85
C LEU A 34 2.48 -6.77 4.84
N THR A 35 3.02 -7.28 3.74
CA THR A 35 3.39 -8.67 3.64
C THR A 35 4.74 -8.86 2.93
N ARG A 36 5.16 -10.12 2.80
CA ARG A 36 6.46 -10.47 2.23
C ARG A 36 7.60 -10.01 3.13
N SER A 37 7.25 -9.79 4.39
CA SER A 37 8.21 -9.38 5.40
C SER A 37 7.76 -9.91 6.76
N ASN A 38 8.64 -9.80 7.75
CA ASN A 38 8.30 -10.18 9.11
C ASN A 38 7.72 -8.96 9.83
N SER A 39 8.18 -7.78 9.42
CA SER A 39 7.76 -6.53 10.02
C SER A 39 6.40 -6.10 9.51
N LYS A 40 5.46 -5.96 10.44
CA LYS A 40 4.14 -5.45 10.11
C LYS A 40 4.21 -3.96 9.88
N CYS A 41 5.38 -3.39 10.19
CA CYS A 41 5.59 -1.97 10.08
C CYS A 41 6.59 -1.65 8.97
N GLN A 42 6.95 -2.67 8.19
CA GLN A 42 7.81 -2.48 7.00
C GLN A 42 7.45 -3.54 5.95
N GLY A 43 7.11 -3.13 4.72
CA GLY A 43 6.74 -4.12 3.73
C GLY A 43 5.98 -3.55 2.56
N GLN A 44 5.57 -4.41 1.64
CA GLN A 44 4.73 -4.02 0.53
C GLN A 44 3.25 -4.10 0.97
N LEU A 45 2.43 -3.18 0.48
CA LEU A 45 1.05 -3.06 0.94
C LEU A 45 0.16 -4.15 0.35
N GLU A 46 -0.41 -4.95 1.23
CA GLU A 46 -1.39 -5.95 0.86
C GLU A 46 -2.73 -5.56 1.47
N VAL A 47 -3.72 -5.31 0.63
CA VAL A 47 -5.02 -4.86 1.11
C VAL A 47 -6.15 -5.80 0.72
N TYR A 48 -7.09 -5.97 1.62
CA TYR A 48 -8.20 -6.89 1.41
C TYR A 48 -9.43 -6.15 0.90
N LEU A 49 -9.69 -6.28 -0.39
CA LEU A 49 -10.85 -5.64 -1.01
C LEU A 49 -11.62 -6.62 -1.86
N LYS A 50 -12.94 -6.62 -1.68
CA LYS A 50 -13.84 -7.58 -2.32
C LYS A 50 -13.61 -8.98 -1.76
N ASP A 51 -12.34 -9.36 -1.69
CA ASP A 51 -11.92 -10.72 -1.32
C ASP A 51 -10.45 -10.89 -1.70
N GLY A 52 -10.03 -10.12 -2.68
CA GLY A 52 -8.65 -10.12 -3.12
C GLY A 52 -7.74 -9.42 -2.16
N TRP A 53 -6.83 -10.18 -1.57
CA TRP A 53 -5.70 -9.60 -0.88
C TRP A 53 -4.75 -9.05 -1.92
N HIS A 54 -5.11 -7.89 -2.46
CA HIS A 54 -4.37 -7.32 -3.57
C HIS A 54 -3.06 -6.71 -3.08
N MET A 55 -1.95 -7.35 -3.40
CA MET A 55 -0.65 -6.79 -3.05
C MET A 55 -0.29 -5.68 -4.04
N VAL A 56 -0.36 -4.44 -3.59
CA VAL A 56 -0.14 -3.30 -4.45
C VAL A 56 1.34 -2.93 -4.46
N CYS A 57 1.71 -2.01 -5.33
CA CYS A 57 3.08 -1.53 -5.34
C CYS A 57 3.21 -0.16 -4.68
N SER A 58 2.30 0.13 -3.75
CA SER A 58 2.39 1.29 -2.85
C SER A 58 2.16 2.62 -3.55
N GLN A 59 2.84 2.84 -4.67
CA GLN A 59 2.76 4.11 -5.41
C GLN A 59 1.41 4.26 -6.13
N SER A 60 0.56 3.26 -5.94
CA SER A 60 -0.76 3.27 -6.52
C SER A 60 -1.62 4.37 -5.87
N TRP A 61 -2.69 4.79 -6.55
CA TRP A 61 -3.62 5.81 -6.02
C TRP A 61 -2.99 7.21 -5.97
N GLY A 62 -2.14 7.43 -4.97
CA GLY A 62 -1.67 8.78 -4.68
C GLY A 62 -0.28 9.06 -5.24
N ARG A 63 0.72 9.01 -4.37
CA ARG A 63 2.08 9.35 -4.76
C ARG A 63 2.70 8.27 -5.63
N SER A 64 2.64 8.49 -6.94
CA SER A 64 3.21 7.57 -7.92
C SER A 64 4.73 7.55 -7.80
N SER A 65 5.30 8.64 -7.34
CA SER A 65 6.74 8.76 -7.14
C SER A 65 7.04 9.90 -6.17
N LYS A 66 8.33 10.12 -5.90
CA LYS A 66 8.80 11.23 -5.05
C LYS A 66 8.53 10.97 -3.57
N GLN A 67 9.59 10.76 -2.81
CA GLN A 67 9.47 10.57 -1.39
C GLN A 67 9.42 11.92 -0.66
N TRP A 68 8.21 12.35 -0.32
CA TRP A 68 8.03 13.62 0.38
C TRP A 68 7.36 13.40 1.73
N GLU A 69 6.96 14.49 2.38
CA GLU A 69 6.41 14.42 3.73
C GLU A 69 4.98 13.88 3.72
N ASP A 70 4.36 13.93 2.55
CA ASP A 70 3.02 13.38 2.37
C ASP A 70 3.08 12.10 1.55
N PRO A 71 3.19 10.95 2.23
CA PRO A 71 3.20 9.65 1.56
C PRO A 71 1.80 9.08 1.34
N SER A 72 1.09 8.81 2.42
CA SER A 72 -0.20 8.14 2.37
C SER A 72 -0.94 8.35 3.68
N GLN A 73 -2.19 8.79 3.59
CA GLN A 73 -3.00 9.01 4.77
C GLN A 73 -3.54 7.68 5.30
N ALA A 74 -2.66 6.93 5.95
CA ALA A 74 -2.98 5.61 6.46
C ALA A 74 -2.53 5.45 7.90
N SER A 75 -2.56 6.55 8.66
CA SER A 75 -2.11 6.54 10.04
C SER A 75 -2.94 5.54 10.84
N LYS A 76 -4.25 5.56 10.60
CA LYS A 76 -5.18 4.66 11.26
C LYS A 76 -4.83 3.20 10.96
N VAL A 77 -4.23 2.96 9.80
CA VAL A 77 -3.87 1.60 9.39
C VAL A 77 -2.74 1.05 10.25
N CYS A 78 -1.59 1.73 10.22
CA CYS A 78 -0.44 1.28 11.00
C CYS A 78 -0.72 1.41 12.50
N GLN A 79 -1.61 2.33 12.85
CA GLN A 79 -2.14 2.43 14.21
C GLN A 79 -2.83 1.13 14.61
N ARG A 80 -3.60 0.58 13.67
CA ARG A 80 -4.31 -0.67 13.92
C ARG A 80 -3.34 -1.84 13.93
N LEU A 81 -2.16 -1.63 13.36
CA LEU A 81 -1.10 -2.64 13.38
C LEU A 81 -0.11 -2.34 14.50
N ASN A 82 -0.52 -1.42 15.39
CA ASN A 82 0.28 -0.97 16.53
C ASN A 82 1.74 -0.68 16.15
N CYS A 83 1.92 -0.11 14.97
CA CYS A 83 3.24 0.30 14.50
C CYS A 83 3.42 1.81 14.66
N GLY A 84 2.29 2.53 14.71
CA GLY A 84 2.34 3.96 14.95
C GLY A 84 1.76 4.76 13.81
N ASP A 85 2.56 5.66 13.25
CA ASP A 85 2.16 6.50 12.14
C ASP A 85 2.24 5.69 10.85
N PRO A 86 1.70 6.18 9.72
CA PRO A 86 1.62 5.38 8.51
C PRO A 86 2.92 5.22 7.78
N LEU A 87 3.01 4.07 7.17
CA LEU A 87 3.99 3.74 6.19
C LEU A 87 4.28 4.90 5.27
N SER A 88 5.51 5.34 5.34
CA SER A 88 6.04 6.34 4.43
C SER A 88 6.39 5.65 3.10
N LEU A 89 6.16 6.38 2.00
CA LEU A 89 6.37 5.84 0.67
C LEU A 89 7.81 6.04 0.21
N GLY A 90 8.35 5.03 -0.44
CA GLY A 90 9.68 5.12 -1.02
C GLY A 90 10.12 3.79 -1.58
N PRO A 91 11.10 3.76 -2.50
CA PRO A 91 11.50 2.53 -3.18
C PRO A 91 12.10 1.50 -2.21
N PHE A 92 11.45 0.35 -2.15
CA PHE A 92 11.84 -0.69 -1.21
C PHE A 92 12.70 -1.72 -1.95
N LEU A 93 13.60 -2.38 -1.23
CA LEU A 93 14.53 -3.32 -1.85
C LEU A 93 13.92 -4.72 -1.96
N LYS A 94 12.60 -4.79 -1.88
CA LYS A 94 11.89 -6.04 -2.10
C LYS A 94 11.07 -5.94 -3.37
N THR A 95 10.90 -7.04 -4.06
CA THR A 95 10.26 -7.02 -5.36
C THR A 95 8.83 -7.54 -5.28
N TYR A 96 8.01 -7.07 -6.20
CA TYR A 96 6.63 -7.52 -6.30
C TYR A 96 6.53 -8.64 -7.34
N THR A 97 5.32 -8.97 -7.76
CA THR A 97 5.14 -10.04 -8.73
C THR A 97 4.10 -9.63 -9.77
N PRO A 98 4.57 -9.25 -10.97
CA PRO A 98 3.70 -8.86 -12.09
C PRO A 98 2.79 -9.99 -12.53
N GLN A 99 1.69 -10.12 -11.83
CA GLN A 99 0.71 -11.19 -12.03
C GLN A 99 -0.30 -11.11 -10.90
N SER A 100 0.19 -11.36 -9.70
CA SER A 100 -0.63 -11.29 -8.51
C SER A 100 -0.56 -9.88 -7.90
N SER A 101 0.53 -9.16 -8.18
CA SER A 101 0.66 -7.79 -7.73
C SER A 101 -0.01 -6.85 -8.72
N ILE A 102 -0.49 -5.72 -8.22
CA ILE A 102 -1.28 -4.81 -9.02
C ILE A 102 -0.94 -3.34 -8.73
N ILE A 103 -1.23 -2.48 -9.68
CA ILE A 103 -1.11 -1.04 -9.49
C ILE A 103 -2.53 -0.47 -9.42
N CYS A 104 -3.01 -0.10 -8.25
CA CYS A 104 -4.39 0.37 -8.18
C CYS A 104 -4.46 1.89 -8.25
N TYR A 105 -4.87 2.41 -9.40
CA TYR A 105 -5.02 3.85 -9.57
C TYR A 105 -6.33 4.32 -8.95
N GLY A 106 -6.58 5.62 -9.05
CA GLY A 106 -7.75 6.20 -8.45
C GLY A 106 -7.38 7.25 -7.44
N GLN A 107 -8.28 7.54 -6.51
CA GLN A 107 -7.99 8.50 -5.46
C GLN A 107 -7.51 7.78 -4.22
N LEU A 108 -6.42 8.27 -3.63
CA LEU A 108 -5.84 7.67 -2.44
C LEU A 108 -6.89 7.57 -1.33
N GLY A 109 -7.25 6.35 -0.98
CA GLY A 109 -8.29 6.14 0.00
C GLY A 109 -9.45 5.34 -0.57
N SER A 110 -9.65 5.45 -1.88
CA SER A 110 -10.72 4.75 -2.56
C SER A 110 -10.21 3.43 -3.14
N PHE A 111 -10.33 2.37 -2.35
CA PHE A 111 -9.83 1.06 -2.72
C PHE A 111 -10.91 0.24 -3.42
N SER A 112 -11.51 0.83 -4.43
CA SER A 112 -12.56 0.17 -5.19
C SER A 112 -12.12 -0.06 -6.63
N ASN A 113 -10.94 0.45 -6.97
CA ASN A 113 -10.44 0.35 -8.34
C ASN A 113 -8.98 -0.09 -8.33
N CYS A 114 -8.55 -0.77 -9.39
CA CYS A 114 -7.17 -1.20 -9.49
C CYS A 114 -6.81 -1.51 -10.95
N SER A 115 -5.54 -1.82 -11.20
CA SER A 115 -5.06 -2.12 -12.53
C SER A 115 -3.84 -3.03 -12.45
N HIS A 116 -3.27 -3.40 -13.58
CA HIS A 116 -2.12 -4.31 -13.60
C HIS A 116 -0.84 -3.60 -13.23
N SER A 117 0.20 -4.37 -12.94
CA SER A 117 1.49 -3.83 -12.53
C SER A 117 2.35 -3.48 -13.76
N ARG A 118 1.76 -3.57 -14.94
CA ARG A 118 2.48 -3.33 -16.18
C ARG A 118 2.18 -1.93 -16.71
N ASN A 119 1.28 -1.22 -16.04
CA ASN A 119 0.83 0.10 -16.52
C ASN A 119 1.96 1.13 -16.46
N ASP A 120 2.32 1.55 -15.26
CA ASP A 120 3.46 2.47 -15.10
C ASP A 120 4.70 1.69 -14.70
N MET A 121 4.49 0.44 -14.30
CA MET A 121 5.57 -0.43 -13.83
C MET A 121 6.25 0.16 -12.62
N CYS A 122 5.51 0.18 -11.51
CA CYS A 122 6.00 0.65 -10.23
C CYS A 122 7.35 0.02 -9.85
N HIS A 123 8.29 0.87 -9.48
CA HIS A 123 9.66 0.46 -9.17
C HIS A 123 9.75 -0.05 -7.73
N SER A 124 9.04 -1.15 -7.46
CA SER A 124 8.98 -1.77 -6.14
C SER A 124 8.85 -0.74 -5.01
N LEU A 125 7.95 0.23 -5.20
CA LEU A 125 7.68 1.21 -4.16
C LEU A 125 7.14 0.50 -2.93
N GLY A 126 7.65 0.88 -1.77
CA GLY A 126 7.27 0.22 -0.56
C GLY A 126 6.58 1.15 0.40
N LEU A 127 6.11 0.57 1.49
CA LEU A 127 5.36 1.30 2.49
C LEU A 127 5.78 0.80 3.86
N THR A 128 6.36 1.68 4.61
CA THR A 128 6.96 1.31 5.86
C THR A 128 6.42 2.18 7.00
N CYS A 129 5.55 1.58 7.83
CA CYS A 129 4.77 2.31 8.84
C CYS A 129 5.63 3.24 9.68
N LEU A 130 5.34 4.52 9.51
CA LEU A 130 5.96 5.61 10.24
C LEU A 130 7.39 5.86 9.76
N GLU A 131 8.30 5.01 10.18
CA GLU A 131 9.72 5.19 9.89
C GLU A 131 10.26 4.07 9.02
N ARG A 22 -15.91 4.25 -1.32
CA ARG A 22 -15.95 3.11 -0.38
C ARG A 22 -14.66 2.30 -0.48
N LEU A 23 -14.40 1.47 0.53
CA LEU A 23 -13.18 0.67 0.60
C LEU A 23 -11.97 1.58 0.65
N SER A 24 -11.53 1.94 1.84
CA SER A 24 -10.49 2.93 1.97
C SER A 24 -9.50 2.61 3.09
N TRP A 25 -8.23 2.96 2.85
CA TRP A 25 -7.17 2.68 3.82
C TRP A 25 -7.15 3.71 4.94
N TYR A 26 -8.20 4.52 5.05
CA TYR A 26 -8.33 5.44 6.16
C TYR A 26 -9.51 5.06 7.03
N ASP A 27 -10.03 3.85 6.81
CA ASP A 27 -11.11 3.32 7.63
C ASP A 27 -10.56 2.29 8.60
N PRO A 28 -10.86 2.45 9.91
CA PRO A 28 -10.34 1.56 10.96
C PRO A 28 -10.80 0.12 10.79
N ASP A 29 -11.96 -0.04 10.17
CA ASP A 29 -12.57 -1.36 10.02
C ASP A 29 -12.08 -2.06 8.75
N PHE A 30 -11.39 -1.33 7.90
CA PHE A 30 -10.90 -1.88 6.64
C PHE A 30 -9.59 -2.61 6.86
N GLN A 31 -9.44 -3.77 6.23
CA GLN A 31 -8.24 -4.59 6.42
C GLN A 31 -7.11 -4.16 5.50
N ALA A 32 -5.97 -3.93 6.11
CA ALA A 32 -4.79 -3.47 5.40
C ALA A 32 -3.55 -3.74 6.25
N ARG A 33 -2.41 -3.95 5.60
CA ARG A 33 -1.18 -4.30 6.32
C ARG A 33 -0.01 -4.42 5.36
N LEU A 34 1.13 -4.79 5.93
CA LEU A 34 2.32 -5.06 5.15
C LEU A 34 2.60 -6.55 5.17
N THR A 35 2.96 -7.10 4.03
CA THR A 35 3.26 -8.52 3.94
C THR A 35 4.45 -8.73 3.00
N ARG A 36 4.90 -9.98 2.87
CA ARG A 36 6.03 -10.35 1.99
C ARG A 36 7.34 -9.84 2.59
N SER A 37 7.27 -9.54 3.88
CA SER A 37 8.42 -9.07 4.63
C SER A 37 8.25 -9.48 6.09
N ASN A 38 9.34 -9.52 6.84
CA ASN A 38 9.30 -9.94 8.24
C ASN A 38 9.08 -8.77 9.17
N SER A 39 8.34 -7.79 8.69
CA SER A 39 8.08 -6.59 9.47
C SER A 39 6.61 -6.20 9.37
N LYS A 40 5.93 -6.20 10.49
CA LYS A 40 4.56 -5.73 10.57
C LYS A 40 4.53 -4.26 10.22
N CYS A 41 5.63 -3.58 10.52
CA CYS A 41 5.73 -2.15 10.35
C CYS A 41 6.66 -1.79 9.19
N GLN A 42 6.96 -2.75 8.33
CA GLN A 42 7.73 -2.50 7.10
C GLN A 42 7.48 -3.61 6.07
N GLY A 43 7.05 -3.25 4.87
CA GLY A 43 6.74 -4.25 3.87
C GLY A 43 5.95 -3.69 2.71
N GLN A 44 5.61 -4.54 1.75
CA GLN A 44 4.75 -4.14 0.66
C GLN A 44 3.30 -4.11 1.13
N LEU A 45 2.54 -3.14 0.65
CA LEU A 45 1.17 -2.94 1.13
C LEU A 45 0.23 -3.98 0.55
N GLU A 46 -0.24 -4.84 1.44
CA GLU A 46 -1.21 -5.86 1.07
C GLU A 46 -2.55 -5.49 1.72
N VAL A 47 -3.54 -5.16 0.90
CA VAL A 47 -4.81 -4.67 1.42
C VAL A 47 -5.93 -5.62 1.02
N TYR A 48 -6.81 -5.93 1.96
CA TYR A 48 -7.88 -6.89 1.70
C TYR A 48 -9.14 -6.18 1.25
N LEU A 49 -9.26 -5.97 -0.05
CA LEU A 49 -10.45 -5.36 -0.60
C LEU A 49 -11.33 -6.40 -1.23
N LYS A 50 -12.18 -7.01 -0.41
CA LYS A 50 -13.26 -7.90 -0.85
C LYS A 50 -12.78 -9.10 -1.69
N ASP A 51 -12.20 -8.81 -2.84
CA ASP A 51 -11.87 -9.84 -3.82
C ASP A 51 -10.44 -10.34 -3.60
N GLY A 52 -9.59 -9.48 -3.08
CA GLY A 52 -8.18 -9.84 -3.00
C GLY A 52 -7.43 -9.14 -1.91
N TRP A 53 -6.51 -9.87 -1.30
CA TRP A 53 -5.43 -9.25 -0.56
C TRP A 53 -4.50 -8.60 -1.57
N HIS A 54 -5.00 -7.55 -2.19
CA HIS A 54 -4.31 -6.92 -3.31
C HIS A 54 -2.97 -6.36 -2.86
N MET A 55 -1.90 -6.92 -3.37
CA MET A 55 -0.56 -6.39 -3.11
C MET A 55 -0.32 -5.18 -3.99
N VAL A 56 -0.43 -3.99 -3.43
CA VAL A 56 -0.29 -2.78 -4.22
C VAL A 56 1.17 -2.34 -4.23
N CYS A 57 1.55 -1.59 -5.24
CA CYS A 57 2.92 -1.09 -5.32
C CYS A 57 3.05 0.29 -4.69
N SER A 58 2.19 0.57 -3.70
CA SER A 58 2.26 1.77 -2.86
C SER A 58 1.88 3.04 -3.63
N GLN A 59 2.45 3.25 -4.81
CA GLN A 59 2.22 4.47 -5.60
C GLN A 59 0.87 4.43 -6.32
N SER A 60 0.10 3.38 -6.06
CA SER A 60 -1.15 3.16 -6.75
C SER A 60 -2.17 4.25 -6.41
N TRP A 61 -3.18 4.39 -7.27
CA TRP A 61 -4.24 5.39 -7.12
C TRP A 61 -3.73 6.79 -7.49
N GLY A 62 -2.67 7.23 -6.82
CA GLY A 62 -2.12 8.54 -7.11
C GLY A 62 -1.12 8.50 -8.25
N ARG A 63 0.15 8.71 -7.91
CA ARG A 63 1.22 8.70 -8.90
C ARG A 63 2.50 8.17 -8.29
N SER A 64 3.42 7.74 -9.15
CA SER A 64 4.72 7.26 -8.69
C SER A 64 5.62 8.44 -8.35
N SER A 65 5.76 8.70 -7.05
CA SER A 65 6.55 9.83 -6.59
C SER A 65 7.80 9.34 -5.87
N LYS A 66 8.66 10.27 -5.46
CA LYS A 66 9.89 9.92 -4.79
C LYS A 66 9.72 9.97 -3.27
N GLN A 67 9.66 8.79 -2.66
CA GLN A 67 9.62 8.66 -1.22
C GLN A 67 8.43 9.40 -0.60
N TRP A 68 8.71 10.20 0.44
CA TRP A 68 7.65 10.80 1.24
C TRP A 68 7.05 12.02 0.57
N GLU A 69 6.04 11.80 -0.26
CA GLU A 69 5.24 12.91 -0.76
C GLU A 69 4.04 13.10 0.15
N ASP A 70 3.36 11.99 0.45
CA ASP A 70 2.29 11.98 1.44
C ASP A 70 2.17 10.58 2.03
N PRO A 71 2.88 10.34 3.15
CA PRO A 71 2.91 9.04 3.81
C PRO A 71 1.87 8.88 4.92
N SER A 72 0.72 9.55 4.77
CA SER A 72 -0.28 9.56 5.83
C SER A 72 -1.52 8.76 5.44
N GLN A 73 -2.68 9.21 5.92
CA GLN A 73 -3.98 8.60 5.67
C GLN A 73 -4.19 7.28 6.42
N ALA A 74 -3.25 6.37 6.31
CA ALA A 74 -3.39 5.04 6.92
C ALA A 74 -2.91 5.02 8.37
N SER A 75 -3.01 6.17 9.04
CA SER A 75 -2.54 6.31 10.41
C SER A 75 -3.23 5.30 11.33
N LYS A 76 -4.54 5.18 11.17
CA LYS A 76 -5.32 4.26 11.98
C LYS A 76 -4.91 2.82 11.73
N VAL A 77 -4.53 2.52 10.50
CA VAL A 77 -4.23 1.16 10.09
C VAL A 77 -2.99 0.61 10.81
N CYS A 78 -1.89 1.34 10.75
CA CYS A 78 -0.67 0.89 11.44
C CYS A 78 -0.81 1.04 12.95
N GLN A 79 -1.68 1.93 13.38
CA GLN A 79 -1.93 2.12 14.81
C GLN A 79 -2.59 0.87 15.39
N ARG A 80 -3.58 0.34 14.68
CA ARG A 80 -4.20 -0.93 15.08
C ARG A 80 -3.31 -2.10 14.70
N LEU A 81 -2.27 -1.82 13.91
CA LEU A 81 -1.27 -2.82 13.56
C LEU A 81 -0.11 -2.77 14.55
N ASN A 82 -0.34 -2.06 15.66
CA ASN A 82 0.66 -1.89 16.75
C ASN A 82 2.03 -1.47 16.23
N CYS A 83 2.03 -0.62 15.20
CA CYS A 83 3.27 -0.13 14.63
C CYS A 83 3.34 1.39 14.64
N GLY A 84 2.36 2.02 15.29
CA GLY A 84 2.38 3.46 15.46
C GLY A 84 1.67 4.20 14.35
N ASP A 85 2.38 5.19 13.80
CA ASP A 85 1.84 6.02 12.73
C ASP A 85 1.93 5.26 11.40
N PRO A 86 1.33 5.76 10.31
CA PRO A 86 1.25 4.99 9.07
C PRO A 86 2.55 4.80 8.36
N LEU A 87 2.63 3.64 7.75
CA LEU A 87 3.63 3.32 6.78
C LEU A 87 3.96 4.49 5.89
N SER A 88 5.21 4.88 6.02
CA SER A 88 5.77 5.93 5.20
C SER A 88 6.17 5.40 3.84
N LEU A 89 6.17 6.27 2.85
CA LEU A 89 6.47 5.89 1.48
C LEU A 89 7.96 6.00 1.19
N GLY A 90 8.55 4.89 0.76
CA GLY A 90 9.95 4.89 0.37
C GLY A 90 10.28 3.65 -0.44
N PRO A 91 11.15 3.75 -1.45
CA PRO A 91 11.46 2.62 -2.33
C PRO A 91 12.14 1.48 -1.58
N PHE A 92 11.37 0.44 -1.33
CA PHE A 92 11.84 -0.72 -0.59
C PHE A 92 12.52 -1.70 -1.54
N LEU A 93 13.44 -2.51 -1.03
CA LEU A 93 14.21 -3.42 -1.86
C LEU A 93 13.38 -4.62 -2.34
N LYS A 94 12.21 -4.80 -1.75
CA LYS A 94 11.37 -5.95 -2.09
C LYS A 94 10.83 -5.81 -3.51
N THR A 95 11.08 -6.84 -4.31
CA THR A 95 10.74 -6.81 -5.73
C THR A 95 9.23 -6.88 -5.96
N TYR A 96 8.77 -6.10 -6.94
CA TYR A 96 7.36 -6.09 -7.33
C TYR A 96 7.14 -7.06 -8.49
N THR A 97 5.90 -7.52 -8.67
CA THR A 97 5.57 -8.50 -9.69
C THR A 97 4.18 -8.27 -10.24
N PRO A 98 4.02 -8.32 -11.58
CA PRO A 98 2.74 -8.06 -12.25
C PRO A 98 1.79 -9.23 -12.14
N GLN A 99 2.27 -10.28 -11.54
CA GLN A 99 1.51 -11.51 -11.40
C GLN A 99 0.63 -11.48 -10.16
N SER A 100 1.27 -11.39 -8.99
CA SER A 100 0.55 -11.45 -7.74
C SER A 100 0.39 -10.06 -7.11
N SER A 101 1.02 -9.07 -7.72
CA SER A 101 0.87 -7.70 -7.25
C SER A 101 0.17 -6.86 -8.32
N ILE A 102 -0.41 -5.75 -7.89
CA ILE A 102 -1.22 -4.93 -8.78
C ILE A 102 -0.92 -3.44 -8.60
N ILE A 103 -1.28 -2.68 -9.62
CA ILE A 103 -1.29 -1.22 -9.55
C ILE A 103 -2.74 -0.76 -9.55
N CYS A 104 -3.25 -0.25 -8.44
CA CYS A 104 -4.62 0.27 -8.47
C CYS A 104 -4.61 1.70 -8.99
N TYR A 105 -5.77 2.20 -9.40
CA TYR A 105 -5.89 3.57 -9.91
C TYR A 105 -7.19 4.20 -9.46
N GLY A 106 -7.35 5.48 -9.77
CA GLY A 106 -8.52 6.21 -9.32
C GLY A 106 -8.17 7.26 -8.30
N GLN A 107 -8.91 7.28 -7.22
CA GLN A 107 -8.67 8.19 -6.12
C GLN A 107 -7.97 7.47 -4.99
N LEU A 108 -6.90 8.05 -4.46
CA LEU A 108 -6.18 7.48 -3.33
C LEU A 108 -7.09 7.38 -2.11
N GLY A 109 -7.68 6.21 -1.93
CA GLY A 109 -8.65 6.02 -0.87
C GLY A 109 -9.90 5.31 -1.38
N SER A 110 -9.99 5.12 -2.68
CA SER A 110 -11.09 4.38 -3.26
C SER A 110 -10.59 3.06 -3.85
N PHE A 111 -10.63 2.01 -3.03
CA PHE A 111 -10.08 0.70 -3.38
C PHE A 111 -11.09 -0.12 -4.18
N SER A 112 -11.92 0.55 -4.97
CA SER A 112 -12.96 -0.12 -5.72
C SER A 112 -12.55 -0.34 -7.18
N ASN A 113 -11.26 -0.23 -7.46
CA ASN A 113 -10.75 -0.42 -8.82
C ASN A 113 -9.23 -0.51 -8.83
N CYS A 114 -8.72 -1.61 -9.35
CA CYS A 114 -7.29 -1.78 -9.53
C CYS A 114 -6.99 -2.39 -10.89
N SER A 115 -5.72 -2.56 -11.20
CA SER A 115 -5.29 -3.24 -12.42
C SER A 115 -3.94 -3.88 -12.18
N HIS A 116 -3.45 -4.64 -13.13
CA HIS A 116 -2.12 -5.25 -13.01
C HIS A 116 -1.05 -4.30 -13.53
N SER A 117 0.20 -4.59 -13.18
CA SER A 117 1.33 -3.78 -13.62
C SER A 117 1.35 -3.67 -15.15
N ARG A 118 0.98 -2.49 -15.66
CA ARG A 118 0.87 -2.28 -17.09
C ARG A 118 1.79 -1.16 -17.57
N ASN A 119 1.34 0.07 -17.39
CA ASN A 119 2.00 1.24 -18.00
C ASN A 119 3.16 1.74 -17.16
N ASP A 120 2.92 2.04 -15.90
CA ASP A 120 3.98 2.55 -15.03
C ASP A 120 4.85 1.41 -14.52
N MET A 121 4.21 0.27 -14.25
CA MET A 121 4.86 -0.94 -13.74
C MET A 121 5.27 -0.79 -12.28
N CYS A 122 5.19 0.45 -11.77
CA CYS A 122 5.57 0.82 -10.40
C CYS A 122 6.88 0.23 -9.92
N HIS A 123 7.86 1.11 -9.73
CA HIS A 123 9.12 0.73 -9.09
C HIS A 123 8.79 0.23 -7.70
N SER A 124 9.75 -0.44 -7.06
CA SER A 124 9.48 -1.05 -5.76
C SER A 124 9.34 0.00 -4.66
N LEU A 125 8.21 0.69 -4.67
CA LEU A 125 7.86 1.61 -3.61
C LEU A 125 7.24 0.82 -2.47
N GLY A 126 7.66 1.09 -1.26
CA GLY A 126 7.18 0.34 -0.13
C GLY A 126 6.65 1.25 0.95
N LEU A 127 5.84 0.69 1.80
CA LEU A 127 5.26 1.42 2.90
C LEU A 127 5.77 0.83 4.21
N THR A 128 6.13 1.68 5.15
CA THR A 128 6.71 1.21 6.40
C THR A 128 6.14 1.97 7.60
N CYS A 129 5.26 1.30 8.35
CA CYS A 129 4.43 1.92 9.39
C CYS A 129 5.24 2.82 10.30
N LEU A 130 5.05 4.11 10.06
CA LEU A 130 5.66 5.20 10.81
C LEU A 130 7.15 5.36 10.47
N GLU A 131 7.90 4.29 10.61
CA GLU A 131 9.33 4.32 10.34
C GLU A 131 9.79 3.04 9.65
N ARG A 22 -16.18 3.86 -0.71
CA ARG A 22 -16.65 2.46 -0.68
C ARG A 22 -15.72 1.62 0.18
N LEU A 23 -14.52 1.43 -0.33
CA LEU A 23 -13.47 0.73 0.40
C LEU A 23 -12.23 1.62 0.42
N SER A 24 -11.80 2.01 1.60
CA SER A 24 -10.61 2.85 1.71
C SER A 24 -9.72 2.35 2.83
N TRP A 25 -8.42 2.57 2.70
CA TRP A 25 -7.48 2.08 3.70
C TRP A 25 -7.65 2.77 5.06
N TYR A 26 -8.37 3.89 5.08
CA TYR A 26 -8.59 4.62 6.32
C TYR A 26 -9.92 4.26 6.97
N ASP A 27 -10.67 3.35 6.35
CA ASP A 27 -11.88 2.81 6.97
C ASP A 27 -11.49 1.93 8.15
N PRO A 28 -12.11 2.15 9.32
CA PRO A 28 -11.73 1.47 10.56
C PRO A 28 -11.77 -0.05 10.45
N ASP A 29 -12.80 -0.56 9.79
CA ASP A 29 -12.99 -2.00 9.68
C ASP A 29 -12.22 -2.59 8.50
N PHE A 30 -11.58 -1.71 7.73
CA PHE A 30 -10.82 -2.15 6.56
C PHE A 30 -9.49 -2.74 7.00
N GLN A 31 -9.32 -4.03 6.75
CA GLN A 31 -8.14 -4.75 7.16
C GLN A 31 -7.01 -4.54 6.15
N ALA A 32 -5.93 -3.92 6.61
CA ALA A 32 -4.80 -3.61 5.76
C ALA A 32 -3.50 -3.66 6.55
N ARG A 33 -2.40 -3.98 5.86
CA ARG A 33 -1.07 -4.01 6.48
C ARG A 33 -0.02 -4.35 5.43
N LEU A 34 1.21 -4.48 5.86
CA LEU A 34 2.29 -4.84 4.97
C LEU A 34 2.46 -6.35 4.92
N THR A 35 2.92 -6.83 3.79
CA THR A 35 3.12 -8.25 3.57
C THR A 35 4.23 -8.80 4.46
N ARG A 36 4.16 -10.09 4.74
CA ARG A 36 5.21 -10.77 5.50
C ARG A 36 6.49 -10.89 4.65
N SER A 37 7.11 -9.74 4.40
CA SER A 37 8.35 -9.70 3.66
C SER A 37 9.51 -9.51 4.62
N ASN A 38 9.38 -8.51 5.47
CA ASN A 38 10.37 -8.20 6.48
C ASN A 38 9.71 -7.91 7.81
N SER A 39 8.52 -7.32 7.77
CA SER A 39 7.85 -6.90 9.00
C SER A 39 6.39 -6.56 8.78
N LYS A 40 5.63 -6.68 9.86
CA LYS A 40 4.27 -6.18 9.91
C LYS A 40 4.29 -4.66 9.79
N CYS A 41 5.41 -4.07 10.17
CA CYS A 41 5.58 -2.62 10.12
C CYS A 41 6.63 -2.23 9.08
N GLN A 42 6.95 -3.16 8.16
CA GLN A 42 7.79 -2.86 6.99
C GLN A 42 7.57 -3.89 5.88
N GLY A 43 7.19 -3.43 4.68
CA GLY A 43 6.91 -4.34 3.58
C GLY A 43 6.04 -3.72 2.50
N GLN A 44 5.75 -4.49 1.45
CA GLN A 44 4.81 -4.06 0.41
C GLN A 44 3.40 -4.02 1.00
N LEU A 45 2.53 -3.17 0.48
CA LEU A 45 1.20 -3.00 1.06
C LEU A 45 0.22 -4.06 0.58
N GLU A 46 -0.38 -4.76 1.54
CA GLU A 46 -1.36 -5.79 1.27
C GLU A 46 -2.69 -5.37 1.89
N VAL A 47 -3.67 -5.07 1.05
CA VAL A 47 -4.95 -4.58 1.51
C VAL A 47 -6.09 -5.52 1.09
N TYR A 48 -7.01 -5.77 2.02
CA TYR A 48 -8.11 -6.68 1.76
C TYR A 48 -9.33 -5.91 1.25
N LEU A 49 -9.58 -5.98 -0.05
CA LEU A 49 -10.72 -5.29 -0.64
C LEU A 49 -11.29 -6.06 -1.80
N LYS A 50 -12.62 -6.02 -1.89
CA LYS A 50 -13.38 -6.66 -2.96
C LYS A 50 -13.34 -8.18 -2.82
N ASP A 51 -12.18 -8.70 -2.42
CA ASP A 51 -11.95 -10.15 -2.30
C ASP A 51 -10.46 -10.43 -2.16
N GLY A 52 -9.66 -9.59 -2.80
CA GLY A 52 -8.24 -9.84 -2.89
C GLY A 52 -7.43 -9.12 -1.86
N TRP A 53 -6.56 -9.85 -1.17
CA TRP A 53 -5.47 -9.23 -0.45
C TRP A 53 -4.51 -8.64 -1.47
N HIS A 54 -4.91 -7.51 -2.01
CA HIS A 54 -4.25 -6.94 -3.16
C HIS A 54 -2.91 -6.33 -2.78
N MET A 55 -1.85 -6.87 -3.34
CA MET A 55 -0.52 -6.30 -3.16
C MET A 55 -0.38 -5.07 -4.03
N VAL A 56 -0.51 -3.90 -3.43
CA VAL A 56 -0.44 -2.66 -4.18
C VAL A 56 1.00 -2.18 -4.25
N CYS A 57 1.28 -1.29 -5.19
CA CYS A 57 2.63 -0.80 -5.37
C CYS A 57 2.82 0.51 -4.61
N SER A 58 1.93 0.75 -3.64
CA SER A 58 2.01 1.90 -2.73
C SER A 58 1.66 3.21 -3.42
N GLN A 59 2.28 3.51 -4.56
CA GLN A 59 2.04 4.78 -5.25
C GLN A 59 0.85 4.65 -6.21
N SER A 60 0.13 3.55 -6.10
CA SER A 60 -1.07 3.32 -6.89
C SER A 60 -2.12 4.41 -6.58
N TRP A 61 -3.15 4.49 -7.41
CA TRP A 61 -4.21 5.49 -7.24
C TRP A 61 -3.71 6.89 -7.56
N GLY A 62 -3.05 7.51 -6.58
CA GLY A 62 -2.65 8.90 -6.71
C GLY A 62 -1.70 9.13 -7.86
N ARG A 63 -0.67 8.27 -7.98
CA ARG A 63 0.34 8.40 -9.04
C ARG A 63 1.05 9.75 -8.94
N SER A 64 1.00 10.35 -7.76
CA SER A 64 1.54 11.68 -7.54
C SER A 64 3.01 11.77 -7.96
N SER A 65 3.83 10.88 -7.42
CA SER A 65 5.24 10.88 -7.73
C SER A 65 5.88 9.57 -7.24
N LYS A 66 7.20 9.53 -7.23
CA LYS A 66 7.93 8.39 -6.73
C LYS A 66 8.41 8.68 -5.31
N GLN A 67 8.00 7.82 -4.37
CA GLN A 67 8.28 8.02 -2.94
C GLN A 67 7.60 9.28 -2.44
N TRP A 68 6.39 9.12 -1.90
CA TRP A 68 5.59 10.25 -1.44
C TRP A 68 6.12 10.73 -0.09
N GLU A 69 6.23 12.05 0.06
CA GLU A 69 6.81 12.63 1.27
C GLU A 69 5.85 12.56 2.45
N ASP A 70 4.55 12.53 2.17
CA ASP A 70 3.56 12.45 3.23
C ASP A 70 2.75 11.15 3.12
N PRO A 71 3.10 10.16 3.95
CA PRO A 71 2.50 8.82 3.93
C PRO A 71 1.30 8.70 4.86
N SER A 72 0.49 9.74 4.90
CA SER A 72 -0.64 9.82 5.79
C SER A 72 -1.77 8.91 5.33
N GLN A 73 -2.93 9.17 5.92
CA GLN A 73 -4.18 8.44 5.67
C GLN A 73 -4.16 7.01 6.22
N ALA A 74 -3.05 6.32 6.07
CA ALA A 74 -2.92 4.94 6.56
C ALA A 74 -2.50 4.91 8.03
N SER A 75 -2.67 6.05 8.70
CA SER A 75 -2.33 6.17 10.11
C SER A 75 -3.10 5.14 10.93
N LYS A 76 -4.39 5.03 10.66
CA LYS A 76 -5.26 4.07 11.33
C LYS A 76 -4.73 2.64 11.15
N VAL A 77 -4.15 2.38 9.98
CA VAL A 77 -3.67 1.05 9.65
C VAL A 77 -2.56 0.62 10.60
N CYS A 78 -1.45 1.34 10.60
CA CYS A 78 -0.30 0.95 11.41
C CYS A 78 -0.57 1.17 12.89
N GLN A 79 -1.41 2.16 13.20
CA GLN A 79 -1.83 2.41 14.58
C GLN A 79 -2.56 1.18 15.13
N ARG A 80 -3.35 0.56 14.27
CA ARG A 80 -4.10 -0.63 14.66
C ARG A 80 -3.17 -1.84 14.79
N LEU A 81 -2.05 -1.80 14.06
CA LEU A 81 -1.07 -2.87 14.16
C LEU A 81 0.04 -2.53 15.15
N ASN A 82 -0.22 -1.54 16.00
CA ASN A 82 0.73 -1.08 17.04
C ASN A 82 2.14 -0.87 16.47
N CYS A 83 2.21 -0.32 15.26
CA CYS A 83 3.49 0.03 14.67
C CYS A 83 3.70 1.54 14.72
N GLY A 84 2.81 2.23 15.44
CA GLY A 84 2.94 3.67 15.61
C GLY A 84 2.21 4.45 14.53
N ASP A 85 2.93 5.38 13.92
CA ASP A 85 2.40 6.19 12.82
C ASP A 85 2.43 5.37 11.52
N PRO A 86 1.82 5.84 10.43
CA PRO A 86 1.75 5.05 9.21
C PRO A 86 3.06 4.87 8.51
N LEU A 87 3.13 3.71 7.90
CA LEU A 87 4.15 3.34 6.96
C LEU A 87 4.63 4.50 6.11
N SER A 88 5.88 4.84 6.31
CA SER A 88 6.58 5.81 5.51
C SER A 88 6.90 5.17 4.16
N LEU A 89 6.87 5.95 3.10
CA LEU A 89 6.99 5.40 1.76
C LEU A 89 8.39 5.62 1.19
N GLY A 90 8.88 4.61 0.46
CA GLY A 90 10.15 4.71 -0.23
C GLY A 90 10.33 3.58 -1.22
N PRO A 91 11.51 3.44 -1.84
CA PRO A 91 11.80 2.31 -2.73
C PRO A 91 12.18 1.06 -1.95
N PHE A 92 11.42 -0.01 -2.14
CA PHE A 92 11.60 -1.22 -1.35
C PHE A 92 12.13 -2.37 -2.23
N LEU A 93 13.22 -2.09 -2.94
CA LEU A 93 13.88 -3.11 -3.78
C LEU A 93 12.90 -3.68 -4.80
N LYS A 94 13.11 -4.93 -5.18
CA LYS A 94 12.16 -5.66 -6.00
C LYS A 94 11.52 -6.75 -5.15
N THR A 95 10.23 -6.67 -4.94
CA THR A 95 9.59 -7.59 -4.01
C THR A 95 8.40 -8.32 -4.64
N TYR A 96 7.58 -7.63 -5.42
CA TYR A 96 6.39 -8.25 -5.98
C TYR A 96 6.61 -8.69 -7.43
N THR A 97 5.53 -9.15 -8.05
CA THR A 97 5.57 -9.71 -9.39
C THR A 97 4.37 -9.20 -10.18
N PRO A 98 4.60 -8.74 -11.43
CA PRO A 98 3.55 -8.10 -12.27
C PRO A 98 2.24 -8.87 -12.36
N GLN A 99 2.35 -10.15 -12.22
CA GLN A 99 1.20 -11.05 -12.35
C GLN A 99 0.56 -11.29 -10.99
N SER A 100 1.33 -11.12 -9.93
CA SER A 100 0.87 -11.40 -8.57
C SER A 100 0.33 -10.14 -7.90
N SER A 101 1.01 -9.03 -8.10
CA SER A 101 0.61 -7.78 -7.47
C SER A 101 -0.24 -6.94 -8.41
N ILE A 102 -0.72 -5.81 -7.92
CA ILE A 102 -1.52 -4.91 -8.72
C ILE A 102 -1.11 -3.46 -8.51
N ILE A 103 -1.40 -2.64 -9.50
CA ILE A 103 -1.23 -1.20 -9.42
C ILE A 103 -2.58 -0.56 -9.72
N CYS A 104 -3.25 -0.06 -8.70
CA CYS A 104 -4.55 0.54 -8.93
C CYS A 104 -4.38 1.99 -9.37
N TYR A 105 -5.44 2.58 -9.88
CA TYR A 105 -5.39 3.96 -10.35
C TYR A 105 -6.58 4.74 -9.80
N GLY A 106 -6.79 5.94 -10.32
CA GLY A 106 -7.88 6.76 -9.84
C GLY A 106 -7.42 7.78 -8.82
N GLN A 107 -8.16 7.90 -7.74
CA GLN A 107 -7.77 8.78 -6.64
C GLN A 107 -7.48 7.94 -5.40
N LEU A 108 -6.50 8.40 -4.62
CA LEU A 108 -6.06 7.66 -3.45
C LEU A 108 -7.20 7.49 -2.44
N GLY A 109 -7.42 6.26 -2.00
CA GLY A 109 -8.47 5.99 -1.06
C GLY A 109 -9.59 5.18 -1.66
N SER A 110 -9.71 5.19 -2.98
CA SER A 110 -10.81 4.48 -3.62
C SER A 110 -10.37 3.07 -4.03
N PHE A 111 -10.40 2.16 -3.06
CA PHE A 111 -10.05 0.76 -3.28
C PHE A 111 -11.24 0.02 -3.89
N SER A 112 -11.90 0.65 -4.84
CA SER A 112 -13.08 0.09 -5.46
C SER A 112 -12.72 -0.72 -6.70
N ASN A 113 -11.53 -0.45 -7.26
CA ASN A 113 -11.08 -1.14 -8.47
C ASN A 113 -9.57 -0.94 -8.66
N CYS A 114 -8.92 -1.92 -9.26
CA CYS A 114 -7.49 -1.85 -9.53
C CYS A 114 -7.16 -2.45 -10.88
N SER A 115 -5.86 -2.55 -11.16
CA SER A 115 -5.34 -3.20 -12.35
C SER A 115 -4.04 -3.89 -11.99
N HIS A 116 -3.51 -4.75 -12.84
CA HIS A 116 -2.29 -5.49 -12.51
C HIS A 116 -1.04 -4.66 -12.76
N SER A 117 0.05 -5.06 -12.10
CA SER A 117 1.32 -4.36 -12.21
C SER A 117 1.93 -4.55 -13.59
N ARG A 118 2.03 -3.47 -14.35
CA ARG A 118 2.68 -3.54 -15.65
C ARG A 118 3.98 -2.74 -15.62
N ASN A 119 3.86 -1.43 -15.53
CA ASN A 119 5.04 -0.56 -15.45
C ASN A 119 4.61 0.86 -15.14
N ASP A 120 4.75 1.24 -13.88
CA ASP A 120 4.43 2.58 -13.45
C ASP A 120 5.62 3.19 -12.73
N MET A 121 5.34 4.09 -11.80
CA MET A 121 6.40 4.78 -11.08
C MET A 121 6.78 4.00 -9.83
N CYS A 122 6.11 2.88 -9.62
CA CYS A 122 6.41 2.02 -8.49
C CYS A 122 7.26 0.84 -8.92
N HIS A 123 8.55 0.93 -8.63
CA HIS A 123 9.44 -0.22 -8.74
C HIS A 123 9.44 -0.93 -7.39
N SER A 124 8.29 -1.55 -7.08
CA SER A 124 8.03 -2.11 -5.75
C SER A 124 8.26 -1.05 -4.67
N LEU A 125 7.48 0.03 -4.74
CA LEU A 125 7.55 1.04 -3.69
C LEU A 125 6.97 0.47 -2.42
N GLY A 126 7.65 0.70 -1.31
CA GLY A 126 7.29 0.02 -0.10
C GLY A 126 7.00 0.97 1.02
N LEU A 127 6.05 0.58 1.84
CA LEU A 127 5.65 1.36 2.97
C LEU A 127 6.19 0.71 4.24
N THR A 128 6.50 1.50 5.24
CA THR A 128 7.04 0.97 6.47
C THR A 128 6.56 1.76 7.70
N CYS A 129 5.64 1.15 8.44
CA CYS A 129 4.87 1.83 9.49
C CYS A 129 5.72 2.71 10.38
N LEU A 130 5.56 4.00 10.17
CA LEU A 130 6.25 5.06 10.88
C LEU A 130 7.71 5.16 10.43
N GLU A 131 8.50 4.14 10.74
CA GLU A 131 9.91 4.12 10.39
C GLU A 131 10.25 2.87 9.62
N ARG A 22 -16.96 2.83 0.34
CA ARG A 22 -16.48 1.53 0.90
C ARG A 22 -15.06 1.26 0.44
N LEU A 23 -14.34 0.45 1.20
CA LEU A 23 -12.97 0.06 0.87
C LEU A 23 -12.04 1.28 0.90
N SER A 24 -11.62 1.65 2.11
CA SER A 24 -10.76 2.80 2.29
C SER A 24 -9.71 2.50 3.36
N TRP A 25 -8.44 2.79 3.06
CA TRP A 25 -7.34 2.43 3.94
C TRP A 25 -7.18 3.41 5.10
N TYR A 26 -8.31 3.90 5.60
CA TYR A 26 -8.34 4.69 6.82
C TYR A 26 -9.60 4.32 7.61
N ASP A 27 -10.23 3.24 7.18
CA ASP A 27 -11.48 2.77 7.78
C ASP A 27 -11.19 1.68 8.81
N PRO A 28 -11.79 1.79 10.01
CA PRO A 28 -11.55 0.83 11.10
C PRO A 28 -11.99 -0.59 10.77
N ASP A 29 -12.82 -0.74 9.74
CA ASP A 29 -13.28 -2.05 9.31
C ASP A 29 -12.38 -2.62 8.22
N PHE A 30 -11.83 -1.72 7.41
CA PHE A 30 -11.05 -2.14 6.25
C PHE A 30 -9.75 -2.81 6.67
N GLN A 31 -9.47 -3.96 6.10
CA GLN A 31 -8.23 -4.67 6.38
C GLN A 31 -7.10 -4.18 5.49
N ALA A 32 -6.03 -3.76 6.13
CA ALA A 32 -4.87 -3.23 5.44
C ALA A 32 -3.62 -3.40 6.29
N ARG A 33 -2.50 -3.67 5.64
CA ARG A 33 -1.26 -3.95 6.35
C ARG A 33 -0.12 -4.16 5.37
N LEU A 34 1.05 -4.46 5.91
CA LEU A 34 2.19 -4.85 5.11
C LEU A 34 2.40 -6.35 5.22
N THR A 35 2.71 -6.99 4.11
CA THR A 35 2.84 -8.42 4.09
C THR A 35 3.87 -8.83 3.04
N ARG A 36 4.16 -10.13 2.95
CA ARG A 36 5.12 -10.66 1.98
C ARG A 36 6.52 -10.18 2.34
N SER A 37 6.65 -9.65 3.55
CA SER A 37 7.89 -9.09 4.03
C SER A 37 8.11 -9.52 5.48
N ASN A 38 9.23 -9.12 6.08
CA ASN A 38 9.58 -9.56 7.42
C ASN A 38 9.11 -8.59 8.50
N SER A 39 8.15 -7.73 8.17
CA SER A 39 7.66 -6.75 9.13
C SER A 39 6.22 -6.36 8.85
N LYS A 40 5.40 -6.40 9.91
CA LYS A 40 4.04 -5.87 9.84
C LYS A 40 4.11 -4.38 9.61
N CYS A 41 5.16 -3.78 10.15
CA CYS A 41 5.36 -2.35 10.09
C CYS A 41 6.44 -1.99 9.07
N GLN A 42 6.76 -2.92 8.18
CA GLN A 42 7.63 -2.66 7.02
C GLN A 42 7.40 -3.71 5.93
N GLY A 43 7.04 -3.27 4.74
CA GLY A 43 6.70 -4.21 3.68
C GLY A 43 5.93 -3.58 2.54
N GLN A 44 5.58 -4.38 1.56
CA GLN A 44 4.70 -3.94 0.49
C GLN A 44 3.26 -4.00 0.98
N LEU A 45 2.44 -3.04 0.56
CA LEU A 45 1.09 -2.91 1.07
C LEU A 45 0.17 -4.01 0.53
N GLU A 46 -0.37 -4.78 1.45
CA GLU A 46 -1.34 -5.81 1.11
C GLU A 46 -2.67 -5.44 1.76
N VAL A 47 -3.69 -5.23 0.94
CA VAL A 47 -4.97 -4.75 1.43
C VAL A 47 -6.11 -5.67 1.03
N TYR A 48 -7.01 -5.93 1.97
CA TYR A 48 -8.10 -6.85 1.73
C TYR A 48 -9.35 -6.11 1.30
N LEU A 49 -9.45 -5.86 0.01
CA LEU A 49 -10.63 -5.22 -0.54
C LEU A 49 -11.59 -6.25 -1.09
N LYS A 50 -12.35 -6.85 -0.18
CA LYS A 50 -13.45 -7.76 -0.48
C LYS A 50 -13.04 -8.97 -1.33
N ASP A 51 -12.56 -8.72 -2.53
CA ASP A 51 -12.31 -9.78 -3.50
C ASP A 51 -10.84 -10.19 -3.51
N GLY A 52 -9.96 -9.31 -3.04
CA GLY A 52 -8.54 -9.60 -3.12
C GLY A 52 -7.72 -8.95 -2.05
N TRP A 53 -6.91 -9.76 -1.36
CA TRP A 53 -5.78 -9.26 -0.60
C TRP A 53 -4.74 -8.75 -1.59
N HIS A 54 -4.99 -7.58 -2.15
CA HIS A 54 -4.22 -7.11 -3.27
C HIS A 54 -2.85 -6.61 -2.82
N MET A 55 -1.82 -7.10 -3.49
CA MET A 55 -0.46 -6.66 -3.23
C MET A 55 -0.15 -5.45 -4.09
N VAL A 56 -0.23 -4.26 -3.51
CA VAL A 56 -0.08 -3.04 -4.28
C VAL A 56 1.36 -2.56 -4.24
N CYS A 57 1.73 -1.74 -5.21
CA CYS A 57 3.06 -1.15 -5.23
C CYS A 57 3.08 0.20 -4.50
N SER A 58 2.12 0.39 -3.60
CA SER A 58 2.05 1.56 -2.71
C SER A 58 1.67 2.85 -3.45
N GLN A 59 2.32 3.10 -4.59
CA GLN A 59 2.11 4.32 -5.36
C GLN A 59 0.78 4.29 -6.13
N SER A 60 0.04 3.20 -5.95
CA SER A 60 -1.19 2.99 -6.68
C SER A 60 -2.21 4.07 -6.32
N TRP A 61 -3.23 4.25 -7.18
CA TRP A 61 -4.23 5.32 -7.04
C TRP A 61 -3.62 6.68 -7.38
N GLY A 62 -2.56 7.04 -6.68
CA GLY A 62 -1.84 8.27 -6.97
C GLY A 62 -0.85 8.10 -8.11
N ARG A 63 0.42 8.36 -7.83
CA ARG A 63 1.47 8.25 -8.84
C ARG A 63 2.75 7.71 -8.23
N SER A 64 3.64 7.19 -9.08
CA SER A 64 4.94 6.71 -8.64
C SER A 64 5.88 7.88 -8.36
N SER A 65 5.94 8.30 -7.11
CA SER A 65 6.75 9.46 -6.74
C SER A 65 8.02 9.02 -6.02
N LYS A 66 8.79 9.98 -5.56
CA LYS A 66 10.04 9.70 -4.87
C LYS A 66 9.96 10.18 -3.42
N GLN A 67 10.32 9.28 -2.50
CA GLN A 67 10.35 9.58 -1.08
C GLN A 67 8.95 9.89 -0.54
N TRP A 68 8.76 11.09 -0.02
CA TRP A 68 7.52 11.41 0.68
C TRP A 68 6.74 12.52 -0.02
N GLU A 69 5.53 12.18 -0.45
CA GLU A 69 4.58 13.19 -0.88
C GLU A 69 3.48 13.31 0.17
N ASP A 70 2.88 12.17 0.51
CA ASP A 70 2.03 12.08 1.69
C ASP A 70 1.99 10.64 2.19
N PRO A 71 2.82 10.33 3.19
CA PRO A 71 2.87 9.00 3.82
C PRO A 71 1.91 8.88 5.01
N SER A 72 0.95 9.79 5.11
CA SER A 72 0.12 9.88 6.32
C SER A 72 -1.35 9.55 6.05
N GLN A 73 -1.65 9.00 4.89
CA GLN A 73 -3.03 8.69 4.53
C GLN A 73 -3.49 7.34 5.11
N ALA A 74 -2.80 6.87 6.16
CA ALA A 74 -3.11 5.55 6.74
C ALA A 74 -2.71 5.48 8.22
N SER A 75 -2.79 6.63 8.89
CA SER A 75 -2.37 6.72 10.29
C SER A 75 -3.18 5.76 11.18
N LYS A 76 -4.48 5.73 10.96
CA LYS A 76 -5.37 4.86 11.73
C LYS A 76 -4.99 3.39 11.55
N VAL A 77 -4.49 3.05 10.36
CA VAL A 77 -4.17 1.66 10.02
C VAL A 77 -2.98 1.14 10.82
N CYS A 78 -1.85 1.81 10.74
CA CYS A 78 -0.68 1.32 11.46
C CYS A 78 -0.84 1.50 12.96
N GLN A 79 -1.70 2.42 13.36
CA GLN A 79 -1.98 2.63 14.78
C GLN A 79 -2.73 1.42 15.34
N ARG A 80 -3.72 0.93 14.60
CA ARG A 80 -4.43 -0.29 14.98
C ARG A 80 -3.56 -1.51 14.71
N LEU A 81 -2.47 -1.29 14.00
CA LEU A 81 -1.48 -2.33 13.74
C LEU A 81 -0.42 -2.32 14.84
N ASN A 82 -0.62 -1.40 15.79
CA ASN A 82 0.28 -1.16 16.94
C ASN A 82 1.70 -0.81 16.51
N CYS A 83 1.84 -0.39 15.25
CA CYS A 83 3.15 -0.01 14.71
C CYS A 83 3.40 1.48 14.90
N GLY A 84 2.38 2.20 15.38
CA GLY A 84 2.52 3.62 15.66
C GLY A 84 1.93 4.48 14.57
N ASP A 85 2.75 5.34 13.99
CA ASP A 85 2.32 6.22 12.91
C ASP A 85 2.27 5.42 11.61
N PRO A 86 1.71 5.97 10.51
CA PRO A 86 1.57 5.20 9.28
C PRO A 86 2.87 4.99 8.56
N LEU A 87 2.89 3.86 7.90
CA LEU A 87 3.90 3.49 6.94
C LEU A 87 4.36 4.67 6.11
N SER A 88 5.58 5.05 6.38
CA SER A 88 6.26 6.08 5.62
C SER A 88 6.61 5.55 4.23
N LEU A 89 6.69 6.45 3.26
CA LEU A 89 6.91 6.08 1.87
C LEU A 89 8.39 6.15 1.50
N GLY A 90 8.92 5.02 1.07
CA GLY A 90 10.29 4.95 0.60
C GLY A 90 10.56 3.65 -0.12
N PRO A 91 11.25 3.67 -1.27
CA PRO A 91 11.48 2.48 -2.10
C PRO A 91 12.11 1.32 -1.32
N PHE A 92 11.51 0.15 -1.45
CA PHE A 92 11.94 -1.04 -0.71
C PHE A 92 12.55 -2.04 -1.68
N LEU A 93 13.43 -2.90 -1.18
CA LEU A 93 14.18 -3.81 -2.04
C LEU A 93 13.37 -5.04 -2.46
N LYS A 94 12.10 -5.08 -2.06
CA LYS A 94 11.22 -6.18 -2.45
C LYS A 94 10.96 -6.14 -3.96
N THR A 95 11.13 -7.28 -4.62
CA THR A 95 10.94 -7.34 -6.05
C THR A 95 9.45 -7.38 -6.43
N TYR A 96 8.98 -6.30 -7.01
CA TYR A 96 7.60 -6.21 -7.49
C TYR A 96 7.44 -7.05 -8.76
N THR A 97 6.23 -7.52 -9.02
CA THR A 97 5.96 -8.37 -10.16
C THR A 97 4.57 -8.05 -10.73
N PRO A 98 4.45 -7.95 -12.06
CA PRO A 98 3.24 -7.47 -12.74
C PRO A 98 2.11 -8.48 -12.77
N GLN A 99 2.32 -9.61 -12.13
CA GLN A 99 1.35 -10.69 -12.14
C GLN A 99 0.84 -10.96 -10.74
N SER A 100 1.74 -11.38 -9.85
CA SER A 100 1.36 -11.69 -8.48
C SER A 100 0.99 -10.42 -7.72
N SER A 101 1.56 -9.29 -8.15
CA SER A 101 1.27 -8.02 -7.53
C SER A 101 0.51 -7.12 -8.51
N ILE A 102 -0.01 -6.01 -8.03
CA ILE A 102 -0.87 -5.16 -8.85
C ILE A 102 -0.62 -3.66 -8.62
N ILE A 103 -1.06 -2.86 -9.58
CA ILE A 103 -1.11 -1.41 -9.43
C ILE A 103 -2.59 -1.01 -9.38
N CYS A 104 -3.11 -0.57 -8.27
CA CYS A 104 -4.49 -0.12 -8.28
C CYS A 104 -4.56 1.32 -8.77
N TYR A 105 -5.73 1.75 -9.21
CA TYR A 105 -5.90 3.09 -9.73
C TYR A 105 -7.17 3.71 -9.19
N GLY A 106 -7.31 5.01 -9.35
CA GLY A 106 -8.50 5.69 -8.90
C GLY A 106 -8.18 6.72 -7.86
N GLN A 107 -9.15 7.04 -7.02
CA GLN A 107 -8.96 7.98 -5.96
C GLN A 107 -8.16 7.35 -4.83
N LEU A 108 -7.03 7.95 -4.46
CA LEU A 108 -6.29 7.49 -3.30
C LEU A 108 -7.21 7.39 -2.09
N GLY A 109 -7.42 6.18 -1.61
CA GLY A 109 -8.33 5.97 -0.50
C GLY A 109 -9.55 5.18 -0.90
N SER A 110 -9.80 5.09 -2.20
CA SER A 110 -10.94 4.33 -2.71
C SER A 110 -10.46 3.04 -3.36
N PHE A 111 -10.50 1.96 -2.60
CA PHE A 111 -9.92 0.68 -3.00
C PHE A 111 -10.93 -0.19 -3.75
N SER A 112 -11.76 0.43 -4.56
CA SER A 112 -12.78 -0.31 -5.29
C SER A 112 -12.39 -0.51 -6.75
N ASN A 113 -11.10 -0.40 -7.04
CA ASN A 113 -10.60 -0.56 -8.40
C ASN A 113 -9.08 -0.77 -8.40
N CYS A 114 -8.62 -1.82 -9.05
CA CYS A 114 -7.20 -2.04 -9.22
C CYS A 114 -6.88 -2.49 -10.64
N SER A 115 -5.60 -2.65 -10.91
CA SER A 115 -5.12 -3.13 -12.21
C SER A 115 -3.77 -3.82 -12.02
N HIS A 116 -3.18 -4.32 -13.09
CA HIS A 116 -1.86 -4.94 -12.98
C HIS A 116 -0.78 -3.98 -13.44
N SER A 117 0.48 -4.35 -13.23
CA SER A 117 1.59 -3.54 -13.71
C SER A 117 1.64 -3.57 -15.23
N ARG A 118 1.06 -2.55 -15.84
CA ARG A 118 0.94 -2.49 -17.29
C ARG A 118 1.67 -1.27 -17.84
N ASN A 119 1.05 -0.10 -17.67
CA ASN A 119 1.53 1.13 -18.26
C ASN A 119 2.69 1.75 -17.48
N ASP A 120 2.50 1.99 -16.19
CA ASP A 120 3.50 2.68 -15.39
C ASP A 120 4.62 1.74 -14.99
N MET A 121 4.27 0.51 -14.61
CA MET A 121 5.23 -0.46 -14.09
C MET A 121 5.91 0.11 -12.85
N CYS A 122 5.20 0.07 -11.73
CA CYS A 122 5.64 0.70 -10.50
C CYS A 122 6.93 0.11 -9.98
N HIS A 123 7.84 1.00 -9.60
CA HIS A 123 8.99 0.61 -8.80
C HIS A 123 8.45 0.24 -7.42
N SER A 124 9.20 -0.53 -6.66
CA SER A 124 8.70 -0.99 -5.37
C SER A 124 8.76 0.12 -4.33
N LEU A 125 7.78 1.01 -4.37
CA LEU A 125 7.61 2.00 -3.32
C LEU A 125 7.23 1.26 -2.05
N GLY A 126 7.95 1.51 -0.98
CA GLY A 126 7.75 0.74 0.21
C GLY A 126 7.08 1.54 1.30
N LEU A 127 6.13 0.91 1.95
CA LEU A 127 5.46 1.50 3.08
C LEU A 127 5.96 0.83 4.35
N THR A 128 6.24 1.63 5.37
CA THR A 128 6.77 1.09 6.61
C THR A 128 6.21 1.86 7.80
N CYS A 129 5.24 1.22 8.49
CA CYS A 129 4.44 1.88 9.53
C CYS A 129 5.29 2.68 10.49
N LEU A 130 5.25 3.99 10.26
CA LEU A 130 6.05 4.97 10.94
C LEU A 130 7.52 4.84 10.55
N GLU A 131 8.16 3.78 11.01
CA GLU A 131 9.56 3.53 10.69
C GLU A 131 9.74 2.11 10.15
N ARG A 22 -17.35 3.20 1.57
CA ARG A 22 -17.47 2.04 0.67
C ARG A 22 -16.30 1.08 0.85
N LEU A 23 -15.14 1.48 0.37
CA LEU A 23 -13.93 0.66 0.44
C LEU A 23 -12.73 1.55 0.64
N SER A 24 -12.31 1.70 1.88
CA SER A 24 -11.21 2.61 2.20
C SER A 24 -10.35 2.04 3.32
N TRP A 25 -9.06 2.38 3.29
CA TRP A 25 -8.11 1.81 4.23
C TRP A 25 -8.14 2.49 5.61
N TYR A 26 -9.24 3.15 5.94
CA TYR A 26 -9.39 3.70 7.27
C TYR A 26 -10.56 3.04 7.99
N ASP A 27 -11.19 2.09 7.30
CA ASP A 27 -12.31 1.35 7.88
C ASP A 27 -11.79 0.25 8.80
N PRO A 28 -12.34 0.15 10.02
CA PRO A 28 -11.93 -0.86 10.99
C PRO A 28 -12.23 -2.29 10.51
N ASP A 29 -13.21 -2.42 9.64
CA ASP A 29 -13.57 -3.71 9.08
C ASP A 29 -12.88 -3.95 7.75
N PHE A 30 -11.88 -3.12 7.45
CA PHE A 30 -11.09 -3.26 6.25
C PHE A 30 -9.70 -3.74 6.62
N GLN A 31 -9.34 -4.93 6.16
CA GLN A 31 -8.05 -5.51 6.48
C GLN A 31 -6.98 -5.02 5.51
N ALA A 32 -6.01 -4.32 6.05
CA ALA A 32 -4.88 -3.84 5.27
C ALA A 32 -3.61 -3.94 6.09
N ARG A 33 -2.51 -4.29 5.44
CA ARG A 33 -1.23 -4.45 6.14
C ARG A 33 -0.11 -4.76 5.16
N LEU A 34 1.08 -4.98 5.70
CA LEU A 34 2.25 -5.29 4.89
C LEU A 34 2.43 -6.79 4.75
N THR A 35 3.04 -7.22 3.66
CA THR A 35 3.25 -8.64 3.42
C THR A 35 4.63 -8.92 2.84
N ARG A 36 5.04 -10.18 2.89
CA ARG A 36 6.30 -10.66 2.30
C ARG A 36 7.50 -9.97 2.93
N SER A 37 7.33 -9.59 4.19
CA SER A 37 8.40 -8.97 4.97
C SER A 37 8.37 -9.48 6.41
N ASN A 38 9.40 -9.15 7.18
CA ASN A 38 9.49 -9.56 8.57
C ASN A 38 8.75 -8.58 9.48
N SER A 39 9.02 -7.29 9.29
CA SER A 39 8.44 -6.26 10.13
C SER A 39 7.02 -5.94 9.71
N LYS A 40 6.13 -5.84 10.69
CA LYS A 40 4.76 -5.44 10.42
C LYS A 40 4.69 -3.94 10.18
N CYS A 41 5.81 -3.28 10.39
CA CYS A 41 5.91 -1.85 10.17
C CYS A 41 6.86 -1.54 9.01
N GLN A 42 7.22 -2.56 8.24
CA GLN A 42 8.03 -2.40 7.02
C GLN A 42 7.61 -3.44 6.00
N GLY A 43 7.23 -3.02 4.79
CA GLY A 43 6.79 -3.99 3.80
C GLY A 43 6.01 -3.38 2.66
N GLN A 44 5.56 -4.22 1.74
CA GLN A 44 4.69 -3.78 0.67
C GLN A 44 3.23 -3.98 1.07
N LEU A 45 2.36 -3.05 0.68
CA LEU A 45 0.98 -3.05 1.13
C LEU A 45 0.13 -4.09 0.42
N GLU A 46 -0.61 -4.85 1.21
CA GLU A 46 -1.61 -5.77 0.71
C GLU A 46 -2.94 -5.45 1.37
N VAL A 47 -3.95 -5.20 0.56
CA VAL A 47 -5.24 -4.75 1.07
C VAL A 47 -6.38 -5.68 0.67
N TYR A 48 -7.20 -6.05 1.63
CA TYR A 48 -8.33 -6.94 1.39
C TYR A 48 -9.56 -6.14 0.98
N LEU A 49 -9.70 -5.92 -0.31
CA LEU A 49 -10.80 -5.12 -0.83
C LEU A 49 -11.78 -5.97 -1.59
N LYS A 50 -13.01 -6.03 -1.08
CA LYS A 50 -14.10 -6.81 -1.67
C LYS A 50 -13.85 -8.30 -1.48
N ASP A 51 -12.61 -8.71 -1.70
CA ASP A 51 -12.19 -10.12 -1.60
C ASP A 51 -10.77 -10.28 -2.10
N GLY A 52 -10.36 -9.36 -2.96
CA GLY A 52 -9.00 -9.38 -3.45
C GLY A 52 -8.00 -8.89 -2.44
N TRP A 53 -7.17 -9.79 -1.95
CA TRP A 53 -6.00 -9.40 -1.19
C TRP A 53 -5.00 -8.76 -2.15
N HIS A 54 -5.32 -7.54 -2.54
CA HIS A 54 -4.60 -6.86 -3.60
C HIS A 54 -3.26 -6.34 -3.07
N MET A 55 -2.18 -7.01 -3.44
CA MET A 55 -0.85 -6.55 -3.11
C MET A 55 -0.45 -5.41 -4.06
N VAL A 56 -0.42 -4.20 -3.53
CA VAL A 56 -0.21 -3.01 -4.36
C VAL A 56 1.28 -2.70 -4.50
N CYS A 57 1.62 -1.83 -5.43
CA CYS A 57 2.98 -1.35 -5.53
C CYS A 57 3.16 0.00 -4.83
N SER A 58 2.21 0.30 -3.94
CA SER A 58 2.23 1.48 -3.04
C SER A 58 2.12 2.82 -3.79
N GLN A 59 2.86 2.95 -4.89
CA GLN A 59 2.89 4.20 -5.67
C GLN A 59 1.56 4.44 -6.38
N SER A 60 0.66 3.47 -6.25
CA SER A 60 -0.67 3.57 -6.82
C SER A 60 -1.45 4.73 -6.20
N TRP A 61 -2.53 5.17 -6.86
CA TRP A 61 -3.37 6.26 -6.37
C TRP A 61 -2.66 7.63 -6.41
N GLY A 62 -1.78 7.89 -5.45
CA GLY A 62 -1.23 9.23 -5.29
C GLY A 62 0.25 9.33 -5.62
N ARG A 63 1.10 8.94 -4.69
CA ARG A 63 2.55 9.12 -4.82
C ARG A 63 3.15 8.10 -5.78
N SER A 64 3.14 8.43 -7.07
CA SER A 64 3.63 7.52 -8.09
C SER A 64 5.17 7.43 -8.08
N SER A 65 5.83 8.55 -7.79
CA SER A 65 7.29 8.57 -7.83
C SER A 65 7.86 9.69 -6.94
N LYS A 66 7.30 9.83 -5.74
CA LYS A 66 7.80 10.82 -4.80
C LYS A 66 7.89 10.25 -3.39
N GLN A 67 9.11 10.18 -2.88
CA GLN A 67 9.35 9.80 -1.50
C GLN A 67 9.55 11.05 -0.65
N TRP A 68 8.46 11.60 -0.16
CA TRP A 68 8.49 12.89 0.51
C TRP A 68 7.64 12.91 1.78
N GLU A 69 7.07 14.06 2.07
CA GLU A 69 6.35 14.29 3.32
C GLU A 69 4.93 13.71 3.28
N ASP A 70 4.53 13.21 2.13
CA ASP A 70 3.20 12.63 1.98
C ASP A 70 3.29 11.10 1.98
N PRO A 71 3.08 10.47 3.16
CA PRO A 71 3.20 9.04 3.33
C PRO A 71 1.87 8.31 3.18
N SER A 72 0.90 8.97 2.54
CA SER A 72 -0.43 8.42 2.36
C SER A 72 -1.22 8.41 3.67
N GLN A 73 -2.51 8.68 3.57
CA GLN A 73 -3.38 8.74 4.73
C GLN A 73 -3.78 7.33 5.21
N ALA A 74 -2.78 6.51 5.49
CA ALA A 74 -3.01 5.14 5.94
C ALA A 74 -2.68 5.00 7.41
N SER A 75 -2.83 6.10 8.15
CA SER A 75 -2.54 6.12 9.57
C SER A 75 -3.37 5.06 10.30
N LYS A 76 -4.63 4.93 9.88
CA LYS A 76 -5.56 3.99 10.50
C LYS A 76 -5.07 2.56 10.33
N VAL A 77 -4.28 2.32 9.30
CA VAL A 77 -3.73 1.00 9.05
C VAL A 77 -2.62 0.68 10.04
N CYS A 78 -1.57 1.49 10.04
CA CYS A 78 -0.40 1.20 10.86
C CYS A 78 -0.71 1.41 12.34
N GLN A 79 -1.65 2.31 12.66
CA GLN A 79 -2.05 2.51 14.05
C GLN A 79 -2.74 1.24 14.56
N ARG A 80 -3.42 0.55 13.66
CA ARG A 80 -4.04 -0.73 13.99
C ARG A 80 -2.95 -1.77 14.27
N LEU A 81 -1.85 -1.67 13.52
CA LEU A 81 -0.74 -2.60 13.69
C LEU A 81 0.28 -2.03 14.67
N ASN A 82 -0.16 -1.09 15.50
CA ASN A 82 0.63 -0.42 16.55
C ASN A 82 2.06 -0.07 16.08
N CYS A 83 2.18 0.32 14.82
CA CYS A 83 3.46 0.73 14.25
C CYS A 83 3.58 2.24 14.19
N GLY A 84 2.57 2.93 14.72
CA GLY A 84 2.60 4.38 14.81
C GLY A 84 1.88 5.04 13.66
N ASP A 85 2.58 5.97 13.01
CA ASP A 85 2.03 6.69 11.86
C ASP A 85 2.10 5.79 10.63
N PRO A 86 1.49 6.16 9.49
CA PRO A 86 1.45 5.27 8.34
C PRO A 86 2.76 5.11 7.64
N LEU A 87 2.89 3.93 7.08
CA LEU A 87 3.92 3.57 6.16
C LEU A 87 4.29 4.71 5.22
N SER A 88 5.49 5.19 5.42
CA SER A 88 6.08 6.18 4.54
C SER A 88 6.43 5.54 3.21
N LEU A 89 6.24 6.30 2.14
CA LEU A 89 6.47 5.80 0.80
C LEU A 89 7.92 5.97 0.39
N GLY A 90 8.54 4.85 0.06
CA GLY A 90 9.93 4.82 -0.36
C GLY A 90 10.31 3.44 -0.81
N PRO A 91 11.16 3.30 -1.85
CA PRO A 91 11.47 2.00 -2.44
C PRO A 91 12.10 1.03 -1.45
N PHE A 92 11.57 -0.17 -1.42
CA PHE A 92 11.97 -1.18 -0.47
C PHE A 92 12.94 -2.16 -1.11
N LEU A 93 13.68 -2.89 -0.29
CA LEU A 93 14.67 -3.85 -0.78
C LEU A 93 14.00 -5.04 -1.48
N LYS A 94 12.71 -5.23 -1.23
CA LYS A 94 11.96 -6.32 -1.84
C LYS A 94 11.00 -5.76 -2.87
N THR A 95 11.05 -6.30 -4.08
CA THR A 95 10.16 -5.86 -5.15
C THR A 95 8.88 -6.70 -5.13
N TYR A 96 7.87 -6.26 -5.87
CA TYR A 96 6.58 -6.92 -5.88
C TYR A 96 6.55 -8.08 -6.89
N THR A 97 5.36 -8.56 -7.18
CA THR A 97 5.18 -9.65 -8.13
C THR A 97 4.51 -9.11 -9.39
N PRO A 98 5.24 -9.08 -10.52
CA PRO A 98 4.79 -8.44 -11.78
C PRO A 98 3.63 -9.17 -12.46
N GLN A 99 2.61 -9.48 -11.68
CA GLN A 99 1.41 -10.15 -12.17
C GLN A 99 0.39 -10.19 -11.05
N SER A 100 0.79 -10.81 -9.93
CA SER A 100 -0.04 -10.89 -8.75
C SER A 100 -0.23 -9.52 -8.11
N SER A 101 0.81 -8.69 -8.18
CA SER A 101 0.74 -7.35 -7.64
C SER A 101 -0.04 -6.46 -8.59
N ILE A 102 -0.63 -5.40 -8.06
CA ILE A 102 -1.48 -4.54 -8.85
C ILE A 102 -1.17 -3.06 -8.61
N ILE A 103 -1.50 -2.26 -9.61
CA ILE A 103 -1.42 -0.81 -9.55
C ILE A 103 -2.85 -0.27 -9.46
N CYS A 104 -3.28 0.26 -8.34
CA CYS A 104 -4.64 0.75 -8.26
C CYS A 104 -4.66 2.28 -8.29
N TYR A 105 -5.26 2.84 -9.33
CA TYR A 105 -5.34 4.29 -9.47
C TYR A 105 -6.57 4.84 -8.75
N GLY A 106 -6.85 6.12 -8.96
CA GLY A 106 -8.01 6.74 -8.35
C GLY A 106 -7.62 7.62 -7.18
N GLN A 107 -8.55 7.82 -6.25
CA GLN A 107 -8.29 8.61 -5.07
C GLN A 107 -7.67 7.76 -3.98
N LEU A 108 -6.52 8.20 -3.48
CA LEU A 108 -5.85 7.53 -2.38
C LEU A 108 -6.82 7.33 -1.21
N GLY A 109 -7.27 6.10 -1.02
CA GLY A 109 -8.29 5.83 -0.03
C GLY A 109 -9.42 5.01 -0.59
N SER A 110 -9.76 5.22 -1.85
CA SER A 110 -10.84 4.48 -2.49
C SER A 110 -10.32 3.20 -3.15
N PHE A 111 -10.49 2.08 -2.47
CA PHE A 111 -10.01 0.80 -2.93
C PHE A 111 -11.09 0.05 -3.68
N SER A 112 -11.54 0.63 -4.78
CA SER A 112 -12.58 0.00 -5.59
C SER A 112 -12.04 -0.41 -6.96
N ASN A 113 -11.39 0.53 -7.65
CA ASN A 113 -10.80 0.22 -8.95
C ASN A 113 -9.30 -0.02 -8.83
N CYS A 114 -8.78 -0.83 -9.73
CA CYS A 114 -7.37 -1.17 -9.73
C CYS A 114 -6.99 -1.80 -11.07
N SER A 115 -5.72 -2.10 -11.25
CA SER A 115 -5.23 -2.69 -12.50
C SER A 115 -3.96 -3.48 -12.19
N HIS A 116 -3.44 -4.24 -13.14
CA HIS A 116 -2.25 -5.04 -12.88
C HIS A 116 -0.99 -4.19 -12.84
N SER A 117 0.07 -4.73 -12.25
CA SER A 117 1.31 -4.00 -12.02
C SER A 117 2.15 -3.86 -13.30
N ARG A 118 1.48 -3.88 -14.46
CA ARG A 118 2.17 -3.78 -15.73
C ARG A 118 1.71 -2.54 -16.50
N ASN A 119 0.71 -1.83 -15.97
CA ASN A 119 0.17 -0.64 -16.64
C ASN A 119 1.23 0.45 -16.80
N ASP A 120 1.53 1.14 -15.71
CA ASP A 120 2.60 2.14 -15.72
C ASP A 120 3.92 1.50 -15.31
N MET A 121 3.83 0.27 -14.80
CA MET A 121 4.98 -0.49 -14.33
C MET A 121 5.64 0.20 -13.15
N CYS A 122 5.06 -0.01 -11.99
CA CYS A 122 5.62 0.51 -10.75
C CYS A 122 6.92 -0.18 -10.39
N HIS A 123 7.77 0.53 -9.69
CA HIS A 123 8.99 -0.07 -9.18
C HIS A 123 8.73 -0.60 -7.78
N SER A 124 9.79 -1.02 -7.11
CA SER A 124 9.66 -1.59 -5.78
C SER A 124 9.43 -0.52 -4.72
N LEU A 125 8.41 0.31 -4.93
CA LEU A 125 8.05 1.31 -3.95
C LEU A 125 7.44 0.62 -2.74
N GLY A 126 8.00 0.87 -1.57
CA GLY A 126 7.55 0.18 -0.40
C GLY A 126 6.79 1.09 0.54
N LEU A 127 6.38 0.53 1.66
CA LEU A 127 5.54 1.24 2.61
C LEU A 127 5.94 0.82 4.00
N THR A 128 6.57 1.72 4.70
CA THR A 128 7.14 1.43 5.99
C THR A 128 6.46 2.25 7.08
N CYS A 129 5.59 1.58 7.86
CA CYS A 129 4.72 2.27 8.83
C CYS A 129 5.50 3.27 9.66
N LEU A 130 5.14 4.53 9.44
CA LEU A 130 5.80 5.69 10.00
C LEU A 130 7.18 5.87 9.38
N GLU A 131 8.13 5.06 9.81
CA GLU A 131 9.47 5.07 9.23
C GLU A 131 10.28 3.89 9.78
N ARG A 22 -15.61 2.37 4.17
CA ARG A 22 -15.73 1.16 3.32
C ARG A 22 -14.34 0.71 2.86
N LEU A 23 -14.22 0.25 1.62
CA LEU A 23 -12.93 -0.15 1.08
C LEU A 23 -12.02 1.07 0.92
N SER A 24 -11.40 1.48 2.01
CA SER A 24 -10.47 2.60 2.01
C SER A 24 -9.36 2.35 3.04
N TRP A 25 -8.15 2.81 2.77
CA TRP A 25 -7.03 2.50 3.66
C TRP A 25 -6.98 3.44 4.87
N TYR A 26 -8.07 4.14 5.12
CA TYR A 26 -8.19 4.97 6.31
C TYR A 26 -9.39 4.49 7.13
N ASP A 27 -9.95 3.36 6.72
CA ASP A 27 -11.11 2.78 7.38
C ASP A 27 -10.68 1.77 8.43
N PRO A 28 -11.12 1.95 9.68
CA PRO A 28 -10.71 1.08 10.80
C PRO A 28 -11.22 -0.36 10.68
N ASP A 29 -12.12 -0.60 9.76
CA ASP A 29 -12.71 -1.91 9.57
C ASP A 29 -12.16 -2.56 8.30
N PHE A 30 -11.39 -1.80 7.54
CA PHE A 30 -10.82 -2.30 6.29
C PHE A 30 -9.55 -3.10 6.54
N GLN A 31 -9.36 -4.17 5.80
CA GLN A 31 -8.18 -5.00 5.92
C GLN A 31 -7.03 -4.40 5.12
N ALA A 32 -5.99 -3.97 5.81
CA ALA A 32 -4.83 -3.37 5.17
C ALA A 32 -3.58 -3.70 5.97
N ARG A 33 -2.48 -3.92 5.25
CA ARG A 33 -1.23 -4.34 5.88
C ARG A 33 -0.10 -4.36 4.88
N LEU A 34 1.06 -4.80 5.35
CA LEU A 34 2.23 -4.93 4.52
C LEU A 34 2.40 -6.38 4.08
N THR A 35 3.25 -6.60 3.10
CA THR A 35 3.49 -7.93 2.58
C THR A 35 4.55 -8.66 3.40
N ARG A 36 4.97 -9.83 2.90
CA ARG A 36 5.95 -10.65 3.61
C ARG A 36 7.37 -10.08 3.46
N SER A 37 7.60 -8.89 3.98
CA SER A 37 8.91 -8.28 3.96
C SER A 37 9.67 -8.58 5.26
N ASN A 38 9.17 -9.57 6.00
CA ASN A 38 9.80 -10.01 7.25
C ASN A 38 9.76 -8.92 8.31
N SER A 39 8.82 -8.00 8.17
CA SER A 39 8.63 -6.91 9.13
C SER A 39 7.17 -6.47 9.10
N LYS A 40 6.52 -6.50 10.26
CA LYS A 40 5.09 -6.20 10.31
C LYS A 40 4.83 -4.71 10.27
N CYS A 41 5.88 -3.93 10.48
CA CYS A 41 5.77 -2.49 10.38
C CYS A 41 6.68 -1.95 9.26
N GLN A 42 7.14 -2.84 8.38
CA GLN A 42 7.92 -2.45 7.20
C GLN A 42 7.61 -3.38 6.03
N GLY A 43 7.22 -2.83 4.89
CA GLY A 43 6.91 -3.65 3.73
C GLY A 43 6.05 -2.94 2.70
N GLN A 44 5.83 -3.59 1.56
CA GLN A 44 4.96 -3.02 0.53
C GLN A 44 3.50 -3.32 0.86
N LEU A 45 2.59 -2.54 0.28
CA LEU A 45 1.20 -2.57 0.69
C LEU A 45 0.44 -3.78 0.12
N GLU A 46 -0.30 -4.43 1.01
CA GLU A 46 -1.17 -5.54 0.66
C GLU A 46 -2.54 -5.30 1.29
N VAL A 47 -3.56 -5.14 0.45
CA VAL A 47 -4.89 -4.80 0.94
C VAL A 47 -5.96 -5.72 0.36
N TYR A 48 -6.92 -6.10 1.18
CA TYR A 48 -7.98 -7.00 0.74
C TYR A 48 -9.20 -6.22 0.28
N LEU A 49 -9.51 -6.31 -1.00
CA LEU A 49 -10.65 -5.60 -1.55
C LEU A 49 -11.16 -6.27 -2.79
N LYS A 50 -12.48 -6.18 -2.99
CA LYS A 50 -13.17 -6.78 -4.13
C LYS A 50 -13.17 -8.30 -4.04
N ASP A 51 -12.05 -8.86 -3.61
CA ASP A 51 -11.86 -10.32 -3.51
C ASP A 51 -10.41 -10.68 -3.26
N GLY A 52 -9.51 -9.79 -3.68
CA GLY A 52 -8.10 -10.11 -3.65
C GLY A 52 -7.34 -9.45 -2.52
N TRP A 53 -6.56 -10.25 -1.80
CA TRP A 53 -5.47 -9.71 -1.01
C TRP A 53 -4.44 -9.16 -1.97
N HIS A 54 -4.66 -7.93 -2.38
CA HIS A 54 -3.95 -7.36 -3.49
C HIS A 54 -2.62 -6.77 -3.08
N MET A 55 -1.53 -7.36 -3.55
CA MET A 55 -0.21 -6.76 -3.40
C MET A 55 -0.08 -5.63 -4.41
N VAL A 56 -0.08 -4.40 -3.93
CA VAL A 56 -0.07 -3.24 -4.82
C VAL A 56 1.36 -2.83 -5.13
N CYS A 57 1.52 -1.84 -6.01
CA CYS A 57 2.86 -1.36 -6.36
C CYS A 57 3.29 -0.32 -5.33
N SER A 58 2.49 -0.23 -4.24
CA SER A 58 2.71 0.69 -3.12
C SER A 58 2.18 2.09 -3.42
N GLN A 59 2.56 2.65 -4.56
CA GLN A 59 2.15 4.02 -4.89
C GLN A 59 0.97 4.04 -5.86
N SER A 60 0.17 2.97 -5.83
CA SER A 60 -1.02 2.87 -6.66
C SER A 60 -2.04 3.95 -6.29
N TRP A 61 -3.10 4.07 -7.08
CA TRP A 61 -4.16 5.07 -6.87
C TRP A 61 -3.66 6.47 -7.22
N GLY A 62 -2.90 7.08 -6.33
CA GLY A 62 -2.42 8.42 -6.57
C GLY A 62 -1.32 8.84 -5.61
N ARG A 63 -0.20 8.13 -5.63
CA ARG A 63 0.96 8.54 -4.85
C ARG A 63 2.06 9.03 -5.76
N SER A 64 2.48 10.28 -5.56
CA SER A 64 3.54 10.88 -6.36
C SER A 64 4.88 10.23 -6.05
N SER A 65 5.67 9.96 -7.09
CA SER A 65 7.00 9.41 -6.90
C SER A 65 7.93 10.50 -6.38
N LYS A 66 8.18 10.50 -5.08
CA LYS A 66 8.96 11.54 -4.44
C LYS A 66 9.41 11.07 -3.07
N GLN A 67 10.58 11.52 -2.64
CA GLN A 67 11.07 11.18 -1.31
C GLN A 67 10.47 12.12 -0.27
N TRP A 68 9.41 11.64 0.38
CA TRP A 68 8.64 12.41 1.35
C TRP A 68 7.73 13.42 0.66
N GLU A 69 6.48 13.45 1.10
CA GLU A 69 5.45 14.30 0.52
C GLU A 69 4.21 14.20 1.39
N ASP A 70 3.89 12.96 1.75
CA ASP A 70 2.78 12.65 2.65
C ASP A 70 2.88 11.21 3.11
N PRO A 71 3.36 10.98 4.34
CA PRO A 71 3.50 9.65 4.92
C PRO A 71 2.30 9.26 5.80
N SER A 72 1.12 9.78 5.49
CA SER A 72 -0.04 9.52 6.33
C SER A 72 -1.12 8.73 5.56
N GLN A 73 -2.37 9.14 5.73
CA GLN A 73 -3.54 8.52 5.10
C GLN A 73 -3.89 7.17 5.73
N ALA A 74 -2.94 6.24 5.76
CA ALA A 74 -3.17 4.90 6.32
C ALA A 74 -2.82 4.87 7.80
N SER A 75 -2.96 6.03 8.44
CA SER A 75 -2.59 6.20 9.84
C SER A 75 -3.30 5.17 10.72
N LYS A 76 -4.58 4.98 10.46
CA LYS A 76 -5.39 4.11 11.28
C LYS A 76 -4.97 2.64 11.17
N VAL A 77 -4.51 2.23 9.99
CA VAL A 77 -4.21 0.82 9.77
C VAL A 77 -2.92 0.41 10.48
N CYS A 78 -1.85 1.22 10.40
CA CYS A 78 -0.63 0.87 11.10
C CYS A 78 -0.79 1.09 12.60
N GLN A 79 -1.67 2.03 12.97
CA GLN A 79 -2.01 2.25 14.36
C GLN A 79 -2.75 1.04 14.90
N ARG A 80 -3.58 0.45 14.05
CA ARG A 80 -4.30 -0.78 14.38
C ARG A 80 -3.33 -1.95 14.46
N LEU A 81 -2.19 -1.81 13.79
CA LEU A 81 -1.15 -2.82 13.79
C LEU A 81 -0.12 -2.52 14.88
N ASN A 82 -0.48 -1.59 15.77
CA ASN A 82 0.40 -1.11 16.86
C ASN A 82 1.82 -0.82 16.38
N CYS A 83 1.92 -0.37 15.13
CA CYS A 83 3.20 0.04 14.57
C CYS A 83 3.32 1.56 14.65
N GLY A 84 2.33 2.17 15.30
CA GLY A 84 2.33 3.60 15.50
C GLY A 84 1.67 4.35 14.37
N ASP A 85 2.39 5.29 13.80
CA ASP A 85 1.89 6.10 12.70
C ASP A 85 1.95 5.30 11.40
N PRO A 86 1.38 5.80 10.28
CA PRO A 86 1.36 5.04 9.04
C PRO A 86 2.70 4.96 8.36
N LEU A 87 2.83 3.87 7.63
CA LEU A 87 3.88 3.67 6.70
C LEU A 87 4.30 4.95 6.00
N SER A 88 5.49 5.36 6.34
CA SER A 88 6.16 6.45 5.68
C SER A 88 6.52 6.05 4.25
N LEU A 89 6.64 7.03 3.37
CA LEU A 89 6.88 6.76 1.96
C LEU A 89 8.36 6.88 1.59
N GLY A 90 8.84 5.83 0.95
CA GLY A 90 10.20 5.80 0.45
C GLY A 90 10.40 4.58 -0.42
N PRO A 91 10.96 4.71 -1.63
CA PRO A 91 11.01 3.63 -2.62
C PRO A 91 11.69 2.37 -2.05
N PHE A 92 10.98 1.26 -2.17
CA PHE A 92 11.37 0.01 -1.52
C PHE A 92 11.63 -1.06 -2.57
N LEU A 93 12.24 -2.16 -2.15
CA LEU A 93 12.51 -3.28 -3.04
C LEU A 93 11.19 -3.90 -3.53
N LYS A 94 11.13 -4.19 -4.83
CA LYS A 94 9.93 -4.77 -5.41
C LYS A 94 9.70 -6.19 -4.88
N THR A 95 8.67 -6.33 -4.07
CA THR A 95 8.31 -7.62 -3.50
C THR A 95 7.14 -8.23 -4.26
N TYR A 96 6.53 -7.43 -5.12
CA TYR A 96 5.39 -7.87 -5.91
C TYR A 96 5.86 -8.40 -7.26
N THR A 97 4.94 -9.01 -8.01
CA THR A 97 5.28 -9.57 -9.31
C THR A 97 4.09 -9.49 -10.27
N PRO A 98 4.34 -8.96 -11.48
CA PRO A 98 3.34 -8.79 -12.53
C PRO A 98 2.68 -10.10 -12.93
N GLN A 99 1.51 -10.32 -12.37
CA GLN A 99 0.68 -11.48 -12.63
C GLN A 99 -0.42 -11.49 -11.60
N SER A 100 0.00 -11.61 -10.35
CA SER A 100 -0.89 -11.57 -9.23
C SER A 100 -0.83 -10.20 -8.55
N SER A 101 0.27 -9.47 -8.77
CA SER A 101 0.36 -8.11 -8.25
C SER A 101 -0.50 -7.20 -9.09
N ILE A 102 -0.96 -6.12 -8.47
CA ILE A 102 -1.85 -5.19 -9.13
C ILE A 102 -1.41 -3.75 -8.89
N ILE A 103 -1.82 -2.86 -9.77
CA ILE A 103 -1.60 -1.44 -9.60
C ILE A 103 -2.94 -0.74 -9.79
N CYS A 104 -3.52 -0.27 -8.70
CA CYS A 104 -4.83 0.36 -8.77
C CYS A 104 -4.67 1.82 -9.14
N TYR A 105 -5.76 2.46 -9.52
CA TYR A 105 -5.75 3.86 -9.89
C TYR A 105 -7.05 4.52 -9.44
N GLY A 106 -7.16 5.81 -9.64
CA GLY A 106 -8.37 6.51 -9.28
C GLY A 106 -8.12 7.56 -8.22
N GLN A 107 -9.06 7.67 -7.30
CA GLN A 107 -8.95 8.64 -6.23
C GLN A 107 -8.24 8.02 -5.02
N LEU A 108 -7.12 8.63 -4.63
CA LEU A 108 -6.34 8.15 -3.49
C LEU A 108 -7.22 8.00 -2.24
N GLY A 109 -7.23 6.79 -1.70
CA GLY A 109 -8.06 6.52 -0.55
C GLY A 109 -9.17 5.56 -0.89
N SER A 110 -9.66 5.62 -2.11
CA SER A 110 -10.75 4.78 -2.55
C SER A 110 -10.23 3.44 -3.07
N PHE A 111 -10.16 2.47 -2.17
CA PHE A 111 -9.66 1.14 -2.49
C PHE A 111 -10.78 0.25 -3.01
N SER A 112 -11.68 0.84 -3.78
CA SER A 112 -12.85 0.15 -4.26
C SER A 112 -12.58 -0.51 -5.61
N ASN A 113 -11.53 -0.07 -6.30
CA ASN A 113 -11.24 -0.55 -7.65
C ASN A 113 -9.73 -0.57 -7.91
N CYS A 114 -9.28 -1.56 -8.68
CA CYS A 114 -7.86 -1.69 -9.02
C CYS A 114 -7.67 -2.15 -10.47
N SER A 115 -6.43 -2.44 -10.82
CA SER A 115 -6.07 -2.99 -12.12
C SER A 115 -4.83 -3.86 -11.95
N HIS A 116 -4.50 -4.69 -12.93
CA HIS A 116 -3.38 -5.61 -12.79
C HIS A 116 -2.06 -4.93 -13.14
N SER A 117 -0.99 -5.38 -12.51
CA SER A 117 0.34 -4.83 -12.77
C SER A 117 0.84 -5.31 -14.13
N ARG A 118 0.65 -4.48 -15.14
CA ARG A 118 1.13 -4.79 -16.48
C ARG A 118 2.59 -4.38 -16.64
N ASN A 119 3.10 -3.72 -15.62
CA ASN A 119 4.50 -3.33 -15.58
C ASN A 119 5.22 -4.16 -14.54
N ASP A 120 6.52 -4.37 -14.73
CA ASP A 120 7.31 -5.16 -13.81
C ASP A 120 7.47 -4.43 -12.48
N MET A 121 7.56 -3.11 -12.57
CA MET A 121 7.63 -2.27 -11.39
C MET A 121 7.06 -0.90 -11.70
N CYS A 122 6.13 -0.43 -10.87
CA CYS A 122 5.56 0.90 -11.06
C CYS A 122 6.58 1.94 -10.58
N HIS A 123 7.37 1.50 -9.59
CA HIS A 123 8.48 2.24 -8.98
C HIS A 123 8.72 1.65 -7.61
N SER A 124 7.63 1.13 -7.05
CA SER A 124 7.62 0.50 -5.73
C SER A 124 7.94 1.53 -4.65
N LEU A 125 7.36 2.73 -4.78
CA LEU A 125 7.46 3.74 -3.73
C LEU A 125 6.93 3.14 -2.44
N GLY A 126 7.85 2.75 -1.56
CA GLY A 126 7.52 1.82 -0.52
C GLY A 126 6.92 2.47 0.68
N LEU A 127 6.61 1.65 1.65
CA LEU A 127 5.89 2.06 2.82
C LEU A 127 6.48 1.35 4.04
N THR A 128 6.42 2.01 5.16
CA THR A 128 6.97 1.50 6.39
C THR A 128 6.26 2.12 7.58
N CYS A 129 5.37 1.35 8.22
CA CYS A 129 4.46 1.88 9.25
C CYS A 129 5.21 2.72 10.25
N LEU A 130 5.07 4.03 10.07
CA LEU A 130 5.76 5.05 10.82
C LEU A 130 7.26 5.05 10.53
N GLU A 131 7.96 4.11 11.11
CA GLU A 131 9.42 4.05 11.00
C GLU A 131 9.94 2.64 11.28
N ARG A 22 -18.36 2.20 -2.51
CA ARG A 22 -16.93 2.53 -2.64
C ARG A 22 -16.17 2.13 -1.39
N LEU A 23 -14.99 1.58 -1.56
CA LEU A 23 -14.16 1.17 -0.45
C LEU A 23 -13.10 2.23 -0.16
N SER A 24 -12.81 2.45 1.10
CA SER A 24 -11.80 3.41 1.50
C SER A 24 -10.88 2.78 2.55
N TRP A 25 -9.57 2.98 2.39
CA TRP A 25 -8.61 2.32 3.29
C TRP A 25 -8.57 2.98 4.66
N TYR A 26 -9.15 4.17 4.78
CA TYR A 26 -9.18 4.85 6.06
C TYR A 26 -10.46 4.49 6.81
N ASP A 27 -11.24 3.59 6.23
CA ASP A 27 -12.45 3.07 6.87
C ASP A 27 -12.05 2.12 8.00
N PRO A 28 -12.71 2.21 9.17
CA PRO A 28 -12.38 1.36 10.32
C PRO A 28 -12.56 -0.13 10.03
N ASP A 29 -13.40 -0.45 9.06
CA ASP A 29 -13.68 -1.84 8.72
C ASP A 29 -12.88 -2.26 7.49
N PHE A 30 -11.82 -1.53 7.19
CA PHE A 30 -10.95 -1.88 6.08
C PHE A 30 -9.63 -2.46 6.60
N GLN A 31 -9.31 -3.68 6.17
CA GLN A 31 -8.08 -4.34 6.59
C GLN A 31 -6.92 -3.99 5.66
N ALA A 32 -5.78 -3.65 6.24
CA ALA A 32 -4.59 -3.30 5.47
C ALA A 32 -3.35 -3.55 6.31
N ARG A 33 -2.27 -3.99 5.67
CA ARG A 33 -1.03 -4.32 6.39
C ARG A 33 0.11 -4.64 5.42
N LEU A 34 1.25 -4.99 5.98
CA LEU A 34 2.44 -5.29 5.20
C LEU A 34 2.67 -6.79 5.12
N THR A 35 3.17 -7.25 3.98
CA THR A 35 3.42 -8.68 3.76
C THR A 35 4.75 -8.90 3.04
N ARG A 36 5.12 -10.19 2.92
CA ARG A 36 6.34 -10.61 2.21
C ARG A 36 7.60 -10.15 2.94
N SER A 37 7.44 -9.83 4.22
CA SER A 37 8.54 -9.38 5.05
C SER A 37 8.53 -10.15 6.36
N ASN A 38 9.18 -9.59 7.38
CA ASN A 38 9.14 -10.19 8.71
C ASN A 38 8.66 -9.18 9.74
N SER A 39 8.10 -8.08 9.25
CA SER A 39 7.67 -7.01 10.13
C SER A 39 6.30 -6.50 9.73
N LYS A 40 5.42 -6.40 10.71
CA LYS A 40 4.12 -5.79 10.50
C LYS A 40 4.26 -4.28 10.42
N CYS A 41 5.44 -3.79 10.79
CA CYS A 41 5.73 -2.37 10.74
C CYS A 41 6.71 -2.06 9.61
N GLN A 42 7.03 -3.06 8.80
CA GLN A 42 7.92 -2.87 7.64
C GLN A 42 7.71 -3.97 6.61
N GLY A 43 7.41 -3.60 5.37
CA GLY A 43 7.10 -4.57 4.35
C GLY A 43 6.34 -3.98 3.18
N GLN A 44 6.01 -4.81 2.20
CA GLN A 44 5.23 -4.36 1.04
C GLN A 44 3.74 -4.34 1.39
N LEU A 45 2.99 -3.46 0.73
CA LEU A 45 1.60 -3.19 1.09
C LEU A 45 0.65 -4.26 0.54
N GLU A 46 -0.22 -4.75 1.41
CA GLU A 46 -1.30 -5.63 1.01
C GLU A 46 -2.60 -5.13 1.65
N VAL A 47 -3.61 -4.88 0.84
CA VAL A 47 -4.87 -4.34 1.32
C VAL A 47 -6.03 -5.26 1.01
N TYR A 48 -6.98 -5.33 1.92
CA TYR A 48 -8.15 -6.17 1.77
C TYR A 48 -9.32 -5.36 1.24
N LEU A 49 -9.66 -5.57 -0.02
CA LEU A 49 -10.78 -4.87 -0.64
C LEU A 49 -11.76 -5.84 -1.24
N LYS A 50 -13.01 -5.78 -0.77
CA LYS A 50 -14.08 -6.69 -1.19
C LYS A 50 -13.81 -8.11 -0.69
N ASP A 51 -12.58 -8.56 -0.88
CA ASP A 51 -12.18 -9.93 -0.57
C ASP A 51 -10.74 -10.16 -1.01
N GLY A 52 -10.32 -9.40 -2.02
CA GLY A 52 -8.97 -9.49 -2.51
C GLY A 52 -7.96 -8.83 -1.62
N TRP A 53 -7.14 -9.64 -0.96
CA TRP A 53 -5.94 -9.14 -0.32
C TRP A 53 -4.94 -8.80 -1.41
N HIS A 54 -5.10 -7.62 -1.99
CA HIS A 54 -4.30 -7.25 -3.12
C HIS A 54 -2.91 -6.79 -2.69
N MET A 55 -1.89 -7.50 -3.14
CA MET A 55 -0.53 -7.05 -2.95
C MET A 55 -0.26 -5.89 -3.90
N VAL A 56 -0.21 -4.69 -3.36
CA VAL A 56 -0.21 -3.51 -4.18
C VAL A 56 1.07 -2.70 -3.99
N CYS A 57 1.47 -1.99 -5.03
CA CYS A 57 2.60 -1.09 -4.91
C CYS A 57 2.20 0.20 -4.21
N SER A 58 3.08 0.63 -3.30
CA SER A 58 2.84 1.78 -2.41
C SER A 58 2.73 3.12 -3.16
N GLN A 59 2.49 3.08 -4.47
CA GLN A 59 2.42 4.31 -5.25
C GLN A 59 1.18 4.33 -6.16
N SER A 60 0.30 3.36 -5.98
CA SER A 60 -0.89 3.25 -6.82
C SER A 60 -1.91 4.34 -6.48
N TRP A 61 -3.02 4.38 -7.24
CA TRP A 61 -4.06 5.39 -7.05
C TRP A 61 -3.58 6.77 -7.48
N GLY A 62 -2.80 7.42 -6.64
CA GLY A 62 -2.31 8.75 -6.95
C GLY A 62 -1.21 8.71 -8.00
N ARG A 63 -0.56 7.54 -8.13
CA ARG A 63 0.49 7.30 -9.12
C ARG A 63 1.73 8.14 -8.82
N SER A 64 2.75 7.49 -8.28
CA SER A 64 4.03 8.13 -8.02
C SER A 64 5.15 7.32 -8.66
N SER A 65 6.15 8.04 -9.16
CA SER A 65 7.30 7.39 -9.77
C SER A 65 8.55 7.61 -8.91
N LYS A 66 8.38 8.28 -7.78
CA LYS A 66 9.51 8.62 -6.92
C LYS A 66 9.19 8.34 -5.45
N GLN A 67 8.34 9.18 -4.85
CA GLN A 67 8.04 9.05 -3.43
C GLN A 67 6.88 9.98 -3.03
N TRP A 68 6.20 9.63 -1.96
CA TRP A 68 5.19 10.49 -1.36
C TRP A 68 5.76 11.11 -0.11
N GLU A 69 5.41 12.35 0.19
CA GLU A 69 5.95 13.01 1.36
C GLU A 69 4.93 13.01 2.50
N ASP A 70 3.71 12.57 2.22
CA ASP A 70 2.71 12.40 3.25
C ASP A 70 2.17 10.99 3.24
N PRO A 71 2.75 10.11 4.06
CA PRO A 71 2.37 8.71 4.15
C PRO A 71 1.30 8.44 5.19
N SER A 72 0.40 9.41 5.37
CA SER A 72 -0.64 9.30 6.35
C SER A 72 -1.82 8.49 5.80
N GLN A 73 -3.00 8.76 6.34
CA GLN A 73 -4.24 8.07 5.99
C GLN A 73 -4.26 6.62 6.52
N ALA A 74 -3.16 5.90 6.33
CA ALA A 74 -3.04 4.52 6.78
C ALA A 74 -2.62 4.45 8.25
N SER A 75 -2.75 5.57 8.94
CA SER A 75 -2.45 5.65 10.36
C SER A 75 -3.22 4.58 11.12
N LYS A 76 -4.47 4.40 10.70
CA LYS A 76 -5.37 3.41 11.29
C LYS A 76 -4.80 1.99 11.19
N VAL A 77 -4.11 1.68 10.09
CA VAL A 77 -3.64 0.33 9.87
C VAL A 77 -2.45 0.02 10.79
N CYS A 78 -1.47 0.91 10.86
CA CYS A 78 -0.32 0.67 11.71
C CYS A 78 -0.69 0.90 13.17
N GLN A 79 -1.74 1.70 13.39
CA GLN A 79 -2.33 1.88 14.72
C GLN A 79 -2.73 0.54 15.30
N ARG A 80 -3.47 -0.24 14.52
CA ARG A 80 -3.91 -1.56 14.95
C ARG A 80 -2.77 -2.57 14.87
N LEU A 81 -1.69 -2.19 14.21
CA LEU A 81 -0.49 -3.01 14.17
C LEU A 81 0.45 -2.58 15.29
N ASN A 82 -0.03 -1.62 16.11
CA ASN A 82 0.74 -1.02 17.22
C ASN A 82 2.15 -0.64 16.79
N CYS A 83 2.28 -0.17 15.55
CA CYS A 83 3.55 0.26 15.00
C CYS A 83 3.64 1.78 15.01
N GLY A 84 2.68 2.42 15.69
CA GLY A 84 2.67 3.87 15.81
C GLY A 84 1.97 4.55 14.66
N ASP A 85 2.64 5.50 14.04
CA ASP A 85 2.09 6.23 12.91
C ASP A 85 2.21 5.37 11.65
N PRO A 86 1.60 5.76 10.51
CA PRO A 86 1.61 4.91 9.34
C PRO A 86 2.93 4.84 8.63
N LEU A 87 3.12 3.69 8.02
CA LEU A 87 4.17 3.41 7.10
C LEU A 87 4.57 4.61 6.27
N SER A 88 5.79 5.02 6.50
CA SER A 88 6.44 6.03 5.69
C SER A 88 6.61 5.52 4.26
N LEU A 89 6.52 6.42 3.29
CA LEU A 89 6.55 6.05 1.89
C LEU A 89 7.91 6.33 1.26
N GLY A 90 8.42 5.33 0.57
CA GLY A 90 9.68 5.44 -0.12
C GLY A 90 10.22 4.08 -0.47
N PRO A 91 10.98 3.95 -1.58
CA PRO A 91 11.43 2.65 -2.09
C PRO A 91 12.20 1.84 -1.05
N PHE A 92 11.72 0.64 -0.77
CA PHE A 92 12.25 -0.19 0.31
C PHE A 92 13.13 -1.32 -0.24
N LEU A 93 12.50 -2.36 -0.77
CA LEU A 93 13.24 -3.48 -1.34
C LEU A 93 13.40 -3.28 -2.84
N LYS A 94 13.72 -4.33 -3.58
CA LYS A 94 13.90 -4.20 -5.02
C LYS A 94 12.88 -5.06 -5.79
N THR A 95 12.36 -4.46 -6.87
CA THR A 95 11.48 -5.09 -7.86
C THR A 95 10.11 -5.53 -7.33
N TYR A 96 9.07 -5.19 -8.08
CA TYR A 96 7.74 -5.74 -7.88
C TYR A 96 7.50 -6.90 -8.84
N THR A 97 6.26 -7.33 -8.97
CA THR A 97 5.91 -8.43 -9.85
C THR A 97 4.50 -8.22 -10.40
N PRO A 98 4.36 -8.06 -11.73
CA PRO A 98 3.09 -7.69 -12.37
C PRO A 98 2.08 -8.85 -12.42
N GLN A 99 2.38 -9.88 -11.67
CA GLN A 99 1.53 -11.05 -11.59
C GLN A 99 0.81 -11.05 -10.24
N SER A 100 1.60 -11.21 -9.18
CA SER A 100 1.05 -11.24 -7.83
C SER A 100 0.79 -9.82 -7.31
N SER A 101 1.59 -8.87 -7.76
CA SER A 101 1.43 -7.49 -7.33
C SER A 101 0.64 -6.70 -8.36
N ILE A 102 -0.14 -5.73 -7.90
CA ILE A 102 -0.98 -4.95 -8.77
C ILE A 102 -0.80 -3.45 -8.55
N ILE A 103 -1.15 -2.66 -9.55
CA ILE A 103 -1.18 -1.21 -9.44
C ILE A 103 -2.62 -0.75 -9.53
N CYS A 104 -3.16 -0.16 -8.49
CA CYS A 104 -4.52 0.35 -8.58
C CYS A 104 -4.49 1.82 -9.02
N TYR A 105 -5.65 2.39 -9.27
CA TYR A 105 -5.74 3.75 -9.81
C TYR A 105 -6.90 4.50 -9.17
N GLY A 106 -7.03 5.78 -9.53
CA GLY A 106 -8.11 6.59 -9.03
C GLY A 106 -7.65 7.59 -7.99
N GLN A 107 -8.53 7.91 -7.05
CA GLN A 107 -8.18 8.82 -5.98
C GLN A 107 -7.60 8.03 -4.81
N LEU A 108 -6.48 8.51 -4.26
CA LEU A 108 -5.85 7.84 -3.12
C LEU A 108 -6.81 7.79 -1.94
N GLY A 109 -7.33 6.60 -1.68
CA GLY A 109 -8.31 6.43 -0.65
C GLY A 109 -9.49 5.61 -1.15
N SER A 110 -9.78 5.73 -2.44
CA SER A 110 -10.87 5.00 -3.04
C SER A 110 -10.38 3.67 -3.61
N PHE A 111 -10.39 2.66 -2.77
CA PHE A 111 -9.89 1.34 -3.13
C PHE A 111 -10.96 0.53 -3.83
N SER A 112 -11.42 1.02 -4.95
CA SER A 112 -12.46 0.36 -5.73
C SER A 112 -12.14 0.40 -7.22
N ASN A 113 -10.86 0.53 -7.55
CA ASN A 113 -10.41 0.50 -8.94
C ASN A 113 -8.94 0.14 -9.02
N CYS A 114 -8.65 -1.10 -9.38
CA CYS A 114 -7.28 -1.54 -9.48
C CYS A 114 -6.96 -2.08 -10.88
N SER A 115 -5.69 -2.43 -11.08
CA SER A 115 -5.22 -2.96 -12.35
C SER A 115 -3.91 -3.72 -12.12
N HIS A 116 -3.32 -4.27 -13.17
CA HIS A 116 -2.03 -4.94 -13.07
C HIS A 116 -0.90 -4.00 -13.47
N SER A 117 0.33 -4.38 -13.13
CA SER A 117 1.49 -3.59 -13.49
C SER A 117 1.80 -3.74 -14.98
N ARG A 118 0.96 -3.11 -15.80
CA ARG A 118 1.08 -3.21 -17.26
C ARG A 118 1.33 -1.84 -17.89
N ASN A 119 0.38 -0.91 -17.68
CA ASN A 119 0.49 0.44 -18.22
C ASN A 119 1.75 1.12 -17.70
N ASP A 120 2.08 0.77 -16.47
CA ASP A 120 3.30 1.19 -15.83
C ASP A 120 3.70 0.05 -14.93
N MET A 121 4.97 -0.08 -14.66
CA MET A 121 5.42 -1.00 -13.65
C MET A 121 5.97 -0.22 -12.47
N CYS A 122 5.30 -0.36 -11.34
CA CYS A 122 5.68 0.36 -10.14
C CYS A 122 7.03 -0.11 -9.63
N HIS A 123 7.92 0.85 -9.40
CA HIS A 123 9.18 0.56 -8.73
C HIS A 123 8.87 0.12 -7.32
N SER A 124 9.83 -0.49 -6.64
CA SER A 124 9.58 -1.08 -5.34
C SER A 124 9.45 -0.02 -4.23
N LEU A 125 8.42 0.82 -4.37
CA LEU A 125 8.05 1.77 -3.33
C LEU A 125 7.64 1.00 -2.10
N GLY A 126 8.25 1.33 -0.98
CA GLY A 126 8.00 0.58 0.23
C GLY A 126 7.19 1.35 1.22
N LEU A 127 6.87 0.70 2.31
CA LEU A 127 6.06 1.27 3.35
C LEU A 127 6.50 0.68 4.69
N THR A 128 6.74 1.54 5.63
CA THR A 128 7.28 1.13 6.91
C THR A 128 6.65 1.95 8.03
N CYS A 129 5.74 1.33 8.78
CA CYS A 129 4.90 2.03 9.76
C CYS A 129 5.70 2.99 10.62
N LEU A 130 5.42 4.28 10.37
CA LEU A 130 5.99 5.40 11.09
C LEU A 130 7.42 5.70 10.65
N GLU A 131 8.32 4.76 10.89
CA GLU A 131 9.75 4.98 10.67
C GLU A 131 10.12 4.85 9.19
N ARG A 22 -16.37 2.32 3.80
CA ARG A 22 -16.23 1.09 2.98
C ARG A 22 -14.76 0.91 2.59
N LEU A 23 -14.50 0.17 1.50
CA LEU A 23 -13.14 -0.12 1.02
C LEU A 23 -12.24 1.13 0.97
N SER A 24 -11.63 1.45 2.09
CA SER A 24 -10.68 2.54 2.18
C SER A 24 -9.61 2.20 3.21
N TRP A 25 -8.37 2.66 3.03
CA TRP A 25 -7.30 2.30 3.94
C TRP A 25 -7.32 3.17 5.21
N TYR A 26 -8.48 3.72 5.51
CA TYR A 26 -8.71 4.43 6.75
C TYR A 26 -10.04 4.01 7.36
N ASP A 27 -10.56 2.89 6.87
CA ASP A 27 -11.81 2.33 7.37
C ASP A 27 -11.50 1.27 8.42
N PRO A 28 -12.13 1.36 9.61
CA PRO A 28 -11.86 0.45 10.72
C PRO A 28 -12.24 -1.01 10.41
N ASP A 29 -13.15 -1.20 9.48
CA ASP A 29 -13.60 -2.55 9.14
C ASP A 29 -12.77 -3.10 7.99
N PHE A 30 -12.11 -2.20 7.27
CA PHE A 30 -11.27 -2.60 6.16
C PHE A 30 -10.01 -3.30 6.67
N GLN A 31 -9.53 -4.27 5.91
CA GLN A 31 -8.35 -5.00 6.33
C GLN A 31 -7.18 -4.65 5.42
N ALA A 32 -6.15 -4.06 6.01
CA ALA A 32 -4.96 -3.64 5.26
C ALA A 32 -3.70 -4.02 6.01
N ARG A 33 -2.58 -4.06 5.30
CA ARG A 33 -1.31 -4.50 5.87
C ARG A 33 -0.19 -4.37 4.87
N LEU A 34 0.97 -4.84 5.28
CA LEU A 34 2.14 -4.89 4.41
C LEU A 34 2.26 -6.30 3.86
N THR A 35 3.09 -6.46 2.85
CA THR A 35 3.39 -7.78 2.33
C THR A 35 4.46 -8.44 3.18
N ARG A 36 4.56 -9.76 3.08
CA ARG A 36 5.51 -10.53 3.90
C ARG A 36 6.95 -10.07 3.66
N SER A 37 7.45 -9.28 4.59
CA SER A 37 8.81 -8.77 4.54
C SER A 37 9.49 -9.00 5.88
N ASN A 38 9.00 -10.02 6.60
CA ASN A 38 9.48 -10.38 7.93
C ASN A 38 9.05 -9.37 8.98
N SER A 39 9.42 -8.11 8.77
CA SER A 39 9.06 -7.04 9.68
C SER A 39 7.60 -6.66 9.52
N LYS A 40 6.85 -6.76 10.62
CA LYS A 40 5.41 -6.54 10.59
C LYS A 40 5.05 -5.06 10.46
N CYS A 41 6.04 -4.19 10.62
CA CYS A 41 5.79 -2.76 10.48
C CYS A 41 6.67 -2.18 9.37
N GLN A 42 7.22 -3.05 8.52
CA GLN A 42 7.98 -2.60 7.35
C GLN A 42 7.60 -3.44 6.13
N GLY A 43 7.30 -2.77 5.02
CA GLY A 43 6.92 -3.48 3.80
C GLY A 43 5.86 -2.74 3.04
N GLN A 44 5.83 -2.92 1.72
CA GLN A 44 4.88 -2.18 0.90
C GLN A 44 3.48 -2.80 0.95
N LEU A 45 2.49 -2.00 0.55
CA LEU A 45 1.09 -2.25 0.91
C LEU A 45 0.45 -3.49 0.26
N GLU A 46 -0.38 -4.14 1.05
CA GLU A 46 -1.21 -5.26 0.65
C GLU A 46 -2.59 -5.09 1.30
N VAL A 47 -3.62 -4.90 0.50
CA VAL A 47 -4.95 -4.58 1.03
C VAL A 47 -6.00 -5.58 0.56
N TYR A 48 -6.94 -5.90 1.44
CA TYR A 48 -7.97 -6.89 1.13
C TYR A 48 -9.27 -6.21 0.70
N LEU A 49 -9.63 -6.36 -0.57
CA LEU A 49 -10.86 -5.79 -1.08
C LEU A 49 -11.29 -6.48 -2.35
N LYS A 50 -12.60 -6.42 -2.62
CA LYS A 50 -13.21 -7.07 -3.78
C LYS A 50 -13.26 -8.59 -3.57
N ASP A 51 -12.14 -9.12 -3.06
CA ASP A 51 -11.95 -10.57 -2.83
C ASP A 51 -10.46 -10.90 -2.86
N GLY A 52 -9.69 -10.00 -3.45
CA GLY A 52 -8.27 -10.19 -3.58
C GLY A 52 -7.48 -9.53 -2.49
N TRP A 53 -6.69 -10.33 -1.78
CA TRP A 53 -5.61 -9.77 -0.99
C TRP A 53 -4.62 -9.16 -1.96
N HIS A 54 -4.82 -7.88 -2.22
CA HIS A 54 -4.17 -7.22 -3.32
C HIS A 54 -2.83 -6.62 -2.91
N MET A 55 -1.75 -7.28 -3.30
CA MET A 55 -0.42 -6.70 -3.15
C MET A 55 -0.28 -5.58 -4.17
N VAL A 56 -0.24 -4.34 -3.70
CA VAL A 56 -0.20 -3.21 -4.61
C VAL A 56 1.23 -2.90 -5.01
N CYS A 57 1.41 -1.97 -5.94
CA CYS A 57 2.74 -1.54 -6.34
C CYS A 57 3.25 -0.50 -5.33
N SER A 58 2.43 -0.27 -4.30
CA SER A 58 2.72 0.61 -3.17
C SER A 58 2.26 2.05 -3.43
N GLN A 59 2.47 2.56 -4.64
CA GLN A 59 2.10 3.95 -4.94
C GLN A 59 0.94 4.02 -5.94
N SER A 60 0.05 3.04 -5.86
CA SER A 60 -1.11 2.97 -6.74
C SER A 60 -2.11 4.10 -6.43
N TRP A 61 -3.21 4.17 -7.20
CA TRP A 61 -4.25 5.19 -7.03
C TRP A 61 -3.77 6.55 -7.53
N GLY A 62 -2.94 7.20 -6.74
CA GLY A 62 -2.45 8.51 -7.13
C GLY A 62 -1.33 9.00 -6.25
N ARG A 63 -0.29 8.19 -6.12
CA ARG A 63 0.88 8.60 -5.36
C ARG A 63 2.04 8.90 -6.30
N SER A 64 2.53 10.12 -6.26
CA SER A 64 3.64 10.53 -7.10
C SER A 64 4.96 10.04 -6.52
N SER A 65 5.90 9.68 -7.37
CA SER A 65 7.18 9.14 -6.94
C SER A 65 8.08 10.23 -6.36
N LYS A 66 7.86 10.56 -5.10
CA LYS A 66 8.70 11.50 -4.40
C LYS A 66 8.94 11.02 -2.98
N GLN A 67 10.17 11.17 -2.50
CA GLN A 67 10.52 10.72 -1.18
C GLN A 67 10.00 11.70 -0.12
N TRP A 68 9.07 11.22 0.69
CA TRP A 68 8.49 12.00 1.79
C TRP A 68 7.66 13.19 1.30
N GLU A 69 6.93 12.99 0.20
CA GLU A 69 5.96 13.98 -0.24
C GLU A 69 4.78 14.01 0.74
N ASP A 70 4.41 12.83 1.23
CA ASP A 70 3.30 12.67 2.16
C ASP A 70 3.27 11.26 2.73
N PRO A 71 3.88 11.05 3.90
CA PRO A 71 3.99 9.74 4.54
C PRO A 71 2.87 9.44 5.53
N SER A 72 1.72 10.08 5.34
CA SER A 72 0.60 9.90 6.27
C SER A 72 -0.51 9.05 5.63
N GLN A 73 -1.75 9.49 5.80
CA GLN A 73 -2.93 8.85 5.23
C GLN A 73 -3.29 7.53 5.93
N ALA A 74 -2.42 6.54 5.81
CA ALA A 74 -2.70 5.19 6.30
C ALA A 74 -2.46 5.07 7.81
N SER A 75 -2.66 6.18 8.51
CA SER A 75 -2.47 6.24 9.95
C SER A 75 -3.29 5.14 10.63
N LYS A 76 -4.49 4.92 10.12
CA LYS A 76 -5.41 3.97 10.72
C LYS A 76 -4.86 2.55 10.66
N VAL A 77 -4.25 2.16 9.53
CA VAL A 77 -3.84 0.78 9.34
C VAL A 77 -2.62 0.40 10.15
N CYS A 78 -1.59 1.26 10.21
CA CYS A 78 -0.41 0.90 11.00
C CYS A 78 -0.69 1.09 12.49
N GLN A 79 -1.54 2.04 12.83
CA GLN A 79 -1.99 2.21 14.21
C GLN A 79 -2.82 0.99 14.62
N ARG A 80 -3.58 0.47 13.67
CA ARG A 80 -4.35 -0.75 13.84
C ARG A 80 -3.41 -1.90 14.19
N LEU A 81 -2.23 -1.88 13.58
CA LEU A 81 -1.24 -2.92 13.79
C LEU A 81 -0.26 -2.51 14.88
N ASN A 82 -0.64 -1.48 15.64
CA ASN A 82 0.16 -0.92 16.75
C ASN A 82 1.62 -0.73 16.36
N CYS A 83 1.85 -0.31 15.12
CA CYS A 83 3.19 -0.01 14.63
C CYS A 83 3.45 1.49 14.68
N GLY A 84 2.47 2.23 15.20
CA GLY A 84 2.62 3.67 15.36
C GLY A 84 1.96 4.44 14.24
N ASP A 85 2.73 5.33 13.62
CA ASP A 85 2.25 6.13 12.50
C ASP A 85 2.27 5.29 11.22
N PRO A 86 1.68 5.78 10.11
CA PRO A 86 1.65 4.99 8.89
C PRO A 86 2.96 4.91 8.18
N LEU A 87 3.10 3.80 7.47
CA LEU A 87 4.15 3.57 6.53
C LEU A 87 4.50 4.83 5.78
N SER A 88 5.69 5.29 6.06
CA SER A 88 6.29 6.39 5.33
C SER A 88 6.66 5.92 3.92
N LEU A 89 6.66 6.86 2.98
CA LEU A 89 6.90 6.55 1.57
C LEU A 89 8.36 6.75 1.18
N GLY A 90 8.87 5.82 0.41
CA GLY A 90 10.21 5.90 -0.12
C GLY A 90 10.51 4.70 -1.01
N PRO A 91 10.99 4.91 -2.25
CA PRO A 91 11.17 3.83 -3.23
C PRO A 91 11.89 2.63 -2.62
N PHE A 92 11.19 1.51 -2.55
CA PHE A 92 11.67 0.35 -1.80
C PHE A 92 11.78 -0.86 -2.73
N LEU A 93 12.48 -1.89 -2.25
CA LEU A 93 12.64 -3.13 -2.98
C LEU A 93 11.29 -3.74 -3.33
N LYS A 94 11.13 -4.17 -4.58
CA LYS A 94 9.87 -4.74 -5.02
C LYS A 94 9.76 -6.21 -4.63
N THR A 95 8.75 -6.52 -3.83
CA THR A 95 8.49 -7.89 -3.41
C THR A 95 7.29 -8.46 -4.17
N TYR A 96 6.88 -7.75 -5.22
CA TYR A 96 5.69 -8.13 -5.96
C TYR A 96 6.02 -8.53 -7.40
N THR A 97 5.02 -9.04 -8.11
CA THR A 97 5.19 -9.54 -9.45
C THR A 97 3.99 -9.16 -10.32
N PRO A 98 4.25 -8.74 -11.58
CA PRO A 98 3.23 -8.22 -12.49
C PRO A 98 2.26 -9.29 -13.00
N GLN A 99 2.19 -10.38 -12.28
CA GLN A 99 1.23 -11.43 -12.58
C GLN A 99 0.03 -11.32 -11.64
N SER A 100 0.30 -11.37 -10.34
CA SER A 100 -0.76 -11.32 -9.36
C SER A 100 -0.72 -10.02 -8.54
N SER A 101 0.32 -9.22 -8.71
CA SER A 101 0.34 -7.92 -8.06
C SER A 101 -0.47 -6.94 -8.90
N ILE A 102 -1.00 -5.92 -8.27
CA ILE A 102 -1.87 -4.99 -8.96
C ILE A 102 -1.46 -3.55 -8.73
N ILE A 103 -1.85 -2.71 -9.67
CA ILE A 103 -1.70 -1.28 -9.54
C ILE A 103 -3.08 -0.65 -9.69
N CYS A 104 -3.64 -0.17 -8.60
CA CYS A 104 -4.96 0.42 -8.65
C CYS A 104 -4.84 1.87 -9.09
N TYR A 105 -5.97 2.48 -9.42
CA TYR A 105 -5.97 3.87 -9.87
C TYR A 105 -7.24 4.56 -9.37
N GLY A 106 -7.18 5.88 -9.29
CA GLY A 106 -8.34 6.64 -8.90
C GLY A 106 -8.00 7.66 -7.85
N GLN A 107 -8.99 8.00 -7.03
CA GLN A 107 -8.77 8.95 -5.95
C GLN A 107 -8.25 8.23 -4.72
N LEU A 108 -7.13 8.71 -4.19
CA LEU A 108 -6.50 8.12 -3.01
C LEU A 108 -7.51 7.96 -1.89
N GLY A 109 -7.67 6.73 -1.43
CA GLY A 109 -8.64 6.44 -0.39
C GLY A 109 -9.73 5.52 -0.89
N SER A 110 -10.08 5.66 -2.16
CA SER A 110 -11.12 4.84 -2.76
C SER A 110 -10.53 3.50 -3.25
N PHE A 111 -10.51 2.52 -2.36
CA PHE A 111 -9.94 1.21 -2.66
C PHE A 111 -11.01 0.30 -3.24
N SER A 112 -11.88 0.86 -4.06
CA SER A 112 -12.99 0.12 -4.62
C SER A 112 -12.64 -0.49 -5.99
N ASN A 113 -11.51 -0.08 -6.56
CA ASN A 113 -11.14 -0.51 -7.91
C ASN A 113 -9.62 -0.55 -8.09
N CYS A 114 -9.15 -1.51 -8.88
CA CYS A 114 -7.73 -1.65 -9.17
C CYS A 114 -7.52 -2.16 -10.60
N SER A 115 -6.27 -2.43 -10.95
CA SER A 115 -5.91 -3.00 -12.24
C SER A 115 -4.67 -3.87 -12.07
N HIS A 116 -4.41 -4.77 -13.02
CA HIS A 116 -3.24 -5.62 -12.93
C HIS A 116 -1.96 -4.81 -13.06
N SER A 117 -0.91 -5.22 -12.35
CA SER A 117 0.38 -4.57 -12.48
C SER A 117 0.95 -4.86 -13.87
N ARG A 118 0.81 -3.90 -14.77
CA ARG A 118 1.30 -4.07 -16.13
C ARG A 118 2.74 -3.63 -16.24
N ASN A 119 3.34 -3.32 -15.10
CA ASN A 119 4.75 -2.96 -15.03
C ASN A 119 5.46 -3.91 -14.09
N ASP A 120 6.75 -4.14 -14.34
CA ASP A 120 7.54 -5.02 -13.49
C ASP A 120 7.76 -4.35 -12.13
N MET A 121 7.88 -3.04 -12.18
CA MET A 121 7.97 -2.23 -10.97
C MET A 121 7.43 -0.83 -11.24
N CYS A 122 6.50 -0.37 -10.43
CA CYS A 122 5.85 0.92 -10.65
C CYS A 122 6.68 2.06 -10.03
N HIS A 123 8.00 1.81 -9.94
CA HIS A 123 8.95 2.59 -9.13
C HIS A 123 8.94 2.08 -7.70
N SER A 124 7.78 1.56 -7.30
CA SER A 124 7.58 0.98 -5.98
C SER A 124 7.93 1.99 -4.89
N LEU A 125 7.24 3.12 -4.88
CA LEU A 125 7.33 4.07 -3.77
C LEU A 125 6.90 3.33 -2.51
N GLY A 126 7.89 2.88 -1.75
CA GLY A 126 7.65 1.88 -0.75
C GLY A 126 7.02 2.43 0.49
N LEU A 127 6.70 1.53 1.40
CA LEU A 127 5.98 1.87 2.59
C LEU A 127 6.57 1.12 3.76
N THR A 128 6.62 1.78 4.89
CA THR A 128 7.14 1.20 6.10
C THR A 128 6.52 1.90 7.31
N CYS A 129 5.60 1.22 8.01
CA CYS A 129 4.77 1.84 9.05
C CYS A 129 5.59 2.69 9.98
N LEU A 130 5.31 3.98 9.89
CA LEU A 130 5.98 5.03 10.62
C LEU A 130 7.37 5.31 10.06
N GLU A 131 8.31 4.44 10.38
CA GLU A 131 9.70 4.61 9.95
C GLU A 131 10.48 3.31 10.13
N ARG A 22 -16.16 2.42 2.52
CA ARG A 22 -16.38 0.99 2.18
C ARG A 22 -15.07 0.32 1.80
N LEU A 23 -14.28 0.99 0.98
CA LEU A 23 -13.00 0.46 0.54
C LEU A 23 -11.96 1.57 0.60
N SER A 24 -11.47 1.83 1.79
CA SER A 24 -10.47 2.87 1.99
C SER A 24 -9.50 2.48 3.09
N TRP A 25 -8.22 2.84 2.93
CA TRP A 25 -7.19 2.41 3.87
C TRP A 25 -7.17 3.24 5.15
N TYR A 26 -8.31 3.83 5.48
CA TYR A 26 -8.46 4.56 6.73
C TYR A 26 -9.73 4.10 7.44
N ASP A 27 -10.29 3.00 6.98
CA ASP A 27 -11.53 2.48 7.55
C ASP A 27 -11.22 1.36 8.55
N PRO A 28 -11.81 1.43 9.75
CA PRO A 28 -11.53 0.46 10.82
C PRO A 28 -11.95 -0.97 10.48
N ASP A 29 -12.88 -1.11 9.54
CA ASP A 29 -13.34 -2.42 9.13
C ASP A 29 -12.55 -2.90 7.93
N PHE A 30 -11.99 -1.96 7.18
CA PHE A 30 -11.16 -2.27 6.04
C PHE A 30 -9.81 -2.79 6.50
N GLN A 31 -9.42 -3.95 6.04
CA GLN A 31 -8.17 -4.53 6.48
C GLN A 31 -7.03 -4.17 5.54
N ALA A 32 -5.94 -3.74 6.13
CA ALA A 32 -4.79 -3.28 5.37
C ALA A 32 -3.51 -3.60 6.14
N ARG A 33 -2.44 -3.87 5.41
CA ARG A 33 -1.19 -4.31 6.00
C ARG A 33 -0.08 -4.33 4.97
N LEU A 34 1.08 -4.80 5.39
CA LEU A 34 2.22 -4.95 4.51
C LEU A 34 2.30 -6.39 4.01
N THR A 35 3.02 -6.59 2.93
CA THR A 35 3.19 -7.91 2.34
C THR A 35 4.15 -8.76 3.18
N ARG A 36 4.53 -9.92 2.65
CA ARG A 36 5.45 -10.82 3.35
C ARG A 36 6.89 -10.30 3.34
N SER A 37 7.06 -9.06 3.76
CA SER A 37 8.38 -8.45 3.84
C SER A 37 9.06 -8.80 5.18
N ASN A 38 8.40 -9.68 5.93
CA ASN A 38 8.90 -10.19 7.22
C ASN A 38 8.83 -9.14 8.33
N SER A 39 9.27 -7.94 8.03
CA SER A 39 9.19 -6.83 8.97
C SER A 39 7.72 -6.45 9.20
N LYS A 40 7.27 -6.53 10.44
CA LYS A 40 5.85 -6.36 10.74
C LYS A 40 5.38 -4.93 10.58
N CYS A 41 6.31 -3.98 10.56
CA CYS A 41 5.95 -2.58 10.37
C CYS A 41 6.75 -1.97 9.21
N GLN A 42 7.31 -2.82 8.35
CA GLN A 42 8.00 -2.36 7.15
C GLN A 42 7.71 -3.30 5.98
N GLY A 43 7.22 -2.76 4.87
CA GLY A 43 6.90 -3.60 3.72
C GLY A 43 5.99 -2.91 2.72
N GLN A 44 5.83 -3.51 1.55
CA GLN A 44 4.95 -2.94 0.53
C GLN A 44 3.49 -3.22 0.86
N LEU A 45 2.59 -2.43 0.27
CA LEU A 45 1.18 -2.45 0.68
C LEU A 45 0.43 -3.68 0.18
N GLU A 46 -0.30 -4.28 1.11
CA GLU A 46 -1.18 -5.41 0.85
C GLU A 46 -2.53 -5.13 1.52
N VAL A 47 -3.56 -4.89 0.73
CA VAL A 47 -4.86 -4.50 1.25
C VAL A 47 -5.94 -5.54 0.98
N TYR A 48 -6.86 -5.71 1.91
CA TYR A 48 -7.92 -6.68 1.78
C TYR A 48 -9.21 -6.01 1.32
N LEU A 49 -9.62 -6.29 0.09
CA LEU A 49 -10.84 -5.73 -0.44
C LEU A 49 -11.55 -6.72 -1.33
N LYS A 50 -12.87 -6.81 -1.16
CA LYS A 50 -13.70 -7.81 -1.83
C LYS A 50 -13.39 -9.21 -1.28
N ASP A 51 -12.11 -9.52 -1.20
CA ASP A 51 -11.63 -10.87 -0.81
C ASP A 51 -10.15 -11.00 -1.16
N GLY A 52 -9.72 -10.21 -2.12
CA GLY A 52 -8.34 -10.21 -2.56
C GLY A 52 -7.44 -9.41 -1.65
N TRP A 53 -6.50 -10.09 -1.03
CA TRP A 53 -5.36 -9.41 -0.46
C TRP A 53 -4.51 -8.92 -1.60
N HIS A 54 -4.83 -7.72 -2.06
CA HIS A 54 -4.21 -7.17 -3.25
C HIS A 54 -2.83 -6.61 -2.94
N MET A 55 -1.79 -7.33 -3.32
CA MET A 55 -0.43 -6.79 -3.23
C MET A 55 -0.27 -5.70 -4.28
N VAL A 56 -0.20 -4.44 -3.84
CA VAL A 56 -0.15 -3.33 -4.77
C VAL A 56 1.28 -2.89 -5.02
N CYS A 57 1.48 -2.01 -5.99
CA CYS A 57 2.82 -1.51 -6.31
C CYS A 57 3.22 -0.44 -5.29
N SER A 58 2.33 -0.24 -4.29
CA SER A 58 2.53 0.68 -3.17
C SER A 58 2.14 2.11 -3.51
N GLN A 59 2.61 2.64 -4.63
CA GLN A 59 2.29 4.01 -5.01
C GLN A 59 1.16 4.05 -6.03
N SER A 60 0.35 3.00 -6.04
CA SER A 60 -0.79 2.89 -6.94
C SER A 60 -1.81 4.02 -6.69
N TRP A 61 -2.86 4.06 -7.51
CA TRP A 61 -3.88 5.12 -7.44
C TRP A 61 -3.34 6.43 -8.00
N GLY A 62 -2.42 7.04 -7.27
CA GLY A 62 -1.84 8.29 -7.72
C GLY A 62 -0.86 8.89 -6.73
N ARG A 63 0.21 8.15 -6.43
CA ARG A 63 1.26 8.70 -5.59
C ARG A 63 2.50 9.03 -6.41
N SER A 64 2.97 10.25 -6.28
CA SER A 64 4.18 10.69 -6.94
C SER A 64 5.41 10.14 -6.21
N SER A 65 6.39 9.69 -6.98
CA SER A 65 7.61 9.13 -6.42
C SER A 65 8.43 10.21 -5.70
N LYS A 66 8.22 10.33 -4.40
CA LYS A 66 8.90 11.32 -3.58
C LYS A 66 8.91 10.88 -2.12
N GLN A 67 10.06 10.98 -1.48
CA GLN A 67 10.20 10.54 -0.10
C GLN A 67 9.44 11.46 0.86
N TRP A 68 8.51 10.86 1.61
CA TRP A 68 7.75 11.58 2.63
C TRP A 68 6.93 12.74 2.07
N GLU A 69 6.55 12.64 0.79
CA GLU A 69 5.66 13.64 0.19
C GLU A 69 4.38 13.75 1.01
N ASP A 70 3.85 12.59 1.41
CA ASP A 70 2.60 12.52 2.15
C ASP A 70 2.44 11.10 2.70
N PRO A 71 3.04 10.84 3.87
CA PRO A 71 3.08 9.51 4.47
C PRO A 71 1.99 9.26 5.51
N SER A 72 0.82 9.87 5.33
CA SER A 72 -0.25 9.76 6.28
C SER A 72 -1.42 8.95 5.70
N GLN A 73 -2.64 9.32 6.10
CA GLN A 73 -3.87 8.69 5.65
C GLN A 73 -4.10 7.30 6.27
N ALA A 74 -3.12 6.40 6.11
CA ALA A 74 -3.25 5.03 6.61
C ALA A 74 -2.85 4.93 8.07
N SER A 75 -2.94 6.05 8.78
CA SER A 75 -2.55 6.13 10.18
C SER A 75 -3.21 5.03 11.00
N LYS A 76 -4.50 4.83 10.76
CA LYS A 76 -5.29 3.90 11.54
C LYS A 76 -4.84 2.45 11.34
N VAL A 77 -4.44 2.08 10.13
CA VAL A 77 -4.12 0.69 9.84
C VAL A 77 -2.80 0.28 10.47
N CYS A 78 -1.77 1.13 10.41
CA CYS A 78 -0.50 0.78 11.05
C CYS A 78 -0.62 0.94 12.56
N GLN A 79 -1.48 1.86 13.00
CA GLN A 79 -1.77 2.02 14.42
C GLN A 79 -2.44 0.75 14.94
N ARG A 80 -3.33 0.20 14.11
CA ARG A 80 -3.99 -1.07 14.38
C ARG A 80 -2.96 -2.19 14.48
N LEU A 81 -1.89 -2.05 13.71
CA LEU A 81 -0.81 -3.05 13.70
C LEU A 81 0.24 -2.71 14.75
N ASN A 82 -0.15 -1.85 15.70
CA ASN A 82 0.70 -1.40 16.83
C ASN A 82 2.04 -0.82 16.36
N CYS A 83 2.10 -0.44 15.09
CA CYS A 83 3.33 0.12 14.51
C CYS A 83 3.36 1.64 14.68
N GLY A 84 2.23 2.21 15.09
CA GLY A 84 2.17 3.64 15.36
C GLY A 84 1.57 4.41 14.21
N ASP A 85 2.37 5.28 13.62
CA ASP A 85 1.93 6.11 12.50
C ASP A 85 1.95 5.27 11.23
N PRO A 86 1.37 5.75 10.11
CA PRO A 86 1.33 4.98 8.89
C PRO A 86 2.65 4.89 8.19
N LEU A 87 2.77 3.80 7.47
CA LEU A 87 3.83 3.59 6.52
C LEU A 87 4.20 4.86 5.78
N SER A 88 5.36 5.32 6.10
CA SER A 88 5.96 6.44 5.41
C SER A 88 6.34 6.03 4.00
N LEU A 89 6.26 6.97 3.07
CA LEU A 89 6.52 6.70 1.66
C LEU A 89 7.98 6.92 1.30
N GLY A 90 8.60 5.85 0.82
CA GLY A 90 9.98 5.92 0.35
C GLY A 90 10.26 4.76 -0.59
N PRO A 91 10.86 5.02 -1.76
CA PRO A 91 11.00 3.99 -2.82
C PRO A 91 11.71 2.73 -2.32
N PHE A 92 10.98 1.63 -2.31
CA PHE A 92 11.44 0.39 -1.74
C PHE A 92 11.90 -0.56 -2.85
N LEU A 93 12.10 -1.81 -2.50
CA LEU A 93 12.49 -2.82 -3.48
C LEU A 93 11.26 -3.57 -3.98
N LYS A 94 11.39 -4.24 -5.11
CA LYS A 94 10.27 -4.95 -5.71
C LYS A 94 9.97 -6.26 -4.96
N THR A 95 8.85 -6.27 -4.27
CA THR A 95 8.37 -7.47 -3.59
C THR A 95 7.15 -8.03 -4.34
N TYR A 96 6.81 -7.38 -5.45
CA TYR A 96 5.64 -7.76 -6.23
C TYR A 96 6.04 -8.12 -7.66
N THR A 97 5.12 -8.73 -8.40
CA THR A 97 5.39 -9.15 -9.76
C THR A 97 4.13 -9.04 -10.62
N PRO A 98 4.29 -8.55 -11.86
CA PRO A 98 3.20 -8.43 -12.85
C PRO A 98 2.60 -9.78 -13.22
N GLN A 99 1.64 -10.20 -12.42
CA GLN A 99 0.95 -11.47 -12.58
C GLN A 99 0.09 -11.69 -11.36
N SER A 100 0.72 -11.67 -10.20
CA SER A 100 0.04 -11.81 -8.94
C SER A 100 -0.21 -10.45 -8.31
N SER A 101 0.64 -9.48 -8.62
CA SER A 101 0.48 -8.14 -8.07
C SER A 101 -0.42 -7.31 -8.96
N ILE A 102 -0.97 -6.24 -8.41
CA ILE A 102 -1.80 -5.32 -9.18
C ILE A 102 -1.37 -3.88 -8.93
N ILE A 103 -1.80 -3.00 -9.81
CA ILE A 103 -1.56 -1.57 -9.66
C ILE A 103 -2.87 -0.84 -9.88
N CYS A 104 -3.42 -0.25 -8.83
CA CYS A 104 -4.70 0.42 -8.95
C CYS A 104 -4.48 1.84 -9.44
N TYR A 105 -5.55 2.50 -9.85
CA TYR A 105 -5.46 3.88 -10.35
C TYR A 105 -6.72 4.65 -9.98
N GLY A 106 -6.56 5.93 -9.78
CA GLY A 106 -7.70 6.78 -9.47
C GLY A 106 -7.39 7.76 -8.37
N GLN A 107 -8.35 8.00 -7.51
CA GLN A 107 -8.21 8.93 -6.42
C GLN A 107 -7.81 8.19 -5.15
N LEU A 108 -6.67 8.58 -4.58
CA LEU A 108 -6.16 7.97 -3.36
C LEU A 108 -7.22 7.94 -2.27
N GLY A 109 -7.45 6.76 -1.72
CA GLY A 109 -8.47 6.60 -0.71
C GLY A 109 -9.61 5.73 -1.20
N SER A 110 -9.86 5.77 -2.50
CA SER A 110 -10.93 4.99 -3.09
C SER A 110 -10.38 3.68 -3.68
N PHE A 111 -10.42 2.63 -2.88
CA PHE A 111 -9.92 1.32 -3.28
C PHE A 111 -10.98 0.55 -4.06
N SER A 112 -11.88 1.29 -4.69
CA SER A 112 -12.98 0.69 -5.41
C SER A 112 -12.63 0.44 -6.89
N ASN A 113 -11.40 0.79 -7.26
CA ASN A 113 -10.95 0.63 -8.64
C ASN A 113 -9.46 0.31 -8.68
N CYS A 114 -9.10 -0.71 -9.45
CA CYS A 114 -7.71 -1.12 -9.59
C CYS A 114 -7.43 -1.60 -11.01
N SER A 115 -6.22 -2.10 -11.23
CA SER A 115 -5.84 -2.64 -12.53
C SER A 115 -4.80 -3.74 -12.32
N HIS A 116 -4.69 -4.66 -13.27
CA HIS A 116 -3.75 -5.76 -13.15
C HIS A 116 -2.35 -5.28 -13.51
N SER A 117 -1.36 -5.61 -12.68
CA SER A 117 -0.01 -5.14 -12.92
C SER A 117 0.55 -5.75 -14.20
N ARG A 118 0.75 -4.91 -15.19
CA ARG A 118 1.38 -5.32 -16.43
C ARG A 118 2.80 -4.75 -16.46
N ASN A 119 3.14 -4.04 -15.40
CA ASN A 119 4.46 -3.44 -15.27
C ASN A 119 5.29 -4.24 -14.28
N ASP A 120 6.58 -4.30 -14.52
CA ASP A 120 7.47 -5.06 -13.66
C ASP A 120 7.72 -4.29 -12.37
N MET A 121 7.72 -2.97 -12.50
CA MET A 121 7.87 -2.08 -11.35
C MET A 121 7.19 -0.75 -11.64
N CYS A 122 6.47 -0.23 -10.65
CA CYS A 122 5.79 1.05 -10.80
C CYS A 122 6.64 2.16 -10.15
N HIS A 123 7.94 1.85 -10.00
CA HIS A 123 8.92 2.62 -9.21
C HIS A 123 8.94 2.12 -7.77
N SER A 124 7.80 1.58 -7.35
CA SER A 124 7.64 0.96 -6.04
C SER A 124 7.95 1.94 -4.91
N LEU A 125 7.33 3.12 -4.95
CA LEU A 125 7.37 4.02 -3.81
C LEU A 125 6.80 3.29 -2.61
N GLY A 126 7.69 2.88 -1.72
CA GLY A 126 7.36 1.90 -0.73
C GLY A 126 6.73 2.49 0.49
N LEU A 127 6.46 1.63 1.44
CA LEU A 127 5.74 1.99 2.62
C LEU A 127 6.39 1.33 3.82
N THR A 128 6.38 2.01 4.94
CA THR A 128 6.97 1.51 6.15
C THR A 128 6.29 2.15 7.36
N CYS A 129 5.39 1.38 8.03
CA CYS A 129 4.52 1.92 9.08
C CYS A 129 5.27 2.79 10.06
N LEU A 130 5.09 4.09 9.84
CA LEU A 130 5.77 5.14 10.55
C LEU A 130 7.27 5.16 10.23
N GLU A 131 8.00 4.23 10.83
CA GLU A 131 9.46 4.21 10.73
C GLU A 131 9.97 2.78 10.60
N ARG A 22 -16.66 2.03 3.00
CA ARG A 22 -16.76 0.92 2.03
C ARG A 22 -15.38 0.34 1.76
N LEU A 23 -15.11 -0.10 0.54
CA LEU A 23 -13.76 -0.52 0.16
C LEU A 23 -12.80 0.67 0.19
N SER A 24 -12.30 0.96 1.37
CA SER A 24 -11.32 2.02 1.55
C SER A 24 -10.35 1.63 2.65
N TRP A 25 -9.08 1.99 2.50
CA TRP A 25 -8.07 1.56 3.47
C TRP A 25 -8.20 2.29 4.81
N TYR A 26 -9.13 3.24 4.89
CA TYR A 26 -9.38 3.97 6.12
C TYR A 26 -10.67 3.49 6.76
N ASP A 27 -11.28 2.46 6.17
CA ASP A 27 -12.51 1.90 6.67
C ASP A 27 -12.22 0.96 7.83
N PRO A 28 -12.97 1.06 8.93
CA PRO A 28 -12.74 0.25 10.14
C PRO A 28 -12.87 -1.24 9.87
N ASP A 29 -13.76 -1.62 8.97
CA ASP A 29 -13.99 -3.04 8.68
C ASP A 29 -13.01 -3.52 7.61
N PHE A 30 -12.33 -2.58 6.98
CA PHE A 30 -11.33 -2.91 5.98
C PHE A 30 -10.06 -3.37 6.68
N GLN A 31 -9.36 -4.32 6.07
CA GLN A 31 -8.17 -4.88 6.67
C GLN A 31 -6.96 -4.71 5.76
N ALA A 32 -5.95 -4.02 6.25
CA ALA A 32 -4.76 -3.71 5.46
C ALA A 32 -3.51 -3.76 6.31
N ARG A 33 -2.39 -4.14 5.70
CA ARG A 33 -1.10 -4.22 6.39
C ARG A 33 -0.01 -4.61 5.40
N LEU A 34 1.22 -4.75 5.89
CA LEU A 34 2.34 -5.11 5.05
C LEU A 34 2.65 -6.59 5.15
N THR A 35 3.06 -7.19 4.05
CA THR A 35 3.34 -8.62 4.01
C THR A 35 4.66 -8.92 3.31
N ARG A 36 5.02 -10.21 3.27
CA ARG A 36 6.22 -10.70 2.58
C ARG A 36 7.51 -10.35 3.31
N SER A 37 7.62 -9.12 3.79
CA SER A 37 8.82 -8.67 4.45
C SER A 37 8.78 -8.93 5.96
N ASN A 38 7.85 -9.81 6.37
CA ASN A 38 7.69 -10.19 7.78
C ASN A 38 7.09 -9.08 8.63
N SER A 39 7.74 -7.93 8.62
CA SER A 39 7.31 -6.78 9.40
C SER A 39 5.96 -6.27 8.91
N LYS A 40 5.00 -6.16 9.83
CA LYS A 40 3.74 -5.55 9.52
C LYS A 40 3.93 -4.03 9.47
N CYS A 41 5.06 -3.58 10.00
CA CYS A 41 5.42 -2.18 9.98
C CYS A 41 6.49 -1.90 8.92
N GLN A 42 6.81 -2.90 8.10
CA GLN A 42 7.74 -2.72 6.98
C GLN A 42 7.52 -3.83 5.94
N GLY A 43 7.22 -3.45 4.70
CA GLY A 43 6.91 -4.45 3.69
C GLY A 43 5.97 -3.93 2.62
N GLN A 44 5.66 -4.78 1.66
CA GLN A 44 4.73 -4.42 0.59
C GLN A 44 3.30 -4.42 1.13
N LEU A 45 2.47 -3.49 0.66
CA LEU A 45 1.13 -3.33 1.21
C LEU A 45 0.15 -4.35 0.63
N GLU A 46 -0.36 -5.19 1.51
CA GLU A 46 -1.37 -6.17 1.15
C GLU A 46 -2.71 -5.73 1.75
N VAL A 47 -3.63 -5.35 0.89
CA VAL A 47 -4.93 -4.84 1.32
C VAL A 47 -6.05 -5.79 0.93
N TYR A 48 -6.89 -6.15 1.89
CA TYR A 48 -8.02 -7.03 1.63
C TYR A 48 -9.21 -6.23 1.13
N LEU A 49 -9.28 -6.04 -0.18
CA LEU A 49 -10.35 -5.25 -0.76
C LEU A 49 -11.27 -6.12 -1.59
N LYS A 50 -12.55 -6.08 -1.22
CA LYS A 50 -13.61 -6.83 -1.88
C LYS A 50 -13.48 -8.32 -1.60
N ASP A 51 -12.24 -8.81 -1.63
CA ASP A 51 -11.94 -10.25 -1.46
C ASP A 51 -10.49 -10.55 -1.83
N GLY A 52 -9.87 -9.65 -2.57
CA GLY A 52 -8.48 -9.80 -2.94
C GLY A 52 -7.54 -9.22 -1.92
N TRP A 53 -6.73 -10.06 -1.30
CA TRP A 53 -5.57 -9.60 -0.57
C TRP A 53 -4.58 -9.07 -1.58
N HIS A 54 -4.80 -7.85 -2.00
CA HIS A 54 -4.10 -7.29 -3.12
C HIS A 54 -2.83 -6.57 -2.67
N MET A 55 -1.70 -6.95 -3.25
CA MET A 55 -0.44 -6.29 -2.95
C MET A 55 -0.24 -5.10 -3.86
N VAL A 56 -0.50 -3.91 -3.34
CA VAL A 56 -0.45 -2.69 -4.13
C VAL A 56 0.98 -2.26 -4.37
N CYS A 57 1.21 -1.47 -5.41
CA CYS A 57 2.54 -1.00 -5.72
C CYS A 57 2.76 0.40 -5.16
N SER A 58 1.95 0.75 -4.14
CA SER A 58 2.11 1.97 -3.35
C SER A 58 1.66 3.24 -4.08
N GLN A 59 2.08 3.41 -5.33
CA GLN A 59 1.76 4.65 -6.06
C GLN A 59 0.40 4.54 -6.76
N SER A 60 -0.25 3.40 -6.58
CA SER A 60 -1.51 3.12 -7.23
C SER A 60 -2.58 4.14 -6.83
N TRP A 61 -3.66 4.22 -7.62
CA TRP A 61 -4.73 5.19 -7.43
C TRP A 61 -4.27 6.59 -7.84
N GLY A 62 -3.38 7.16 -7.05
CA GLY A 62 -2.89 8.49 -7.32
C GLY A 62 -1.86 8.93 -6.30
N ARG A 63 -0.75 8.20 -6.25
CA ARG A 63 0.30 8.50 -5.28
C ARG A 63 1.66 8.56 -5.93
N SER A 64 2.54 9.34 -5.33
CA SER A 64 3.92 9.47 -5.76
C SER A 64 4.68 10.27 -4.71
N SER A 65 5.95 9.95 -4.52
CA SER A 65 6.74 10.63 -3.50
C SER A 65 8.21 10.28 -3.65
N LYS A 66 9.07 11.24 -3.31
CA LYS A 66 10.51 11.02 -3.31
C LYS A 66 11.06 11.25 -1.91
N GLN A 67 10.40 10.61 -0.94
CA GLN A 67 10.79 10.67 0.46
C GLN A 67 10.66 12.09 1.03
N TRP A 68 9.63 12.80 0.59
CA TRP A 68 9.33 14.14 1.11
C TRP A 68 8.60 14.04 2.45
N GLU A 69 8.24 15.18 3.02
CA GLU A 69 7.33 15.19 4.14
C GLU A 69 5.91 15.10 3.58
N ASP A 70 5.52 13.88 3.27
CA ASP A 70 4.29 13.61 2.53
C ASP A 70 3.76 12.20 2.84
N PRO A 71 4.63 11.16 2.77
CA PRO A 71 4.29 9.80 3.19
C PRO A 71 3.48 9.75 4.49
N SER A 72 2.18 9.61 4.35
CA SER A 72 1.28 9.41 5.48
C SER A 72 0.08 8.60 5.04
N GLN A 73 -1.08 9.26 4.89
CA GLN A 73 -2.28 8.67 4.32
C GLN A 73 -2.92 7.62 5.25
N ALA A 74 -2.31 6.45 5.33
CA ALA A 74 -2.86 5.33 6.08
C ALA A 74 -2.42 5.35 7.54
N SER A 75 -2.47 6.53 8.15
CA SER A 75 -2.06 6.72 9.53
C SER A 75 -2.81 5.79 10.46
N LYS A 76 -4.12 5.72 10.27
CA LYS A 76 -4.99 4.92 11.13
C LYS A 76 -4.70 3.43 10.97
N VAL A 77 -4.14 3.06 9.82
CA VAL A 77 -3.86 1.66 9.52
C VAL A 77 -2.68 1.14 10.34
N CYS A 78 -1.52 1.76 10.17
CA CYS A 78 -0.33 1.33 10.90
C CYS A 78 -0.50 1.55 12.39
N GLN A 79 -1.38 2.48 12.77
CA GLN A 79 -1.70 2.70 14.17
C GLN A 79 -2.40 1.46 14.73
N ARG A 80 -3.30 0.88 13.93
CA ARG A 80 -3.97 -0.37 14.31
C ARG A 80 -2.96 -1.50 14.39
N LEU A 81 -1.87 -1.35 13.65
CA LEU A 81 -0.80 -2.34 13.63
C LEU A 81 0.25 -2.02 14.68
N ASN A 82 -0.08 -1.07 15.56
CA ASN A 82 0.81 -0.59 16.64
C ASN A 82 2.19 -0.18 16.12
N CYS A 83 2.25 0.19 14.85
CA CYS A 83 3.50 0.61 14.23
C CYS A 83 3.65 2.13 14.31
N GLY A 84 2.69 2.78 14.95
CA GLY A 84 2.74 4.21 15.14
C GLY A 84 2.20 5.00 13.96
N ASP A 85 3.08 5.73 13.29
CA ASP A 85 2.72 6.51 12.12
C ASP A 85 2.60 5.59 10.91
N PRO A 86 2.03 6.07 9.79
CA PRO A 86 1.85 5.22 8.62
C PRO A 86 3.11 4.99 7.83
N LEU A 87 3.11 3.86 7.17
CA LEU A 87 4.06 3.50 6.17
C LEU A 87 4.46 4.66 5.30
N SER A 88 5.71 5.01 5.44
CA SER A 88 6.34 5.98 4.58
C SER A 88 6.54 5.40 3.19
N LEU A 89 6.32 6.21 2.16
CA LEU A 89 6.41 5.75 0.78
C LEU A 89 7.80 5.97 0.21
N GLY A 90 8.43 4.89 -0.23
CA GLY A 90 9.73 4.96 -0.85
C GLY A 90 10.06 3.67 -1.55
N PRO A 91 10.88 3.70 -2.61
CA PRO A 91 11.23 2.50 -3.38
C PRO A 91 11.92 1.45 -2.53
N PHE A 92 11.19 0.39 -2.21
CA PHE A 92 11.69 -0.67 -1.38
C PHE A 92 12.34 -1.73 -2.26
N LEU A 93 12.69 -2.88 -1.70
CA LEU A 93 13.33 -3.93 -2.48
C LEU A 93 12.39 -4.47 -3.57
N LYS A 94 12.97 -4.92 -4.67
CA LYS A 94 12.21 -5.39 -5.82
C LYS A 94 11.62 -6.77 -5.55
N THR A 95 10.30 -6.88 -5.61
CA THR A 95 9.63 -8.15 -5.43
C THR A 95 8.22 -8.10 -6.00
N TYR A 96 7.94 -7.07 -6.80
CA TYR A 96 6.61 -6.87 -7.36
C TYR A 96 6.46 -7.61 -8.68
N THR A 97 5.43 -8.43 -8.79
CA THR A 97 5.15 -9.15 -10.02
C THR A 97 3.86 -8.64 -10.66
N PRO A 98 3.72 -8.80 -11.99
CA PRO A 98 2.59 -8.29 -12.75
C PRO A 98 1.31 -9.12 -12.60
N GLN A 99 1.20 -9.82 -11.48
CA GLN A 99 0.06 -10.67 -11.23
C GLN A 99 -0.25 -10.71 -9.74
N SER A 100 0.75 -11.09 -8.95
CA SER A 100 0.60 -11.14 -7.51
C SER A 100 0.49 -9.73 -6.94
N SER A 101 1.28 -8.82 -7.49
CA SER A 101 1.18 -7.43 -7.13
C SER A 101 0.27 -6.72 -8.13
N ILE A 102 -0.47 -5.73 -7.68
CA ILE A 102 -1.43 -5.05 -8.53
C ILE A 102 -1.20 -3.54 -8.55
N ILE A 103 -1.65 -2.92 -9.62
CA ILE A 103 -1.60 -1.48 -9.76
C ILE A 103 -3.03 -0.98 -9.95
N CYS A 104 -3.59 -0.35 -8.93
CA CYS A 104 -4.96 0.12 -9.02
C CYS A 104 -4.98 1.59 -9.42
N TYR A 105 -6.14 2.09 -9.81
CA TYR A 105 -6.27 3.48 -10.25
C TYR A 105 -7.54 4.10 -9.71
N GLY A 106 -7.61 5.42 -9.72
CA GLY A 106 -8.78 6.12 -9.24
C GLY A 106 -8.43 7.23 -8.30
N GLN A 107 -9.18 7.35 -7.22
CA GLN A 107 -8.88 8.31 -6.18
C GLN A 107 -8.33 7.58 -4.97
N LEU A 108 -7.35 8.19 -4.31
CA LEU A 108 -6.70 7.58 -3.16
C LEU A 108 -7.70 7.33 -2.04
N GLY A 109 -7.89 6.07 -1.71
CA GLY A 109 -8.84 5.72 -0.68
C GLY A 109 -9.94 4.84 -1.23
N SER A 110 -10.32 5.09 -2.48
CA SER A 110 -11.39 4.33 -3.11
C SER A 110 -10.86 3.03 -3.70
N PHE A 111 -10.79 2.00 -2.86
CA PHE A 111 -10.26 0.69 -3.23
C PHE A 111 -11.34 -0.16 -3.91
N SER A 112 -12.21 0.51 -4.65
CA SER A 112 -13.34 -0.15 -5.28
C SER A 112 -12.90 -0.92 -6.53
N ASN A 113 -11.76 -0.56 -7.10
CA ASN A 113 -11.28 -1.17 -8.34
C ASN A 113 -9.75 -1.28 -8.35
N CYS A 114 -9.22 -2.14 -9.22
CA CYS A 114 -7.78 -2.33 -9.35
C CYS A 114 -7.50 -3.18 -10.59
N SER A 115 -6.22 -3.39 -10.88
CA SER A 115 -5.81 -4.18 -12.04
C SER A 115 -4.42 -4.76 -11.81
N HIS A 116 -4.04 -5.79 -12.56
CA HIS A 116 -2.75 -6.43 -12.37
C HIS A 116 -1.61 -5.46 -12.70
N SER A 117 -0.50 -5.62 -12.01
CA SER A 117 0.63 -4.73 -12.17
C SER A 117 1.14 -4.74 -13.61
N ARG A 118 1.42 -3.56 -14.12
CA ARG A 118 2.02 -3.41 -15.44
C ARG A 118 3.52 -3.17 -15.27
N ASN A 119 3.93 -3.02 -14.02
CA ASN A 119 5.29 -2.58 -13.68
C ASN A 119 5.55 -1.23 -14.33
N ASP A 120 4.94 -0.20 -13.76
CA ASP A 120 5.01 1.14 -14.32
C ASP A 120 5.03 2.16 -13.19
N MET A 121 6.08 2.97 -13.17
CA MET A 121 6.33 3.94 -12.11
C MET A 121 6.72 3.22 -10.81
N CYS A 122 5.85 2.36 -10.32
CA CYS A 122 6.17 1.55 -9.16
C CYS A 122 7.06 0.38 -9.57
N HIS A 123 8.36 0.66 -9.67
CA HIS A 123 9.33 -0.39 -9.93
C HIS A 123 9.37 -1.31 -8.73
N SER A 124 9.37 -0.68 -7.56
CA SER A 124 9.23 -1.39 -6.30
C SER A 124 8.90 -0.39 -5.20
N LEU A 125 8.13 0.65 -5.53
CA LEU A 125 7.73 1.63 -4.54
C LEU A 125 7.03 0.91 -3.39
N GLY A 126 7.50 1.16 -2.18
CA GLY A 126 7.04 0.39 -1.06
C GLY A 126 6.45 1.26 0.02
N LEU A 127 6.21 0.64 1.16
CA LEU A 127 5.57 1.27 2.27
C LEU A 127 6.14 0.69 3.54
N THR A 128 6.35 1.51 4.53
CA THR A 128 6.97 1.06 5.76
C THR A 128 6.45 1.88 6.94
N CYS A 129 5.54 1.28 7.72
CA CYS A 129 4.80 1.99 8.76
C CYS A 129 5.71 2.84 9.64
N LEU A 130 5.49 4.14 9.51
CA LEU A 130 6.21 5.17 10.21
C LEU A 130 7.59 5.36 9.59
N GLU A 131 8.52 4.48 9.93
CA GLU A 131 9.89 4.58 9.46
C GLU A 131 10.49 3.20 9.24
N ARG A 22 -16.47 2.51 2.22
CA ARG A 22 -16.92 1.28 1.54
C ARG A 22 -15.73 0.42 1.15
N LEU A 23 -14.75 1.04 0.52
CA LEU A 23 -13.51 0.39 0.14
C LEU A 23 -12.39 1.40 0.16
N SER A 24 -11.91 1.72 1.35
CA SER A 24 -10.84 2.69 1.51
C SER A 24 -9.89 2.23 2.59
N TRP A 25 -8.63 2.63 2.50
CA TRP A 25 -7.64 2.22 3.49
C TRP A 25 -7.74 3.05 4.76
N TYR A 26 -8.79 3.85 4.87
CA TYR A 26 -9.05 4.59 6.08
C TYR A 26 -10.39 4.15 6.67
N ASP A 27 -11.00 3.12 6.06
CA ASP A 27 -12.20 2.51 6.61
C ASP A 27 -11.83 1.77 7.89
N PRO A 28 -12.60 2.01 8.97
CA PRO A 28 -12.30 1.44 10.30
C PRO A 28 -12.17 -0.08 10.27
N ASP A 29 -12.99 -0.74 9.46
CA ASP A 29 -13.00 -2.20 9.41
C ASP A 29 -12.08 -2.73 8.33
N PHE A 30 -11.59 -1.85 7.47
CA PHE A 30 -10.73 -2.25 6.36
C PHE A 30 -9.40 -2.77 6.87
N GLN A 31 -9.08 -4.01 6.51
CA GLN A 31 -7.86 -4.64 6.98
C GLN A 31 -6.74 -4.49 5.95
N ALA A 32 -5.68 -3.82 6.35
CA ALA A 32 -4.54 -3.58 5.47
C ALA A 32 -3.24 -3.70 6.24
N ARG A 33 -2.18 -4.13 5.57
CA ARG A 33 -0.89 -4.29 6.22
C ARG A 33 0.20 -4.62 5.21
N LEU A 34 1.40 -4.82 5.70
CA LEU A 34 2.54 -5.15 4.85
C LEU A 34 2.85 -6.64 4.94
N THR A 35 3.22 -7.24 3.82
CA THR A 35 3.50 -8.68 3.77
C THR A 35 4.73 -8.97 2.92
N ARG A 36 5.15 -10.24 2.95
CA ARG A 36 6.29 -10.75 2.19
C ARG A 36 7.63 -10.25 2.76
N SER A 37 7.61 -9.06 3.34
CA SER A 37 8.79 -8.54 4.03
C SER A 37 8.74 -8.88 5.51
N ASN A 38 7.73 -9.68 5.90
CA ASN A 38 7.58 -10.18 7.28
C ASN A 38 7.09 -9.08 8.23
N SER A 39 7.74 -7.93 8.18
CA SER A 39 7.39 -6.82 9.04
C SER A 39 6.04 -6.22 8.67
N LYS A 40 5.15 -6.14 9.65
CA LYS A 40 3.88 -5.48 9.43
C LYS A 40 4.09 -3.97 9.42
N CYS A 41 5.25 -3.55 9.94
CA CYS A 41 5.61 -2.15 9.95
C CYS A 41 6.65 -1.84 8.87
N GLN A 42 6.96 -2.84 8.03
CA GLN A 42 7.90 -2.64 6.92
C GLN A 42 7.67 -3.70 5.84
N GLY A 43 7.40 -3.28 4.61
CA GLY A 43 7.03 -4.24 3.58
C GLY A 43 6.13 -3.65 2.53
N GLN A 44 5.77 -4.46 1.55
CA GLN A 44 4.89 -4.02 0.49
C GLN A 44 3.43 -4.10 0.97
N LEU A 45 2.62 -3.14 0.53
CA LEU A 45 1.25 -3.03 1.02
C LEU A 45 0.35 -4.09 0.42
N GLU A 46 -0.27 -4.89 1.27
CA GLU A 46 -1.28 -5.83 0.86
C GLU A 46 -2.59 -5.46 1.56
N VAL A 47 -3.57 -5.06 0.78
CA VAL A 47 -4.83 -4.58 1.32
C VAL A 47 -5.97 -5.56 1.06
N TYR A 48 -6.76 -5.82 2.08
CA TYR A 48 -7.88 -6.75 1.98
C TYR A 48 -9.14 -6.00 1.56
N LEU A 49 -9.49 -6.09 0.29
CA LEU A 49 -10.66 -5.40 -0.22
C LEU A 49 -11.70 -6.38 -0.74
N LYS A 50 -12.80 -6.46 -0.01
CA LYS A 50 -13.95 -7.30 -0.35
C LYS A 50 -13.62 -8.78 -0.21
N ASP A 51 -12.39 -9.15 -0.55
CA ASP A 51 -11.89 -10.54 -0.43
C ASP A 51 -10.50 -10.66 -1.02
N GLY A 52 -10.17 -9.76 -1.91
CA GLY A 52 -8.85 -9.72 -2.50
C GLY A 52 -7.82 -9.11 -1.58
N TRP A 53 -6.97 -9.96 -1.02
CA TRP A 53 -5.75 -9.49 -0.38
C TRP A 53 -4.81 -9.02 -1.47
N HIS A 54 -5.04 -7.81 -1.94
CA HIS A 54 -4.36 -7.32 -3.11
C HIS A 54 -3.10 -6.56 -2.74
N MET A 55 -1.95 -7.16 -3.00
CA MET A 55 -0.68 -6.48 -2.79
C MET A 55 -0.45 -5.44 -3.89
N VAL A 56 -0.44 -4.18 -3.50
CA VAL A 56 -0.33 -3.08 -4.45
C VAL A 56 1.13 -2.71 -4.68
N CYS A 57 1.37 -1.82 -5.62
CA CYS A 57 2.72 -1.35 -5.88
C CYS A 57 2.95 0.00 -5.18
N SER A 58 2.12 0.25 -4.17
CA SER A 58 2.25 1.38 -3.25
C SER A 58 1.88 2.72 -3.89
N GLN A 59 2.46 3.04 -5.04
CA GLN A 59 2.22 4.32 -5.69
C GLN A 59 0.88 4.35 -6.40
N SER A 60 0.18 3.22 -6.37
CA SER A 60 -1.11 3.07 -7.05
C SER A 60 -2.09 4.15 -6.59
N TRP A 61 -3.15 4.37 -7.39
CA TRP A 61 -4.11 5.44 -7.14
C TRP A 61 -3.45 6.79 -7.40
N GLY A 62 -2.72 7.28 -6.42
CA GLY A 62 -2.00 8.53 -6.57
C GLY A 62 -0.99 8.73 -5.46
N ARG A 63 -0.22 7.69 -5.17
CA ARG A 63 0.74 7.76 -4.09
C ARG A 63 2.18 7.64 -4.60
N SER A 64 2.41 8.17 -5.79
CA SER A 64 3.76 8.23 -6.33
C SER A 64 4.53 9.35 -5.63
N SER A 65 5.11 9.03 -4.49
CA SER A 65 5.75 10.03 -3.66
C SER A 65 7.24 10.14 -3.98
N LYS A 66 7.80 11.32 -3.74
CA LYS A 66 9.21 11.57 -3.97
C LYS A 66 9.95 11.61 -2.64
N GLN A 67 9.28 11.08 -1.61
CA GLN A 67 9.80 11.04 -0.24
C GLN A 67 9.84 12.44 0.37
N TRP A 68 8.72 12.85 0.94
CA TRP A 68 8.58 14.14 1.60
C TRP A 68 7.76 13.98 2.88
N GLU A 69 7.34 15.09 3.46
CA GLU A 69 6.30 15.06 4.47
C GLU A 69 4.97 14.81 3.77
N ASP A 70 4.71 13.55 3.49
CA ASP A 70 3.63 13.14 2.62
C ASP A 70 3.05 11.78 3.05
N PRO A 71 3.92 10.77 3.34
CA PRO A 71 3.50 9.50 3.95
C PRO A 71 2.50 9.69 5.08
N SER A 72 1.24 9.56 4.75
CA SER A 72 0.17 9.67 5.71
C SER A 72 -1.05 8.89 5.18
N GLN A 73 -2.25 9.36 5.52
CA GLN A 73 -3.51 8.73 5.13
C GLN A 73 -3.73 7.40 5.87
N ALA A 74 -2.88 6.43 5.60
CA ALA A 74 -3.02 5.08 6.15
C ALA A 74 -2.53 5.01 7.59
N SER A 75 -2.63 6.11 8.31
CA SER A 75 -2.21 6.17 9.70
C SER A 75 -2.99 5.19 10.54
N LYS A 76 -4.28 5.03 10.22
CA LYS A 76 -5.16 4.11 10.96
C LYS A 76 -4.71 2.66 10.70
N VAL A 77 -4.18 2.42 9.51
CA VAL A 77 -3.72 1.08 9.13
C VAL A 77 -2.58 0.62 10.03
N CYS A 78 -1.49 1.37 10.03
CA CYS A 78 -0.33 1.01 10.82
C CYS A 78 -0.62 1.15 12.30
N GLN A 79 -1.59 1.98 12.64
CA GLN A 79 -2.06 2.11 14.02
C GLN A 79 -2.71 0.80 14.46
N ARG A 80 -3.43 0.14 13.56
CA ARG A 80 -3.99 -1.18 13.84
C ARG A 80 -2.87 -2.20 13.95
N LEU A 81 -1.77 -1.92 13.27
CA LEU A 81 -0.62 -2.82 13.26
C LEU A 81 0.35 -2.46 14.39
N ASN A 82 -0.09 -1.57 15.27
CA ASN A 82 0.72 -1.04 16.39
C ASN A 82 2.13 -0.64 15.94
N CYS A 83 2.21 -0.06 14.74
CA CYS A 83 3.46 0.42 14.19
C CYS A 83 3.54 1.93 14.27
N GLY A 84 2.52 2.55 14.88
CA GLY A 84 2.51 3.99 15.07
C GLY A 84 1.96 4.74 13.88
N ASP A 85 2.78 5.61 13.31
CA ASP A 85 2.37 6.42 12.16
C ASP A 85 2.44 5.57 10.90
N PRO A 86 1.92 6.06 9.76
CA PRO A 86 1.84 5.25 8.55
C PRO A 86 3.16 5.09 7.84
N LEU A 87 3.23 3.96 7.19
CA LEU A 87 4.25 3.61 6.25
C LEU A 87 4.74 4.79 5.44
N SER A 88 6.01 5.04 5.61
CA SER A 88 6.73 6.00 4.80
C SER A 88 6.77 5.54 3.34
N LEU A 89 6.75 6.52 2.44
CA LEU A 89 6.69 6.25 1.01
C LEU A 89 8.04 6.46 0.35
N GLY A 90 8.50 5.44 -0.36
CA GLY A 90 9.76 5.55 -1.07
C GLY A 90 10.16 4.21 -1.67
N PRO A 91 11.05 4.21 -2.68
CA PRO A 91 11.48 2.97 -3.34
C PRO A 91 12.15 2.02 -2.36
N PHE A 92 11.52 0.89 -2.11
CA PHE A 92 11.98 -0.05 -1.10
C PHE A 92 12.75 -1.20 -1.74
N LEU A 93 12.07 -2.30 -2.01
CA LEU A 93 12.68 -3.45 -2.66
C LEU A 93 11.61 -4.23 -3.43
N LYS A 94 12.04 -4.99 -4.42
CA LYS A 94 11.10 -5.63 -5.33
C LYS A 94 10.79 -7.07 -4.92
N THR A 95 9.52 -7.33 -4.64
CA THR A 95 9.01 -8.68 -4.48
C THR A 95 7.72 -8.79 -5.28
N TYR A 96 7.57 -7.85 -6.20
CA TYR A 96 6.36 -7.70 -6.99
C TYR A 96 6.32 -8.70 -8.14
N THR A 97 5.13 -8.93 -8.64
CA THR A 97 4.90 -9.85 -9.74
C THR A 97 3.74 -9.36 -10.60
N PRO A 98 3.92 -9.31 -11.93
CA PRO A 98 2.90 -8.87 -12.87
C PRO A 98 1.77 -9.91 -13.03
N GLN A 99 1.47 -10.57 -11.92
CA GLN A 99 0.53 -11.68 -11.91
C GLN A 99 -0.11 -11.79 -10.52
N SER A 100 0.67 -11.50 -9.49
CA SER A 100 0.18 -11.53 -8.13
C SER A 100 -0.03 -10.13 -7.57
N SER A 101 0.90 -9.23 -7.85
CA SER A 101 0.76 -7.86 -7.38
C SER A 101 0.03 -7.03 -8.41
N ILE A 102 -0.68 -6.02 -7.94
CA ILE A 102 -1.53 -5.22 -8.80
C ILE A 102 -1.22 -3.73 -8.67
N ILE A 103 -1.59 -2.98 -9.70
CA ILE A 103 -1.48 -1.54 -9.70
C ILE A 103 -2.90 -0.97 -9.86
N CYS A 104 -3.46 -0.43 -8.80
CA CYS A 104 -4.84 0.03 -8.84
C CYS A 104 -4.89 1.54 -9.00
N TYR A 105 -5.27 2.02 -10.17
CA TYR A 105 -5.35 3.46 -10.42
C TYR A 105 -6.67 4.01 -9.88
N GLY A 106 -6.73 5.32 -9.69
CA GLY A 106 -7.96 5.95 -9.27
C GLY A 106 -7.73 7.01 -8.23
N GLN A 107 -8.81 7.45 -7.59
CA GLN A 107 -8.72 8.46 -6.56
C GLN A 107 -8.19 7.86 -5.26
N LEU A 108 -7.27 8.56 -4.62
CA LEU A 108 -6.74 8.12 -3.34
C LEU A 108 -7.86 7.88 -2.34
N GLY A 109 -8.08 6.61 -2.01
CA GLY A 109 -9.14 6.27 -1.09
C GLY A 109 -10.16 5.35 -1.71
N SER A 110 -10.29 5.40 -3.03
CA SER A 110 -11.28 4.58 -3.71
C SER A 110 -10.70 3.26 -4.20
N PHE A 111 -10.77 2.24 -3.35
CA PHE A 111 -10.26 0.90 -3.67
C PHE A 111 -11.33 0.12 -4.41
N SER A 112 -12.09 0.80 -5.24
CA SER A 112 -13.22 0.20 -5.91
C SER A 112 -12.81 -0.44 -7.24
N ASN A 113 -11.54 -0.29 -7.61
CA ASN A 113 -11.05 -0.83 -8.89
C ASN A 113 -9.55 -1.08 -8.83
N CYS A 114 -9.05 -1.93 -9.73
CA CYS A 114 -7.62 -2.22 -9.80
C CYS A 114 -7.29 -2.97 -11.10
N SER A 115 -6.00 -3.20 -11.36
CA SER A 115 -5.56 -3.92 -12.54
C SER A 115 -4.21 -4.58 -12.27
N HIS A 116 -3.84 -5.61 -13.04
CA HIS A 116 -2.60 -6.35 -12.78
C HIS A 116 -1.40 -5.45 -12.99
N SER A 117 -0.34 -5.69 -12.22
CA SER A 117 0.85 -4.86 -12.27
C SER A 117 1.45 -4.85 -13.68
N ARG A 118 1.39 -3.70 -14.33
CA ARG A 118 1.99 -3.50 -15.64
C ARG A 118 3.46 -3.12 -15.46
N ASN A 119 3.85 -2.94 -14.21
CA ASN A 119 5.14 -2.36 -13.85
C ASN A 119 5.22 -0.94 -14.40
N ASP A 120 4.45 -0.06 -13.80
CA ASP A 120 4.31 1.31 -14.27
C ASP A 120 4.59 2.26 -13.12
N MET A 121 5.71 2.98 -13.25
CA MET A 121 6.18 3.93 -12.26
C MET A 121 6.68 3.22 -10.99
N CYS A 122 5.93 2.26 -10.49
CA CYS A 122 6.35 1.49 -9.33
C CYS A 122 7.33 0.38 -9.71
N HIS A 123 8.63 0.69 -9.58
CA HIS A 123 9.67 -0.33 -9.67
C HIS A 123 9.62 -1.20 -8.43
N SER A 124 9.81 -0.55 -7.30
CA SER A 124 9.72 -1.19 -6.01
C SER A 124 9.29 -0.16 -4.98
N LEU A 125 8.57 0.86 -5.43
CA LEU A 125 8.07 1.90 -4.54
C LEU A 125 7.29 1.26 -3.41
N GLY A 126 7.75 1.46 -2.20
CA GLY A 126 7.22 0.71 -1.09
C GLY A 126 6.70 1.57 0.02
N LEU A 127 6.51 0.93 1.17
CA LEU A 127 5.88 1.54 2.31
C LEU A 127 6.46 0.91 3.55
N THR A 128 6.56 1.67 4.62
CA THR A 128 7.14 1.18 5.85
C THR A 128 6.57 1.92 7.05
N CYS A 129 5.62 1.27 7.75
CA CYS A 129 4.81 1.93 8.78
C CYS A 129 5.65 2.74 9.76
N LEU A 130 5.49 4.04 9.64
CA LEU A 130 6.20 5.04 10.43
C LEU A 130 7.67 5.10 10.01
N GLU A 131 8.44 4.13 10.49
CA GLU A 131 9.89 4.11 10.27
C GLU A 131 10.35 2.68 9.98
N ARG A 22 -15.82 3.15 2.86
CA ARG A 22 -16.11 1.72 2.59
C ARG A 22 -14.83 0.96 2.30
N LEU A 23 -14.03 1.48 1.38
CA LEU A 23 -12.80 0.84 0.98
C LEU A 23 -11.71 1.89 0.83
N SER A 24 -11.07 2.22 1.94
CA SER A 24 -9.98 3.16 1.94
C SER A 24 -8.98 2.74 3.00
N TRP A 25 -7.72 3.13 2.85
CA TRP A 25 -6.71 2.77 3.84
C TRP A 25 -6.79 3.68 5.07
N TYR A 26 -7.85 4.47 5.13
CA TYR A 26 -8.14 5.28 6.31
C TYR A 26 -9.52 4.92 6.86
N ASP A 27 -10.06 3.80 6.37
CA ASP A 27 -11.35 3.30 6.85
C ASP A 27 -11.11 2.32 8.01
N PRO A 28 -11.77 2.55 9.15
CA PRO A 28 -11.58 1.73 10.37
C PRO A 28 -11.98 0.27 10.17
N ASP A 29 -12.81 0.00 9.17
CA ASP A 29 -13.28 -1.35 8.92
C ASP A 29 -12.36 -2.06 7.95
N PHE A 30 -11.64 -1.29 7.15
CA PHE A 30 -10.78 -1.81 6.11
C PHE A 30 -9.62 -2.59 6.72
N GLN A 31 -9.18 -3.64 6.05
CA GLN A 31 -8.07 -4.45 6.53
C GLN A 31 -6.86 -4.23 5.63
N ALA A 32 -5.80 -3.68 6.19
CA ALA A 32 -4.60 -3.39 5.41
C ALA A 32 -3.35 -3.76 6.19
N ARG A 33 -2.24 -3.94 5.47
CA ARG A 33 -1.00 -4.38 6.07
C ARG A 33 0.12 -4.39 5.04
N LEU A 34 1.29 -4.85 5.45
CA LEU A 34 2.42 -5.01 4.56
C LEU A 34 2.62 -6.47 4.22
N THR A 35 3.42 -6.72 3.20
CA THR A 35 3.68 -8.06 2.71
C THR A 35 4.81 -8.73 3.49
N ARG A 36 5.26 -9.89 2.99
CA ARG A 36 6.26 -10.68 3.70
C ARG A 36 7.68 -10.11 3.53
N SER A 37 7.88 -8.93 4.08
CA SER A 37 9.21 -8.31 4.09
C SER A 37 9.83 -8.48 5.47
N ASN A 38 9.48 -9.59 6.13
CA ASN A 38 9.95 -9.93 7.48
C ASN A 38 9.26 -9.06 8.53
N SER A 39 9.32 -7.76 8.34
CA SER A 39 8.74 -6.82 9.28
C SER A 39 7.29 -6.52 8.91
N LYS A 40 6.40 -6.68 9.88
CA LYS A 40 5.01 -6.34 9.68
C LYS A 40 4.82 -4.83 9.65
N CYS A 41 5.85 -4.12 10.12
CA CYS A 41 5.80 -2.65 10.13
C CYS A 41 6.76 -2.07 9.08
N GLN A 42 7.31 -2.93 8.20
CA GLN A 42 8.10 -2.48 7.05
C GLN A 42 7.85 -3.40 5.86
N GLY A 43 7.42 -2.85 4.73
CA GLY A 43 7.11 -3.70 3.59
C GLY A 43 6.21 -3.02 2.57
N GLN A 44 5.92 -3.72 1.47
CA GLN A 44 5.02 -3.18 0.46
C GLN A 44 3.57 -3.44 0.84
N LEU A 45 2.68 -2.61 0.34
CA LEU A 45 1.28 -2.62 0.78
C LEU A 45 0.49 -3.81 0.26
N GLU A 46 -0.20 -4.45 1.19
CA GLU A 46 -1.12 -5.54 0.89
C GLU A 46 -2.47 -5.23 1.55
N VAL A 47 -3.48 -4.94 0.74
CA VAL A 47 -4.76 -4.50 1.26
C VAL A 47 -5.89 -5.48 0.93
N TYR A 48 -6.76 -5.70 1.89
CA TYR A 48 -7.89 -6.61 1.71
C TYR A 48 -9.17 -5.84 1.42
N LEU A 49 -9.73 -6.07 0.24
CA LEU A 49 -10.97 -5.42 -0.13
C LEU A 49 -11.80 -6.30 -1.04
N LYS A 50 -13.08 -6.43 -0.71
CA LYS A 50 -14.02 -7.29 -1.42
C LYS A 50 -13.70 -8.76 -1.18
N ASP A 51 -12.42 -9.11 -1.25
CA ASP A 51 -11.96 -10.50 -1.15
C ASP A 51 -10.49 -10.59 -1.52
N GLY A 52 -10.07 -9.68 -2.38
CA GLY A 52 -8.73 -9.69 -2.88
C GLY A 52 -7.75 -9.05 -1.93
N TRP A 53 -6.91 -9.87 -1.32
CA TRP A 53 -5.70 -9.38 -0.71
C TRP A 53 -4.81 -8.88 -1.82
N HIS A 54 -4.97 -7.62 -2.15
CA HIS A 54 -4.32 -7.04 -3.30
C HIS A 54 -2.94 -6.50 -2.93
N MET A 55 -1.90 -7.22 -3.32
CA MET A 55 -0.55 -6.72 -3.14
C MET A 55 -0.29 -5.65 -4.19
N VAL A 56 -0.22 -4.40 -3.76
CA VAL A 56 -0.10 -3.29 -4.70
C VAL A 56 1.36 -3.00 -5.01
N CYS A 57 1.61 -2.15 -5.99
CA CYS A 57 2.98 -1.79 -6.37
C CYS A 57 3.53 -0.76 -5.37
N SER A 58 2.74 -0.50 -4.32
CA SER A 58 3.03 0.49 -3.28
C SER A 58 2.53 1.89 -3.67
N GLN A 59 2.91 2.38 -4.85
CA GLN A 59 2.42 3.68 -5.30
C GLN A 59 1.33 3.52 -6.36
N SER A 60 0.15 3.12 -5.89
CA SER A 60 -0.99 2.94 -6.77
C SER A 60 -2.00 4.08 -6.57
N TRP A 61 -3.08 4.08 -7.35
CA TRP A 61 -4.14 5.09 -7.26
C TRP A 61 -3.66 6.45 -7.75
N GLY A 62 -2.95 7.17 -6.90
CA GLY A 62 -2.49 8.50 -7.27
C GLY A 62 -1.36 8.98 -6.38
N ARG A 63 -0.44 8.09 -6.07
CA ARG A 63 0.72 8.46 -5.27
C ARG A 63 1.93 8.66 -6.16
N SER A 64 2.41 9.90 -6.21
CA SER A 64 3.57 10.23 -7.01
C SER A 64 4.84 9.83 -6.27
N SER A 65 5.81 9.30 -7.00
CA SER A 65 7.06 8.87 -6.40
C SER A 65 7.93 10.07 -6.00
N LYS A 66 7.74 10.49 -4.76
CA LYS A 66 8.53 11.57 -4.17
C LYS A 66 8.87 11.21 -2.73
N GLN A 67 10.10 11.47 -2.32
CA GLN A 67 10.52 11.18 -0.96
C GLN A 67 10.02 12.28 -0.02
N TRP A 68 9.06 11.90 0.81
CA TRP A 68 8.38 12.81 1.73
C TRP A 68 7.47 13.79 1.00
N GLU A 69 6.24 13.87 1.48
CA GLU A 69 5.17 14.64 0.83
C GLU A 69 3.90 14.43 1.63
N ASP A 70 3.67 13.17 1.98
CA ASP A 70 2.48 12.76 2.74
C ASP A 70 2.60 11.30 3.13
N PRO A 71 3.08 11.02 4.35
CA PRO A 71 3.23 9.67 4.88
C PRO A 71 2.07 9.25 5.79
N SER A 72 0.96 9.96 5.68
CA SER A 72 -0.18 9.69 6.56
C SER A 72 -1.14 8.69 5.90
N GLN A 73 -2.44 9.03 5.90
CA GLN A 73 -3.48 8.26 5.24
C GLN A 73 -3.82 6.97 6.00
N ALA A 74 -2.88 6.04 6.05
CA ALA A 74 -3.15 4.71 6.59
C ALA A 74 -2.74 4.59 8.05
N SER A 75 -2.87 5.67 8.80
CA SER A 75 -2.48 5.69 10.20
C SER A 75 -3.18 4.58 10.98
N LYS A 76 -4.47 4.43 10.72
CA LYS A 76 -5.29 3.50 11.47
C LYS A 76 -4.90 2.05 11.18
N VAL A 77 -4.41 1.77 9.97
CA VAL A 77 -4.09 0.40 9.61
C VAL A 77 -2.80 -0.07 10.26
N CYS A 78 -1.77 0.79 10.32
CA CYS A 78 -0.54 0.40 10.99
C CYS A 78 -0.74 0.44 12.50
N GLN A 79 -1.62 1.31 12.96
CA GLN A 79 -2.02 1.31 14.36
C GLN A 79 -2.81 0.04 14.67
N ARG A 80 -3.53 -0.44 13.65
CA ARG A 80 -4.27 -1.69 13.74
C ARG A 80 -3.29 -2.85 13.86
N LEU A 81 -2.09 -2.66 13.33
CA LEU A 81 -1.02 -3.64 13.40
C LEU A 81 -0.09 -3.34 14.58
N ASN A 82 -0.51 -2.40 15.42
CA ASN A 82 0.28 -1.90 16.56
C ASN A 82 1.72 -1.54 16.18
N CYS A 83 1.88 -1.04 14.96
CA CYS A 83 3.17 -0.56 14.48
C CYS A 83 3.28 0.95 14.66
N GLY A 84 2.21 1.55 15.19
CA GLY A 84 2.21 2.97 15.47
C GLY A 84 1.53 3.79 14.38
N ASP A 85 2.25 4.79 13.89
CA ASP A 85 1.74 5.66 12.83
C ASP A 85 1.89 4.95 11.48
N PRO A 86 1.35 5.52 10.38
CA PRO A 86 1.37 4.84 9.10
C PRO A 86 2.71 4.81 8.43
N LEU A 87 2.87 3.76 7.66
CA LEU A 87 3.91 3.61 6.70
C LEU A 87 4.28 4.91 6.03
N SER A 88 5.45 5.37 6.37
CA SER A 88 6.07 6.50 5.69
C SER A 88 6.43 6.11 4.26
N LEU A 89 6.43 7.08 3.36
CA LEU A 89 6.64 6.81 1.94
C LEU A 89 8.09 7.02 1.53
N GLY A 90 8.57 6.10 0.71
CA GLY A 90 9.91 6.17 0.17
C GLY A 90 10.23 4.93 -0.64
N PRO A 91 10.80 5.09 -1.85
CA PRO A 91 11.03 3.95 -2.76
C PRO A 91 11.73 2.79 -2.07
N PHE A 92 11.03 1.66 -1.99
CA PHE A 92 11.47 0.56 -1.15
C PHE A 92 12.16 -0.54 -1.96
N LEU A 93 11.37 -1.36 -2.63
CA LEU A 93 11.89 -2.53 -3.34
C LEU A 93 10.78 -3.18 -4.14
N LYS A 94 11.13 -3.85 -5.23
CA LYS A 94 10.13 -4.59 -6.00
C LYS A 94 10.06 -6.04 -5.53
N THR A 95 9.09 -6.34 -4.69
CA THR A 95 8.88 -7.70 -4.21
C THR A 95 7.71 -8.34 -4.96
N TYR A 96 6.92 -7.49 -5.63
CA TYR A 96 5.74 -7.94 -6.33
C TYR A 96 6.07 -8.62 -7.65
N THR A 97 5.03 -9.18 -8.29
CA THR A 97 5.19 -9.86 -9.56
C THR A 97 3.93 -9.70 -10.42
N PRO A 98 4.11 -9.17 -11.65
CA PRO A 98 3.04 -8.99 -12.64
C PRO A 98 2.36 -10.31 -13.00
N GLN A 99 1.32 -10.62 -12.24
CA GLN A 99 0.54 -11.85 -12.39
C GLN A 99 -0.41 -11.93 -11.22
N SER A 100 0.16 -11.83 -10.03
CA SER A 100 -0.61 -11.87 -8.80
C SER A 100 -0.65 -10.47 -8.16
N SER A 101 0.34 -9.64 -8.46
CA SER A 101 0.38 -8.29 -7.93
C SER A 101 -0.39 -7.35 -8.85
N ILE A 102 -0.87 -6.26 -8.28
CA ILE A 102 -1.69 -5.31 -9.03
C ILE A 102 -1.25 -3.87 -8.79
N ILE A 103 -1.68 -3.00 -9.67
CA ILE A 103 -1.51 -1.56 -9.49
C ILE A 103 -2.87 -0.91 -9.66
N CYS A 104 -3.45 -0.40 -8.59
CA CYS A 104 -4.78 0.17 -8.67
C CYS A 104 -4.69 1.61 -9.16
N TYR A 105 -5.81 2.16 -9.62
CA TYR A 105 -5.82 3.52 -10.14
C TYR A 105 -7.15 4.20 -9.83
N GLY A 106 -7.18 5.50 -10.00
CA GLY A 106 -8.35 6.29 -9.66
C GLY A 106 -7.99 7.39 -8.69
N GLN A 107 -8.95 7.80 -7.87
CA GLN A 107 -8.69 8.81 -6.88
C GLN A 107 -8.20 8.16 -5.59
N LEU A 108 -7.10 8.68 -5.06
CA LEU A 108 -6.52 8.14 -3.82
C LEU A 108 -7.57 8.09 -2.71
N GLY A 109 -7.63 6.96 -2.03
CA GLY A 109 -8.59 6.79 -0.97
C GLY A 109 -9.79 5.97 -1.41
N SER A 110 -9.87 5.71 -2.70
CA SER A 110 -10.97 4.93 -3.23
C SER A 110 -10.47 3.58 -3.75
N PHE A 111 -10.54 2.57 -2.88
CA PHE A 111 -10.05 1.23 -3.20
C PHE A 111 -11.12 0.44 -3.92
N SER A 112 -12.01 1.14 -4.61
CA SER A 112 -13.11 0.50 -5.30
C SER A 112 -12.67 -0.04 -6.66
N ASN A 113 -11.52 0.43 -7.14
CA ASN A 113 -11.02 0.04 -8.46
C ASN A 113 -9.52 -0.18 -8.45
N CYS A 114 -9.10 -1.27 -9.06
CA CYS A 114 -7.68 -1.57 -9.24
C CYS A 114 -7.42 -2.04 -10.67
N SER A 115 -6.17 -2.36 -10.97
CA SER A 115 -5.80 -2.90 -12.26
C SER A 115 -4.62 -3.86 -12.11
N HIS A 116 -4.39 -4.72 -13.08
CA HIS A 116 -3.29 -5.67 -13.01
C HIS A 116 -1.96 -4.96 -13.25
N SER A 117 -0.91 -5.43 -12.60
CA SER A 117 0.40 -4.83 -12.76
C SER A 117 1.00 -5.24 -14.10
N ARG A 118 0.84 -4.38 -15.11
CA ARG A 118 1.45 -4.64 -16.41
C ARG A 118 2.93 -4.29 -16.38
N ASN A 119 3.28 -3.34 -15.52
CA ASN A 119 4.66 -2.92 -15.38
C ASN A 119 5.43 -3.90 -14.51
N ASP A 120 6.69 -4.12 -14.86
CA ASP A 120 7.56 -4.97 -14.07
C ASP A 120 7.91 -4.27 -12.76
N MET A 121 8.02 -2.96 -12.83
CA MET A 121 8.27 -2.14 -11.66
C MET A 121 7.53 -0.82 -11.78
N CYS A 122 6.92 -0.36 -10.69
CA CYS A 122 6.19 0.90 -10.70
C CYS A 122 7.02 1.96 -9.97
N HIS A 123 8.33 1.68 -9.84
CA HIS A 123 9.28 2.46 -9.02
C HIS A 123 9.23 2.01 -7.57
N SER A 124 8.05 1.54 -7.17
CA SER A 124 7.82 0.98 -5.85
C SER A 124 8.08 2.02 -4.75
N LEU A 125 7.36 3.15 -4.82
CA LEU A 125 7.35 4.10 -3.72
C LEU A 125 6.82 3.37 -2.48
N GLY A 126 7.73 2.97 -1.62
CA GLY A 126 7.42 1.99 -0.62
C GLY A 126 6.82 2.59 0.61
N LEU A 127 6.63 1.75 1.60
CA LEU A 127 5.89 2.10 2.78
C LEU A 127 6.49 1.38 3.97
N THR A 128 6.48 2.04 5.10
CA THR A 128 7.07 1.51 6.31
C THR A 128 6.35 2.09 7.52
N CYS A 129 5.46 1.30 8.14
CA CYS A 129 4.56 1.77 9.19
C CYS A 129 5.29 2.59 10.24
N LEU A 130 5.07 3.89 10.15
CA LEU A 130 5.69 4.90 10.99
C LEU A 130 7.17 5.06 10.62
N GLU A 131 7.98 4.09 11.02
CA GLU A 131 9.42 4.14 10.81
C GLU A 131 10.06 2.79 11.11
#